data_5IM4
#
_entry.id   5IM4
#
_cell.length_a   258.820
_cell.length_b   258.820
_cell.length_c   641.730
_cell.angle_alpha   90.000
_cell.angle_beta   90.000
_cell.angle_gamma   120.000
#
_symmetry.space_group_name_H-M   'H 3'
#
loop_
_entity.id
_entity.type
_entity.pdbx_description
1 polymer '6,7-dimethyl-8-ribityllumazine synthase'
2 polymer 'Phosphotransferase system, mannose/fructose-specific component IIA'
#
loop_
_entity_poly.entity_id
_entity_poly.type
_entity_poly.pdbx_seq_one_letter_code
_entity_poly.pdbx_strand_id
1 'polypeptide(L)'
;MKYDGSKLRIGILHARWNLEIIAALVAGAIKRLQEFGVKAENIIIETVPGSFELPYGSKLFVEKQKRLGKPLDAIIPIGV
LIKGSTMHFEYICDSTTHQLMKLNFELGIPVIFGVLTCLTDEQAEARAGLIEGKMHNHGEDWGAAAVEMATKFNLEHHHH
HH
;
A,E,C,B,D,K,L,N,M,O,U,V,X,W,Y,e,f,h,g,i
2 'polypeptide(L)'
;MGMKEKFVLIITHGDFGKGLLSGAEVIIGKQENVHTVGLNLGDNIEKVAKEVMRIIIAKLAEDKEIIIVVDLFGGSPFNI
ALEMMKTFDVKVITGINMPMLVELLTSINVYDTTELLENISKIGKDGIKVIEKSSLKM
;
F,H,G,I,J,P,Q,S,R,T,b,d,c,Z,a,j,k,m,l,n
#
# COMPACT_ATOMS: atom_id res chain seq x y z
N MET A 1 -13.99 -57.50 74.60
CA MET A 1 -15.11 -57.36 75.54
C MET A 1 -15.53 -58.70 76.11
N LYS A 2 -14.76 -59.74 75.81
CA LYS A 2 -15.07 -61.07 76.31
C LYS A 2 -14.42 -61.27 77.69
N TYR A 3 -13.94 -60.17 78.24
CA TYR A 3 -13.25 -60.19 79.53
C TYR A 3 -13.83 -59.20 80.53
N ASP A 4 -14.30 -59.75 81.65
CA ASP A 4 -14.85 -58.96 82.75
C ASP A 4 -13.71 -58.47 83.63
N GLY A 5 -13.57 -57.14 83.73
CA GLY A 5 -12.50 -56.54 84.52
C GLY A 5 -12.96 -55.82 85.77
N SER A 6 -14.23 -56.04 86.14
CA SER A 6 -14.85 -55.35 87.28
C SER A 6 -14.16 -55.62 88.62
N LYS A 7 -13.62 -56.82 88.78
CA LYS A 7 -12.95 -57.20 90.03
C LYS A 7 -11.44 -57.00 90.00
N LEU A 8 -10.96 -56.23 89.03
CA LEU A 8 -9.52 -56.03 88.85
C LEU A 8 -9.03 -54.66 89.32
N ARG A 9 -7.77 -54.60 89.72
CA ARG A 9 -7.09 -53.34 90.00
C ARG A 9 -5.89 -53.26 89.06
N ILE A 10 -5.88 -52.24 88.21
CA ILE A 10 -4.82 -52.09 87.20
C ILE A 10 -3.98 -50.83 87.45
N GLY A 11 -2.67 -51.03 87.48
CA GLY A 11 -1.74 -49.93 87.62
C GLY A 11 -1.23 -49.42 86.29
N ILE A 12 -1.11 -48.11 86.17
CA ILE A 12 -0.47 -47.49 85.02
C ILE A 12 0.69 -46.63 85.50
N LEU A 13 1.89 -47.00 85.10
CA LEU A 13 3.08 -46.22 85.40
C LEU A 13 3.61 -45.62 84.11
N HIS A 14 3.64 -44.29 84.02
CA HIS A 14 4.10 -43.64 82.81
C HIS A 14 5.25 -42.68 83.05
N ALA A 15 6.11 -42.54 82.04
CA ALA A 15 7.20 -41.57 82.05
C ALA A 15 6.66 -40.17 81.79
N ARG A 16 7.50 -39.15 81.96
CA ARG A 16 7.07 -37.78 81.79
C ARG A 16 7.67 -37.08 80.56
N TRP A 17 8.64 -37.72 79.91
CA TRP A 17 9.19 -37.18 78.65
C TRP A 17 8.24 -37.46 77.48
N ASN A 18 8.13 -36.50 76.58
CA ASN A 18 7.14 -36.51 75.49
C ASN A 18 5.72 -36.59 76.05
N LEU A 19 5.40 -35.65 76.94
CA LEU A 19 4.20 -35.70 77.78
C LEU A 19 2.88 -35.67 77.02
N GLU A 20 2.82 -34.89 75.94
CA GLU A 20 1.63 -34.79 75.11
C GLU A 20 1.23 -36.15 74.54
N ILE A 21 2.21 -36.91 74.07
CA ILE A 21 1.99 -38.24 73.52
C ILE A 21 1.70 -39.24 74.63
N ILE A 22 2.46 -39.14 75.73
CA ILE A 22 2.25 -39.96 76.92
C ILE A 22 0.80 -39.86 77.41
N ALA A 23 0.30 -38.63 77.58
CA ALA A 23 -1.04 -38.38 78.08
C ALA A 23 -2.13 -39.07 77.24
N ALA A 24 -1.97 -39.03 75.92
CA ALA A 24 -2.93 -39.64 75.01
C ALA A 24 -2.95 -41.17 75.09
N LEU A 25 -1.78 -41.78 75.23
CA LEU A 25 -1.66 -43.22 75.42
C LEU A 25 -2.27 -43.67 76.75
N VAL A 26 -2.03 -42.90 77.80
CA VAL A 26 -2.63 -43.15 79.11
C VAL A 26 -4.15 -43.06 78.99
N ALA A 27 -4.62 -41.98 78.37
CA ALA A 27 -6.06 -41.75 78.16
C ALA A 27 -6.73 -42.92 77.43
N GLY A 28 -6.04 -43.47 76.43
CA GLY A 28 -6.52 -44.62 75.68
C GLY A 28 -6.60 -45.88 76.53
N ALA A 29 -5.55 -46.12 77.31
CA ALA A 29 -5.50 -47.26 78.24
C ALA A 29 -6.62 -47.15 79.28
N ILE A 30 -6.77 -45.97 79.86
CA ILE A 30 -7.85 -45.68 80.82
C ILE A 30 -9.22 -45.94 80.20
N LYS A 31 -9.43 -45.46 78.97
CA LYS A 31 -10.70 -45.64 78.27
C LYS A 31 -11.08 -47.12 78.10
N ARG A 32 -10.17 -47.90 77.52
CA ARG A 32 -10.42 -49.33 77.26
C ARG A 32 -10.55 -50.15 78.55
N LEU A 33 -9.75 -49.79 79.56
CA LEU A 33 -9.86 -50.41 80.89
C LEU A 33 -11.29 -50.32 81.43
N GLN A 34 -11.86 -49.11 81.39
CA GLN A 34 -13.21 -48.85 81.86
C GLN A 34 -14.29 -49.53 81.01
N GLU A 35 -14.00 -49.72 79.72
CA GLU A 35 -14.91 -50.40 78.81
C GLU A 35 -15.06 -51.89 79.12
N PHE A 36 -14.02 -52.47 79.70
CA PHE A 36 -14.07 -53.88 80.10
C PHE A 36 -14.68 -54.06 81.49
N GLY A 37 -14.99 -52.94 82.15
CA GLY A 37 -15.61 -52.98 83.46
C GLY A 37 -14.74 -52.56 84.62
N VAL A 38 -13.49 -52.23 84.40
CA VAL A 38 -12.67 -51.87 85.52
C VAL A 38 -13.18 -50.64 86.22
N LYS A 39 -13.22 -50.68 87.54
CA LYS A 39 -13.70 -49.56 88.32
C LYS A 39 -12.69 -48.45 88.32
N ALA A 40 -13.17 -47.23 88.29
CA ALA A 40 -12.29 -46.08 88.25
C ALA A 40 -11.39 -45.99 89.45
N GLU A 41 -11.92 -46.35 90.58
CA GLU A 41 -11.16 -46.29 91.81
C GLU A 41 -10.06 -47.32 91.79
N ASN A 42 -10.13 -48.18 90.80
CA ASN A 42 -9.20 -49.30 90.69
C ASN A 42 -8.16 -49.14 89.57
N ILE A 43 -8.09 -47.93 89.02
CA ILE A 43 -7.06 -47.58 88.05
C ILE A 43 -6.09 -46.60 88.72
N ILE A 44 -4.90 -47.08 89.03
CA ILE A 44 -3.91 -46.29 89.77
C ILE A 44 -2.83 -45.78 88.82
N ILE A 45 -2.75 -44.45 88.67
CA ILE A 45 -1.75 -43.82 87.81
C ILE A 45 -0.62 -43.23 88.65
N GLU A 46 0.61 -43.59 88.28
CA GLU A 46 1.81 -43.04 88.91
C GLU A 46 2.85 -42.75 87.83
N THR A 47 3.77 -41.82 88.12
CA THR A 47 4.75 -41.36 87.13
C THR A 47 6.20 -41.64 87.53
N VAL A 48 7.06 -41.73 86.52
CA VAL A 48 8.51 -41.73 86.70
C VAL A 48 9.13 -40.72 85.73
N PRO A 49 10.39 -40.27 85.97
CA PRO A 49 11.01 -39.33 85.04
C PRO A 49 11.08 -39.85 83.61
N GLY A 50 11.80 -40.96 83.40
CA GLY A 50 12.00 -41.51 82.06
C GLY A 50 11.76 -43.00 81.96
N SER A 51 11.89 -43.51 80.74
CA SER A 51 11.62 -44.92 80.45
C SER A 51 12.57 -45.89 81.15
N PHE A 52 13.77 -45.43 81.47
CA PHE A 52 14.74 -46.26 82.17
C PHE A 52 14.22 -46.62 83.56
N GLU A 53 13.55 -45.68 84.19
CA GLU A 53 13.03 -45.86 85.54
C GLU A 53 11.73 -46.67 85.59
N LEU A 54 11.20 -47.01 84.41
CA LEU A 54 9.96 -47.78 84.33
C LEU A 54 10.01 -49.19 84.97
N PRO A 55 11.04 -50.00 84.60
CA PRO A 55 11.13 -51.33 85.20
C PRO A 55 11.19 -51.33 86.74
N TYR A 56 12.14 -50.60 87.33
CA TYR A 56 12.28 -50.58 88.78
C TYR A 56 11.16 -49.80 89.46
N GLY A 57 10.66 -48.78 88.78
CA GLY A 57 9.49 -48.03 89.25
C GLY A 57 8.30 -48.94 89.39
N SER A 58 8.12 -49.83 88.41
CA SER A 58 7.03 -50.81 88.42
C SER A 58 7.10 -51.73 89.65
N LYS A 59 8.29 -52.23 89.96
CA LYS A 59 8.47 -53.06 91.15
C LYS A 59 8.14 -52.30 92.44
N LEU A 60 8.65 -51.08 92.55
CA LEU A 60 8.41 -50.24 93.72
C LEU A 60 6.92 -49.90 93.84
N PHE A 61 6.29 -49.66 92.71
CA PHE A 61 4.85 -49.40 92.62
C PHE A 61 4.05 -50.61 93.09
N VAL A 62 4.38 -51.79 92.56
CA VAL A 62 3.74 -53.05 92.94
C VAL A 62 3.91 -53.36 94.43
N GLU A 63 5.14 -53.19 94.94
CA GLU A 63 5.42 -53.43 96.36
C GLU A 63 4.65 -52.46 97.26
N LYS A 64 4.57 -51.19 96.86
CA LYS A 64 3.81 -50.17 97.60
C LYS A 64 2.33 -50.52 97.68
N GLN A 65 1.77 -50.97 96.56
CA GLN A 65 0.35 -51.33 96.48
C GLN A 65 0.02 -52.54 97.34
N LYS A 66 0.98 -53.45 97.51
CA LYS A 66 0.85 -54.58 98.42
C LYS A 66 0.81 -54.14 99.88
N ARG A 67 1.69 -53.23 100.25
CA ARG A 67 1.70 -52.74 101.61
C ARG A 67 0.40 -52.07 102.02
N LEU A 68 -0.17 -51.28 101.10
CA LEU A 68 -1.40 -50.55 101.38
C LEU A 68 -2.64 -51.46 101.39
N GLY A 69 -2.42 -52.73 101.10
CA GLY A 69 -3.50 -53.71 101.02
C GLY A 69 -4.37 -53.63 99.79
N LYS A 70 -3.84 -53.04 98.71
CA LYS A 70 -4.57 -52.91 97.46
C LYS A 70 -3.70 -53.36 96.30
N PRO A 71 -3.50 -54.69 96.16
CA PRO A 71 -2.56 -55.23 95.18
C PRO A 71 -3.03 -55.01 93.76
N LEU A 72 -2.08 -54.79 92.85
CA LEU A 72 -2.36 -54.67 91.43
C LEU A 72 -2.48 -56.06 90.83
N ASP A 73 -3.41 -56.21 89.89
CA ASP A 73 -3.59 -57.47 89.17
C ASP A 73 -2.77 -57.49 87.88
N ALA A 74 -2.51 -56.30 87.36
CA ALA A 74 -1.63 -56.12 86.21
C ALA A 74 -1.07 -54.70 86.20
N ILE A 75 -0.05 -54.45 85.39
CA ILE A 75 0.55 -53.14 85.27
C ILE A 75 0.88 -52.81 83.82
N ILE A 76 0.69 -51.55 83.44
CA ILE A 76 1.03 -51.04 82.12
C ILE A 76 2.07 -49.93 82.23
N PRO A 77 3.36 -50.26 82.04
CA PRO A 77 4.40 -49.23 81.97
C PRO A 77 4.38 -48.54 80.61
N ILE A 78 4.19 -47.22 80.63
CA ILE A 78 4.05 -46.45 79.39
C ILE A 78 5.21 -45.47 79.21
N GLY A 79 5.87 -45.58 78.06
CA GLY A 79 7.00 -44.71 77.72
C GLY A 79 7.01 -44.36 76.25
N VAL A 80 7.53 -43.18 75.93
CA VAL A 80 7.69 -42.76 74.54
C VAL A 80 9.14 -42.39 74.31
N LEU A 81 9.80 -43.19 73.47
CA LEU A 81 11.20 -42.96 73.12
C LEU A 81 11.31 -42.69 71.62
N ILE A 82 11.91 -41.55 71.29
CA ILE A 82 12.12 -41.14 69.90
C ILE A 82 13.63 -41.11 69.62
N LYS A 83 14.02 -41.62 68.46
CA LYS A 83 15.43 -41.64 68.05
C LYS A 83 16.12 -40.28 67.87
N CYS A 93 17.18 -47.99 74.83
CA CYS A 93 15.86 -48.57 75.07
C CYS A 93 15.74 -50.08 74.90
N ASP A 94 16.63 -50.69 74.13
CA ASP A 94 16.54 -52.13 73.88
C ASP A 94 16.61 -52.92 75.19
N SER A 95 17.45 -52.50 76.11
CA SER A 95 17.55 -53.18 77.40
C SER A 95 16.22 -53.09 78.15
N THR A 96 15.57 -51.95 78.00
CA THR A 96 14.30 -51.70 78.69
C THR A 96 13.26 -52.78 78.35
N THR A 97 13.11 -53.05 77.06
CA THR A 97 12.13 -54.01 76.62
C THR A 97 12.48 -55.31 77.31
N HIS A 98 13.77 -55.51 77.58
CA HIS A 98 14.16 -56.77 78.21
C HIS A 98 13.76 -56.90 79.68
N GLN A 99 13.91 -55.82 80.45
CA GLN A 99 13.51 -55.83 81.86
C GLN A 99 12.01 -55.89 82.06
N LEU A 100 11.27 -55.17 81.23
CA LEU A 100 9.81 -55.19 81.30
C LEU A 100 9.29 -56.59 80.99
N MET A 101 9.93 -57.26 80.03
CA MET A 101 9.62 -58.65 79.69
C MET A 101 9.85 -59.58 80.89
N LYS A 102 11.04 -59.51 81.47
CA LYS A 102 11.41 -60.31 82.65
C LYS A 102 10.55 -60.02 83.88
N LEU A 103 10.04 -58.79 83.95
CA LEU A 103 9.26 -58.32 85.10
C LEU A 103 7.95 -59.09 85.31
N ASN A 104 7.41 -59.63 84.21
CA ASN A 104 6.25 -60.52 84.26
C ASN A 104 6.49 -61.67 85.24
N PHE A 105 7.68 -62.25 85.18
CA PHE A 105 8.02 -63.42 85.97
C PHE A 105 8.50 -63.07 87.39
N GLU A 106 9.15 -61.91 87.52
CA GLU A 106 9.65 -61.45 88.81
C GLU A 106 8.54 -60.92 89.71
N LEU A 107 7.60 -60.18 89.13
CA LEU A 107 6.49 -59.59 89.87
C LEU A 107 5.30 -60.53 90.02
N GLY A 108 5.18 -61.51 89.13
CA GLY A 108 4.08 -62.47 89.17
C GLY A 108 2.75 -61.90 88.69
N ILE A 109 2.81 -60.77 87.99
CA ILE A 109 1.63 -60.17 87.36
C ILE A 109 1.95 -59.76 85.92
N PRO A 110 0.93 -59.74 85.04
CA PRO A 110 1.14 -59.30 83.66
C PRO A 110 1.67 -57.87 83.56
N VAL A 111 2.78 -57.73 82.84
CA VAL A 111 3.38 -56.43 82.56
C VAL A 111 3.21 -56.20 81.06
N ILE A 112 2.32 -55.25 80.72
CA ILE A 112 2.01 -54.95 79.33
C ILE A 112 3.00 -53.92 78.77
N PHE A 113 3.65 -54.26 77.67
CA PHE A 113 4.66 -53.39 77.06
C PHE A 113 4.04 -52.16 76.41
N GLY A 114 4.04 -51.06 77.14
CA GLY A 114 3.47 -49.79 76.65
C GLY A 114 4.50 -48.75 76.26
N VAL A 115 5.63 -49.20 75.73
CA VAL A 115 6.71 -48.28 75.33
C VAL A 115 6.79 -48.14 73.81
N LEU A 116 6.55 -46.91 73.34
CA LEU A 116 6.73 -46.60 71.93
C LEU A 116 8.20 -46.36 71.62
N THR A 117 8.67 -47.03 70.56
CA THR A 117 10.07 -46.91 70.12
C THR A 117 10.09 -46.42 68.68
N CYS A 118 9.99 -45.11 68.50
CA CYS A 118 9.81 -44.51 67.17
C CYS A 118 11.05 -43.78 66.67
N LEU A 119 11.03 -43.43 65.38
CA LEU A 119 12.11 -42.69 64.76
C LEU A 119 11.79 -41.21 64.60
N THR A 120 10.50 -40.89 64.50
CA THR A 120 10.03 -39.50 64.43
C THR A 120 8.94 -39.24 65.46
N ASP A 121 8.69 -37.95 65.73
CA ASP A 121 7.58 -37.54 66.61
C ASP A 121 6.24 -37.96 66.01
N MET A 135 -2.43 -43.23 68.36
CA MET A 135 -1.80 -43.41 69.65
C MET A 135 -2.82 -43.85 70.69
N HIS A 136 -4.02 -43.26 70.63
CA HIS A 136 -5.07 -43.61 71.57
C HIS A 136 -5.45 -45.08 71.39
N ASN A 137 -5.55 -45.50 70.13
CA ASN A 137 -5.89 -46.88 69.82
C ASN A 137 -4.83 -47.83 70.37
N HIS A 138 -3.57 -47.41 70.22
CA HIS A 138 -2.45 -48.21 70.68
C HIS A 138 -2.53 -48.36 72.18
N GLY A 139 -2.90 -47.27 72.86
CA GLY A 139 -3.04 -47.26 74.30
C GLY A 139 -4.15 -48.20 74.73
N GLU A 140 -5.24 -48.17 73.97
CA GLU A 140 -6.40 -49.01 74.26
C GLU A 140 -5.99 -50.47 74.15
N ASP A 141 -5.18 -50.78 73.15
CA ASP A 141 -4.73 -52.15 72.97
C ASP A 141 -4.08 -52.64 74.27
N TRP A 142 -3.24 -51.80 74.85
CA TRP A 142 -2.55 -52.12 76.10
C TRP A 142 -3.53 -52.29 77.26
N GLY A 143 -4.65 -51.52 77.20
CA GLY A 143 -5.73 -51.66 78.17
C GLY A 143 -6.42 -53.00 78.04
N ALA A 144 -6.76 -53.36 76.82
CA ALA A 144 -7.41 -54.64 76.52
C ALA A 144 -6.52 -55.83 76.93
N ALA A 145 -5.24 -55.71 76.64
CA ALA A 145 -4.27 -56.76 76.95
C ALA A 145 -4.18 -57.03 78.45
N ALA A 146 -4.09 -55.95 79.23
CA ALA A 146 -3.97 -56.06 80.70
C ALA A 146 -5.12 -56.84 81.33
N VAL A 147 -6.34 -56.53 80.89
CA VAL A 147 -7.55 -57.19 81.38
C VAL A 147 -7.56 -58.69 81.01
N GLU A 148 -7.27 -58.99 79.75
CA GLU A 148 -7.23 -60.37 79.27
C GLU A 148 -6.18 -61.22 79.99
N MET A 149 -4.96 -60.70 80.08
CA MET A 149 -3.84 -61.43 80.69
C MET A 149 -4.05 -61.70 82.20
N ALA A 150 -4.83 -60.85 82.84
CA ALA A 150 -5.14 -61.00 84.28
C ALA A 150 -6.31 -61.95 84.53
N THR A 151 -7.00 -62.35 83.46
CA THR A 151 -8.26 -63.08 83.57
C THR A 151 -8.27 -64.44 82.90
N LYS A 152 -7.79 -64.50 81.66
CA LYS A 152 -7.91 -65.68 80.80
C LYS A 152 -7.46 -67.00 81.43
N PHE A 153 -6.38 -66.95 82.21
CA PHE A 153 -5.74 -68.16 82.73
C PHE A 153 -6.01 -68.44 84.22
N ASN A 154 -7.00 -67.73 84.78
CA ASN A 154 -7.31 -67.91 86.18
C ASN A 154 -8.22 -69.08 86.38
N LEU A 155 -8.63 -69.35 87.59
CA LEU A 155 -9.58 -70.41 87.86
C LEU A 155 -10.90 -69.86 88.36
N GLU A 156 -10.81 -68.89 89.27
CA GLU A 156 -12.00 -68.25 89.82
C GLU A 156 -12.81 -67.54 88.75
N HIS A 157 -12.12 -66.88 87.83
CA HIS A 157 -12.77 -66.17 86.74
C HIS A 157 -12.67 -66.95 85.44
N MET B 1 9.12 -88.84 60.54
CA MET B 1 8.00 -89.62 61.04
C MET B 1 8.48 -90.83 61.82
N LYS B 2 9.44 -90.60 62.71
CA LYS B 2 10.00 -91.67 63.54
C LYS B 2 9.54 -91.46 64.98
N TYR B 3 8.83 -90.37 65.21
CA TYR B 3 8.41 -89.99 66.56
C TYR B 3 6.92 -90.23 66.81
N ASP B 4 6.64 -91.07 67.79
CA ASP B 4 5.26 -91.38 68.20
C ASP B 4 4.79 -90.30 69.16
N GLY B 5 3.72 -89.59 68.78
CA GLY B 5 3.17 -88.52 69.60
C GLY B 5 1.82 -88.81 70.21
N SER B 6 1.40 -90.08 70.15
CA SER B 6 0.07 -90.50 70.61
C SER B 6 -0.18 -90.25 72.09
N LYS B 7 0.87 -90.34 72.91
CA LYS B 7 0.75 -90.16 74.35
C LYS B 7 1.08 -88.73 74.80
N LEU B 8 1.13 -87.80 73.85
CA LEU B 8 1.51 -86.42 74.15
C LEU B 8 0.32 -85.45 74.19
N ARG B 9 0.47 -84.39 74.98
CA ARG B 9 -0.46 -83.27 74.96
C ARG B 9 0.34 -82.02 74.58
N ILE B 10 -0.04 -81.40 73.48
CA ILE B 10 0.68 -80.25 72.95
C ILE B 10 -0.17 -78.98 72.98
N GLY B 11 0.38 -77.93 73.57
CA GLY B 11 -0.28 -76.63 73.60
C GLY B 11 0.16 -75.74 72.46
N ILE B 12 -0.79 -75.01 71.90
CA ILE B 12 -0.48 -73.97 70.91
C ILE B 12 -1.06 -72.66 71.41
N LEU B 13 -0.18 -71.69 71.66
CA LEU B 13 -0.58 -70.36 72.06
C LEU B 13 -0.22 -69.40 70.92
N HIS B 14 -1.22 -68.76 70.34
CA HIS B 14 -0.99 -67.84 69.23
C HIS B 14 -1.52 -66.44 69.48
N ALA B 15 -0.83 -65.46 68.90
CA ALA B 15 -1.26 -64.07 68.92
C ALA B 15 -2.43 -63.85 67.95
N ARG B 16 -3.06 -62.68 68.01
CA ARG B 16 -4.21 -62.40 67.16
C ARG B 16 -3.94 -61.35 66.08
N TRP B 17 -2.80 -60.69 66.14
CA TRP B 17 -2.40 -59.76 65.07
C TRP B 17 -1.88 -60.51 63.85
N ASN B 18 -2.22 -60.00 62.67
CA ASN B 18 -1.97 -60.70 61.39
C ASN B 18 -2.65 -62.07 61.37
N LEU B 19 -3.95 -62.07 61.63
CA LEU B 19 -4.72 -63.29 61.91
C LEU B 19 -4.77 -64.30 60.77
N GLU B 20 -4.87 -63.81 59.54
CA GLU B 20 -4.91 -64.66 58.36
C GLU B 20 -3.65 -65.54 58.26
N ILE B 21 -2.50 -64.94 58.53
CA ILE B 21 -1.22 -65.65 58.50
C ILE B 21 -1.08 -66.55 59.74
N ILE B 22 -1.48 -66.02 60.90
CA ILE B 22 -1.50 -66.79 62.14
C ILE B 22 -2.30 -68.09 61.97
N ALA B 23 -3.52 -67.98 61.45
CA ALA B 23 -4.40 -69.14 61.28
C ALA B 23 -3.77 -70.26 60.45
N ALA B 24 -3.07 -69.87 59.39
CA ALA B 24 -2.42 -70.84 58.49
C ALA B 24 -1.26 -71.58 59.16
N LEU B 25 -0.46 -70.84 59.95
CA LEU B 25 0.63 -71.43 60.71
C LEU B 25 0.12 -72.40 61.77
N VAL B 26 -0.96 -72.01 62.46
CA VAL B 26 -1.63 -72.88 63.44
C VAL B 26 -2.12 -74.14 62.74
N ALA B 27 -2.81 -73.96 61.62
CA ALA B 27 -3.34 -75.08 60.83
C ALA B 27 -2.25 -76.07 60.42
N GLY B 28 -1.08 -75.54 60.05
CA GLY B 28 0.07 -76.37 59.69
C GLY B 28 0.60 -77.16 60.87
N ALA B 29 0.76 -76.47 62.01
CA ALA B 29 1.19 -77.11 63.25
C ALA B 29 0.23 -78.21 63.68
N ILE B 30 -1.06 -77.91 63.65
CA ILE B 30 -2.13 -78.88 63.95
C ILE B 30 -2.05 -80.09 63.02
N LYS B 31 -1.86 -79.85 61.73
CA LYS B 31 -1.76 -80.92 60.73
C LYS B 31 -0.62 -81.89 61.02
N ARG B 32 0.59 -81.36 61.18
CA ARG B 32 1.78 -82.18 61.44
C ARG B 32 1.74 -82.89 62.80
N LEU B 33 1.20 -82.21 63.80
CA LEU B 33 0.97 -82.81 65.11
C LEU B 33 0.17 -84.10 65.01
N GLN B 34 -0.96 -84.04 64.29
CA GLN B 34 -1.83 -85.19 64.09
C GLN B 34 -1.20 -86.29 63.24
N GLU B 35 -0.30 -85.90 62.34
CA GLU B 35 0.42 -86.87 61.50
C GLU B 35 1.41 -87.72 62.30
N PHE B 36 1.95 -87.16 63.37
CA PHE B 36 2.82 -87.89 64.29
C PHE B 36 2.05 -88.65 65.38
N GLY B 37 0.73 -88.65 65.27
CA GLY B 37 -0.11 -89.45 66.17
C GLY B 37 -0.77 -88.70 67.32
N VAL B 38 -0.53 -87.41 67.49
CA VAL B 38 -1.16 -86.76 68.63
C VAL B 38 -2.66 -86.78 68.57
N LYS B 39 -3.29 -87.08 69.68
CA LYS B 39 -4.74 -87.11 69.70
C LYS B 39 -5.25 -85.70 69.57
N ALA B 40 -6.34 -85.51 68.83
CA ALA B 40 -6.88 -84.18 68.63
C ALA B 40 -7.30 -83.59 69.94
N GLU B 41 -7.83 -84.41 70.81
CA GLU B 41 -8.28 -83.94 72.09
C GLU B 41 -7.08 -83.43 72.86
N ASN B 42 -5.89 -83.84 72.45
CA ASN B 42 -4.67 -83.43 73.12
C ASN B 42 -3.95 -82.21 72.55
N ILE B 43 -4.60 -81.51 71.65
CA ILE B 43 -4.06 -80.28 71.09
C ILE B 43 -4.88 -79.10 71.61
N ILE B 44 -4.27 -78.33 72.49
CA ILE B 44 -4.96 -77.23 73.17
C ILE B 44 -4.54 -75.89 72.57
N ILE B 45 -5.50 -75.20 71.96
CA ILE B 45 -5.25 -73.89 71.35
C ILE B 45 -5.79 -72.78 72.25
N GLU B 46 -4.93 -71.81 72.54
CA GLU B 46 -5.30 -70.61 73.29
C GLU B 46 -4.66 -69.39 72.65
N THR B 47 -5.25 -68.21 72.88
CA THR B 47 -4.80 -66.99 72.22
C THR B 47 -4.32 -65.90 73.20
N VAL B 48 -3.47 -65.02 72.70
CA VAL B 48 -3.09 -63.78 73.39
C VAL B 48 -3.21 -62.61 72.40
N PRO B 49 -3.29 -61.36 72.89
CA PRO B 49 -3.37 -60.23 71.98
C PRO B 49 -2.20 -60.16 71.00
N GLY B 50 -0.98 -60.00 71.51
CA GLY B 50 0.21 -59.85 70.68
C GLY B 50 1.37 -60.73 71.09
N SER B 51 2.45 -60.65 70.31
CA SER B 51 3.64 -61.46 70.52
C SER B 51 4.35 -61.19 71.85
N PHE B 52 4.20 -59.99 72.37
CA PHE B 52 4.81 -59.65 73.64
C PHE B 52 4.23 -60.50 74.76
N GLU B 53 2.94 -60.75 74.68
CA GLU B 53 2.23 -61.52 75.69
C GLU B 53 2.44 -63.04 75.57
N LEU B 54 3.14 -63.46 74.52
CA LEU B 54 3.41 -64.88 74.29
C LEU B 54 4.23 -65.57 75.39
N PRO B 55 5.38 -65.00 75.79
CA PRO B 55 6.17 -65.62 76.86
C PRO B 55 5.41 -65.83 78.18
N TYR B 56 4.83 -64.77 78.73
CA TYR B 56 4.11 -64.88 80.00
C TYR B 56 2.78 -65.62 79.86
N GLY B 57 2.16 -65.48 78.70
CA GLY B 57 0.95 -66.23 78.37
C GLY B 57 1.23 -67.73 78.40
N SER B 58 2.39 -68.11 77.86
CA SER B 58 2.81 -69.51 77.86
C SER B 58 2.95 -70.08 79.27
N LYS B 59 3.56 -69.32 80.18
CA LYS B 59 3.67 -69.74 81.56
C LYS B 59 2.31 -69.90 82.23
N LEU B 60 1.43 -68.92 82.04
CA LEU B 60 0.09 -68.95 82.60
C LEU B 60 -0.73 -70.10 82.02
N PHE B 61 -0.53 -70.37 80.74
CA PHE B 61 -1.16 -71.48 80.03
C PHE B 61 -0.68 -72.82 80.61
N VAL B 62 0.64 -72.98 80.74
CA VAL B 62 1.25 -74.17 81.33
C VAL B 62 0.79 -74.42 82.77
N GLU B 63 0.78 -73.38 83.58
CA GLU B 63 0.32 -73.52 84.97
C GLU B 63 -1.16 -73.89 85.05
N LYS B 64 -1.98 -73.27 84.21
CA LYS B 64 -3.41 -73.59 84.15
C LYS B 64 -3.64 -75.06 83.80
N GLN B 65 -2.89 -75.57 82.83
CA GLN B 65 -3.01 -76.95 82.38
C GLN B 65 -2.59 -77.95 83.46
N LYS B 66 -1.65 -77.54 84.31
CA LYS B 66 -1.24 -78.34 85.47
C LYS B 66 -2.37 -78.42 86.51
N ARG B 67 -3.00 -77.28 86.79
CA ARG B 67 -4.11 -77.20 87.75
C ARG B 67 -5.35 -77.94 87.28
N LEU B 68 -5.47 -78.13 85.97
CA LEU B 68 -6.57 -78.90 85.38
C LEU B 68 -6.30 -80.40 85.40
N GLY B 69 -5.06 -80.77 85.72
CA GLY B 69 -4.65 -82.17 85.73
C GLY B 69 -4.37 -82.70 84.33
N LYS B 70 -4.11 -81.78 83.40
CA LYS B 70 -3.82 -82.15 82.02
C LYS B 70 -2.58 -81.39 81.53
N PRO B 71 -1.39 -81.79 82.01
CA PRO B 71 -0.16 -81.05 81.75
C PRO B 71 0.25 -81.12 80.29
N LEU B 72 0.83 -80.04 79.79
CA LEU B 72 1.36 -80.00 78.44
C LEU B 72 2.75 -80.62 78.44
N ASP B 73 3.06 -81.35 77.35
CA ASP B 73 4.37 -81.97 77.18
C ASP B 73 5.31 -81.04 76.41
N ALA B 74 4.71 -80.17 75.59
CA ALA B 74 5.44 -79.11 74.88
C ALA B 74 4.47 -77.99 74.52
N ILE B 75 5.02 -76.85 74.12
CA ILE B 75 4.21 -75.71 73.72
C ILE B 75 4.81 -75.01 72.49
N ILE B 76 3.93 -74.54 71.61
CA ILE B 76 4.31 -73.79 70.42
C ILE B 76 3.69 -72.39 70.46
N PRO B 77 4.46 -71.38 70.91
CA PRO B 77 4.01 -69.99 70.82
C PRO B 77 4.14 -69.46 69.40
N ILE B 78 3.02 -69.04 68.83
CA ILE B 78 2.99 -68.59 67.43
C ILE B 78 2.67 -67.10 67.33
N GLY B 79 3.56 -66.37 66.65
CA GLY B 79 3.39 -64.95 66.43
C GLY B 79 3.88 -64.52 65.06
N VAL B 80 3.26 -63.47 64.52
CA VAL B 80 3.68 -62.91 63.24
C VAL B 80 4.02 -61.44 63.42
N LEU B 81 5.24 -61.07 63.28
CA LEU B 81 5.68 -59.69 63.41
C LEU B 81 6.27 -59.21 62.09
N ILE B 82 5.75 -58.15 61.58
CA ILE B 82 6.17 -57.50 60.32
C ILE B 82 6.69 -56.12 60.68
N LYS B 83 7.80 -55.73 60.08
CA LYS B 83 8.41 -54.42 60.31
C LYS B 83 7.48 -53.28 59.90
N CYS B 93 10.73 -57.05 69.04
CA CYS B 93 10.65 -58.52 68.98
C CYS B 93 11.91 -59.29 69.39
N ASP B 94 13.07 -58.66 69.31
CA ASP B 94 14.32 -59.34 69.64
C ASP B 94 14.30 -59.87 71.07
N SER B 95 13.76 -59.10 71.99
CA SER B 95 13.68 -59.53 73.38
C SER B 95 12.80 -60.78 73.49
N THR B 96 11.70 -60.78 72.70
CA THR B 96 10.75 -61.89 72.68
C THR B 96 11.41 -63.24 72.38
N THR B 97 12.32 -63.29 71.40
CA THR B 97 13.00 -64.50 71.05
C THR B 97 13.81 -64.90 72.27
N HIS B 98 14.23 -63.93 73.04
CA HIS B 98 15.05 -64.26 74.22
C HIS B 98 14.28 -64.93 75.35
N GLN B 99 13.06 -64.43 75.64
CA GLN B 99 12.23 -65.03 76.69
C GLN B 99 11.70 -66.40 76.32
N LEU B 100 11.31 -66.58 75.07
CA LEU B 100 10.83 -67.88 74.60
C LEU B 100 11.95 -68.91 74.70
N MET B 101 13.17 -68.50 74.38
CA MET B 101 14.35 -69.34 74.53
C MET B 101 14.56 -69.77 75.98
N LYS B 102 14.58 -68.80 76.89
CA LYS B 102 14.73 -69.03 78.33
C LYS B 102 13.61 -69.87 78.93
N LEU B 103 12.42 -69.77 78.33
CA LEU B 103 11.21 -70.43 78.82
C LEU B 103 11.31 -71.95 78.81
N ASN B 104 12.13 -72.49 77.91
CA ASN B 104 12.44 -73.91 77.87
C ASN B 104 12.93 -74.40 79.23
N PHE B 105 13.80 -73.61 79.85
CA PHE B 105 14.45 -73.98 81.10
C PHE B 105 13.61 -73.64 82.33
N GLU B 106 12.81 -72.57 82.23
CA GLU B 106 11.94 -72.14 83.32
C GLU B 106 10.71 -73.02 83.46
N LEU B 107 10.12 -73.41 82.34
CA LEU B 107 8.91 -74.24 82.32
C LEU B 107 9.20 -75.73 82.38
N GLY B 108 10.41 -76.13 81.97
CA GLY B 108 10.81 -77.53 81.96
C GLY B 108 10.17 -78.36 80.86
N ILE B 109 9.65 -77.67 79.84
CA ILE B 109 9.11 -78.31 78.64
C ILE B 109 9.62 -77.61 77.38
N PRO B 110 9.73 -78.34 76.26
CA PRO B 110 10.15 -77.72 74.99
C PRO B 110 9.23 -76.59 74.55
N VAL B 111 9.83 -75.43 74.30
CA VAL B 111 9.14 -74.28 73.76
C VAL B 111 9.65 -74.07 72.35
N ILE B 112 8.80 -74.34 71.36
CA ILE B 112 9.17 -74.22 69.96
C ILE B 112 8.93 -72.81 69.45
N PHE B 113 9.98 -72.21 68.90
CA PHE B 113 9.92 -70.84 68.41
C PHE B 113 9.07 -70.71 67.15
N GLY B 114 7.82 -70.32 67.33
CA GLY B 114 6.89 -70.16 66.22
C GLY B 114 6.57 -68.72 65.85
N VAL B 115 7.57 -67.85 66.00
CA VAL B 115 7.38 -66.42 65.71
C VAL B 115 8.06 -66.03 64.41
N LEU B 116 7.25 -65.58 63.44
CA LEU B 116 7.77 -65.06 62.19
C LEU B 116 8.21 -63.60 62.38
N THR B 117 9.43 -63.31 61.92
CA THR B 117 10.00 -61.97 62.02
C THR B 117 10.36 -61.48 60.62
N CYS B 118 9.37 -60.94 59.92
CA CYS B 118 9.50 -60.60 58.50
C CYS B 118 9.58 -59.09 58.25
N LEU B 119 9.96 -58.73 57.03
CA LEU B 119 10.03 -57.34 56.61
C LEU B 119 8.81 -56.93 55.77
N THR B 120 8.21 -57.90 55.08
CA THR B 120 6.98 -57.65 54.30
C THR B 120 5.89 -58.66 54.66
N ASP B 121 4.66 -58.34 54.30
CA ASP B 121 3.52 -59.26 54.46
C ASP B 121 3.74 -60.53 53.63
N MET B 135 3.97 -70.84 54.48
CA MET B 135 3.66 -70.59 55.87
C MET B 135 3.16 -71.86 56.54
N HIS B 136 2.33 -72.62 55.82
CA HIS B 136 1.80 -73.86 56.35
C HIS B 136 2.94 -74.84 56.62
N ASN B 137 3.89 -74.90 55.70
CA ASN B 137 5.05 -75.79 55.85
C ASN B 137 5.86 -75.37 57.07
N HIS B 138 6.01 -74.07 57.25
CA HIS B 138 6.76 -73.52 58.36
C HIS B 138 6.09 -73.93 59.67
N GLY B 139 4.75 -73.86 59.67
CA GLY B 139 3.98 -74.24 60.83
C GLY B 139 4.14 -75.70 61.14
N GLU B 140 4.19 -76.56 60.11
CA GLU B 140 4.35 -78.00 60.25
C GLU B 140 5.70 -78.29 60.89
N ASP B 141 6.69 -77.51 60.44
CA ASP B 141 8.03 -77.72 61.00
C ASP B 141 7.96 -77.60 62.51
N TRP B 142 7.28 -76.62 63.01
CA TRP B 142 7.11 -76.38 64.45
C TRP B 142 6.33 -77.51 65.13
N GLY B 143 5.40 -78.13 64.38
CA GLY B 143 4.67 -79.30 64.84
C GLY B 143 5.59 -80.49 65.02
N ALA B 144 6.40 -80.76 63.99
CA ALA B 144 7.37 -81.85 64.01
C ALA B 144 8.38 -81.69 65.13
N ALA B 145 8.84 -80.46 65.32
CA ALA B 145 9.84 -80.15 66.35
C ALA B 145 9.31 -80.45 67.76
N ALA B 146 8.08 -80.01 68.03
CA ALA B 146 7.45 -80.20 69.34
C ALA B 146 7.39 -81.67 69.76
N VAL B 147 6.98 -82.53 68.82
CA VAL B 147 6.88 -83.96 69.05
C VAL B 147 8.25 -84.59 69.32
N GLU B 148 9.23 -84.26 68.48
CA GLU B 148 10.59 -84.77 68.62
C GLU B 148 11.24 -84.36 69.95
N MET B 149 11.16 -83.08 70.29
CA MET B 149 11.79 -82.55 71.50
C MET B 149 11.18 -83.10 72.79
N ALA B 150 9.91 -83.51 72.72
CA ALA B 150 9.20 -84.08 73.86
C ALA B 150 9.46 -85.58 74.02
N THR B 151 10.10 -86.18 73.02
CA THR B 151 10.22 -87.65 72.94
C THR B 151 11.66 -88.16 72.91
N LYS B 152 12.48 -87.55 72.06
CA LYS B 152 13.84 -88.04 71.75
C LYS B 152 14.71 -88.36 72.96
N PHE B 153 14.62 -87.53 74.00
CA PHE B 153 15.52 -87.61 75.14
C PHE B 153 14.90 -88.23 76.41
N ASN B 154 13.74 -88.87 76.26
CA ASN B 154 13.05 -89.50 77.38
C ASN B 154 13.34 -90.99 77.46
N LEU B 155 13.21 -91.54 78.67
CA LEU B 155 13.47 -92.95 78.89
C LEU B 155 14.93 -93.30 78.66
N MET C 1 49.98 -44.63 90.30
CA MET C 1 50.17 -45.88 91.01
C MET C 1 49.66 -45.73 92.45
N LYS C 2 48.63 -44.90 92.61
CA LYS C 2 48.04 -44.65 93.93
C LYS C 2 47.58 -45.98 94.51
N TYR C 3 47.54 -47.01 93.69
CA TYR C 3 47.10 -48.33 94.12
C TYR C 3 48.24 -49.31 94.33
N ASP C 4 48.37 -49.80 95.55
CA ASP C 4 49.37 -50.79 95.92
C ASP C 4 48.85 -52.18 95.56
N GLY C 5 49.57 -52.86 94.67
CA GLY C 5 49.17 -54.20 94.22
C GLY C 5 50.07 -55.32 94.70
N SER C 6 50.96 -55.02 95.65
CA SER C 6 51.96 -55.97 96.13
C SER C 6 51.37 -57.23 96.77
N LYS C 7 50.21 -57.09 97.41
CA LYS C 7 49.56 -58.21 98.08
C LYS C 7 48.49 -58.89 97.22
N LEU C 8 48.51 -58.62 95.92
CA LEU C 8 47.49 -59.15 95.01
C LEU C 8 48.00 -60.30 94.14
N ARG C 9 47.08 -61.17 93.76
CA ARG C 9 47.34 -62.20 92.76
C ARG C 9 46.38 -61.98 91.59
N ILE C 10 46.93 -61.72 90.42
CA ILE C 10 46.12 -61.39 89.24
C ILE C 10 46.26 -62.47 88.16
N GLY C 11 45.11 -62.95 87.69
CA GLY C 11 45.06 -63.91 86.60
C GLY C 11 44.87 -63.23 85.26
N ILE C 12 45.57 -63.75 84.25
CA ILE C 12 45.36 -63.33 82.87
C ILE C 12 45.03 -64.55 82.04
N LEU C 13 43.82 -64.58 81.49
CA LEU C 13 43.40 -65.65 80.59
C LEU C 13 43.24 -65.07 79.20
N HIS C 14 44.03 -65.55 78.25
CA HIS C 14 43.97 -65.04 76.89
C HIS C 14 43.68 -66.11 75.85
N ALA C 15 43.01 -65.70 74.78
CA ALA C 15 42.75 -66.56 73.62
C ALA C 15 44.02 -66.70 72.78
N ARG C 16 43.99 -67.62 71.83
CA ARG C 16 45.18 -67.88 70.99
C ARG C 16 45.00 -67.40 69.55
N TRP C 17 43.79 -66.98 69.18
CA TRP C 17 43.56 -66.39 67.86
C TRP C 17 44.06 -64.95 67.78
N ASN C 18 44.67 -64.60 66.64
CA ASN C 18 45.37 -63.33 66.46
C ASN C 18 46.49 -63.16 67.51
N LEU C 19 47.40 -64.13 67.54
CA LEU C 19 48.37 -64.30 68.62
C LEU C 19 49.37 -63.15 68.78
N GLU C 20 49.79 -62.58 67.66
CA GLU C 20 50.74 -61.47 67.66
C GLU C 20 50.17 -60.26 68.42
N ILE C 21 48.89 -59.98 68.20
CA ILE C 21 48.19 -58.89 68.88
C ILE C 21 47.89 -59.25 70.33
N ILE C 22 47.45 -60.49 70.54
CA ILE C 22 47.22 -61.03 71.88
C ILE C 22 48.45 -60.87 72.77
N ALA C 23 49.60 -61.32 72.27
CA ALA C 23 50.86 -61.27 73.02
C ALA C 23 51.21 -59.87 73.51
N ALA C 24 51.00 -58.87 72.64
CA ALA C 24 51.30 -57.48 72.96
C ALA C 24 50.39 -56.90 74.04
N LEU C 25 49.10 -57.25 73.98
CA LEU C 25 48.13 -56.85 75.00
C LEU C 25 48.45 -57.48 76.36
N VAL C 26 48.82 -58.75 76.34
CA VAL C 26 49.25 -59.47 77.55
C VAL C 26 50.49 -58.79 78.13
N ALA C 27 51.47 -58.53 77.26
CA ALA C 27 52.71 -57.86 77.66
C ALA C 27 52.46 -56.51 78.32
N GLY C 28 51.49 -55.75 77.79
CA GLY C 28 51.10 -54.46 78.35
C GLY C 28 50.46 -54.60 79.73
N ALA C 29 49.55 -55.56 79.85
CA ALA C 29 48.90 -55.86 81.13
C ALA C 29 49.91 -56.29 82.18
N ILE C 30 50.81 -57.19 81.79
CA ILE C 30 51.91 -57.64 82.66
C ILE C 30 52.78 -56.47 83.11
N LYS C 31 53.13 -55.58 82.18
CA LYS C 31 53.96 -54.41 82.48
C LYS C 31 53.34 -53.50 83.54
N ARG C 32 52.09 -53.09 83.31
CA ARG C 32 51.39 -52.18 84.23
C ARG C 32 51.08 -52.83 85.58
N LEU C 33 50.77 -54.13 85.57
CA LEU C 33 50.58 -54.90 86.79
C LEU C 33 51.81 -54.79 87.71
N GLN C 34 52.98 -55.03 87.14
CA GLN C 34 54.24 -54.95 87.88
C GLN C 34 54.60 -53.54 88.34
N GLU C 35 54.15 -52.54 87.59
CA GLU C 35 54.37 -51.13 87.93
C GLU C 35 53.59 -50.71 89.18
N PHE C 36 52.47 -51.37 89.42
CA PHE C 36 51.67 -51.10 90.61
C PHE C 36 52.16 -51.88 91.82
N GLY C 37 53.14 -52.74 91.60
CA GLY C 37 53.71 -53.54 92.68
C GLY C 37 53.38 -55.02 92.70
N VAL C 38 52.60 -55.48 91.75
CA VAL C 38 52.27 -56.88 91.77
C VAL C 38 53.47 -57.75 91.56
N LYS C 39 53.64 -58.72 92.43
CA LYS C 39 54.76 -59.63 92.34
C LYS C 39 54.70 -60.50 91.12
N ALA C 40 55.83 -60.76 90.52
CA ALA C 40 55.88 -61.57 89.31
C ALA C 40 55.38 -62.96 89.58
N GLU C 41 55.66 -63.46 90.77
CA GLU C 41 55.27 -64.81 91.10
C GLU C 41 53.76 -64.82 90.96
N ASN C 42 53.15 -63.69 91.31
CA ASN C 42 51.70 -63.55 91.36
C ASN C 42 50.90 -63.28 90.10
N ILE C 43 51.56 -63.34 88.93
CA ILE C 43 50.87 -63.11 87.67
C ILE C 43 50.66 -64.48 87.05
N ILE C 44 49.41 -64.93 86.98
CA ILE C 44 49.18 -66.26 86.43
C ILE C 44 48.57 -66.15 85.03
N ILE C 45 49.32 -66.61 84.02
CA ILE C 45 48.85 -66.60 82.63
C ILE C 45 48.40 -67.99 82.20
N GLU C 46 47.18 -68.05 81.66
CA GLU C 46 46.64 -69.27 81.10
C GLU C 46 45.91 -68.96 79.79
N THR C 47 45.78 -69.96 78.91
CA THR C 47 45.21 -69.75 77.58
C THR C 47 43.94 -70.55 77.32
N VAL C 48 43.14 -70.06 76.39
CA VAL C 48 42.00 -70.80 75.82
C VAL C 48 42.07 -70.69 74.29
N PRO C 49 41.38 -71.59 73.55
CA PRO C 49 41.39 -71.48 72.09
C PRO C 49 40.89 -70.14 71.57
N GLY C 50 39.64 -69.81 71.86
CA GLY C 50 39.04 -68.57 71.36
C GLY C 50 38.31 -67.76 72.41
N SER C 51 37.78 -66.61 71.98
CA SER C 51 37.10 -65.69 72.88
C SER C 51 35.81 -66.25 73.49
N PHE C 52 35.17 -67.16 72.81
CA PHE C 52 33.96 -67.78 73.33
C PHE C 52 34.27 -68.54 74.61
N GLU C 53 35.44 -69.20 74.65
CA GLU C 53 35.84 -70.00 75.80
C GLU C 53 36.35 -69.17 76.97
N LEU C 54 36.47 -67.86 76.78
CA LEU C 54 36.96 -66.95 77.83
C LEU C 54 36.10 -66.91 79.09
N PRO C 55 34.77 -66.70 78.96
CA PRO C 55 33.92 -66.67 80.16
C PRO C 55 34.00 -67.93 81.02
N TYR C 56 33.71 -69.10 80.44
CA TYR C 56 33.78 -70.35 81.19
C TYR C 56 35.20 -70.65 81.64
N GLY C 57 36.15 -70.43 80.74
CA GLY C 57 37.57 -70.64 81.06
C GLY C 57 37.95 -69.88 82.30
N SER C 58 37.46 -68.65 82.41
CA SER C 58 37.71 -67.80 83.57
C SER C 58 37.20 -68.43 84.87
N LYS C 59 35.98 -68.98 84.83
CA LYS C 59 35.42 -69.67 85.99
C LYS C 59 36.25 -70.89 86.38
N LEU C 60 36.61 -71.70 85.39
CA LEU C 60 37.42 -72.90 85.63
C LEU C 60 38.81 -72.53 86.17
N PHE C 61 39.35 -71.44 85.65
CA PHE C 61 40.64 -70.90 86.08
C PHE C 61 40.56 -70.44 87.54
N VAL C 62 39.52 -69.66 87.86
CA VAL C 62 39.29 -69.17 89.22
C VAL C 62 39.08 -70.32 90.22
N GLU C 63 38.26 -71.30 89.85
CA GLU C 63 38.06 -72.45 90.75
C GLU C 63 39.34 -73.25 90.95
N LYS C 64 40.09 -73.47 89.88
CA LYS C 64 41.38 -74.18 89.97
C LYS C 64 42.33 -73.48 90.94
N GLN C 65 42.41 -72.15 90.85
CA GLN C 65 43.28 -71.37 91.70
C GLN C 65 42.87 -71.42 93.18
N LYS C 66 41.58 -71.58 93.42
CA LYS C 66 41.05 -71.78 94.79
C LYS C 66 41.47 -73.15 95.29
N ARG C 67 41.40 -74.16 94.43
CA ARG C 67 41.78 -75.50 94.80
C ARG C 67 43.24 -75.52 95.23
N LEU C 68 44.05 -74.81 94.46
CA LEU C 68 45.50 -74.75 94.69
C LEU C 68 45.91 -73.98 95.95
N GLY C 69 44.94 -73.29 96.55
CA GLY C 69 45.20 -72.46 97.72
C GLY C 69 45.84 -71.14 97.36
N LYS C 70 45.69 -70.74 96.11
CA LYS C 70 46.25 -69.47 95.63
C LYS C 70 45.19 -68.70 94.84
N PRO C 71 44.21 -68.11 95.56
CA PRO C 71 43.05 -67.49 94.92
C PRO C 71 43.44 -66.22 94.17
N LEU C 72 42.76 -65.98 93.04
CA LEU C 72 42.95 -64.76 92.28
C LEU C 72 42.13 -63.64 92.91
N ASP C 73 42.68 -62.44 92.89
CA ASP C 73 41.99 -61.26 93.41
C ASP C 73 41.23 -60.54 92.30
N ALA C 74 41.72 -60.72 91.07
CA ALA C 74 41.04 -60.22 89.87
C ALA C 74 41.49 -61.04 88.67
N ILE C 75 40.78 -60.89 87.55
CA ILE C 75 41.10 -61.61 86.33
C ILE C 75 40.92 -60.69 85.10
N ILE C 76 41.82 -60.84 84.14
CA ILE C 76 41.75 -60.12 82.87
C ILE C 76 41.65 -61.11 81.70
N PRO C 77 40.42 -61.35 81.21
CA PRO C 77 40.22 -62.14 80.01
C PRO C 77 40.56 -61.32 78.76
N ILE C 78 41.52 -61.80 77.98
CA ILE C 78 42.00 -61.07 76.81
C ILE C 78 41.68 -61.81 75.50
N GLY C 79 41.00 -61.11 74.60
CA GLY C 79 40.63 -61.66 73.30
C GLY C 79 40.71 -60.61 72.21
N VAL C 80 41.00 -61.06 71.00
CA VAL C 80 41.03 -60.18 69.84
C VAL C 80 40.07 -60.70 68.78
N LEU C 81 39.00 -59.96 68.53
CA LEU C 81 38.02 -60.35 67.52
C LEU C 81 37.97 -59.29 66.43
N ILE C 82 38.19 -59.74 65.20
CA ILE C 82 38.17 -58.92 64.00
C ILE C 82 37.00 -59.33 63.11
N LYS C 83 36.26 -58.33 62.60
CA LYS C 83 35.12 -58.57 61.73
C LYS C 83 35.53 -59.31 60.46
N CYS C 93 30.41 -62.13 69.09
CA CYS C 93 31.10 -61.53 70.24
C CYS C 93 30.25 -60.72 71.22
N ASP C 94 29.12 -60.21 70.76
CA ASP C 94 28.28 -59.38 71.62
C ASP C 94 27.85 -60.13 72.87
N SER C 95 27.53 -61.42 72.74
CA SER C 95 27.12 -62.21 73.88
C SER C 95 28.29 -62.31 74.87
N THR C 96 29.50 -62.46 74.33
CA THR C 96 30.71 -62.57 75.13
C THR C 96 30.90 -61.40 76.12
N THR C 97 30.65 -60.17 75.66
CA THR C 97 30.78 -59.01 76.52
C THR C 97 29.77 -59.17 77.62
N HIS C 98 28.67 -59.83 77.31
CA HIS C 98 27.63 -59.98 78.34
C HIS C 98 27.99 -60.96 79.46
N GLN C 99 28.59 -62.10 79.10
CA GLN C 99 29.00 -63.06 80.11
C GLN C 99 30.16 -62.58 80.97
N LEU C 100 31.13 -61.91 80.35
CA LEU C 100 32.26 -61.35 81.08
C LEU C 100 31.78 -60.29 82.08
N MET C 101 30.79 -59.51 81.67
CA MET C 101 30.14 -58.53 82.55
C MET C 101 29.49 -59.20 83.76
N LYS C 102 28.66 -60.20 83.51
CA LYS C 102 27.98 -60.99 84.55
C LYS C 102 28.94 -61.74 85.47
N LEU C 103 30.08 -62.10 84.92
CA LEU C 103 31.07 -62.90 85.63
C LEU C 103 31.63 -62.21 86.87
N ASN C 104 31.64 -60.87 86.85
CA ASN C 104 32.00 -60.07 88.01
C ASN C 104 31.19 -60.49 89.25
N PHE C 105 29.90 -60.69 89.05
CA PHE C 105 28.96 -60.98 90.12
C PHE C 105 28.92 -62.46 90.48
N GLU C 106 29.14 -63.32 89.48
CA GLU C 106 29.14 -64.76 89.69
C GLU C 106 30.42 -65.26 90.38
N LEU C 107 31.56 -64.70 89.99
CA LEU C 107 32.85 -65.10 90.55
C LEU C 107 33.22 -64.34 91.81
N GLY C 108 32.64 -63.16 92.00
CA GLY C 108 32.91 -62.33 93.17
C GLY C 108 34.26 -61.64 93.14
N ILE C 109 34.85 -61.57 91.96
CA ILE C 109 36.10 -60.81 91.73
C ILE C 109 35.97 -59.94 90.47
N PRO C 110 36.71 -58.83 90.43
CA PRO C 110 36.72 -57.97 89.24
C PRO C 110 37.16 -58.72 87.97
N VAL C 111 36.33 -58.65 86.94
CA VAL C 111 36.64 -59.20 85.63
C VAL C 111 36.80 -58.02 84.69
N ILE C 112 38.04 -57.77 84.26
CA ILE C 112 38.35 -56.63 83.39
C ILE C 112 38.18 -57.03 81.93
N PHE C 113 37.36 -56.26 81.22
CA PHE C 113 37.06 -56.54 79.81
C PHE C 113 38.25 -56.26 78.91
N GLY C 114 38.99 -57.32 78.58
CA GLY C 114 40.17 -57.22 77.73
C GLY C 114 39.97 -57.76 76.32
N VAL C 115 38.76 -57.60 75.78
CA VAL C 115 38.46 -58.11 74.45
C VAL C 115 38.35 -56.98 73.42
N LEU C 116 39.26 -57.00 72.44
CA LEU C 116 39.21 -56.06 71.34
C LEU C 116 38.17 -56.51 70.33
N THR C 117 37.30 -55.57 69.93
CA THR C 117 36.25 -55.84 68.95
C THR C 117 36.40 -54.87 67.78
N CYS C 118 37.29 -55.24 66.84
CA CYS C 118 37.69 -54.35 65.75
C CYS C 118 37.12 -54.76 64.40
N LEU C 119 37.24 -53.84 63.44
CA LEU C 119 36.79 -54.08 62.07
C LEU C 119 37.95 -54.44 61.14
N THR C 120 39.15 -53.96 61.47
CA THR C 120 40.37 -54.29 60.71
C THR C 120 41.47 -54.79 61.63
N ASP C 121 42.48 -55.43 61.06
CA ASP C 121 43.67 -55.86 61.79
C ASP C 121 44.41 -54.65 62.35
N GLU C 122 44.51 -53.61 61.55
CA GLU C 122 45.19 -52.36 61.90
C GLU C 122 44.63 -51.74 63.18
N GLN C 123 43.31 -51.74 63.31
CA GLN C 123 42.64 -51.21 64.49
C GLN C 123 43.05 -51.95 65.76
N MET C 135 48.16 -50.82 71.23
CA MET C 135 47.65 -52.06 71.81
C MET C 135 48.28 -52.29 73.18
N HIS C 136 49.57 -52.01 73.30
CA HIS C 136 50.26 -52.19 74.57
C HIS C 136 49.65 -51.28 75.63
N ASN C 137 49.35 -50.04 75.23
CA ASN C 137 48.75 -49.07 76.14
C ASN C 137 47.39 -49.55 76.58
N HIS C 138 46.64 -50.12 75.65
CA HIS C 138 45.31 -50.63 75.92
C HIS C 138 45.41 -51.75 76.94
N GLY C 139 46.41 -52.60 76.77
CA GLY C 139 46.65 -53.71 77.67
C GLY C 139 46.99 -53.22 79.05
N GLU C 140 47.80 -52.14 79.15
CA GLU C 140 48.21 -51.55 80.42
C GLU C 140 46.99 -51.03 81.14
N ASP C 141 46.08 -50.43 80.34
CA ASP C 141 44.86 -49.91 80.96
C ASP C 141 44.17 -51.01 81.74
N TRP C 142 44.05 -52.16 81.15
CA TRP C 142 43.42 -53.32 81.76
C TRP C 142 44.18 -53.78 83.01
N GLY C 143 45.50 -53.60 82.98
CA GLY C 143 46.35 -53.88 84.14
C GLY C 143 46.04 -52.94 85.28
N ALA C 144 46.00 -51.65 84.97
CA ALA C 144 45.70 -50.61 85.95
C ALA C 144 44.31 -50.81 86.56
N ALA C 145 43.34 -51.16 85.73
CA ALA C 145 41.96 -51.37 86.16
C ALA C 145 41.85 -52.52 87.16
N ALA C 146 42.51 -53.63 86.86
CA ALA C 146 42.47 -54.83 87.73
C ALA C 146 42.94 -54.54 89.14
N VAL C 147 44.05 -53.80 89.26
CA VAL C 147 44.63 -53.43 90.55
C VAL C 147 43.70 -52.51 91.33
N GLU C 148 43.17 -51.48 90.67
CA GLU C 148 42.25 -50.52 91.29
C GLU C 148 40.96 -51.19 91.79
N MET C 149 40.34 -51.99 90.93
CA MET C 149 39.06 -52.63 91.26
C MET C 149 39.17 -53.65 92.40
N ALA C 150 40.37 -54.22 92.57
CA ALA C 150 40.63 -55.18 93.64
C ALA C 150 40.98 -54.51 94.97
N THR C 151 41.19 -53.20 94.95
CA THR C 151 41.75 -52.47 96.09
C THR C 151 40.84 -51.34 96.62
N LYS C 152 40.34 -50.51 95.70
CA LYS C 152 39.63 -49.27 96.04
C LYS C 152 38.52 -49.42 97.08
N PHE C 153 37.70 -50.47 96.97
CA PHE C 153 36.53 -50.64 97.87
C PHE C 153 36.55 -51.65 99.02
N ASN C 154 37.73 -52.13 99.41
CA ASN C 154 37.88 -53.07 100.52
C ASN C 154 38.85 -52.53 101.58
N LEU C 155 38.70 -52.99 102.82
CA LEU C 155 39.52 -52.48 103.93
C LEU C 155 40.82 -53.22 104.32
N GLU C 156 41.12 -54.35 103.70
CA GLU C 156 42.34 -55.06 104.05
C GLU C 156 43.49 -54.05 104.14
N HIS C 157 43.49 -53.13 103.19
CA HIS C 157 44.51 -52.08 103.08
C HIS C 157 45.89 -52.51 103.55
N MET D 1 10.43 -30.30 92.11
CA MET D 1 11.10 -30.16 93.40
C MET D 1 10.21 -30.60 94.53
N LYS D 2 9.14 -31.31 94.20
CA LYS D 2 8.18 -31.79 95.19
C LYS D 2 8.80 -32.89 96.06
N TYR D 3 10.01 -33.30 95.70
CA TYR D 3 10.68 -34.37 96.44
C TYR D 3 11.72 -33.84 97.43
N ASP D 4 11.52 -34.17 98.70
CA ASP D 4 12.43 -33.79 99.77
C ASP D 4 13.56 -34.83 99.84
N GLY D 5 14.79 -34.37 99.63
CA GLY D 5 15.95 -35.25 99.64
C GLY D 5 16.89 -35.04 100.82
N SER D 6 16.43 -34.29 101.82
CA SER D 6 17.26 -33.93 102.97
C SER D 6 17.74 -35.12 103.80
N LYS D 7 16.93 -36.18 103.86
CA LYS D 7 17.26 -37.36 104.64
C LYS D 7 17.90 -38.47 103.79
N LEU D 8 18.37 -38.13 102.60
CA LEU D 8 18.94 -39.11 101.69
C LEU D 8 20.46 -39.04 101.60
N ARG D 9 21.07 -40.19 101.29
CA ARG D 9 22.49 -40.27 100.95
C ARG D 9 22.59 -40.81 99.53
N ILE D 10 23.18 -40.03 98.64
CA ILE D 10 23.27 -40.40 97.23
C ILE D 10 24.73 -40.59 96.80
N GLY D 11 24.99 -41.74 96.18
CA GLY D 11 26.31 -42.03 95.65
C GLY D 11 26.40 -41.69 94.17
N ILE D 12 27.55 -41.15 93.78
CA ILE D 12 27.87 -40.91 92.38
C ILE D 12 29.16 -41.63 92.06
N LEU D 13 29.08 -42.60 91.16
CA LEU D 13 30.26 -43.30 90.68
C LEU D 13 30.48 -42.97 89.21
N HIS D 14 31.61 -42.34 88.91
CA HIS D 14 31.88 -41.93 87.54
C HIS D 14 33.18 -42.51 86.98
N ALA D 15 33.19 -42.73 85.67
CA ALA D 15 34.39 -43.16 84.96
C ALA D 15 35.35 -42.00 84.78
N ARG D 16 36.56 -42.27 84.32
CA ARG D 16 37.57 -41.21 84.15
C ARG D 16 37.91 -40.90 82.70
N TRP D 17 37.42 -41.71 81.76
CA TRP D 17 37.60 -41.41 80.34
C TRP D 17 36.62 -40.32 79.88
N ASN D 18 37.10 -39.43 79.01
CA ASN D 18 36.37 -38.22 78.61
C ASN D 18 36.05 -37.36 79.82
N LEU D 19 37.09 -37.01 80.57
CA LEU D 19 36.98 -36.40 81.90
C LEU D 19 36.29 -35.04 81.94
N GLU D 20 36.57 -34.22 80.93
CA GLU D 20 35.97 -32.88 80.82
C GLU D 20 34.44 -32.97 80.77
N ILE D 21 33.93 -33.91 80.00
CA ILE D 21 32.48 -34.12 79.87
C ILE D 21 31.93 -34.80 81.13
N ILE D 22 32.66 -35.78 81.64
CA ILE D 22 32.32 -36.46 82.90
C ILE D 22 32.13 -35.45 84.04
N ALA D 23 33.11 -34.56 84.22
CA ALA D 23 33.08 -33.57 85.29
C ALA D 23 31.83 -32.69 85.26
N ALA D 24 31.42 -32.28 84.07
CA ALA D 24 30.23 -31.43 83.88
C ALA D 24 28.93 -32.15 84.22
N LEU D 25 28.84 -33.42 83.84
CA LEU D 25 27.67 -34.25 84.18
C LEU D 25 27.58 -34.48 85.69
N VAL D 26 28.72 -34.73 86.32
CA VAL D 26 28.79 -34.88 87.78
C VAL D 26 28.35 -33.58 88.45
N ALA D 27 28.91 -32.47 87.98
CA ALA D 27 28.57 -31.14 88.49
C ALA D 27 27.07 -30.84 88.42
N GLY D 28 26.44 -31.26 87.32
CA GLY D 28 25.00 -31.10 87.13
C GLY D 28 24.19 -31.96 88.09
N ALA D 29 24.60 -33.21 88.25
CA ALA D 29 23.96 -34.13 89.20
C ALA D 29 24.08 -33.60 90.63
N ILE D 30 25.29 -33.16 91.00
CA ILE D 30 25.55 -32.55 92.31
C ILE D 30 24.65 -31.32 92.54
N LYS D 31 24.55 -30.47 91.53
CA LYS D 31 23.72 -29.26 91.61
C LYS D 31 22.26 -29.56 91.91
N ARG D 32 21.65 -30.42 91.09
CA ARG D 32 20.23 -30.76 91.25
C ARG D 32 19.95 -31.55 92.53
N LEU D 33 20.88 -32.42 92.92
CA LEU D 33 20.80 -33.14 94.20
C LEU D 33 20.63 -32.17 95.37
N GLN D 34 21.49 -31.15 95.43
CA GLN D 34 21.45 -30.13 96.48
C GLN D 34 20.20 -29.24 96.42
N GLU D 35 19.65 -29.06 95.22
CA GLU D 35 18.43 -28.27 95.03
C GLU D 35 17.20 -28.97 95.62
N PHE D 36 17.23 -30.30 95.69
CA PHE D 36 16.14 -31.06 96.28
C PHE D 36 16.30 -31.18 97.79
N GLY D 37 17.42 -30.70 98.31
CA GLY D 37 17.67 -30.73 99.75
C GLY D 37 18.73 -31.70 100.22
N VAL D 38 19.31 -32.47 99.30
CA VAL D 38 20.36 -33.42 99.66
C VAL D 38 21.63 -32.67 100.09
N LYS D 39 22.05 -32.98 101.30
CA LYS D 39 23.22 -32.41 101.94
C LYS D 39 24.50 -32.87 101.31
N ALA D 40 25.47 -31.99 101.30
CA ALA D 40 26.76 -32.28 100.69
C ALA D 40 27.48 -33.41 101.36
N GLU D 41 27.36 -33.52 102.67
CA GLU D 41 28.07 -34.57 103.38
C GLU D 41 27.48 -35.87 102.94
N ASN D 42 26.32 -35.79 102.32
CA ASN D 42 25.60 -37.00 101.93
C ASN D 42 25.66 -37.31 100.44
N ILE D 43 26.53 -36.61 99.72
CA ILE D 43 26.81 -36.89 98.32
C ILE D 43 28.22 -37.47 98.23
N ILE D 44 28.31 -38.77 97.95
CA ILE D 44 29.57 -39.49 97.94
C ILE D 44 30.02 -39.74 96.50
N ILE D 45 31.13 -39.14 96.12
CA ILE D 45 31.70 -39.31 94.77
C ILE D 45 32.88 -40.27 94.79
N GLU D 46 32.83 -41.28 93.92
CA GLU D 46 33.92 -42.22 93.74
C GLU D 46 34.11 -42.51 92.26
N THR D 47 35.31 -42.92 91.87
CA THR D 47 35.65 -43.11 90.46
C THR D 47 36.02 -44.55 90.10
N VAL D 48 35.86 -44.88 88.82
CA VAL D 48 36.39 -46.11 88.23
C VAL D 48 37.11 -45.76 86.92
N PRO D 49 37.97 -46.65 86.42
CA PRO D 49 38.67 -46.35 85.15
C PRO D 49 37.70 -46.09 84.00
N GLY D 50 36.89 -47.08 83.63
CA GLY D 50 35.98 -46.97 82.50
C GLY D 50 34.56 -47.41 82.80
N SER D 51 33.70 -47.27 81.79
CA SER D 51 32.28 -47.59 81.91
C SER D 51 31.99 -49.07 82.19
N PHE D 52 32.91 -49.95 81.78
CA PHE D 52 32.74 -51.38 82.01
C PHE D 52 32.77 -51.67 83.51
N GLU D 53 33.62 -50.94 84.21
CA GLU D 53 33.80 -51.14 85.64
C GLU D 53 32.69 -50.50 86.48
N LEU D 54 31.79 -49.76 85.83
CA LEU D 54 30.68 -49.10 86.52
C LEU D 54 29.72 -50.03 87.26
N PRO D 55 29.19 -51.08 86.58
CA PRO D 55 28.28 -52.01 87.25
C PRO D 55 28.87 -52.66 88.51
N TYR D 56 30.03 -53.30 88.40
CA TYR D 56 30.62 -53.98 89.55
C TYR D 56 31.20 -53.01 90.57
N GLY D 57 31.68 -51.86 90.08
CA GLY D 57 32.14 -50.77 90.94
C GLY D 57 31.00 -50.29 91.83
N SER D 58 29.81 -50.18 91.24
CA SER D 58 28.62 -49.76 91.97
C SER D 58 28.29 -50.72 93.12
N LYS D 59 28.35 -52.01 92.86
CA LYS D 59 28.12 -53.01 93.91
C LYS D 59 29.15 -52.90 95.04
N LEU D 60 30.43 -52.79 94.67
CA LEU D 60 31.51 -52.67 95.64
C LEU D 60 31.38 -51.39 96.45
N PHE D 61 30.96 -50.32 95.77
CA PHE D 61 30.71 -49.01 96.39
C PHE D 61 29.56 -49.11 97.40
N VAL D 62 28.45 -49.71 96.98
CA VAL D 62 27.28 -49.92 97.84
C VAL D 62 27.61 -50.80 99.06
N GLU D 63 28.34 -51.88 98.84
CA GLU D 63 28.75 -52.78 99.93
C GLU D 63 29.68 -52.08 100.93
N LYS D 64 30.61 -51.29 100.41
CA LYS D 64 31.54 -50.50 101.24
C LYS D 64 30.79 -49.51 102.13
N GLN D 65 29.80 -48.83 101.55
CA GLN D 65 29.01 -47.83 102.26
C GLN D 65 28.16 -48.45 103.37
N LYS D 66 27.75 -49.71 103.17
CA LYS D 66 27.04 -50.47 104.20
C LYS D 66 27.96 -50.80 105.37
N ARG D 67 29.17 -51.24 105.08
CA ARG D 67 30.11 -51.56 106.14
C ARG D 67 30.41 -50.32 106.96
N LEU D 68 30.52 -49.18 106.28
CA LEU D 68 30.86 -47.92 106.94
C LEU D 68 29.72 -47.43 107.83
N GLY D 69 28.56 -48.04 107.72
CA GLY D 69 27.37 -47.64 108.46
C GLY D 69 26.71 -46.41 107.87
N LYS D 70 27.00 -46.14 106.59
CA LYS D 70 26.42 -45.00 105.88
C LYS D 70 25.88 -45.46 104.53
N PRO D 71 24.73 -46.16 104.54
CA PRO D 71 24.20 -46.78 103.33
C PRO D 71 23.70 -45.74 102.32
N LEU D 72 23.87 -46.05 101.05
CA LEU D 72 23.36 -45.21 99.98
C LEU D 72 21.88 -45.50 99.76
N ASP D 73 21.11 -44.47 99.47
CA ASP D 73 19.69 -44.63 99.18
C ASP D 73 19.46 -44.78 97.68
N ALA D 74 20.39 -44.24 96.89
CA ALA D 74 20.41 -44.41 95.43
C ALA D 74 21.83 -44.19 94.91
N ILE D 75 22.05 -44.57 93.66
CA ILE D 75 23.35 -44.40 93.03
C ILE D 75 23.20 -43.96 91.58
N ILE D 76 24.12 -43.07 91.15
CA ILE D 76 24.18 -42.60 89.78
C ILE D 76 25.52 -42.96 89.15
N PRO D 77 25.58 -44.07 88.39
CA PRO D 77 26.78 -44.40 87.61
C PRO D 77 26.88 -43.53 86.37
N ILE D 78 27.97 -42.78 86.26
CA ILE D 78 28.14 -41.84 85.15
C ILE D 78 29.30 -42.24 84.24
N GLY D 79 29.00 -42.38 82.95
CA GLY D 79 30.00 -42.73 81.95
C GLY D 79 29.75 -42.01 80.64
N VAL D 80 30.82 -41.76 79.90
CA VAL D 80 30.74 -41.15 78.58
C VAL D 80 31.38 -42.06 77.55
N LEU D 81 30.56 -42.58 76.65
CA LEU D 81 31.03 -43.47 75.60
C LEU D 81 30.79 -42.87 74.21
N ILE D 82 31.89 -42.69 73.49
CA ILE D 82 31.89 -42.15 72.13
C ILE D 82 32.47 -43.23 71.22
N LYS D 83 31.81 -43.46 70.09
CA LYS D 83 32.25 -44.47 69.14
C LYS D 83 33.67 -44.22 68.65
N CYS D 93 29.33 -51.23 74.86
CA CYS D 93 28.48 -50.54 75.83
C CYS D 93 27.06 -51.07 76.01
N ASP D 94 26.52 -51.76 75.00
CA ASP D 94 25.16 -52.24 75.08
C ASP D 94 24.96 -53.16 76.28
N SER D 95 25.95 -54.01 76.56
CA SER D 95 25.85 -54.91 77.70
C SER D 95 25.78 -54.11 78.99
N THR D 96 26.55 -53.01 79.04
CA THR D 96 26.62 -52.12 80.19
C THR D 96 25.25 -51.58 80.62
N THR D 97 24.42 -51.17 79.67
CA THR D 97 23.10 -50.66 79.97
C THR D 97 22.33 -51.80 80.59
N HIS D 98 22.66 -53.01 80.19
CA HIS D 98 21.92 -54.16 80.73
C HIS D 98 22.22 -54.48 82.19
N GLN D 99 23.50 -54.40 82.58
CA GLN D 99 23.88 -54.65 83.98
C GLN D 99 23.42 -53.55 84.92
N LEU D 100 23.51 -52.30 84.49
CA LEU D 100 23.05 -51.18 85.30
C LEU D 100 21.54 -51.29 85.53
N MET D 101 20.82 -51.72 84.51
CA MET D 101 19.39 -51.97 84.62
C MET D 101 19.08 -53.06 85.68
N LYS D 102 19.73 -54.20 85.54
CA LYS D 102 19.59 -55.32 86.48
C LYS D 102 20.03 -54.99 87.90
N LEU D 103 20.96 -54.04 88.02
CA LEU D 103 21.55 -53.66 89.31
C LEU D 103 20.53 -53.06 90.27
N ASN D 104 19.49 -52.44 89.72
CA ASN D 104 18.36 -51.94 90.51
C ASN D 104 17.79 -53.03 91.41
N PHE D 105 17.65 -54.24 90.85
CA PHE D 105 17.02 -55.35 91.54
C PHE D 105 18.00 -56.14 92.41
N GLU D 106 19.26 -56.17 92.01
CA GLU D 106 20.31 -56.86 92.76
C GLU D 106 20.75 -56.09 94.00
N LEU D 107 20.87 -54.77 93.86
CA LEU D 107 21.32 -53.91 94.96
C LEU D 107 20.17 -53.44 95.86
N GLY D 108 18.96 -53.45 95.32
CA GLY D 108 17.77 -53.03 96.09
C GLY D 108 17.67 -51.52 96.28
N ILE D 109 18.42 -50.76 95.46
CA ILE D 109 18.33 -49.31 95.44
C ILE D 109 18.26 -48.81 93.98
N PRO D 110 17.62 -47.65 93.75
CA PRO D 110 17.57 -47.06 92.42
C PRO D 110 18.96 -46.80 91.82
N VAL D 111 19.17 -47.34 90.62
CA VAL D 111 20.38 -47.10 89.86
C VAL D 111 19.98 -46.27 88.64
N ILE D 112 20.40 -45.01 88.65
CA ILE D 112 20.05 -44.08 87.57
C ILE D 112 21.06 -44.17 86.43
N PHE D 113 20.56 -44.42 85.23
CA PHE D 113 21.41 -44.58 84.05
C PHE D 113 22.05 -43.26 83.61
N GLY D 114 23.29 -43.04 84.04
CA GLY D 114 24.02 -41.82 83.70
C GLY D 114 25.12 -42.02 82.68
N VAL D 115 24.90 -42.91 81.72
CA VAL D 115 25.88 -43.20 80.68
C VAL D 115 25.49 -42.60 79.34
N LEU D 116 26.30 -41.68 78.84
CA LEU D 116 26.11 -41.10 77.52
C LEU D 116 26.67 -42.05 76.46
N THR D 117 25.86 -42.32 75.44
CA THR D 117 26.24 -43.21 74.34
C THR D 117 26.14 -42.44 73.02
N CYS D 118 27.18 -41.68 72.71
CA CYS D 118 27.17 -40.74 71.58
C CYS D 118 28.01 -41.20 70.40
N LEU D 119 27.84 -40.53 69.27
CA LEU D 119 28.59 -40.82 68.06
C LEU D 119 29.73 -39.81 67.84
N THR D 120 29.55 -38.60 68.36
CA THR D 120 30.59 -37.56 68.30
C THR D 120 30.86 -36.97 69.69
N ASP D 121 32.00 -36.29 69.83
CA ASP D 121 32.33 -35.56 71.06
C ASP D 121 31.32 -34.45 71.31
N GLU D 122 30.94 -33.76 70.24
CA GLU D 122 29.98 -32.65 70.29
C GLU D 122 28.64 -33.06 70.91
N GLN D 123 28.15 -34.24 70.54
CA GLN D 123 26.91 -34.77 71.07
C GLN D 123 26.97 -34.96 72.59
N MET D 135 24.91 -30.87 78.59
CA MET D 135 25.43 -31.98 79.39
C MET D 135 25.10 -31.76 80.86
N HIS D 136 25.21 -30.52 81.31
CA HIS D 136 24.91 -30.21 82.70
C HIS D 136 23.44 -30.49 82.98
N ASN D 137 22.58 -30.12 82.05
CA ASN D 137 21.14 -30.35 82.19
C ASN D 137 20.86 -31.84 82.26
N HIS D 138 21.56 -32.60 81.43
CA HIS D 138 21.40 -34.04 81.37
C HIS D 138 21.79 -34.63 82.71
N GLY D 139 22.87 -34.11 83.29
CA GLY D 139 23.35 -34.56 84.58
C GLY D 139 22.34 -34.26 85.67
N GLU D 140 21.70 -33.08 85.61
CA GLU D 140 20.69 -32.66 86.58
C GLU D 140 19.51 -33.61 86.52
N ASP D 141 19.17 -34.00 85.28
CA ASP D 141 18.05 -34.92 85.13
C ASP D 141 18.30 -36.16 85.98
N TRP D 142 19.47 -36.68 85.96
CA TRP D 142 19.88 -37.87 86.71
C TRP D 142 19.85 -37.62 88.22
N GLY D 143 20.13 -36.36 88.62
CA GLY D 143 20.03 -35.93 90.01
C GLY D 143 18.59 -35.96 90.48
N ALA D 144 17.71 -35.36 89.69
CA ALA D 144 16.28 -35.32 89.98
C ALA D 144 15.67 -36.71 90.08
N ALA D 145 16.08 -37.58 89.15
CA ALA D 145 15.59 -38.95 89.10
C ALA D 145 15.94 -39.73 90.36
N ALA D 146 17.19 -39.63 90.80
CA ALA D 146 17.69 -40.33 91.99
C ALA D 146 16.86 -40.03 93.24
N VAL D 147 16.58 -38.75 93.44
CA VAL D 147 15.80 -38.27 94.58
C VAL D 147 14.36 -38.80 94.53
N GLU D 148 13.72 -38.68 93.37
CA GLU D 148 12.35 -39.15 93.18
C GLU D 148 12.20 -40.67 93.39
N MET D 149 13.09 -41.44 92.77
CA MET D 149 13.02 -42.91 92.83
C MET D 149 13.27 -43.45 94.24
N ALA D 150 14.01 -42.70 95.05
CA ALA D 150 14.31 -43.08 96.42
C ALA D 150 13.20 -42.68 97.40
N THR D 151 12.23 -41.90 96.93
CA THR D 151 11.24 -41.26 97.80
C THR D 151 9.79 -41.61 97.46
N LYS D 152 9.45 -41.53 96.18
CA LYS D 152 8.06 -41.64 95.71
C LYS D 152 7.28 -42.85 96.23
N PHE D 153 7.96 -43.99 96.33
CA PHE D 153 7.29 -45.26 96.65
C PHE D 153 7.52 -45.75 98.09
N ASN D 154 8.01 -44.87 98.94
CA ASN D 154 8.27 -45.19 100.33
C ASN D 154 7.10 -44.83 101.23
N LEU D 155 6.74 -45.74 102.12
CA LEU D 155 5.65 -45.54 103.06
C LEU D 155 5.91 -44.37 104.00
N GLU D 156 7.16 -44.23 104.42
CA GLU D 156 7.55 -43.16 105.35
C GLU D 156 7.28 -41.79 104.76
N HIS D 157 7.56 -41.62 103.47
CA HIS D 157 7.33 -40.34 102.81
C HIS D 157 8.38 -39.31 103.21
N LYS E 2 48.49 -81.90 72.54
CA LYS E 2 49.02 -81.59 73.85
C LYS E 2 48.03 -81.98 74.96
N TYR E 3 46.80 -82.28 74.55
CA TYR E 3 45.77 -82.67 75.49
C TYR E 3 45.31 -84.12 75.28
N ASP E 4 45.33 -84.89 76.36
CA ASP E 4 44.92 -86.29 76.31
C ASP E 4 43.41 -86.38 76.50
N GLY E 5 42.71 -86.91 75.51
CA GLY E 5 41.26 -87.03 75.56
C GLY E 5 40.74 -88.45 75.68
N SER E 6 41.65 -89.39 75.97
CA SER E 6 41.33 -90.81 76.02
C SER E 6 40.27 -91.18 77.07
N LYS E 7 40.26 -90.44 78.18
CA LYS E 7 39.32 -90.71 79.27
C LYS E 7 38.06 -89.83 79.21
N LEU E 8 37.83 -89.21 78.06
CA LEU E 8 36.70 -88.28 77.91
C LEU E 8 35.55 -88.88 77.12
N ARG E 9 34.34 -88.40 77.42
CA ARG E 9 33.16 -88.67 76.62
C ARG E 9 32.62 -87.35 76.09
N ILE E 10 32.58 -87.20 74.78
CA ILE E 10 32.17 -85.94 74.15
C ILE E 10 30.87 -86.11 73.35
N GLY E 11 29.91 -85.24 73.63
CA GLY E 11 28.65 -85.22 72.91
C GLY E 11 28.68 -84.22 71.76
N ILE E 12 28.08 -84.61 70.64
CA ILE E 12 27.87 -83.70 69.52
C ILE E 12 26.38 -83.67 69.20
N LEU E 13 25.78 -82.51 69.37
CA LEU E 13 24.39 -82.30 69.01
C LEU E 13 24.32 -81.35 67.82
N HIS E 14 23.80 -81.84 66.70
CA HIS E 14 23.72 -81.01 65.51
C HIS E 14 22.31 -80.86 64.95
N ALA E 15 22.06 -79.72 64.33
CA ALA E 15 20.80 -79.46 63.64
C ALA E 15 20.77 -80.19 62.30
N ARG E 16 19.60 -80.21 61.66
CA ARG E 16 19.46 -80.94 60.40
C ARG E 16 19.26 -80.03 59.18
N TRP E 17 19.08 -78.74 59.40
CA TRP E 17 19.03 -77.78 58.28
C TRP E 17 20.42 -77.46 57.75
N ASN E 18 20.52 -77.33 56.43
CA ASN E 18 21.81 -77.20 55.72
C ASN E 18 22.70 -78.43 56.01
N LEU E 19 22.14 -79.61 55.73
CA LEU E 19 22.71 -80.89 56.16
C LEU E 19 24.10 -81.21 55.59
N GLU E 20 24.31 -80.84 54.32
CA GLU E 20 25.59 -81.08 53.66
C GLU E 20 26.73 -80.38 54.40
N ILE E 21 26.49 -79.14 54.82
CA ILE E 21 27.48 -78.36 55.55
C ILE E 21 27.60 -78.86 57.00
N ILE E 22 26.45 -79.16 57.61
CA ILE E 22 26.40 -79.75 58.95
C ILE E 22 27.26 -81.02 59.02
N ALA E 23 27.06 -81.93 58.09
CA ALA E 23 27.78 -83.20 58.07
C ALA E 23 29.30 -83.03 58.06
N ALA E 24 29.78 -82.07 57.27
CA ALA E 24 31.21 -81.79 57.16
C ALA E 24 31.81 -81.23 58.43
N LEU E 25 31.08 -80.35 59.11
CA LEU E 25 31.50 -79.79 60.39
C LEU E 25 31.55 -80.88 61.47
N VAL E 26 30.56 -81.75 61.48
CA VAL E 26 30.51 -82.89 62.41
C VAL E 26 31.72 -83.80 62.13
N ALA E 27 31.94 -84.12 60.85
CA ALA E 27 33.07 -84.96 60.44
C ALA E 27 34.41 -84.40 60.90
N GLY E 28 34.57 -83.08 60.82
CA GLY E 28 35.76 -82.39 61.28
C GLY E 28 35.96 -82.49 62.78
N ALA E 29 34.87 -82.25 63.52
CA ALA E 29 34.87 -82.38 64.98
C ALA E 29 35.21 -83.80 65.41
N ILE E 30 34.58 -84.78 64.78
CA ILE E 30 34.85 -86.20 65.02
C ILE E 30 36.33 -86.54 64.75
N LYS E 31 36.86 -86.03 63.64
CA LYS E 31 38.25 -86.28 63.26
C LYS E 31 39.24 -85.78 64.33
N ARG E 32 39.13 -84.51 64.70
CA ARG E 32 40.03 -83.90 65.69
C ARG E 32 39.87 -84.49 67.08
N LEU E 33 38.63 -84.82 67.46
CA LEU E 33 38.36 -85.52 68.71
C LEU E 33 39.18 -86.81 68.84
N GLN E 34 39.14 -87.63 67.79
CA GLN E 34 39.87 -88.89 67.75
C GLN E 34 41.40 -88.71 67.70
N GLU E 35 41.84 -87.59 67.14
CA GLU E 35 43.27 -87.26 67.08
C GLU E 35 43.85 -86.93 68.46
N PHE E 36 43.02 -86.39 69.35
CA PHE E 36 43.41 -86.12 70.73
C PHE E 36 43.19 -87.34 71.66
N GLY E 37 42.83 -88.47 71.07
CA GLY E 37 42.72 -89.73 71.81
C GLY E 37 41.32 -90.14 72.24
N VAL E 38 40.33 -89.32 71.96
CA VAL E 38 39.01 -89.67 72.39
C VAL E 38 38.62 -90.98 71.77
N LYS E 39 38.09 -91.83 72.61
CA LYS E 39 37.69 -93.15 72.20
C LYS E 39 36.46 -93.07 71.35
N ALA E 40 36.34 -93.93 70.37
CA ALA E 40 35.20 -93.90 69.46
C ALA E 40 33.86 -94.18 70.12
N GLU E 41 33.86 -95.07 71.08
CA GLU E 41 32.63 -95.42 71.76
C GLU E 41 32.14 -94.20 72.47
N ASN E 42 33.06 -93.30 72.80
CA ASN E 42 32.74 -92.10 73.56
C ASN E 42 32.22 -90.87 72.81
N ILE E 43 32.11 -90.93 71.50
CA ILE E 43 31.62 -89.77 70.80
C ILE E 43 30.17 -90.05 70.53
N ILE E 44 29.30 -89.28 71.15
CA ILE E 44 27.86 -89.49 71.02
C ILE E 44 27.24 -88.40 70.15
N ILE E 45 26.70 -88.81 69.00
CA ILE E 45 26.05 -87.88 68.06
C ILE E 45 24.54 -87.99 68.16
N GLU E 46 23.90 -86.84 68.35
CA GLU E 46 22.44 -86.75 68.36
C GLU E 46 22.00 -85.50 67.59
N THR E 47 20.77 -85.52 67.09
CA THR E 47 20.27 -84.44 66.23
C THR E 47 19.07 -83.70 66.80
N VAL E 48 18.90 -82.46 66.35
CA VAL E 48 17.67 -81.68 66.58
C VAL E 48 17.23 -81.07 65.24
N PRO E 49 15.95 -80.64 65.13
CA PRO E 49 15.50 -80.03 63.88
C PRO E 49 16.33 -78.81 63.48
N GLY E 50 16.32 -77.77 64.31
CA GLY E 50 17.01 -76.52 64.00
C GLY E 50 17.88 -75.99 65.12
N SER E 51 18.55 -74.88 64.84
CA SER E 51 19.47 -74.26 65.79
C SER E 51 18.79 -73.74 67.07
N PHE E 52 17.52 -73.42 66.97
CA PHE E 52 16.79 -72.94 68.12
C PHE E 52 16.70 -74.04 69.18
N GLU E 53 16.54 -75.26 68.73
CA GLU E 53 16.39 -76.41 69.61
C GLU E 53 17.72 -76.90 70.20
N LEU E 54 18.83 -76.30 69.75
CA LEU E 54 20.16 -76.69 70.23
C LEU E 54 20.39 -76.48 71.73
N PRO E 55 20.10 -75.28 72.27
CA PRO E 55 20.29 -75.07 73.70
C PRO E 55 19.53 -76.05 74.60
N TYR E 56 18.21 -76.17 74.42
CA TYR E 56 17.42 -77.06 75.26
C TYR E 56 17.65 -78.53 74.95
N GLY E 57 17.94 -78.81 73.68
CA GLY E 57 18.33 -80.15 73.25
C GLY E 57 19.59 -80.61 73.96
N SER E 58 20.54 -79.69 74.10
CA SER E 58 21.78 -79.97 74.82
C SER E 58 21.54 -80.36 76.26
N LYS E 59 20.67 -79.63 76.96
CA LYS E 59 20.32 -79.96 78.34
C LYS E 59 19.67 -81.34 78.44
N LEU E 60 18.71 -81.62 77.56
CA LEU E 60 18.01 -82.89 77.54
C LEU E 60 18.97 -84.03 77.21
N PHE E 61 19.91 -83.77 76.31
CA PHE E 61 20.95 -84.70 75.93
C PHE E 61 21.86 -85.01 77.12
N VAL E 62 22.34 -83.96 77.79
CA VAL E 62 23.20 -84.08 78.97
C VAL E 62 22.49 -84.84 80.11
N GLU E 63 21.23 -84.53 80.38
CA GLU E 63 20.49 -85.24 81.42
C GLU E 63 20.33 -86.71 81.06
N LYS E 64 19.94 -86.97 79.83
CA LYS E 64 19.77 -88.36 79.36
C LYS E 64 21.04 -89.18 79.56
N GLN E 65 22.19 -88.58 79.22
CA GLN E 65 23.48 -89.25 79.36
C GLN E 65 23.85 -89.53 80.82
N LYS E 66 23.38 -88.67 81.72
CA LYS E 66 23.54 -88.89 83.16
C LYS E 66 22.70 -90.08 83.64
N ARG E 67 21.50 -90.19 83.15
CA ARG E 67 20.63 -91.29 83.55
C ARG E 67 21.17 -92.60 83.06
N LEU E 68 21.77 -92.55 81.90
CA LEU E 68 22.34 -93.76 81.29
C LEU E 68 23.60 -94.22 82.01
N GLY E 69 24.13 -93.37 82.89
CA GLY E 69 25.37 -93.67 83.61
C GLY E 69 26.60 -93.43 82.76
N LYS E 70 26.43 -92.62 81.70
CA LYS E 70 27.53 -92.30 80.80
C LYS E 70 27.57 -90.79 80.56
N PRO E 71 28.04 -90.02 81.56
CA PRO E 71 27.97 -88.56 81.53
C PRO E 71 28.93 -87.99 80.48
N LEU E 72 28.50 -86.90 79.86
CA LEU E 72 29.33 -86.17 78.91
C LEU E 72 30.28 -85.26 79.67
N ASP E 73 31.52 -85.15 79.17
CA ASP E 73 32.50 -84.26 79.77
C ASP E 73 32.48 -82.88 79.10
N ALA E 74 32.03 -82.85 77.85
CA ALA E 74 31.79 -81.62 77.10
C ALA E 74 30.78 -81.88 75.99
N ILE E 75 30.26 -80.80 75.41
CA ILE E 75 29.29 -80.89 74.33
C ILE E 75 29.57 -79.85 73.25
N ILE E 76 29.38 -80.25 72.00
CA ILE E 76 29.52 -79.36 70.84
C ILE E 76 28.19 -79.26 70.09
N PRO E 77 27.40 -78.20 70.35
CA PRO E 77 26.20 -77.93 69.57
C PRO E 77 26.56 -77.33 68.22
N ILE E 78 26.17 -78.01 67.14
CA ILE E 78 26.52 -77.59 65.79
C ILE E 78 25.29 -77.15 64.99
N GLY E 79 25.34 -75.93 64.46
CA GLY E 79 24.27 -75.38 63.65
C GLY E 79 24.81 -74.53 62.52
N VAL E 80 24.06 -74.48 61.42
CA VAL E 80 24.40 -73.64 60.28
C VAL E 80 23.25 -72.70 59.98
N LEU E 81 23.50 -71.41 60.19
CA LEU E 81 22.51 -70.37 59.95
C LEU E 81 22.96 -69.41 58.85
N ILE E 82 22.15 -69.36 57.78
CA ILE E 82 22.40 -68.49 56.65
C ILE E 82 21.25 -67.49 56.55
N LYS E 83 21.58 -66.23 56.33
CA LYS E 83 20.59 -65.17 56.24
C LYS E 83 19.60 -65.41 55.11
N CYS E 93 19.02 -65.80 65.47
CA CYS E 93 20.18 -66.54 65.97
C CYS E 93 20.98 -65.87 67.09
N ASP E 94 20.89 -64.55 67.21
CA ASP E 94 21.66 -63.84 68.22
C ASP E 94 21.34 -64.35 69.62
N SER E 95 20.07 -64.62 69.88
CA SER E 95 19.68 -65.13 71.19
C SER E 95 20.32 -66.49 71.44
N THR E 96 20.37 -67.31 70.37
CA THR E 96 20.96 -68.65 70.44
C THR E 96 22.40 -68.65 70.98
N THR E 97 23.23 -67.70 70.51
CA THR E 97 24.60 -67.60 70.97
C THR E 97 24.54 -67.32 72.44
N HIS E 98 23.51 -66.61 72.86
CA HIS E 98 23.42 -66.27 74.29
C HIS E 98 23.10 -67.44 75.21
N GLN E 99 22.19 -68.31 74.81
CA GLN E 99 21.84 -69.50 75.60
C GLN E 99 22.96 -70.53 75.65
N LEU E 100 23.62 -70.74 74.51
CA LEU E 100 24.75 -71.67 74.46
C LEU E 100 25.87 -71.20 75.37
N MET E 101 26.09 -69.89 75.40
CA MET E 101 27.06 -69.28 76.31
C MET E 101 26.72 -69.55 77.77
N LYS E 102 25.48 -69.23 78.14
CA LYS E 102 24.97 -69.45 79.50
C LYS E 102 24.96 -70.92 79.92
N LEU E 103 24.82 -71.81 78.92
CA LEU E 103 24.69 -73.24 79.15
C LEU E 103 25.94 -73.87 79.78
N ASN E 104 27.10 -73.25 79.54
CA ASN E 104 28.35 -73.63 80.20
C ASN E 104 28.18 -73.66 81.71
N PHE E 105 27.51 -72.65 82.25
CA PHE E 105 27.37 -72.48 83.69
C PHE E 105 26.20 -73.27 84.26
N GLU E 106 25.14 -73.44 83.46
CA GLU E 106 23.96 -74.18 83.87
C GLU E 106 24.19 -75.69 83.86
N LEU E 107 24.90 -76.19 82.86
CA LEU E 107 25.17 -77.62 82.72
C LEU E 107 26.42 -78.07 83.47
N GLY E 108 27.32 -77.13 83.74
CA GLY E 108 28.57 -77.44 84.44
C GLY E 108 29.60 -78.18 83.59
N ILE E 109 29.42 -78.15 82.28
CA ILE E 109 30.39 -78.69 81.33
C ILE E 109 30.63 -77.70 80.19
N PRO E 110 31.83 -77.75 79.58
CA PRO E 110 32.13 -76.90 78.43
C PRO E 110 31.16 -77.10 77.26
N VAL E 111 30.56 -75.99 76.82
CA VAL E 111 29.70 -75.96 75.66
C VAL E 111 30.44 -75.17 74.58
N ILE E 112 30.89 -75.87 73.54
CA ILE E 112 31.65 -75.26 72.46
C ILE E 112 30.72 -74.73 71.39
N PHE E 113 30.87 -73.43 71.08
CA PHE E 113 30.00 -72.77 70.10
C PHE E 113 30.29 -73.22 68.68
N GLY E 114 29.48 -74.18 68.20
CA GLY E 114 29.64 -74.72 66.86
C GLY E 114 28.58 -74.26 65.87
N VAL E 115 28.13 -73.02 66.01
CA VAL E 115 27.10 -72.47 65.13
C VAL E 115 27.67 -71.47 64.14
N LEU E 116 27.56 -71.80 62.85
CA LEU E 116 27.96 -70.90 61.78
C LEU E 116 26.86 -69.88 61.54
N THR E 117 27.24 -68.60 61.50
CA THR E 117 26.32 -67.50 61.27
C THR E 117 26.76 -66.72 60.03
N CYS E 118 26.39 -67.22 58.86
CA CYS E 118 26.89 -66.69 57.58
C CYS E 118 25.85 -65.90 56.80
N LEU E 119 26.32 -65.20 55.78
CA LEU E 119 25.46 -64.41 54.91
C LEU E 119 25.18 -65.13 53.58
N THR E 120 26.10 -65.99 53.17
CA THR E 120 25.93 -66.81 51.95
C THR E 120 26.19 -68.28 52.25
N ASP E 121 25.73 -69.16 51.35
CA ASP E 121 26.02 -70.59 51.43
C ASP E 121 27.52 -70.84 51.32
N MET E 135 35.33 -75.57 56.19
CA MET E 135 34.31 -75.96 57.14
C MET E 135 34.81 -77.11 58.02
N HIS E 136 35.53 -78.04 57.41
CA HIS E 136 36.06 -79.18 58.15
C HIS E 136 37.06 -78.68 59.19
N ASN E 137 37.89 -77.72 58.80
CA ASN E 137 38.88 -77.16 59.71
C ASN E 137 38.19 -76.46 60.87
N HIS E 138 37.10 -75.76 60.56
CA HIS E 138 36.33 -75.04 61.56
C HIS E 138 35.76 -76.04 62.56
N GLY E 139 35.29 -77.17 62.03
CA GLY E 139 34.73 -78.22 62.86
C GLY E 139 35.79 -78.81 63.78
N GLU E 140 37.02 -78.99 63.26
CA GLU E 140 38.14 -79.54 64.02
C GLU E 140 38.47 -78.60 65.17
N ASP E 141 38.41 -77.30 64.86
CA ASP E 141 38.69 -76.33 65.90
C ASP E 141 37.80 -76.60 67.10
N TRP E 142 36.55 -76.82 66.88
CA TRP E 142 35.55 -77.10 67.92
C TRP E 142 35.86 -78.41 68.64
N GLY E 143 36.45 -79.38 67.91
CA GLY E 143 36.89 -80.64 68.49
C GLY E 143 38.04 -80.41 69.45
N ALA E 144 39.04 -79.66 69.00
CA ALA E 144 40.22 -79.33 69.81
C ALA E 144 39.83 -78.57 71.07
N ALA E 145 38.91 -77.62 70.92
CA ALA E 145 38.43 -76.80 72.03
C ALA E 145 37.77 -77.64 73.13
N ALA E 146 36.90 -78.56 72.72
CA ALA E 146 36.16 -79.42 73.66
C ALA E 146 37.10 -80.22 74.56
N VAL E 147 38.12 -80.81 73.97
CA VAL E 147 39.11 -81.61 74.68
C VAL E 147 39.91 -80.76 75.68
N GLU E 148 40.39 -79.60 75.22
CA GLU E 148 41.17 -78.67 76.06
C GLU E 148 40.35 -78.16 77.25
N MET E 149 39.14 -77.68 76.99
CA MET E 149 38.28 -77.10 78.03
C MET E 149 37.86 -78.11 79.10
N ALA E 150 37.81 -79.39 78.73
CA ALA E 150 37.46 -80.46 79.64
C ALA E 150 38.65 -80.96 80.47
N THR E 151 39.85 -80.50 80.12
CA THR E 151 41.09 -81.07 80.67
C THR E 151 41.98 -80.05 81.39
N LYS E 152 42.19 -78.90 80.74
CA LYS E 152 43.18 -77.90 81.18
C LYS E 152 43.08 -77.51 82.67
N PHE E 153 41.85 -77.38 83.16
CA PHE E 153 41.62 -76.83 84.49
C PHE E 153 41.24 -77.87 85.56
N ASN E 154 41.47 -79.14 85.25
CA ASN E 154 41.14 -80.22 86.16
C ASN E 154 42.25 -80.48 87.19
N LEU E 155 41.85 -80.80 88.41
CA LEU E 155 42.79 -81.06 89.49
C LEU E 155 43.92 -80.04 89.51
N MET F 3 0.63 -25.83 99.02
CA MET F 3 -0.51 -26.03 98.13
C MET F 3 -0.04 -26.29 96.70
N LYS F 4 -0.61 -27.31 96.06
CA LYS F 4 -0.29 -27.57 94.66
C LYS F 4 -0.73 -26.41 93.78
N GLU F 5 -0.02 -26.18 92.68
CA GLU F 5 -0.43 -25.17 91.71
C GLU F 5 -1.69 -25.68 90.99
N LYS F 6 -2.60 -24.77 90.69
CA LYS F 6 -3.87 -25.17 90.10
C LYS F 6 -3.91 -24.96 88.58
N PHE F 7 -4.79 -25.70 87.91
CA PHE F 7 -4.96 -25.53 86.47
C PHE F 7 -6.46 -25.46 86.25
N VAL F 8 -6.92 -24.47 85.48
CA VAL F 8 -8.36 -24.31 85.24
C VAL F 8 -8.71 -24.71 83.82
N LEU F 9 -9.63 -25.65 83.68
CA LEU F 9 -10.07 -26.09 82.36
C LEU F 9 -11.48 -25.56 82.20
N ILE F 10 -11.72 -24.76 81.16
CA ILE F 10 -13.06 -24.25 80.89
C ILE F 10 -13.69 -25.08 79.77
N ILE F 11 -14.84 -25.69 80.05
CA ILE F 11 -15.50 -26.53 79.05
C ILE F 11 -16.91 -25.98 78.87
N THR F 12 -17.23 -25.57 77.64
CA THR F 12 -18.50 -24.89 77.38
C THR F 12 -19.01 -25.20 75.98
N HIS F 13 -20.23 -24.75 75.69
CA HIS F 13 -20.75 -24.78 74.32
C HIS F 13 -20.09 -23.72 73.43
N GLY F 14 -19.78 -24.10 72.21
CA GLY F 14 -19.23 -23.14 71.25
C GLY F 14 -18.08 -22.29 71.79
N ASP F 15 -18.04 -21.02 71.40
CA ASP F 15 -16.94 -20.13 71.75
C ASP F 15 -17.15 -19.44 73.10
N PHE F 16 -18.06 -19.95 73.92
CA PHE F 16 -18.34 -19.25 75.18
C PHE F 16 -17.09 -19.19 76.06
N GLY F 17 -16.47 -20.34 76.31
CA GLY F 17 -15.28 -20.38 77.15
C GLY F 17 -14.14 -19.54 76.57
N LYS F 18 -13.98 -19.62 75.26
CA LYS F 18 -12.93 -18.86 74.57
C LYS F 18 -13.16 -17.37 74.76
N GLY F 19 -14.41 -16.94 74.64
CA GLY F 19 -14.75 -15.55 74.82
C GLY F 19 -14.71 -15.08 76.27
N LEU F 20 -15.15 -15.94 77.18
CA LEU F 20 -15.10 -15.62 78.61
C LEU F 20 -13.67 -15.37 79.04
N LEU F 21 -12.76 -16.24 78.61
CA LEU F 21 -11.33 -16.07 78.98
C LEU F 21 -10.78 -14.77 78.37
N SER F 22 -11.05 -14.53 77.09
CA SER F 22 -10.70 -13.26 76.43
C SER F 22 -11.14 -12.05 77.25
N GLY F 23 -12.40 -12.03 77.64
CA GLY F 23 -12.98 -10.99 78.46
C GLY F 23 -12.28 -10.80 79.80
N ALA F 24 -12.08 -11.91 80.50
CA ALA F 24 -11.33 -11.87 81.76
C ALA F 24 -9.95 -11.30 81.57
N GLU F 25 -9.30 -11.65 80.45
CA GLU F 25 -7.93 -11.23 80.23
C GLU F 25 -7.82 -9.74 79.93
N VAL F 26 -8.89 -9.15 79.39
CA VAL F 26 -8.99 -7.67 79.29
C VAL F 26 -8.86 -7.05 80.67
N ILE F 27 -9.48 -7.70 81.66
CA ILE F 27 -9.50 -7.20 83.01
C ILE F 27 -8.19 -7.47 83.78
N ILE F 28 -7.72 -8.72 83.76
CA ILE F 28 -6.59 -9.13 84.63
C ILE F 28 -5.32 -9.59 83.91
N GLY F 29 -5.26 -9.40 82.60
CA GLY F 29 -4.11 -9.79 81.83
C GLY F 29 -4.08 -11.25 81.39
N LYS F 30 -3.13 -11.57 80.51
CA LYS F 30 -3.03 -12.91 79.93
C LYS F 30 -2.75 -13.97 81.00
N GLN F 31 -3.50 -15.06 80.91
CA GLN F 31 -3.43 -16.16 81.86
C GLN F 31 -2.55 -17.28 81.36
N GLU F 32 -1.84 -17.89 82.29
CA GLU F 32 -1.26 -19.21 82.08
C GLU F 32 -2.11 -20.16 82.93
N ASN F 33 -1.99 -21.45 82.69
CA ASN F 33 -2.72 -22.41 83.51
C ASN F 33 -4.25 -22.29 83.38
N VAL F 34 -4.72 -21.74 82.26
CA VAL F 34 -6.15 -21.82 81.91
C VAL F 34 -6.27 -22.31 80.47
N HIS F 35 -7.09 -23.31 80.24
CA HIS F 35 -7.30 -23.82 78.90
C HIS F 35 -8.81 -23.88 78.63
N THR F 36 -9.21 -23.63 77.39
CA THR F 36 -10.62 -23.70 77.03
C THR F 36 -10.88 -24.77 75.98
N VAL F 37 -12.00 -25.45 76.15
CA VAL F 37 -12.45 -26.46 75.20
C VAL F 37 -13.91 -26.13 74.91
N GLY F 38 -14.23 -25.96 73.64
CA GLY F 38 -15.59 -25.65 73.25
C GLY F 38 -16.24 -26.78 72.46
N LEU F 39 -17.47 -27.09 72.83
CA LEU F 39 -18.25 -28.08 72.06
C LEU F 39 -19.12 -27.38 71.03
N ASN F 40 -18.79 -27.58 69.75
CA ASN F 40 -19.50 -26.97 68.64
C ASN F 40 -20.50 -27.95 68.03
N LEU F 41 -21.52 -27.44 67.34
CA LEU F 41 -22.36 -28.33 66.54
C LEU F 41 -21.43 -29.08 65.61
N GLY F 42 -21.63 -30.38 65.49
CA GLY F 42 -20.81 -31.19 64.60
C GLY F 42 -19.60 -31.82 65.26
N ASP F 43 -19.36 -31.49 66.53
CA ASP F 43 -18.29 -32.15 67.28
C ASP F 43 -18.80 -33.46 67.85
N ASN F 44 -18.00 -34.51 67.72
CA ASN F 44 -18.33 -35.78 68.35
C ASN F 44 -17.93 -35.74 69.83
N ILE F 45 -18.90 -35.93 70.72
CA ILE F 45 -18.68 -35.74 72.14
C ILE F 45 -17.62 -36.67 72.68
N GLU F 46 -17.57 -37.88 72.12
CA GLU F 46 -16.58 -38.87 72.52
C GLU F 46 -15.17 -38.40 72.17
N LYS F 47 -15.03 -37.81 70.98
CA LYS F 47 -13.74 -37.27 70.55
C LYS F 47 -13.30 -36.14 71.48
N VAL F 48 -14.24 -35.26 71.82
CA VAL F 48 -13.94 -34.15 72.73
C VAL F 48 -13.60 -34.68 74.11
N ALA F 49 -14.32 -35.71 74.56
CA ALA F 49 -14.07 -36.29 75.87
C ALA F 49 -12.62 -36.80 75.96
N LYS F 50 -12.19 -37.49 74.92
CA LYS F 50 -10.84 -38.05 74.91
C LYS F 50 -9.78 -36.94 74.90
N GLU F 51 -10.09 -35.84 74.24
CA GLU F 51 -9.20 -34.68 74.20
C GLU F 51 -9.07 -34.06 75.60
N VAL F 52 -10.20 -33.92 76.28
CA VAL F 52 -10.22 -33.38 77.63
C VAL F 52 -9.45 -34.30 78.58
N MET F 53 -9.67 -35.61 78.46
CA MET F 53 -8.97 -36.55 79.31
C MET F 53 -7.48 -36.39 79.00
N ARG F 54 -7.14 -36.14 77.74
CA ARG F 54 -5.73 -36.00 77.38
C ARG F 54 -5.11 -34.87 78.17
N ILE F 55 -5.81 -33.75 78.22
CA ILE F 55 -5.32 -32.63 79.02
C ILE F 55 -5.21 -32.85 80.52
N ILE F 56 -6.19 -33.55 81.09
CA ILE F 56 -6.22 -33.75 82.53
C ILE F 56 -5.05 -34.62 82.99
N ILE F 57 -4.85 -35.75 82.32
CA ILE F 57 -3.73 -36.63 82.62
C ILE F 57 -2.40 -35.86 82.54
N ALA F 58 -2.21 -35.12 81.47
CA ALA F 58 -0.99 -34.34 81.30
C ALA F 58 -0.73 -33.40 82.47
N LYS F 59 -1.79 -32.76 82.95
CA LYS F 59 -1.67 -31.80 84.04
C LYS F 59 -1.48 -32.50 85.38
N LEU F 60 -2.17 -33.61 85.59
CA LEU F 60 -1.97 -34.39 86.79
C LEU F 60 -0.51 -34.83 86.85
N ALA F 61 0.01 -35.29 85.72
CA ALA F 61 1.40 -35.70 85.61
C ALA F 61 2.38 -34.56 85.87
N GLU F 62 1.87 -33.33 85.85
CA GLU F 62 2.68 -32.17 86.22
C GLU F 62 2.43 -31.79 87.66
N ASP F 63 1.77 -32.68 88.39
CA ASP F 63 1.44 -32.47 89.80
C ASP F 63 0.56 -31.24 90.02
N LYS F 64 -0.39 -31.03 89.11
CA LYS F 64 -1.31 -29.91 89.24
C LYS F 64 -2.66 -30.33 89.79
N GLU F 65 -3.32 -29.43 90.50
CA GLU F 65 -4.68 -29.64 90.96
C GLU F 65 -5.61 -29.00 89.94
N ILE F 66 -6.64 -29.74 89.53
CA ILE F 66 -7.46 -29.31 88.39
C ILE F 66 -8.87 -28.89 88.80
N ILE F 67 -9.27 -27.71 88.34
CA ILE F 67 -10.62 -27.22 88.50
C ILE F 67 -11.27 -27.15 87.11
N ILE F 68 -12.42 -27.77 86.97
CA ILE F 68 -13.13 -27.67 85.71
C ILE F 68 -14.31 -26.71 85.91
N VAL F 69 -14.36 -25.68 85.07
CA VAL F 69 -15.46 -24.75 85.12
C VAL F 69 -16.34 -24.98 83.88
N VAL F 70 -17.66 -25.07 84.07
CA VAL F 70 -18.51 -25.37 82.92
C VAL F 70 -19.64 -24.36 82.81
N ASP F 71 -20.17 -24.23 81.60
CA ASP F 71 -21.15 -23.17 81.36
C ASP F 71 -22.52 -23.45 81.96
N LEU F 72 -22.98 -24.68 81.86
CA LEU F 72 -24.38 -24.98 82.06
C LEU F 72 -24.48 -26.32 82.76
N PHE F 73 -25.29 -26.38 83.81
CA PHE F 73 -25.59 -27.65 84.46
C PHE F 73 -26.46 -28.46 83.47
N GLY F 74 -25.92 -29.56 82.98
CA GLY F 74 -26.60 -30.33 81.95
C GLY F 74 -26.04 -29.99 80.58
N GLY F 75 -26.09 -30.94 79.67
CA GLY F 75 -25.49 -30.73 78.36
C GLY F 75 -24.16 -31.42 78.27
N SER F 76 -23.63 -31.49 77.06
CA SER F 76 -22.46 -32.31 76.79
C SER F 76 -21.21 -31.84 77.52
N PRO F 77 -21.02 -30.53 77.59
CA PRO F 77 -19.85 -29.98 78.31
C PRO F 77 -19.85 -30.44 79.77
N PHE F 78 -21.04 -30.42 80.39
CA PHE F 78 -21.21 -30.84 81.77
C PHE F 78 -20.99 -32.36 81.89
N ASN F 79 -21.54 -33.09 80.93
CA ASN F 79 -21.44 -34.56 80.95
C ASN F 79 -19.97 -34.99 80.86
N ILE F 80 -19.19 -34.29 80.04
CA ILE F 80 -17.75 -34.51 80.02
C ILE F 80 -17.07 -34.22 81.35
N ALA F 81 -17.38 -33.08 81.95
CA ALA F 81 -16.81 -32.71 83.23
C ALA F 81 -17.15 -33.77 84.28
N LEU F 82 -18.40 -34.22 84.30
CA LEU F 82 -18.81 -35.23 85.28
C LEU F 82 -18.01 -36.52 85.07
N GLU F 83 -17.80 -36.90 83.82
CA GLU F 83 -17.06 -38.13 83.54
C GLU F 83 -15.62 -38.02 84.01
N MET F 84 -15.05 -36.81 83.95
CA MET F 84 -13.71 -36.56 84.47
C MET F 84 -13.66 -36.57 85.99
N MET F 85 -14.74 -36.13 86.63
CA MET F 85 -14.77 -36.18 88.08
C MET F 85 -14.91 -37.62 88.53
N LYS F 86 -15.70 -38.40 87.79
CA LYS F 86 -15.86 -39.81 88.12
C LYS F 86 -14.50 -40.50 88.11
N THR F 87 -13.70 -40.25 87.09
CA THR F 87 -12.43 -40.95 86.89
C THR F 87 -11.23 -40.34 87.62
N PHE F 88 -11.14 -39.01 87.62
CA PHE F 88 -9.92 -38.32 88.06
C PHE F 88 -10.04 -37.44 89.30
N ASP F 89 -11.25 -37.31 89.85
CA ASP F 89 -11.43 -36.62 91.12
C ASP F 89 -11.05 -35.14 91.05
N VAL F 90 -11.19 -34.57 89.87
CA VAL F 90 -11.06 -33.13 89.70
C VAL F 90 -12.28 -32.49 90.36
N LYS F 91 -12.29 -31.17 90.47
CA LYS F 91 -13.44 -30.48 91.03
C LYS F 91 -14.17 -29.72 89.93
N VAL F 92 -15.48 -29.54 90.11
CA VAL F 92 -16.33 -28.98 89.04
C VAL F 92 -17.33 -27.94 89.57
N ILE F 93 -17.47 -26.84 88.83
CA ILE F 93 -18.48 -25.85 89.16
C ILE F 93 -19.19 -25.42 87.86
N THR F 94 -20.49 -25.18 87.94
CA THR F 94 -21.27 -24.82 86.77
C THR F 94 -21.75 -23.37 86.81
N GLY F 95 -22.25 -22.89 85.68
CA GLY F 95 -22.85 -21.56 85.60
C GLY F 95 -21.86 -20.40 85.58
N ILE F 96 -20.64 -20.69 85.13
CA ILE F 96 -19.55 -19.71 85.21
C ILE F 96 -19.92 -18.38 84.56
N ASN F 97 -19.63 -17.30 85.27
CA ASN F 97 -19.78 -15.95 84.72
C ASN F 97 -18.52 -15.10 84.96
N MET F 98 -18.54 -13.83 84.56
CA MET F 98 -17.31 -13.03 84.62
C MET F 98 -16.79 -12.76 86.04
N PRO F 99 -17.68 -12.35 86.95
CA PRO F 99 -17.17 -12.08 88.32
C PRO F 99 -16.55 -13.35 88.93
N MET F 100 -17.14 -14.50 88.67
CA MET F 100 -16.58 -15.75 89.16
C MET F 100 -15.18 -16.01 88.62
N LEU F 101 -15.02 -15.86 87.31
CA LEU F 101 -13.74 -16.21 86.70
C LEU F 101 -12.68 -15.24 87.14
N VAL F 102 -13.02 -13.95 87.23
CA VAL F 102 -12.00 -12.99 87.68
C VAL F 102 -11.57 -13.29 89.12
N GLU F 103 -12.53 -13.51 90.01
CA GLU F 103 -12.18 -13.84 91.40
C GLU F 103 -11.37 -15.14 91.47
N LEU F 104 -11.79 -16.15 90.70
CA LEU F 104 -11.07 -17.42 90.68
C LEU F 104 -9.62 -17.23 90.29
N LEU F 105 -9.39 -16.52 89.21
CA LEU F 105 -8.03 -16.41 88.68
C LEU F 105 -7.15 -15.46 89.50
N THR F 106 -7.75 -14.55 90.25
CA THR F 106 -6.93 -13.64 91.06
C THR F 106 -6.72 -14.12 92.48
N SER F 107 -7.32 -15.25 92.86
CA SER F 107 -7.18 -15.76 94.23
C SER F 107 -6.77 -17.24 94.22
N ILE F 108 -6.38 -17.71 93.05
CA ILE F 108 -6.15 -19.13 92.81
C ILE F 108 -5.05 -19.68 93.72
N ASN F 109 -4.14 -18.80 94.17
CA ASN F 109 -3.05 -19.22 95.05
C ASN F 109 -3.36 -19.03 96.54
N VAL F 110 -4.47 -18.36 96.83
CA VAL F 110 -4.81 -17.97 98.20
C VAL F 110 -5.58 -19.04 98.95
N TYR F 111 -6.58 -19.63 98.30
CA TYR F 111 -7.46 -20.60 98.97
C TYR F 111 -7.28 -22.01 98.43
N ASP F 112 -7.62 -23.00 99.24
CA ASP F 112 -7.65 -24.38 98.78
C ASP F 112 -8.85 -24.51 97.84
N THR F 113 -8.89 -25.56 97.01
CA THR F 113 -9.91 -25.66 95.97
C THR F 113 -11.34 -25.67 96.50
N THR F 114 -11.58 -26.35 97.62
CA THR F 114 -12.93 -26.35 98.18
C THR F 114 -13.41 -24.96 98.56
N GLU F 115 -12.58 -24.20 99.27
CA GLU F 115 -12.96 -22.85 99.69
C GLU F 115 -13.03 -21.88 98.49
N LEU F 116 -12.14 -22.10 97.53
CA LEU F 116 -12.12 -21.29 96.32
C LEU F 116 -13.43 -21.43 95.54
N LEU F 117 -13.95 -22.65 95.45
CA LEU F 117 -15.21 -22.87 94.73
C LEU F 117 -16.41 -22.33 95.50
N GLU F 118 -16.37 -22.42 96.82
CA GLU F 118 -17.44 -21.84 97.62
C GLU F 118 -17.44 -20.32 97.50
N ASN F 119 -16.25 -19.74 97.53
CA ASN F 119 -16.07 -18.29 97.35
C ASN F 119 -16.68 -17.80 96.03
N ILE F 120 -16.31 -18.45 94.93
CA ILE F 120 -16.76 -17.94 93.63
C ILE F 120 -18.22 -18.27 93.38
N SER F 121 -18.73 -19.34 93.97
CA SER F 121 -20.16 -19.62 93.88
C SER F 121 -20.94 -18.44 94.46
N LYS F 122 -20.51 -17.98 95.62
CA LYS F 122 -21.16 -16.88 96.30
C LYS F 122 -21.03 -15.58 95.49
N ILE F 123 -19.83 -15.34 94.97
CA ILE F 123 -19.57 -14.11 94.23
C ILE F 123 -20.34 -14.08 92.90
N GLY F 124 -20.44 -15.26 92.28
CA GLY F 124 -21.17 -15.40 91.02
C GLY F 124 -22.65 -15.08 91.20
N LYS F 125 -23.25 -15.65 92.23
CA LYS F 125 -24.66 -15.40 92.49
C LYS F 125 -24.90 -13.93 92.87
N ASP F 126 -24.05 -13.39 93.73
CA ASP F 126 -24.19 -11.99 94.15
C ASP F 126 -23.99 -11.04 93.00
N GLY F 127 -23.27 -11.47 91.97
CA GLY F 127 -22.94 -10.62 90.85
C GLY F 127 -24.07 -10.51 89.83
N ILE F 128 -25.14 -11.27 90.05
CA ILE F 128 -26.30 -11.25 89.16
C ILE F 128 -27.34 -10.35 89.79
N LYS F 129 -27.58 -9.19 89.18
CA LYS F 129 -28.50 -8.20 89.75
C LYS F 129 -29.33 -7.54 88.66
N VAL F 130 -30.63 -7.43 88.88
CA VAL F 130 -31.48 -6.64 87.99
C VAL F 130 -31.45 -5.20 88.50
N ILE F 131 -31.11 -4.26 87.65
CA ILE F 131 -31.02 -2.86 88.08
C ILE F 131 -32.34 -2.11 88.01
N GLU F 132 -32.74 -1.53 89.14
CA GLU F 132 -33.99 -0.78 89.19
C GLU F 132 -33.74 0.68 89.53
N LYS F 133 -34.42 1.56 88.80
CA LYS F 133 -34.29 3.01 89.00
C LYS F 133 -34.67 3.77 87.74
N MET G 3 58.69 -84.27 76.65
CA MET G 3 59.40 -83.01 76.77
C MET G 3 58.78 -81.95 75.86
N LYS G 4 58.57 -80.74 76.40
CA LYS G 4 58.06 -79.65 75.59
C LYS G 4 59.05 -79.28 74.50
N GLU G 5 58.55 -78.80 73.36
CA GLU G 5 59.42 -78.30 72.31
C GLU G 5 60.06 -76.99 72.78
N LYS G 6 61.32 -76.78 72.41
CA LYS G 6 62.04 -75.60 72.90
C LYS G 6 62.08 -74.47 71.86
N PHE G 7 62.28 -73.25 72.35
CA PHE G 7 62.43 -72.11 71.46
C PHE G 7 63.64 -71.35 71.95
N VAL G 8 64.54 -70.98 71.05
CA VAL G 8 65.77 -70.27 71.45
C VAL G 8 65.69 -68.82 71.01
N LEU G 9 65.83 -67.91 71.97
CA LEU G 9 65.83 -66.49 71.67
C LEU G 9 67.26 -66.01 71.87
N ILE G 10 67.86 -65.43 70.83
CA ILE G 10 69.21 -64.90 70.93
C ILE G 10 69.13 -63.38 71.09
N ILE G 11 69.69 -62.85 72.19
CA ILE G 11 69.62 -61.41 72.43
C ILE G 11 71.05 -60.93 72.60
N THR G 12 71.48 -60.01 71.74
CA THR G 12 72.88 -59.58 71.71
C THR G 12 72.99 -58.12 71.30
N HIS G 13 74.21 -57.59 71.39
CA HIS G 13 74.51 -56.27 70.82
C HIS G 13 74.57 -56.31 69.30
N GLY G 14 74.02 -55.28 68.66
CA GLY G 14 74.09 -55.18 67.20
C GLY G 14 73.74 -56.46 66.46
N ASP G 15 74.44 -56.72 65.36
CA ASP G 15 74.15 -57.87 64.50
C ASP G 15 74.83 -59.15 64.94
N PHE G 16 75.31 -59.20 66.19
CA PHE G 16 76.04 -60.39 66.61
C PHE G 16 75.14 -61.64 66.54
N GLY G 17 73.96 -61.57 67.15
CA GLY G 17 73.06 -62.72 67.14
C GLY G 17 72.64 -63.12 65.73
N LYS G 18 72.36 -62.10 64.91
CA LYS G 18 71.94 -62.32 63.53
C LYS G 18 73.04 -63.03 62.75
N GLY G 19 74.28 -62.62 62.98
CA GLY G 19 75.43 -63.23 62.32
C GLY G 19 75.78 -64.60 62.87
N LEU G 20 75.67 -64.77 64.19
CA LEU G 20 75.93 -66.06 64.81
C LEU G 20 74.97 -67.12 64.26
N LEU G 21 73.70 -66.76 64.16
CA LEU G 21 72.71 -67.71 63.61
C LEU G 21 73.02 -68.04 62.14
N SER G 22 73.27 -67.01 61.34
CA SER G 22 73.73 -67.19 59.94
C SER G 22 74.86 -68.19 59.84
N GLY G 23 75.91 -67.99 60.64
CA GLY G 23 77.05 -68.88 60.70
C GLY G 23 76.71 -70.31 61.07
N ALA G 24 75.91 -70.47 62.12
CA ALA G 24 75.46 -71.80 62.53
C ALA G 24 74.67 -72.47 61.40
N GLU G 25 73.88 -71.69 60.67
CA GLU G 25 73.04 -72.26 59.64
C GLU G 25 73.84 -72.72 58.42
N VAL G 26 75.01 -72.11 58.20
CA VAL G 26 75.97 -72.64 57.21
C VAL G 26 76.36 -74.08 57.58
N ILE G 27 76.50 -74.33 58.88
CA ILE G 27 76.93 -75.62 59.36
C ILE G 27 75.78 -76.63 59.41
N ILE G 28 74.64 -76.27 60.01
CA ILE G 28 73.57 -77.23 60.29
C ILE G 28 72.23 -76.99 59.58
N GLY G 29 72.21 -76.05 58.64
CA GLY G 29 71.00 -75.74 57.91
C GLY G 29 70.06 -74.76 58.60
N LYS G 30 69.06 -74.30 57.85
CA LYS G 30 68.11 -73.30 58.34
C LYS G 30 67.34 -73.78 59.55
N GLN G 31 67.27 -72.93 60.56
CA GLN G 31 66.60 -73.23 61.81
C GLN G 31 65.18 -72.69 61.85
N GLU G 32 64.31 -73.45 62.50
CA GLU G 32 63.04 -72.94 62.97
C GLU G 32 63.19 -72.84 64.49
N ASN G 33 62.30 -72.12 65.14
CA ASN G 33 62.35 -72.05 66.60
C ASN G 33 63.61 -71.38 67.14
N VAL G 34 64.25 -70.52 66.32
CA VAL G 34 65.30 -69.63 66.81
C VAL G 34 64.99 -68.23 66.32
N HIS G 35 65.02 -67.26 67.22
CA HIS G 35 64.79 -65.88 66.84
C HIS G 35 65.92 -65.01 67.40
N THR G 36 66.29 -63.97 66.67
CA THR G 36 67.35 -63.07 67.13
C THR G 36 66.83 -61.66 67.33
N VAL G 37 67.31 -61.03 68.40
CA VAL G 37 66.99 -59.64 68.70
C VAL G 37 68.32 -58.95 68.96
N GLY G 38 68.60 -57.88 68.24
CA GLY G 38 69.84 -57.15 68.41
C GLY G 38 69.61 -55.76 68.97
N LEU G 39 70.41 -55.39 69.96
CA LEU G 39 70.37 -54.03 70.51
C LEU G 39 71.42 -53.16 69.81
N ASN G 40 70.93 -52.20 69.03
CA ASN G 40 71.79 -51.29 68.29
C ASN G 40 71.95 -49.96 69.01
N LEU G 41 73.01 -49.21 68.73
CA LEU G 41 73.08 -47.84 69.21
C LEU G 41 71.83 -47.15 68.72
N GLY G 42 71.18 -46.38 69.60
CA GLY G 42 69.99 -45.66 69.22
C GLY G 42 68.69 -46.40 69.49
N ASP G 43 68.79 -47.67 69.92
CA ASP G 43 67.60 -48.41 70.33
C ASP G 43 67.24 -48.07 71.76
N ASN G 44 65.96 -47.82 72.01
CA ASN G 44 65.49 -47.64 73.38
C ASN G 44 65.30 -49.00 74.05
N ILE G 45 66.02 -49.22 75.14
CA ILE G 45 66.05 -50.53 75.78
C ILE G 45 64.68 -50.97 76.24
N GLU G 46 63.85 -50.02 76.64
CA GLU G 46 62.51 -50.36 77.12
C GLU G 46 61.61 -50.78 75.95
N LYS G 47 61.82 -50.19 74.79
CA LYS G 47 61.10 -50.61 73.60
C LYS G 47 61.51 -52.03 73.20
N VAL G 48 62.81 -52.31 73.26
CA VAL G 48 63.31 -53.65 72.93
C VAL G 48 62.82 -54.66 73.97
N ALA G 49 62.79 -54.25 75.23
CA ALA G 49 62.33 -55.16 76.29
C ALA G 49 60.89 -55.58 76.03
N LYS G 50 60.05 -54.63 75.65
CA LYS G 50 58.64 -54.94 75.41
C LYS G 50 58.43 -55.87 74.22
N GLU G 51 59.28 -55.74 73.20
CA GLU G 51 59.24 -56.60 72.03
C GLU G 51 59.65 -58.03 72.41
N VAL G 52 60.69 -58.14 73.23
CA VAL G 52 61.18 -59.43 73.69
C VAL G 52 60.07 -60.09 74.51
N MET G 53 59.45 -59.32 75.40
CA MET G 53 58.38 -59.87 76.22
C MET G 53 57.26 -60.35 75.29
N ARG G 54 57.02 -59.60 74.23
CA ARG G 54 55.97 -59.95 73.29
C ARG G 54 56.24 -61.32 72.68
N ILE G 55 57.49 -61.58 72.35
CA ILE G 55 57.87 -62.88 71.81
C ILE G 55 57.75 -64.03 72.81
N ILE G 56 58.14 -63.77 74.05
CA ILE G 56 58.14 -64.82 75.06
C ILE G 56 56.70 -65.27 75.38
N ILE G 57 55.82 -64.31 75.63
CA ILE G 57 54.42 -64.62 75.88
C ILE G 57 53.84 -65.45 74.73
N ALA G 58 54.07 -65.00 73.50
CA ALA G 58 53.56 -65.72 72.33
C ALA G 58 54.01 -67.17 72.30
N LYS G 59 55.27 -67.40 72.65
CA LYS G 59 55.83 -68.75 72.63
C LYS G 59 55.35 -69.59 73.80
N LEU G 60 55.23 -68.96 74.97
CA LEU G 60 54.69 -69.67 76.12
C LEU G 60 53.27 -70.12 75.77
N ALA G 61 52.50 -69.23 75.16
CA ALA G 61 51.13 -69.52 74.74
C ALA G 61 51.08 -70.65 73.69
N GLU G 62 52.23 -70.98 73.11
CA GLU G 62 52.32 -72.11 72.20
C GLU G 62 52.86 -73.33 72.93
N ASP G 63 52.89 -73.23 74.25
CA ASP G 63 53.36 -74.32 75.11
C ASP G 63 54.82 -74.67 74.83
N LYS G 64 55.65 -73.66 74.59
CA LYS G 64 57.07 -73.89 74.33
C LYS G 64 57.91 -73.56 75.57
N GLU G 65 59.03 -74.27 75.69
CA GLU G 65 60.01 -73.98 76.72
C GLU G 65 61.06 -73.07 76.11
N ILE G 66 61.40 -71.99 76.82
CA ILE G 66 62.23 -70.94 76.23
C ILE G 66 63.62 -70.87 76.84
N ILE G 67 64.62 -70.86 75.97
CA ILE G 67 66.01 -70.65 76.34
C ILE G 67 66.46 -69.31 75.77
N ILE G 68 66.98 -68.44 76.62
CA ILE G 68 67.53 -67.20 76.11
C ILE G 68 69.04 -67.29 76.13
N VAL G 69 69.66 -67.02 74.98
CA VAL G 69 71.12 -67.05 74.87
C VAL G 69 71.55 -65.60 74.71
N VAL G 70 72.56 -65.17 75.47
CA VAL G 70 72.99 -63.78 75.37
C VAL G 70 74.48 -63.67 75.14
N ASP G 71 74.90 -62.55 74.56
CA ASP G 71 76.30 -62.42 74.17
C ASP G 71 77.26 -62.22 75.34
N LEU G 72 76.85 -61.39 76.30
CA LEU G 72 77.80 -60.84 77.24
C LEU G 72 77.11 -60.77 78.60
N PHE G 73 77.79 -61.24 79.64
CA PHE G 73 77.30 -61.06 81.00
C PHE G 73 77.42 -59.58 81.33
N GLY G 74 76.29 -58.92 81.52
CA GLY G 74 76.29 -57.47 81.71
C GLY G 74 75.95 -56.77 80.41
N GLY G 75 75.35 -55.59 80.52
CA GLY G 75 74.92 -54.90 79.32
C GLY G 75 73.44 -55.07 79.11
N SER G 76 72.89 -54.29 78.19
CA SER G 76 71.46 -54.19 78.04
C SER G 76 70.81 -55.49 77.60
N PRO G 77 71.44 -56.22 76.69
CA PRO G 77 70.91 -57.50 76.23
C PRO G 77 70.73 -58.46 77.41
N PHE G 78 71.72 -58.48 78.31
CA PHE G 78 71.71 -59.32 79.49
C PHE G 78 70.60 -58.83 80.46
N ASN G 79 70.53 -57.52 80.63
CA ASN G 79 69.56 -56.93 81.56
C ASN G 79 68.14 -57.26 81.12
N ILE G 80 67.89 -57.25 79.81
CA ILE G 80 66.61 -57.72 79.29
C ILE G 80 66.34 -59.19 79.58
N ALA G 81 67.33 -60.05 79.33
CA ALA G 81 67.18 -61.47 79.60
C ALA G 81 66.88 -61.69 81.08
N LEU G 82 67.60 -61.00 81.97
CA LEU G 82 67.37 -61.16 83.40
C LEU G 82 65.95 -60.76 83.76
N GLU G 83 65.45 -59.70 83.15
CA GLU G 83 64.10 -59.23 83.43
C GLU G 83 63.10 -60.31 83.06
N MET G 84 63.35 -60.95 81.94
CA MET G 84 62.48 -62.01 81.47
C MET G 84 62.54 -63.25 82.36
N MET G 85 63.70 -63.51 82.95
CA MET G 85 63.81 -64.63 83.87
C MET G 85 63.07 -64.30 85.17
N LYS G 86 63.16 -63.03 85.58
CA LYS G 86 62.46 -62.61 86.78
C LYS G 86 60.96 -62.85 86.62
N THR G 87 60.41 -62.48 85.46
CA THR G 87 58.97 -62.53 85.23
C THR G 87 58.46 -63.88 84.73
N PHE G 88 59.18 -64.50 83.81
CA PHE G 88 58.66 -65.66 83.08
C PHE G 88 59.39 -66.98 83.30
N ASP G 89 60.44 -66.98 84.11
CA ASP G 89 61.12 -68.21 84.49
C ASP G 89 61.68 -68.97 83.28
N VAL G 90 62.08 -68.24 82.26
CA VAL G 90 62.85 -68.80 81.16
C VAL G 90 64.24 -69.11 81.69
N LYS G 91 65.06 -69.77 80.90
CA LYS G 91 66.43 -70.05 81.30
C LYS G 91 67.40 -69.21 80.47
N VAL G 92 68.55 -68.90 81.04
CA VAL G 92 69.49 -67.95 80.42
C VAL G 92 70.94 -68.41 80.51
N ILE G 93 71.67 -68.27 79.41
CA ILE G 93 73.10 -68.54 79.42
C ILE G 93 73.82 -67.41 78.67
N THR G 94 75.01 -67.04 79.15
CA THR G 94 75.77 -65.94 78.56
C THR G 94 77.03 -66.43 77.85
N GLY G 95 77.65 -65.53 77.08
CA GLY G 95 78.92 -65.81 76.45
C GLY G 95 78.83 -66.72 75.21
N ILE G 96 77.67 -66.73 74.57
CA ILE G 96 77.40 -67.68 73.48
C ILE G 96 78.47 -67.61 72.39
N ASN G 97 78.94 -68.77 71.97
CA ASN G 97 79.84 -68.86 70.82
C ASN G 97 79.37 -69.95 69.84
N MET G 98 80.14 -70.19 68.77
CA MET G 98 79.65 -71.09 67.72
C MET G 98 79.52 -72.56 68.16
N PRO G 99 80.54 -73.10 68.85
CA PRO G 99 80.38 -74.51 69.25
C PRO G 99 79.17 -74.71 70.17
N MET G 100 78.91 -73.74 71.04
CA MET G 100 77.75 -73.81 71.90
C MET G 100 76.45 -73.82 71.11
N LEU G 101 76.32 -72.92 70.14
CA LEU G 101 75.05 -72.80 69.45
C LEU G 101 74.82 -74.02 68.57
N VAL G 102 75.89 -74.52 67.94
CA VAL G 102 75.71 -75.73 67.12
C VAL G 102 75.28 -76.92 67.98
N GLU G 103 75.96 -77.14 69.10
CA GLU G 103 75.58 -78.24 70.00
C GLU G 103 74.16 -78.05 70.52
N LEU G 104 73.82 -76.83 70.91
CA LEU G 104 72.48 -76.54 71.42
C LEU G 104 71.42 -76.91 70.41
N LEU G 105 71.61 -76.45 69.17
CA LEU G 105 70.56 -76.64 68.16
C LEU G 105 70.49 -78.08 67.64
N THR G 106 71.57 -78.83 67.77
CA THR G 106 71.54 -80.22 67.28
C THR G 106 71.17 -81.23 68.36
N SER G 107 70.99 -80.79 69.60
CA SER G 107 70.66 -81.70 70.70
C SER G 107 69.45 -81.21 71.47
N ILE G 108 68.76 -80.22 70.90
CA ILE G 108 67.70 -79.51 71.58
C ILE G 108 66.56 -80.45 72.00
N ASN G 109 66.41 -81.55 71.27
CA ASN G 109 65.36 -82.52 71.59
C ASN G 109 65.81 -83.65 72.50
N VAL G 110 67.12 -83.74 72.73
CA VAL G 110 67.72 -84.86 73.45
C VAL G 110 67.74 -84.66 74.96
N TYR G 111 68.12 -83.47 75.42
CA TYR G 111 68.26 -83.22 76.85
C TYR G 111 67.22 -82.24 77.36
N ASP G 112 66.94 -82.31 78.67
CA ASP G 112 66.10 -81.31 79.31
C ASP G 112 66.91 -80.01 79.37
N THR G 113 66.23 -78.88 79.59
CA THR G 113 66.91 -77.57 79.50
C THR G 113 68.08 -77.42 80.46
N THR G 114 67.93 -77.91 81.70
CA THR G 114 69.04 -77.80 82.65
C THR G 114 70.30 -78.51 82.17
N GLU G 115 70.14 -79.76 81.72
CA GLU G 115 71.30 -80.53 81.26
C GLU G 115 71.86 -79.98 79.94
N LEU G 116 70.96 -79.48 79.10
CA LEU G 116 71.34 -78.89 77.83
C LEU G 116 72.25 -77.67 78.05
N LEU G 117 71.91 -76.83 79.03
CA LEU G 117 72.72 -75.65 79.32
C LEU G 117 74.05 -76.00 79.96
N GLU G 118 74.06 -77.03 80.80
CA GLU G 118 75.30 -77.50 81.39
C GLU G 118 76.22 -78.06 80.31
N ASN G 119 75.64 -78.84 79.41
CA ASN G 119 76.36 -79.39 78.27
C ASN G 119 77.04 -78.32 77.42
N ILE G 120 76.29 -77.31 77.03
CA ILE G 120 76.86 -76.32 76.12
C ILE G 120 77.81 -75.37 76.83
N SER G 121 77.60 -75.16 78.14
CA SER G 121 78.55 -74.37 78.92
C SER G 121 79.93 -75.03 78.83
N LYS G 122 79.95 -76.34 79.04
CA LYS G 122 81.17 -77.10 79.02
C LYS G 122 81.81 -77.09 77.61
N ILE G 123 80.98 -77.27 76.61
CA ILE G 123 81.46 -77.34 75.24
C ILE G 123 81.99 -75.97 74.77
N GLY G 124 81.32 -74.92 75.21
CA GLY G 124 81.72 -73.56 74.88
C GLY G 124 83.08 -73.22 75.44
N LYS G 125 83.29 -73.55 76.71
CA LYS G 125 84.58 -73.28 77.34
C LYS G 125 85.69 -74.14 76.71
N ASP G 126 85.41 -75.41 76.49
CA ASP G 126 86.39 -76.31 75.89
C ASP G 126 86.74 -75.90 74.46
N GLY G 127 85.82 -75.19 73.81
CA GLY G 127 86.01 -74.80 72.43
C GLY G 127 86.91 -73.58 72.26
N ILE G 128 87.30 -72.97 73.38
CA ILE G 128 88.17 -71.79 73.34
C ILE G 128 89.59 -72.28 73.62
N LYS G 129 90.43 -72.21 72.59
CA LYS G 129 91.80 -72.72 72.71
C LYS G 129 92.77 -71.80 71.99
N VAL G 130 93.92 -71.57 72.62
CA VAL G 130 95.01 -70.79 72.04
C VAL G 130 95.84 -71.89 71.41
N ILE G 131 96.22 -71.74 70.14
CA ILE G 131 96.93 -72.80 69.46
C ILE G 131 98.43 -72.53 69.31
N GLU G 132 99.22 -73.50 69.74
CA GLU G 132 100.68 -73.41 69.64
C GLU G 132 101.24 -74.61 68.89
N LYS G 133 102.23 -74.38 68.04
CA LYS G 133 102.85 -75.45 67.29
C LYS G 133 104.21 -75.01 66.77
N MET H 3 52.24 -37.59 100.07
CA MET H 3 51.39 -36.41 99.92
C MET H 3 50.78 -36.35 98.52
N LYS H 4 49.49 -36.10 98.44
CA LYS H 4 48.85 -35.93 97.14
C LYS H 4 49.41 -34.71 96.42
N GLU H 5 49.42 -34.75 95.09
CA GLU H 5 49.84 -33.60 94.29
C GLU H 5 48.74 -32.53 94.40
N LYS H 6 49.15 -31.27 94.45
CA LYS H 6 48.19 -30.19 94.65
C LYS H 6 47.82 -29.48 93.36
N PHE H 7 46.65 -28.85 93.35
CA PHE H 7 46.23 -28.07 92.20
C PHE H 7 45.74 -26.74 92.76
N VAL H 8 46.18 -25.63 92.16
CA VAL H 8 45.80 -24.31 92.65
C VAL H 8 44.82 -23.65 91.68
N LEU H 9 43.65 -23.28 92.19
CA LEU H 9 42.66 -22.60 91.38
C LEU H 9 42.63 -21.16 91.87
N ILE H 10 42.89 -20.21 90.97
CA ILE H 10 42.82 -18.80 91.32
C ILE H 10 41.49 -18.21 90.84
N ILE H 11 40.70 -17.66 91.75
CA ILE H 11 39.39 -17.12 91.38
C ILE H 11 39.37 -15.66 91.83
N THR H 12 39.19 -14.75 90.89
CA THR H 12 39.30 -13.33 91.18
C THR H 12 38.36 -12.50 90.31
N HIS H 13 38.28 -11.21 90.60
CA HIS H 13 37.58 -10.28 89.71
C HIS H 13 38.40 -9.98 88.45
N GLY H 14 37.73 -9.93 87.31
CA GLY H 14 38.39 -9.58 86.06
C GLY H 14 39.68 -10.35 85.80
N ASP H 15 40.67 -9.65 85.22
CA ASP H 15 41.92 -10.29 84.83
C ASP H 15 42.96 -10.33 85.94
N PHE H 16 42.53 -10.13 87.18
CA PHE H 16 43.51 -10.10 88.26
C PHE H 16 44.27 -11.42 88.38
N GLY H 17 43.54 -12.53 88.45
CA GLY H 17 44.17 -13.83 88.57
C GLY H 17 45.04 -14.16 87.37
N LYS H 18 44.59 -13.85 86.15
CA LYS H 18 45.37 -14.16 84.95
C LYS H 18 46.66 -13.33 84.81
N GLY H 19 46.65 -12.18 85.49
CA GLY H 19 47.78 -11.27 85.49
C GLY H 19 48.70 -11.70 86.61
N LEU H 20 48.12 -11.97 87.78
CA LEU H 20 48.95 -12.42 88.90
C LEU H 20 49.77 -13.65 88.51
N LEU H 21 49.12 -14.59 87.84
CA LEU H 21 49.85 -15.80 87.41
C LEU H 21 50.94 -15.44 86.40
N SER H 22 50.60 -14.64 85.41
CA SER H 22 51.59 -14.09 84.44
C SER H 22 52.81 -13.52 85.13
N GLY H 23 52.57 -12.64 86.10
CA GLY H 23 53.62 -12.03 86.91
C GLY H 23 54.48 -13.03 87.66
N ALA H 24 53.83 -13.96 88.34
CA ALA H 24 54.54 -15.03 89.04
C ALA H 24 55.41 -15.83 88.07
N GLU H 25 54.89 -16.06 86.88
CA GLU H 25 55.61 -16.90 85.91
C GLU H 25 56.84 -16.21 85.34
N VAL H 26 56.83 -14.87 85.31
CA VAL H 26 58.06 -14.11 85.03
C VAL H 26 59.15 -14.47 86.04
N ILE H 27 58.76 -14.65 87.29
CA ILE H 27 59.68 -14.93 88.36
C ILE H 27 60.12 -16.41 88.40
N ILE H 28 59.16 -17.33 88.35
CA ILE H 28 59.46 -18.75 88.60
C ILE H 28 59.19 -19.72 87.44
N GLY H 29 58.90 -19.17 86.26
CA GLY H 29 58.63 -19.97 85.09
C GLY H 29 57.20 -20.47 84.96
N LYS H 30 56.89 -21.03 83.80
CA LYS H 30 55.54 -21.50 83.49
C LYS H 30 55.07 -22.59 84.43
N GLN H 31 53.85 -22.44 84.94
CA GLN H 31 53.25 -23.36 85.89
C GLN H 31 52.37 -24.37 85.21
N GLU H 32 52.37 -25.59 85.76
CA GLU H 32 51.31 -26.55 85.51
C GLU H 32 50.53 -26.62 86.82
N ASN H 33 49.34 -27.19 86.79
CA ASN H 33 48.58 -27.34 88.02
C ASN H 33 48.17 -26.00 88.66
N VAL H 34 48.08 -24.95 87.86
CA VAL H 34 47.45 -23.69 88.28
C VAL H 34 46.47 -23.25 87.20
N HIS H 35 45.25 -22.95 87.61
CA HIS H 35 44.25 -22.48 86.67
C HIS H 35 43.63 -21.19 87.21
N THR H 36 43.28 -20.27 86.31
CA THR H 36 42.65 -19.02 86.72
C THR H 36 41.24 -18.88 86.15
N VAL H 37 40.36 -18.34 86.98
CA VAL H 37 38.99 -18.06 86.59
C VAL H 37 38.73 -16.62 87.00
N GLY H 38 38.31 -15.79 86.07
CA GLY H 38 38.03 -14.39 86.36
C GLY H 38 36.56 -14.07 86.23
N LEU H 39 36.02 -13.36 87.20
CA LEU H 39 34.64 -12.87 87.12
C LEU H 39 34.62 -11.46 86.56
N ASN H 40 34.08 -11.33 85.35
CA ASN H 40 33.99 -10.04 84.66
C ASN H 40 32.60 -9.43 84.81
N LEU H 41 32.48 -8.12 84.65
CA LEU H 41 31.15 -7.53 84.55
C LEU H 41 30.44 -8.24 83.42
N GLY H 42 29.19 -8.63 83.65
CA GLY H 42 28.41 -9.29 82.62
C GLY H 42 28.47 -10.80 82.68
N ASP H 43 29.29 -11.35 83.59
CA ASP H 43 29.31 -12.78 83.79
C ASP H 43 28.21 -13.18 84.76
N ASN H 44 27.48 -14.24 84.43
CA ASN H 44 26.50 -14.78 85.36
C ASN H 44 27.20 -15.67 86.40
N ILE H 45 27.06 -15.31 87.67
CA ILE H 45 27.80 -15.96 88.73
C ILE H 45 27.50 -17.44 88.81
N GLU H 46 26.27 -17.81 88.50
CA GLU H 46 25.88 -19.22 88.56
C GLU H 46 26.53 -20.01 87.43
N LYS H 47 26.69 -19.37 86.27
CA LYS H 47 27.40 -20.01 85.17
C LYS H 47 28.87 -20.22 85.53
N VAL H 48 29.48 -19.21 86.15
CA VAL H 48 30.87 -19.31 86.57
C VAL H 48 31.02 -20.35 87.67
N ALA H 49 30.04 -20.40 88.58
CA ALA H 49 30.10 -21.37 89.66
C ALA H 49 30.13 -22.80 89.10
N LYS H 50 29.28 -23.06 88.12
CA LYS H 50 29.20 -24.39 87.54
C LYS H 50 30.49 -24.74 86.80
N GLU H 51 31.12 -23.72 86.23
CA GLU H 51 32.42 -23.88 85.56
C GLU H 51 33.50 -24.27 86.53
N VAL H 52 33.53 -23.58 87.66
CA VAL H 52 34.48 -23.88 88.72
C VAL H 52 34.25 -25.28 89.29
N MET H 53 32.99 -25.62 89.52
CA MET H 53 32.69 -26.95 90.06
C MET H 53 33.17 -27.95 89.02
N ARG H 54 33.03 -27.64 87.73
CA ARG H 54 33.48 -28.58 86.71
C ARG H 54 34.95 -28.86 86.87
N ILE H 55 35.74 -27.82 87.05
CA ILE H 55 37.17 -28.04 87.31
C ILE H 55 37.54 -28.81 88.56
N ILE H 56 36.84 -28.54 89.65
CA ILE H 56 37.18 -29.18 90.92
C ILE H 56 36.93 -30.69 90.88
N ILE H 57 35.76 -31.09 90.40
CA ILE H 57 35.44 -32.49 90.24
C ILE H 57 36.50 -33.19 89.39
N ALA H 58 36.82 -32.61 88.24
CA ALA H 58 37.82 -33.18 87.35
C ALA H 58 39.15 -33.42 88.06
N LYS H 59 39.56 -32.47 88.88
CA LYS H 59 40.84 -32.58 89.57
C LYS H 59 40.77 -33.55 90.74
N LEU H 60 39.66 -33.57 91.44
CA LEU H 60 39.47 -34.55 92.51
C LEU H 60 39.57 -35.94 91.90
N ALA H 61 38.90 -36.13 90.76
CA ALA H 61 38.92 -37.40 90.04
C ALA H 61 40.33 -37.78 89.56
N GLU H 62 41.25 -36.81 89.60
CA GLU H 62 42.64 -37.10 89.29
C GLU H 62 43.43 -37.28 90.58
N ASP H 63 42.70 -37.43 91.69
CA ASP H 63 43.30 -37.62 93.00
C ASP H 63 44.19 -36.44 93.42
N LYS H 64 43.75 -35.23 93.10
CA LYS H 64 44.51 -34.04 93.47
C LYS H 64 43.91 -33.34 94.68
N GLU H 65 44.77 -32.69 95.46
CA GLU H 65 44.33 -31.86 96.57
C GLU H 65 44.23 -30.43 96.06
N ILE H 66 43.12 -29.77 96.36
CA ILE H 66 42.83 -28.47 95.75
C ILE H 66 42.90 -27.31 96.72
N ILE H 67 43.65 -26.29 96.32
CA ILE H 67 43.73 -25.03 97.05
C ILE H 67 43.09 -23.95 96.19
N ILE H 68 42.12 -23.23 96.76
CA ILE H 68 41.55 -22.11 96.02
C ILE H 68 42.09 -20.83 96.62
N VAL H 69 42.68 -20.00 95.76
CA VAL H 69 43.17 -18.71 96.19
C VAL H 69 42.25 -17.63 95.62
N VAL H 70 41.83 -16.68 96.46
CA VAL H 70 40.90 -15.67 95.99
C VAL H 70 41.39 -14.27 96.27
N ASP H 71 40.91 -13.32 95.49
CA ASP H 71 41.44 -11.96 95.59
C ASP H 71 41.01 -11.21 96.84
N LEU H 72 39.73 -11.35 97.19
CA LEU H 72 39.11 -10.44 98.12
C LEU H 72 38.16 -11.22 99.00
N PHE H 73 38.24 -10.99 100.31
CA PHE H 73 37.26 -11.56 101.22
C PHE H 73 35.93 -10.84 100.97
N GLY H 74 34.95 -11.58 100.48
CA GLY H 74 33.68 -10.97 100.07
C GLY H 74 33.66 -10.74 98.58
N GLY H 75 32.47 -10.77 97.99
CA GLY H 75 32.38 -10.65 96.56
C GLY H 75 32.15 -12.00 95.92
N SER H 76 31.80 -11.98 94.64
CA SER H 76 31.34 -13.18 93.98
C SER H 76 32.40 -14.27 93.88
N PRO H 77 33.65 -13.89 93.57
CA PRO H 77 34.68 -14.95 93.53
C PRO H 77 34.77 -15.67 94.89
N PHE H 78 34.74 -14.90 95.98
CA PHE H 78 34.83 -15.49 97.30
C PHE H 78 33.61 -16.38 97.56
N ASN H 79 32.44 -15.89 97.15
CA ASN H 79 31.20 -16.63 97.37
C ASN H 79 31.23 -17.97 96.63
N ILE H 80 31.80 -17.97 95.43
CA ILE H 80 32.03 -19.23 94.71
C ILE H 80 32.98 -20.16 95.45
N ALA H 81 34.11 -19.63 95.92
CA ALA H 81 35.07 -20.43 96.65
C ALA H 81 34.42 -21.04 97.89
N LEU H 82 33.66 -20.23 98.62
CA LEU H 82 32.99 -20.73 99.83
C LEU H 82 32.03 -21.85 99.49
N GLU H 83 31.31 -21.71 98.38
CA GLU H 83 30.35 -22.74 97.99
C GLU H 83 31.06 -24.04 97.64
N MET H 84 32.27 -23.95 97.11
CA MET H 84 33.09 -25.12 96.81
C MET H 84 33.66 -25.76 98.07
N MET H 85 33.94 -24.95 99.08
CA MET H 85 34.43 -25.49 100.35
C MET H 85 33.27 -26.20 101.05
N LYS H 86 32.08 -25.62 100.95
CA LYS H 86 30.90 -26.24 101.55
C LYS H 86 30.71 -27.65 100.98
N THR H 87 30.81 -27.78 99.67
CA THR H 87 30.52 -29.04 98.98
C THR H 87 31.68 -30.01 98.89
N PHE H 88 32.88 -29.50 98.62
CA PHE H 88 34.02 -30.35 98.26
C PHE H 88 35.20 -30.34 99.22
N ASP H 89 35.12 -29.56 100.28
CA ASP H 89 36.16 -29.57 101.31
C ASP H 89 37.53 -29.25 100.75
N VAL H 90 37.58 -28.36 99.77
CA VAL H 90 38.83 -27.76 99.32
C VAL H 90 39.25 -26.76 100.39
N LYS H 91 40.44 -26.20 100.24
CA LYS H 91 40.91 -25.19 101.18
C LYS H 91 40.95 -23.83 100.48
N VAL H 92 40.77 -22.76 101.25
CA VAL H 92 40.62 -21.41 100.69
C VAL H 92 41.41 -20.35 101.45
N ILE H 93 42.07 -19.46 100.71
CA ILE H 93 42.74 -18.34 101.32
C ILE H 93 42.44 -17.07 100.50
N THR H 94 42.28 -15.95 101.18
CA THR H 94 41.93 -14.69 100.51
C THR H 94 43.08 -13.68 100.54
N GLY H 95 42.92 -12.61 99.75
CA GLY H 95 43.88 -11.51 99.77
C GLY H 95 45.19 -11.80 99.05
N ILE H 96 45.16 -12.74 98.09
CA ILE H 96 46.38 -13.21 97.44
C ILE H 96 47.20 -12.07 96.85
N ASN H 97 48.50 -12.10 97.12
CA ASN H 97 49.44 -11.17 96.50
C ASN H 97 50.65 -11.91 95.92
N MET H 98 51.62 -11.17 95.37
CA MET H 98 52.72 -11.83 94.66
C MET H 98 53.63 -12.67 95.56
N PRO H 99 54.06 -12.13 96.71
CA PRO H 99 54.94 -12.96 97.56
C PRO H 99 54.26 -14.26 97.99
N MET H 100 52.96 -14.20 98.26
CA MET H 100 52.21 -15.40 98.61
C MET H 100 52.23 -16.42 97.49
N LEU H 101 51.93 -15.98 96.27
CA LEU H 101 51.79 -16.92 95.18
C LEU H 101 53.13 -17.53 94.84
N VAL H 102 54.19 -16.72 94.87
CA VAL H 102 55.51 -17.28 94.58
C VAL H 102 55.91 -18.33 95.63
N GLU H 103 55.74 -18.00 96.90
CA GLU H 103 56.06 -18.96 97.96
C GLU H 103 55.20 -20.22 97.85
N LEU H 104 53.90 -20.03 97.57
CA LEU H 104 52.99 -21.16 97.42
C LEU H 104 53.46 -22.11 96.33
N LEU H 105 53.77 -21.55 95.18
CA LEU H 105 54.09 -22.39 94.02
C LEU H 105 55.49 -23.01 94.10
N THR H 106 56.38 -22.41 94.89
CA THR H 106 57.73 -22.98 95.01
C THR H 106 57.90 -23.93 96.19
N SER H 107 56.85 -24.08 97.00
CA SER H 107 56.94 -24.95 98.19
C SER H 107 55.77 -25.93 98.22
N ILE H 108 55.05 -26.01 97.11
CA ILE H 108 53.79 -26.74 97.05
C ILE H 108 53.98 -28.21 97.36
N ASN H 109 55.18 -28.73 97.12
CA ASN H 109 55.48 -30.14 97.40
C ASN H 109 56.09 -30.38 98.79
N VAL H 110 56.45 -29.30 99.47
CA VAL H 110 57.18 -29.39 100.73
C VAL H 110 56.27 -29.53 101.95
N TYR H 111 55.21 -28.73 102.01
CA TYR H 111 54.33 -28.71 103.18
C TYR H 111 52.95 -29.28 102.87
N ASP H 112 52.26 -29.76 103.91
CA ASP H 112 50.87 -30.17 103.76
C ASP H 112 50.05 -28.89 103.59
N THR H 113 48.82 -29.00 103.10
CA THR H 113 48.03 -27.82 102.75
C THR H 113 47.78 -26.88 103.93
N THR H 114 47.52 -27.42 105.11
CA THR H 114 47.30 -26.55 106.26
C THR H 114 48.51 -25.68 106.58
N GLU H 115 49.70 -26.30 106.64
CA GLU H 115 50.92 -25.55 106.94
C GLU H 115 51.31 -24.59 105.80
N LEU H 116 51.08 -25.05 104.57
CA LEU H 116 51.30 -24.22 103.39
C LEU H 116 50.52 -22.91 103.49
N LEU H 117 49.25 -23.01 103.82
CA LEU H 117 48.41 -21.82 103.89
C LEU H 117 48.79 -20.90 105.03
N GLU H 118 49.20 -21.48 106.16
CA GLU H 118 49.66 -20.69 107.27
C GLU H 118 50.96 -19.96 106.90
N ASN H 119 51.86 -20.67 106.22
CA ASN H 119 53.10 -20.10 105.73
C ASN H 119 52.89 -18.89 104.83
N ILE H 120 52.02 -19.05 103.84
CA ILE H 120 51.86 -17.95 102.87
C ILE H 120 51.03 -16.81 103.44
N SER H 121 50.14 -17.11 104.39
CA SER H 121 49.42 -16.05 105.08
C SER H 121 50.43 -15.11 105.76
N LYS H 122 51.39 -15.72 106.45
CA LYS H 122 52.41 -14.96 107.16
C LYS H 122 53.30 -14.18 106.18
N ILE H 123 53.68 -14.83 105.09
CA ILE H 123 54.57 -14.22 104.13
C ILE H 123 53.88 -13.06 103.38
N GLY H 124 52.59 -13.26 103.11
CA GLY H 124 51.78 -12.25 102.43
C GLY H 124 51.67 -10.99 103.27
N LYS H 125 51.37 -11.15 104.54
CA LYS H 125 51.24 -10.00 105.43
C LYS H 125 52.59 -9.30 105.61
N ASP H 126 53.64 -10.08 105.82
CA ASP H 126 54.97 -9.52 106.00
C ASP H 126 55.47 -8.79 104.77
N GLY H 127 54.93 -9.18 103.61
CA GLY H 127 55.37 -8.63 102.33
C GLY H 127 54.75 -7.27 102.03
N ILE H 128 53.83 -6.83 102.89
CA ILE H 128 53.18 -5.53 102.71
C ILE H 128 53.87 -4.55 103.62
N LYS H 129 54.60 -3.60 103.01
CA LYS H 129 55.39 -2.64 103.78
C LYS H 129 55.30 -1.26 103.17
N VAL H 130 55.09 -0.24 104.00
CA VAL H 130 55.20 1.13 103.52
C VAL H 130 56.66 1.56 103.69
N ILE H 131 57.29 2.03 102.62
CA ILE H 131 58.70 2.41 102.65
C ILE H 131 58.84 3.88 103.02
N GLU H 132 59.70 4.16 104.01
CA GLU H 132 59.99 5.53 104.39
C GLU H 132 61.34 5.84 103.79
N LYS H 133 61.70 7.12 103.69
CA LYS H 133 62.99 7.50 103.12
C LYS H 133 64.09 7.54 104.19
N MET I 3 11.41 -101.35 60.77
CA MET I 3 12.79 -101.38 60.31
C MET I 3 13.20 -100.06 59.68
N LYS I 4 14.37 -99.55 60.05
CA LYS I 4 14.88 -98.33 59.44
C LYS I 4 15.14 -98.55 57.94
N GLU I 5 15.00 -97.48 57.15
CA GLU I 5 15.35 -97.55 55.74
C GLU I 5 16.86 -97.66 55.61
N LYS I 6 17.33 -98.42 54.64
CA LYS I 6 18.77 -98.65 54.51
C LYS I 6 19.40 -97.80 53.42
N PHE I 7 20.71 -97.57 53.54
CA PHE I 7 21.43 -96.83 52.51
C PHE I 7 22.68 -97.66 52.22
N VAL I 8 22.97 -97.86 50.94
CA VAL I 8 24.12 -98.67 50.57
C VAL I 8 25.23 -97.79 49.99
N LEU I 9 26.41 -97.85 50.59
CA LEU I 9 27.55 -97.11 50.11
C LEU I 9 28.50 -98.11 49.49
N ILE I 10 28.82 -97.93 48.21
CA ILE I 10 29.78 -98.81 47.53
C ILE I 10 31.14 -98.12 47.47
N ILE I 11 32.17 -98.75 48.04
CA ILE I 11 33.50 -98.14 48.05
C ILE I 11 34.45 -99.14 47.41
N THR I 12 35.09 -98.73 46.31
CA THR I 12 35.91 -99.64 45.52
C THR I 12 37.08 -98.92 44.88
N HIS I 13 37.97 -99.69 44.27
CA HIS I 13 39.03 -99.12 43.43
C HIS I 13 38.48 -98.60 42.11
N GLY I 14 38.96 -97.44 41.66
CA GLY I 14 38.57 -96.90 40.37
C GLY I 14 37.06 -96.90 40.12
N ASP I 15 36.67 -97.18 38.87
CA ASP I 15 35.27 -97.13 38.47
C ASP I 15 34.52 -98.42 38.71
N PHE I 16 35.07 -99.31 39.54
CA PHE I 16 34.41 -100.60 39.74
C PHE I 16 33.01 -100.42 40.32
N GLY I 17 32.90 -99.68 41.42
CA GLY I 17 31.59 -99.47 42.05
C GLY I 17 30.60 -98.76 41.12
N LYS I 18 31.12 -97.76 40.39
CA LYS I 18 30.30 -96.99 39.46
C LYS I 18 29.77 -97.91 38.37
N GLY I 19 30.60 -98.81 37.88
CA GLY I 19 30.21 -99.75 36.84
C GLY I 19 29.31 -100.86 37.36
N LEU I 20 29.60 -101.36 38.55
CA LEU I 20 28.76 -102.39 39.17
C LEU I 20 27.34 -101.89 39.34
N LEU I 21 27.21 -100.67 39.84
CA LEU I 21 25.85 -100.09 40.02
C LEU I 21 25.15 -99.93 38.67
N SER I 22 25.84 -99.36 37.69
CA SER I 22 25.33 -99.27 36.31
C SER I 22 24.79 -100.60 35.81
N GLY I 23 25.60 -101.65 35.93
CA GLY I 23 25.21 -103.00 35.56
C GLY I 23 23.97 -103.51 36.28
N ALA I 24 23.95 -103.35 37.60
CA ALA I 24 22.78 -103.73 38.39
C ALA I 24 21.55 -102.99 37.92
N GLU I 25 21.71 -101.72 37.57
CA GLU I 25 20.56 -100.90 37.20
C GLU I 25 19.99 -101.29 35.83
N VAL I 26 20.83 -101.86 34.97
CA VAL I 26 20.31 -102.50 33.73
C VAL I 26 19.32 -103.60 34.08
N ILE I 27 19.61 -104.34 35.16
CA ILE I 27 18.79 -105.44 35.57
C ILE I 27 17.54 -105.01 36.34
N ILE I 28 17.71 -104.15 37.36
CA ILE I 28 16.61 -103.83 38.29
C ILE I 28 16.14 -102.38 38.31
N GLY I 29 16.62 -101.58 37.38
CA GLY I 29 16.24 -100.18 37.30
C GLY I 29 17.03 -99.24 38.20
N LYS I 30 16.84 -97.94 37.98
CA LYS I 30 17.59 -96.92 38.71
C LYS I 30 17.34 -96.97 40.21
N GLN I 31 18.43 -96.91 40.96
CA GLN I 31 18.40 -96.99 42.41
C GLN I 31 18.41 -95.62 43.06
N GLU I 32 17.69 -95.51 44.17
CA GLU I 32 17.90 -94.44 45.12
C GLU I 32 18.57 -95.11 46.32
N ASN I 33 19.14 -94.30 47.21
CA ASN I 33 19.74 -94.88 48.42
C ASN I 33 20.94 -95.80 48.13
N VAL I 34 21.59 -95.61 46.98
CA VAL I 34 22.89 -96.24 46.73
C VAL I 34 23.85 -95.17 46.23
N HIS I 35 25.03 -95.09 46.84
CA HIS I 35 26.03 -94.13 46.41
C HIS I 35 27.36 -94.87 46.18
N THR I 36 28.13 -94.41 45.21
CA THR I 36 29.42 -95.03 44.94
C THR I 36 30.58 -94.04 45.13
N VAL I 37 31.66 -94.55 45.71
CA VAL I 37 32.87 -93.78 45.89
C VAL I 37 34.01 -94.65 45.34
N GLY I 38 34.77 -94.10 44.42
CA GLY I 38 35.88 -94.83 43.83
C GLY I 38 37.22 -94.23 44.21
N LEU I 39 38.16 -95.09 44.59
CA LEU I 39 39.53 -94.65 44.85
C LEU I 39 40.38 -94.83 43.60
N ASN I 40 40.80 -93.71 43.02
CA ASN I 40 41.61 -93.71 41.81
C ASN I 40 43.08 -93.50 42.15
N LEU I 41 43.98 -93.91 41.25
CA LEU I 41 45.38 -93.52 41.41
C LEU I 41 45.41 -92.02 41.50
N GLY I 42 46.17 -91.48 42.46
CA GLY I 42 46.29 -90.05 42.60
C GLY I 42 45.30 -89.44 43.59
N ASP I 43 44.39 -90.26 44.12
CA ASP I 43 43.49 -89.80 45.17
C ASP I 43 44.19 -89.90 46.52
N ASN I 44 44.07 -88.87 47.33
CA ASN I 44 44.57 -88.92 48.70
C ASN I 44 43.55 -89.65 49.59
N ILE I 45 43.98 -90.74 50.20
CA ILE I 45 43.07 -91.61 50.94
C ILE I 45 42.40 -90.88 52.08
N GLU I 46 43.10 -89.94 52.69
CA GLU I 46 42.54 -89.20 53.81
C GLU I 46 41.46 -88.22 53.34
N LYS I 47 41.64 -87.68 52.14
CA LYS I 47 40.61 -86.83 51.54
C LYS I 47 39.36 -87.65 51.24
N VAL I 48 39.55 -88.85 50.68
CA VAL I 48 38.43 -89.73 50.38
C VAL I 48 37.76 -90.19 51.66
N ALA I 49 38.55 -90.47 52.69
CA ALA I 49 37.99 -90.91 53.96
C ALA I 49 37.05 -89.85 54.53
N LYS I 50 37.47 -88.60 54.47
CA LYS I 50 36.67 -87.50 55.01
C LYS I 50 35.36 -87.32 54.26
N GLU I 51 35.38 -87.53 52.95
CA GLU I 51 34.17 -87.43 52.14
C GLU I 51 33.21 -88.58 52.45
N VAL I 52 33.75 -89.77 52.64
CA VAL I 52 32.95 -90.93 53.01
C VAL I 52 32.29 -90.66 54.36
N MET I 53 33.08 -90.15 55.30
CA MET I 53 32.54 -89.85 56.63
C MET I 53 31.44 -88.80 56.45
N ARG I 54 31.64 -87.86 55.55
CA ARG I 54 30.64 -86.82 55.34
C ARG I 54 29.33 -87.45 54.92
N ILE I 55 29.38 -88.42 54.03
CA ILE I 55 28.17 -89.12 53.61
C ILE I 55 27.49 -89.92 54.70
N ILE I 56 28.28 -90.59 55.52
CA ILE I 56 27.72 -91.45 56.55
C ILE I 56 26.97 -90.64 57.62
N ILE I 57 27.61 -89.58 58.11
CA ILE I 57 26.97 -88.69 59.07
C ILE I 57 25.65 -88.16 58.52
N ALA I 58 25.67 -87.67 57.29
CA ALA I 58 24.47 -87.14 56.65
C ALA I 58 23.33 -88.16 56.64
N LYS I 59 23.66 -89.40 56.34
CA LYS I 59 22.65 -90.45 56.26
C LYS I 59 22.18 -90.89 57.64
N LEU I 60 23.10 -90.96 58.59
CA LEU I 60 22.72 -91.28 59.96
C LEU I 60 21.74 -90.23 60.44
N ALA I 61 22.06 -88.96 60.17
CA ALA I 61 21.20 -87.84 60.53
C ALA I 61 19.83 -87.90 59.84
N GLU I 62 19.71 -88.74 58.82
CA GLU I 62 18.42 -88.99 58.18
C GLU I 62 17.79 -90.25 58.73
N ASP I 63 18.34 -90.75 59.84
CA ASP I 63 17.86 -91.95 60.49
C ASP I 63 17.92 -93.18 59.60
N LYS I 64 18.99 -93.28 58.81
CA LYS I 64 19.17 -94.43 57.93
C LYS I 64 20.16 -95.43 58.50
N GLU I 65 19.95 -96.70 58.17
CA GLU I 65 20.88 -97.75 58.52
C GLU I 65 21.82 -97.96 57.33
N ILE I 66 23.11 -98.01 57.58
CA ILE I 66 24.10 -97.97 56.50
C ILE I 66 24.84 -99.30 56.32
N ILE I 67 24.85 -99.76 55.07
CA ILE I 67 25.63 -100.92 54.67
C ILE I 67 26.74 -100.46 53.74
N ILE I 68 27.97 -100.81 54.06
CA ILE I 68 29.06 -100.49 53.15
C ILE I 68 29.48 -101.76 52.45
N VAL I 69 29.47 -101.71 51.11
CA VAL I 69 29.92 -102.83 50.32
C VAL I 69 31.26 -102.47 49.68
N VAL I 70 32.24 -103.37 49.78
CA VAL I 70 33.56 -103.04 49.26
C VAL I 70 34.06 -104.11 48.31
N ASP I 71 34.98 -103.71 47.44
CA ASP I 71 35.40 -104.63 46.38
C ASP I 71 36.32 -105.76 46.87
N LEU I 72 37.25 -105.43 47.74
CA LEU I 72 38.37 -106.30 48.00
C LEU I 72 38.69 -106.24 49.48
N PHE I 73 38.86 -107.39 50.11
CA PHE I 73 39.34 -107.44 51.49
C PHE I 73 40.80 -106.99 51.47
N GLY I 74 41.08 -105.85 52.09
CA GLY I 74 42.42 -105.27 52.02
C GLY I 74 42.47 -104.19 50.96
N GLY I 75 43.33 -103.21 51.16
CA GLY I 75 43.38 -102.08 50.24
C GLY I 75 42.67 -100.89 50.83
N SER I 76 42.85 -99.74 50.20
CA SER I 76 42.42 -98.48 50.77
C SER I 76 40.91 -98.38 50.92
N PRO I 77 40.14 -98.85 49.91
CA PRO I 77 38.69 -98.77 50.12
C PRO I 77 38.28 -99.56 51.36
N PHE I 78 38.84 -100.75 51.55
CA PHE I 78 38.52 -101.57 52.71
C PHE I 78 38.94 -100.83 54.00
N ASN I 79 40.12 -100.25 53.96
CA ASN I 79 40.64 -99.55 55.14
C ASN I 79 39.74 -98.39 55.54
N ILE I 80 39.20 -97.69 54.54
CA ILE I 80 38.19 -96.67 54.80
C ILE I 80 36.92 -97.23 55.43
N ALA I 81 36.41 -98.32 54.85
CA ALA I 81 35.21 -98.96 55.39
C ALA I 81 35.44 -99.39 56.84
N LEU I 82 36.59 -99.98 57.12
CA LEU I 82 36.89 -100.42 58.48
C LEU I 82 36.91 -99.23 59.43
N GLU I 83 37.47 -98.12 59.00
CA GLU I 83 37.54 -96.95 59.85
C GLU I 83 36.14 -96.49 60.20
N MET I 84 35.25 -96.53 59.21
CA MET I 84 33.86 -96.14 59.41
C MET I 84 33.11 -97.09 60.34
N MET I 85 33.48 -98.37 60.31
CA MET I 85 32.85 -99.32 61.22
C MET I 85 33.37 -99.06 62.64
N LYS I 86 34.65 -98.72 62.74
CA LYS I 86 35.22 -98.41 64.04
C LYS I 86 34.46 -97.27 64.69
N THR I 87 34.20 -96.21 63.92
CA THR I 87 33.60 -94.99 64.44
C THR I 87 32.08 -94.99 64.50
N PHE I 88 31.45 -95.50 63.45
CA PHE I 88 30.00 -95.34 63.26
C PHE I 88 29.15 -96.61 63.31
N ASP I 89 29.79 -97.75 63.47
CA ASP I 89 29.08 -99.01 63.65
C ASP I 89 28.17 -99.35 62.48
N VAL I 90 28.56 -98.94 61.28
CA VAL I 90 27.92 -99.39 60.05
C VAL I 90 28.30 -100.86 59.87
N LYS I 91 27.70 -101.51 58.88
CA LYS I 91 28.04 -102.89 58.59
C LYS I 91 28.79 -102.97 57.26
N VAL I 92 29.66 -103.98 57.13
CA VAL I 92 30.57 -104.06 55.98
C VAL I 92 30.67 -105.48 55.41
N ILE I 93 30.64 -105.57 54.08
CA ILE I 93 30.87 -106.84 53.43
C ILE I 93 31.82 -106.63 52.25
N THR I 94 32.70 -107.61 52.01
CA THR I 94 33.71 -107.49 50.95
C THR I 94 33.43 -108.44 49.79
N GLY I 95 34.15 -108.24 48.69
CA GLY I 95 34.10 -109.15 47.55
C GLY I 95 32.83 -109.02 46.70
N ILE I 96 32.22 -107.85 46.73
CA ILE I 96 30.92 -107.64 46.09
C ILE I 96 30.94 -108.05 44.61
N ASN I 97 29.92 -108.80 44.21
CA ASN I 97 29.72 -109.12 42.81
C ASN I 97 28.27 -108.86 42.37
N MET I 98 27.93 -109.17 41.12
CA MET I 98 26.61 -108.79 40.61
C MET I 98 25.44 -109.51 41.29
N PRO I 99 25.52 -110.85 41.46
CA PRO I 99 24.38 -111.52 42.10
C PRO I 99 24.15 -110.98 43.51
N MET I 100 25.23 -110.67 44.23
CA MET I 100 25.09 -110.09 45.56
C MET I 100 24.37 -108.76 45.53
N LEU I 101 24.78 -107.88 44.63
CA LEU I 101 24.22 -106.53 44.64
C LEU I 101 22.77 -106.57 44.21
N VAL I 102 22.45 -107.40 43.22
CA VAL I 102 21.05 -107.49 42.81
C VAL I 102 20.17 -108.02 43.95
N GLU I 103 20.60 -109.09 44.58
CA GLU I 103 19.83 -109.64 45.71
C GLU I 103 19.71 -108.61 46.85
N LEU I 104 20.82 -107.92 47.15
CA LEU I 104 20.83 -106.91 48.21
C LEU I 104 19.78 -105.84 47.93
N LEU I 105 19.81 -105.30 46.72
CA LEU I 105 18.95 -104.16 46.40
C LEU I 105 17.48 -104.56 46.22
N THR I 106 17.21 -105.82 45.91
CA THR I 106 15.81 -106.24 45.74
C THR I 106 15.19 -106.82 47.00
N SER I 107 15.97 -106.93 48.08
CA SER I 107 15.44 -107.52 49.32
C SER I 107 15.75 -106.61 50.51
N ILE I 108 16.19 -105.40 50.21
CA ILE I 108 16.72 -104.48 51.21
C ILE I 108 15.67 -104.15 52.27
N ASN I 109 14.39 -104.25 51.91
CA ASN I 109 13.32 -103.96 52.85
C ASN I 109 12.79 -105.20 53.58
N VAL I 110 13.22 -106.37 53.14
CA VAL I 110 12.69 -107.64 53.65
C VAL I 110 13.41 -108.14 54.89
N TYR I 111 14.74 -108.08 54.90
CA TYR I 111 15.52 -108.64 56.00
C TYR I 111 16.22 -107.55 56.82
N ASP I 112 16.54 -107.86 58.06
CA ASP I 112 17.36 -106.97 58.87
C ASP I 112 18.78 -107.06 58.32
N THR I 113 19.63 -106.08 58.64
CA THR I 113 20.97 -106.00 58.02
C THR I 113 21.83 -107.24 58.25
N THR I 114 21.78 -107.81 59.45
CA THR I 114 22.59 -109.02 59.70
C THR I 114 22.20 -110.18 58.77
N GLU I 115 20.90 -110.44 58.67
CA GLU I 115 20.43 -111.55 57.82
C GLU I 115 20.63 -111.24 56.33
N LEU I 116 20.43 -109.98 55.97
CA LEU I 116 20.68 -109.52 54.61
C LEU I 116 22.12 -109.84 54.18
N LEU I 117 23.08 -109.51 55.02
CA LEU I 117 24.48 -109.74 54.67
C LEU I 117 24.83 -111.21 54.62
N GLU I 118 24.24 -112.01 55.49
CA GLU I 118 24.44 -113.44 55.45
C GLU I 118 23.85 -114.02 54.17
N ASN I 119 22.66 -113.56 53.81
CA ASN I 119 22.01 -113.97 52.57
C ASN I 119 22.86 -113.70 51.34
N ILE I 120 23.36 -112.48 51.21
CA ILE I 120 24.11 -112.14 49.99
C ILE I 120 25.49 -112.74 49.98
N SER I 121 26.08 -112.98 51.16
CA SER I 121 27.35 -113.68 51.22
C SER I 121 27.19 -115.06 50.58
N LYS I 122 26.12 -115.75 50.96
CA LYS I 122 25.85 -117.07 50.45
C LYS I 122 25.56 -117.05 48.94
N ILE I 123 24.78 -116.06 48.52
CA ILE I 123 24.39 -115.96 47.12
C ILE I 123 25.59 -115.59 46.24
N GLY I 124 26.45 -114.74 46.77
CA GLY I 124 27.66 -114.31 46.07
C GLY I 124 28.59 -115.48 45.82
N LYS I 125 28.83 -116.28 46.85
CA LYS I 125 29.71 -117.43 46.71
C LYS I 125 29.10 -118.47 45.76
N ASP I 126 27.80 -118.74 45.91
CA ASP I 126 27.12 -119.71 45.06
C ASP I 126 27.10 -119.26 43.61
N GLY I 127 27.19 -117.96 43.38
CA GLY I 127 27.09 -117.38 42.06
C GLY I 127 28.40 -117.50 41.27
N ILE I 128 29.45 -117.97 41.93
CA ILE I 128 30.76 -118.12 41.28
C ILE I 128 30.89 -119.58 40.88
N LYS I 129 30.86 -119.83 39.57
CA LYS I 129 30.90 -121.21 39.06
C LYS I 129 31.78 -121.30 37.83
N VAL I 130 32.64 -122.31 37.78
CA VAL I 130 33.38 -122.61 36.56
C VAL I 130 32.50 -123.56 35.72
N ILE I 131 32.22 -123.19 34.49
CA ILE I 131 31.35 -124.03 33.66
C ILE I 131 32.09 -125.01 32.77
N GLU I 132 31.84 -126.29 33.01
CA GLU I 132 32.46 -127.38 32.27
C GLU I 132 31.33 -128.12 31.56
N LYS I 133 31.47 -128.36 30.26
CA LYS I 133 30.42 -129.08 29.54
C LYS I 133 30.90 -130.44 29.06
N MET J 3 -24.58 -65.43 74.72
CA MET J 3 -24.34 -66.37 73.63
C MET J 3 -23.25 -65.84 72.69
N LYS J 4 -22.30 -66.69 72.33
CA LYS J 4 -21.27 -66.29 71.37
C LYS J 4 -21.91 -66.02 70.00
N GLU J 5 -21.31 -65.11 69.25
CA GLU J 5 -21.75 -64.85 67.87
C GLU J 5 -21.40 -66.07 67.02
N LYS J 6 -22.27 -66.40 66.07
CA LYS J 6 -22.04 -67.61 65.27
C LYS J 6 -21.46 -67.29 63.89
N PHE J 7 -20.80 -68.28 63.29
CA PHE J 7 -20.29 -68.12 61.95
C PHE J 7 -20.71 -69.37 61.19
N VAL J 8 -21.25 -69.19 59.98
CA VAL J 8 -21.72 -70.34 59.19
C VAL J 8 -20.79 -70.58 58.02
N LEU J 9 -20.25 -71.80 57.94
CA LEU J 9 -19.38 -72.17 56.84
C LEU J 9 -20.19 -73.15 55.98
N ILE J 10 -20.37 -72.82 54.71
CA ILE J 10 -21.07 -73.70 53.79
C ILE J 10 -20.06 -74.46 52.94
N ILE J 11 -20.07 -75.80 52.99
CA ILE J 11 -19.09 -76.58 52.24
C ILE J 11 -19.89 -77.53 51.36
N THR J 12 -19.71 -77.43 50.04
CA THR J 12 -20.53 -78.19 49.10
C THR J 12 -19.73 -78.54 47.85
N HIS J 13 -20.34 -79.35 46.99
CA HIS J 13 -19.79 -79.60 45.67
C HIS J 13 -19.98 -78.40 44.73
N GLY J 14 -18.96 -78.10 43.94
CA GLY J 14 -19.07 -77.02 42.96
C GLY J 14 -19.66 -75.72 43.51
N ASP J 15 -20.47 -75.04 42.69
CA ASP J 15 -21.01 -73.74 43.05
C ASP J 15 -22.30 -73.83 43.84
N PHE J 16 -22.62 -74.99 44.40
CA PHE J 16 -23.89 -75.13 45.10
C PHE J 16 -23.98 -74.16 46.28
N GLY J 17 -22.98 -74.17 47.15
CA GLY J 17 -23.00 -73.28 48.31
C GLY J 17 -23.03 -71.81 47.92
N LYS J 18 -22.23 -71.48 46.88
CA LYS J 18 -22.16 -70.12 46.39
C LYS J 18 -23.51 -69.66 45.88
N GLY J 19 -24.22 -70.54 45.18
CA GLY J 19 -25.54 -70.24 44.65
C GLY J 19 -26.62 -70.24 45.71
N LEU J 20 -26.54 -71.16 46.66
CA LEU J 20 -27.51 -71.21 47.76
C LEU J 20 -27.46 -69.92 48.55
N LEU J 21 -26.25 -69.45 48.85
CA LEU J 21 -26.12 -68.18 49.60
C LEU J 21 -26.68 -67.01 48.79
N SER J 22 -26.31 -66.91 47.52
CA SER J 22 -26.88 -65.93 46.59
C SER J 22 -28.40 -65.89 46.64
N GLY J 23 -29.02 -67.07 46.51
CA GLY J 23 -30.46 -67.22 46.59
C GLY J 23 -31.05 -66.76 47.91
N ALA J 24 -30.46 -67.19 49.02
CA ALA J 24 -30.89 -66.74 50.33
C ALA J 24 -30.81 -65.22 50.45
N GLU J 25 -29.76 -64.64 49.87
CA GLU J 25 -29.54 -63.20 50.02
C GLU J 25 -30.56 -62.38 49.22
N VAL J 26 -31.09 -62.97 48.14
CA VAL J 26 -32.25 -62.37 47.46
C VAL J 26 -33.42 -62.21 48.43
N ILE J 27 -33.59 -63.20 49.29
CA ILE J 27 -34.69 -63.21 50.25
C ILE J 27 -34.43 -62.32 51.46
N ILE J 28 -33.27 -62.47 52.11
CA ILE J 28 -33.02 -61.81 53.41
C ILE J 28 -31.88 -60.79 53.44
N GLY J 29 -31.35 -60.44 52.27
CA GLY J 29 -30.28 -59.47 52.18
C GLY J 29 -28.88 -60.03 52.40
N LYS J 30 -27.87 -59.21 52.12
CA LYS J 30 -26.47 -59.62 52.19
C LYS J 30 -26.08 -60.03 53.60
N GLN J 31 -25.40 -61.18 53.68
CA GLN J 31 -24.98 -61.76 54.94
C GLN J 31 -23.54 -61.41 55.27
N GLU J 32 -23.28 -61.23 56.56
CA GLU J 32 -21.94 -61.29 57.10
C GLU J 32 -21.88 -62.60 57.88
N ASN J 33 -20.68 -63.04 58.22
CA ASN J 33 -20.57 -64.26 59.02
C ASN J 33 -21.08 -65.52 58.31
N VAL J 34 -21.11 -65.50 56.98
CA VAL J 34 -21.33 -66.73 56.20
C VAL J 34 -20.25 -66.81 55.13
N HIS J 35 -19.59 -67.95 55.03
CA HIS J 35 -18.58 -68.14 54.02
C HIS J 35 -18.87 -69.45 53.27
N THR J 36 -18.57 -69.48 51.98
CA THR J 36 -18.79 -70.68 51.19
C THR J 36 -17.48 -71.22 50.62
N VAL J 37 -17.38 -72.55 50.62
CA VAL J 37 -16.24 -73.25 50.06
C VAL J 37 -16.82 -74.33 49.14
N GLY J 38 -16.41 -74.32 47.90
CA GLY J 38 -16.90 -75.31 46.94
C GLY J 38 -15.82 -76.25 46.49
N LEU J 39 -16.13 -77.54 46.46
CA LEU J 39 -15.21 -78.54 45.93
C LEU J 39 -15.53 -78.81 44.45
N ASN J 40 -14.62 -78.40 43.58
CA ASN J 40 -14.77 -78.57 42.15
C ASN J 40 -14.00 -79.79 41.65
N LEU J 41 -14.38 -80.33 40.49
CA LEU J 41 -13.53 -81.34 39.86
C LEU J 41 -12.17 -80.71 39.69
N GLY J 42 -11.13 -81.45 40.03
CA GLY J 42 -9.77 -80.96 39.89
C GLY J 42 -9.21 -80.29 41.13
N ASP J 43 -10.04 -80.14 42.17
CA ASP J 43 -9.56 -79.62 43.44
C ASP J 43 -8.94 -80.76 44.25
N ASN J 44 -7.78 -80.53 44.84
CA ASN J 44 -7.19 -81.49 45.75
C ASN J 44 -7.84 -81.36 47.13
N ILE J 45 -8.45 -82.44 47.60
CA ILE J 45 -9.24 -82.39 48.82
C ILE J 45 -8.42 -81.98 50.03
N GLU J 46 -7.14 -82.36 50.03
CA GLU J 46 -6.28 -82.01 51.16
C GLU J 46 -5.95 -80.52 51.15
N LYS J 47 -5.83 -79.95 49.96
CA LYS J 47 -5.63 -78.50 49.85
C LYS J 47 -6.86 -77.75 50.35
N VAL J 48 -8.05 -78.24 49.97
CA VAL J 48 -9.29 -77.62 50.41
C VAL J 48 -9.46 -77.80 51.92
N ALA J 49 -9.09 -78.97 52.43
CA ALA J 49 -9.21 -79.22 53.86
C ALA J 49 -8.38 -78.20 54.65
N LYS J 50 -7.17 -77.95 54.19
CA LYS J 50 -6.28 -77.03 54.90
C LYS J 50 -6.83 -75.61 54.82
N GLU J 51 -7.49 -75.27 53.72
CA GLU J 51 -8.12 -73.97 53.55
C GLU J 51 -9.27 -73.79 54.54
N VAL J 52 -10.09 -74.82 54.67
CA VAL J 52 -11.19 -74.83 55.61
C VAL J 52 -10.69 -74.72 57.05
N MET J 53 -9.66 -75.49 57.37
CA MET J 53 -9.10 -75.44 58.72
C MET J 53 -8.59 -74.02 58.93
N ARG J 54 -8.04 -73.40 57.89
CA ARG J 54 -7.50 -72.04 58.04
C ARG J 54 -8.61 -71.08 58.45
N ILE J 55 -9.78 -71.21 57.84
CA ILE J 55 -10.94 -70.43 58.26
C ILE J 55 -11.48 -70.67 59.67
N ILE J 56 -11.53 -71.94 60.06
CA ILE J 56 -12.10 -72.29 61.35
C ILE J 56 -11.25 -71.75 62.51
N ILE J 57 -9.95 -71.97 62.45
CA ILE J 57 -9.03 -71.43 63.44
C ILE J 57 -9.19 -69.92 63.56
N ALA J 58 -9.18 -69.23 62.42
CA ALA J 58 -9.33 -67.78 62.41
C ALA J 58 -10.59 -67.32 63.14
N LYS J 59 -11.70 -68.03 62.92
CA LYS J 59 -12.97 -67.66 63.52
C LYS J 59 -13.02 -68.05 64.99
N LEU J 60 -12.45 -69.19 65.35
CA LEU J 60 -12.37 -69.56 66.75
C LEU J 60 -11.59 -68.49 67.49
N ALA J 61 -10.47 -68.07 66.89
CA ALA J 61 -9.64 -67.01 67.47
C ALA J 61 -10.37 -65.68 67.60
N GLU J 62 -11.53 -65.57 66.92
CA GLU J 62 -12.37 -64.39 67.07
C GLU J 62 -13.49 -64.67 68.06
N ASP J 63 -13.36 -65.78 68.78
CA ASP J 63 -14.34 -66.20 69.77
C ASP J 63 -15.72 -66.46 69.17
N LYS J 64 -15.74 -67.05 67.97
CA LYS J 64 -17.00 -67.36 67.32
C LYS J 64 -17.36 -68.83 67.45
N GLU J 65 -18.65 -69.11 67.46
CA GLU J 65 -19.15 -70.47 67.45
C GLU J 65 -19.45 -70.84 66.00
N ILE J 66 -18.98 -72.01 65.57
CA ILE J 66 -19.02 -72.34 64.15
C ILE J 66 -20.00 -73.45 63.82
N ILE J 67 -20.84 -73.19 62.82
CA ILE J 67 -21.75 -74.18 62.27
C ILE J 67 -21.31 -74.49 60.85
N ILE J 68 -21.11 -75.76 60.55
CA ILE J 68 -20.80 -76.12 59.17
C ILE J 68 -22.02 -76.74 58.55
N VAL J 69 -22.45 -76.19 57.42
CA VAL J 69 -23.58 -76.74 56.70
C VAL J 69 -23.05 -77.41 55.42
N VAL J 70 -23.49 -78.63 55.15
CA VAL J 70 -22.95 -79.34 53.99
C VAL J 70 -24.06 -79.84 53.08
N ASP J 71 -23.73 -80.04 51.82
CA ASP J 71 -24.76 -80.38 50.85
C ASP J 71 -25.29 -81.81 50.98
N LEU J 72 -24.38 -82.75 51.19
CA LEU J 72 -24.69 -84.15 50.98
C LEU J 72 -24.01 -84.96 52.06
N PHE J 73 -24.75 -85.87 52.68
CA PHE J 73 -24.16 -86.83 53.61
C PHE J 73 -23.29 -87.78 52.78
N GLY J 74 -21.98 -87.73 53.00
CA GLY J 74 -21.07 -88.50 52.17
C GLY J 74 -20.47 -87.64 51.07
N GLY J 75 -19.25 -87.96 50.65
CA GLY J 75 -18.59 -87.13 49.68
C GLY J 75 -17.55 -86.24 50.36
N SER J 76 -16.71 -85.61 49.54
CA SER J 76 -15.55 -84.93 50.06
C SER J 76 -15.89 -83.74 50.94
N PRO J 77 -16.91 -82.94 50.55
CA PRO J 77 -17.24 -81.83 51.45
C PRO J 77 -17.62 -82.35 52.84
N PHE J 78 -18.42 -83.42 52.89
CA PHE J 78 -18.83 -83.98 54.16
C PHE J 78 -17.59 -84.49 54.93
N ASN J 79 -16.71 -85.16 54.21
CA ASN J 79 -15.51 -85.73 54.84
C ASN J 79 -14.65 -84.63 55.45
N ILE J 80 -14.56 -83.49 54.77
CA ILE J 80 -13.89 -82.33 55.35
C ILE J 80 -14.58 -81.82 56.62
N ALA J 81 -15.92 -81.68 56.56
CA ALA J 81 -16.67 -81.22 57.71
C ALA J 81 -16.46 -82.16 58.89
N LEU J 82 -16.51 -83.47 58.64
CA LEU J 82 -16.32 -84.45 59.70
C LEU J 82 -14.94 -84.31 60.32
N GLU J 83 -13.94 -84.06 59.50
CA GLU J 83 -12.58 -83.93 60.00
C GLU J 83 -12.52 -82.74 60.94
N MET J 84 -13.19 -81.65 60.55
CA MET J 84 -13.21 -80.45 61.37
C MET J 84 -13.96 -80.66 62.69
N MET J 85 -14.97 -81.51 62.67
CA MET J 85 -15.69 -81.80 63.91
C MET J 85 -14.80 -82.66 64.80
N LYS J 86 -14.05 -83.57 64.19
CA LYS J 86 -13.14 -84.40 64.96
C LYS J 86 -12.14 -83.53 65.73
N THR J 87 -11.58 -82.55 65.04
CA THR J 87 -10.51 -81.71 65.60
C THR J 87 -10.98 -80.51 66.41
N PHE J 88 -12.02 -79.82 65.92
CA PHE J 88 -12.40 -78.52 66.48
C PHE J 88 -13.78 -78.44 67.15
N ASP J 89 -14.52 -79.54 67.13
CA ASP J 89 -15.79 -79.60 67.85
C ASP J 89 -16.79 -78.56 67.37
N VAL J 90 -16.73 -78.23 66.08
CA VAL J 90 -17.76 -77.44 65.43
C VAL J 90 -18.99 -78.33 65.31
N LYS J 91 -20.12 -77.75 64.87
CA LYS J 91 -21.31 -78.54 64.68
C LYS J 91 -21.61 -78.67 63.17
N VAL J 92 -22.26 -79.75 62.78
CA VAL J 92 -22.44 -80.06 61.35
C VAL J 92 -23.86 -80.55 61.03
N ILE J 93 -24.42 -80.06 59.93
CA ILE J 93 -25.69 -80.55 59.46
C ILE J 93 -25.61 -80.76 57.95
N THR J 94 -26.27 -81.81 57.45
CA THR J 94 -26.21 -82.13 56.02
C THR J 94 -27.55 -81.89 55.33
N GLY J 95 -27.52 -81.94 54.00
CA GLY J 95 -28.74 -81.85 53.20
C GLY J 95 -29.34 -80.45 53.09
N ILE J 96 -28.49 -79.43 53.26
CA ILE J 96 -28.97 -78.05 53.34
C ILE J 96 -29.84 -77.67 52.13
N ASN J 97 -30.96 -77.03 52.43
CA ASN J 97 -31.81 -76.47 51.39
C ASN J 97 -32.21 -75.02 51.71
N MET J 98 -33.03 -74.40 50.87
CA MET J 98 -33.30 -72.96 51.05
C MET J 98 -34.08 -72.63 52.33
N PRO J 99 -35.16 -73.36 52.64
CA PRO J 99 -35.89 -73.02 53.86
C PRO J 99 -35.00 -73.15 55.10
N MET J 100 -34.12 -74.15 55.12
CA MET J 100 -33.19 -74.31 56.22
C MET J 100 -32.27 -73.11 56.36
N LEU J 101 -31.68 -72.68 55.25
CA LEU J 101 -30.68 -71.63 55.34
C LEU J 101 -31.33 -70.31 55.72
N VAL J 102 -32.52 -70.05 55.17
CA VAL J 102 -33.20 -68.81 55.54
C VAL J 102 -33.54 -68.79 57.03
N GLU J 103 -34.12 -69.88 57.52
CA GLU J 103 -34.44 -69.96 58.95
C GLU J 103 -33.19 -69.85 59.81
N LEU J 104 -32.12 -70.54 59.40
CA LEU J 104 -30.86 -70.49 60.14
C LEU J 104 -30.34 -69.07 60.27
N LEU J 105 -30.29 -68.36 59.15
CA LEU J 105 -29.69 -67.04 59.15
C LEU J 105 -30.57 -65.97 59.80
N THR J 106 -31.88 -66.21 59.87
CA THR J 106 -32.75 -65.22 60.49
C THR J 106 -33.02 -65.48 61.98
N SER J 107 -32.49 -66.58 62.50
CA SER J 107 -32.73 -66.92 63.91
C SER J 107 -31.42 -67.23 64.62
N ILE J 108 -30.31 -66.89 63.96
CA ILE J 108 -28.98 -67.31 64.40
C ILE J 108 -28.66 -66.74 65.78
N ASN J 109 -29.29 -65.63 66.14
CA ASN J 109 -29.06 -65.00 67.44
C ASN J 109 -30.05 -65.42 68.52
N VAL J 110 -31.09 -66.15 68.10
CA VAL J 110 -32.21 -66.49 68.99
C VAL J 110 -31.98 -67.79 69.77
N TYR J 111 -31.49 -68.82 69.08
CA TYR J 111 -31.33 -70.14 69.71
C TYR J 111 -29.86 -70.53 69.88
N ASP J 112 -29.59 -71.41 70.82
CA ASP J 112 -28.26 -71.99 70.95
C ASP J 112 -28.07 -72.93 69.77
N THR J 113 -26.83 -73.31 69.47
CA THR J 113 -26.54 -74.08 68.26
C THR J 113 -27.27 -75.42 68.20
N THR J 114 -27.37 -76.13 69.33
CA THR J 114 -28.08 -77.41 69.31
C THR J 114 -29.54 -77.25 68.91
N GLU J 115 -30.24 -76.30 69.51
CA GLU J 115 -31.65 -76.09 69.22
C GLU J 115 -31.85 -75.53 67.79
N LEU J 116 -30.90 -74.69 67.39
CA LEU J 116 -30.92 -74.10 66.06
C LEU J 116 -30.85 -75.18 64.98
N LEU J 117 -30.00 -76.17 65.18
CA LEU J 117 -29.86 -77.24 64.21
C LEU J 117 -31.06 -78.18 64.20
N GLU J 118 -31.64 -78.41 65.38
CA GLU J 118 -32.85 -79.21 65.46
C GLU J 118 -34.00 -78.51 64.75
N ASN J 119 -34.11 -77.20 64.98
CA ASN J 119 -35.12 -76.37 64.32
C ASN J 119 -35.04 -76.45 62.81
N ILE J 120 -33.86 -76.25 62.26
CA ILE J 120 -33.74 -76.21 60.80
C ILE J 120 -33.83 -77.59 60.18
N SER J 121 -33.42 -78.62 60.91
CA SER J 121 -33.62 -79.98 60.43
C SER J 121 -35.10 -80.22 60.18
N LYS J 122 -35.93 -79.83 61.14
CA LYS J 122 -37.35 -80.01 61.05
C LYS J 122 -37.95 -79.17 59.91
N ILE J 123 -37.49 -77.94 59.80
CA ILE J 123 -38.02 -77.02 58.80
C ILE J 123 -37.62 -77.46 57.38
N GLY J 124 -36.40 -77.98 57.27
CA GLY J 124 -35.88 -78.48 56.00
C GLY J 124 -36.70 -79.65 55.49
N LYS J 125 -36.95 -80.61 56.39
CA LYS J 125 -37.74 -81.78 55.99
C LYS J 125 -39.18 -81.38 55.64
N ASP J 126 -39.78 -80.54 56.47
CA ASP J 126 -41.15 -80.09 56.25
C ASP J 126 -41.28 -79.29 54.96
N GLY J 127 -40.18 -78.69 54.52
CA GLY J 127 -40.19 -77.83 53.35
C GLY J 127 -40.13 -78.61 52.05
N ILE J 128 -39.97 -79.93 52.14
CA ILE J 128 -39.90 -80.78 50.95
C ILE J 128 -41.29 -81.39 50.77
N LYS J 129 -41.98 -80.97 49.71
CA LYS J 129 -43.36 -81.42 49.48
C LYS J 129 -43.58 -81.67 48.00
N VAL J 130 -44.22 -82.81 47.68
CA VAL J 130 -44.67 -83.05 46.31
C VAL J 130 -46.07 -82.45 46.19
N ILE J 131 -46.31 -81.57 45.23
CA ILE J 131 -47.63 -80.96 45.12
C ILE J 131 -48.61 -81.79 44.30
N GLU J 132 -49.82 -81.93 44.84
CA GLU J 132 -50.90 -82.71 44.25
C GLU J 132 -52.00 -81.80 43.72
N LYS J 133 -52.42 -82.05 42.49
CA LYS J 133 -53.49 -81.31 41.79
C LYS J 133 -53.01 -80.20 40.85
N MET K 1 -68.11 15.23 29.11
CA MET K 1 -69.54 15.01 28.96
C MET K 1 -70.16 14.57 30.26
N LYS K 2 -69.33 14.45 31.30
CA LYS K 2 -69.78 14.04 32.62
C LYS K 2 -70.05 15.27 33.48
N TYR K 3 -69.71 16.44 32.95
CA TYR K 3 -69.89 17.70 33.66
C TYR K 3 -70.74 18.71 32.89
N ASP K 4 -71.86 19.10 33.48
CA ASP K 4 -72.75 20.09 32.91
C ASP K 4 -72.24 21.49 33.26
N GLY K 5 -71.93 22.27 32.24
CA GLY K 5 -71.40 23.63 32.43
C GLY K 5 -72.34 24.73 32.02
N SER K 6 -73.60 24.38 31.77
CA SER K 6 -74.60 25.32 31.26
C SER K 6 -74.87 26.50 32.19
N LYS K 7 -74.77 26.26 33.50
CA LYS K 7 -75.04 27.30 34.50
C LYS K 7 -73.77 28.01 34.98
N LEU K 8 -72.68 27.84 34.25
CA LEU K 8 -71.40 28.41 34.65
C LEU K 8 -71.00 29.65 33.86
N ARG K 9 -70.22 30.52 34.49
CA ARG K 9 -69.57 31.64 33.81
C ARG K 9 -68.06 31.47 33.98
N ILE K 10 -67.35 31.34 32.86
CA ILE K 10 -65.91 31.08 32.88
C ILE K 10 -65.14 32.24 32.28
N GLY K 11 -64.14 32.72 33.02
CA GLY K 11 -63.26 33.77 32.54
C GLY K 11 -61.99 33.20 31.93
N ILE K 12 -61.55 33.82 30.84
CA ILE K 12 -60.25 33.50 30.25
C ILE K 12 -59.44 34.79 30.17
N LEU K 13 -58.32 34.81 30.90
CA LEU K 13 -57.39 35.92 30.85
C LEU K 13 -56.10 35.46 30.18
N HIS K 14 -55.77 36.06 29.04
CA HIS K 14 -54.57 35.65 28.33
C HIS K 14 -53.60 36.79 28.09
N ALA K 15 -52.31 36.44 28.05
CA ALA K 15 -51.25 37.39 27.71
C ALA K 15 -51.23 37.66 26.21
N ARG K 16 -50.45 38.65 25.77
CA ARG K 16 -50.41 39.02 24.37
C ARG K 16 -49.09 38.69 23.67
N TRP K 17 -48.08 38.28 24.43
CA TRP K 17 -46.83 37.81 23.84
C TRP K 17 -46.96 36.39 23.30
N ASN K 18 -46.33 36.12 22.16
CA ASN K 18 -46.49 34.88 21.40
C ASN K 18 -47.98 34.67 21.02
N LEU K 19 -48.53 35.67 20.35
CA LEU K 19 -49.98 35.78 20.13
C LEU K 19 -50.59 34.66 19.29
N GLU K 20 -49.86 34.21 18.28
CA GLU K 20 -50.32 33.13 17.40
C GLU K 20 -50.59 31.85 18.20
N ILE K 21 -49.69 31.54 19.13
CA ILE K 21 -49.83 30.36 20.00
C ILE K 21 -50.90 30.59 21.05
N ILE K 22 -50.90 31.79 21.63
CA ILE K 22 -51.92 32.21 22.61
C ILE K 22 -53.33 32.02 22.02
N ALA K 23 -53.57 32.56 20.82
CA ALA K 23 -54.87 32.49 20.17
C ALA K 23 -55.40 31.08 20.03
N ALA K 24 -54.51 30.14 19.67
CA ALA K 24 -54.88 28.75 19.47
C ALA K 24 -55.26 28.04 20.78
N LEU K 25 -54.53 28.35 21.85
CA LEU K 25 -54.84 27.82 23.18
C LEU K 25 -56.18 28.35 23.69
N VAL K 26 -56.42 29.63 23.47
CA VAL K 26 -57.71 30.25 23.82
C VAL K 26 -58.83 29.59 23.03
N ALA K 27 -58.63 29.43 21.73
CA ALA K 27 -59.61 28.79 20.85
C ALA K 27 -59.96 27.38 21.30
N GLY K 28 -58.95 26.63 21.77
CA GLY K 28 -59.15 25.28 22.30
C GLY K 28 -59.96 25.29 23.58
N ALA K 29 -59.61 26.19 24.50
CA ALA K 29 -60.33 26.35 25.75
C ALA K 29 -61.80 26.73 25.50
N ILE K 30 -62.01 27.70 24.60
CA ILE K 30 -63.35 28.12 24.19
C ILE K 30 -64.15 26.95 23.60
N LYS K 31 -63.50 26.16 22.75
CA LYS K 31 -64.15 25.00 22.12
C LYS K 31 -64.66 23.98 23.14
N ARG K 32 -63.77 23.54 24.03
CA ARG K 32 -64.12 22.53 25.04
C ARG K 32 -65.12 23.05 26.07
N LEU K 33 -64.99 24.32 26.44
CA LEU K 33 -65.97 25.00 27.31
C LEU K 33 -67.40 24.85 26.78
N GLN K 34 -67.57 25.18 25.50
CA GLN K 34 -68.87 25.10 24.83
C GLN K 34 -69.37 23.67 24.65
N GLU K 35 -68.45 22.71 24.56
CA GLU K 35 -68.80 21.29 24.45
C GLU K 35 -69.39 20.74 25.73
N PHE K 36 -69.02 21.33 26.87
CA PHE K 36 -69.58 20.90 28.15
C PHE K 36 -70.88 21.62 28.46
N GLY K 37 -71.28 22.55 27.58
CA GLY K 37 -72.54 23.26 27.74
C GLY K 37 -72.43 24.73 28.14
N VAL K 38 -71.25 25.23 28.40
CA VAL K 38 -71.14 26.61 28.80
C VAL K 38 -71.59 27.52 27.69
N LYS K 39 -72.45 28.49 28.00
CA LYS K 39 -72.93 29.41 27.00
C LYS K 39 -71.93 30.45 26.57
N ALA K 40 -72.07 30.94 25.36
CA ALA K 40 -71.17 31.94 24.81
C ALA K 40 -71.24 33.23 25.58
N GLU K 41 -72.45 33.56 26.02
CA GLU K 41 -72.68 34.77 26.79
C GLU K 41 -71.91 34.69 28.10
N ASN K 42 -71.52 33.48 28.49
CA ASN K 42 -70.79 33.27 29.74
C ASN K 42 -69.28 33.13 29.69
N ILE K 43 -68.69 33.15 28.50
CA ILE K 43 -67.25 33.02 28.36
C ILE K 43 -66.66 34.43 28.15
N ILE K 44 -65.98 34.92 29.18
CA ILE K 44 -65.45 36.28 29.18
C ILE K 44 -63.94 36.26 28.93
N ILE K 45 -63.53 36.83 27.80
CA ILE K 45 -62.11 36.92 27.45
C ILE K 45 -61.56 38.32 27.70
N GLU K 46 -60.46 38.38 28.44
CA GLU K 46 -59.75 39.62 28.68
C GLU K 46 -58.25 39.39 28.57
N THR K 47 -57.49 40.45 28.28
CA THR K 47 -56.05 40.33 28.02
C THR K 47 -55.18 41.11 29.01
N VAL K 48 -53.94 40.66 29.15
CA VAL K 48 -52.89 41.41 29.85
C VAL K 48 -51.64 41.43 28.97
N PRO K 49 -50.69 42.35 29.23
CA PRO K 49 -49.46 42.38 28.41
C PRO K 49 -48.70 41.05 28.45
N GLY K 50 -48.23 40.66 29.62
CA GLY K 50 -47.43 39.45 29.78
C GLY K 50 -47.87 38.52 30.88
N SER K 51 -47.18 37.40 31.01
CA SER K 51 -47.51 36.37 31.99
C SER K 51 -47.35 36.82 33.45
N PHE K 52 -46.50 37.77 33.69
CA PHE K 52 -46.29 38.28 35.03
C PHE K 52 -47.57 38.96 35.53
N GLU K 53 -48.27 39.65 34.62
CA GLU K 53 -49.49 40.37 34.96
C GLU K 53 -50.71 39.46 35.10
N LEU K 54 -50.54 38.18 34.78
CA LEU K 54 -51.64 37.20 34.87
C LEU K 54 -52.24 37.02 36.27
N PRO K 55 -51.40 36.76 37.29
CA PRO K 55 -51.94 36.60 38.65
C PRO K 55 -52.76 37.80 39.15
N TYR K 56 -52.19 39.00 39.13
CA TYR K 56 -52.91 40.18 39.62
C TYR K 56 -54.03 40.62 38.68
N GLY K 57 -53.83 40.40 37.39
CA GLY K 57 -54.87 40.64 36.39
C GLY K 57 -56.08 39.79 36.67
N SER K 58 -55.85 38.54 37.05
CA SER K 58 -56.92 37.61 37.40
C SER K 58 -57.74 38.10 38.58
N LYS K 59 -57.08 38.60 39.62
CA LYS K 59 -57.80 39.16 40.76
C LYS K 59 -58.64 40.38 40.37
N LEU K 60 -58.04 41.29 39.60
CA LEU K 60 -58.74 42.49 39.15
C LEU K 60 -59.91 42.15 38.24
N PHE K 61 -59.72 41.12 37.42
CA PHE K 61 -60.76 40.58 36.53
C PHE K 61 -61.93 40.01 37.34
N VAL K 62 -61.59 39.17 38.32
CA VAL K 62 -62.58 38.55 39.22
C VAL K 62 -63.36 39.61 40.02
N GLU K 63 -62.64 40.59 40.56
CA GLU K 63 -63.28 41.68 41.33
C GLU K 63 -64.21 42.52 40.46
N LYS K 64 -63.78 42.81 39.23
CA LYS K 64 -64.59 43.56 38.26
C LYS K 64 -65.89 42.82 37.93
N GLN K 65 -65.78 41.52 37.71
CA GLN K 65 -66.93 40.68 37.37
C GLN K 65 -67.94 40.60 38.51
N LYS K 66 -67.45 40.69 39.75
CA LYS K 66 -68.33 40.76 40.93
C LYS K 66 -69.10 42.07 40.97
N ARG K 67 -68.42 43.17 40.71
CA ARG K 67 -69.09 44.46 40.73
C ARG K 67 -70.16 44.50 39.65
N LEU K 68 -69.87 43.91 38.50
CA LEU K 68 -70.81 43.90 37.38
C LEU K 68 -72.04 43.04 37.65
N GLY K 69 -71.99 42.27 38.74
CA GLY K 69 -73.07 41.35 39.08
C GLY K 69 -73.05 40.08 38.25
N LYS K 70 -71.91 39.78 37.66
CA LYS K 70 -71.74 38.59 36.83
C LYS K 70 -70.47 37.84 37.24
N PRO K 71 -70.51 37.16 38.41
CA PRO K 71 -69.31 36.55 38.98
C PRO K 71 -68.83 35.37 38.16
N LEU K 72 -67.51 35.19 38.11
CA LEU K 72 -66.91 34.05 37.45
C LEU K 72 -66.94 32.85 38.38
N ASP K 73 -67.18 31.68 37.81
CA ASP K 73 -67.17 30.43 38.57
C ASP K 73 -65.79 29.79 38.56
N ALA K 74 -65.03 30.08 37.51
CA ALA K 74 -63.64 29.66 37.39
C ALA K 74 -62.90 30.60 36.43
N ILE K 75 -61.58 30.52 36.42
CA ILE K 75 -60.76 31.34 35.54
C ILE K 75 -59.60 30.53 34.97
N ILE K 76 -59.28 30.79 33.69
CA ILE K 76 -58.14 30.18 33.02
C ILE K 76 -57.15 31.24 32.56
N PRO K 77 -56.08 31.48 33.35
CA PRO K 77 -55.01 32.37 32.93
C PRO K 77 -54.10 31.67 31.90
N ILE K 78 -53.99 32.24 30.71
CA ILE K 78 -53.24 31.63 29.62
C ILE K 78 -52.01 32.47 29.26
N GLY K 79 -50.84 31.81 29.29
CA GLY K 79 -49.59 32.46 28.93
C GLY K 79 -48.66 31.51 28.21
N VAL K 80 -47.82 32.06 27.35
CA VAL K 80 -46.82 31.29 26.62
C VAL K 80 -45.43 31.86 26.90
N LEU K 81 -44.61 31.12 27.59
CA LEU K 81 -43.26 31.55 27.90
C LEU K 81 -42.26 30.59 27.27
N ILE K 82 -41.36 31.14 26.49
CA ILE K 82 -40.30 30.40 25.78
C ILE K 82 -38.94 30.85 26.33
N LYS K 83 -38.07 29.86 26.58
CA LYS K 83 -36.73 30.13 27.10
C LYS K 83 -35.92 30.99 26.13
N CYS K 93 -40.53 32.85 35.32
CA CYS K 93 -41.84 32.18 35.31
C CYS K 93 -42.16 31.25 36.47
N ASP K 94 -41.14 30.74 37.15
CA ASP K 94 -41.37 29.81 38.25
C ASP K 94 -42.23 30.43 39.34
N SER K 95 -41.99 31.70 39.63
CA SER K 95 -42.78 32.40 40.65
C SER K 95 -44.24 32.45 40.22
N THR K 96 -44.45 32.71 38.91
CA THR K 96 -45.78 32.81 38.32
C THR K 96 -46.65 31.57 38.60
N THR K 97 -46.09 30.37 38.47
CA THR K 97 -46.81 29.16 38.72
C THR K 97 -47.20 29.18 40.18
N HIS K 98 -46.37 29.82 40.99
CA HIS K 98 -46.68 29.84 42.42
C HIS K 98 -47.86 30.73 42.82
N GLN K 99 -47.94 31.94 42.20
CA GLN K 99 -49.06 32.84 42.46
C GLN K 99 -50.38 32.32 41.92
N LEU K 100 -50.36 31.74 40.73
CA LEU K 100 -51.55 31.17 40.12
C LEU K 100 -52.09 30.03 40.99
N MET K 101 -51.16 29.23 41.53
CA MET K 101 -51.50 28.15 42.47
C MET K 101 -52.20 28.70 43.72
N LYS K 102 -51.59 29.67 44.36
CA LYS K 102 -52.13 30.32 45.56
C LYS K 102 -53.46 31.04 45.31
N LEU K 103 -53.63 31.50 44.08
CA LEU K 103 -54.81 32.28 43.70
C LEU K 103 -56.12 31.52 43.83
N ASN K 104 -56.04 30.19 43.72
CA ASN K 104 -57.18 29.30 43.97
C ASN K 104 -57.78 29.58 45.34
N PHE K 105 -56.92 29.75 46.33
CA PHE K 105 -57.34 29.91 47.72
C PHE K 105 -57.69 31.36 48.07
N GLU K 106 -57.02 32.31 47.42
CA GLU K 106 -57.26 33.73 47.64
C GLU K 106 -58.55 34.21 46.99
N LEU K 107 -58.81 33.73 45.77
CA LEU K 107 -59.99 34.14 45.01
C LEU K 107 -61.23 33.29 45.32
N GLY K 108 -61.01 32.08 45.83
CA GLY K 108 -62.11 31.16 46.17
C GLY K 108 -62.77 30.53 44.95
N ILE K 109 -62.09 30.57 43.81
CA ILE K 109 -62.54 29.90 42.59
C ILE K 109 -61.38 29.14 41.95
N PRO K 110 -61.69 28.05 41.21
CA PRO K 110 -60.65 27.30 40.49
C PRO K 110 -59.87 28.16 39.51
N VAL K 111 -58.54 28.15 39.65
CA VAL K 111 -57.64 28.82 38.73
C VAL K 111 -56.88 27.73 37.99
N ILE K 112 -57.18 27.57 36.71
CA ILE K 112 -56.56 26.52 35.88
C ILE K 112 -55.26 27.04 35.29
N PHE K 113 -54.18 26.29 35.52
CA PHE K 113 -52.86 26.68 35.04
C PHE K 113 -52.72 26.52 33.53
N GLY K 114 -52.91 27.64 32.81
CA GLY K 114 -52.83 27.64 31.36
C GLY K 114 -51.58 28.30 30.82
N VAL K 115 -50.46 28.14 31.51
CA VAL K 115 -49.19 28.74 31.10
C VAL K 115 -48.22 27.69 30.54
N LEU K 116 -47.89 27.84 29.27
CA LEU K 116 -46.89 26.99 28.63
C LEU K 116 -45.50 27.49 29.00
N THR K 117 -44.65 26.56 29.44
CA THR K 117 -43.27 26.85 29.82
C THR K 117 -42.33 26.00 28.98
N CYS K 118 -42.04 26.48 27.76
CA CYS K 118 -41.30 25.70 26.77
C CYS K 118 -39.87 26.18 26.55
N LEU K 119 -39.09 25.37 25.86
CA LEU K 119 -37.70 25.71 25.52
C LEU K 119 -37.57 26.19 24.07
N THR K 120 -38.47 25.73 23.20
CA THR K 120 -38.51 26.16 21.81
C THR K 120 -39.91 26.63 21.42
N ASP K 121 -40.01 27.36 20.31
CA ASP K 121 -41.29 27.77 19.74
C ASP K 121 -42.11 26.55 19.32
N GLU K 122 -41.42 25.57 18.73
CA GLU K 122 -42.04 24.34 18.24
C GLU K 122 -42.77 23.58 19.35
N GLN K 123 -42.17 23.52 20.54
CA GLN K 123 -42.78 22.87 21.69
C GLN K 123 -44.10 23.52 22.09
N MET K 135 -51.40 22.16 20.65
CA MET K 135 -51.67 23.32 21.48
C MET K 135 -53.17 23.46 21.71
N HIS K 136 -53.94 23.22 20.67
CA HIS K 136 -55.40 23.32 20.78
C HIS K 136 -55.90 22.29 21.79
N ASN K 137 -55.35 21.08 21.73
CA ASN K 137 -55.74 20.01 22.64
C ASN K 137 -55.39 20.39 24.07
N HIS K 138 -54.23 21.01 24.23
CA HIS K 138 -53.77 21.44 25.54
C HIS K 138 -54.72 22.49 26.10
N GLY K 139 -55.17 23.38 25.23
CA GLY K 139 -56.11 24.42 25.60
C GLY K 139 -57.43 23.82 26.02
N GLU K 140 -57.90 22.77 25.32
CA GLU K 140 -59.15 22.10 25.61
C GLU K 140 -59.07 21.46 26.98
N ASP K 141 -57.88 20.89 27.26
CA ASP K 141 -57.71 20.28 28.57
C ASP K 141 -58.04 21.28 29.66
N TRP K 142 -57.55 22.47 29.55
CA TRP K 142 -57.78 23.57 30.49
C TRP K 142 -59.25 23.95 30.56
N GLY K 143 -59.95 23.81 29.42
CA GLY K 143 -61.39 24.04 29.35
C GLY K 143 -62.14 22.99 30.15
N ALA K 144 -61.78 21.72 29.92
CA ALA K 144 -62.40 20.60 30.62
C ALA K 144 -62.17 20.70 32.14
N ALA K 145 -60.96 21.07 32.52
CA ALA K 145 -60.59 21.19 33.92
C ALA K 145 -61.43 22.24 34.65
N ALA K 146 -61.58 23.41 34.03
CA ALA K 146 -62.34 24.52 34.61
C ALA K 146 -63.77 24.13 34.96
N VAL K 147 -64.44 23.44 34.03
CA VAL K 147 -65.81 22.99 34.21
C VAL K 147 -65.92 21.96 35.35
N GLU K 148 -65.03 20.97 35.35
CA GLU K 148 -65.01 19.94 36.38
C GLU K 148 -64.76 20.50 37.78
N MET K 149 -63.74 21.35 37.91
CA MET K 149 -63.35 21.91 39.21
C MET K 149 -64.43 22.83 39.80
N ALA K 150 -65.24 23.43 38.94
CA ALA K 150 -66.32 24.31 39.38
C ALA K 150 -67.60 23.54 39.73
N THR K 151 -67.62 22.23 39.44
CA THR K 151 -68.84 21.44 39.54
C THR K 151 -68.75 20.25 40.48
N LYS K 152 -67.67 19.48 40.36
CA LYS K 152 -67.51 18.18 41.03
C LYS K 152 -67.78 18.20 42.55
N PHE K 153 -67.37 19.27 43.21
CA PHE K 153 -67.40 19.33 44.67
C PHE K 153 -68.52 20.21 45.24
N ASN K 154 -69.47 20.57 44.40
CA ASN K 154 -70.58 21.42 44.80
C ASN K 154 -71.87 20.65 45.01
N LEU K 155 -72.87 21.35 45.55
CA LEU K 155 -74.19 20.77 45.82
C LEU K 155 -74.10 19.62 46.79
N MET L 1 -51.82 52.71 22.70
CA MET L 1 -52.28 53.73 23.63
C MET L 1 -53.79 53.64 23.83
N LYS L 2 -54.31 52.42 23.85
CA LYS L 2 -55.74 52.20 24.03
C LYS L 2 -56.07 52.86 25.36
N TYR L 3 -55.14 52.79 26.30
CA TYR L 3 -55.36 53.34 27.64
C TYR L 3 -54.89 54.77 27.95
N ASP L 4 -55.82 55.54 28.51
CA ASP L 4 -55.62 56.91 28.95
C ASP L 4 -54.97 56.92 30.33
N GLY L 5 -53.79 57.51 30.42
CA GLY L 5 -53.05 57.55 31.68
C GLY L 5 -52.94 58.95 32.29
N SER L 6 -53.72 59.88 31.76
CA SER L 6 -53.66 61.28 32.19
C SER L 6 -53.98 61.52 33.67
N LYS L 7 -54.87 60.70 34.20
CA LYS L 7 -55.30 60.83 35.60
C LYS L 7 -54.52 59.91 36.56
N LEU L 8 -53.40 59.37 36.08
CA LEU L 8 -52.63 58.42 36.88
C LEU L 8 -51.36 59.02 37.48
N ARG L 9 -50.94 58.47 38.62
CA ARG L 9 -49.64 58.76 39.19
C ARG L 9 -48.86 57.46 39.27
N ILE L 10 -47.72 57.41 38.58
CA ILE L 10 -46.91 56.20 38.49
C ILE L 10 -45.55 56.37 39.16
N GLY L 11 -45.23 55.44 40.05
CA GLY L 11 -43.93 55.43 40.71
C GLY L 11 -42.94 54.53 40.00
N ILE L 12 -41.70 54.99 39.93
CA ILE L 12 -40.60 54.16 39.44
C ILE L 12 -39.52 54.10 40.51
N LEU L 13 -39.28 52.90 41.02
CA LEU L 13 -38.22 52.68 41.98
C LEU L 13 -37.14 51.82 41.33
N HIS L 14 -35.93 52.37 41.20
CA HIS L 14 -34.85 51.64 40.56
C HIS L 14 -33.63 51.48 41.44
N ALA L 15 -32.91 50.38 41.23
CA ALA L 15 -31.64 50.12 41.90
C ALA L 15 -30.53 50.98 41.27
N ARG L 16 -29.36 50.99 41.90
CA ARG L 16 -28.26 51.81 41.42
C ARG L 16 -27.08 51.01 40.85
N TRP L 17 -27.10 49.69 41.02
CA TRP L 17 -26.10 48.82 40.39
C TRP L 17 -26.37 48.62 38.91
N ASN L 18 -25.32 48.59 38.10
CA ASN L 18 -25.42 48.59 36.63
C ASN L 18 -26.19 49.82 36.14
N LEU L 19 -25.72 51.00 36.54
CA LEU L 19 -26.45 52.27 36.40
C LEU L 19 -26.73 52.68 34.96
N GLU L 20 -25.76 52.44 34.07
CA GLU L 20 -25.91 52.79 32.65
C GLU L 20 -27.11 52.07 32.03
N ILE L 21 -27.27 50.79 32.37
CA ILE L 21 -28.40 49.98 31.88
C ILE L 21 -29.69 50.37 32.57
N ILE L 22 -29.61 50.59 33.89
CA ILE L 22 -30.73 51.06 34.70
C ILE L 22 -31.32 52.34 34.12
N ALA L 23 -30.46 53.34 33.87
CA ALA L 23 -30.90 54.63 33.35
C ALA L 23 -31.70 54.52 32.05
N ALA L 24 -31.25 53.64 31.15
CA ALA L 24 -31.91 53.44 29.86
C ALA L 24 -33.29 52.79 29.99
N LEU L 25 -33.41 51.82 30.90
CA LEU L 25 -34.70 51.19 31.18
C LEU L 25 -35.69 52.19 31.81
N VAL L 26 -35.20 53.01 32.73
CA VAL L 26 -36.00 54.07 33.33
C VAL L 26 -36.46 55.04 32.26
N ALA L 27 -35.52 55.48 31.41
CA ALA L 27 -35.82 56.40 30.31
C ALA L 27 -36.91 55.86 29.38
N GLY L 28 -36.87 54.56 29.11
CA GLY L 28 -37.87 53.89 28.29
C GLY L 28 -39.24 53.87 28.95
N ALA L 29 -39.27 53.53 30.23
CA ALA L 29 -40.49 53.53 31.01
C ALA L 29 -41.11 54.92 31.08
N ILE L 30 -40.27 55.92 31.35
CA ILE L 30 -40.69 57.33 31.36
C ILE L 30 -41.28 57.75 30.01
N LYS L 31 -40.61 57.36 28.92
CA LYS L 31 -41.05 57.70 27.57
C LYS L 31 -42.45 57.15 27.27
N ARG L 32 -42.65 55.85 27.47
CA ARG L 32 -43.94 55.20 27.18
C ARG L 32 -45.06 55.67 28.11
N LEU L 33 -44.72 55.91 29.39
CA LEU L 33 -45.66 56.51 30.35
C LEU L 33 -46.27 57.80 29.82
N GLN L 34 -45.41 58.71 29.35
CA GLN L 34 -45.82 60.00 28.81
C GLN L 34 -46.60 59.88 27.50
N GLU L 35 -46.32 58.83 26.73
CA GLU L 35 -47.02 58.57 25.47
C GLU L 35 -48.48 58.16 25.70
N PHE L 36 -48.75 57.56 26.84
CA PHE L 36 -50.10 57.17 27.20
C PHE L 36 -50.87 58.32 27.86
N GLY L 37 -50.19 59.44 28.08
CA GLY L 37 -50.81 60.61 28.67
C GLY L 37 -50.44 60.94 30.11
N VAL L 38 -49.61 60.13 30.73
CA VAL L 38 -49.27 60.43 32.10
C VAL L 38 -48.56 61.74 32.22
N LYS L 39 -48.90 62.49 33.25
CA LYS L 39 -48.29 63.78 33.47
C LYS L 39 -46.90 63.61 34.08
N ALA L 40 -45.96 64.41 33.63
CA ALA L 40 -44.61 64.31 34.16
C ALA L 40 -44.65 64.58 35.63
N GLU L 41 -45.47 65.53 35.99
CA GLU L 41 -45.63 65.87 37.39
C GLU L 41 -46.01 64.63 38.12
N ASN L 42 -46.60 63.66 37.43
CA ASN L 42 -47.08 62.43 38.09
C ASN L 42 -46.16 61.20 38.08
N ILE L 43 -44.97 61.35 37.52
CA ILE L 43 -44.01 60.25 37.45
C ILE L 43 -42.95 60.48 38.52
N ILE L 44 -42.99 59.65 39.56
CA ILE L 44 -42.12 59.81 40.72
C ILE L 44 -41.00 58.77 40.68
N ILE L 45 -39.77 59.25 40.56
CA ILE L 45 -38.59 58.38 40.53
C ILE L 45 -37.86 58.40 41.86
N GLU L 46 -37.61 57.22 42.41
CA GLU L 46 -36.83 57.07 43.64
C GLU L 46 -35.89 55.87 43.50
N THR L 47 -34.80 55.88 44.25
CA THR L 47 -33.76 54.86 44.12
C THR L 47 -33.55 54.02 45.39
N VAL L 48 -33.03 52.81 45.19
CA VAL L 48 -32.53 51.96 46.28
C VAL L 48 -31.12 51.45 45.89
N PRO L 49 -30.33 50.97 46.87
CA PRO L 49 -29.01 50.45 46.53
C PRO L 49 -29.05 49.31 45.51
N GLY L 50 -29.70 48.20 45.88
CA GLY L 50 -29.75 47.01 45.04
C GLY L 50 -31.13 46.43 44.87
N SER L 51 -31.21 45.37 44.06
CA SER L 51 -32.49 44.72 43.74
C SER L 51 -33.17 44.07 44.95
N PHE L 52 -32.39 43.69 45.95
CA PHE L 52 -32.95 43.08 47.14
C PHE L 52 -33.83 44.08 47.88
N GLU L 53 -33.42 45.34 47.86
CA GLU L 53 -34.14 46.41 48.57
C GLU L 53 -35.37 46.90 47.79
N LEU L 54 -35.56 46.39 46.57
CA LEU L 54 -36.70 46.79 45.73
C LEU L 54 -38.08 46.49 46.33
N PRO L 55 -38.31 45.23 46.76
CA PRO L 55 -39.62 44.90 47.35
C PRO L 55 -40.01 45.77 48.55
N TYR L 56 -39.15 45.85 49.58
CA TYR L 56 -39.47 46.64 50.76
C TYR L 56 -39.40 48.13 50.51
N GLY L 57 -38.50 48.54 49.62
CA GLY L 57 -38.42 49.93 49.17
C GLY L 57 -39.72 50.37 48.54
N SER L 58 -40.30 49.48 47.74
CA SER L 58 -41.58 49.74 47.08
C SER L 58 -42.69 50.00 48.10
N LYS L 59 -42.77 49.18 49.15
CA LYS L 59 -43.76 49.39 50.21
C LYS L 59 -43.55 50.72 50.92
N LEU L 60 -42.30 51.02 51.28
CA LEU L 60 -41.98 52.28 51.96
C LEU L 60 -42.27 53.48 51.07
N PHE L 61 -42.01 53.33 49.78
CA PHE L 61 -42.28 54.35 48.77
C PHE L 61 -43.80 54.59 48.65
N VAL L 62 -44.56 53.50 48.53
CA VAL L 62 -46.03 53.56 48.47
C VAL L 62 -46.64 54.20 49.72
N GLU L 63 -46.17 53.78 50.90
CA GLU L 63 -46.64 54.34 52.17
C GLU L 63 -46.33 55.83 52.30
N LYS L 64 -45.13 56.22 51.89
CA LYS L 64 -44.71 57.63 51.90
C LYS L 64 -45.61 58.49 51.00
N GLN L 65 -45.91 57.98 49.82
CA GLN L 65 -46.75 58.69 48.85
C GLN L 65 -48.19 58.86 49.34
N LYS L 66 -48.66 57.91 50.15
CA LYS L 66 -49.96 58.02 50.81
C LYS L 66 -49.97 59.13 51.85
N ARG L 67 -48.93 59.19 52.66
CA ARG L 67 -48.84 60.22 53.69
C ARG L 67 -48.83 61.59 53.03
N LEU L 68 -48.12 61.70 51.90
CA LEU L 68 -47.98 62.97 51.21
C LEU L 68 -49.29 63.42 50.56
N GLY L 69 -50.27 62.54 50.53
CA GLY L 69 -51.55 62.81 49.90
C GLY L 69 -51.49 62.70 48.38
N LYS L 70 -50.47 61.98 47.90
CA LYS L 70 -50.30 61.77 46.46
C LYS L 70 -50.04 60.30 46.18
N PRO L 71 -51.11 59.46 46.26
CA PRO L 71 -50.97 58.02 46.17
C PRO L 71 -50.57 57.57 44.77
N LEU L 72 -49.77 56.52 44.70
CA LEU L 72 -49.39 55.91 43.43
C LEU L 72 -50.50 54.99 42.97
N ASP L 73 -50.74 54.96 41.66
CA ASP L 73 -51.73 54.07 41.07
C ASP L 73 -51.09 52.75 40.63
N ALA L 74 -49.80 52.81 40.34
CA ALA L 74 -48.99 51.63 40.04
C ALA L 74 -47.52 51.93 40.32
N ILE L 75 -46.70 50.88 40.35
CA ILE L 75 -45.28 51.04 40.59
C ILE L 75 -44.46 50.10 39.69
N ILE L 76 -43.31 50.59 39.22
CA ILE L 76 -42.40 49.81 38.41
C ILE L 76 -41.03 49.72 39.12
N PRO L 77 -40.78 48.60 39.83
CA PRO L 77 -39.46 48.36 40.40
C PRO L 77 -38.48 47.88 39.33
N ILE L 78 -37.40 48.63 39.15
CA ILE L 78 -36.44 48.33 38.08
C ILE L 78 -35.08 47.92 38.65
N GLY L 79 -34.62 46.74 38.23
CA GLY L 79 -33.32 46.22 38.65
C GLY L 79 -32.63 45.49 37.53
N VAL L 80 -31.29 45.50 37.57
CA VAL L 80 -30.48 44.77 36.59
C VAL L 80 -29.57 43.80 37.32
N LEU L 81 -29.76 42.55 37.19
CA LEU L 81 -28.93 41.54 37.82
C LEU L 81 -28.25 40.70 36.76
N ILE L 82 -26.97 40.61 36.80
CA ILE L 82 -26.12 39.85 35.89
C ILE L 82 -25.43 38.71 36.67
N LYS L 83 -25.41 37.53 36.08
CA LYS L 83 -24.79 36.36 36.68
C LYS L 83 -23.29 36.57 36.91
N CYS L 93 -31.57 36.30 43.28
CA CYS L 93 -32.66 37.04 42.63
C CYS L 93 -34.01 36.32 42.49
N ASP L 94 -33.99 34.99 42.53
CA ASP L 94 -35.23 34.24 42.36
C ASP L 94 -36.26 34.61 43.42
N SER L 95 -35.80 34.81 44.65
CA SER L 95 -36.70 35.18 45.73
C SER L 95 -37.34 36.54 45.42
N THR L 96 -36.50 37.45 44.88
CA THR L 96 -36.94 38.80 44.53
C THR L 96 -38.17 38.82 43.60
N THR L 97 -38.18 37.95 42.58
CA THR L 97 -39.29 37.88 41.67
C THR L 97 -40.49 37.47 42.48
N HIS L 98 -40.25 36.69 43.52
CA HIS L 98 -41.39 36.22 44.33
C HIS L 98 -42.04 37.30 45.19
N GLN L 99 -41.25 38.17 45.81
CA GLN L 99 -41.78 39.26 46.61
C GLN L 99 -42.47 40.33 45.79
N LEU L 100 -41.89 40.67 44.64
CA LEU L 100 -42.49 41.66 43.74
C LEU L 100 -43.85 41.16 43.24
N MET L 101 -43.93 39.85 42.97
CA MET L 101 -45.19 39.21 42.58
C MET L 101 -46.24 39.34 43.68
N LYS L 102 -45.88 38.94 44.90
CA LYS L 102 -46.76 39.04 46.07
C LYS L 102 -47.16 40.46 46.43
N LEU L 103 -46.29 41.42 46.08
CA LEU L 103 -46.49 42.83 46.42
C LEU L 103 -47.72 43.45 45.76
N ASN L 104 -48.12 42.90 44.61
CA ASN L 104 -49.36 43.27 43.94
C ASN L 104 -50.54 43.18 44.89
N PHE L 105 -50.58 42.09 45.65
CA PHE L 105 -51.70 41.79 46.54
C PHE L 105 -51.59 42.48 47.90
N GLU L 106 -50.35 42.67 48.36
CA GLU L 106 -50.09 43.33 49.64
C GLU L 106 -50.29 44.84 49.57
N LEU L 107 -49.85 45.45 48.46
CA LEU L 107 -49.95 46.90 48.28
C LEU L 107 -51.27 47.34 47.66
N GLY L 108 -51.94 46.43 46.98
CA GLY L 108 -53.22 46.72 46.33
C GLY L 108 -53.10 47.57 45.07
N ILE L 109 -51.89 47.64 44.53
CA ILE L 109 -51.64 48.32 43.25
C ILE L 109 -50.76 47.43 42.34
N PRO L 110 -50.90 47.59 41.00
CA PRO L 110 -50.07 46.84 40.07
C PRO L 110 -48.57 47.08 40.28
N VAL L 111 -47.83 46.00 40.45
CA VAL L 111 -46.38 46.03 40.55
C VAL L 111 -45.83 45.36 39.30
N ILE L 112 -45.24 46.18 38.41
CA ILE L 112 -44.71 45.68 37.15
C ILE L 112 -43.28 45.19 37.32
N PHE L 113 -43.05 43.95 36.93
CA PHE L 113 -41.73 43.33 37.08
C PHE L 113 -40.70 43.92 36.11
N GLY L 114 -39.91 44.86 36.61
CA GLY L 114 -38.89 45.53 35.80
C GLY L 114 -37.47 45.11 36.13
N VAL L 115 -37.29 43.83 36.48
CA VAL L 115 -35.97 43.32 36.84
C VAL L 115 -35.39 42.43 35.74
N LEU L 116 -34.27 42.87 35.16
CA LEU L 116 -33.55 42.07 34.19
C LEU L 116 -32.70 41.02 34.91
N THR L 117 -32.81 39.77 34.45
CA THR L 117 -32.06 38.66 35.02
C THR L 117 -31.23 38.00 33.91
N CYS L 118 -30.06 38.57 33.65
CA CYS L 118 -29.24 38.18 32.50
C CYS L 118 -27.99 37.40 32.88
N LEU L 119 -27.35 36.81 31.89
CA LEU L 119 -26.11 36.07 32.08
C LEU L 119 -24.89 36.88 31.67
N THR L 120 -25.06 37.81 30.74
CA THR L 120 -24.00 38.71 30.31
C THR L 120 -24.45 40.17 30.36
N ASP L 121 -23.49 41.09 30.33
CA ASP L 121 -23.78 42.52 30.26
C ASP L 121 -24.50 42.86 28.95
N GLU L 122 -24.05 42.22 27.86
CA GLU L 122 -24.61 42.42 26.52
C GLU L 122 -26.11 42.13 26.47
N GLN L 123 -26.53 41.05 27.13
CA GLN L 123 -27.94 40.67 27.20
C GLN L 123 -28.79 41.75 27.86
N MET L 135 -33.03 47.49 25.37
CA MET L 135 -33.30 47.76 26.78
C MET L 135 -34.36 48.85 26.91
N HIS L 136 -34.27 49.86 26.07
CA HIS L 136 -35.24 50.95 26.10
C HIS L 136 -36.62 50.42 25.78
N ASN L 137 -36.70 49.53 24.79
CA ASN L 137 -37.97 48.93 24.40
C ASN L 137 -38.56 48.11 25.55
N HIS L 138 -37.67 47.39 26.23
CA HIS L 138 -38.06 46.57 27.36
C HIS L 138 -38.63 47.45 28.45
N GLY L 139 -38.00 48.59 28.67
CA GLY L 139 -38.44 49.55 29.66
C GLY L 139 -39.80 50.11 29.30
N GLU L 140 -40.04 50.39 28.01
CA GLU L 140 -41.30 50.92 27.52
C GLU L 140 -42.41 49.91 27.78
N ASP L 141 -42.05 48.63 27.56
CA ASP L 141 -43.04 47.59 27.80
C ASP L 141 -43.59 47.72 29.21
N TRP L 142 -42.73 47.91 30.17
CA TRP L 142 -43.08 48.06 31.58
C TRP L 142 -43.92 49.31 31.83
N GLY L 143 -43.67 50.38 31.01
CA GLY L 143 -44.45 51.59 31.05
C GLY L 143 -45.86 51.34 30.59
N ALA L 144 -45.99 50.67 29.45
CA ALA L 144 -47.29 50.32 28.86
C ALA L 144 -48.11 49.44 29.80
N ALA L 145 -47.44 48.47 30.43
CA ALA L 145 -48.08 47.54 31.35
C ALA L 145 -48.69 48.26 32.55
N ALA L 146 -47.92 49.17 33.16
CA ALA L 146 -48.34 49.91 34.34
C ALA L 146 -49.65 50.67 34.11
N VAL L 147 -49.73 51.36 32.97
CA VAL L 147 -50.91 52.14 32.58
C VAL L 147 -52.13 51.24 32.38
N GLU L 148 -51.95 50.15 31.63
CA GLU L 148 -53.03 49.20 31.36
C GLU L 148 -53.57 48.54 32.63
N MET L 149 -52.66 48.04 33.48
CA MET L 149 -53.06 47.33 34.70
C MET L 149 -53.78 48.23 35.71
N ALA L 150 -53.49 49.53 35.66
CA ALA L 150 -54.12 50.52 36.54
C ALA L 150 -55.48 51.00 36.02
N THR L 151 -55.82 50.63 34.78
CA THR L 151 -56.97 51.19 34.09
C THR L 151 -58.00 50.15 33.64
N LYS L 152 -57.54 49.08 33.01
CA LYS L 152 -58.39 48.09 32.35
C LYS L 152 -59.55 47.56 33.19
N PHE L 153 -59.31 47.35 34.48
CA PHE L 153 -60.28 46.67 35.35
C PHE L 153 -61.02 47.60 36.32
N ASN L 154 -60.93 48.91 36.07
CA ASN L 154 -61.58 49.86 36.93
C ASN L 154 -63.02 50.04 36.55
N LEU L 155 -63.80 50.72 37.28
CA LEU L 155 -65.21 50.90 36.97
C LEU L 155 -65.51 52.39 36.87
N GLU L 156 -64.71 53.08 36.07
CA GLU L 156 -64.84 54.51 35.86
C GLU L 156 -66.30 54.93 35.72
N TYR M 3 -24.00 28.15 77.73
CA TYR M 3 -25.42 28.05 77.47
C TYR M 3 -26.05 27.00 78.38
N ASP M 4 -26.74 27.46 79.42
CA ASP M 4 -27.33 26.56 80.39
C ASP M 4 -28.66 26.04 79.87
N GLY M 5 -28.76 24.73 79.70
CA GLY M 5 -29.97 24.09 79.18
C GLY M 5 -30.74 23.26 80.18
N SER M 6 -30.38 23.41 81.46
CA SER M 6 -30.96 22.60 82.53
C SER M 6 -32.48 22.78 82.70
N LYS M 7 -32.97 23.98 82.43
CA LYS M 7 -34.38 24.29 82.56
C LYS M 7 -35.17 24.15 81.25
N LEU M 8 -34.58 23.49 80.27
CA LEU M 8 -35.20 23.37 78.95
C LEU M 8 -35.78 21.98 78.69
N ARG M 9 -36.81 21.95 77.84
CA ARG M 9 -37.35 20.70 77.31
C ARG M 9 -37.21 20.75 75.80
N ILE M 10 -36.45 19.79 75.24
CA ILE M 10 -36.16 19.77 73.81
C ILE M 10 -36.77 18.54 73.15
N GLY M 11 -37.51 18.78 72.06
CA GLY M 11 -38.10 17.71 71.28
C GLY M 11 -37.22 17.35 70.09
N ILE M 12 -37.13 16.05 69.81
CA ILE M 12 -36.47 15.56 68.61
C ILE M 12 -37.47 14.71 67.84
N LEU M 13 -37.79 15.16 66.64
CA LEU M 13 -38.65 14.40 65.74
C LEU M 13 -37.84 13.94 64.55
N HIS M 14 -37.71 12.63 64.38
CA HIS M 14 -36.92 12.10 63.28
C HIS M 14 -37.69 11.17 62.37
N ALA M 15 -37.30 11.15 61.10
CA ALA M 15 -37.85 10.23 60.11
C ALA M 15 -37.28 8.83 60.31
N ARG M 16 -37.83 7.85 59.61
CA ARG M 16 -37.38 6.46 59.77
C ARG M 16 -36.64 5.89 58.55
N TRP M 17 -36.65 6.63 57.44
CA TRP M 17 -35.86 6.23 56.27
C TRP M 17 -34.39 6.57 56.45
N ASN M 18 -33.52 5.67 55.98
CA ASN M 18 -32.07 5.74 56.23
C ASN M 18 -31.78 5.71 57.73
N LEU M 19 -32.30 4.68 58.41
CA LEU M 19 -32.36 4.62 59.87
C LEU M 19 -31.01 4.60 60.57
N GLU M 20 -30.04 3.91 59.98
CA GLU M 20 -28.70 3.81 60.53
C GLU M 20 -28.06 5.20 60.67
N ILE M 21 -28.24 6.04 59.64
CA ILE M 21 -27.71 7.41 59.65
C ILE M 21 -28.54 8.30 60.56
N ILE M 22 -29.86 8.13 60.50
CA ILE M 22 -30.80 8.84 61.39
C ILE M 22 -30.41 8.64 62.86
N ALA M 23 -30.23 7.38 63.26
CA ALA M 23 -29.91 7.04 64.65
C ALA M 23 -28.66 7.74 65.16
N ALA M 24 -27.63 7.82 64.32
CA ALA M 24 -26.36 8.47 64.68
C ALA M 24 -26.50 9.98 64.87
N LEU M 25 -27.28 10.62 64.00
CA LEU M 25 -27.57 12.05 64.11
C LEU M 25 -28.37 12.37 65.38
N VAL M 26 -29.36 11.52 65.68
CA VAL M 26 -30.14 11.63 66.92
C VAL M 26 -29.22 11.49 68.13
N ALA M 27 -28.38 10.45 68.11
CA ALA M 27 -27.43 10.18 69.17
C ALA M 27 -26.50 11.37 69.44
N GLY M 28 -26.06 12.03 68.37
CA GLY M 28 -25.22 13.23 68.46
C GLY M 28 -25.96 14.40 69.08
N ALA M 29 -27.18 14.62 68.63
CA ALA M 29 -28.04 15.67 69.18
C ALA M 29 -28.30 15.45 70.67
N ILE M 30 -28.66 14.20 71.02
CA ILE M 30 -28.88 13.80 72.41
C ILE M 30 -27.62 14.05 73.26
N LYS M 31 -26.46 13.67 72.73
CA LYS M 31 -25.18 13.85 73.43
C LYS M 31 -24.90 15.31 73.78
N ARG M 32 -24.94 16.18 72.77
CA ARG M 32 -24.66 17.60 72.95
C ARG M 32 -25.72 18.31 73.83
N LEU M 33 -26.98 17.92 73.67
CA LEU M 33 -28.06 18.41 74.53
C LEU M 33 -27.74 18.21 76.00
N GLN M 34 -27.35 16.99 76.37
CA GLN M 34 -26.99 16.64 77.74
C GLN M 34 -25.73 17.33 78.24
N GLU M 35 -24.81 17.65 77.32
CA GLU M 35 -23.57 18.37 77.65
C GLU M 35 -23.84 19.82 78.06
N PHE M 36 -24.92 20.39 77.55
CA PHE M 36 -25.29 21.75 77.90
C PHE M 36 -26.15 21.79 79.18
N GLY M 37 -26.46 20.61 79.70
CA GLY M 37 -27.23 20.51 80.95
C GLY M 37 -28.66 20.05 80.81
N VAL M 38 -29.14 19.81 79.61
CA VAL M 38 -30.52 19.39 79.47
C VAL M 38 -30.76 18.08 80.16
N LYS M 39 -31.79 18.03 80.99
CA LYS M 39 -32.10 16.79 81.68
C LYS M 39 -32.64 15.79 80.71
N ALA M 40 -32.35 14.53 80.94
CA ALA M 40 -32.80 13.45 80.08
C ALA M 40 -34.30 13.38 80.09
N GLU M 41 -34.87 13.71 81.22
CA GLU M 41 -36.29 13.65 81.37
C GLU M 41 -36.88 14.59 80.35
N ASN M 42 -36.14 15.62 80.00
CA ASN M 42 -36.63 16.62 79.06
C ASN M 42 -36.27 16.48 77.59
N ILE M 43 -35.73 15.35 77.20
CA ILE M 43 -35.46 15.12 75.78
C ILE M 43 -36.50 14.13 75.25
N ILE M 44 -37.42 14.63 74.45
CA ILE M 44 -38.54 13.83 73.95
C ILE M 44 -38.31 13.44 72.49
N ILE M 45 -38.16 12.14 72.25
CA ILE M 45 -37.96 11.62 70.89
C ILE M 45 -39.24 11.01 70.34
N GLU M 46 -39.62 11.46 69.15
CA GLU M 46 -40.76 10.90 68.43
C GLU M 46 -40.41 10.75 66.95
N THR M 47 -41.11 9.84 66.28
CA THR M 47 -40.78 9.52 64.88
C THR M 47 -41.91 9.81 63.90
N VAL M 48 -41.53 10.01 62.63
CA VAL M 48 -42.48 10.06 61.51
C VAL M 48 -41.95 9.16 60.40
N PRO M 49 -42.81 8.75 59.43
CA PRO M 49 -42.32 7.92 58.33
C PRO M 49 -41.17 8.56 57.54
N GLY M 50 -41.45 9.70 56.91
CA GLY M 50 -40.46 10.38 56.08
C GLY M 50 -40.30 11.85 56.35
N SER M 51 -39.37 12.47 55.63
CA SER M 51 -39.06 13.89 55.80
C SER M 51 -40.22 14.84 55.46
N PHE M 52 -41.10 14.39 54.59
CA PHE M 52 -42.24 15.21 54.22
C PHE M 52 -43.15 15.42 55.42
N GLU M 53 -43.28 14.41 56.25
CA GLU M 53 -44.14 14.45 57.43
C GLU M 53 -43.50 15.21 58.60
N LEU M 54 -42.25 15.62 58.45
CA LEU M 54 -41.54 16.35 59.52
C LEU M 54 -42.18 17.69 59.92
N PRO M 55 -42.46 18.58 58.93
CA PRO M 55 -43.08 19.87 59.28
C PRO M 55 -44.40 19.73 60.04
N TYR M 56 -45.37 18.99 59.51
CA TYR M 56 -46.67 18.86 60.17
C TYR M 56 -46.60 17.99 61.41
N GLY M 57 -45.71 17.00 61.40
CA GLY M 57 -45.44 16.17 62.55
C GLY M 57 -44.95 17.03 63.71
N SER M 58 -44.09 17.97 63.40
CA SER M 58 -43.54 18.90 64.40
C SER M 58 -44.65 19.72 65.07
N LYS M 59 -45.59 20.23 64.28
CA LYS M 59 -46.72 20.98 64.83
C LYS M 59 -47.59 20.10 65.74
N LEU M 60 -47.90 18.90 65.27
CA LEU M 60 -48.71 17.95 66.05
C LEU M 60 -48.00 17.54 67.33
N PHE M 61 -46.69 17.37 67.23
CA PHE M 61 -45.82 17.06 68.37
C PHE M 61 -45.84 18.19 69.40
N VAL M 62 -45.63 19.41 68.93
CA VAL M 62 -45.67 20.62 69.77
C VAL M 62 -47.01 20.81 70.46
N GLU M 63 -48.10 20.65 69.68
CA GLU M 63 -49.46 20.78 70.23
C GLU M 63 -49.76 19.72 71.29
N LYS M 64 -49.32 18.48 71.03
CA LYS M 64 -49.48 17.37 71.98
C LYS M 64 -48.77 17.65 73.30
N GLN M 65 -47.53 18.16 73.20
CA GLN M 65 -46.72 18.47 74.37
C GLN M 65 -47.33 19.59 75.22
N LYS M 66 -48.03 20.52 74.57
CA LYS M 66 -48.77 21.57 75.26
C LYS M 66 -49.95 21.00 76.05
N ARG M 67 -50.70 20.10 75.43
CA ARG M 67 -51.83 19.51 76.11
C ARG M 67 -51.36 18.72 77.32
N LEU M 68 -50.21 18.06 77.18
CA LEU M 68 -49.68 17.23 78.26
C LEU M 68 -49.16 18.08 79.44
N GLY M 69 -49.09 19.39 79.23
CA GLY M 69 -48.56 20.31 80.24
C GLY M 69 -47.06 20.29 80.31
N LYS M 70 -46.42 19.82 79.25
CA LYS M 70 -44.96 19.76 79.17
C LYS M 70 -44.47 20.34 77.85
N PRO M 71 -44.52 21.68 77.72
CA PRO M 71 -44.24 22.33 76.44
C PRO M 71 -42.77 22.22 76.05
N LEU M 72 -42.53 22.11 74.76
CA LEU M 72 -41.17 22.10 74.23
C LEU M 72 -40.66 23.53 74.11
N ASP M 73 -39.37 23.71 74.39
CA ASP M 73 -38.74 25.02 74.27
C ASP M 73 -38.10 25.18 72.90
N ALA M 74 -37.74 24.05 72.29
CA ALA M 74 -37.25 24.00 70.91
C ALA M 74 -37.47 22.62 70.34
N ILE M 75 -37.33 22.48 69.02
CA ILE M 75 -37.50 21.20 68.35
C ILE M 75 -36.44 21.01 67.26
N ILE M 76 -35.97 19.77 67.13
CA ILE M 76 -35.01 19.41 66.08
C ILE M 76 -35.62 18.31 65.19
N PRO M 77 -36.18 18.72 64.03
CA PRO M 77 -36.62 17.75 63.03
C PRO M 77 -35.44 17.17 62.27
N ILE M 78 -35.29 15.85 62.33
CA ILE M 78 -34.15 15.18 61.72
C ILE M 78 -34.57 14.27 60.56
N GLY M 79 -33.98 14.50 59.39
CA GLY M 79 -34.25 13.70 58.21
C GLY M 79 -33.01 13.49 57.37
N VAL M 80 -32.96 12.36 56.67
CA VAL M 80 -31.86 12.05 55.77
C VAL M 80 -32.41 11.81 54.37
N LEU M 81 -32.12 12.66 53.44
CA LEU M 81 -32.58 12.51 52.07
C LEU M 81 -31.37 12.39 51.15
N ILE M 82 -31.33 11.34 50.38
CA ILE M 82 -30.28 11.02 49.41
C ILE M 82 -30.87 11.06 48.00
N LYS M 83 -30.14 11.67 47.09
CA LYS M 83 -30.56 11.78 45.70
C LYS M 83 -30.72 10.40 45.04
N CYS M 93 -37.47 17.66 48.36
CA CYS M 93 -36.98 18.16 49.65
C CYS M 93 -36.84 19.68 49.79
N ASP M 94 -36.71 20.39 48.68
CA ASP M 94 -36.53 21.84 48.73
C ASP M 94 -37.69 22.51 49.44
N SER M 95 -38.91 22.05 49.19
CA SER M 95 -40.08 22.62 49.84
C SER M 95 -39.97 22.42 51.35
N THR M 96 -39.52 21.20 51.74
CA THR M 96 -39.36 20.82 53.14
C THR M 96 -38.52 21.83 53.94
N THR M 97 -37.41 22.31 53.38
CA THR M 97 -36.56 23.27 54.04
C THR M 97 -37.38 24.51 54.22
N HIS M 98 -38.32 24.74 53.30
CA HIS M 98 -39.14 25.96 53.39
C HIS M 98 -40.15 25.95 54.53
N GLN M 99 -40.81 24.83 54.74
CA GLN M 99 -41.77 24.71 55.84
C GLN M 99 -41.13 24.69 57.21
N LEU M 100 -40.00 24.01 57.33
CA LEU M 100 -39.27 23.97 58.60
C LEU M 100 -38.80 25.37 58.99
N MET M 101 -38.36 26.14 57.98
CA MET M 101 -37.98 27.53 58.17
C MET M 101 -39.15 28.37 58.70
N LYS M 102 -40.31 28.29 57.99
CA LYS M 102 -41.55 29.00 58.37
C LYS M 102 -42.09 28.58 59.73
N LEU M 103 -41.79 27.34 60.12
CA LEU M 103 -42.30 26.75 61.36
C LEU M 103 -41.82 27.44 62.62
N ASN M 104 -40.62 28.05 62.54
CA ASN M 104 -40.09 28.88 63.60
C ASN M 104 -41.10 29.95 64.03
N PHE M 105 -41.72 30.58 63.04
CA PHE M 105 -42.62 31.70 63.26
C PHE M 105 -44.04 31.25 63.59
N GLU M 106 -44.45 30.12 63.03
CA GLU M 106 -45.79 29.58 63.26
C GLU M 106 -45.92 28.92 64.63
N LEU M 107 -44.87 28.20 65.06
CA LEU M 107 -44.88 27.50 66.34
C LEU M 107 -44.41 28.37 67.50
N GLY M 108 -43.64 29.41 67.20
CA GLY M 108 -43.11 30.32 68.22
C GLY M 108 -41.98 29.73 69.04
N ILE M 109 -41.36 28.68 68.53
CA ILE M 109 -40.17 28.08 69.13
C ILE M 109 -39.11 27.80 68.05
N PRO M 110 -37.82 27.82 68.43
CA PRO M 110 -36.74 27.49 67.49
C PRO M 110 -36.90 26.10 66.87
N VAL M 111 -36.89 26.07 65.54
CA VAL M 111 -36.90 24.83 64.78
C VAL M 111 -35.54 24.71 64.11
N ILE M 112 -34.73 23.76 64.58
CA ILE M 112 -33.39 23.56 64.07
C ILE M 112 -33.41 22.61 62.86
N PHE M 113 -32.84 23.07 61.74
CA PHE M 113 -32.83 22.31 60.51
C PHE M 113 -31.88 21.11 60.59
N GLY M 114 -32.45 19.94 60.89
CA GLY M 114 -31.68 18.72 61.00
C GLY M 114 -31.86 17.74 59.85
N VAL M 115 -32.05 18.29 58.65
CA VAL M 115 -32.26 17.46 57.46
C VAL M 115 -31.01 17.44 56.56
N LEU M 116 -30.44 16.25 56.39
CA LEU M 116 -29.33 16.05 55.47
C LEU M 116 -29.86 15.92 54.05
N THR M 117 -29.26 16.68 53.14
CA THR M 117 -29.64 16.65 51.72
C THR M 117 -28.41 16.29 50.89
N CYS M 118 -28.15 14.98 50.78
CA CYS M 118 -26.92 14.49 50.17
C CYS M 118 -27.12 13.86 48.80
N LEU M 119 -26.02 13.63 48.09
CA LEU M 119 -26.04 12.98 46.79
C LEU M 119 -25.66 11.50 46.86
N THR M 120 -24.87 11.15 47.87
CA THR M 120 -24.48 9.75 48.12
C THR M 120 -24.74 9.36 49.57
N ASP M 121 -24.77 8.05 49.82
CA ASP M 121 -24.88 7.51 51.18
C ASP M 121 -23.68 7.93 52.03
N GLU M 122 -22.50 7.88 51.41
CA GLU M 122 -21.23 8.23 52.05
C GLU M 122 -21.24 9.64 52.62
N GLN M 123 -21.79 10.58 51.86
CA GLN M 123 -21.90 11.97 52.28
C GLN M 123 -22.73 12.12 53.55
N ALA M 124 -23.84 11.38 53.60
CA ALA M 124 -24.71 11.38 54.77
C ALA M 124 -24.01 10.73 55.96
N MET M 135 -21.25 12.55 60.94
CA MET M 135 -22.69 12.66 61.13
C MET M 135 -23.02 12.97 62.58
N HIS M 136 -22.30 12.33 63.50
CA HIS M 136 -22.53 12.57 64.91
C HIS M 136 -22.23 14.02 65.25
N ASN M 137 -21.15 14.54 64.69
CA ASN M 137 -20.76 15.92 64.92
C ASN M 137 -21.83 16.87 64.40
N HIS M 138 -22.37 16.52 63.23
CA HIS M 138 -23.41 17.32 62.59
C HIS M 138 -24.63 17.35 63.49
N GLY M 139 -24.95 16.20 64.08
CA GLY M 139 -26.07 16.07 64.96
C GLY M 139 -25.87 16.91 66.21
N GLU M 140 -24.64 16.94 66.75
CA GLU M 140 -24.30 17.71 67.94
C GLU M 140 -24.50 19.19 67.65
N ASP M 141 -24.11 19.58 66.42
CA ASP M 141 -24.27 20.97 66.05
C ASP M 141 -25.72 21.38 66.26
N TRP M 142 -26.64 20.58 65.83
CA TRP M 142 -28.08 20.81 65.95
C TRP M 142 -28.52 20.85 67.40
N GLY M 143 -27.84 20.04 68.25
CA GLY M 143 -28.08 20.05 69.69
C GLY M 143 -27.66 21.37 70.31
N ALA M 144 -26.46 21.82 69.97
CA ALA M 144 -25.92 23.09 70.46
C ALA M 144 -26.79 24.27 70.03
N ALA M 145 -27.24 24.24 68.78
CA ALA M 145 -28.08 25.30 68.22
C ALA M 145 -29.39 25.44 68.97
N ALA M 146 -30.06 24.30 69.24
CA ALA M 146 -31.35 24.29 69.92
C ALA M 146 -31.29 24.97 71.29
N VAL M 147 -30.26 24.66 72.06
CA VAL M 147 -30.05 25.22 73.39
C VAL M 147 -29.81 26.74 73.32
N GLU M 148 -28.91 27.16 72.42
CA GLU M 148 -28.59 28.57 72.24
C GLU M 148 -29.81 29.40 71.81
N MET M 149 -30.52 28.92 70.79
CA MET M 149 -31.67 29.66 70.25
C MET M 149 -32.83 29.80 71.24
N ALA M 150 -32.91 28.86 72.18
CA ALA M 150 -33.95 28.88 73.22
C ALA M 150 -33.58 29.75 74.42
N THR M 151 -32.33 30.22 74.45
CA THR M 151 -31.78 30.86 75.64
C THR M 151 -31.27 32.29 75.39
N LYS M 152 -30.49 32.46 74.33
CA LYS M 152 -29.76 33.71 74.05
C LYS M 152 -30.59 34.98 74.12
N PHE M 153 -31.83 34.92 73.63
CA PHE M 153 -32.66 36.11 73.47
C PHE M 153 -33.79 36.25 74.52
N ASN M 154 -33.70 35.47 75.58
CA ASN M 154 -34.71 35.52 76.60
C ASN M 154 -34.44 36.62 77.58
N LEU M 155 -35.36 36.83 78.51
CA LEU M 155 -35.23 37.88 79.52
C LEU M 155 -33.82 37.91 80.09
N LYS N 2 -23.49 60.48 52.84
CA LYS N 2 -24.70 60.39 52.03
C LYS N 2 -25.94 60.70 52.86
N TYR N 3 -26.28 59.81 53.79
CA TYR N 3 -27.46 60.00 54.62
C TYR N 3 -27.02 60.19 56.08
N ASP N 4 -27.91 60.71 56.93
CA ASP N 4 -27.51 60.91 58.30
C ASP N 4 -28.01 59.74 59.15
N GLY N 5 -27.08 59.02 59.77
CA GLY N 5 -27.43 57.85 60.58
C GLY N 5 -27.21 58.04 62.08
N SER N 6 -26.97 59.28 62.49
CA SER N 6 -26.65 59.61 63.88
C SER N 6 -27.74 59.22 64.89
N LYS N 7 -29.00 59.29 64.45
CA LYS N 7 -30.13 58.99 65.32
C LYS N 7 -30.64 57.55 65.17
N LEU N 8 -29.83 56.69 64.54
CA LEU N 8 -30.23 55.32 64.27
C LEU N 8 -29.58 54.30 65.19
N ARG N 9 -30.27 53.20 65.41
CA ARG N 9 -29.71 52.02 66.09
C ARG N 9 -29.77 50.85 65.12
N ILE N 10 -28.60 50.32 64.79
CA ILE N 10 -28.51 49.23 63.79
C ILE N 10 -28.01 47.94 64.43
N GLY N 11 -28.76 46.86 64.19
CA GLY N 11 -28.37 45.54 64.65
C GLY N 11 -27.64 44.76 63.59
N ILE N 12 -26.61 44.02 64.01
CA ILE N 12 -25.91 43.10 63.14
C ILE N 12 -25.95 41.71 63.78
N LEU N 13 -26.61 40.78 63.10
CA LEU N 13 -26.66 39.40 63.54
C LEU N 13 -25.87 38.55 62.56
N HIS N 14 -24.80 37.91 63.03
CA HIS N 14 -23.97 37.10 62.14
C HIS N 14 -23.83 35.66 62.61
N ALA N 15 -23.66 34.76 61.64
CA ALA N 15 -23.40 33.36 61.89
C ALA N 15 -21.94 33.17 62.32
N ARG N 16 -21.59 31.97 62.79
CA ARG N 16 -20.25 31.70 63.26
C ARG N 16 -19.43 30.76 62.38
N TRP N 17 -20.09 30.15 61.38
CA TRP N 17 -19.37 29.32 60.40
C TRP N 17 -18.67 30.19 59.36
N ASN N 18 -17.47 29.77 58.97
CA ASN N 18 -16.56 30.57 58.12
C ASN N 18 -16.25 31.92 58.79
N LEU N 19 -15.74 31.83 60.02
CA LEU N 19 -15.61 32.99 60.91
C LEU N 19 -14.66 34.09 60.43
N GLU N 20 -13.57 33.70 59.79
CA GLU N 20 -12.59 34.64 59.26
C GLU N 20 -13.24 35.58 58.24
N ILE N 21 -14.07 35.01 57.37
CA ILE N 21 -14.77 35.78 56.34
C ILE N 21 -15.92 36.58 56.96
N ILE N 22 -16.64 35.95 57.89
CA ILE N 22 -17.71 36.60 58.64
C ILE N 22 -17.19 37.87 59.33
N ALA N 23 -16.08 37.76 60.06
CA ALA N 23 -15.51 38.87 60.80
C ALA N 23 -15.21 40.08 59.91
N ALA N 24 -14.68 39.83 58.72
CA ALA N 24 -14.33 40.90 57.77
C ALA N 24 -15.56 41.62 57.21
N LEU N 25 -16.62 40.86 56.92
CA LEU N 25 -17.88 41.44 56.46
C LEU N 25 -18.53 42.29 57.56
N VAL N 26 -18.49 41.80 58.80
CA VAL N 26 -18.98 42.56 59.96
C VAL N 26 -18.18 43.85 60.10
N ALA N 27 -16.85 43.72 60.05
CA ALA N 27 -15.96 44.88 60.15
C ALA N 27 -16.25 45.95 59.11
N GLY N 28 -16.56 45.51 57.88
CA GLY N 28 -16.93 46.41 56.79
C GLY N 28 -18.25 47.12 57.04
N ALA N 29 -19.24 46.36 57.49
CA ALA N 29 -20.54 46.91 57.84
C ALA N 29 -20.42 47.93 58.97
N ILE N 30 -19.68 47.57 60.01
CA ILE N 30 -19.39 48.46 61.15
C ILE N 30 -18.71 49.76 60.68
N LYS N 31 -17.72 49.62 59.80
CA LYS N 31 -16.99 50.76 59.27
C LYS N 31 -17.90 51.77 58.54
N ARG N 32 -18.67 51.29 57.58
CA ARG N 32 -19.56 52.14 56.79
C ARG N 32 -20.71 52.73 57.62
N LEU N 33 -21.23 51.95 58.56
CA LEU N 33 -22.23 52.43 59.52
C LEU N 33 -21.76 53.69 60.23
N GLN N 34 -20.53 53.63 60.78
CA GLN N 34 -19.94 54.75 61.50
C GLN N 34 -19.62 55.95 60.61
N GLU N 35 -19.35 55.68 59.33
CA GLU N 35 -19.07 56.74 58.35
C GLU N 35 -20.31 57.57 58.03
N PHE N 36 -21.48 56.97 58.17
CA PHE N 36 -22.72 57.69 57.93
C PHE N 36 -23.16 58.45 59.18
N GLY N 37 -22.47 58.23 60.29
CA GLY N 37 -22.80 58.90 61.55
C GLY N 37 -23.37 58.03 62.65
N VAL N 38 -23.56 56.76 62.42
CA VAL N 38 -24.16 55.95 63.45
C VAL N 38 -23.32 55.96 64.70
N LYS N 39 -23.95 56.23 65.82
CA LYS N 39 -23.24 56.25 67.08
C LYS N 39 -22.82 54.83 67.42
N ALA N 40 -21.63 54.69 67.97
CA ALA N 40 -21.08 53.38 68.30
C ALA N 40 -21.91 52.62 69.28
N GLU N 41 -22.49 53.32 70.23
CA GLU N 41 -23.31 52.67 71.23
C GLU N 41 -24.47 52.05 70.54
N ASN N 42 -24.81 52.53 69.35
CA ASN N 42 -25.97 52.04 68.64
C ASN N 42 -25.77 50.94 67.63
N ILE N 43 -24.59 50.35 67.61
CA ILE N 43 -24.36 49.20 66.75
C ILE N 43 -24.30 47.95 67.62
N ILE N 44 -25.35 47.13 67.53
CA ILE N 44 -25.48 45.95 68.38
C ILE N 44 -25.16 44.68 67.60
N ILE N 45 -24.09 44.00 68.01
CA ILE N 45 -23.67 42.76 67.37
C ILE N 45 -24.07 41.55 68.20
N GLU N 46 -24.74 40.60 67.56
CA GLU N 46 -25.11 39.34 68.18
C GLU N 46 -24.89 38.19 67.20
N THR N 47 -24.69 36.98 67.71
CA THR N 47 -24.34 35.83 66.88
C THR N 47 -25.38 34.70 66.92
N VAL N 48 -25.38 33.90 65.86
CA VAL N 48 -26.12 32.62 65.83
C VAL N 48 -25.18 31.54 65.29
N PRO N 49 -25.50 30.25 65.52
CA PRO N 49 -24.64 29.19 64.99
C PRO N 49 -24.45 29.26 63.47
N GLY N 50 -25.55 29.11 62.73
CA GLY N 50 -25.49 29.09 61.27
C GLY N 50 -26.50 29.98 60.59
N SER N 51 -26.44 30.00 59.26
CA SER N 51 -27.30 30.87 58.45
C SER N 51 -28.79 30.52 58.55
N PHE N 52 -29.12 29.28 58.88
CA PHE N 52 -30.50 28.88 59.02
C PHE N 52 -31.16 29.60 60.18
N GLU N 53 -30.36 29.80 61.24
CA GLU N 53 -30.86 30.44 62.45
C GLU N 53 -30.94 31.96 62.32
N LEU N 54 -30.46 32.51 61.20
CA LEU N 54 -30.47 33.96 60.97
C LEU N 54 -31.88 34.59 60.94
N PRO N 55 -32.81 34.04 60.14
CA PRO N 55 -34.17 34.62 60.12
C PRO N 55 -34.85 34.68 61.48
N TYR N 56 -34.96 33.54 62.18
CA TYR N 56 -35.64 33.53 63.48
C TYR N 56 -34.82 34.21 64.57
N GLY N 57 -33.50 34.13 64.46
CA GLY N 57 -32.60 34.85 65.35
C GLY N 57 -32.84 36.35 65.25
N SER N 58 -33.04 36.83 64.03
CA SER N 58 -33.33 38.24 63.78
C SER N 58 -34.60 38.70 64.49
N LYS N 59 -35.67 37.90 64.40
CA LYS N 59 -36.90 38.22 65.10
C LYS N 59 -36.72 38.26 66.61
N LEU N 60 -36.04 37.25 67.15
CA LEU N 60 -35.78 37.17 68.60
C LEU N 60 -34.91 38.34 69.05
N PHE N 61 -33.95 38.71 68.21
CA PHE N 61 -33.06 39.85 68.45
C PHE N 61 -33.85 41.16 68.47
N VAL N 62 -34.70 41.36 67.46
CA VAL N 62 -35.56 42.54 67.35
C VAL N 62 -36.53 42.65 68.55
N GLU N 63 -37.16 41.53 68.91
CA GLU N 63 -38.08 41.49 70.04
C GLU N 63 -37.38 41.80 71.38
N LYS N 64 -36.18 41.26 71.55
CA LYS N 64 -35.37 41.51 72.74
C LYS N 64 -35.01 42.99 72.87
N GLN N 65 -34.62 43.61 71.75
CA GLN N 65 -34.24 45.02 71.73
C GLN N 65 -35.42 45.94 72.05
N LYS N 66 -36.62 45.51 71.69
CA LYS N 66 -37.85 46.23 72.04
C LYS N 66 -38.11 46.18 73.55
N ARG N 67 -37.94 45.00 74.14
CA ARG N 67 -38.15 44.85 75.57
C ARG N 67 -37.17 45.74 76.33
N LEU N 68 -35.94 45.78 75.83
CA LEU N 68 -34.88 46.55 76.48
C LEU N 68 -35.11 48.06 76.39
N GLY N 69 -36.08 48.46 75.56
CA GLY N 69 -36.36 49.87 75.34
C GLY N 69 -35.37 50.52 74.39
N LYS N 70 -34.70 49.69 73.61
CA LYS N 70 -33.71 50.18 72.63
C LYS N 70 -33.95 49.52 71.28
N PRO N 71 -35.01 49.95 70.57
CA PRO N 71 -35.44 49.29 69.34
C PRO N 71 -34.44 49.50 68.21
N LEU N 72 -34.30 48.48 67.36
CA LEU N 72 -33.47 48.57 66.18
C LEU N 72 -34.25 49.26 65.07
N ASP N 73 -33.54 50.08 64.28
CA ASP N 73 -34.14 50.76 63.15
C ASP N 73 -33.96 49.97 61.88
N ALA N 74 -32.92 49.13 61.85
CA ALA N 74 -32.67 48.18 60.77
C ALA N 74 -31.80 47.04 61.29
N ILE N 75 -31.71 45.95 60.52
CA ILE N 75 -30.90 44.81 60.88
C ILE N 75 -30.16 44.25 59.66
N ILE N 76 -28.92 43.81 59.88
CA ILE N 76 -28.11 43.17 58.85
C ILE N 76 -27.74 41.75 59.28
N PRO N 77 -28.49 40.75 58.79
CA PRO N 77 -28.13 39.35 59.01
C PRO N 77 -26.98 38.94 58.08
N ILE N 78 -25.86 38.51 58.67
CA ILE N 78 -24.67 38.18 57.91
C ILE N 78 -24.34 36.69 57.99
N GLY N 79 -24.23 36.05 56.82
CA GLY N 79 -23.89 34.64 56.73
C GLY N 79 -22.99 34.36 55.54
N VAL N 80 -22.17 33.33 55.68
CA VAL N 80 -21.30 32.89 54.59
C VAL N 80 -21.57 31.42 54.28
N LEU N 81 -22.11 31.18 53.09
CA LEU N 81 -22.43 29.83 52.64
C LEU N 81 -21.63 29.44 51.41
N ILE N 82 -20.85 28.38 51.56
CA ILE N 82 -20.01 27.85 50.49
C ILE N 82 -20.52 26.47 50.11
N LYS N 83 -20.72 26.26 48.82
CA LYS N 83 -21.23 25.00 48.29
C LYS N 83 -20.28 23.85 48.64
N GLY N 84 -20.84 22.81 49.20
CA GLY N 84 -20.07 21.62 49.56
C GLY N 84 -20.24 20.48 48.57
N CYS N 93 -29.76 26.92 51.37
CA CYS N 93 -29.73 28.37 51.51
C CYS N 93 -30.78 29.18 50.75
N ASP N 94 -31.32 28.60 49.68
CA ASP N 94 -32.30 29.31 48.87
C ASP N 94 -33.51 29.73 49.69
N SER N 95 -33.96 28.86 50.60
CA SER N 95 -35.09 29.17 51.45
C SER N 95 -34.76 30.29 52.45
N THR N 96 -33.52 30.29 52.92
CA THR N 96 -33.03 31.28 53.88
C THR N 96 -33.20 32.68 53.32
N THR N 97 -32.87 32.83 52.05
CA THR N 97 -32.98 34.13 51.39
C THR N 97 -34.43 34.56 51.40
N HIS N 98 -35.31 33.60 51.16
CA HIS N 98 -36.75 33.87 51.14
C HIS N 98 -37.31 34.39 52.47
N GLN N 99 -36.87 33.84 53.58
CA GLN N 99 -37.30 34.31 54.91
C GLN N 99 -36.77 35.68 55.26
N LEU N 100 -35.52 35.94 54.93
CA LEU N 100 -34.92 37.25 55.18
C LEU N 100 -35.65 38.33 54.38
N MET N 101 -36.03 38.00 53.15
CA MET N 101 -36.84 38.88 52.31
C MET N 101 -38.20 39.21 52.97
N LYS N 102 -38.92 38.14 53.37
CA LYS N 102 -40.22 38.27 54.04
C LYS N 102 -40.14 39.00 55.37
N LEU N 103 -38.98 38.91 56.03
CA LEU N 103 -38.77 39.47 57.36
C LEU N 103 -38.88 41.00 57.40
N ASN N 104 -38.59 41.64 56.27
CA ASN N 104 -38.79 43.07 56.11
C ASN N 104 -40.22 43.47 56.48
N PHE N 105 -41.18 42.67 56.02
CA PHE N 105 -42.60 42.97 56.19
C PHE N 105 -43.20 42.56 57.53
N GLU N 106 -42.76 41.42 58.05
CA GLU N 106 -43.14 40.95 59.39
C GLU N 106 -42.58 41.77 60.55
N LEU N 107 -41.31 42.16 60.44
CA LEU N 107 -40.59 42.88 61.50
C LEU N 107 -40.86 44.37 61.41
N GLY N 108 -41.19 44.86 60.22
CA GLY N 108 -41.46 46.28 60.00
C GLY N 108 -40.22 47.15 59.99
N ILE N 109 -39.07 46.53 59.83
CA ILE N 109 -37.79 47.25 59.68
C ILE N 109 -36.99 46.66 58.50
N PRO N 110 -36.14 47.49 57.87
CA PRO N 110 -35.28 47.00 56.78
C PRO N 110 -34.37 45.85 57.21
N VAL N 111 -34.44 44.75 56.48
CA VAL N 111 -33.56 43.61 56.67
C VAL N 111 -32.65 43.54 55.46
N ILE N 112 -31.38 43.86 55.67
CA ILE N 112 -30.40 43.87 54.58
C ILE N 112 -29.79 42.49 54.38
N PHE N 113 -29.87 41.98 53.15
CA PHE N 113 -29.37 40.65 52.83
C PHE N 113 -27.85 40.59 52.84
N GLY N 114 -27.30 40.14 53.96
CA GLY N 114 -25.85 40.02 54.12
C GLY N 114 -25.32 38.60 54.07
N VAL N 115 -25.94 37.77 53.25
CA VAL N 115 -25.54 36.36 53.12
C VAL N 115 -24.79 36.10 51.81
N LEU N 116 -23.54 35.71 51.94
CA LEU N 116 -22.74 35.31 50.78
C LEU N 116 -23.08 33.87 50.40
N THR N 117 -23.35 33.67 49.10
CA THR N 117 -23.69 32.35 48.56
C THR N 117 -22.69 32.00 47.46
N CYS N 118 -21.54 31.47 47.87
CA CYS N 118 -20.41 31.24 46.95
C CYS N 118 -20.18 29.78 46.64
N LEU N 119 -19.35 29.54 45.63
CA LEU N 119 -18.98 28.19 45.23
C LEU N 119 -17.59 27.78 45.75
N THR N 120 -16.73 28.78 45.96
CA THR N 120 -15.40 28.55 46.55
C THR N 120 -15.15 29.47 47.74
N ASP N 121 -14.15 29.13 48.55
CA ASP N 121 -13.71 29.98 49.66
C ASP N 121 -13.20 31.31 49.13
N GLU N 122 -12.44 31.25 48.03
CA GLU N 122 -11.84 32.41 47.39
C GLU N 122 -12.88 33.47 47.01
N GLN N 123 -14.01 33.02 46.48
CA GLN N 123 -15.11 33.91 46.09
C GLN N 123 -15.66 34.67 47.28
N ALA N 124 -15.81 33.98 48.41
CA ALA N 124 -16.27 34.59 49.66
C ALA N 124 -15.24 35.58 50.19
N GLU N 125 -13.97 35.15 50.18
CA GLU N 125 -12.86 36.00 50.61
C GLU N 125 -12.73 37.27 49.76
N MET N 135 -14.42 41.45 50.29
CA MET N 135 -15.41 41.09 51.29
C MET N 135 -15.74 42.28 52.17
N HIS N 136 -14.74 43.05 52.54
CA HIS N 136 -14.94 44.22 53.38
C HIS N 136 -15.82 45.23 52.66
N ASN N 137 -15.57 45.40 51.35
CA ASN N 137 -16.36 46.32 50.54
C ASN N 137 -17.81 45.86 50.48
N HIS N 138 -17.98 44.56 50.35
CA HIS N 138 -19.30 43.95 50.27
C HIS N 138 -20.05 44.23 51.58
N GLY N 139 -19.33 44.11 52.68
CA GLY N 139 -19.89 44.34 53.99
C GLY N 139 -20.30 45.80 54.14
N GLU N 140 -19.48 46.73 53.62
CA GLU N 140 -19.75 48.17 53.68
C GLU N 140 -21.03 48.47 52.92
N ASP N 141 -21.16 47.78 51.77
CA ASP N 141 -22.37 47.99 50.97
C ASP N 141 -23.60 47.76 51.85
N TRP N 142 -23.62 46.71 52.59
CA TRP N 142 -24.72 46.34 53.50
C TRP N 142 -24.91 47.38 54.60
N GLY N 143 -23.83 48.04 55.02
CA GLY N 143 -23.87 49.13 55.98
C GLY N 143 -24.57 50.34 55.40
N ALA N 144 -24.16 50.73 54.20
CA ALA N 144 -24.76 51.86 53.49
C ALA N 144 -26.25 51.65 53.23
N ALA N 145 -26.61 50.44 52.84
CA ALA N 145 -27.99 50.08 52.56
C ALA N 145 -28.89 50.25 53.78
N ALA N 146 -28.43 49.75 54.93
CA ALA N 146 -29.19 49.80 56.18
C ALA N 146 -29.57 51.22 56.57
N VAL N 147 -28.59 52.12 56.49
CA VAL N 147 -28.79 53.53 56.81
C VAL N 147 -29.79 54.20 55.86
N GLU N 148 -29.62 53.98 54.56
CA GLU N 148 -30.51 54.54 53.55
C GLU N 148 -31.95 54.06 53.69
N MET N 149 -32.13 52.75 53.83
CA MET N 149 -33.47 52.15 53.91
C MET N 149 -34.24 52.58 55.18
N ALA N 150 -33.50 52.92 56.23
CA ALA N 150 -34.10 53.37 57.48
C ALA N 150 -34.43 54.87 57.48
N THR N 151 -33.98 55.58 56.45
CA THR N 151 -34.04 57.04 56.43
C THR N 151 -34.82 57.62 55.26
N LYS N 152 -34.54 57.12 54.05
CA LYS N 152 -35.03 57.70 52.79
C LYS N 152 -36.54 57.96 52.75
N PHE N 153 -37.32 57.05 53.32
CA PHE N 153 -38.77 57.08 53.19
C PHE N 153 -39.47 57.59 54.47
N ASN N 154 -38.66 58.17 55.35
CA ASN N 154 -39.15 58.71 56.59
C ASN N 154 -39.33 60.17 56.35
N LEU N 155 -40.53 60.65 56.60
CA LEU N 155 -40.86 62.04 56.39
C LEU N 155 -40.11 62.85 57.43
N GLU N 156 -39.59 62.19 58.46
CA GLU N 156 -38.93 62.96 59.50
C GLU N 156 -37.42 62.98 59.31
N HIS N 157 -36.87 64.19 59.30
CA HIS N 157 -35.44 64.39 59.10
C HIS N 157 -35.09 65.84 58.78
N MET O 1 -52.02 -3.47 62.17
CA MET O 1 -50.60 -3.31 62.41
C MET O 1 -50.34 -2.57 63.73
N LYS O 2 -49.25 -1.83 63.78
CA LYS O 2 -48.89 -1.07 64.97
C LYS O 2 -49.93 0.00 65.30
N TYR O 3 -50.43 0.67 64.27
CA TYR O 3 -51.43 1.71 64.45
C TYR O 3 -52.83 1.20 64.11
N ASP O 4 -53.83 1.70 64.83
CA ASP O 4 -55.20 1.29 64.60
C ASP O 4 -55.92 2.35 63.77
N GLY O 5 -56.39 1.97 62.60
CA GLY O 5 -57.07 2.90 61.69
C GLY O 5 -58.56 2.65 61.52
N SER O 6 -59.11 1.79 62.38
CA SER O 6 -60.51 1.36 62.29
C SER O 6 -61.51 2.51 62.41
N LYS O 7 -61.17 3.52 63.21
CA LYS O 7 -62.06 4.66 63.44
C LYS O 7 -61.76 5.86 62.53
N LEU O 8 -60.98 5.62 61.47
CA LEU O 8 -60.57 6.70 60.58
C LEU O 8 -61.31 6.70 59.26
N ARG O 9 -61.43 7.90 58.67
CA ARG O 9 -61.91 8.07 57.31
C ARG O 9 -60.82 8.73 56.50
N ILE O 10 -60.35 8.04 55.46
CA ILE O 10 -59.22 8.52 54.66
C ILE O 10 -59.66 8.82 53.22
N GLY O 11 -59.34 10.02 52.76
CA GLY O 11 -59.60 10.42 51.39
C GLY O 11 -58.41 10.19 50.48
N ILE O 12 -58.68 9.73 49.28
CA ILE O 12 -57.66 9.63 48.24
C ILE O 12 -58.12 10.42 47.02
N LEU O 13 -57.37 11.46 46.70
CA LEU O 13 -57.63 12.26 45.51
C LEU O 13 -56.50 12.03 44.51
N HIS O 14 -56.83 11.48 43.34
CA HIS O 14 -55.80 11.20 42.34
C HIS O 14 -56.07 11.86 41.01
N ALA O 15 -54.98 12.20 40.30
CA ALA O 15 -55.06 12.74 38.95
C ALA O 15 -55.37 11.62 37.96
N ARG O 16 -55.66 11.99 36.71
CA ARG O 16 -56.02 11.00 35.70
C ARG O 16 -54.97 10.82 34.60
N TRP O 17 -53.95 11.68 34.58
CA TRP O 17 -52.83 11.49 33.64
C TRP O 17 -51.88 10.41 34.13
N ASN O 18 -51.36 9.62 33.18
CA ASN O 18 -50.56 8.42 33.48
C ASN O 18 -51.38 7.43 34.34
N LEU O 19 -52.57 7.07 33.83
CA LEU O 19 -53.60 6.36 34.60
C LEU O 19 -53.19 4.97 35.09
N GLU O 20 -52.45 4.24 34.24
CA GLU O 20 -51.99 2.89 34.58
C GLU O 20 -51.12 2.91 35.85
N ILE O 21 -50.24 3.90 35.94
CA ILE O 21 -49.36 4.06 37.10
C ILE O 21 -50.15 4.60 38.30
N ILE O 22 -51.01 5.58 38.04
CA ILE O 22 -51.91 6.14 39.05
C ILE O 22 -52.72 5.03 39.74
N ALA O 23 -53.36 4.18 38.95
CA ALA O 23 -54.21 3.09 39.47
C ALA O 23 -53.47 2.18 40.44
N ALA O 24 -52.21 1.84 40.10
CA ALA O 24 -51.39 0.96 40.92
C ALA O 24 -51.00 1.59 42.27
N LEU O 25 -50.68 2.89 42.24
CA LEU O 25 -50.37 3.63 43.47
C LEU O 25 -51.61 3.74 44.38
N VAL O 26 -52.76 3.99 43.78
CA VAL O 26 -54.03 4.02 44.51
C VAL O 26 -54.30 2.65 45.14
N ALA O 27 -54.15 1.61 44.33
CA ALA O 27 -54.35 0.22 44.79
C ALA O 27 -53.46 -0.12 45.98
N GLY O 28 -52.21 0.36 45.95
CA GLY O 28 -51.27 0.15 47.06
C GLY O 28 -51.69 0.89 48.31
N ALA O 29 -52.08 2.14 48.15
CA ALA O 29 -52.58 2.95 49.27
C ALA O 29 -53.82 2.32 49.90
N ILE O 30 -54.77 1.91 49.05
CA ILE O 30 -55.99 1.20 49.49
C ILE O 30 -55.64 -0.07 50.26
N LYS O 31 -54.69 -0.85 49.73
CA LYS O 31 -54.26 -2.10 50.37
C LYS O 31 -53.74 -1.88 51.80
N ARG O 32 -52.76 -0.99 51.94
CA ARG O 32 -52.14 -0.71 53.25
C ARG O 32 -53.10 -0.06 54.23
N LEU O 33 -53.96 0.83 53.72
CA LEU O 33 -55.03 1.43 54.53
C LEU O 33 -55.88 0.36 55.23
N GLN O 34 -56.34 -0.61 54.46
CA GLN O 34 -57.16 -1.71 54.96
C GLN O 34 -56.40 -2.65 55.91
N GLU O 35 -55.09 -2.76 55.73
CA GLU O 35 -54.23 -3.58 56.58
C GLU O 35 -54.10 -2.98 57.99
N PHE O 36 -54.23 -1.67 58.09
CA PHE O 36 -54.16 -1.00 59.39
C PHE O 36 -55.51 -1.02 60.09
N GLY O 37 -56.54 -1.47 59.39
CA GLY O 37 -57.88 -1.54 59.95
C GLY O 37 -58.90 -0.57 59.38
N VAL O 38 -58.49 0.25 58.43
CA VAL O 38 -59.43 1.21 57.90
C VAL O 38 -60.60 0.49 57.32
N LYS O 39 -61.78 0.96 57.68
CA LYS O 39 -63.01 0.37 57.22
C LYS O 39 -63.12 0.68 55.74
N ALA O 40 -63.67 -0.24 54.97
CA ALA O 40 -63.80 -0.05 53.54
C ALA O 40 -64.67 1.11 53.18
N GLU O 41 -65.74 1.27 53.93
CA GLU O 41 -66.67 2.33 53.68
C GLU O 41 -66.01 3.65 53.90
N ASN O 42 -64.92 3.66 54.64
CA ASN O 42 -64.25 4.91 54.96
C ASN O 42 -63.10 5.35 54.08
N ILE O 43 -62.91 4.69 52.96
CA ILE O 43 -61.91 5.11 51.99
C ILE O 43 -62.61 5.74 50.80
N ILE O 44 -62.47 7.06 50.69
CA ILE O 44 -63.19 7.84 49.67
C ILE O 44 -62.23 8.23 48.54
N ILE O 45 -62.48 7.70 47.35
CA ILE O 45 -61.67 8.00 46.17
C ILE O 45 -62.37 9.01 45.28
N GLU O 46 -61.66 10.08 44.93
CA GLU O 46 -62.14 11.08 43.99
C GLU O 46 -60.99 11.49 43.05
N THR O 47 -61.35 11.98 41.86
CA THR O 47 -60.35 12.30 40.84
C THR O 47 -60.32 13.77 40.44
N VAL O 48 -59.17 14.20 39.92
CA VAL O 48 -59.02 15.50 39.26
C VAL O 48 -58.29 15.28 37.93
N PRO O 49 -58.38 16.25 36.99
CA PRO O 49 -57.67 16.08 35.71
C PRO O 49 -56.17 15.88 35.88
N GLY O 50 -55.47 16.85 36.45
CA GLY O 50 -54.02 16.79 36.60
C GLY O 50 -53.52 17.14 37.97
N SER O 51 -52.20 17.05 38.15
CA SER O 51 -51.55 17.30 39.44
C SER O 51 -51.70 18.74 39.94
N PHE O 52 -51.85 19.68 39.05
CA PHE O 52 -52.01 21.06 39.43
C PHE O 52 -53.30 21.25 40.22
N GLU O 53 -54.35 20.51 39.81
CA GLU O 53 -55.66 20.60 40.45
C GLU O 53 -55.73 19.85 41.78
N LEU O 54 -54.67 19.13 42.12
CA LEU O 54 -54.62 18.36 43.37
C LEU O 54 -54.76 19.20 44.65
N PRO O 55 -53.95 20.27 44.81
CA PRO O 55 -54.07 21.10 46.01
C PRO O 55 -55.47 21.67 46.25
N TYR O 56 -56.03 22.37 45.27
CA TYR O 56 -57.36 22.98 45.43
C TYR O 56 -58.47 21.95 45.42
N GLY O 57 -58.28 20.88 44.66
CA GLY O 57 -59.19 19.75 44.66
C GLY O 57 -59.31 19.14 46.04
N SER O 58 -58.17 19.02 46.72
CA SER O 58 -58.11 18.50 48.09
C SER O 58 -58.95 19.35 49.05
N LYS O 59 -58.82 20.67 48.97
CA LYS O 59 -59.61 21.56 49.81
C LYS O 59 -61.11 21.41 49.53
N LEU O 60 -61.49 21.39 48.26
CA LEU O 60 -62.89 21.23 47.86
C LEU O 60 -63.44 19.88 48.29
N PHE O 61 -62.59 18.85 48.20
CA PHE O 61 -62.92 17.50 48.64
C PHE O 61 -63.16 17.46 50.16
N VAL O 62 -62.23 18.04 50.91
CA VAL O 62 -62.33 18.14 52.37
C VAL O 62 -63.58 18.92 52.82
N GLU O 63 -63.82 20.07 52.18
CA GLU O 63 -65.01 20.88 52.48
C GLU O 63 -66.31 20.14 52.18
N LYS O 64 -66.35 19.43 51.06
CA LYS O 64 -67.51 18.62 50.67
C LYS O 64 -67.81 17.53 51.69
N GLN O 65 -66.75 16.86 52.15
CA GLN O 65 -66.88 15.77 53.13
C GLN O 65 -67.39 16.28 54.49
N LYS O 66 -67.04 17.51 54.82
CA LYS O 66 -67.56 18.16 56.04
C LYS O 66 -69.06 18.44 55.92
N ARG O 67 -69.48 18.95 54.76
CA ARG O 67 -70.89 19.26 54.49
C ARG O 67 -71.77 18.00 54.43
N LEU O 68 -71.14 16.87 54.12
CA LEU O 68 -71.82 15.58 54.10
C LEU O 68 -71.94 14.95 55.49
N GLY O 69 -71.22 15.53 56.45
CA GLY O 69 -71.19 15.01 57.82
C GLY O 69 -70.28 13.81 57.96
N LYS O 70 -69.36 13.67 57.01
CA LYS O 70 -68.40 12.56 57.02
C LYS O 70 -66.99 13.08 56.79
N PRO O 71 -66.41 13.74 57.82
CA PRO O 71 -65.13 14.44 57.66
C PRO O 71 -63.98 13.47 57.46
N LEU O 72 -63.00 13.87 56.64
CA LEU O 72 -61.79 13.11 56.44
C LEU O 72 -60.82 13.35 57.58
N ASP O 73 -60.12 12.31 58.00
CA ASP O 73 -59.11 12.42 59.04
C ASP O 73 -57.73 12.69 58.44
N ALA O 74 -57.55 12.26 57.20
CA ALA O 74 -56.35 12.54 56.42
C ALA O 74 -56.67 12.42 54.93
N ILE O 75 -55.76 12.92 54.09
CA ILE O 75 -55.93 12.86 52.65
C ILE O 75 -54.60 12.52 51.96
N ILE O 76 -54.70 11.71 50.90
CA ILE O 76 -53.54 11.36 50.07
C ILE O 76 -53.77 11.82 48.62
N PRO O 77 -53.21 12.99 48.26
CA PRO O 77 -53.22 13.43 46.87
C PRO O 77 -52.20 12.67 46.04
N ILE O 78 -52.65 11.97 45.01
CA ILE O 78 -51.78 11.14 44.20
C ILE O 78 -51.66 11.66 42.77
N GLY O 79 -50.42 11.88 42.35
CA GLY O 79 -50.13 12.36 41.00
C GLY O 79 -48.87 11.73 40.44
N VAL O 80 -48.82 11.60 39.12
CA VAL O 80 -47.64 11.08 38.43
C VAL O 80 -47.17 12.09 37.41
N LEU O 81 -46.03 12.66 37.62
CA LEU O 81 -45.46 13.63 36.69
C LEU O 81 -44.14 13.11 36.15
N ILE O 82 -44.04 13.07 34.86
CA ILE O 82 -42.86 12.61 34.11
C ILE O 82 -42.16 13.75 33.36
N LYS O 83 -40.85 13.82 33.48
CA LYS O 83 -40.05 14.85 32.82
C LYS O 83 -40.17 14.75 31.30
N CYS O 93 -44.13 21.33 38.49
CA CYS O 93 -44.47 20.52 39.67
C CYS O 93 -43.88 20.97 41.00
N ASP O 94 -42.78 21.71 40.97
CA ASP O 94 -42.13 22.13 42.21
C ASP O 94 -43.07 22.95 43.08
N SER O 95 -43.88 23.80 42.47
CA SER O 95 -44.84 24.61 43.21
C SER O 95 -45.94 23.74 43.82
N THR O 96 -46.36 22.73 43.07
CA THR O 96 -47.40 21.81 43.50
C THR O 96 -47.06 21.18 44.83
N THR O 97 -45.79 20.80 44.96
CA THR O 97 -45.31 20.18 46.19
C THR O 97 -45.46 21.18 47.32
N HIS O 98 -45.15 22.44 47.02
CA HIS O 98 -45.25 23.50 48.02
C HIS O 98 -46.66 23.71 48.58
N GLN O 99 -47.67 23.66 47.72
CA GLN O 99 -49.06 23.80 48.16
C GLN O 99 -49.56 22.62 48.97
N LEU O 100 -49.18 21.40 48.55
CA LEU O 100 -49.56 20.20 49.29
C LEU O 100 -48.95 20.23 50.69
N MET O 101 -47.72 20.71 50.79
CA MET O 101 -47.05 20.90 52.07
C MET O 101 -47.80 21.87 52.98
N LYS O 102 -48.11 23.06 52.45
CA LYS O 102 -48.88 24.09 53.15
C LYS O 102 -50.29 23.67 53.53
N LEU O 103 -50.84 22.75 52.74
CA LEU O 103 -52.22 22.30 52.90
C LEU O 103 -52.47 21.57 54.23
N ASN O 104 -51.41 20.95 54.76
CA ASN O 104 -51.44 20.35 56.09
C ASN O 104 -51.93 21.35 57.14
N PHE O 105 -51.44 22.57 57.05
CA PHE O 105 -51.72 23.61 58.04
C PHE O 105 -53.03 24.35 57.75
N GLU O 106 -53.37 24.48 56.47
CA GLU O 106 -54.59 25.15 56.05
C GLU O 106 -55.84 24.31 56.28
N LEU O 107 -55.74 23.01 56.00
CA LEU O 107 -56.86 22.08 56.16
C LEU O 107 -56.97 21.49 57.55
N GLY O 108 -55.87 21.49 58.30
CA GLY O 108 -55.85 20.96 59.66
C GLY O 108 -55.88 19.44 59.73
N ILE O 109 -55.58 18.79 58.61
CA ILE O 109 -55.43 17.33 58.54
C ILE O 109 -54.15 16.95 57.79
N PRO O 110 -53.57 15.78 58.11
CA PRO O 110 -52.40 15.30 57.39
C PRO O 110 -52.63 15.15 55.89
N VAL O 111 -51.76 15.79 55.11
CA VAL O 111 -51.76 15.67 53.65
C VAL O 111 -50.49 14.92 53.28
N ILE O 112 -50.66 13.68 52.82
CA ILE O 112 -49.54 12.82 52.47
C ILE O 112 -49.14 13.05 51.01
N PHE O 113 -47.86 13.37 50.80
CA PHE O 113 -47.34 13.67 49.47
C PHE O 113 -47.25 12.42 48.60
N GLY O 114 -48.28 12.21 47.77
CA GLY O 114 -48.33 11.06 46.88
C GLY O 114 -48.08 11.38 45.41
N VAL O 115 -47.19 12.34 45.17
CA VAL O 115 -46.86 12.75 43.80
C VAL O 115 -45.49 12.24 43.37
N LEU O 116 -45.49 11.40 42.34
CA LEU O 116 -44.25 10.93 41.74
C LEU O 116 -43.71 11.99 40.78
N THR O 117 -42.42 12.30 40.93
CA THR O 117 -41.75 13.29 40.09
C THR O 117 -40.54 12.62 39.41
N CYS O 118 -40.82 11.94 38.30
CA CYS O 118 -39.82 11.09 37.63
C CYS O 118 -39.31 11.69 36.32
N MET O 135 -44.07 0.56 42.54
CA MET O 135 -45.06 1.62 42.62
C MET O 135 -46.11 1.28 43.67
N HIS O 136 -46.51 0.01 43.72
CA HIS O 136 -47.51 -0.42 44.68
C HIS O 136 -46.97 -0.24 46.09
N ASN O 137 -45.70 -0.57 46.29
CA ASN O 137 -45.05 -0.42 47.59
C ASN O 137 -45.02 1.05 48.00
N HIS O 138 -44.73 1.90 47.01
CA HIS O 138 -44.66 3.33 47.23
C HIS O 138 -46.02 3.83 47.67
N GLY O 139 -47.07 3.31 47.03
CA GLY O 139 -48.43 3.69 47.35
C GLY O 139 -48.79 3.26 48.75
N GLU O 140 -48.35 2.05 49.18
CA GLU O 140 -48.60 1.51 50.50
C GLU O 140 -47.97 2.41 51.55
N ASP O 141 -46.75 2.88 51.20
CA ASP O 141 -46.06 3.76 52.13
C ASP O 141 -46.95 4.93 52.48
N TRP O 142 -47.55 5.55 51.50
CA TRP O 142 -48.46 6.69 51.66
C TRP O 142 -49.69 6.32 52.47
N GLY O 143 -50.12 5.05 52.35
CA GLY O 143 -51.22 4.52 53.16
C GLY O 143 -50.83 4.45 54.61
N ALA O 144 -49.66 3.88 54.89
CA ALA O 144 -49.14 3.74 56.24
C ALA O 144 -48.95 5.11 56.90
N ALA O 145 -48.43 6.05 56.14
CA ALA O 145 -48.18 7.41 56.63
C ALA O 145 -49.46 8.10 57.08
N ALA O 146 -50.50 8.01 56.25
CA ALA O 146 -51.79 8.65 56.53
C ALA O 146 -52.38 8.20 57.86
N VAL O 147 -52.35 6.89 58.11
CA VAL O 147 -52.86 6.31 59.34
C VAL O 147 -52.08 6.77 60.57
N GLU O 148 -50.74 6.71 60.47
CA GLU O 148 -49.86 7.14 61.56
C GLU O 148 -50.02 8.62 61.91
N MET O 149 -50.01 9.49 60.89
CA MET O 149 -50.10 10.93 61.10
C MET O 149 -51.44 11.37 61.69
N ALA O 150 -52.49 10.59 61.43
CA ALA O 150 -53.81 10.88 61.96
C ALA O 150 -54.03 10.36 63.39
N THR O 151 -53.07 9.57 63.88
CA THR O 151 -53.23 8.82 65.13
C THR O 151 -52.19 9.14 66.20
N LYS O 152 -50.92 9.14 65.79
CA LYS O 152 -49.77 9.24 66.71
C LYS O 152 -49.85 10.36 67.74
N PHE O 153 -50.35 11.52 67.32
CA PHE O 153 -50.31 12.73 68.15
C PHE O 153 -51.66 13.12 68.76
N ASN O 154 -52.61 12.19 68.74
CA ASN O 154 -53.94 12.45 69.28
C ASN O 154 -54.03 12.22 70.78
N LEU O 155 -55.26 12.14 71.29
CA LEU O 155 -55.50 11.93 72.71
C LEU O 155 -54.52 12.71 73.55
N MET P 3 -63.07 55.45 17.09
CA MET P 3 -63.50 54.21 16.46
C MET P 3 -62.36 53.19 16.43
N LYS P 4 -62.64 51.94 16.82
CA LYS P 4 -61.65 50.89 16.73
C LYS P 4 -61.27 50.63 15.26
N GLU P 5 -60.02 50.22 15.03
CA GLU P 5 -59.60 49.82 13.70
C GLU P 5 -60.29 48.51 13.33
N LYS P 6 -60.66 48.37 12.06
CA LYS P 6 -61.41 47.19 11.66
C LYS P 6 -60.54 46.14 10.98
N PHE P 7 -61.00 44.89 10.99
CA PHE P 7 -60.29 43.83 10.30
C PHE P 7 -61.35 43.08 9.52
N VAL P 8 -61.07 42.79 8.24
CA VAL P 8 -62.04 42.11 7.39
C VAL P 8 -61.59 40.69 7.11
N LEU P 9 -62.43 39.71 7.45
CA LEU P 9 -62.13 38.33 7.19
C LEU P 9 -63.05 37.89 6.07
N ILE P 10 -62.48 37.40 4.96
CA ILE P 10 -63.29 36.91 3.86
C ILE P 10 -63.33 35.39 3.91
N ILE P 11 -64.53 34.80 4.01
CA ILE P 11 -64.64 33.35 4.10
C ILE P 11 -65.55 32.90 2.96
N THR P 12 -65.03 32.06 2.08
CA THR P 12 -65.74 31.69 0.87
C THR P 12 -65.42 30.26 0.43
N HIS P 13 -66.13 29.76 -0.56
CA HIS P 13 -65.78 28.50 -1.20
C HIS P 13 -64.54 28.64 -2.09
N GLY P 14 -63.65 27.65 -2.04
CA GLY P 14 -62.49 27.65 -2.91
C GLY P 14 -61.71 28.97 -2.93
N ASP P 15 -61.20 29.34 -4.11
CA ASP P 15 -60.36 30.52 -4.26
C ASP P 15 -61.15 31.80 -4.50
N PHE P 16 -62.45 31.78 -4.21
CA PHE P 16 -63.26 32.96 -4.51
C PHE P 16 -62.75 34.17 -3.72
N GLY P 17 -62.62 34.03 -2.40
CA GLY P 17 -62.16 35.15 -1.57
C GLY P 17 -60.77 35.62 -1.95
N LYS P 18 -59.88 34.65 -2.24
CA LYS P 18 -58.51 34.95 -2.64
C LYS P 18 -58.50 35.75 -3.93
N GLY P 19 -59.36 35.38 -4.87
CA GLY P 19 -59.45 36.07 -6.14
C GLY P 19 -60.16 37.41 -6.04
N LEU P 20 -61.20 37.48 -5.22
CA LEU P 20 -61.92 38.74 -5.01
C LEU P 20 -60.97 39.79 -4.44
N LEU P 21 -60.17 39.40 -3.45
CA LEU P 21 -59.21 40.34 -2.86
C LEU P 21 -58.17 40.79 -3.90
N SER P 22 -57.60 39.83 -4.62
CA SER P 22 -56.69 40.12 -5.75
C SER P 22 -57.26 41.17 -6.69
N GLY P 23 -58.50 40.95 -7.14
CA GLY P 23 -59.22 41.87 -8.00
C GLY P 23 -59.39 43.26 -7.41
N ALA P 24 -59.84 43.32 -6.16
CA ALA P 24 -59.97 44.60 -5.47
C ALA P 24 -58.64 45.31 -5.39
N GLU P 25 -57.57 44.56 -5.17
CA GLU P 25 -56.25 45.18 -5.00
C GLU P 25 -55.70 45.75 -6.31
N VAL P 26 -56.13 45.20 -7.44
CA VAL P 26 -55.85 45.83 -8.74
C VAL P 26 -56.43 47.25 -8.76
N ILE P 27 -57.61 47.41 -8.17
CA ILE P 27 -58.29 48.69 -8.17
C ILE P 27 -57.75 49.65 -7.11
N ILE P 28 -57.60 49.20 -5.87
CA ILE P 28 -57.29 50.11 -4.74
C ILE P 28 -55.95 49.87 -4.03
N GLY P 29 -55.12 49.00 -4.60
CA GLY P 29 -53.83 48.69 -4.01
C GLY P 29 -53.86 47.63 -2.91
N LYS P 30 -52.66 47.19 -2.51
CA LYS P 30 -52.51 46.13 -1.53
C LYS P 30 -53.11 46.49 -0.18
N GLN P 31 -53.88 45.56 0.37
CA GLN P 31 -54.57 45.75 1.63
C GLN P 31 -53.80 45.17 2.80
N GLU P 32 -53.90 45.85 3.94
CA GLU P 32 -53.57 45.26 5.22
C GLU P 32 -54.92 45.07 5.92
N ASN P 33 -54.95 44.27 6.97
CA ASN P 33 -56.20 44.10 7.71
C ASN P 33 -57.32 43.43 6.91
N VAL P 34 -56.94 42.67 5.88
CA VAL P 34 -57.89 41.78 5.20
C VAL P 34 -57.25 40.40 5.08
N HIS P 35 -57.99 39.37 5.49
CA HIS P 35 -57.48 38.02 5.38
C HIS P 35 -58.54 37.15 4.69
N THR P 36 -58.11 36.18 3.90
CA THR P 36 -59.04 35.29 3.22
C THR P 36 -58.86 33.84 3.67
N VAL P 37 -59.98 33.16 3.80
CA VAL P 37 -60.01 31.74 4.14
C VAL P 37 -60.93 31.09 3.12
N GLY P 38 -60.44 30.08 2.43
CA GLY P 38 -61.24 29.39 1.43
C GLY P 38 -61.52 27.95 1.84
N LEU P 39 -62.77 27.54 1.68
CA LEU P 39 -63.16 26.14 1.91
C LEU P 39 -63.11 25.37 0.61
N ASN P 40 -62.16 24.44 0.52
CA ASN P 40 -61.98 23.62 -0.67
C ASN P 40 -62.62 22.25 -0.49
N LEU P 41 -62.94 21.56 -1.59
CA LEU P 41 -63.32 20.16 -1.47
C LEU P 41 -62.19 19.46 -0.75
N GLY P 42 -62.54 18.62 0.23
CA GLY P 42 -61.55 17.88 0.97
C GLY P 42 -61.08 18.56 2.25
N ASP P 43 -61.55 19.79 2.50
CA ASP P 43 -61.26 20.46 3.75
C ASP P 43 -62.25 20.00 4.81
N ASN P 44 -61.75 19.70 6.01
CA ASN P 44 -62.63 19.40 7.13
C ASN P 44 -63.14 20.70 7.74
N ILE P 45 -64.45 20.87 7.77
CA ILE P 45 -65.06 22.14 8.17
C ILE P 45 -64.70 22.50 9.59
N GLU P 46 -64.54 21.49 10.45
CA GLU P 46 -64.21 21.75 11.85
C GLU P 46 -62.77 22.22 11.99
N LYS P 47 -61.89 21.71 11.13
CA LYS P 47 -60.52 22.20 11.10
C LYS P 47 -60.47 23.66 10.65
N VAL P 48 -61.24 23.97 9.62
CA VAL P 48 -61.29 25.34 9.11
C VAL P 48 -61.93 26.26 10.16
N ALA P 49 -62.95 25.77 10.85
CA ALA P 49 -63.62 26.57 11.87
C ALA P 49 -62.62 26.98 12.96
N LYS P 50 -61.81 26.02 13.38
CA LYS P 50 -60.84 26.29 14.46
C LYS P 50 -59.77 27.29 14.03
N GLU P 51 -59.38 27.26 12.76
CA GLU P 51 -58.42 28.23 12.23
C GLU P 51 -59.03 29.63 12.18
N VAL P 52 -60.28 29.70 11.75
CA VAL P 52 -60.98 30.98 11.70
C VAL P 52 -61.09 31.53 13.12
N MET P 53 -61.45 30.69 14.07
CA MET P 53 -61.57 31.14 15.45
C MET P 53 -60.20 31.63 15.90
N ARG P 54 -59.13 30.95 15.47
CA ARG P 54 -57.79 31.36 15.87
C ARG P 54 -57.53 32.78 15.41
N ILE P 55 -57.91 33.08 14.18
CA ILE P 55 -57.72 34.43 13.67
C ILE P 55 -58.54 35.50 14.40
N ILE P 56 -59.77 35.17 14.73
CA ILE P 56 -60.66 36.14 15.36
C ILE P 56 -60.17 36.52 16.77
N ILE P 57 -59.85 35.52 17.57
CA ILE P 57 -59.30 35.77 18.90
C ILE P 57 -58.06 36.66 18.82
N ALA P 58 -57.14 36.30 17.92
CA ALA P 58 -55.90 37.08 17.75
C ALA P 58 -56.20 38.54 17.46
N LYS P 59 -57.18 38.79 16.61
CA LYS P 59 -57.51 40.16 16.22
C LYS P 59 -58.27 40.89 17.32
N LEU P 60 -59.15 40.19 18.02
CA LEU P 60 -59.84 40.78 19.15
C LEU P 60 -58.80 41.21 20.17
N ALA P 61 -57.83 40.33 20.43
CA ALA P 61 -56.74 40.61 21.35
C ALA P 61 -55.88 41.80 20.91
N GLU P 62 -56.04 42.21 19.64
CA GLU P 62 -55.36 43.41 19.14
C GLU P 62 -56.32 44.59 19.18
N ASP P 63 -57.44 44.41 19.87
CA ASP P 63 -58.46 45.45 20.01
C ASP P 63 -59.04 45.87 18.67
N LYS P 64 -59.25 44.91 17.78
CA LYS P 64 -59.82 45.20 16.47
C LYS P 64 -61.30 44.83 16.41
N GLU P 65 -62.05 45.55 15.60
CA GLU P 65 -63.44 45.23 15.32
C GLU P 65 -63.48 44.39 14.05
N ILE P 66 -64.21 43.29 14.08
CA ILE P 66 -64.13 42.32 12.99
C ILE P 66 -65.39 42.25 12.16
N ILE P 67 -65.22 42.33 10.84
CA ILE P 67 -66.29 42.14 9.87
C ILE P 67 -66.00 40.87 9.10
N ILE P 68 -66.96 39.96 9.07
CA ILE P 68 -66.78 38.78 8.24
C ILE P 68 -67.63 38.92 6.99
N VAL P 69 -67.01 38.80 5.84
CA VAL P 69 -67.72 38.84 4.58
C VAL P 69 -67.76 37.43 3.99
N VAL P 70 -68.94 36.99 3.56
CA VAL P 70 -69.03 35.62 3.05
C VAL P 70 -69.66 35.59 1.67
N ASP P 71 -69.36 34.52 0.93
CA ASP P 71 -69.80 34.46 -0.46
C ASP P 71 -71.29 34.22 -0.64
N LEU P 72 -71.83 33.31 0.17
CA LEU P 72 -73.13 32.73 -0.14
C LEU P 72 -73.87 32.54 1.16
N PHE P 73 -75.13 32.97 1.20
CA PHE P 73 -76.00 32.67 2.34
C PHE P 73 -76.28 31.18 2.32
N GLY P 74 -75.79 30.46 3.33
CA GLY P 74 -75.89 29.01 3.33
C GLY P 74 -74.60 28.38 2.84
N GLY P 75 -74.30 27.19 3.34
CA GLY P 75 -73.04 26.56 2.98
C GLY P 75 -72.05 26.69 4.12
N SER P 76 -70.97 25.95 4.02
CA SER P 76 -70.04 25.81 5.15
C SER P 76 -69.37 27.13 5.53
N PRO P 77 -68.94 27.93 4.54
CA PRO P 77 -68.34 29.20 4.95
C PRO P 77 -69.33 30.03 5.78
N PHE P 78 -70.59 30.09 5.35
CA PHE P 78 -71.59 30.84 6.07
C PHE P 78 -71.79 30.24 7.49
N ASN P 79 -71.83 28.92 7.55
CA ASN P 79 -72.05 28.23 8.82
C ASN P 79 -70.91 28.54 9.80
N ILE P 80 -69.69 28.62 9.29
CA ILE P 80 -68.56 29.08 10.11
C ILE P 80 -68.72 30.52 10.60
N ALA P 81 -69.10 31.43 9.68
CA ALA P 81 -69.30 32.81 10.05
C ALA P 81 -70.38 32.93 11.13
N LEU P 82 -71.47 32.20 10.96
CA LEU P 82 -72.56 32.24 11.94
C LEU P 82 -72.06 31.77 13.30
N GLU P 83 -71.25 30.72 13.30
CA GLU P 83 -70.75 30.18 14.57
C GLU P 83 -69.85 31.18 15.27
N MET P 84 -69.12 32.00 14.50
CA MET P 84 -68.29 33.06 15.04
C MET P 84 -69.12 34.23 15.56
N MET P 85 -70.27 34.49 14.93
CA MET P 85 -71.13 35.54 15.41
C MET P 85 -71.79 35.09 16.71
N LYS P 86 -72.14 33.81 16.78
CA LYS P 86 -72.74 33.28 17.99
C LYS P 86 -71.79 33.47 19.18
N THR P 87 -70.51 33.17 18.97
CA THR P 87 -69.53 33.19 20.06
C THR P 87 -68.87 34.54 20.31
N PHE P 88 -68.53 35.26 19.24
CA PHE P 88 -67.68 36.44 19.35
C PHE P 88 -68.32 37.77 18.96
N ASP P 89 -69.56 37.74 18.52
CA ASP P 89 -70.31 38.96 18.24
C ASP P 89 -69.64 39.83 17.17
N VAL P 90 -68.98 39.19 16.23
CA VAL P 90 -68.49 39.86 15.02
C VAL P 90 -69.72 40.17 14.18
N LYS P 91 -69.52 40.92 13.09
CA LYS P 91 -70.63 41.22 12.20
C LYS P 91 -70.43 40.48 10.87
N VAL P 92 -71.54 40.16 10.20
CA VAL P 92 -71.49 39.30 9.02
C VAL P 92 -72.39 39.80 7.89
N ILE P 93 -71.86 39.75 6.66
CA ILE P 93 -72.66 40.10 5.50
C ILE P 93 -72.39 39.04 4.41
N THR P 94 -73.44 38.69 3.65
CA THR P 94 -73.30 37.65 2.62
C THR P 94 -73.42 38.23 1.22
N GLY P 95 -73.10 37.41 0.21
CA GLY P 95 -73.27 37.78 -1.19
C GLY P 95 -72.23 38.76 -1.72
N ILE P 96 -71.06 38.79 -1.09
CA ILE P 96 -70.03 39.80 -1.40
C ILE P 96 -69.70 39.83 -2.89
N ASN P 97 -69.66 41.04 -3.43
CA ASN P 97 -69.19 41.25 -4.80
C ASN P 97 -68.16 42.38 -4.88
N MET P 98 -67.70 42.72 -6.09
CA MET P 98 -66.59 43.68 -6.19
C MET P 98 -66.94 45.10 -5.74
N PRO P 99 -68.09 45.64 -6.18
CA PRO P 99 -68.40 47.01 -5.72
C PRO P 99 -68.52 47.09 -4.20
N MET P 100 -69.06 46.06 -3.58
CA MET P 100 -69.13 46.02 -2.13
C MET P 100 -67.77 46.06 -1.48
N LEU P 101 -66.85 45.21 -1.96
CA LEU P 101 -65.58 45.10 -1.30
C LEU P 101 -64.77 46.38 -1.49
N VAL P 102 -64.84 46.96 -2.69
CA VAL P 102 -64.11 48.21 -2.91
C VAL P 102 -64.64 49.31 -1.99
N GLU P 103 -65.96 49.48 -1.95
CA GLU P 103 -66.54 50.50 -1.07
C GLU P 103 -66.19 50.23 0.40
N LEU P 104 -66.28 48.96 0.81
CA LEU P 104 -65.96 48.59 2.19
C LEU P 104 -64.54 49.00 2.55
N LEU P 105 -63.59 48.65 1.70
CA LEU P 105 -62.19 48.86 2.03
C LEU P 105 -61.75 50.32 1.89
N THR P 106 -62.49 51.11 1.11
CA THR P 106 -62.13 52.52 0.97
C THR P 106 -62.86 53.44 1.93
N SER P 107 -63.78 52.90 2.73
CA SER P 107 -64.55 53.73 3.66
C SER P 107 -64.51 53.15 5.07
N ILE P 108 -63.62 52.17 5.27
CA ILE P 108 -63.58 51.38 6.48
C ILE P 108 -63.34 52.24 7.72
N ASN P 109 -62.70 53.39 7.52
CA ASN P 109 -62.41 54.30 8.64
C ASN P 109 -63.47 55.39 8.83
N VAL P 110 -64.39 55.50 7.87
CA VAL P 110 -65.36 56.58 7.84
C VAL P 110 -66.63 56.28 8.64
N TYR P 111 -67.17 55.08 8.49
CA TYR P 111 -68.43 54.72 9.13
C TYR P 111 -68.26 53.68 10.22
N ASP P 112 -69.20 53.63 11.16
CA ASP P 112 -69.23 52.57 12.15
C ASP P 112 -69.67 51.30 11.43
N THR P 113 -69.43 50.14 12.02
CA THR P 113 -69.68 48.87 11.32
C THR P 113 -71.13 48.68 10.86
N THR P 114 -72.09 49.08 11.69
CA THR P 114 -73.49 48.94 11.28
C THR P 114 -73.80 49.74 10.01
N GLU P 115 -73.40 51.00 9.98
CA GLU P 115 -73.67 51.85 8.81
C GLU P 115 -72.87 51.40 7.59
N LEU P 116 -71.63 50.98 7.84
CA LEU P 116 -70.77 50.43 6.80
C LEU P 116 -71.47 49.27 6.07
N LEU P 117 -72.01 48.34 6.83
CA LEU P 117 -72.65 47.17 6.24
C LEU P 117 -73.93 47.51 5.50
N GLU P 118 -74.67 48.48 6.03
CA GLU P 118 -75.87 48.95 5.33
C GLU P 118 -75.49 49.63 4.02
N ASN P 119 -74.45 50.44 4.06
CA ASN P 119 -73.92 51.11 2.87
C ASN P 119 -73.55 50.13 1.78
N ILE P 120 -72.76 49.12 2.12
CA ILE P 120 -72.27 48.20 1.08
C ILE P 120 -73.36 47.24 0.62
N SER P 121 -74.32 46.93 1.49
CA SER P 121 -75.46 46.12 1.06
C SER P 121 -76.18 46.84 -0.08
N LYS P 122 -76.40 48.13 0.10
CA LYS P 122 -77.09 48.94 -0.89
C LYS P 122 -76.27 49.05 -2.17
N ILE P 123 -74.97 49.26 -2.03
CA ILE P 123 -74.10 49.45 -3.17
C ILE P 123 -73.95 48.14 -3.97
N GLY P 124 -73.90 47.03 -3.24
CA GLY P 124 -73.79 45.70 -3.84
C GLY P 124 -75.01 45.39 -4.70
N LYS P 125 -76.18 45.63 -4.15
CA LYS P 125 -77.40 45.36 -4.90
C LYS P 125 -77.53 46.29 -6.12
N ASP P 126 -77.24 47.58 -5.92
CA ASP P 126 -77.32 48.55 -7.00
C ASP P 126 -76.30 48.25 -8.10
N GLY P 127 -75.23 47.56 -7.74
CA GLY P 127 -74.15 47.27 -8.68
C GLY P 127 -74.46 46.10 -9.60
N ILE P 128 -75.59 45.44 -9.37
CA ILE P 128 -75.99 44.28 -10.19
C ILE P 128 -77.01 44.80 -11.19
N LYS P 129 -76.62 44.83 -12.46
CA LYS P 129 -77.48 45.38 -13.51
C LYS P 129 -77.39 44.55 -14.77
N VAL P 130 -78.55 44.33 -15.39
CA VAL P 130 -78.66 43.64 -16.67
C VAL P 130 -78.54 44.82 -17.64
N ILE P 131 -77.75 44.65 -18.70
CA ILE P 131 -77.52 45.75 -19.63
C ILE P 131 -78.32 45.62 -20.92
N GLU P 132 -78.99 46.72 -21.28
CA GLU P 132 -79.82 46.76 -22.47
C GLU P 132 -79.29 47.71 -23.52
N LYS P 133 -79.61 47.42 -24.77
CA LYS P 133 -79.21 48.19 -25.94
C LYS P 133 -79.22 47.25 -27.13
N MET Q 3 -24.67 71.73 49.75
CA MET Q 3 -25.05 71.86 48.35
C MET Q 3 -24.72 70.59 47.57
N LYS Q 4 -25.65 70.11 46.77
CA LYS Q 4 -25.39 68.96 45.91
C LYS Q 4 -24.29 69.28 44.89
N GLU Q 5 -23.52 68.28 44.50
CA GLU Q 5 -22.53 68.46 43.44
C GLU Q 5 -23.27 68.63 42.11
N LYS Q 6 -22.74 69.48 41.24
CA LYS Q 6 -23.43 69.79 40.00
C LYS Q 6 -22.86 69.02 38.81
N PHE Q 7 -23.67 68.86 37.76
CA PHE Q 7 -23.20 68.21 36.54
C PHE Q 7 -23.66 69.11 35.41
N VAL Q 8 -22.78 69.42 34.47
CA VAL Q 8 -23.12 70.31 33.36
C VAL Q 8 -23.21 69.51 32.07
N LEU Q 9 -24.38 69.59 31.42
CA LEU Q 9 -24.58 68.91 30.15
C LEU Q 9 -24.62 70.01 29.09
N ILE Q 10 -23.73 69.92 28.11
CA ILE Q 10 -23.72 70.89 27.01
C ILE Q 10 -24.39 70.27 25.79
N ILE Q 11 -25.46 70.91 25.29
CA ILE Q 11 -26.19 70.35 24.15
C ILE Q 11 -26.20 71.43 23.07
N THR Q 12 -25.63 71.12 21.92
CA THR Q 12 -25.45 72.12 20.86
C THR Q 12 -25.55 71.51 19.48
N HIS Q 13 -25.56 72.35 18.46
CA HIS Q 13 -25.42 71.87 17.09
C HIS Q 13 -23.99 71.43 16.76
N GLY Q 14 -23.87 70.32 16.04
CA GLY Q 14 -22.55 69.85 15.62
C GLY Q 14 -21.49 69.80 16.73
N ASP Q 15 -20.27 70.14 16.39
CA ASP Q 15 -19.15 70.05 17.33
C ASP Q 15 -18.98 71.29 18.19
N PHE Q 16 -20.00 72.15 18.25
CA PHE Q 16 -19.83 73.39 19.00
C PHE Q 16 -19.53 73.12 20.48
N GLY Q 17 -20.38 72.31 21.12
CA GLY Q 17 -20.16 71.98 22.54
C GLY Q 17 -18.83 71.30 22.80
N LYS Q 18 -18.49 70.37 21.89
CA LYS Q 18 -17.22 69.64 22.00
C LYS Q 18 -16.05 70.60 21.91
N GLY Q 19 -16.13 71.57 21.01
CA GLY Q 19 -15.08 72.56 20.84
C GLY Q 19 -15.04 73.59 21.96
N LEU Q 20 -16.22 74.01 22.41
CA LEU Q 20 -16.30 74.97 23.52
C LEU Q 20 -15.64 74.40 24.76
N LEU Q 21 -15.94 73.14 25.06
CA LEU Q 21 -15.33 72.49 26.23
C LEU Q 21 -13.80 72.39 26.08
N SER Q 22 -13.36 71.92 24.91
CA SER Q 22 -11.92 71.90 24.57
C SER Q 22 -11.24 73.23 24.84
N GLY Q 23 -11.83 74.31 24.32
CA GLY Q 23 -11.34 75.66 24.54
C GLY Q 23 -11.28 76.08 26.00
N ALA Q 24 -12.36 75.82 26.73
CA ALA Q 24 -12.37 76.10 28.16
C ALA Q 24 -11.29 75.33 28.88
N GLU Q 25 -11.05 74.10 28.46
CA GLU Q 25 -10.09 73.25 29.15
C GLU Q 25 -8.64 73.71 28.90
N VAL Q 26 -8.40 74.37 27.78
CA VAL Q 26 -7.11 75.07 27.57
C VAL Q 26 -6.88 76.09 28.68
N ILE Q 27 -7.96 76.78 29.07
CA ILE Q 27 -7.89 77.81 30.07
C ILE Q 27 -7.83 77.26 31.50
N ILE Q 28 -8.73 76.35 31.85
CA ILE Q 28 -8.90 75.93 33.27
C ILE Q 28 -8.61 74.46 33.56
N GLY Q 29 -8.07 73.74 32.58
CA GLY Q 29 -7.75 72.33 32.76
C GLY Q 29 -8.91 71.38 32.52
N LYS Q 30 -8.58 70.08 32.46
CA LYS Q 30 -9.57 69.04 32.16
C LYS Q 30 -10.68 68.99 33.19
N GLN Q 31 -11.91 68.93 32.70
CA GLN Q 31 -13.10 68.91 33.53
C GLN Q 31 -13.61 67.50 33.78
N GLU Q 32 -14.14 67.29 34.97
CA GLU Q 32 -15.01 66.17 35.24
C GLU Q 32 -16.40 66.77 35.40
N ASN Q 33 -17.44 65.95 35.35
CA ASN Q 33 -18.78 66.47 35.56
C ASN Q 33 -19.24 67.45 34.47
N VAL Q 34 -18.64 67.38 33.29
CA VAL Q 34 -19.16 68.07 32.10
C VAL Q 34 -19.25 67.08 30.96
N HIS Q 35 -20.40 67.02 30.31
CA HIS Q 35 -20.56 66.13 29.16
C HIS Q 35 -21.13 66.94 27.99
N THR Q 36 -20.74 66.59 26.78
CA THR Q 36 -21.24 67.28 25.60
C THR Q 36 -22.01 66.33 24.67
N VAL Q 37 -23.10 66.85 24.12
CA VAL Q 37 -23.91 66.13 23.16
C VAL Q 37 -24.11 67.07 21.98
N GLY Q 38 -23.74 66.62 20.80
CA GLY Q 38 -23.88 67.44 19.60
C GLY Q 38 -24.92 66.88 18.65
N LEU Q 39 -25.78 67.74 18.14
CA LEU Q 39 -26.75 67.35 17.11
C LEU Q 39 -26.17 67.65 15.73
N ASN Q 40 -25.88 66.59 14.99
CA ASN Q 40 -25.33 66.70 13.64
C ASN Q 40 -26.41 66.54 12.58
N LEU Q 41 -26.17 67.05 11.37
CA LEU Q 41 -27.08 66.71 10.27
C LEU Q 41 -27.11 65.21 10.19
N GLY Q 42 -28.32 64.65 10.04
CA GLY Q 42 -28.47 63.21 9.91
C GLY Q 42 -28.72 62.50 11.23
N ASP Q 43 -28.69 63.24 12.34
CA ASP Q 43 -29.05 62.67 13.64
C ASP Q 43 -30.57 62.72 13.81
N ASN Q 44 -31.14 61.61 14.27
CA ASN Q 44 -32.56 61.61 14.61
C ASN Q 44 -32.76 62.23 16.00
N ILE Q 45 -33.54 63.31 16.06
CA ILE Q 45 -33.67 64.07 17.29
C ILE Q 45 -34.23 63.25 18.42
N GLU Q 46 -35.11 62.29 18.10
CA GLU Q 46 -35.69 61.46 19.13
C GLU Q 46 -34.67 60.47 19.70
N LYS Q 47 -33.76 60.01 18.84
CA LYS Q 47 -32.67 59.17 19.31
C LYS Q 47 -31.76 59.95 20.26
N VAL Q 48 -31.44 61.18 19.86
CA VAL Q 48 -30.58 62.04 20.70
C VAL Q 48 -31.30 62.38 22.00
N ALA Q 49 -32.61 62.63 21.93
CA ALA Q 49 -33.37 62.96 23.13
C ALA Q 49 -33.28 61.82 24.15
N LYS Q 50 -33.43 60.59 23.66
CA LYS Q 50 -33.40 59.43 24.55
C LYS Q 50 -32.03 59.23 25.21
N GLU Q 51 -30.97 59.57 24.47
CA GLU Q 51 -29.61 59.51 25.01
C GLU Q 51 -29.40 60.54 26.10
N VAL Q 52 -29.88 61.73 25.83
CA VAL Q 52 -29.78 62.81 26.79
C VAL Q 52 -30.55 62.42 28.07
N MET Q 53 -31.75 61.88 27.89
CA MET Q 53 -32.54 61.48 29.05
C MET Q 53 -31.75 60.40 29.79
N ARG Q 54 -31.09 59.51 29.06
CA ARG Q 54 -30.32 58.46 29.71
C ARG Q 54 -29.26 59.06 30.62
N ILE Q 55 -28.59 60.08 30.14
CA ILE Q 55 -27.58 60.75 30.97
C ILE Q 55 -28.14 61.45 32.20
N ILE Q 56 -29.29 62.10 32.03
CA ILE Q 56 -29.86 62.86 33.13
C ILE Q 56 -30.31 61.95 34.28
N ILE Q 57 -31.04 60.89 33.95
CA ILE Q 57 -31.46 59.91 34.94
C ILE Q 57 -30.25 59.36 35.70
N ALA Q 58 -29.22 58.95 34.96
CA ALA Q 58 -28.01 58.42 35.58
C ALA Q 58 -27.41 59.37 36.59
N LYS Q 59 -27.38 60.65 36.25
CA LYS Q 59 -26.78 61.66 37.13
C LYS Q 59 -27.69 62.00 38.30
N LEU Q 60 -29.00 62.04 38.06
CA LEU Q 60 -29.93 62.25 39.15
C LEU Q 60 -29.76 61.11 40.16
N ALA Q 61 -29.67 59.90 39.65
CA ALA Q 61 -29.45 58.71 40.49
C ALA Q 61 -28.13 58.76 41.25
N GLU Q 62 -27.25 59.67 40.85
CA GLU Q 62 -26.01 59.89 41.59
C GLU Q 62 -26.15 61.09 42.51
N ASP Q 63 -27.39 61.53 42.70
CA ASP Q 63 -27.72 62.66 43.55
C ASP Q 63 -27.04 63.95 43.08
N LYS Q 64 -26.98 64.16 41.77
CA LYS Q 64 -26.39 65.37 41.23
C LYS Q 64 -27.43 66.37 40.79
N GLU Q 65 -27.08 67.64 40.88
CA GLU Q 65 -27.92 68.71 40.36
C GLU Q 65 -27.44 69.04 38.96
N ILE Q 66 -28.39 69.12 38.01
CA ILE Q 66 -28.03 69.21 36.60
C ILE Q 66 -28.32 70.58 35.99
N ILE Q 67 -27.30 71.12 35.32
CA ILE Q 67 -27.44 72.34 34.54
C ILE Q 67 -27.26 71.98 33.07
N ILE Q 68 -28.22 72.37 32.24
CA ILE Q 68 -28.05 72.16 30.82
C ILE Q 68 -27.73 73.48 30.17
N VAL Q 69 -26.62 73.53 29.45
CA VAL Q 69 -26.24 74.72 28.72
C VAL Q 69 -26.44 74.47 27.22
N VAL Q 70 -27.09 75.40 26.53
CA VAL Q 70 -27.38 75.16 25.12
C VAL Q 70 -26.90 76.31 24.26
N ASP Q 71 -26.66 76.01 22.98
CA ASP Q 71 -26.05 77.01 22.11
C ASP Q 71 -26.99 78.15 21.72
N LEU Q 72 -28.23 77.80 21.40
CA LEU Q 72 -29.09 78.70 20.67
C LEU Q 72 -30.50 78.56 21.20
N PHE Q 73 -31.14 79.67 21.50
CA PHE Q 73 -32.56 79.66 21.85
C PHE Q 73 -33.34 79.27 20.60
N GLY Q 74 -33.97 78.11 20.62
CA GLY Q 74 -34.64 77.59 19.44
C GLY Q 74 -33.75 76.57 18.72
N GLY Q 75 -34.36 75.63 18.04
CA GLY Q 75 -33.59 74.58 17.42
C GLY Q 75 -33.65 73.31 18.23
N SER Q 76 -33.18 72.22 17.65
CA SER Q 76 -33.39 70.91 18.24
C SER Q 76 -32.67 70.73 19.57
N PRO Q 77 -31.46 71.27 19.70
CA PRO Q 77 -30.73 71.15 20.97
C PRO Q 77 -31.53 71.81 22.10
N PHE Q 78 -32.13 72.96 21.81
CA PHE Q 78 -32.93 73.69 22.78
C PHE Q 78 -34.23 72.89 23.08
N ASN Q 79 -34.83 72.35 22.04
CA ASN Q 79 -36.09 71.60 22.19
C ASN Q 79 -35.87 70.37 23.08
N ILE Q 80 -34.73 69.73 22.92
CA ILE Q 80 -34.35 68.64 23.84
C ILE Q 80 -34.19 69.11 25.29
N ALA Q 81 -33.46 70.21 25.48
CA ALA Q 81 -33.27 70.76 26.82
C ALA Q 81 -34.61 71.09 27.46
N LEU Q 82 -35.49 71.72 26.69
CA LEU Q 82 -36.82 72.09 27.22
C LEU Q 82 -37.58 70.84 27.64
N GLU Q 83 -37.50 69.79 26.84
CA GLU Q 83 -38.22 68.56 27.15
C GLU Q 83 -37.70 67.93 28.44
N MET Q 84 -36.39 68.09 28.70
CA MET Q 84 -35.78 67.62 29.94
C MET Q 84 -36.18 68.47 31.14
N MET Q 85 -36.39 69.76 30.92
CA MET Q 85 -36.83 70.62 32.01
C MET Q 85 -38.29 70.30 32.33
N LYS Q 86 -39.07 70.01 31.30
CA LYS Q 86 -40.46 69.65 31.52
C LYS Q 86 -40.55 68.42 32.42
N THR Q 87 -39.73 67.42 32.14
CA THR Q 87 -39.80 66.12 32.84
C THR Q 87 -38.99 66.05 34.13
N PHE Q 88 -37.79 66.62 34.12
CA PHE Q 88 -36.83 66.39 35.21
C PHE Q 88 -36.44 67.61 36.03
N ASP Q 89 -36.96 68.79 35.69
CA ASP Q 89 -36.75 69.98 36.48
C ASP Q 89 -35.26 70.32 36.64
N VAL Q 90 -34.49 70.05 35.59
CA VAL Q 90 -33.14 70.55 35.47
C VAL Q 90 -33.23 72.05 35.17
N LYS Q 91 -32.11 72.73 35.17
CA LYS Q 91 -32.09 74.14 34.83
C LYS Q 91 -31.41 74.35 33.47
N VAL Q 92 -31.80 75.39 32.76
CA VAL Q 92 -31.36 75.60 31.38
C VAL Q 92 -30.98 77.06 31.09
N ILE Q 93 -29.86 77.24 30.39
CA ILE Q 93 -29.47 78.56 29.94
C ILE Q 93 -29.02 78.47 28.47
N THR Q 94 -29.33 79.50 27.68
CA THR Q 94 -28.99 79.48 26.25
C THR Q 94 -27.92 80.50 25.92
N GLY Q 95 -27.40 80.42 24.70
CA GLY Q 95 -26.43 81.39 24.19
C GLY Q 95 -25.03 81.26 24.76
N ILE Q 96 -24.68 80.06 25.20
CA ILE Q 96 -23.42 79.84 25.92
C ILE Q 96 -22.21 80.33 25.12
N ASN Q 97 -21.34 81.07 25.79
CA ASN Q 97 -20.06 81.48 25.20
C ASN Q 97 -18.89 81.18 26.17
N MET Q 98 -17.66 81.56 25.78
CA MET Q 98 -16.50 81.16 26.57
C MET Q 98 -16.45 81.78 27.97
N PRO Q 99 -16.67 83.10 28.09
CA PRO Q 99 -16.61 83.68 29.44
C PRO Q 99 -17.64 83.04 30.38
N MET Q 100 -18.82 82.73 29.86
CA MET Q 100 -19.83 82.06 30.65
C MET Q 100 -19.37 80.70 31.14
N LEU Q 101 -18.82 79.89 30.23
CA LEU Q 101 -18.47 78.53 30.61
C LEU Q 101 -17.31 78.53 31.59
N VAL Q 102 -16.34 79.42 31.37
CA VAL Q 102 -15.22 79.48 32.31
C VAL Q 102 -15.70 79.88 33.70
N GLU Q 103 -16.51 80.94 33.78
CA GLU Q 103 -17.04 81.37 35.09
C GLU Q 103 -17.89 80.26 35.73
N LEU Q 104 -18.73 79.61 34.93
CA LEU Q 104 -19.58 78.53 35.43
C LEU Q 104 -18.73 77.43 36.06
N LEU Q 105 -17.72 76.98 35.33
CA LEU Q 105 -16.96 75.83 35.79
C LEU Q 105 -16.00 76.16 36.95
N THR Q 106 -15.64 77.43 37.09
CA THR Q 106 -14.73 77.80 38.18
C THR Q 106 -15.46 78.26 39.45
N SER Q 107 -16.78 78.34 39.40
CA SER Q 107 -17.54 78.82 40.56
C SER Q 107 -18.68 77.85 40.88
N ILE Q 108 -18.64 76.67 40.28
CA ILE Q 108 -19.74 75.72 40.31
C ILE Q 108 -20.03 75.27 41.75
N ASN Q 109 -19.03 75.34 42.62
CA ASN Q 109 -19.21 74.95 44.02
C ASN Q 109 -19.56 76.11 44.94
N VAL Q 110 -19.48 77.32 44.42
CA VAL Q 110 -19.64 78.53 45.23
C VAL Q 110 -21.09 78.99 45.36
N TYR Q 111 -21.83 78.99 44.25
CA TYR Q 111 -23.20 79.50 44.25
C TYR Q 111 -24.22 78.38 44.03
N ASP Q 112 -25.46 78.63 44.48
CA ASP Q 112 -26.55 77.72 44.17
C ASP Q 112 -26.87 77.91 42.69
N THR Q 113 -27.59 76.96 42.09
CA THR Q 113 -27.80 76.97 40.63
C THR Q 113 -28.51 78.23 40.13
N THR Q 114 -29.51 78.72 40.86
CA THR Q 114 -30.18 79.94 40.42
C THR Q 114 -29.23 81.13 40.33
N GLU Q 115 -28.44 81.36 41.37
CA GLU Q 115 -27.51 82.50 41.39
C GLU Q 115 -26.37 82.30 40.37
N LEU Q 116 -25.93 81.05 40.24
CA LEU Q 116 -24.91 80.68 39.26
C LEU Q 116 -25.36 81.11 37.84
N LEU Q 117 -26.59 80.76 37.48
CA LEU Q 117 -27.07 81.07 36.15
C LEU Q 117 -27.26 82.56 35.93
N GLU Q 118 -27.69 83.26 36.97
CA GLU Q 118 -27.81 84.71 36.88
C GLU Q 118 -26.44 85.35 36.70
N ASN Q 119 -25.47 84.87 37.46
CA ASN Q 119 -24.08 85.32 37.35
C ASN Q 119 -23.53 85.18 35.95
N ILE Q 120 -23.66 83.98 35.37
CA ILE Q 120 -23.04 83.76 34.07
C ILE Q 120 -23.83 84.43 32.94
N SER Q 121 -25.13 84.60 33.12
CA SER Q 121 -25.91 85.37 32.15
C SER Q 121 -25.33 86.77 32.03
N LYS Q 122 -25.07 87.39 33.18
CA LYS Q 122 -24.53 88.73 33.21
C LYS Q 122 -23.12 88.79 32.63
N ILE Q 123 -22.31 87.80 32.98
CA ILE Q 123 -20.92 87.77 32.52
C ILE Q 123 -20.84 87.52 31.02
N GLY Q 124 -21.74 86.66 30.53
CA GLY Q 124 -21.82 86.35 29.10
C GLY Q 124 -22.15 87.57 28.27
N LYS Q 125 -23.16 88.30 28.71
CA LYS Q 125 -23.57 89.50 27.98
C LYS Q 125 -22.47 90.58 28.05
N ASP Q 126 -21.90 90.77 29.22
CA ASP Q 126 -20.84 91.77 29.39
C ASP Q 126 -19.60 91.42 28.58
N GLY Q 127 -19.43 90.13 28.29
CA GLY Q 127 -18.25 89.66 27.59
C GLY Q 127 -18.31 89.87 26.09
N ILE Q 128 -19.46 90.35 25.61
CA ILE Q 128 -19.65 90.59 24.17
C ILE Q 128 -19.43 92.08 23.95
N LYS Q 129 -18.34 92.42 23.28
CA LYS Q 129 -17.98 93.84 23.07
C LYS Q 129 -17.44 94.04 21.66
N VAL Q 130 -17.90 95.08 20.99
CA VAL Q 130 -17.30 95.50 19.74
C VAL Q 130 -16.15 96.46 20.06
N ILE Q 131 -14.95 96.16 19.58
CA ILE Q 131 -13.78 96.98 19.89
C ILE Q 131 -13.61 98.08 18.84
N GLU Q 132 -13.47 99.31 19.30
CA GLU Q 132 -13.27 100.44 18.41
C GLU Q 132 -12.10 101.28 18.87
N LYS Q 133 -11.29 101.74 17.93
CA LYS Q 133 -10.12 102.57 18.24
C LYS Q 133 -9.19 102.56 17.05
N MET R 3 -47.83 -7.08 73.52
CA MET R 3 -46.48 -6.86 74.02
C MET R 3 -45.55 -6.45 72.88
N LYS R 4 -44.75 -5.42 73.09
CA LYS R 4 -43.75 -5.03 72.09
C LYS R 4 -42.72 -6.13 71.90
N GLU R 5 -42.17 -6.23 70.69
CA GLU R 5 -41.09 -7.17 70.43
C GLU R 5 -39.83 -6.67 71.15
N LYS R 6 -39.04 -7.59 71.68
CA LYS R 6 -37.87 -7.20 72.45
C LYS R 6 -36.57 -7.28 71.67
N PHE R 7 -35.56 -6.53 72.09
CA PHE R 7 -34.25 -6.59 71.46
C PHE R 7 -33.26 -6.71 72.61
N VAL R 8 -32.31 -7.63 72.49
CA VAL R 8 -31.32 -7.84 73.55
C VAL R 8 -29.97 -7.35 73.10
N LEU R 9 -29.39 -6.43 73.88
CA LEU R 9 -28.07 -5.91 73.59
C LEU R 9 -27.14 -6.49 74.64
N ILE R 10 -26.11 -7.20 74.23
CA ILE R 10 -25.13 -7.76 75.16
C ILE R 10 -23.88 -6.87 75.16
N ILE R 11 -23.52 -6.33 76.33
CA ILE R 11 -22.37 -5.43 76.41
C ILE R 11 -21.42 -6.02 77.44
N THR R 12 -20.20 -6.36 77.03
CA THR R 12 -19.27 -7.06 77.89
C THR R 12 -17.82 -6.67 77.60
N HIS R 13 -16.91 -7.14 78.42
CA HIS R 13 -15.49 -7.02 78.14
C HIS R 13 -15.04 -7.97 77.02
N GLY R 14 -14.19 -7.49 76.13
CA GLY R 14 -13.64 -8.34 75.07
C GLY R 14 -14.68 -9.17 74.33
N ASP R 15 -14.31 -10.40 73.98
CA ASP R 15 -15.17 -11.27 73.18
C ASP R 15 -16.16 -12.08 74.01
N PHE R 16 -16.37 -11.69 75.27
CA PHE R 16 -17.25 -12.48 76.12
C PHE R 16 -18.65 -12.57 75.54
N GLY R 17 -19.24 -11.41 75.24
CA GLY R 17 -20.62 -11.39 74.69
C GLY R 17 -20.71 -12.13 73.37
N LYS R 18 -19.69 -11.92 72.51
CA LYS R 18 -19.65 -12.57 71.20
C LYS R 18 -19.60 -14.08 71.36
N GLY R 19 -18.84 -14.57 72.34
CA GLY R 19 -18.72 -15.99 72.61
C GLY R 19 -19.93 -16.57 73.31
N LEU R 20 -20.50 -15.81 74.25
CA LEU R 20 -21.70 -16.25 74.95
C LEU R 20 -22.84 -16.47 73.95
N LEU R 21 -23.01 -15.52 73.03
CA LEU R 21 -24.07 -15.66 72.02
C LEU R 21 -23.82 -16.88 71.12
N SER R 22 -22.58 -17.02 70.63
CA SER R 22 -22.16 -18.21 69.88
C SER R 22 -22.55 -19.51 70.59
N GLY R 23 -22.18 -19.61 71.86
CA GLY R 23 -22.52 -20.75 72.70
C GLY R 23 -24.01 -21.01 72.82
N ALA R 24 -24.77 -19.96 73.11
CA ALA R 24 -26.23 -20.07 73.17
C ALA R 24 -26.79 -20.56 71.84
N GLU R 25 -26.22 -20.09 70.74
CA GLU R 25 -26.76 -20.44 69.42
C GLU R 25 -26.49 -21.89 69.06
N VAL R 26 -25.43 -22.47 69.61
CA VAL R 26 -25.22 -23.93 69.52
C VAL R 26 -26.43 -24.67 70.12
N ILE R 27 -26.96 -24.13 71.21
CA ILE R 27 -28.06 -24.75 71.90
C ILE R 27 -29.42 -24.48 71.24
N ILE R 28 -29.70 -23.21 70.93
CA ILE R 28 -31.07 -22.83 70.49
C ILE R 28 -31.17 -22.26 69.08
N GLY R 29 -30.10 -22.33 68.32
CA GLY R 29 -30.09 -21.83 66.95
C GLY R 29 -29.82 -20.34 66.82
N LYS R 30 -29.59 -19.91 65.58
CA LYS R 30 -29.23 -18.52 65.29
C LYS R 30 -30.32 -17.54 65.72
N GLN R 31 -29.89 -16.48 66.40
CA GLN R 31 -30.78 -15.47 66.92
C GLN R 31 -30.89 -14.26 66.00
N GLU R 32 -32.09 -13.69 65.96
CA GLU R 32 -32.28 -12.35 65.47
C GLU R 32 -32.57 -11.51 66.72
N ASN R 33 -32.50 -10.19 66.60
CA ASN R 33 -32.83 -9.35 67.73
C ASN R 33 -31.89 -9.52 68.94
N VAL R 34 -30.67 -10.00 68.69
CA VAL R 34 -29.61 -9.95 69.70
C VAL R 34 -28.37 -9.35 69.07
N HIS R 35 -27.77 -8.36 69.73
CA HIS R 35 -26.56 -7.77 69.22
C HIS R 35 -25.52 -7.74 70.34
N THR R 36 -24.24 -7.90 69.99
CA THR R 36 -23.18 -7.88 70.99
C THR R 36 -22.21 -6.73 70.74
N VAL R 37 -21.77 -6.11 71.83
CA VAL R 37 -20.78 -5.05 71.79
C VAL R 37 -19.73 -5.42 72.82
N GLY R 38 -18.48 -5.49 72.40
CA GLY R 38 -17.40 -5.84 73.30
C GLY R 38 -16.44 -4.68 73.52
N LEU R 39 -16.09 -4.45 74.77
CA LEU R 39 -15.08 -3.44 75.10
C LEU R 39 -13.71 -4.08 75.21
N ASN R 40 -12.84 -3.77 74.27
CA ASN R 40 -11.48 -4.31 74.21
C ASN R 40 -10.47 -3.33 74.81
N LEU R 41 -9.32 -3.83 75.26
CA LEU R 41 -8.24 -2.91 75.60
C LEU R 41 -7.98 -2.05 74.38
N GLY R 42 -7.85 -0.75 74.59
CA GLY R 42 -7.57 0.16 73.50
C GLY R 42 -8.82 0.79 72.88
N ASP R 43 -10.00 0.37 73.33
CA ASP R 43 -11.23 1.00 72.90
C ASP R 43 -11.49 2.24 73.73
N ASN R 44 -11.86 3.33 73.09
CA ASN R 44 -12.28 4.54 73.80
C ASN R 44 -13.73 4.38 74.26
N ILE R 45 -13.96 4.46 75.56
CA ILE R 45 -15.27 4.16 76.12
C ILE R 45 -16.34 5.10 75.60
N GLU R 46 -15.95 6.35 75.32
CA GLU R 46 -16.92 7.32 74.82
C GLU R 46 -17.30 7.01 73.37
N LYS R 47 -16.37 6.48 72.60
CA LYS R 47 -16.67 6.03 71.25
C LYS R 47 -17.64 4.85 71.28
N VAL R 48 -17.38 3.90 72.18
CA VAL R 48 -18.25 2.74 72.33
C VAL R 48 -19.62 3.17 72.84
N ALA R 49 -19.65 4.12 73.75
CA ALA R 49 -20.92 4.60 74.30
C ALA R 49 -21.79 5.17 73.18
N LYS R 50 -21.19 5.96 72.30
CA LYS R 50 -21.95 6.58 71.22
C LYS R 50 -22.49 5.55 70.22
N GLU R 51 -21.73 4.47 70.01
CA GLU R 51 -22.18 3.38 69.13
C GLU R 51 -23.35 2.63 69.75
N VAL R 52 -23.28 2.40 71.05
CA VAL R 52 -24.34 1.73 71.77
C VAL R 52 -25.60 2.61 71.70
N MET R 53 -25.43 3.91 71.94
CA MET R 53 -26.58 4.81 71.88
C MET R 53 -27.12 4.75 70.46
N ARG R 54 -26.25 4.63 69.46
CA ARG R 54 -26.74 4.58 68.08
C ARG R 54 -27.66 3.40 67.91
N ILE R 55 -27.25 2.25 68.43
CA ILE R 55 -28.13 1.08 68.35
C ILE R 55 -29.46 1.18 69.07
N ILE R 56 -29.44 1.79 70.26
CA ILE R 56 -30.64 1.86 71.07
C ILE R 56 -31.70 2.77 70.41
N ILE R 57 -31.30 3.94 69.98
CA ILE R 57 -32.19 4.85 69.26
C ILE R 57 -32.82 4.14 68.06
N ALA R 58 -31.98 3.50 67.24
CA ALA R 58 -32.47 2.79 66.07
C ALA R 58 -33.54 1.78 66.41
N LYS R 59 -33.35 1.04 67.50
CA LYS R 59 -34.29 0.01 67.90
C LYS R 59 -35.54 0.60 68.52
N LEU R 60 -35.39 1.65 69.30
CA LEU R 60 -36.55 2.35 69.84
C LEU R 60 -37.41 2.84 68.68
N ALA R 61 -36.76 3.42 67.68
CA ALA R 61 -37.44 3.91 66.49
C ALA R 61 -38.13 2.78 65.71
N GLU R 62 -37.80 1.53 66.03
CA GLU R 62 -38.48 0.39 65.45
C GLU R 62 -39.53 -0.10 66.43
N ASP R 63 -39.80 0.71 67.45
CA ASP R 63 -40.78 0.40 68.47
C ASP R 63 -40.45 -0.90 69.21
N LYS R 64 -39.18 -1.11 69.52
CA LYS R 64 -38.77 -2.30 70.24
C LYS R 64 -38.50 -1.97 71.70
N GLU R 65 -38.70 -2.96 72.55
CA GLU R 65 -38.36 -2.86 73.96
C GLU R 65 -36.97 -3.45 74.15
N ILE R 66 -36.10 -2.72 74.86
CA ILE R 66 -34.69 -3.09 74.90
C ILE R 66 -34.25 -3.60 76.26
N ILE R 67 -33.60 -4.75 76.25
CA ILE R 67 -32.97 -5.32 77.44
C ILE R 67 -31.46 -5.30 77.23
N ILE R 68 -30.74 -4.71 78.18
CA ILE R 68 -29.29 -4.77 78.08
C ILE R 68 -28.78 -5.77 79.10
N VAL R 69 -28.00 -6.73 78.62
CA VAL R 69 -27.39 -7.71 79.49
C VAL R 69 -25.89 -7.42 79.57
N VAL R 70 -25.35 -7.39 80.78
CA VAL R 70 -23.93 -7.05 80.93
C VAL R 70 -23.18 -8.10 81.72
N ASP R 71 -21.88 -8.15 81.51
CA ASP R 71 -21.09 -9.22 82.11
C ASP R 71 -20.87 -9.06 83.62
N LEU R 72 -20.58 -7.83 84.04
CA LEU R 72 -20.02 -7.63 85.35
C LEU R 72 -20.61 -6.35 85.93
N PHE R 73 -21.06 -6.41 87.17
CA PHE R 73 -21.49 -5.21 87.88
C PHE R 73 -20.25 -4.38 88.15
N GLY R 74 -20.17 -3.20 87.52
CA GLY R 74 -18.97 -2.39 87.60
C GLY R 74 -18.10 -2.59 86.36
N GLY R 75 -17.35 -1.57 85.99
CA GLY R 75 -16.58 -1.64 84.78
C GLY R 75 -17.25 -0.89 83.66
N SER R 76 -16.51 -0.69 82.57
CA SER R 76 -16.97 0.20 81.52
C SER R 76 -18.23 -0.28 80.82
N PRO R 77 -18.36 -1.58 80.60
CA PRO R 77 -19.55 -2.11 79.94
C PRO R 77 -20.79 -1.79 80.77
N PHE R 78 -20.68 -1.92 82.08
CA PHE R 78 -21.76 -1.62 83.02
C PHE R 78 -22.05 -0.10 83.02
N ASN R 79 -20.98 0.68 83.02
CA ASN R 79 -21.12 2.14 83.07
C ASN R 79 -21.85 2.64 81.83
N ILE R 80 -21.55 2.03 80.68
CA ILE R 80 -22.33 2.34 79.47
C ILE R 80 -23.80 1.96 79.59
N ALA R 81 -24.08 0.75 80.09
CA ALA R 81 -25.45 0.31 80.26
C ALA R 81 -26.20 1.26 81.19
N LEU R 82 -25.57 1.65 82.29
CA LEU R 82 -26.20 2.56 83.24
C LEU R 82 -26.52 3.89 82.57
N GLU R 83 -25.60 4.39 81.75
CA GLU R 83 -25.81 5.66 81.09
C GLU R 83 -26.99 5.58 80.11
N MET R 84 -27.19 4.41 79.51
CA MET R 84 -28.34 4.18 78.63
C MET R 84 -29.65 4.07 79.40
N MET R 85 -29.58 3.53 80.61
CA MET R 85 -30.78 3.45 81.44
C MET R 85 -31.15 4.85 81.92
N LYS R 86 -30.14 5.65 82.23
CA LYS R 86 -30.39 7.01 82.66
C LYS R 86 -31.16 7.77 81.58
N THR R 87 -30.72 7.63 80.33
CA THR R 87 -31.27 8.40 79.21
C THR R 87 -32.51 7.78 78.56
N PHE R 88 -32.49 6.46 78.37
CA PHE R 88 -33.48 5.80 77.53
C PHE R 88 -34.42 4.82 78.22
N ASP R 89 -34.22 4.59 79.52
CA ASP R 89 -35.16 3.79 80.30
C ASP R 89 -35.24 2.34 79.81
N VAL R 90 -34.14 1.85 79.25
CA VAL R 90 -34.01 0.44 78.95
C VAL R 90 -33.87 -0.29 80.27
N LYS R 91 -33.90 -1.62 80.22
CA LYS R 91 -33.72 -2.40 81.43
C LYS R 91 -32.37 -3.11 81.40
N VAL R 92 -31.79 -3.36 82.57
CA VAL R 92 -30.42 -3.87 82.67
C VAL R 92 -30.27 -4.99 83.70
N ILE R 93 -29.53 -6.02 83.34
CA ILE R 93 -29.21 -7.08 84.28
C ILE R 93 -27.72 -7.44 84.15
N THR R 94 -27.07 -7.75 85.27
CA THR R 94 -25.64 -8.04 85.25
C THR R 94 -25.36 -9.51 85.56
N GLY R 95 -24.11 -9.91 85.34
CA GLY R 95 -23.66 -11.25 85.69
C GLY R 95 -24.13 -12.37 84.75
N ILE R 96 -24.42 -11.99 83.50
CA ILE R 96 -25.03 -12.92 82.55
C ILE R 96 -24.22 -14.21 82.41
N ASN R 97 -24.93 -15.33 82.46
CA ASN R 97 -24.33 -16.63 82.17
C ASN R 97 -25.18 -17.43 81.17
N MET R 98 -24.77 -18.67 80.88
CA MET R 98 -25.45 -19.42 79.81
C MET R 98 -26.90 -19.79 80.12
N PRO R 99 -27.18 -20.31 81.32
CA PRO R 99 -28.58 -20.67 81.60
C PRO R 99 -29.49 -19.44 81.50
N MET R 100 -29.01 -18.29 81.96
CA MET R 100 -29.78 -17.05 81.86
C MET R 100 -30.09 -16.70 80.41
N LEU R 101 -29.07 -16.73 79.56
CA LEU R 101 -29.26 -16.26 78.20
C LEU R 101 -30.17 -17.23 77.44
N VAL R 102 -30.00 -18.52 77.68
CA VAL R 102 -30.88 -19.48 76.99
C VAL R 102 -32.34 -19.28 77.43
N GLU R 103 -32.57 -19.17 78.73
CA GLU R 103 -33.94 -18.95 79.20
C GLU R 103 -34.51 -17.63 78.67
N LEU R 104 -33.68 -16.58 78.69
CA LEU R 104 -34.10 -15.27 78.19
C LEU R 104 -34.56 -15.36 76.74
N LEU R 105 -33.74 -15.97 75.90
CA LEU R 105 -34.02 -15.99 74.47
C LEU R 105 -35.15 -16.95 74.09
N THR R 106 -35.42 -17.95 74.93
CA THR R 106 -36.50 -18.88 74.61
C THR R 106 -37.83 -18.51 75.22
N SER R 107 -37.87 -17.45 76.02
CA SER R 107 -39.12 -17.05 76.68
C SER R 107 -39.40 -15.56 76.46
N ILE R 108 -38.66 -14.97 75.53
CA ILE R 108 -38.65 -13.53 75.33
C ILE R 108 -40.03 -13.02 74.95
N ASN R 109 -40.85 -13.88 74.35
CA ASN R 109 -42.20 -13.49 73.94
C ASN R 109 -43.26 -13.82 74.98
N VAL R 110 -42.89 -14.56 76.01
CA VAL R 110 -43.83 -15.08 77.00
C VAL R 110 -44.10 -14.10 78.15
N TYR R 111 -43.04 -13.51 78.69
CA TYR R 111 -43.17 -12.63 79.86
C TYR R 111 -42.88 -11.17 79.53
N ASP R 112 -43.42 -10.26 80.34
CA ASP R 112 -43.08 -8.86 80.23
C ASP R 112 -41.65 -8.71 80.74
N THR R 113 -40.99 -7.60 80.41
CA THR R 113 -39.56 -7.46 80.72
C THR R 113 -39.23 -7.56 82.21
N THR R 114 -40.08 -6.98 83.07
CA THR R 114 -39.82 -7.08 84.51
C THR R 114 -39.80 -8.53 85.00
N GLU R 115 -40.82 -9.31 84.62
CA GLU R 115 -40.91 -10.71 85.05
C GLU R 115 -39.81 -11.56 84.40
N LEU R 116 -39.52 -11.27 83.13
CA LEU R 116 -38.44 -11.92 82.41
C LEU R 116 -37.12 -11.80 83.17
N LEU R 117 -36.80 -10.59 83.59
CA LEU R 117 -35.53 -10.38 84.28
C LEU R 117 -35.49 -11.02 85.66
N GLU R 118 -36.62 -11.04 86.34
CA GLU R 118 -36.70 -11.73 87.61
C GLU R 118 -36.51 -13.23 87.43
N ASN R 119 -37.17 -13.77 86.39
CA ASN R 119 -37.03 -15.18 86.03
C ASN R 119 -35.60 -15.58 85.79
N ILE R 120 -34.89 -14.84 84.95
CA ILE R 120 -33.54 -15.25 84.59
C ILE R 120 -32.54 -14.98 85.71
N SER R 121 -32.82 -13.97 86.54
CA SER R 121 -31.98 -13.76 87.72
C SER R 121 -31.98 -15.02 88.59
N LYS R 122 -33.17 -15.55 88.81
CA LYS R 122 -33.35 -16.73 89.63
C LYS R 122 -32.69 -17.95 88.98
N ILE R 123 -32.87 -18.09 87.68
CA ILE R 123 -32.34 -19.24 86.96
C ILE R 123 -30.81 -19.19 86.88
N GLY R 124 -30.29 -17.99 86.73
CA GLY R 124 -28.84 -17.76 86.69
C GLY R 124 -28.17 -18.16 87.98
N LYS R 125 -28.74 -17.71 89.09
CA LYS R 125 -28.18 -18.04 90.40
C LYS R 125 -28.30 -19.54 90.68
N ASP R 126 -29.46 -20.12 90.39
CA ASP R 126 -29.68 -21.54 90.62
C ASP R 126 -28.77 -22.40 89.75
N GLY R 127 -28.33 -21.84 88.63
CA GLY R 127 -27.51 -22.58 87.67
C GLY R 127 -26.05 -22.67 88.08
N ILE R 128 -25.69 -21.97 89.16
CA ILE R 128 -24.30 -21.97 89.65
C ILE R 128 -24.24 -22.97 90.80
N LYS R 129 -23.54 -24.08 90.58
CA LYS R 129 -23.48 -25.15 91.56
C LYS R 129 -22.08 -25.75 91.61
N VAL R 130 -21.56 -25.94 92.82
CA VAL R 130 -20.32 -26.68 93.00
C VAL R 130 -20.70 -28.17 93.13
N ILE R 131 -20.10 -29.00 92.30
CA ILE R 131 -20.43 -30.42 92.36
C ILE R 131 -19.46 -31.19 93.23
N GLU R 132 -20.00 -31.87 94.23
CA GLU R 132 -19.22 -32.66 95.16
C GLU R 132 -19.60 -34.12 94.99
N LYS R 133 -18.61 -34.99 94.84
CA LYS R 133 -18.82 -36.43 94.67
C LYS R 133 -19.16 -36.85 93.25
N MET S 3 -15.48 33.27 84.67
CA MET S 3 -14.74 34.29 83.95
C MET S 3 -14.55 33.88 82.49
N LYS S 4 -14.80 34.81 81.57
CA LYS S 4 -14.55 34.53 80.15
C LYS S 4 -13.05 34.31 79.90
N GLU S 5 -12.72 33.50 78.92
CA GLU S 5 -11.34 33.32 78.51
C GLU S 5 -10.86 34.60 77.84
N LYS S 6 -9.60 34.97 78.06
CA LYS S 6 -9.10 36.24 77.54
C LYS S 6 -8.26 36.05 76.27
N PHE S 7 -8.16 37.10 75.47
CA PHE S 7 -7.33 37.07 74.28
C PHE S 7 -6.51 38.35 74.32
N VAL S 8 -5.20 38.24 74.09
CA VAL S 8 -4.32 39.41 74.14
C VAL S 8 -3.87 39.78 72.73
N LEU S 9 -4.14 41.03 72.35
CA LEU S 9 -3.72 41.51 71.05
C LEU S 9 -2.60 42.51 71.32
N ILE S 10 -1.42 42.26 70.75
CA ILE S 10 -0.29 43.18 70.90
C ILE S 10 -0.17 44.04 69.63
N ILE S 11 -0.26 45.36 69.79
CA ILE S 11 -0.19 46.25 68.63
C ILE S 11 0.94 47.23 68.88
N THR S 12 1.94 47.22 67.99
CA THR S 12 3.15 48.01 68.22
C THR S 12 3.75 48.49 66.90
N HIS S 13 4.77 49.33 66.99
CA HIS S 13 5.56 49.71 65.83
C HIS S 13 6.48 48.56 65.38
N GLY S 14 6.59 48.36 64.07
CA GLY S 14 7.49 47.36 63.53
C GLY S 14 7.40 45.98 64.21
N ASP S 15 8.55 45.33 64.38
CA ASP S 15 8.60 43.98 64.93
C ASP S 15 8.65 43.96 66.45
N PHE S 16 8.33 45.06 67.10
CA PHE S 16 8.44 45.08 68.56
C PHE S 16 7.55 44.02 69.21
N GLY S 17 6.27 44.03 68.86
CA GLY S 17 5.35 43.05 69.45
C GLY S 17 5.73 41.61 69.14
N LYS S 18 6.15 41.40 67.86
CA LYS S 18 6.57 40.07 67.42
C LYS S 18 7.77 39.59 68.23
N GLY S 19 8.71 40.50 68.51
CA GLY S 19 9.89 40.17 69.28
C GLY S 19 9.62 40.04 70.77
N LEU S 20 8.75 40.90 71.30
CA LEU S 20 8.37 40.81 72.71
C LEU S 20 7.73 39.47 73.00
N LEU S 21 6.83 39.04 72.13
CA LEU S 21 6.17 37.74 72.34
C LEU S 21 7.19 36.59 72.27
N SER S 22 8.04 36.61 71.25
CA SER S 22 9.17 35.66 71.12
C SER S 22 9.96 35.55 72.41
N GLY S 23 10.38 36.70 72.96
CA GLY S 23 11.11 36.78 74.21
C GLY S 23 10.35 36.19 75.39
N ALA S 24 9.09 36.58 75.53
CA ALA S 24 8.25 36.01 76.59
C ALA S 24 8.15 34.50 76.46
N GLU S 25 8.08 34.01 75.23
CA GLU S 25 7.88 32.58 75.01
C GLU S 25 9.15 31.78 75.34
N VAL S 26 10.31 32.40 75.25
CA VAL S 26 11.55 31.80 75.78
C VAL S 26 11.39 31.51 77.27
N ILE S 27 10.72 32.43 77.97
CA ILE S 27 10.55 32.32 79.40
C ILE S 27 9.42 31.35 79.79
N ILE S 28 8.23 31.52 79.20
CA ILE S 28 7.04 30.79 79.65
C ILE S 28 6.42 29.80 78.65
N GLY S 29 7.11 29.58 77.54
CA GLY S 29 6.61 28.66 76.52
C GLY S 29 5.64 29.28 75.52
N LYS S 30 5.35 28.53 74.46
CA LYS S 30 4.49 29.00 73.38
C LYS S 30 3.09 29.34 73.86
N GLN S 31 2.62 30.51 73.43
CA GLN S 31 1.31 31.01 73.81
C GLN S 31 0.24 30.71 72.78
N GLU S 32 -0.96 30.45 73.25
CA GLU S 32 -2.16 30.52 72.44
C GLU S 32 -2.88 31.79 72.93
N ASN S 33 -3.85 32.26 72.15
CA ASN S 33 -4.62 33.42 72.60
C ASN S 33 -3.78 34.70 72.74
N VAL S 34 -2.66 34.78 72.02
CA VAL S 34 -1.93 36.04 71.88
C VAL S 34 -1.64 36.25 70.40
N HIS S 35 -1.96 37.43 69.89
CA HIS S 35 -1.68 37.75 68.50
C HIS S 35 -0.94 39.08 68.44
N THR S 36 -0.04 39.22 67.47
CA THR S 36 0.71 40.47 67.32
C THR S 36 0.44 41.11 65.97
N VAL S 37 0.32 42.43 65.99
CA VAL S 37 0.14 43.23 64.78
C VAL S 37 1.19 44.33 64.85
N GLY S 38 2.01 44.44 63.82
CA GLY S 38 3.03 45.47 63.79
C GLY S 38 2.78 46.50 62.71
N LEU S 39 2.93 47.77 63.06
CA LEU S 39 2.84 48.84 62.07
C LEU S 39 4.21 49.21 61.55
N ASN S 40 4.45 48.90 60.28
CA ASN S 40 5.74 49.16 59.63
C ASN S 40 5.68 50.45 58.82
N LEU S 41 6.83 51.05 58.54
CA LEU S 41 6.85 52.14 57.57
C LEU S 41 6.26 51.60 56.29
N GLY S 42 5.37 52.37 55.67
CA GLY S 42 4.76 51.96 54.42
C GLY S 42 3.44 51.22 54.59
N ASP S 43 3.04 50.96 55.84
CA ASP S 43 1.72 50.38 56.09
C ASP S 43 0.68 51.49 56.12
N ASN S 44 -0.45 51.26 55.46
CA ASN S 44 -1.56 52.18 55.56
C ASN S 44 -2.35 51.92 56.84
N ILE S 45 -2.44 52.94 57.70
CA ILE S 45 -3.01 52.77 59.03
C ILE S 45 -4.46 52.31 58.98
N GLU S 46 -5.18 52.75 57.95
CA GLU S 46 -6.58 52.36 57.83
C GLU S 46 -6.72 50.89 57.42
N LYS S 47 -5.77 50.41 56.62
CA LYS S 47 -5.74 48.99 56.28
C LYS S 47 -5.45 48.15 57.52
N VAL S 48 -4.49 48.60 58.33
CA VAL S 48 -4.15 47.89 59.57
C VAL S 48 -5.31 47.96 60.54
N ALA S 49 -5.98 49.10 60.61
CA ALA S 49 -7.12 49.24 61.52
C ALA S 49 -8.20 48.22 61.18
N LYS S 50 -8.48 48.06 59.90
CA LYS S 50 -9.52 47.13 59.49
C LYS S 50 -9.14 45.69 59.78
N GLU S 51 -7.84 45.38 59.66
CA GLU S 51 -7.32 44.07 60.01
C GLU S 51 -7.46 43.78 61.51
N VAL S 52 -7.17 44.76 62.34
CA VAL S 52 -7.32 44.64 63.78
C VAL S 52 -8.80 44.46 64.14
N MET S 53 -9.66 45.25 63.52
CA MET S 53 -11.09 45.13 63.80
C MET S 53 -11.51 43.72 63.40
N ARG S 54 -10.92 43.21 62.31
CA ARG S 54 -11.29 41.88 61.85
C ARG S 54 -11.00 40.86 62.93
N ILE S 55 -9.84 40.97 63.56
CA ILE S 55 -9.52 40.08 64.67
C ILE S 55 -10.39 40.20 65.92
N ILE S 56 -10.74 41.44 66.27
CA ILE S 56 -11.50 41.67 67.49
C ILE S 56 -12.93 41.08 67.37
N ILE S 57 -13.61 41.37 66.28
CA ILE S 57 -14.93 40.80 66.02
C ILE S 57 -14.89 39.29 66.10
N ALA S 58 -13.92 38.68 65.42
CA ALA S 58 -13.80 37.22 65.42
C ALA S 58 -13.68 36.66 66.83
N LYS S 59 -12.90 37.33 67.67
CA LYS S 59 -12.68 36.86 69.03
C LYS S 59 -13.89 37.13 69.93
N LEU S 60 -14.54 38.28 69.74
CA LEU S 60 -15.75 38.56 70.47
C LEU S 60 -16.78 37.47 70.15
N ALA S 61 -16.88 37.14 68.86
CA ALA S 61 -17.80 36.09 68.40
C ALA S 61 -17.44 34.72 68.98
N GLU S 62 -16.25 34.59 69.54
CA GLU S 62 -15.85 33.36 70.24
C GLU S 62 -16.06 33.54 71.73
N ASP S 63 -16.77 34.58 72.11
CA ASP S 63 -17.08 34.89 73.51
C ASP S 63 -15.81 35.13 74.34
N LYS S 64 -14.83 35.79 73.75
CA LYS S 64 -13.59 36.08 74.45
C LYS S 64 -13.55 37.53 74.95
N GLU S 65 -12.86 37.74 76.05
CA GLU S 65 -12.61 39.07 76.56
C GLU S 65 -11.25 39.53 76.04
N ILE S 66 -11.19 40.74 75.51
CA ILE S 66 -10.00 41.18 74.78
C ILE S 66 -9.23 42.27 75.51
N ILE S 67 -7.91 42.03 75.64
CA ILE S 67 -6.98 43.01 76.17
C ILE S 67 -6.06 43.45 75.04
N ILE S 68 -5.96 44.75 74.81
CA ILE S 68 -5.00 45.21 73.82
C ILE S 68 -3.83 45.82 74.55
N VAL S 69 -2.63 45.36 74.22
CA VAL S 69 -1.40 45.87 74.81
C VAL S 69 -0.70 46.67 73.72
N VAL S 70 -0.25 47.88 74.04
CA VAL S 70 0.40 48.68 73.01
C VAL S 70 1.74 49.20 73.48
N ASP S 71 2.61 49.51 72.52
CA ASP S 71 3.98 49.87 72.88
C ASP S 71 4.12 51.25 73.49
N LEU S 72 3.40 52.22 72.94
CA LEU S 72 3.71 53.61 73.19
C LEU S 72 2.41 54.37 73.29
N PHE S 73 2.27 55.20 74.31
CA PHE S 73 1.14 56.11 74.40
C PHE S 73 1.31 57.17 73.31
N GLY S 74 0.41 57.17 72.34
CA GLY S 74 0.56 58.04 71.18
C GLY S 74 1.16 57.28 70.01
N GLY S 75 0.83 57.70 68.80
CA GLY S 75 1.30 56.96 67.64
C GLY S 75 0.20 56.09 67.07
N SER S 76 0.42 55.57 65.89
CA SER S 76 -0.63 54.90 65.15
C SER S 76 -1.12 53.63 65.82
N PRO S 77 -0.23 52.86 66.43
CA PRO S 77 -0.64 51.63 67.11
C PRO S 77 -1.61 51.96 68.25
N PHE S 78 -1.33 53.04 68.97
CA PHE S 78 -2.18 53.50 70.07
C PHE S 78 -3.52 54.02 69.50
N ASN S 79 -3.44 54.77 68.42
CA ASN S 79 -4.65 55.36 67.82
C ASN S 79 -5.60 54.26 67.34
N ILE S 80 -5.04 53.17 66.80
CA ILE S 80 -5.85 52.01 66.48
C ILE S 80 -6.50 51.38 67.71
N ALA S 81 -5.72 51.17 68.78
CA ALA S 81 -6.25 50.60 70.01
C ALA S 81 -7.37 51.46 70.55
N LEU S 82 -7.17 52.78 70.56
CA LEU S 82 -8.20 53.69 71.06
C LEU S 82 -9.48 53.56 70.24
N GLU S 83 -9.34 53.44 68.93
CA GLU S 83 -10.50 53.33 68.07
C GLU S 83 -11.28 52.08 68.42
N MET S 84 -10.56 51.01 68.71
CA MET S 84 -11.18 49.74 69.08
C MET S 84 -11.86 49.82 70.44
N MET S 85 -11.32 50.62 71.35
CA MET S 85 -11.95 50.78 72.64
C MET S 85 -13.23 51.62 72.47
N LYS S 86 -13.16 52.60 71.57
CA LYS S 86 -14.33 53.42 71.31
C LYS S 86 -15.50 52.55 70.84
N THR S 87 -15.20 51.65 69.91
CA THR S 87 -16.23 50.82 69.27
C THR S 87 -16.60 49.55 70.01
N PHE S 88 -15.60 48.85 70.54
CA PHE S 88 -15.80 47.50 71.07
C PHE S 88 -15.60 47.30 72.57
N ASP S 89 -15.21 48.35 73.26
CA ASP S 89 -15.10 48.32 74.72
C ASP S 89 -14.11 47.27 75.22
N VAL S 90 -13.07 47.02 74.42
CA VAL S 90 -11.93 46.23 74.85
C VAL S 90 -11.18 47.06 75.88
N LYS S 91 -10.18 46.47 76.52
CA LYS S 91 -9.37 47.21 77.47
C LYS S 91 -7.97 47.42 76.91
N VAL S 92 -7.31 48.51 77.31
CA VAL S 92 -6.04 48.90 76.71
C VAL S 92 -5.00 49.35 77.75
N ILE S 93 -3.77 48.91 77.57
CA ILE S 93 -2.67 49.37 78.41
C ILE S 93 -1.47 49.69 77.51
N THR S 94 -0.72 50.74 77.87
CA THR S 94 0.43 51.17 77.07
C THR S 94 1.75 50.92 77.77
N GLY S 95 2.84 51.06 77.03
CA GLY S 95 4.18 50.97 77.59
C GLY S 95 4.64 49.55 77.91
N ILE S 96 4.08 48.57 77.23
CA ILE S 96 4.31 47.16 77.55
C ILE S 96 5.81 46.83 77.57
N ASN S 97 6.21 46.12 78.63
CA ASN S 97 7.57 45.59 78.71
C ASN S 97 7.57 44.10 79.10
N MET S 98 8.74 43.50 79.27
CA MET S 98 8.79 42.05 79.49
C MET S 98 8.16 41.58 80.81
N PRO S 99 8.49 42.24 81.93
CA PRO S 99 7.88 41.78 83.18
C PRO S 99 6.36 41.86 83.14
N MET S 100 5.83 42.89 82.50
CA MET S 100 4.38 43.02 82.34
C MET S 100 3.79 41.85 81.55
N LEU S 101 4.40 41.55 80.42
CA LEU S 101 3.81 40.54 79.55
C LEU S 101 3.90 39.17 80.21
N VAL S 102 5.02 38.89 80.87
CA VAL S 102 5.13 37.59 81.53
C VAL S 102 4.09 37.45 82.65
N GLU S 103 3.96 38.48 83.48
CA GLU S 103 2.94 38.43 84.54
C GLU S 103 1.54 38.32 83.97
N LEU S 104 1.26 39.09 82.91
CA LEU S 104 -0.05 39.06 82.27
C LEU S 104 -0.39 37.65 81.79
N LEU S 105 0.54 37.03 81.08
CA LEU S 105 0.25 35.74 80.46
C LEU S 105 0.23 34.59 81.47
N THR S 106 0.88 34.76 82.61
CA THR S 106 0.90 33.68 83.61
C THR S 106 -0.20 33.82 84.66
N SER S 107 -0.97 34.90 84.61
CA SER S 107 -2.02 35.13 85.62
C SER S 107 -3.35 35.45 84.94
N ILE S 108 -3.40 35.23 83.63
CA ILE S 108 -4.52 35.65 82.80
C ILE S 108 -5.83 35.01 83.24
N ASN S 109 -5.74 33.85 83.88
CA ASN S 109 -6.93 33.15 84.36
C ASN S 109 -7.28 33.44 85.80
N VAL S 110 -6.39 34.13 86.50
CA VAL S 110 -6.53 34.37 87.93
C VAL S 110 -7.34 35.61 88.28
N TYR S 111 -7.07 36.72 87.59
CA TYR S 111 -7.73 37.99 87.90
C TYR S 111 -8.69 38.43 86.80
N ASP S 112 -9.66 39.27 87.17
CA ASP S 112 -10.52 39.88 86.18
C ASP S 112 -9.68 40.93 85.45
N THR S 113 -10.13 41.39 84.28
CA THR S 113 -9.30 42.25 83.43
C THR S 113 -8.90 43.56 84.11
N THR S 114 -9.81 44.18 84.87
CA THR S 114 -9.45 45.42 85.55
C THR S 114 -8.28 45.23 86.54
N GLU S 115 -8.37 44.20 87.38
CA GLU S 115 -7.33 43.93 88.37
C GLU S 115 -6.02 43.47 87.71
N LEU S 116 -6.17 42.67 86.66
CA LEU S 116 -5.04 42.22 85.86
C LEU S 116 -4.21 43.42 85.35
N LEU S 117 -4.90 44.40 84.78
CA LEU S 117 -4.20 45.54 84.22
C LEU S 117 -3.56 46.42 85.28
N GLU S 118 -4.22 46.53 86.44
CA GLU S 118 -3.64 47.27 87.54
C GLU S 118 -2.39 46.56 88.06
N ASN S 119 -2.48 45.23 88.17
CA ASN S 119 -1.35 44.40 88.58
C ASN S 119 -0.14 44.59 87.68
N ILE S 120 -0.33 44.49 86.38
CA ILE S 120 0.82 44.55 85.48
C ILE S 120 1.34 45.97 85.32
N SER S 121 0.47 46.96 85.47
CA SER S 121 0.94 48.35 85.48
C SER S 121 1.96 48.54 86.59
N LYS S 122 1.63 48.03 87.77
CA LYS S 122 2.49 48.15 88.92
C LYS S 122 3.79 47.38 88.73
N ILE S 123 3.67 46.17 88.18
CA ILE S 123 4.83 45.30 88.00
C ILE S 123 5.76 45.86 86.93
N GLY S 124 5.17 46.44 85.88
CA GLY S 124 5.93 47.06 84.80
C GLY S 124 6.75 48.23 85.28
N LYS S 125 6.13 49.10 86.07
CA LYS S 125 6.85 50.26 86.59
C LYS S 125 7.95 49.82 87.58
N ASP S 126 7.62 48.89 88.46
CA ASP S 126 8.58 48.40 89.44
C ASP S 126 9.75 47.68 88.77
N GLY S 127 9.53 47.16 87.56
CA GLY S 127 10.53 46.40 86.86
C GLY S 127 11.57 47.26 86.16
N ILE S 128 11.36 48.58 86.18
CA ILE S 128 12.29 49.53 85.54
C ILE S 128 13.18 50.07 86.64
N LYS S 129 14.45 49.70 86.59
CA LYS S 129 15.40 50.10 87.64
C LYS S 129 16.74 50.44 87.04
N VAL S 130 17.33 51.56 87.48
CA VAL S 130 18.70 51.87 87.12
C VAL S 130 19.60 51.22 88.17
N ILE S 131 20.56 50.42 87.74
CA ILE S 131 21.42 49.74 88.70
C ILE S 131 22.71 50.48 88.98
N GLU S 132 22.98 50.72 90.26
CA GLU S 132 24.18 51.41 90.68
C GLU S 132 25.04 50.47 91.49
N LYS S 133 26.32 50.41 91.14
CA LYS S 133 27.23 49.55 91.86
C LYS S 133 28.67 49.87 91.53
N MET T 3 -77.19 6.63 31.61
CA MET T 3 -76.56 5.44 32.15
C MET T 3 -75.05 5.45 31.91
N LYS T 4 -74.26 5.16 32.93
CA LYS T 4 -72.82 5.05 32.76
C LYS T 4 -72.47 3.92 31.80
N GLU T 5 -71.36 4.07 31.07
CA GLU T 5 -70.87 2.99 30.22
C GLU T 5 -70.32 1.87 31.12
N LYS T 6 -70.54 0.63 30.71
CA LYS T 6 -70.14 -0.49 31.56
C LYS T 6 -68.82 -1.12 31.12
N PHE T 7 -68.15 -1.80 32.04
CA PHE T 7 -66.92 -2.51 31.73
C PHE T 7 -67.08 -3.89 32.34
N VAL T 8 -66.76 -4.93 31.57
CA VAL T 8 -66.91 -6.30 32.06
C VAL T 8 -65.54 -6.91 32.31
N LEU T 9 -65.32 -7.38 33.54
CA LEU T 9 -64.07 -8.03 33.89
C LEU T 9 -64.40 -9.50 34.06
N ILE T 10 -63.74 -10.36 33.30
CA ILE T 10 -63.94 -11.81 33.44
C ILE T 10 -62.79 -12.40 34.25
N ILE T 11 -63.11 -13.05 35.38
CA ILE T 11 -62.06 -13.61 36.23
C ILE T 11 -62.38 -15.09 36.40
N THR T 12 -61.45 -15.94 35.97
CA THR T 12 -61.69 -17.38 35.93
C THR T 12 -60.42 -18.17 36.18
N HIS T 13 -60.56 -19.49 36.32
CA HIS T 13 -59.41 -20.37 36.35
C HIS T 13 -58.78 -20.54 34.97
N GLY T 14 -57.45 -20.54 34.92
CA GLY T 14 -56.74 -20.77 33.66
C GLY T 14 -57.26 -19.94 32.48
N ASP T 15 -57.28 -20.54 31.30
CA ASP T 15 -57.66 -19.84 30.08
C ASP T 15 -59.16 -19.84 29.82
N PHE T 16 -59.96 -20.15 30.84
CA PHE T 16 -61.40 -20.23 30.60
C PHE T 16 -61.96 -18.88 30.11
N GLY T 17 -61.67 -17.82 30.86
CA GLY T 17 -62.19 -16.50 30.47
C GLY T 17 -61.68 -16.05 29.11
N LYS T 18 -60.37 -16.32 28.87
CA LYS T 18 -59.75 -15.95 27.60
C LYS T 18 -60.44 -16.69 26.45
N GLY T 19 -60.76 -17.95 26.65
CA GLY T 19 -61.43 -18.76 25.64
C GLY T 19 -62.90 -18.41 25.48
N LEU T 20 -63.58 -18.14 26.59
CA LEU T 20 -64.99 -17.75 26.55
C LEU T 20 -65.15 -16.47 25.73
N LEU T 21 -64.28 -15.50 25.98
CA LEU T 21 -64.36 -14.24 25.22
C LEU T 21 -64.09 -14.48 23.73
N SER T 22 -63.03 -15.22 23.43
CA SER T 22 -62.75 -15.65 22.05
C SER T 22 -63.96 -16.24 21.35
N GLY T 23 -64.61 -17.19 22.01
CA GLY T 23 -65.83 -17.83 21.52
C GLY T 23 -66.97 -16.85 21.28
N ALA T 24 -67.23 -15.99 22.26
CA ALA T 24 -68.25 -14.95 22.10
C ALA T 24 -67.93 -14.06 20.91
N GLU T 25 -66.66 -13.74 20.72
CA GLU T 25 -66.28 -12.82 19.66
C GLU T 25 -66.44 -13.42 18.27
N VAL T 26 -66.36 -14.76 18.17
CA VAL T 26 -66.75 -15.45 16.93
C VAL T 26 -68.21 -15.12 16.59
N ILE T 27 -69.05 -15.05 17.61
CA ILE T 27 -70.46 -14.81 17.42
C ILE T 27 -70.79 -13.33 17.19
N ILE T 28 -70.27 -12.44 18.03
CA ILE T 28 -70.70 -11.02 18.02
C ILE T 28 -69.62 -10.01 17.68
N GLY T 29 -68.46 -10.47 17.26
CA GLY T 29 -67.36 -9.59 16.90
C GLY T 29 -66.51 -9.13 18.07
N LYS T 30 -65.37 -8.49 17.75
CA LYS T 30 -64.41 -8.06 18.75
C LYS T 30 -64.99 -7.05 19.72
N GLN T 31 -64.74 -7.30 21.01
CA GLN T 31 -65.26 -6.48 22.09
C GLN T 31 -64.28 -5.41 22.55
N GLU T 32 -64.83 -4.25 22.88
CA GLU T 32 -64.14 -3.27 23.71
C GLU T 32 -64.76 -3.36 25.10
N ASN T 33 -64.09 -2.83 26.11
CA ASN T 33 -64.67 -2.84 27.44
C ASN T 33 -64.92 -4.23 28.04
N VAL T 34 -64.16 -5.23 27.59
CA VAL T 34 -64.13 -6.53 28.27
C VAL T 34 -62.67 -6.92 28.48
N HIS T 35 -62.32 -7.30 29.69
CA HIS T 35 -60.98 -7.73 29.99
C HIS T 35 -61.03 -9.09 30.71
N THR T 36 -60.06 -9.94 30.46
CA THR T 36 -60.01 -11.25 31.12
C THR T 36 -58.76 -11.40 31.98
N VAL T 37 -58.95 -12.02 33.13
CA VAL T 37 -57.87 -12.33 34.04
C VAL T 37 -58.02 -13.81 34.40
N GLY T 38 -56.97 -14.58 34.18
CA GLY T 38 -57.01 -16.00 34.48
C GLY T 38 -56.08 -16.37 35.61
N LEU T 39 -56.57 -17.17 36.53
CA LEU T 39 -55.73 -17.71 37.61
C LEU T 39 -55.19 -19.07 37.22
N ASN T 40 -53.87 -19.13 37.02
CA ASN T 40 -53.19 -20.36 36.63
C ASN T 40 -52.55 -21.03 37.84
N LEU T 41 -52.29 -22.34 37.75
CA LEU T 41 -51.45 -22.97 38.77
C LEU T 41 -50.15 -22.20 38.81
N GLY T 42 -49.68 -21.89 40.01
CA GLY T 42 -48.42 -21.18 40.16
C GLY T 42 -48.57 -19.67 40.25
N ASP T 43 -49.79 -19.16 40.08
CA ASP T 43 -50.05 -17.74 40.28
C ASP T 43 -50.27 -17.46 41.75
N ASN T 44 -49.65 -16.41 42.26
CA ASN T 44 -49.91 -15.97 43.63
C ASN T 44 -51.20 -15.14 43.67
N ILE T 45 -52.18 -15.61 44.44
CA ILE T 45 -53.50 -15.00 44.44
C ILE T 45 -53.47 -13.54 44.85
N GLU T 46 -52.54 -13.19 45.74
CA GLU T 46 -52.46 -11.80 46.19
C GLU T 46 -51.87 -10.91 45.09
N LYS T 47 -50.98 -11.45 44.29
CA LYS T 47 -50.46 -10.72 43.14
C LYS T 47 -51.58 -10.48 42.12
N VAL T 48 -52.37 -11.51 41.86
CA VAL T 48 -53.49 -11.39 40.93
C VAL T 48 -54.54 -10.42 41.49
N ALA T 49 -54.78 -10.48 42.79
CA ALA T 49 -55.75 -9.59 43.40
C ALA T 49 -55.37 -8.13 43.18
N LYS T 50 -54.08 -7.83 43.38
CA LYS T 50 -53.61 -6.45 43.22
C LYS T 50 -53.72 -5.94 41.79
N GLU T 51 -53.53 -6.84 40.83
CA GLU T 51 -53.68 -6.49 39.41
C GLU T 51 -55.14 -6.20 39.07
N VAL T 52 -56.02 -7.03 39.61
CA VAL T 52 -57.45 -6.86 39.39
C VAL T 52 -57.87 -5.51 39.99
N MET T 53 -57.39 -5.23 41.20
CA MET T 53 -57.73 -3.98 41.84
C MET T 53 -57.15 -2.87 40.94
N ARG T 54 -56.01 -3.14 40.33
CA ARG T 54 -55.36 -2.15 39.49
C ARG T 54 -56.25 -1.78 38.32
N ILE T 55 -56.90 -2.77 37.72
CA ILE T 55 -57.90 -2.52 36.68
C ILE T 55 -59.19 -1.82 37.09
N ILE T 56 -59.70 -2.19 38.26
CA ILE T 56 -60.98 -1.65 38.70
C ILE T 56 -60.87 -0.14 38.99
N ILE T 57 -59.86 0.24 39.76
CA ILE T 57 -59.60 1.65 40.03
C ILE T 57 -59.49 2.45 38.73
N ALA T 58 -58.69 1.96 37.80
CA ALA T 58 -58.51 2.63 36.52
C ALA T 58 -59.83 2.87 35.80
N LYS T 59 -60.70 1.87 35.83
CA LYS T 59 -61.99 1.99 35.14
C LYS T 59 -62.97 2.87 35.90
N LEU T 60 -62.95 2.79 37.22
CA LEU T 60 -63.79 3.67 38.02
C LEU T 60 -63.38 5.12 37.72
N ALA T 61 -62.08 5.36 37.67
CA ALA T 61 -61.53 6.67 37.35
C ALA T 61 -61.92 7.14 35.94
N GLU T 62 -62.40 6.22 35.12
CA GLU T 62 -62.93 6.57 33.80
C GLU T 62 -64.43 6.69 33.85
N ASP T 63 -64.97 6.72 35.07
CA ASP T 63 -66.41 6.84 35.29
C ASP T 63 -67.19 5.67 34.68
N LYS T 64 -66.63 4.47 34.79
CA LYS T 64 -67.31 3.28 34.27
C LYS T 64 -67.97 2.49 35.39
N GLU T 65 -69.05 1.80 35.04
CA GLU T 65 -69.71 0.89 35.94
C GLU T 65 -69.18 -0.51 35.66
N ILE T 66 -68.80 -1.23 36.70
CA ILE T 66 -68.07 -2.49 36.52
C ILE T 66 -68.88 -3.72 36.90
N ILE T 67 -68.91 -4.69 35.98
CA ILE T 67 -69.51 -5.98 36.22
C ILE T 67 -68.40 -7.03 36.22
N ILE T 68 -68.31 -7.81 37.29
CA ILE T 68 -67.35 -8.89 37.29
C ILE T 68 -68.08 -10.20 37.06
N VAL T 69 -67.65 -10.94 36.04
CA VAL T 69 -68.22 -12.24 35.77
C VAL T 69 -67.20 -13.31 36.16
N VAL T 70 -67.64 -14.33 36.90
CA VAL T 70 -66.68 -15.33 37.35
C VAL T 70 -67.13 -16.74 36.99
N ASP T 71 -66.17 -17.65 36.90
CA ASP T 71 -66.49 -18.99 36.42
C ASP T 71 -67.28 -19.84 37.41
N LEU T 72 -66.88 -19.78 38.67
CA LEU T 72 -67.28 -20.78 39.63
C LEU T 72 -67.54 -20.11 40.96
N PHE T 73 -68.67 -20.42 41.58
CA PHE T 73 -68.93 -19.96 42.94
C PHE T 73 -67.97 -20.70 43.86
N GLY T 74 -67.04 -19.97 44.47
CA GLY T 74 -66.00 -20.59 45.27
C GLY T 74 -64.72 -20.72 44.47
N GLY T 75 -63.59 -20.69 45.16
CA GLY T 75 -62.32 -20.71 44.45
C GLY T 75 -61.72 -19.32 44.39
N SER T 76 -60.46 -19.25 44.00
CA SER T 76 -59.70 -18.02 44.10
C SER T 76 -60.25 -16.90 43.24
N PRO T 77 -60.65 -17.21 41.99
CA PRO T 77 -61.21 -16.10 41.20
C PRO T 77 -62.43 -15.50 41.90
N PHE T 78 -63.30 -16.34 42.44
CA PHE T 78 -64.48 -15.85 43.14
C PHE T 78 -64.07 -15.01 44.37
N ASN T 79 -63.08 -15.52 45.09
CA ASN T 79 -62.61 -14.85 46.31
C ASN T 79 -62.08 -13.46 45.97
N ILE T 80 -61.37 -13.35 44.85
CA ILE T 80 -60.95 -12.04 44.35
C ILE T 80 -62.12 -11.11 44.03
N ALA T 81 -63.10 -11.64 43.29
CA ALA T 81 -64.28 -10.86 42.94
C ALA T 81 -65.00 -10.37 44.20
N LEU T 82 -65.15 -11.25 45.18
CA LEU T 82 -65.82 -10.88 46.43
C LEU T 82 -65.07 -9.75 47.11
N GLU T 83 -63.74 -9.85 47.12
CA GLU T 83 -62.93 -8.83 47.79
C GLU T 83 -63.08 -7.48 47.09
N MET T 84 -63.28 -7.49 45.78
CA MET T 84 -63.54 -6.27 45.02
C MET T 84 -64.92 -5.71 45.27
N MET T 85 -65.89 -6.59 45.52
CA MET T 85 -67.24 -6.11 45.84
C MET T 85 -67.22 -5.51 47.24
N LYS T 86 -66.47 -6.12 48.14
CA LYS T 86 -66.37 -5.59 49.49
C LYS T 86 -65.85 -4.15 49.45
N THR T 87 -64.80 -3.92 48.67
CA THR T 87 -64.12 -2.62 48.63
C THR T 87 -64.73 -1.60 47.67
N PHE T 88 -65.12 -2.05 46.48
CA PHE T 88 -65.47 -1.13 45.40
C PHE T 88 -66.92 -1.16 44.93
N ASP T 89 -67.73 -2.05 45.49
CA ASP T 89 -69.15 -2.07 45.20
C ASP T 89 -69.45 -2.32 43.72
N VAL T 90 -68.59 -3.10 43.07
CA VAL T 90 -68.87 -3.62 41.75
C VAL T 90 -69.94 -4.67 41.90
N LYS T 91 -70.45 -5.18 40.78
CA LYS T 91 -71.44 -6.23 40.83
C LYS T 91 -70.83 -7.54 40.31
N VAL T 92 -71.33 -8.67 40.82
CA VAL T 92 -70.71 -9.98 40.53
C VAL T 92 -71.74 -11.06 40.20
N ILE T 93 -71.45 -11.86 39.19
CA ILE T 93 -72.28 -13.00 38.87
C ILE T 93 -71.37 -14.21 38.60
N THR T 94 -71.81 -15.40 39.03
CA THR T 94 -71.00 -16.61 38.86
C THR T 94 -71.60 -17.57 37.84
N GLY T 95 -70.82 -18.58 37.48
CA GLY T 95 -71.29 -19.65 36.59
C GLY T 95 -71.42 -19.26 35.12
N ILE T 96 -70.65 -18.26 34.72
CA ILE T 96 -70.78 -17.69 33.36
C ILE T 96 -70.68 -18.75 32.27
N ASN T 97 -71.61 -18.69 31.34
CA ASN T 97 -71.55 -19.54 30.14
C ASN T 97 -71.77 -18.72 28.86
N MET T 98 -71.80 -19.38 27.70
CA MET T 98 -71.84 -18.63 26.45
C MET T 98 -73.11 -17.81 26.22
N PRO T 99 -74.29 -18.42 26.45
CA PRO T 99 -75.52 -17.64 26.22
C PRO T 99 -75.55 -16.40 27.13
N MET T 100 -75.08 -16.53 28.36
CA MET T 100 -75.02 -15.39 29.27
C MET T 100 -74.13 -14.28 28.72
N LEU T 101 -72.93 -14.64 28.28
CA LEU T 101 -71.98 -13.63 27.88
C LEU T 101 -72.44 -12.94 26.61
N VAL T 102 -73.01 -13.72 25.68
CA VAL T 102 -73.51 -13.09 24.46
C VAL T 102 -74.65 -12.11 24.76
N GLU T 103 -75.61 -12.55 25.56
CA GLU T 103 -76.72 -11.64 25.94
C GLU T 103 -76.20 -10.41 26.69
N LEU T 104 -75.26 -10.62 27.61
CA LEU T 104 -74.69 -9.52 28.37
C LEU T 104 -74.07 -8.48 27.46
N LEU T 105 -73.23 -8.94 26.53
CA LEU T 105 -72.49 -8.01 25.71
C LEU T 105 -73.34 -7.34 24.62
N THR T 106 -74.46 -7.97 24.26
CA THR T 106 -75.31 -7.35 23.23
C THR T 106 -76.44 -6.50 23.79
N SER T 107 -76.55 -6.43 25.12
CA SER T 107 -77.63 -5.65 25.74
C SER T 107 -77.07 -4.73 26.82
N ILE T 108 -75.75 -4.59 26.83
CA ILE T 108 -75.03 -3.91 27.91
C ILE T 108 -75.47 -2.46 28.02
N ASN T 109 -75.95 -1.88 26.91
CA ASN T 109 -76.40 -0.48 26.92
C ASN T 109 -77.90 -0.32 27.17
N VAL T 110 -78.62 -1.43 27.16
CA VAL T 110 -80.08 -1.41 27.23
C VAL T 110 -80.62 -1.39 28.67
N TYR T 111 -80.05 -2.24 29.53
CA TYR T 111 -80.56 -2.37 30.90
C TYR T 111 -79.57 -1.83 31.94
N ASP T 112 -80.09 -1.46 33.10
CA ASP T 112 -79.23 -1.10 34.22
C ASP T 112 -78.58 -2.39 34.73
N THR T 113 -77.51 -2.28 35.50
CA THR T 113 -76.73 -3.47 35.89
C THR T 113 -77.55 -4.51 36.67
N THR T 114 -78.42 -4.06 37.57
CA THR T 114 -79.23 -5.02 38.32
C THR T 114 -80.12 -5.87 37.40
N GLU T 115 -80.85 -5.22 36.48
CA GLU T 115 -81.73 -5.93 35.57
C GLU T 115 -80.94 -6.78 34.57
N LEU T 116 -79.81 -6.25 34.12
CA LEU T 116 -78.91 -6.98 33.23
C LEU T 116 -78.50 -8.33 33.85
N LEU T 117 -78.10 -8.30 35.10
CA LEU T 117 -77.64 -9.52 35.76
C LEU T 117 -78.77 -10.50 35.99
N GLU T 118 -79.96 -9.99 36.29
CA GLU T 118 -81.13 -10.85 36.44
C GLU T 118 -81.48 -11.49 35.11
N ASN T 119 -81.43 -10.70 34.05
CA ASN T 119 -81.68 -11.19 32.69
C ASN T 119 -80.75 -12.34 32.31
N ILE T 120 -79.45 -12.14 32.50
CA ILE T 120 -78.51 -13.17 32.04
C ILE T 120 -78.49 -14.37 32.97
N SER T 121 -78.82 -14.18 34.24
CA SER T 121 -78.96 -15.33 35.14
C SER T 121 -80.03 -16.27 34.59
N LYS T 122 -81.15 -15.68 34.20
CA LYS T 122 -82.27 -16.44 33.68
C LYS T 122 -81.91 -17.12 32.35
N ILE T 123 -81.24 -16.37 31.48
CA ILE T 123 -80.88 -16.88 30.17
C ILE T 123 -79.82 -18.00 30.27
N GLY T 124 -78.90 -17.84 31.21
CA GLY T 124 -77.86 -18.82 31.46
C GLY T 124 -78.44 -20.15 31.91
N LYS T 125 -79.35 -20.08 32.88
CA LYS T 125 -79.99 -21.30 33.37
C LYS T 125 -80.84 -21.97 32.29
N ASP T 126 -81.62 -21.16 31.57
CA ASP T 126 -82.48 -21.69 30.51
C ASP T 126 -81.67 -22.29 29.37
N GLY T 127 -80.42 -21.85 29.23
CA GLY T 127 -79.57 -22.29 28.14
C GLY T 127 -78.93 -23.64 28.39
N ILE T 128 -79.13 -24.17 29.60
CA ILE T 128 -78.56 -25.49 29.96
C ILE T 128 -79.67 -26.51 29.80
N LYS T 129 -79.51 -27.38 28.80
CA LYS T 129 -80.55 -28.36 28.47
C LYS T 129 -79.93 -29.69 28.11
N VAL T 130 -80.46 -30.78 28.67
CA VAL T 130 -80.07 -32.12 28.22
C VAL T 130 -80.99 -32.49 27.06
N ILE T 131 -80.41 -32.88 25.93
CA ILE T 131 -81.24 -33.23 24.80
C ILE T 131 -81.48 -34.74 24.72
N GLU T 132 -82.75 -35.10 24.58
CA GLU T 132 -83.16 -36.49 24.47
C GLU T 132 -83.82 -36.69 23.11
N LYS T 133 -83.78 -37.94 22.62
CA LYS T 133 -84.37 -38.30 21.34
C LYS T 133 -83.79 -39.62 20.87
N MET U 1 21.21 -90.01 -100.65
CA MET U 1 21.40 -90.08 -102.09
C MET U 1 20.59 -91.25 -102.64
N LYS U 2 19.51 -91.58 -101.94
CA LYS U 2 18.64 -92.69 -102.32
C LYS U 2 18.09 -92.43 -103.72
N TYR U 3 18.42 -91.28 -104.29
CA TYR U 3 17.88 -90.89 -105.59
C TYR U 3 18.94 -90.87 -106.68
N ASP U 4 18.72 -91.69 -107.71
CA ASP U 4 19.61 -91.75 -108.86
C ASP U 4 19.22 -90.65 -109.84
N GLY U 5 20.17 -89.75 -110.11
CA GLY U 5 19.92 -88.63 -111.02
C GLY U 5 20.67 -88.71 -112.34
N SER U 6 21.26 -89.87 -112.62
CA SER U 6 22.11 -90.05 -113.80
C SER U 6 21.38 -89.84 -115.13
N LYS U 7 20.09 -90.17 -115.17
CA LYS U 7 19.30 -90.03 -116.39
C LYS U 7 18.51 -88.71 -116.45
N LEU U 8 18.87 -87.75 -115.60
CA LEU U 8 18.14 -86.49 -115.53
C LEU U 8 18.87 -85.33 -116.18
N ARG U 9 18.11 -84.35 -116.65
CA ARG U 9 18.64 -83.07 -117.11
C ARG U 9 18.03 -81.98 -116.25
N ILE U 10 18.87 -81.24 -115.54
CA ILE U 10 18.40 -80.22 -114.60
C ILE U 10 18.83 -78.82 -115.05
N GLY U 11 17.86 -77.92 -115.11
CA GLY U 11 18.13 -76.52 -115.44
C GLY U 11 18.29 -75.68 -114.20
N ILE U 12 19.25 -74.75 -114.25
CA ILE U 12 19.42 -73.74 -113.22
C ILE U 12 19.33 -72.37 -113.86
N LEU U 13 18.31 -71.61 -113.47
CA LEU U 13 18.16 -70.23 -113.93
C LEU U 13 18.38 -69.31 -112.75
N HIS U 14 19.40 -68.46 -112.83
CA HIS U 14 19.70 -67.55 -111.73
C HIS U 14 19.72 -66.10 -112.15
N ALA U 15 19.36 -65.22 -111.20
CA ALA U 15 19.43 -63.78 -111.38
C ALA U 15 20.88 -63.31 -111.28
N ARG U 16 21.13 -62.04 -111.61
CA ARG U 16 22.50 -61.51 -111.60
C ARG U 16 22.81 -60.45 -110.53
N TRP U 17 21.78 -59.94 -109.86
CA TRP U 17 22.01 -59.03 -108.73
C TRP U 17 22.36 -59.82 -107.48
N ASN U 18 23.26 -59.26 -106.65
CA ASN U 18 23.86 -59.95 -105.51
C ASN U 18 24.64 -61.18 -106.00
N LEU U 19 25.52 -60.96 -106.98
CA LEU U 19 26.17 -62.03 -107.74
C LEU U 19 27.07 -62.95 -106.93
N GLU U 20 27.75 -62.39 -105.94
CA GLU U 20 28.65 -63.16 -105.10
C GLU U 20 27.90 -64.24 -104.33
N ILE U 21 26.73 -63.88 -103.83
CA ILE U 21 25.87 -64.82 -103.10
C ILE U 21 25.18 -65.78 -104.07
N ILE U 22 24.72 -65.25 -105.20
CA ILE U 22 24.13 -66.06 -106.27
C ILE U 22 25.08 -67.19 -106.70
N ALA U 23 26.34 -66.83 -106.99
CA ALA U 23 27.33 -67.78 -107.46
C ALA U 23 27.53 -68.97 -106.50
N ALA U 24 27.55 -68.67 -105.21
CA ALA U 24 27.74 -69.68 -104.16
C ALA U 24 26.56 -70.64 -104.06
N LEU U 25 25.34 -70.12 -104.17
CA LEU U 25 24.12 -70.94 -104.19
C LEU U 25 24.08 -71.85 -105.41
N VAL U 26 24.46 -71.30 -106.57
CA VAL U 26 24.54 -72.08 -107.81
C VAL U 26 25.57 -73.20 -107.64
N ALA U 27 26.75 -72.83 -107.13
CA ALA U 27 27.83 -73.79 -106.88
C ALA U 27 27.40 -74.94 -105.98
N GLY U 28 26.60 -74.63 -104.96
CA GLY U 28 26.06 -75.63 -104.04
C GLY U 28 25.07 -76.56 -104.72
N ALA U 29 24.17 -75.97 -105.51
CA ALA U 29 23.20 -76.75 -106.29
C ALA U 29 23.90 -77.67 -107.29
N ILE U 30 24.89 -77.13 -108.00
CA ILE U 30 25.72 -77.90 -108.93
C ILE U 30 26.41 -79.07 -108.23
N LYS U 31 26.99 -78.79 -107.07
CA LYS U 31 27.70 -79.80 -106.28
C LYS U 31 26.80 -80.99 -105.90
N ARG U 32 25.65 -80.71 -105.28
CA ARG U 32 24.72 -81.74 -104.84
C ARG U 32 24.07 -82.49 -106.01
N LEU U 33 23.78 -81.77 -107.09
CA LEU U 33 23.28 -82.39 -108.32
C LEU U 33 24.21 -83.52 -108.81
N GLN U 34 25.51 -83.21 -108.88
CA GLN U 34 26.52 -84.16 -109.32
C GLN U 34 26.72 -85.31 -108.34
N GLU U 35 26.48 -85.06 -107.06
CA GLU U 35 26.59 -86.09 -106.02
C GLU U 35 25.50 -87.16 -106.14
N PHE U 36 24.35 -86.77 -106.68
CA PHE U 36 23.26 -87.72 -106.90
C PHE U 36 23.44 -88.49 -108.21
N GLY U 37 24.42 -88.09 -109.00
CA GLY U 37 24.70 -88.75 -110.28
C GLY U 37 24.39 -87.97 -111.53
N VAL U 38 23.85 -86.76 -111.38
CA VAL U 38 23.54 -85.90 -112.52
C VAL U 38 24.83 -85.43 -113.19
N LYS U 39 24.88 -85.79 -114.47
CA LYS U 39 25.97 -85.51 -115.40
C LYS U 39 26.16 -84.07 -115.70
N ALA U 40 27.39 -83.66 -115.82
CA ALA U 40 27.69 -82.26 -116.09
C ALA U 40 27.12 -81.87 -117.42
N GLU U 41 27.03 -82.79 -118.35
CA GLU U 41 26.53 -82.45 -119.66
C GLU U 41 25.15 -81.93 -119.44
N ASN U 42 24.49 -82.51 -118.44
CA ASN U 42 23.06 -82.32 -118.21
C ASN U 42 22.61 -81.29 -117.17
N ILE U 43 23.55 -80.41 -116.77
CA ILE U 43 23.24 -79.28 -115.90
C ILE U 43 23.36 -78.01 -116.74
N ILE U 44 22.22 -77.39 -117.04
CA ILE U 44 22.16 -76.23 -117.91
C ILE U 44 21.95 -74.96 -117.09
N ILE U 45 22.94 -74.08 -117.11
CA ILE U 45 22.88 -72.80 -116.39
C ILE U 45 22.56 -71.65 -117.34
N GLU U 46 21.54 -70.88 -117.00
CA GLU U 46 21.19 -69.67 -117.73
C GLU U 46 20.83 -68.56 -116.76
N THR U 47 20.97 -67.31 -117.20
CA THR U 47 20.77 -66.15 -116.33
C THR U 47 19.63 -65.23 -116.75
N VAL U 48 19.09 -64.49 -115.79
CA VAL U 48 18.17 -63.39 -116.03
C VAL U 48 18.64 -62.17 -115.22
N PRO U 49 18.18 -60.95 -115.59
CA PRO U 49 18.59 -59.77 -114.81
C PRO U 49 18.23 -59.88 -113.32
N GLY U 50 16.95 -59.96 -113.01
CA GLY U 50 16.48 -60.00 -111.63
C GLY U 50 15.49 -61.10 -111.32
N SER U 51 15.08 -61.17 -110.06
CA SER U 51 14.17 -62.21 -109.58
C SER U 51 12.78 -62.15 -110.21
N PHE U 52 12.39 -60.95 -110.65
CA PHE U 52 11.08 -60.79 -111.27
C PHE U 52 11.03 -61.57 -112.58
N GLU U 53 12.14 -61.60 -113.29
CA GLU U 53 12.22 -62.27 -114.58
C GLU U 53 12.39 -63.78 -114.46
N LEU U 54 12.55 -64.28 -113.23
CA LEU U 54 12.72 -65.71 -112.99
C LEU U 54 11.55 -66.60 -113.44
N PRO U 55 10.30 -66.27 -113.03
CA PRO U 55 9.17 -67.08 -113.47
C PRO U 55 9.02 -67.21 -114.99
N TYR U 56 8.96 -66.08 -115.71
CA TYR U 56 8.78 -66.13 -117.16
C TYR U 56 10.04 -66.61 -117.88
N GLY U 57 11.21 -66.29 -117.31
CA GLY U 57 12.48 -66.79 -117.81
C GLY U 57 12.50 -68.31 -117.78
N SER U 58 11.98 -68.87 -116.69
CA SER U 58 11.90 -70.33 -116.53
C SER U 58 11.07 -70.97 -117.63
N LYS U 59 9.90 -70.38 -117.94
CA LYS U 59 9.06 -70.90 -119.02
C LYS U 59 9.78 -70.83 -120.38
N LEU U 60 10.40 -69.70 -120.67
CA LEU U 60 11.13 -69.51 -121.92
C LEU U 60 12.31 -70.47 -122.02
N PHE U 61 12.98 -70.69 -120.88
CA PHE U 61 14.09 -71.64 -120.77
C PHE U 61 13.61 -73.07 -121.04
N VAL U 62 12.51 -73.47 -120.38
CA VAL U 62 11.91 -74.79 -120.57
C VAL U 62 11.47 -75.05 -122.02
N GLU U 63 10.79 -74.08 -122.62
CA GLU U 63 10.35 -74.19 -124.02
C GLU U 63 11.51 -74.27 -125.00
N LYS U 64 12.57 -73.49 -124.74
CA LYS U 64 13.79 -73.50 -125.55
C LYS U 64 14.43 -74.88 -125.52
N GLN U 65 14.51 -75.46 -124.32
CA GLN U 65 15.12 -76.78 -124.14
C GLN U 65 14.32 -77.89 -124.82
N LYS U 66 13.00 -77.70 -124.92
CA LYS U 66 12.15 -78.61 -125.68
C LYS U 66 12.42 -78.54 -127.17
N ARG U 67 12.56 -77.36 -127.71
CA ARG U 67 12.81 -77.25 -129.14
C ARG U 67 14.20 -77.75 -129.48
N LEU U 68 15.13 -77.67 -128.55
CA LEU U 68 16.48 -78.18 -128.77
C LEU U 68 16.52 -79.70 -128.73
N GLY U 69 15.43 -80.31 -128.29
CA GLY U 69 15.35 -81.77 -128.15
C GLY U 69 16.05 -82.27 -126.90
N LYS U 70 16.24 -81.36 -125.94
CA LYS U 70 16.90 -81.71 -124.69
C LYS U 70 16.08 -81.17 -123.52
N PRO U 71 14.93 -81.81 -123.22
CA PRO U 71 13.99 -81.30 -122.23
C PRO U 71 14.55 -81.38 -120.81
N LEU U 72 14.19 -80.39 -120.00
CA LEU U 72 14.57 -80.38 -118.60
C LEU U 72 13.60 -81.25 -117.80
N ASP U 73 14.12 -81.96 -116.82
CA ASP U 73 13.30 -82.80 -115.95
C ASP U 73 12.87 -82.03 -114.70
N ALA U 74 13.66 -81.02 -114.34
CA ALA U 74 13.33 -80.09 -113.26
C ALA U 74 14.10 -78.79 -113.46
N ILE U 75 13.70 -77.75 -112.73
CA ILE U 75 14.36 -76.46 -112.82
C ILE U 75 14.51 -75.82 -111.43
N ILE U 76 15.64 -75.16 -111.21
CA ILE U 76 15.91 -74.43 -109.97
C ILE U 76 16.13 -72.94 -110.27
N PRO U 77 15.07 -72.11 -110.11
CA PRO U 77 15.23 -70.66 -110.20
C PRO U 77 15.87 -70.10 -108.95
N ILE U 78 17.02 -69.45 -109.11
CA ILE U 78 17.78 -68.93 -107.99
C ILE U 78 17.83 -67.41 -107.98
N GLY U 79 17.41 -66.82 -106.87
CA GLY U 79 17.42 -65.37 -106.69
C GLY U 79 17.78 -64.98 -105.27
N VAL U 80 18.39 -63.81 -105.13
CA VAL U 80 18.73 -63.27 -103.81
C VAL U 80 18.08 -61.90 -103.66
N LEU U 81 17.13 -61.81 -102.73
CA LEU U 81 16.42 -60.57 -102.46
C LEU U 81 16.66 -60.09 -101.03
N ILE U 82 17.23 -58.89 -100.92
CA ILE U 82 17.52 -58.28 -99.64
C ILE U 82 16.66 -57.04 -99.44
N LYS U 83 16.09 -56.91 -98.24
CA LYS U 83 15.24 -55.78 -97.90
C LYS U 83 15.98 -54.45 -98.00
N GLY U 84 15.44 -53.54 -98.80
CA GLY U 84 16.05 -52.24 -99.00
C GLY U 84 16.69 -52.12 -100.36
N CYS U 93 8.71 -59.11 -103.89
CA CYS U 93 9.07 -60.53 -103.99
C CYS U 93 7.98 -61.53 -103.63
N ASP U 94 7.00 -61.13 -102.84
CA ASP U 94 5.94 -62.04 -102.42
C ASP U 94 5.21 -62.63 -103.61
N SER U 95 4.95 -61.81 -104.62
CA SER U 95 4.27 -62.29 -105.81
C SER U 95 5.11 -63.36 -106.50
N THR U 96 6.43 -63.05 -106.61
CA THR U 96 7.40 -63.90 -107.30
C THR U 96 7.32 -65.32 -106.82
N THR U 97 7.20 -65.48 -105.50
CA THR U 97 7.11 -66.79 -104.89
C THR U 97 5.88 -67.48 -105.40
N HIS U 98 4.80 -66.71 -105.51
CA HIS U 98 3.52 -67.24 -106.00
C HIS U 98 3.57 -67.80 -107.42
N GLN U 99 4.27 -67.12 -108.33
CA GLN U 99 4.41 -67.61 -109.70
C GLN U 99 5.29 -68.85 -109.82
N LEU U 100 6.38 -68.88 -109.06
CA LEU U 100 7.26 -70.04 -109.05
C LEU U 100 6.51 -71.27 -108.54
N MET U 101 5.66 -71.07 -107.54
CA MET U 101 4.80 -72.13 -107.02
C MET U 101 3.84 -72.66 -108.09
N LYS U 102 3.11 -71.73 -108.74
CA LYS U 102 2.18 -72.07 -109.82
C LYS U 102 2.85 -72.71 -111.04
N LEU U 103 4.13 -72.38 -111.25
CA LEU U 103 4.90 -72.83 -112.40
C LEU U 103 5.10 -74.35 -112.44
N ASN U 104 5.10 -74.97 -111.26
CA ASN U 104 5.12 -76.43 -111.16
C ASN U 104 4.02 -77.06 -112.00
N PHE U 105 2.83 -76.49 -111.92
CA PHE U 105 1.65 -77.03 -112.57
C PHE U 105 1.52 -76.60 -114.03
N GLU U 106 2.00 -75.40 -114.34
CA GLU U 106 1.97 -74.87 -115.71
C GLU U 106 3.01 -75.52 -116.61
N LEU U 107 4.21 -75.74 -116.08
CA LEU U 107 5.32 -76.32 -116.84
C LEU U 107 5.32 -77.84 -116.82
N GLY U 108 4.69 -78.43 -115.80
CA GLY U 108 4.63 -79.89 -115.67
C GLY U 108 5.93 -80.52 -115.20
N ILE U 109 6.82 -79.70 -114.66
CA ILE U 109 8.07 -80.18 -114.06
C ILE U 109 8.28 -79.51 -112.69
N PRO U 110 9.00 -80.20 -111.77
CA PRO U 110 9.32 -79.60 -110.47
C PRO U 110 10.09 -78.29 -110.58
N VAL U 111 9.56 -77.26 -109.93
CA VAL U 111 10.22 -75.96 -109.83
C VAL U 111 10.62 -75.78 -108.39
N ILE U 112 11.92 -75.84 -108.11
CA ILE U 112 12.45 -75.74 -106.76
C ILE U 112 12.67 -74.27 -106.39
N PHE U 113 12.07 -73.85 -105.28
CA PHE U 113 12.17 -72.46 -104.83
C PHE U 113 13.55 -72.11 -104.31
N GLY U 114 14.37 -71.52 -105.18
CA GLY U 114 15.73 -71.14 -104.82
C GLY U 114 15.92 -69.64 -104.62
N VAL U 115 14.92 -68.97 -104.08
CA VAL U 115 14.98 -67.53 -103.86
C VAL U 115 15.14 -67.20 -102.37
N LEU U 116 16.27 -66.56 -102.05
CA LEU U 116 16.53 -66.08 -100.70
C LEU U 116 15.80 -64.75 -100.50
N THR U 117 15.06 -64.66 -99.38
CA THR U 117 14.32 -63.46 -99.03
C THR U 117 14.78 -62.97 -97.65
N CYS U 118 15.89 -62.22 -97.65
CA CYS U 118 16.56 -61.83 -96.40
C CYS U 118 16.38 -60.36 -96.05
N LEU U 119 16.75 -60.02 -94.82
CA LEU U 119 16.69 -58.65 -94.34
C LEU U 119 18.07 -57.97 -94.36
N THR U 120 19.13 -58.77 -94.23
CA THR U 120 20.50 -58.28 -94.31
C THR U 120 21.32 -59.08 -95.32
N ASP U 121 22.45 -58.53 -95.73
CA ASP U 121 23.41 -59.23 -96.60
C ASP U 121 23.96 -60.47 -95.90
N MET U 135 25.11 -70.67 -97.17
CA MET U 135 24.48 -70.44 -98.46
C MET U 135 24.71 -71.63 -99.37
N HIS U 136 25.91 -72.18 -99.34
CA HIS U 136 26.23 -73.33 -100.17
C HIS U 136 25.35 -74.52 -99.79
N ASN U 137 25.16 -74.70 -98.48
CA ASN U 137 24.33 -75.79 -97.99
C ASN U 137 22.89 -75.60 -98.44
N HIS U 138 22.44 -74.35 -98.41
CA HIS U 138 21.08 -74.00 -98.83
C HIS U 138 20.91 -74.34 -100.30
N GLY U 139 21.95 -74.05 -101.08
CA GLY U 139 21.93 -74.33 -102.50
C GLY U 139 21.88 -75.81 -102.76
N GLU U 140 22.61 -76.61 -101.96
CA GLU U 140 22.66 -78.06 -102.08
C GLU U 140 21.27 -78.62 -101.82
N ASP U 141 20.61 -78.01 -100.81
CA ASP U 141 19.27 -78.48 -100.48
C ASP U 141 18.41 -78.44 -101.73
N TRP U 142 18.48 -77.38 -102.47
CA TRP U 142 17.71 -77.17 -103.71
C TRP U 142 18.11 -78.18 -104.78
N GLY U 143 19.41 -78.59 -104.78
CA GLY U 143 19.92 -79.62 -105.67
C GLY U 143 19.31 -80.97 -105.35
N ALA U 144 19.33 -81.32 -104.06
CA ALA U 144 18.75 -82.58 -103.58
C ALA U 144 17.26 -82.67 -103.88
N ALA U 145 16.56 -81.56 -103.67
CA ALA U 145 15.13 -81.48 -103.88
C ALA U 145 14.76 -81.75 -105.34
N ALA U 146 15.48 -81.10 -106.26
CA ALA U 146 15.24 -81.24 -107.70
C ALA U 146 15.30 -82.70 -108.17
N VAL U 147 16.32 -83.41 -107.73
CA VAL U 147 16.53 -84.82 -108.07
C VAL U 147 15.40 -85.71 -107.52
N GLU U 148 15.07 -85.51 -106.24
CA GLU U 148 14.00 -86.27 -105.59
C GLU U 148 12.64 -86.07 -106.24
N MET U 149 12.27 -84.80 -106.47
CA MET U 149 10.96 -84.45 -107.03
C MET U 149 10.77 -84.95 -108.47
N ALA U 150 11.88 -85.11 -109.19
CA ALA U 150 11.86 -85.61 -110.57
C ALA U 150 11.83 -87.14 -110.64
N THR U 151 12.02 -87.80 -109.51
CA THR U 151 12.25 -89.25 -109.47
C THR U 151 11.23 -90.01 -108.64
N LYS U 152 10.97 -89.53 -107.42
CA LYS U 152 10.19 -90.25 -106.41
C LYS U 152 8.83 -90.78 -106.89
N PHE U 153 8.15 -90.00 -107.71
CA PHE U 153 6.77 -90.31 -108.11
C PHE U 153 6.61 -90.86 -109.54
N ASN U 154 7.76 -91.25 -110.11
CA ASN U 154 7.82 -91.81 -111.44
C ASN U 154 7.31 -93.24 -111.41
N LEU U 155 6.64 -93.61 -112.47
CA LEU U 155 6.05 -94.95 -112.62
C LEU U 155 4.82 -95.07 -111.76
N MET V 1 25.51 -56.12 -122.41
CA MET V 1 25.15 -55.51 -123.69
C MET V 1 25.31 -56.50 -124.82
N LYS V 2 25.50 -57.76 -124.47
CA LYS V 2 25.71 -58.81 -125.45
C LYS V 2 24.47 -59.05 -126.31
N TYR V 3 23.47 -58.16 -126.20
CA TYR V 3 22.23 -58.41 -126.90
C TYR V 3 21.94 -57.41 -128.02
N ASP V 4 21.42 -57.92 -129.13
CA ASP V 4 21.03 -57.08 -130.25
C ASP V 4 19.52 -56.83 -130.24
N GLY V 5 19.13 -55.57 -130.16
CA GLY V 5 17.72 -55.21 -130.11
C GLY V 5 17.21 -54.50 -131.35
N SER V 6 18.00 -54.52 -132.42
CA SER V 6 17.70 -53.79 -133.65
C SER V 6 16.40 -54.24 -134.33
N LYS V 7 16.07 -55.53 -134.21
CA LYS V 7 14.88 -56.09 -134.83
C LYS V 7 13.68 -56.16 -133.88
N LEU V 8 13.76 -55.44 -132.78
CA LEU V 8 12.70 -55.48 -131.76
C LEU V 8 11.81 -54.25 -131.76
N ARG V 9 10.56 -54.44 -131.33
CA ARG V 9 9.65 -53.35 -131.06
C ARG V 9 9.26 -53.42 -129.59
N ILE V 10 9.56 -52.37 -128.84
CA ILE V 10 9.32 -52.34 -127.40
C ILE V 10 8.30 -51.28 -127.02
N GLY V 11 7.28 -51.70 -126.27
CA GLY V 11 6.27 -50.79 -125.76
C GLY V 11 6.60 -50.32 -124.35
N ILE V 12 6.33 -49.04 -124.10
CA ILE V 12 6.42 -48.49 -122.76
C ILE V 12 5.08 -47.88 -122.41
N LEU V 13 4.43 -48.42 -121.39
CA LEU V 13 3.18 -47.88 -120.87
C LEU V 13 3.44 -47.32 -119.49
N HIS V 14 3.24 -46.01 -119.32
CA HIS V 14 3.48 -45.39 -118.03
C HIS V 14 2.27 -44.66 -117.48
N ALA V 15 2.18 -44.62 -116.14
CA ALA V 15 1.16 -43.86 -115.44
C ALA V 15 1.48 -42.37 -115.48
N ARG V 16 0.55 -41.54 -115.04
CA ARG V 16 0.74 -40.09 -115.07
C ARG V 16 0.89 -39.45 -113.69
N TRP V 17 0.63 -40.22 -112.63
CA TRP V 17 0.87 -39.71 -111.28
C TRP V 17 2.35 -39.76 -110.91
N ASN V 18 2.80 -38.74 -110.19
CA ASN V 18 4.23 -38.51 -109.91
C ASN V 18 5.02 -38.37 -111.23
N LEU V 19 4.58 -37.44 -112.06
CA LEU V 19 5.03 -37.32 -113.46
C LEU V 19 6.51 -37.02 -113.63
N GLU V 20 7.06 -36.19 -112.75
CA GLU V 20 8.47 -35.82 -112.81
C GLU V 20 9.36 -37.05 -112.67
N ILE V 21 9.01 -37.95 -111.75
CA ILE V 21 9.75 -39.19 -111.52
C ILE V 21 9.47 -40.19 -112.66
N ILE V 22 8.22 -40.28 -113.07
CA ILE V 22 7.81 -41.12 -114.20
C ILE V 22 8.64 -40.79 -115.45
N ALA V 23 8.70 -39.50 -115.79
CA ALA V 23 9.41 -39.04 -117.00
C ALA V 23 10.88 -39.48 -117.02
N ALA V 24 11.54 -39.40 -115.86
CA ALA V 24 12.95 -39.78 -115.74
C ALA V 24 13.19 -41.28 -115.92
N LEU V 25 12.29 -42.09 -115.36
CA LEU V 25 12.34 -43.55 -115.53
C LEU V 25 12.11 -43.95 -116.99
N VAL V 26 11.15 -43.29 -117.64
CA VAL V 26 10.88 -43.51 -119.07
C VAL V 26 12.12 -43.14 -119.87
N ALA V 27 12.68 -41.96 -119.60
CA ALA V 27 13.89 -41.48 -120.26
C ALA V 27 15.05 -42.46 -120.15
N GLY V 28 15.20 -43.06 -118.98
CA GLY V 28 16.24 -44.07 -118.74
C GLY V 28 16.01 -45.34 -119.54
N ALA V 29 14.76 -45.81 -119.55
CA ALA V 29 14.38 -46.98 -120.33
C ALA V 29 14.60 -46.74 -121.83
N ILE V 30 14.17 -45.58 -122.31
CA ILE V 30 14.38 -45.17 -123.69
C ILE V 30 15.87 -45.14 -124.04
N LYS V 31 16.69 -44.58 -123.15
CA LYS V 31 18.13 -44.48 -123.35
C LYS V 31 18.79 -45.86 -123.54
N ARG V 32 18.57 -46.76 -122.59
CA ARG V 32 19.17 -48.09 -122.62
C ARG V 32 18.63 -48.95 -123.77
N LEU V 33 17.35 -48.80 -124.09
CA LEU V 33 16.75 -49.45 -125.26
C LEU V 33 17.53 -49.14 -126.53
N GLN V 34 17.78 -47.85 -126.76
CA GLN V 34 18.51 -47.39 -127.94
C GLN V 34 19.98 -47.80 -127.94
N GLU V 35 20.56 -47.98 -126.76
CA GLU V 35 21.95 -48.44 -126.61
C GLU V 35 22.13 -49.89 -127.04
N PHE V 36 21.06 -50.68 -126.92
CA PHE V 36 21.10 -52.07 -127.34
C PHE V 36 20.78 -52.22 -128.83
N GLY V 37 20.45 -51.11 -129.48
CA GLY V 37 20.16 -51.11 -130.91
C GLY V 37 18.71 -50.93 -131.30
N VAL V 38 17.81 -50.84 -130.32
CA VAL V 38 16.38 -50.64 -130.60
C VAL V 38 16.17 -49.24 -131.17
N LYS V 39 15.61 -49.26 -132.39
CA LYS V 39 15.34 -48.07 -133.17
C LYS V 39 14.24 -47.27 -132.59
N ALA V 40 14.29 -45.97 -132.81
CA ALA V 40 13.27 -45.10 -132.27
C ALA V 40 11.89 -45.37 -132.78
N GLU V 41 11.78 -45.71 -134.04
CA GLU V 41 10.49 -45.98 -134.62
C GLU V 41 9.87 -47.12 -133.88
N ASN V 42 10.69 -47.95 -133.24
CA ASN V 42 10.21 -49.11 -132.55
C ASN V 42 9.99 -48.99 -131.06
N ILE V 43 10.07 -47.78 -130.54
CA ILE V 43 9.78 -47.58 -129.13
C ILE V 43 8.45 -46.82 -129.03
N ILE V 44 7.41 -47.51 -128.58
CA ILE V 44 6.06 -46.96 -128.54
C ILE V 44 5.69 -46.60 -127.10
N ILE V 45 5.49 -45.31 -126.86
CA ILE V 45 5.11 -44.80 -125.54
C ILE V 45 3.63 -44.47 -125.49
N GLU V 46 2.94 -45.02 -124.49
CA GLU V 46 1.53 -44.74 -124.24
C GLU V 46 1.30 -44.58 -122.73
N THR V 47 0.25 -43.85 -122.37
CA THR V 47 0.01 -43.52 -120.97
C THR V 47 -1.33 -44.06 -120.43
N VAL V 48 -1.39 -44.23 -119.11
CA VAL V 48 -2.63 -44.51 -118.39
C VAL V 48 -2.71 -43.57 -117.18
N PRO V 49 -3.91 -43.37 -116.60
CA PRO V 49 -4.02 -42.51 -115.42
C PRO V 49 -3.12 -42.95 -114.25
N GLY V 50 -3.37 -44.15 -113.74
CA GLY V 50 -2.62 -44.66 -112.58
C GLY V 50 -2.10 -46.07 -112.74
N SER V 51 -1.39 -46.53 -111.72
CA SER V 51 -0.76 -47.85 -111.73
C SER V 51 -1.76 -49.01 -111.79
N PHE V 52 -2.99 -48.79 -111.32
CA PHE V 52 -4.01 -49.82 -111.35
C PHE V 52 -4.38 -50.15 -112.79
N GLU V 53 -4.37 -49.14 -113.63
CA GLU V 53 -4.74 -49.30 -115.02
C GLU V 53 -3.61 -49.88 -115.88
N LEU V 54 -2.43 -50.04 -115.29
CA LEU V 54 -1.27 -50.58 -116.02
C LEU V 54 -1.46 -52.00 -116.56
N PRO V 55 -1.90 -52.97 -115.73
CA PRO V 55 -2.09 -54.33 -116.22
C PRO V 55 -3.06 -54.43 -117.42
N TYR V 56 -4.28 -53.91 -117.27
CA TYR V 56 -5.26 -53.99 -118.36
C TYR V 56 -4.93 -53.07 -119.52
N GLY V 57 -4.31 -51.93 -119.21
CA GLY V 57 -3.81 -51.02 -120.24
C GLY V 57 -2.79 -51.71 -121.11
N SER V 58 -1.92 -52.50 -120.49
CA SER V 58 -0.91 -53.27 -121.21
C SER V 58 -1.52 -54.25 -122.21
N LYS V 59 -2.57 -54.97 -121.78
CA LYS V 59 -3.27 -55.89 -122.68
C LYS V 59 -3.92 -55.16 -123.86
N LEU V 60 -4.59 -54.05 -123.56
CA LEU V 60 -5.25 -53.25 -124.60
C LEU V 60 -4.22 -52.65 -125.56
N PHE V 61 -3.09 -52.24 -125.01
CA PHE V 61 -1.96 -51.73 -125.78
C PHE V 61 -1.39 -52.80 -126.72
N VAL V 62 -1.13 -53.98 -126.16
CA VAL V 62 -0.64 -55.14 -126.94
C VAL V 62 -1.62 -55.55 -128.03
N GLU V 63 -2.91 -55.62 -127.69
CA GLU V 63 -3.95 -55.97 -128.66
C GLU V 63 -4.04 -54.95 -129.80
N LYS V 64 -3.97 -53.67 -129.46
CA LYS V 64 -3.99 -52.59 -130.44
C LYS V 64 -2.80 -52.67 -131.41
N GLN V 65 -1.62 -52.94 -130.87
CA GLN V 65 -0.41 -53.04 -131.68
C GLN V 65 -0.45 -54.23 -132.65
N LYS V 66 -1.14 -55.29 -132.26
CA LYS V 66 -1.38 -56.44 -133.14
C LYS V 66 -2.30 -56.07 -134.31
N ARG V 67 -3.36 -55.34 -134.02
CA ARG V 67 -4.29 -54.94 -135.05
C ARG V 67 -3.56 -54.05 -136.06
N LEU V 68 -2.71 -53.18 -135.55
CA LEU V 68 -1.98 -52.23 -136.39
C LEU V 68 -0.94 -52.91 -137.28
N GLY V 69 -0.69 -54.19 -137.02
CA GLY V 69 0.31 -54.96 -137.75
C GLY V 69 1.72 -54.66 -137.29
N LYS V 70 1.84 -54.12 -136.08
CA LYS V 70 3.13 -53.78 -135.50
C LYS V 70 3.23 -54.31 -134.08
N PRO V 71 3.40 -55.64 -133.94
CA PRO V 71 3.33 -56.28 -132.62
C PRO V 71 4.52 -55.91 -131.76
N LEU V 72 4.28 -55.81 -130.45
CA LEU V 72 5.33 -55.56 -129.48
C LEU V 72 6.02 -56.87 -129.14
N ASP V 73 7.33 -56.81 -128.96
CA ASP V 73 8.13 -57.97 -128.57
C ASP V 73 8.26 -58.06 -127.06
N ALA V 74 8.15 -56.91 -126.40
CA ALA V 74 8.12 -56.83 -124.95
C ALA V 74 7.45 -55.52 -124.53
N ILE V 75 7.09 -55.43 -123.25
CA ILE V 75 6.46 -54.23 -122.71
C ILE V 75 7.01 -53.88 -121.33
N ILE V 76 7.16 -52.58 -121.07
CA ILE V 76 7.60 -52.09 -119.77
C ILE V 76 6.53 -51.17 -119.18
N PRO V 77 5.69 -51.71 -118.27
CA PRO V 77 4.74 -50.89 -117.52
C PRO V 77 5.44 -50.12 -116.41
N ILE V 78 5.35 -48.80 -116.46
CA ILE V 78 6.06 -47.96 -115.51
C ILE V 78 5.10 -47.18 -114.60
N GLY V 79 5.27 -47.34 -113.29
CA GLY V 79 4.45 -46.67 -112.31
C GLY V 79 5.26 -46.24 -111.09
N VAL V 80 4.83 -45.17 -110.44
CA VAL V 80 5.47 -44.69 -109.22
C VAL V 80 4.43 -44.61 -108.11
N LEU V 81 4.50 -45.44 -107.12
CA LEU V 81 3.58 -45.44 -106.00
C LEU V 81 4.33 -45.12 -104.72
N ILE V 82 3.87 -44.09 -104.03
CA ILE V 82 4.46 -43.69 -102.77
C ILE V 82 3.34 -43.88 -101.78
N LYS V 83 3.59 -44.66 -100.74
CA LYS V 83 2.53 -44.91 -99.74
C LYS V 83 2.15 -43.65 -98.98
N GLY V 84 0.88 -43.42 -98.82
CA GLY V 84 0.38 -42.19 -98.20
C GLY V 84 -0.02 -42.38 -96.75
N CYS V 93 -1.24 -51.55 -104.13
CA CYS V 93 -0.24 -51.91 -105.14
C CYS V 93 0.22 -53.37 -105.18
N ASP V 94 0.08 -54.07 -104.07
CA ASP V 94 0.54 -55.46 -104.01
C ASP V 94 -0.14 -56.32 -105.07
N SER V 95 -1.43 -56.10 -105.28
CA SER V 95 -2.16 -56.86 -106.29
C SER V 95 -1.58 -56.57 -107.67
N THR V 96 -1.31 -55.24 -107.89
CA THR V 96 -0.84 -54.75 -109.19
C THR V 96 0.39 -55.52 -109.64
N THR V 97 1.28 -55.79 -108.70
CA THR V 97 2.51 -56.51 -108.99
C THR V 97 2.14 -57.90 -109.47
N HIS V 98 1.12 -58.47 -108.82
CA HIS V 98 0.65 -59.82 -109.16
C HIS V 98 0.12 -59.96 -110.58
N GLN V 99 -0.65 -58.96 -111.04
CA GLN V 99 -1.17 -58.98 -112.42
C GLN V 99 -0.11 -58.79 -113.48
N LEU V 100 0.85 -57.89 -113.21
CA LEU V 100 1.96 -57.66 -114.14
C LEU V 100 2.79 -58.94 -114.29
N MET V 101 2.98 -59.65 -113.18
CA MET V 101 3.66 -60.94 -113.19
C MET V 101 2.93 -61.96 -114.05
N LYS V 102 1.64 -62.14 -113.81
CA LYS V 102 0.78 -63.05 -114.58
C LYS V 102 0.67 -62.69 -116.06
N LEU V 103 0.82 -61.39 -116.35
CA LEU V 103 0.66 -60.86 -117.69
C LEU V 103 1.69 -61.39 -118.69
N ASN V 104 2.86 -61.77 -118.17
CA ASN V 104 3.89 -62.44 -118.97
C ASN V 104 3.32 -63.65 -119.68
N PHE V 105 2.53 -64.44 -118.95
CA PHE V 105 1.99 -65.70 -119.45
C PHE V 105 0.72 -65.52 -120.27
N GLU V 106 -0.07 -64.51 -119.92
CA GLU V 106 -1.32 -64.21 -120.63
C GLU V 106 -1.09 -63.54 -121.98
N LEU V 107 -0.12 -62.62 -122.02
CA LEU V 107 0.19 -61.87 -123.24
C LEU V 107 1.20 -62.59 -124.15
N GLY V 108 1.98 -63.49 -123.55
CA GLY V 108 3.00 -64.23 -124.30
C GLY V 108 4.23 -63.42 -124.67
N ILE V 109 4.40 -62.28 -124.02
CA ILE V 109 5.60 -61.44 -124.18
C ILE V 109 6.14 -61.02 -122.80
N PRO V 110 7.46 -60.77 -122.72
CA PRO V 110 8.05 -60.29 -121.46
C PRO V 110 7.43 -58.99 -120.97
N VAL V 111 6.96 -59.00 -119.73
CA VAL V 111 6.45 -57.81 -119.06
C VAL V 111 7.44 -57.46 -117.96
N ILE V 112 8.16 -56.37 -118.15
CA ILE V 112 9.18 -55.93 -117.19
C ILE V 112 8.56 -55.06 -116.10
N PHE V 113 8.77 -55.46 -114.85
CA PHE V 113 8.20 -54.74 -113.71
C PHE V 113 8.86 -53.39 -113.48
N GLY V 114 8.22 -52.34 -113.99
CA GLY V 114 8.75 -50.98 -113.86
C GLY V 114 7.98 -50.11 -112.88
N VAL V 115 7.50 -50.72 -111.80
CA VAL V 115 6.73 -50.00 -110.78
C VAL V 115 7.55 -49.77 -109.51
N LEU V 116 7.79 -48.51 -109.19
CA LEU V 116 8.45 -48.15 -107.94
C LEU V 116 7.45 -48.17 -106.80
N THR V 117 7.82 -48.84 -105.71
CA THR V 117 6.97 -48.95 -104.53
C THR V 117 7.73 -48.40 -103.32
N CYS V 118 7.69 -47.07 -103.16
CA CYS V 118 8.51 -46.37 -102.17
C CYS V 118 7.72 -45.86 -100.98
N LEU V 119 8.44 -45.45 -99.94
CA LEU V 119 7.83 -44.88 -98.75
C LEU V 119 7.93 -43.34 -98.72
N THR V 120 8.95 -42.80 -99.39
CA THR V 120 9.10 -41.35 -99.53
C THR V 120 9.30 -40.95 -100.99
N ASP V 121 9.11 -39.65 -101.27
CA ASP V 121 9.38 -39.11 -102.61
C ASP V 121 10.86 -39.24 -102.95
N GLU V 122 11.71 -38.99 -101.96
CA GLU V 122 13.16 -39.06 -102.11
C GLU V 122 13.63 -40.43 -102.60
N GLN V 123 13.05 -41.49 -102.06
CA GLN V 123 13.37 -42.86 -102.45
C GLN V 123 13.07 -43.10 -103.92
N MET V 135 17.09 -42.98 -110.29
CA MET V 135 15.85 -43.35 -110.96
C MET V 135 16.12 -43.66 -112.42
N HIS V 136 16.98 -42.86 -113.05
CA HIS V 136 17.32 -43.06 -114.45
C HIS V 136 17.99 -44.42 -114.63
N ASN V 137 18.87 -44.76 -113.70
CA ASN V 137 19.58 -46.03 -113.75
C ASN V 137 18.60 -47.18 -113.60
N HIS V 138 17.63 -46.99 -112.71
CA HIS V 138 16.60 -47.99 -112.46
C HIS V 138 15.81 -48.22 -113.73
N GLY V 139 15.50 -47.12 -114.43
CA GLY V 139 14.75 -47.17 -115.66
C GLY V 139 15.53 -47.91 -116.73
N GLU V 140 16.86 -47.69 -116.80
CA GLU V 140 17.74 -48.33 -117.77
C GLU V 140 17.74 -49.83 -117.52
N ASP V 141 17.74 -50.19 -116.23
CA ASP V 141 17.73 -51.60 -115.90
C ASP V 141 16.55 -52.27 -116.59
N TRP V 142 15.42 -51.66 -116.55
CA TRP V 142 14.18 -52.16 -117.16
C TRP V 142 14.29 -52.21 -118.67
N GLY V 143 15.07 -51.27 -119.26
CA GLY V 143 15.35 -51.26 -120.68
C GLY V 143 16.20 -52.45 -121.08
N ALA V 144 17.27 -52.68 -120.33
CA ALA V 144 18.18 -53.81 -120.56
C ALA V 144 17.45 -55.15 -120.44
N ALA V 145 16.59 -55.25 -119.42
CA ALA V 145 15.84 -56.47 -119.17
C ALA V 145 14.92 -56.83 -120.32
N ALA V 146 14.19 -55.83 -120.83
CA ALA V 146 13.24 -56.03 -121.94
C ALA V 146 13.90 -56.64 -123.17
N VAL V 147 15.05 -56.09 -123.54
CA VAL V 147 15.83 -56.56 -124.69
C VAL V 147 16.32 -58.00 -124.50
N GLU V 148 16.90 -58.28 -123.33
CA GLU V 148 17.40 -59.62 -123.01
C GLU V 148 16.30 -60.67 -123.00
N MET V 149 15.19 -60.39 -122.32
CA MET V 149 14.08 -61.34 -122.20
C MET V 149 13.40 -61.66 -123.53
N ALA V 150 13.47 -60.72 -124.47
CA ALA V 150 12.88 -60.89 -125.79
C ALA V 150 13.81 -61.63 -126.76
N THR V 151 15.06 -61.84 -126.35
CA THR V 151 16.10 -62.33 -127.24
C THR V 151 16.76 -63.64 -126.79
N LYS V 152 17.13 -63.71 -125.51
CA LYS V 152 17.95 -64.79 -124.96
C LYS V 152 17.46 -66.21 -125.29
N PHE V 153 16.13 -66.40 -125.26
CA PHE V 153 15.54 -67.73 -125.37
C PHE V 153 14.90 -68.03 -126.74
N ASN V 154 15.22 -67.19 -127.74
CA ASN V 154 14.66 -67.39 -129.05
C ASN V 154 15.46 -68.38 -129.84
N LEU V 155 15.15 -68.51 -131.13
CA LEU V 155 15.91 -69.35 -132.06
C LEU V 155 17.22 -69.79 -131.44
N LYS W 2 -37.14 -55.39 -99.94
CA LYS W 2 -37.57 -55.13 -101.31
C LYS W 2 -37.27 -56.35 -102.18
N TYR W 3 -36.63 -57.34 -101.59
CA TYR W 3 -36.29 -58.58 -102.30
C TYR W 3 -37.13 -59.76 -101.86
N ASP W 4 -37.86 -60.34 -102.82
CA ASP W 4 -38.69 -61.51 -102.59
C ASP W 4 -37.82 -62.76 -102.69
N GLY W 5 -37.74 -63.52 -101.60
CA GLY W 5 -36.92 -64.73 -101.56
C GLY W 5 -37.70 -66.02 -101.50
N SER W 6 -39.01 -65.94 -101.73
CA SER W 6 -39.92 -67.07 -101.60
C SER W 6 -39.60 -68.24 -102.55
N LYS W 7 -39.09 -67.92 -103.73
CA LYS W 7 -38.76 -68.94 -104.73
C LYS W 7 -37.29 -69.36 -104.70
N LEU W 8 -36.59 -69.02 -103.62
CA LEU W 8 -35.16 -69.31 -103.51
C LEU W 8 -34.84 -70.49 -102.59
N ARG W 9 -33.73 -71.16 -102.88
CA ARG W 9 -33.16 -72.15 -101.98
C ARG W 9 -31.76 -71.70 -101.59
N ILE W 10 -31.55 -71.49 -100.29
CA ILE W 10 -30.29 -70.96 -99.80
C ILE W 10 -29.56 -71.97 -98.91
N GLY W 11 -28.30 -72.21 -99.24
CA GLY W 11 -27.46 -73.08 -98.45
C GLY W 11 -26.63 -72.32 -97.43
N ILE W 12 -26.50 -72.90 -96.23
CA ILE W 12 -25.61 -72.37 -95.22
C ILE W 12 -24.64 -73.47 -94.82
N LEU W 13 -23.35 -73.23 -95.08
CA LEU W 13 -22.30 -74.15 -94.67
C LEU W 13 -21.47 -73.49 -93.59
N HIS W 14 -21.46 -74.06 -92.41
CA HIS W 14 -20.70 -73.47 -91.30
C HIS W 14 -19.67 -74.41 -90.69
N ALA W 15 -18.59 -73.82 -90.19
CA ALA W 15 -17.56 -74.57 -89.47
C ALA W 15 -18.04 -74.91 -88.06
N ARG W 16 -17.28 -75.74 -87.35
CA ARG W 16 -17.69 -76.17 -86.02
C ARG W 16 -16.80 -75.62 -84.89
N TRP W 17 -15.69 -74.98 -85.24
CA TRP W 17 -14.86 -74.31 -84.24
C TRP W 17 -15.45 -72.97 -83.83
N ASN W 18 -15.35 -72.66 -82.54
CA ASN W 18 -16.02 -71.51 -81.92
C ASN W 18 -17.55 -71.61 -82.12
N LEU W 19 -18.10 -72.73 -81.68
CA LEU W 19 -19.48 -73.14 -81.99
C LEU W 19 -20.57 -72.19 -81.46
N GLU W 20 -20.35 -71.67 -80.26
CA GLU W 20 -21.30 -70.74 -79.64
C GLU W 20 -21.51 -69.50 -80.51
N ILE W 21 -20.42 -68.97 -81.06
CA ILE W 21 -20.46 -67.79 -81.93
C ILE W 21 -21.02 -68.18 -83.31
N ILE W 22 -20.57 -69.33 -83.82
CA ILE W 22 -21.06 -69.88 -85.08
C ILE W 22 -22.59 -70.00 -85.07
N ALA W 23 -23.12 -70.63 -84.02
CA ALA W 23 -24.57 -70.86 -83.91
C ALA W 23 -25.38 -69.57 -83.98
N ALA W 24 -24.89 -68.51 -83.35
CA ALA W 24 -25.57 -67.21 -83.34
C ALA W 24 -25.59 -66.54 -84.71
N LEU W 25 -24.47 -66.63 -85.42
CA LEU W 25 -24.38 -66.11 -86.79
C LEU W 25 -25.31 -66.86 -87.75
N VAL W 26 -25.36 -68.18 -87.60
CA VAL W 26 -26.27 -69.03 -88.38
C VAL W 26 -27.71 -68.61 -88.08
N ALA W 27 -28.04 -68.50 -86.79
CA ALA W 27 -29.37 -68.11 -86.34
C ALA W 27 -29.81 -66.77 -86.93
N GLY W 28 -28.87 -65.82 -87.01
CA GLY W 28 -29.12 -64.50 -87.61
C GLY W 28 -29.39 -64.60 -89.10
N ALA W 29 -28.56 -65.38 -89.80
CA ALA W 29 -28.74 -65.60 -91.23
C ALA W 29 -30.08 -66.28 -91.53
N ILE W 30 -30.41 -67.31 -90.75
CA ILE W 30 -31.69 -68.00 -90.84
C ILE W 30 -32.87 -67.04 -90.62
N LYS W 31 -32.75 -66.19 -89.60
CA LYS W 31 -33.79 -65.21 -89.28
C LYS W 31 -34.09 -64.26 -90.43
N ARG W 32 -33.04 -63.60 -90.95
CA ARG W 32 -33.19 -62.64 -92.05
C ARG W 32 -33.63 -63.28 -93.36
N LEU W 33 -33.12 -64.50 -93.63
CA LEU W 33 -33.57 -65.29 -94.78
C LEU W 33 -35.10 -65.45 -94.80
N GLN W 34 -35.64 -65.88 -93.67
CA GLN W 34 -37.08 -66.08 -93.53
C GLN W 34 -37.89 -64.78 -93.58
N GLU W 35 -37.28 -63.68 -93.18
CA GLU W 35 -37.92 -62.35 -93.23
C GLU W 35 -38.10 -61.86 -94.67
N PHE W 36 -37.23 -62.30 -95.57
CA PHE W 36 -37.37 -61.94 -96.97
C PHE W 36 -38.31 -62.87 -97.72
N GLY W 37 -38.79 -63.90 -97.03
CA GLY W 37 -39.73 -64.84 -97.62
C GLY W 37 -39.20 -66.23 -97.92
N VAL W 38 -37.95 -66.51 -97.68
CA VAL W 38 -37.49 -67.83 -98.01
C VAL W 38 -38.18 -68.88 -97.18
N LYS W 39 -38.72 -69.87 -97.88
CA LYS W 39 -39.40 -70.99 -97.27
C LYS W 39 -38.37 -71.75 -96.48
N ALA W 40 -38.75 -72.28 -95.33
CA ALA W 40 -37.80 -73.01 -94.52
C ALA W 40 -37.27 -74.25 -95.19
N GLU W 41 -38.14 -74.95 -95.89
CA GLU W 41 -37.70 -76.15 -96.54
C GLU W 41 -36.53 -75.82 -97.40
N ASN W 42 -36.42 -74.57 -97.80
CA ASN W 42 -35.35 -74.15 -98.65
C ASN W 42 -34.08 -73.65 -97.99
N ILE W 43 -33.99 -73.75 -96.68
CA ILE W 43 -32.75 -73.35 -96.03
C ILE W 43 -32.01 -74.61 -95.59
N ILE W 44 -30.92 -74.92 -96.28
CA ILE W 44 -30.18 -76.15 -96.06
C ILE W 44 -28.89 -75.85 -95.27
N ILE W 45 -28.82 -76.39 -94.06
CA ILE W 45 -27.63 -76.22 -93.20
C ILE W 45 -26.77 -77.47 -93.21
N GLU W 46 -25.48 -77.28 -93.49
CA GLU W 46 -24.50 -78.35 -93.43
C GLU W 46 -23.21 -77.83 -92.78
N THR W 47 -22.42 -78.75 -92.21
CA THR W 47 -21.23 -78.36 -91.45
C THR W 47 -19.92 -78.90 -92.04
N VAL W 48 -18.84 -78.21 -91.71
CA VAL W 48 -17.47 -78.71 -91.97
C VAL W 48 -16.65 -78.53 -90.69
N PRO W 49 -15.51 -79.24 -90.55
CA PRO W 49 -14.69 -79.07 -89.35
C PRO W 49 -14.23 -77.62 -89.13
N GLY W 50 -13.47 -77.07 -90.07
CA GLY W 50 -12.92 -75.73 -89.94
C GLY W 50 -13.10 -74.86 -91.16
N SER W 51 -12.66 -73.60 -91.05
CA SER W 51 -12.80 -72.62 -92.11
C SER W 51 -12.05 -72.95 -93.40
N PHE W 52 -10.98 -73.72 -93.28
CA PHE W 52 -10.22 -74.12 -94.43
C PHE W 52 -11.06 -75.00 -95.36
N GLU W 53 -11.89 -75.84 -94.75
CA GLU W 53 -12.73 -76.77 -95.50
C GLU W 53 -13.98 -76.11 -96.09
N LEU W 54 -14.19 -74.82 -95.77
CA LEU W 54 -15.35 -74.09 -96.27
C LEU W 54 -15.43 -73.95 -97.80
N PRO W 55 -14.34 -73.49 -98.46
CA PRO W 55 -14.36 -73.37 -99.92
C PRO W 55 -14.70 -74.67 -100.66
N TYR W 56 -13.95 -75.75 -100.39
CA TYR W 56 -14.19 -77.01 -101.09
C TYR W 56 -15.47 -77.70 -100.61
N GLY W 57 -15.79 -77.51 -99.34
CA GLY W 57 -17.05 -78.00 -98.78
C GLY W 57 -18.23 -77.39 -99.52
N SER W 58 -18.12 -76.09 -99.81
CA SER W 58 -19.16 -75.37 -100.55
C SER W 58 -19.39 -75.97 -101.94
N LYS W 59 -18.30 -76.27 -102.66
CA LYS W 59 -18.42 -76.90 -103.97
C LYS W 59 -19.09 -78.28 -103.89
N LEU W 60 -18.64 -79.09 -102.93
CA LEU W 60 -19.21 -80.42 -102.73
C LEU W 60 -20.67 -80.36 -102.32
N PHE W 61 -21.00 -79.36 -101.51
CA PHE W 61 -22.38 -79.09 -101.07
C PHE W 61 -23.25 -78.70 -102.28
N VAL W 62 -22.77 -77.76 -103.08
CA VAL W 62 -23.46 -77.31 -104.30
C VAL W 62 -23.67 -78.45 -105.30
N GLU W 63 -22.62 -79.25 -105.52
CA GLU W 63 -22.71 -80.39 -106.43
C GLU W 63 -23.71 -81.45 -105.95
N LYS W 64 -23.70 -81.71 -104.64
CA LYS W 64 -24.64 -82.65 -104.02
C LYS W 64 -26.09 -82.20 -104.20
N GLN W 65 -26.34 -80.90 -103.99
CA GLN W 65 -27.68 -80.33 -104.12
C GLN W 65 -28.20 -80.39 -105.55
N LYS W 66 -27.29 -80.31 -106.53
CA LYS W 66 -27.62 -80.49 -107.93
C LYS W 66 -28.06 -81.93 -108.24
N ARG W 67 -27.33 -82.88 -107.70
CA ARG W 67 -27.65 -84.28 -107.93
C ARG W 67 -29.02 -84.58 -107.34
N LEU W 68 -29.30 -83.99 -106.18
CA LEU W 68 -30.55 -84.23 -105.48
C LEU W 68 -31.75 -83.61 -106.21
N GLY W 69 -31.47 -82.78 -107.21
CA GLY W 69 -32.51 -82.08 -107.95
C GLY W 69 -33.04 -80.88 -107.19
N LYS W 70 -32.27 -80.39 -106.23
CA LYS W 70 -32.66 -79.24 -105.44
C LYS W 70 -31.50 -78.24 -105.37
N PRO W 71 -31.25 -77.52 -106.47
CA PRO W 71 -30.07 -76.66 -106.59
C PRO W 71 -30.17 -75.44 -105.67
N LEU W 72 -29.02 -75.02 -105.14
CA LEU W 72 -28.94 -73.83 -104.33
C LEU W 72 -28.87 -72.60 -105.24
N ASP W 73 -29.53 -71.53 -104.83
CA ASP W 73 -29.49 -70.27 -105.58
C ASP W 73 -28.37 -69.36 -105.07
N ALA W 74 -27.99 -69.56 -103.81
CA ALA W 74 -26.85 -68.89 -103.19
C ALA W 74 -26.36 -69.72 -102.01
N ILE W 75 -25.16 -69.38 -101.52
CA ILE W 75 -24.58 -70.07 -100.37
C ILE W 75 -23.89 -69.08 -99.44
N ILE W 76 -24.01 -69.34 -98.13
CA ILE W 76 -23.34 -68.55 -97.10
C ILE W 76 -22.39 -69.44 -96.29
N PRO W 77 -21.08 -69.42 -96.63
CA PRO W 77 -20.08 -70.11 -95.81
C PRO W 77 -19.77 -69.29 -94.55
N ILE W 78 -19.99 -69.90 -93.39
CA ILE W 78 -19.81 -69.21 -92.12
C ILE W 78 -18.66 -69.80 -91.29
N GLY W 79 -17.72 -68.95 -90.93
CA GLY W 79 -16.59 -69.35 -90.12
C GLY W 79 -16.19 -68.28 -89.12
N VAL W 80 -15.63 -68.70 -87.99
CA VAL W 80 -15.13 -67.78 -86.98
C VAL W 80 -13.66 -68.06 -86.72
N LEU W 81 -12.81 -67.17 -87.08
CA LEU W 81 -11.37 -67.31 -86.87
C LEU W 81 -10.88 -66.21 -85.94
N ILE W 82 -10.25 -66.58 -84.86
CA ILE W 82 -9.68 -65.70 -83.84
C ILE W 82 -8.16 -65.85 -83.83
N LYS W 83 -7.47 -64.71 -83.77
CA LYS W 83 -6.01 -64.68 -83.75
C LYS W 83 -5.45 -65.42 -82.54
N CYS W 93 -5.94 -67.66 -92.73
CA CYS W 93 -7.27 -67.26 -93.20
C CYS W 93 -7.32 -66.36 -94.43
N ASP W 94 -6.24 -65.62 -94.70
CA ASP W 94 -6.23 -64.70 -95.82
C ASP W 94 -6.50 -65.42 -97.14
N SER W 95 -5.93 -66.61 -97.30
CA SER W 95 -6.14 -67.38 -98.51
C SER W 95 -7.62 -67.74 -98.64
N THR W 96 -8.19 -68.20 -97.50
CA THR W 96 -9.55 -68.69 -97.43
C THR W 96 -10.52 -67.68 -98.02
N THR W 97 -10.28 -66.41 -97.71
CA THR W 97 -11.11 -65.34 -98.22
C THR W 97 -11.01 -65.31 -99.72
N HIS W 98 -9.80 -65.53 -100.22
CA HIS W 98 -9.55 -65.53 -101.66
C HIS W 98 -10.30 -66.60 -102.43
N GLN W 99 -10.37 -67.84 -101.86
CA GLN W 99 -11.11 -68.92 -102.50
C GLN W 99 -12.62 -68.70 -102.49
N LEU W 100 -13.14 -68.19 -101.38
CA LEU W 100 -14.57 -67.89 -101.28
C LEU W 100 -14.96 -66.82 -102.30
N MET W 101 -14.08 -65.84 -102.49
CA MET W 101 -14.27 -64.81 -103.50
C MET W 101 -14.33 -65.41 -104.91
N LYS W 102 -13.35 -66.21 -105.26
CA LYS W 102 -13.27 -66.89 -106.56
C LYS W 102 -14.43 -67.86 -106.80
N LEU W 103 -14.96 -68.42 -105.70
CA LEU W 103 -16.01 -69.43 -105.76
C LEU W 103 -17.30 -68.92 -106.38
N ASN W 104 -17.54 -67.61 -106.28
CA ASN W 104 -18.65 -66.95 -106.96
C ASN W 104 -18.66 -67.28 -108.44
N PHE W 105 -17.47 -67.22 -109.05
CA PHE W 105 -17.32 -67.39 -110.49
C PHE W 105 -17.23 -68.85 -110.90
N GLU W 106 -16.66 -69.67 -110.03
CA GLU W 106 -16.51 -71.11 -110.29
C GLU W 106 -17.83 -71.87 -110.14
N LEU W 107 -18.61 -71.52 -109.12
CA LEU W 107 -19.88 -72.18 -108.84
C LEU W 107 -21.05 -71.57 -109.60
N GLY W 108 -20.92 -70.31 -110.01
CA GLY W 108 -21.98 -69.61 -110.76
C GLY W 108 -23.15 -69.18 -109.89
N ILE W 109 -22.94 -69.16 -108.58
CA ILE W 109 -23.92 -68.65 -107.62
C ILE W 109 -23.25 -67.70 -106.62
N PRO W 110 -24.01 -66.74 -106.06
CA PRO W 110 -23.47 -65.84 -105.04
C PRO W 110 -22.96 -66.59 -103.81
N VAL W 111 -21.70 -66.31 -103.46
CA VAL W 111 -21.07 -66.83 -102.26
C VAL W 111 -20.87 -65.66 -101.32
N ILE W 112 -21.64 -65.63 -100.24
CA ILE W 112 -21.59 -64.53 -99.27
C ILE W 112 -20.52 -64.80 -98.22
N PHE W 113 -19.60 -63.85 -98.07
CA PHE W 113 -18.49 -64.00 -97.13
C PHE W 113 -18.95 -63.90 -95.67
N GLY W 114 -19.16 -65.06 -95.06
CA GLY W 114 -19.61 -65.13 -93.67
C GLY W 114 -18.53 -65.56 -92.68
N VAL W 115 -17.29 -65.15 -92.94
CA VAL W 115 -16.17 -65.51 -92.08
C VAL W 115 -15.71 -64.33 -91.23
N LEU W 116 -15.83 -64.48 -89.91
CA LEU W 116 -15.33 -63.49 -88.98
C LEU W 116 -13.82 -63.69 -88.79
N THR W 117 -13.07 -62.59 -88.91
CA THR W 117 -11.63 -62.60 -88.75
C THR W 117 -11.23 -61.62 -87.65
N CYS W 118 -11.32 -62.09 -86.40
CA CYS W 118 -11.16 -61.23 -85.22
C CYS W 118 -9.85 -61.45 -84.49
N LEU W 119 -9.54 -60.54 -83.58
CA LEU W 119 -8.35 -60.62 -82.75
C LEU W 119 -8.65 -61.14 -81.34
N THR W 120 -9.88 -60.91 -80.87
CA THR W 120 -10.35 -61.42 -79.58
C THR W 120 -11.67 -62.16 -79.72
N ASP W 121 -12.01 -62.95 -78.70
CA ASP W 121 -13.25 -63.72 -78.72
C ASP W 121 -14.45 -62.79 -78.62
N MET W 135 -23.27 -60.04 -83.30
CA MET W 135 -23.00 -61.19 -84.15
C MET W 135 -24.24 -61.60 -84.91
N HIS W 136 -25.39 -61.57 -84.24
CA HIS W 136 -26.64 -61.94 -84.87
C HIS W 136 -26.94 -60.97 -86.02
N ASN W 137 -26.70 -59.69 -85.78
CA ASN W 137 -26.93 -58.67 -86.81
C ASN W 137 -26.02 -58.90 -88.00
N HIS W 138 -24.78 -59.28 -87.71
CA HIS W 138 -23.80 -59.54 -88.74
C HIS W 138 -24.26 -60.72 -89.58
N GLY W 139 -24.81 -61.72 -88.92
CA GLY W 139 -25.31 -62.90 -89.59
C GLY W 139 -26.49 -62.56 -90.48
N GLU W 140 -27.38 -61.65 -90.02
CA GLU W 140 -28.55 -61.21 -90.76
C GLU W 140 -28.10 -60.51 -92.03
N ASP W 141 -27.06 -59.69 -91.92
CA ASP W 141 -26.53 -58.96 -93.07
C ASP W 141 -26.23 -59.95 -94.19
N TRP W 142 -25.60 -61.07 -93.83
CA TRP W 142 -25.25 -62.13 -94.77
C TRP W 142 -26.50 -62.79 -95.36
N GLY W 143 -27.56 -62.86 -94.56
CA GLY W 143 -28.84 -63.36 -95.02
C GLY W 143 -29.45 -62.44 -96.06
N ALA W 144 -29.46 -61.14 -95.75
CA ALA W 144 -29.99 -60.11 -96.66
C ALA W 144 -29.21 -60.09 -97.97
N ALA W 145 -27.90 -60.20 -97.87
CA ALA W 145 -27.02 -60.18 -99.05
C ALA W 145 -27.31 -61.33 -100.00
N ALA W 146 -27.45 -62.54 -99.45
CA ALA W 146 -27.71 -63.75 -100.24
C ALA W 146 -28.97 -63.62 -101.10
N VAL W 147 -30.04 -63.12 -100.51
CA VAL W 147 -31.32 -62.93 -101.19
C VAL W 147 -31.20 -61.89 -102.31
N GLU W 148 -30.59 -60.74 -102.01
CA GLU W 148 -30.40 -59.68 -102.98
C GLU W 148 -29.55 -60.11 -104.18
N MET W 149 -28.41 -60.74 -103.90
CA MET W 149 -27.47 -61.15 -104.96
C MET W 149 -28.05 -62.22 -105.88
N ALA W 150 -28.99 -63.01 -105.36
CA ALA W 150 -29.65 -64.06 -106.13
C ALA W 150 -30.84 -63.54 -106.96
N THR W 151 -31.21 -62.28 -106.73
CA THR W 151 -32.46 -61.73 -107.28
C THR W 151 -32.26 -60.50 -108.16
N LYS W 152 -31.47 -59.54 -107.66
CA LYS W 152 -31.33 -58.21 -108.27
C LYS W 152 -31.04 -58.20 -109.77
N PHE W 153 -30.20 -59.13 -110.21
CA PHE W 153 -29.69 -59.12 -111.59
C PHE W 153 -30.33 -60.17 -112.51
N ASN W 154 -31.45 -60.75 -112.08
CA ASN W 154 -32.15 -61.77 -112.85
C ASN W 154 -33.30 -61.18 -113.66
N LEU W 155 -34.09 -62.03 -114.28
CA LEU W 155 -35.22 -61.60 -115.08
C LEU W 155 -36.02 -60.50 -114.39
N TYR X 3 -10.69 -37.01 -124.30
CA TYR X 3 -11.45 -38.24 -124.56
C TYR X 3 -12.94 -37.98 -124.72
N ASP X 4 -13.47 -38.33 -125.88
CA ASP X 4 -14.89 -38.21 -126.19
C ASP X 4 -15.62 -39.43 -125.65
N GLY X 5 -16.55 -39.19 -124.73
CA GLY X 5 -17.32 -40.28 -124.12
C GLY X 5 -18.79 -40.33 -124.50
N SER X 6 -19.15 -39.55 -125.54
CA SER X 6 -20.54 -39.42 -125.96
C SER X 6 -21.19 -40.73 -126.42
N LYS X 7 -20.39 -41.61 -127.01
CA LYS X 7 -20.89 -42.90 -127.51
C LYS X 7 -20.70 -44.05 -126.52
N LEU X 8 -20.42 -43.72 -125.27
CA LEU X 8 -20.15 -44.73 -124.25
C LEU X 8 -21.32 -44.95 -123.28
N ARG X 9 -21.40 -46.16 -122.75
CA ARG X 9 -22.30 -46.48 -121.65
C ARG X 9 -21.46 -46.96 -120.48
N ILE X 10 -21.55 -46.25 -119.37
CA ILE X 10 -20.72 -46.53 -118.19
C ILE X 10 -21.59 -46.97 -117.01
N GLY X 11 -21.21 -48.11 -116.42
CA GLY X 11 -21.88 -48.61 -115.24
C GLY X 11 -21.15 -48.20 -113.97
N ILE X 12 -21.94 -47.86 -112.94
CA ILE X 12 -21.41 -47.60 -111.61
C ILE X 12 -22.11 -48.52 -110.64
N LEU X 13 -21.33 -49.41 -110.02
CA LEU X 13 -21.86 -50.30 -108.98
C LEU X 13 -21.23 -49.91 -107.65
N HIS X 14 -22.06 -49.49 -106.70
CA HIS X 14 -21.54 -49.06 -105.41
C HIS X 14 -22.14 -49.83 -104.24
N ALA X 15 -21.34 -49.97 -103.18
CA ALA X 15 -21.79 -50.58 -101.94
C ALA X 15 -22.66 -49.59 -101.16
N ARG X 16 -23.30 -50.06 -100.09
CA ARG X 16 -24.19 -49.21 -99.31
C ARG X 16 -23.68 -48.87 -97.91
N TRP X 17 -22.58 -49.52 -97.48
CA TRP X 17 -21.94 -49.17 -96.22
C TRP X 17 -21.11 -47.90 -96.35
N ASN X 18 -21.13 -47.06 -95.31
CA ASN X 18 -20.55 -45.72 -95.33
C ASN X 18 -21.18 -44.88 -96.45
N LEU X 19 -22.50 -44.78 -96.42
CA LEU X 19 -23.30 -44.24 -97.54
C LEU X 19 -23.03 -42.77 -97.88
N GLU X 20 -22.81 -41.96 -96.85
CA GLU X 20 -22.53 -40.54 -97.03
C GLU X 20 -21.29 -40.34 -97.89
N ILE X 21 -20.24 -41.12 -97.63
CA ILE X 21 -19.00 -41.05 -98.39
C ILE X 21 -19.16 -41.68 -99.77
N ILE X 22 -19.86 -42.82 -99.81
CA ILE X 22 -20.20 -43.49 -101.06
C ILE X 22 -20.89 -42.53 -102.04
N ALA X 23 -21.95 -41.85 -101.56
CA ALA X 23 -22.74 -40.94 -102.38
C ALA X 23 -21.90 -39.85 -103.03
N ALA X 24 -20.94 -39.30 -102.28
CA ALA X 24 -20.07 -38.23 -102.77
C ALA X 24 -19.11 -38.71 -103.86
N LEU X 25 -18.56 -39.92 -103.69
CA LEU X 25 -17.70 -40.53 -104.69
C LEU X 25 -18.46 -40.83 -105.98
N VAL X 26 -19.68 -41.34 -105.84
CA VAL X 26 -20.57 -41.59 -106.98
C VAL X 26 -20.84 -40.26 -107.70
N ALA X 27 -21.22 -39.24 -106.93
CA ALA X 27 -21.50 -37.91 -107.47
C ALA X 27 -20.33 -37.35 -108.26
N GLY X 28 -19.11 -37.57 -107.77
CA GLY X 28 -17.90 -37.13 -108.45
C GLY X 28 -17.67 -37.87 -109.76
N ALA X 29 -17.85 -39.19 -109.72
CA ALA X 29 -17.74 -40.02 -110.92
C ALA X 29 -18.77 -39.62 -111.97
N ILE X 30 -20.01 -39.44 -111.54
CA ILE X 30 -21.09 -38.97 -112.40
C ILE X 30 -20.77 -37.62 -113.04
N LYS X 31 -20.25 -36.70 -112.23
CA LYS X 31 -19.87 -35.36 -112.71
C LYS X 31 -18.83 -35.39 -113.83
N ARG X 32 -17.70 -36.08 -113.58
CA ARG X 32 -16.61 -36.16 -114.55
C ARG X 32 -17.00 -36.95 -115.81
N LEU X 33 -17.80 -38.01 -115.62
CA LEU X 33 -18.36 -38.77 -116.74
C LEU X 33 -19.07 -37.86 -117.74
N GLN X 34 -19.98 -37.02 -117.22
CA GLN X 34 -20.75 -36.09 -118.02
C GLN X 34 -19.91 -34.98 -118.65
N GLU X 35 -18.80 -34.63 -118.00
CA GLU X 35 -17.87 -33.61 -118.51
C GLU X 35 -17.12 -34.11 -119.76
N PHE X 36 -16.89 -35.42 -119.84
CA PHE X 36 -16.27 -36.04 -121.01
C PHE X 36 -17.28 -36.40 -122.10
N GLY X 37 -18.54 -35.99 -121.90
CA GLY X 37 -19.57 -36.16 -122.92
C GLY X 37 -20.52 -37.34 -122.74
N VAL X 38 -20.29 -38.15 -121.71
CA VAL X 38 -21.15 -39.30 -121.44
C VAL X 38 -22.54 -38.83 -120.98
N LYS X 39 -23.52 -39.23 -121.77
CA LYS X 39 -24.92 -38.89 -121.59
C LYS X 39 -25.51 -39.51 -120.37
N ALA X 40 -26.46 -38.82 -119.76
CA ALA X 40 -27.10 -39.30 -118.56
C ALA X 40 -27.81 -40.60 -118.80
N GLU X 41 -28.35 -40.77 -119.99
CA GLU X 41 -29.09 -41.99 -120.30
C GLU X 41 -28.14 -43.15 -120.19
N ASN X 42 -26.87 -42.88 -120.42
CA ASN X 42 -25.86 -43.92 -120.43
C ASN X 42 -25.04 -44.16 -119.17
N ILE X 43 -25.46 -43.57 -118.07
CA ILE X 43 -24.81 -43.82 -116.79
C ILE X 43 -25.76 -44.65 -115.92
N ILE X 44 -25.42 -45.92 -115.73
CA ILE X 44 -26.28 -46.86 -115.03
C ILE X 44 -25.73 -47.10 -113.61
N ILE X 45 -26.51 -46.70 -112.60
CA ILE X 45 -26.13 -46.89 -111.21
C ILE X 45 -26.90 -48.06 -110.59
N GLU X 46 -26.15 -48.97 -109.98
CA GLU X 46 -26.74 -50.09 -109.25
C GLU X 46 -25.97 -50.33 -107.96
N THR X 47 -26.61 -50.93 -106.97
CA THR X 47 -26.02 -51.09 -105.64
C THR X 47 -25.84 -52.55 -105.21
N VAL X 48 -24.89 -52.77 -104.30
CA VAL X 48 -24.74 -54.03 -103.59
C VAL X 48 -24.61 -53.75 -102.08
N PRO X 49 -24.83 -54.75 -101.22
CA PRO X 49 -24.68 -54.51 -99.78
C PRO X 49 -23.29 -54.00 -99.40
N GLY X 50 -22.26 -54.80 -99.64
CA GLY X 50 -20.90 -54.46 -99.25
C GLY X 50 -19.87 -54.64 -100.35
N SER X 51 -18.63 -54.28 -100.03
CA SER X 51 -17.52 -54.34 -100.98
C SER X 51 -17.19 -55.75 -101.46
N PHE X 52 -17.48 -56.76 -100.65
CA PHE X 52 -17.23 -58.14 -101.02
C PHE X 52 -18.08 -58.53 -102.22
N GLU X 53 -19.30 -58.01 -102.25
CA GLU X 53 -20.24 -58.33 -103.32
C GLU X 53 -19.97 -57.55 -104.62
N LEU X 54 -19.02 -56.61 -104.56
CA LEU X 54 -18.67 -55.80 -105.73
C LEU X 54 -18.18 -56.58 -106.95
N PRO X 55 -17.16 -57.47 -106.77
CA PRO X 55 -16.67 -58.24 -107.91
C PRO X 55 -17.75 -59.07 -108.62
N TYR X 56 -18.47 -59.92 -107.89
CA TYR X 56 -19.51 -60.76 -108.51
C TYR X 56 -20.73 -59.96 -108.94
N GLY X 57 -21.04 -58.91 -108.19
CA GLY X 57 -22.10 -57.98 -108.56
C GLY X 57 -21.82 -57.35 -109.90
N SER X 58 -20.55 -56.98 -110.12
CA SER X 58 -20.11 -56.39 -111.38
C SER X 58 -20.35 -57.34 -112.57
N LYS X 59 -20.01 -58.62 -112.40
CA LYS X 59 -20.26 -59.60 -113.44
C LYS X 59 -21.75 -59.76 -113.74
N LEU X 60 -22.55 -59.87 -112.69
CA LEU X 60 -24.01 -60.02 -112.84
C LEU X 60 -24.62 -58.77 -113.49
N PHE X 61 -24.09 -57.61 -113.12
CA PHE X 61 -24.49 -56.33 -113.68
C PHE X 61 -24.16 -56.26 -115.18
N VAL X 62 -22.93 -56.62 -115.53
CA VAL X 62 -22.47 -56.67 -116.92
C VAL X 62 -23.29 -57.65 -117.76
N GLU X 63 -23.53 -58.85 -117.23
CA GLU X 63 -24.33 -59.86 -117.93
C GLU X 63 -25.77 -59.41 -118.15
N LYS X 64 -26.35 -58.78 -117.13
CA LYS X 64 -27.71 -58.23 -117.22
C LYS X 64 -27.82 -57.17 -118.31
N GLN X 65 -26.84 -56.28 -118.37
CA GLN X 65 -26.82 -55.20 -119.36
C GLN X 65 -26.68 -55.73 -120.78
N LYS X 66 -25.99 -56.85 -120.94
CA LYS X 66 -25.90 -57.54 -122.24
C LYS X 66 -27.25 -58.11 -122.66
N ARG X 67 -27.96 -58.74 -121.75
CA ARG X 67 -29.26 -59.30 -122.07
C ARG X 67 -30.21 -58.19 -122.49
N LEU X 68 -30.11 -57.06 -121.80
CA LEU X 68 -31.00 -55.92 -122.07
C LEU X 68 -30.71 -55.27 -123.41
N GLY X 69 -29.61 -55.66 -124.04
CA GLY X 69 -29.19 -55.07 -125.32
C GLY X 69 -28.55 -53.72 -125.14
N LYS X 70 -28.07 -53.44 -123.93
CA LYS X 70 -27.42 -52.17 -123.62
C LYS X 70 -26.11 -52.42 -122.88
N PRO X 71 -25.07 -52.90 -123.60
CA PRO X 71 -23.84 -53.34 -122.96
C PRO X 71 -23.05 -52.17 -122.38
N LEU X 72 -22.38 -52.42 -121.27
CA LEU X 72 -21.51 -51.43 -120.66
C LEU X 72 -20.16 -51.44 -121.36
N ASP X 73 -19.57 -50.26 -121.51
CA ASP X 73 -18.25 -50.12 -122.12
C ASP X 73 -17.16 -50.15 -121.06
N ALA X 74 -17.53 -49.75 -119.84
CA ALA X 74 -16.67 -49.82 -118.67
C ALA X 74 -17.51 -49.84 -117.41
N ILE X 75 -16.89 -50.19 -116.28
CA ILE X 75 -17.58 -50.23 -115.00
C ILE X 75 -16.70 -49.67 -113.88
N ILE X 76 -17.33 -48.95 -112.95
CA ILE X 76 -16.66 -48.41 -111.78
C ILE X 76 -17.29 -48.98 -110.50
N PRO X 77 -16.67 -50.03 -109.92
CA PRO X 77 -17.12 -50.53 -108.62
C PRO X 77 -16.62 -49.62 -107.50
N ILE X 78 -17.56 -49.07 -106.72
CA ILE X 78 -17.22 -48.13 -105.66
C ILE X 78 -17.52 -48.68 -104.27
N GLY X 79 -16.51 -48.68 -103.42
CA GLY X 79 -16.64 -49.15 -102.06
C GLY X 79 -15.81 -48.31 -101.09
N VAL X 80 -16.28 -48.23 -99.84
CA VAL X 80 -15.55 -47.52 -98.80
C VAL X 80 -15.29 -48.48 -97.64
N LEU X 81 -14.08 -48.85 -97.39
CA LEU X 81 -13.71 -49.73 -96.29
C LEU X 81 -12.80 -48.99 -95.32
N ILE X 82 -13.18 -48.94 -94.09
CA ILE X 82 -12.47 -48.31 -92.99
C ILE X 82 -12.05 -49.40 -92.00
N LYS X 83 -10.82 -49.32 -91.52
CA LYS X 83 -10.28 -50.28 -90.57
C LYS X 83 -11.06 -50.28 -89.26
N CYS X 93 -10.34 -56.92 -97.26
CA CYS X 93 -10.37 -56.14 -98.50
C CYS X 93 -9.26 -56.40 -99.53
N ASP X 94 -8.12 -56.92 -99.06
CA ASP X 94 -7.00 -57.15 -99.97
C ASP X 94 -7.39 -58.09 -101.10
N SER X 95 -8.16 -59.12 -100.80
CA SER X 95 -8.60 -60.05 -101.83
C SER X 95 -9.45 -59.32 -102.86
N THR X 96 -10.39 -58.49 -102.31
CA THR X 96 -11.37 -57.77 -103.12
C THR X 96 -10.68 -57.01 -104.24
N THR X 97 -9.55 -56.40 -103.91
CA THR X 97 -8.77 -55.63 -104.87
C THR X 97 -8.32 -56.56 -105.97
N HIS X 98 -7.91 -57.76 -105.56
CA HIS X 98 -7.43 -58.77 -106.50
C HIS X 98 -8.46 -59.23 -107.53
N GLN X 99 -9.72 -59.43 -107.08
CA GLN X 99 -10.79 -59.82 -107.99
C GLN X 99 -11.19 -58.72 -108.97
N LEU X 100 -11.24 -57.49 -108.49
CA LEU X 100 -11.55 -56.34 -109.34
C LEU X 100 -10.49 -56.18 -110.42
N MET X 101 -9.24 -56.41 -110.05
CA MET X 101 -8.12 -56.40 -110.99
C MET X 101 -8.30 -57.47 -112.08
N LYS X 102 -8.51 -58.69 -111.67
CA LYS X 102 -8.75 -59.82 -112.58
C LYS X 102 -9.98 -59.66 -113.46
N LEU X 103 -10.97 -58.93 -112.95
CA LEU X 103 -12.25 -58.74 -113.61
C LEU X 103 -12.14 -58.02 -114.95
N ASN X 104 -11.10 -57.18 -115.09
CA ASN X 104 -10.76 -56.54 -116.35
C ASN X 104 -10.64 -57.56 -117.48
N PHE X 105 -9.97 -58.67 -117.18
CA PHE X 105 -9.68 -59.70 -118.17
C PHE X 105 -10.82 -60.69 -118.35
N GLU X 106 -11.56 -60.94 -117.28
CA GLU X 106 -12.70 -61.86 -117.33
C GLU X 106 -13.92 -61.26 -118.02
N LEU X 107 -14.18 -59.98 -117.76
CA LEU X 107 -15.34 -59.28 -118.33
C LEU X 107 -15.05 -58.67 -119.69
N GLY X 108 -13.78 -58.42 -119.98
CA GLY X 108 -13.36 -57.82 -121.26
C GLY X 108 -13.68 -56.34 -121.38
N ILE X 109 -13.93 -55.69 -120.24
CA ILE X 109 -14.12 -54.25 -120.17
C ILE X 109 -13.30 -53.66 -119.01
N PRO X 110 -12.90 -52.37 -119.14
CA PRO X 110 -12.17 -51.71 -118.05
C PRO X 110 -12.95 -51.68 -116.74
N VAL X 111 -12.32 -52.18 -115.68
CA VAL X 111 -12.88 -52.12 -114.34
C VAL X 111 -12.01 -51.16 -113.54
N ILE X 112 -12.58 -50.00 -113.22
CA ILE X 112 -11.85 -48.96 -112.50
C ILE X 112 -11.96 -49.17 -111.00
N PHE X 113 -10.81 -49.24 -110.32
CA PHE X 113 -10.77 -49.49 -108.89
C PHE X 113 -11.26 -48.29 -108.08
N GLY X 114 -12.52 -48.33 -107.69
CA GLY X 114 -13.13 -47.26 -106.91
C GLY X 114 -13.36 -47.58 -105.45
N VAL X 115 -12.45 -48.36 -104.87
CA VAL X 115 -12.57 -48.77 -103.46
C VAL X 115 -11.58 -48.01 -102.58
N LEU X 116 -12.11 -47.22 -101.65
CA LEU X 116 -11.30 -46.54 -100.66
C LEU X 116 -10.93 -47.51 -99.54
N THR X 117 -9.65 -47.56 -99.20
CA THR X 117 -9.13 -48.43 -98.15
C THR X 117 -8.42 -47.57 -97.10
N CYS X 118 -9.21 -47.01 -96.18
CA CYS X 118 -8.71 -46.03 -95.22
C CYS X 118 -8.60 -46.56 -93.81
N LEU X 119 -7.91 -45.80 -92.96
CA LEU X 119 -7.75 -46.15 -91.55
C LEU X 119 -8.71 -45.36 -90.65
N THR X 120 -9.11 -44.17 -91.09
CA THR X 120 -10.09 -43.34 -90.37
C THR X 120 -11.22 -42.90 -91.30
N ASP X 121 -12.32 -42.45 -90.70
CA ASP X 121 -13.45 -41.89 -91.45
C ASP X 121 -13.01 -40.62 -92.18
N GLU X 122 -12.20 -39.80 -91.50
CA GLU X 122 -11.69 -38.54 -92.03
C GLU X 122 -10.92 -38.72 -93.34
N MET X 135 -12.86 -36.37 -101.59
CA MET X 135 -13.53 -37.60 -102.00
C MET X 135 -14.17 -37.41 -103.36
N HIS X 136 -14.76 -36.25 -103.59
CA HIS X 136 -15.40 -35.96 -104.86
C HIS X 136 -14.36 -35.98 -105.98
N ASN X 137 -13.20 -35.41 -105.70
CA ASN X 137 -12.11 -35.37 -106.67
C ASN X 137 -11.65 -36.78 -106.99
N HIS X 138 -11.58 -37.60 -105.95
CA HIS X 138 -11.15 -38.98 -106.10
C HIS X 138 -12.14 -39.72 -106.98
N GLY X 139 -13.41 -39.44 -106.78
CA GLY X 139 -14.47 -40.05 -107.57
C GLY X 139 -14.37 -39.63 -109.02
N GLU X 140 -14.05 -38.36 -109.28
CA GLU X 140 -13.91 -37.81 -110.62
C GLU X 140 -12.77 -38.52 -111.34
N ASP X 141 -11.70 -38.76 -110.55
CA ASP X 141 -10.55 -39.44 -111.15
C ASP X 141 -11.02 -40.76 -111.77
N TRP X 142 -11.82 -41.50 -111.08
CA TRP X 142 -12.37 -42.78 -111.52
C TRP X 142 -13.27 -42.61 -112.74
N GLY X 143 -13.95 -41.47 -112.83
CA GLY X 143 -14.77 -41.12 -113.99
C GLY X 143 -13.90 -40.90 -115.21
N ALA X 144 -12.85 -40.10 -115.05
CA ALA X 144 -11.91 -39.81 -116.12
C ALA X 144 -11.22 -41.08 -116.63
N ALA X 145 -10.84 -41.94 -115.71
CA ALA X 145 -10.17 -43.19 -116.03
C ALA X 145 -11.04 -44.11 -116.90
N ALA X 146 -12.31 -44.26 -116.51
CA ALA X 146 -13.25 -45.13 -117.22
C ALA X 146 -13.40 -44.74 -118.70
N VAL X 147 -13.54 -43.44 -118.95
CA VAL X 147 -13.67 -42.91 -120.30
C VAL X 147 -12.41 -43.15 -121.14
N GLU X 148 -11.25 -42.84 -120.56
CA GLU X 148 -9.97 -43.03 -121.23
C GLU X 148 -9.69 -44.51 -121.58
N MET X 149 -9.88 -45.39 -120.61
CA MET X 149 -9.60 -46.82 -120.79
C MET X 149 -10.52 -47.48 -121.82
N ALA X 150 -11.72 -46.93 -121.99
CA ALA X 150 -12.68 -47.44 -122.96
C ALA X 150 -12.45 -46.91 -124.37
N THR X 151 -11.56 -45.93 -124.50
CA THR X 151 -11.41 -45.17 -125.74
C THR X 151 -10.00 -45.24 -126.35
N LYS X 152 -8.99 -45.01 -125.51
CA LYS X 152 -7.60 -44.82 -125.95
C LYS X 152 -7.07 -45.90 -126.90
N PHE X 153 -7.44 -47.16 -126.65
CA PHE X 153 -6.88 -48.29 -127.38
C PHE X 153 -7.81 -48.91 -128.43
N ASN X 154 -8.86 -48.16 -128.75
CA ASN X 154 -9.87 -48.49 -129.75
C ASN X 154 -9.56 -47.91 -131.13
N LEU X 155 -10.39 -48.25 -132.12
CA LEU X 155 -10.18 -47.78 -133.48
C LEU X 155 -11.53 -47.50 -134.17
N MET Y 1 -17.73 -93.73 -84.51
CA MET Y 1 -17.91 -92.29 -84.72
C MET Y 1 -19.12 -92.01 -85.61
N LYS Y 2 -19.06 -90.90 -86.35
CA LYS Y 2 -20.14 -90.52 -87.24
C LYS Y 2 -19.79 -90.81 -88.70
N TYR Y 3 -18.49 -90.76 -89.00
CA TYR Y 3 -18.01 -91.01 -90.36
C TYR Y 3 -17.27 -92.34 -90.49
N ASP Y 4 -17.81 -93.20 -91.35
CA ASP Y 4 -17.20 -94.50 -91.64
C ASP Y 4 -16.12 -94.32 -92.71
N GLY Y 5 -14.88 -94.66 -92.35
CA GLY Y 5 -13.74 -94.51 -93.27
C GLY Y 5 -13.16 -95.81 -93.76
N SER Y 6 -13.87 -96.91 -93.52
CA SER Y 6 -13.39 -98.26 -93.84
C SER Y 6 -13.12 -98.48 -95.32
N LYS Y 7 -13.89 -97.82 -96.18
CA LYS Y 7 -13.76 -97.97 -97.63
C LYS Y 7 -12.90 -96.87 -98.27
N LEU Y 8 -12.14 -96.15 -97.44
CA LEU Y 8 -11.34 -95.03 -97.93
C LEU Y 8 -9.86 -95.35 -98.01
N ARG Y 9 -9.17 -94.67 -98.93
CA ARG Y 9 -7.71 -94.69 -99.01
C ARG Y 9 -7.23 -93.25 -98.83
N ILE Y 10 -6.44 -93.02 -97.78
CA ILE Y 10 -5.97 -91.68 -97.44
C ILE Y 10 -4.46 -91.57 -97.57
N GLY Y 11 -4.02 -90.55 -98.32
CA GLY Y 11 -2.61 -90.26 -98.46
C GLY Y 11 -2.13 -89.22 -97.47
N ILE Y 12 -0.93 -89.43 -96.95
CA ILE Y 12 -0.27 -88.43 -96.11
C ILE Y 12 1.08 -88.12 -96.74
N LEU Y 13 1.26 -86.87 -97.15
CA LEU Y 13 2.52 -86.39 -97.68
C LEU Y 13 3.10 -85.39 -96.70
N HIS Y 14 4.27 -85.71 -96.14
CA HIS Y 14 4.88 -84.81 -95.17
C HIS Y 14 6.29 -84.37 -95.56
N ALA Y 15 6.65 -83.16 -95.12
CA ALA Y 15 8.00 -82.64 -95.30
C ALA Y 15 8.95 -83.28 -94.29
N ARG Y 16 10.26 -83.06 -94.46
CA ARG Y 16 11.25 -83.67 -93.59
C ARG Y 16 11.97 -82.68 -92.66
N TRP Y 17 11.73 -81.38 -92.86
CA TRP Y 17 12.28 -80.38 -91.94
C TRP Y 17 11.44 -80.29 -90.67
N ASN Y 18 12.12 -80.10 -89.54
CA ASN Y 18 11.50 -80.18 -88.20
C ASN Y 18 10.86 -81.56 -87.98
N LEU Y 19 11.68 -82.60 -88.16
CA LEU Y 19 11.20 -83.98 -88.25
C LEU Y 19 10.51 -84.52 -86.99
N GLU Y 20 11.02 -84.14 -85.82
CA GLU Y 20 10.47 -84.56 -84.56
C GLU Y 20 9.00 -84.12 -84.42
N ILE Y 21 8.71 -82.89 -84.82
CA ILE Y 21 7.36 -82.34 -84.79
C ILE Y 21 6.51 -82.93 -85.91
N ILE Y 22 7.10 -83.06 -87.09
CA ILE Y 22 6.45 -83.70 -88.23
C ILE Y 22 5.94 -85.10 -87.87
N ALA Y 23 6.83 -85.93 -87.31
CA ALA Y 23 6.51 -87.30 -86.94
C ALA Y 23 5.30 -87.41 -86.01
N ALA Y 24 5.21 -86.51 -85.04
CA ALA Y 24 4.11 -86.50 -84.07
C ALA Y 24 2.77 -86.13 -84.71
N LEU Y 25 2.79 -85.16 -85.62
CA LEU Y 25 1.60 -84.77 -86.38
C LEU Y 25 1.10 -85.90 -87.29
N VAL Y 26 2.05 -86.58 -87.94
CA VAL Y 26 1.74 -87.74 -88.78
C VAL Y 26 1.11 -88.83 -87.90
N ALA Y 27 1.76 -89.11 -86.77
CA ALA Y 27 1.28 -90.12 -85.82
C ALA Y 27 -0.15 -89.85 -85.37
N GLY Y 28 -0.47 -88.58 -85.12
CA GLY Y 28 -1.81 -88.16 -84.73
C GLY Y 28 -2.83 -88.36 -85.84
N ALA Y 29 -2.46 -87.98 -87.06
CA ALA Y 29 -3.31 -88.17 -88.24
C ALA Y 29 -3.57 -89.66 -88.48
N ILE Y 30 -2.51 -90.46 -88.41
CA ILE Y 30 -2.61 -91.93 -88.52
C ILE Y 30 -3.55 -92.51 -87.46
N LYS Y 31 -3.40 -92.06 -86.22
CA LYS Y 31 -4.23 -92.53 -85.11
C LYS Y 31 -5.73 -92.28 -85.34
N ARG Y 32 -6.09 -91.03 -85.64
CA ARG Y 32 -7.50 -90.66 -85.85
C ARG Y 32 -8.09 -91.30 -87.11
N LEU Y 33 -7.27 -91.40 -88.16
CA LEU Y 33 -7.68 -92.12 -89.39
C LEU Y 33 -8.17 -93.53 -89.07
N GLN Y 34 -7.37 -94.27 -88.31
CA GLN Y 34 -7.69 -95.65 -87.93
C GLN Y 34 -8.89 -95.74 -86.98
N GLU Y 35 -9.11 -94.70 -86.18
CA GLU Y 35 -10.26 -94.63 -85.27
C GLU Y 35 -11.59 -94.50 -86.02
N PHE Y 36 -11.58 -93.83 -87.15
CA PHE Y 36 -12.77 -93.82 -87.98
C PHE Y 36 -13.09 -95.20 -88.52
N GLY Y 37 -12.06 -95.96 -88.82
CA GLY Y 37 -12.18 -97.21 -89.57
C GLY Y 37 -11.26 -97.39 -90.76
N VAL Y 38 -10.46 -96.37 -91.06
CA VAL Y 38 -9.52 -96.46 -92.18
C VAL Y 38 -8.42 -97.47 -91.87
N LYS Y 39 -8.33 -98.47 -92.74
CA LYS Y 39 -7.40 -99.58 -92.61
C LYS Y 39 -5.94 -99.24 -92.85
N ALA Y 40 -5.06 -100.07 -92.29
CA ALA Y 40 -3.63 -99.92 -92.42
C ALA Y 40 -3.24 -100.04 -93.89
N GLU Y 41 -3.95 -100.87 -94.64
CA GLU Y 41 -3.65 -101.06 -96.04
C GLU Y 41 -3.78 -99.75 -96.82
N ASN Y 42 -4.78 -98.95 -96.48
CA ASN Y 42 -5.06 -97.70 -97.18
C ASN Y 42 -4.35 -96.40 -96.76
N ILE Y 43 -3.54 -96.40 -95.70
CA ILE Y 43 -2.90 -95.14 -95.31
C ILE Y 43 -1.51 -95.11 -95.94
N ILE Y 44 -1.34 -94.27 -96.95
CA ILE Y 44 -0.10 -94.20 -97.71
C ILE Y 44 0.71 -92.97 -97.30
N ILE Y 45 1.89 -93.21 -96.72
CA ILE Y 45 2.78 -92.13 -96.30
C ILE Y 45 3.93 -91.95 -97.29
N GLU Y 46 4.11 -90.72 -97.73
CA GLU Y 46 5.24 -90.37 -98.60
C GLU Y 46 5.81 -89.02 -98.16
N THR Y 47 7.08 -88.77 -98.49
CA THR Y 47 7.78 -87.59 -98.02
C THR Y 47 8.26 -86.67 -99.14
N VAL Y 48 8.44 -85.39 -98.80
CA VAL Y 48 9.12 -84.42 -99.66
C VAL Y 48 10.15 -83.66 -98.81
N PRO Y 49 11.14 -83.00 -99.45
CA PRO Y 49 12.12 -82.24 -98.67
C PRO Y 49 11.50 -81.17 -97.77
N GLY Y 50 10.82 -80.20 -98.38
CA GLY Y 50 10.23 -79.08 -97.63
C GLY Y 50 8.80 -78.78 -98.00
N SER Y 51 8.23 -77.80 -97.30
CA SER Y 51 6.83 -77.41 -97.47
C SER Y 51 6.51 -76.85 -98.87
N PHE Y 52 7.48 -76.29 -99.52
CA PHE Y 52 7.29 -75.76 -100.85
C PHE Y 52 6.94 -76.87 -101.83
N GLU Y 53 7.58 -78.02 -101.64
CA GLU Y 53 7.37 -79.18 -102.52
C GLU Y 53 6.06 -79.92 -102.22
N LEU Y 54 5.36 -79.53 -101.16
CA LEU Y 54 4.10 -80.17 -100.79
C LEU Y 54 2.99 -80.11 -101.84
N PRO Y 55 2.68 -78.90 -102.37
CA PRO Y 55 1.64 -78.80 -103.40
C PRO Y 55 1.88 -79.67 -104.63
N TYR Y 56 3.04 -79.54 -105.28
CA TYR Y 56 3.33 -80.32 -106.48
C TYR Y 56 3.60 -81.78 -106.18
N GLY Y 57 4.17 -82.05 -105.00
CA GLY Y 57 4.38 -83.41 -104.53
C GLY Y 57 3.05 -84.12 -104.40
N SER Y 58 2.05 -83.40 -103.87
CA SER Y 58 0.70 -83.94 -103.72
C SER Y 58 0.10 -84.36 -105.06
N LYS Y 59 0.24 -83.52 -106.08
CA LYS Y 59 -0.24 -83.86 -107.43
C LYS Y 59 0.45 -85.10 -107.98
N LEU Y 60 1.78 -85.15 -107.86
CA LEU Y 60 2.57 -86.27 -108.34
C LEU Y 60 2.22 -87.55 -107.59
N PHE Y 61 1.97 -87.41 -106.29
CA PHE Y 61 1.55 -88.50 -105.41
C PHE Y 61 0.18 -89.04 -105.85
N VAL Y 62 -0.78 -88.13 -106.04
CA VAL Y 62 -2.13 -88.48 -106.51
C VAL Y 62 -2.11 -89.16 -107.88
N GLU Y 63 -1.34 -88.60 -108.81
CA GLU Y 63 -1.22 -89.18 -110.15
C GLU Y 63 -0.58 -90.58 -110.14
N LYS Y 64 0.45 -90.75 -109.30
CA LYS Y 64 1.09 -92.05 -109.12
C LYS Y 64 0.12 -93.10 -108.59
N GLN Y 65 -0.68 -92.72 -107.60
CA GLN Y 65 -1.65 -93.63 -106.98
C GLN Y 65 -2.74 -94.04 -107.96
N LYS Y 66 -3.08 -93.17 -108.90
CA LYS Y 66 -4.02 -93.49 -109.97
C LYS Y 66 -3.43 -94.53 -110.93
N ARG Y 67 -2.16 -94.34 -111.31
CA ARG Y 67 -1.46 -95.26 -112.21
C ARG Y 67 -1.23 -96.63 -111.58
N LEU Y 68 -1.22 -96.70 -110.26
CA LEU Y 68 -1.08 -97.94 -109.51
C LEU Y 68 -2.42 -98.67 -109.36
N GLY Y 69 -3.50 -97.99 -109.71
CA GLY Y 69 -4.85 -98.54 -109.57
C GLY Y 69 -5.35 -98.48 -108.13
N LYS Y 70 -4.75 -97.61 -107.34
CA LYS Y 70 -5.13 -97.43 -105.95
C LYS Y 70 -5.29 -95.95 -105.62
N PRO Y 71 -6.40 -95.34 -106.11
CA PRO Y 71 -6.58 -93.89 -106.01
C PRO Y 71 -6.81 -93.44 -104.58
N LEU Y 72 -6.30 -92.26 -104.26
CA LEU Y 72 -6.54 -91.65 -102.95
C LEU Y 72 -7.90 -90.98 -102.93
N ASP Y 73 -8.59 -91.06 -101.81
CA ASP Y 73 -9.88 -90.40 -101.63
C ASP Y 73 -9.71 -89.02 -101.03
N ALA Y 74 -8.61 -88.84 -100.30
CA ALA Y 74 -8.21 -87.54 -99.75
C ALA Y 74 -6.72 -87.54 -99.48
N ILE Y 75 -6.15 -86.36 -99.25
CA ILE Y 75 -4.74 -86.22 -98.96
C ILE Y 75 -4.50 -85.19 -97.84
N ILE Y 76 -3.54 -85.47 -96.98
CA ILE Y 76 -3.13 -84.56 -95.92
C ILE Y 76 -1.65 -84.18 -96.09
N PRO Y 77 -1.39 -83.00 -96.69
CA PRO Y 77 -0.03 -82.47 -96.77
C PRO Y 77 0.39 -81.87 -95.43
N ILE Y 78 1.45 -82.40 -94.84
CA ILE Y 78 1.90 -81.97 -93.52
C ILE Y 78 3.26 -81.29 -93.57
N GLY Y 79 3.31 -80.07 -93.03
CA GLY Y 79 4.54 -79.29 -92.98
C GLY Y 79 4.64 -78.48 -91.70
N VAL Y 80 5.86 -78.23 -91.26
CA VAL Y 80 6.11 -77.41 -90.08
C VAL Y 80 7.03 -76.25 -90.47
N LEU Y 81 6.48 -75.04 -90.39
CA LEU Y 81 7.21 -73.84 -90.73
C LEU Y 81 7.34 -72.90 -89.52
N ILE Y 82 8.59 -72.66 -89.13
CA ILE Y 82 8.94 -71.80 -88.01
C ILE Y 82 9.79 -70.67 -88.60
N LYS Y 83 9.47 -69.44 -88.22
CA LYS Y 83 10.20 -68.27 -88.70
C LYS Y 83 11.69 -68.39 -88.40
N CYS Y 93 5.82 -69.02 -96.94
CA CYS Y 93 4.75 -69.98 -96.69
C CYS Y 93 3.33 -69.55 -97.07
N ASP Y 94 3.09 -68.23 -97.13
CA ASP Y 94 1.75 -67.74 -97.44
C ASP Y 94 1.27 -68.26 -98.79
N SER Y 95 2.16 -68.31 -99.77
CA SER Y 95 1.79 -68.80 -101.09
C SER Y 95 1.37 -70.27 -100.99
N THR Y 96 2.19 -71.03 -100.22
CA THR Y 96 2.04 -72.47 -100.08
C THR Y 96 0.62 -72.82 -99.68
N THR Y 97 0.07 -72.03 -98.76
CA THR Y 97 -1.27 -72.25 -98.27
C THR Y 97 -2.23 -72.08 -99.44
N HIS Y 98 -1.95 -71.06 -100.26
CA HIS Y 98 -2.79 -70.78 -101.42
C HIS Y 98 -2.88 -71.92 -102.43
N GLN Y 99 -1.72 -72.58 -102.71
CA GLN Y 99 -1.71 -73.73 -103.63
C GLN Y 99 -2.42 -74.95 -103.07
N LEU Y 100 -2.23 -75.21 -101.79
CA LEU Y 100 -2.91 -76.33 -101.14
C LEU Y 100 -4.43 -76.12 -101.17
N MET Y 101 -4.86 -74.89 -100.97
CA MET Y 101 -6.26 -74.51 -101.09
C MET Y 101 -6.81 -74.80 -102.50
N LYS Y 102 -6.15 -74.30 -103.50
CA LYS Y 102 -6.51 -74.50 -104.90
C LYS Y 102 -6.48 -75.96 -105.34
N LEU Y 103 -5.60 -76.73 -104.70
CA LEU Y 103 -5.37 -78.13 -105.04
C LEU Y 103 -6.62 -79.00 -104.86
N ASN Y 104 -7.49 -78.59 -103.94
CA ASN Y 104 -8.79 -79.23 -103.75
C ASN Y 104 -9.56 -79.32 -105.07
N PHE Y 105 -9.53 -78.23 -105.83
CA PHE Y 105 -10.30 -78.11 -107.06
C PHE Y 105 -9.57 -78.70 -108.26
N GLU Y 106 -8.25 -78.64 -108.24
CA GLU Y 106 -7.42 -79.17 -109.32
C GLU Y 106 -7.33 -80.70 -109.30
N LEU Y 107 -7.21 -81.26 -108.10
CA LEU Y 107 -7.07 -82.71 -107.93
C LEU Y 107 -8.42 -83.42 -107.81
N GLY Y 108 -9.46 -82.68 -107.42
CA GLY Y 108 -10.80 -83.25 -107.27
C GLY Y 108 -10.97 -84.11 -106.03
N ILE Y 109 -10.04 -83.98 -105.08
CA ILE Y 109 -10.14 -84.64 -103.78
C ILE Y 109 -9.84 -83.66 -102.65
N PRO Y 110 -10.41 -83.90 -101.46
CA PRO Y 110 -10.12 -83.04 -100.29
C PRO Y 110 -8.64 -82.99 -99.95
N VAL Y 111 -8.10 -81.77 -99.88
CA VAL Y 111 -6.74 -81.52 -99.44
C VAL Y 111 -6.82 -80.83 -98.09
N ILE Y 112 -6.43 -81.54 -97.05
CA ILE Y 112 -6.50 -81.01 -95.68
C ILE Y 112 -5.23 -80.25 -95.35
N PHE Y 113 -5.39 -79.00 -94.93
CA PHE Y 113 -4.26 -78.14 -94.60
C PHE Y 113 -3.55 -78.56 -93.31
N GLY Y 114 -2.47 -79.32 -93.48
CA GLY Y 114 -1.69 -79.80 -92.34
C GLY Y 114 -0.36 -79.11 -92.15
N VAL Y 115 -0.32 -77.81 -92.44
CA VAL Y 115 0.91 -77.03 -92.32
C VAL Y 115 0.86 -76.10 -91.11
N LEU Y 116 1.76 -76.34 -90.15
CA LEU Y 116 1.92 -75.46 -89.01
C LEU Y 116 2.74 -74.25 -89.40
N THR Y 117 2.22 -73.06 -89.05
CA THR Y 117 2.88 -71.80 -89.34
C THR Y 117 3.12 -71.04 -88.02
N CYS Y 118 4.21 -71.40 -87.34
CA CYS Y 118 4.47 -70.90 -85.98
C CYS Y 118 5.60 -69.88 -85.92
N LEU Y 119 5.72 -69.23 -84.77
CA LEU Y 119 6.76 -68.24 -84.53
C LEU Y 119 7.90 -68.82 -83.68
N THR Y 120 7.58 -69.82 -82.85
CA THR Y 120 8.58 -70.52 -82.04
C THR Y 120 8.47 -72.03 -82.21
N ASP Y 121 9.53 -72.75 -81.82
CA ASP Y 121 9.52 -74.21 -81.81
C ASP Y 121 8.46 -74.73 -80.84
N GLU Y 122 8.35 -74.08 -79.69
CA GLU Y 122 7.41 -74.45 -78.64
C GLU Y 122 5.96 -74.45 -79.13
N GLN Y 123 5.61 -73.45 -79.93
CA GLN Y 123 4.26 -73.34 -80.51
C GLN Y 123 3.94 -74.54 -81.40
N MET Y 135 0.31 -81.11 -80.46
CA MET Y 135 0.61 -81.36 -81.85
C MET Y 135 -0.08 -82.62 -82.33
N HIS Y 136 -0.11 -83.64 -81.49
CA HIS Y 136 -0.76 -84.90 -81.83
C HIS Y 136 -2.25 -84.66 -82.05
N ASN Y 137 -2.85 -83.84 -81.18
CA ASN Y 137 -4.26 -83.52 -81.29
C ASN Y 137 -4.54 -82.78 -82.58
N HIS Y 138 -3.63 -81.88 -82.92
CA HIS Y 138 -3.75 -81.08 -84.14
C HIS Y 138 -3.72 -82.01 -85.34
N GLY Y 139 -2.83 -83.01 -85.28
CA GLY Y 139 -2.69 -83.97 -86.35
C GLY Y 139 -3.96 -84.80 -86.49
N GLU Y 140 -4.58 -85.18 -85.36
CA GLU Y 140 -5.80 -85.98 -85.34
C GLU Y 140 -6.92 -85.19 -86.01
N ASP Y 141 -6.92 -83.87 -85.70
CA ASP Y 141 -7.95 -83.04 -86.31
C ASP Y 141 -7.91 -83.20 -87.82
N TRP Y 142 -6.75 -83.15 -88.40
CA TRP Y 142 -6.53 -83.30 -89.85
C TRP Y 142 -6.96 -84.68 -90.33
N GLY Y 143 -6.83 -85.69 -89.46
CA GLY Y 143 -7.29 -87.04 -89.75
C GLY Y 143 -8.79 -87.08 -89.82
N ALA Y 144 -9.45 -86.50 -88.82
CA ALA Y 144 -10.91 -86.44 -88.75
C ALA Y 144 -11.50 -85.69 -89.95
N ALA Y 145 -10.85 -84.58 -90.31
CA ALA Y 145 -11.29 -83.75 -91.42
C ALA Y 145 -11.27 -84.51 -92.75
N ALA Y 146 -10.17 -85.23 -93.01
CA ALA Y 146 -10.00 -85.99 -94.25
C ALA Y 146 -11.12 -87.00 -94.48
N VAL Y 147 -11.47 -87.74 -93.43
CA VAL Y 147 -12.52 -88.74 -93.47
C VAL Y 147 -13.89 -88.10 -93.74
N GLU Y 148 -14.21 -87.04 -93.01
CA GLU Y 148 -15.47 -86.32 -93.17
C GLU Y 148 -15.64 -85.72 -94.56
N MET Y 149 -14.62 -85.03 -95.05
CA MET Y 149 -14.68 -84.35 -96.35
C MET Y 149 -14.80 -85.32 -97.53
N ALA Y 150 -14.31 -86.54 -97.34
CA ALA Y 150 -14.37 -87.58 -98.37
C ALA Y 150 -15.71 -88.34 -98.34
N THR Y 151 -16.53 -88.11 -97.33
CA THR Y 151 -17.72 -88.91 -97.07
C THR Y 151 -19.02 -88.11 -97.05
N LYS Y 152 -19.03 -86.99 -96.34
CA LYS Y 152 -20.24 -86.21 -96.04
C LYS Y 152 -21.11 -85.89 -97.26
N PHE Y 153 -20.47 -85.56 -98.38
CA PHE Y 153 -21.17 -85.06 -99.56
C PHE Y 153 -21.32 -86.07 -100.71
N ASN Y 154 -21.06 -87.34 -100.41
CA ASN Y 154 -21.15 -88.40 -101.41
C ASN Y 154 -22.56 -88.90 -101.64
N LEU Y 155 -22.65 -90.08 -102.25
CA LEU Y 155 -23.94 -90.70 -102.56
C LEU Y 155 -24.88 -90.67 -101.36
N MET Z 3 -6.78 -28.50 -132.17
CA MET Z 3 -5.32 -28.42 -132.14
C MET Z 3 -4.79 -28.66 -130.73
N LYS Z 4 -3.77 -29.51 -130.61
CA LYS Z 4 -3.15 -29.73 -129.31
C LYS Z 4 -2.49 -28.44 -128.80
N GLU Z 5 -2.44 -28.27 -127.49
CA GLU Z 5 -1.74 -27.15 -126.89
C GLU Z 5 -0.24 -27.36 -127.09
N LYS Z 6 0.49 -26.28 -127.34
CA LYS Z 6 1.91 -26.40 -127.64
C LYS Z 6 2.80 -26.08 -126.43
N PHE Z 7 4.02 -26.60 -126.45
CA PHE Z 7 4.98 -26.30 -125.39
C PHE Z 7 6.27 -25.94 -126.11
N VAL Z 8 6.90 -24.84 -125.70
CA VAL Z 8 8.14 -24.39 -126.36
C VAL Z 8 9.33 -24.63 -125.43
N LEU Z 9 10.31 -25.38 -125.92
CA LEU Z 9 11.52 -25.62 -125.15
C LEU Z 9 12.62 -24.83 -125.83
N ILE Z 10 13.27 -23.94 -125.09
CA ILE Z 10 14.39 -23.17 -125.63
C ILE Z 10 15.70 -23.78 -125.17
N ILE Z 11 16.55 -24.19 -126.10
CA ILE Z 11 17.82 -24.82 -125.73
C ILE Z 11 18.93 -24.01 -126.39
N THR Z 12 19.82 -23.47 -125.58
CA THR Z 12 20.85 -22.55 -126.08
C THR Z 12 22.13 -22.66 -125.28
N HIS Z 13 23.17 -21.98 -125.74
CA HIS Z 13 24.39 -21.83 -124.96
C HIS Z 13 24.21 -20.83 -123.80
N GLY Z 14 24.76 -21.18 -122.64
CA GLY Z 14 24.71 -20.28 -121.49
C GLY Z 14 23.33 -19.70 -121.20
N ASP Z 15 23.29 -18.43 -120.79
CA ASP Z 15 22.04 -17.78 -120.39
C ASP Z 15 21.29 -17.16 -121.54
N PHE Z 16 21.62 -17.54 -122.78
CA PHE Z 16 20.96 -16.90 -123.92
C PHE Z 16 19.44 -17.13 -123.88
N GLY Z 17 19.04 -18.39 -123.76
CA GLY Z 17 17.60 -18.71 -123.74
C GLY Z 17 16.88 -18.05 -122.57
N LYS Z 18 17.57 -18.08 -121.39
CA LYS Z 18 17.00 -17.49 -120.19
C LYS Z 18 16.80 -15.99 -120.37
N GLY Z 19 17.74 -15.32 -121.03
CA GLY Z 19 17.66 -13.91 -121.29
C GLY Z 19 16.68 -13.56 -122.40
N LEU Z 20 16.65 -14.37 -123.45
CA LEU Z 20 15.71 -14.17 -124.54
C LEU Z 20 14.27 -14.22 -124.03
N LEU Z 21 13.99 -15.21 -123.19
CA LEU Z 21 12.63 -15.33 -122.64
C LEU Z 21 12.29 -14.12 -121.76
N SER Z 22 13.22 -13.74 -120.86
CA SER Z 22 13.09 -12.52 -120.05
C SER Z 22 12.73 -11.31 -120.89
N GLY Z 23 13.50 -11.09 -121.97
CA GLY Z 23 13.25 -10.01 -122.91
C GLY Z 23 11.88 -10.05 -123.57
N ALA Z 24 11.51 -11.23 -124.06
CA ALA Z 24 10.18 -11.41 -124.64
C ALA Z 24 9.10 -11.09 -123.62
N GLU Z 25 9.32 -11.48 -122.37
CA GLU Z 25 8.29 -11.31 -121.35
C GLU Z 25 8.11 -9.83 -120.97
N VAL Z 26 9.15 -9.02 -121.13
CA VAL Z 26 9.01 -7.56 -121.03
C VAL Z 26 7.97 -7.07 -122.04
N ILE Z 27 7.99 -7.66 -123.23
CA ILE Z 27 7.10 -7.25 -124.29
C ILE Z 27 5.68 -7.81 -124.15
N ILE Z 28 5.57 -9.12 -123.91
CA ILE Z 28 4.25 -9.79 -123.97
C ILE Z 28 3.76 -10.43 -122.67
N GLY Z 29 4.46 -10.17 -121.58
CA GLY Z 29 4.08 -10.70 -120.28
C GLY Z 29 4.59 -12.11 -120.01
N LYS Z 30 4.43 -12.53 -118.75
CA LYS Z 30 4.94 -13.84 -118.29
C LYS Z 30 4.30 -14.99 -119.05
N GLN Z 31 5.15 -15.91 -119.48
CA GLN Z 31 4.73 -17.07 -120.26
C GLN Z 31 4.55 -18.30 -119.40
N GLU Z 32 3.56 -19.11 -119.76
CA GLU Z 32 3.48 -20.48 -119.31
C GLU Z 32 3.82 -21.31 -120.55
N ASN Z 33 4.12 -22.59 -120.36
CA ASN Z 33 4.39 -23.45 -121.51
C ASN Z 33 5.64 -23.05 -122.30
N VAL Z 34 6.56 -22.34 -121.66
CA VAL Z 34 7.91 -22.12 -122.23
C VAL Z 34 8.94 -22.49 -121.17
N HIS Z 35 9.91 -23.31 -121.54
CA HIS Z 35 10.97 -23.66 -120.60
C HIS Z 35 12.32 -23.43 -121.28
N THR Z 36 13.31 -23.03 -120.50
CA THR Z 36 14.65 -22.81 -121.06
C THR Z 36 15.68 -23.75 -120.43
N VAL Z 37 16.59 -24.21 -121.27
CA VAL Z 37 17.70 -25.05 -120.84
C VAL Z 37 18.95 -24.44 -121.45
N GLY Z 38 19.92 -24.13 -120.61
CA GLY Z 38 21.16 -23.54 -121.09
C GLY Z 38 22.34 -24.48 -120.90
N LEU Z 39 23.16 -24.59 -121.94
CA LEU Z 39 24.41 -25.35 -121.85
C LEU Z 39 25.57 -24.44 -121.49
N ASN Z 40 26.09 -24.61 -120.28
CA ASN Z 40 27.19 -23.81 -119.78
C ASN Z 40 28.52 -24.53 -119.94
N LEU Z 41 29.64 -23.80 -119.96
CA LEU Z 41 30.93 -24.46 -119.85
C LEU Z 41 30.90 -25.29 -118.59
N GLY Z 42 31.37 -26.54 -118.69
CA GLY Z 42 31.42 -27.41 -117.54
C GLY Z 42 30.18 -28.30 -117.38
N ASP Z 43 29.18 -28.11 -118.24
CA ASP Z 43 28.02 -29.00 -118.25
C ASP Z 43 28.34 -30.24 -119.08
N ASN Z 44 28.00 -31.41 -118.56
CA ASN Z 44 28.12 -32.63 -119.34
C ASN Z 44 26.92 -32.77 -120.28
N ILE Z 45 27.19 -32.83 -121.58
CA ILE Z 45 26.13 -32.79 -122.58
C ILE Z 45 25.16 -33.94 -122.44
N GLU Z 46 25.67 -35.10 -121.98
CA GLU Z 46 24.80 -36.26 -121.83
C GLU Z 46 23.87 -36.10 -120.63
N LYS Z 47 24.36 -35.41 -119.60
CA LYS Z 47 23.51 -35.09 -118.45
C LYS Z 47 22.39 -34.13 -118.88
N VAL Z 48 22.76 -33.11 -119.66
CA VAL Z 48 21.77 -32.15 -120.15
C VAL Z 48 20.79 -32.83 -121.10
N ALA Z 49 21.29 -33.73 -121.93
CA ALA Z 49 20.42 -34.43 -122.86
C ALA Z 49 19.33 -35.21 -122.12
N LYS Z 50 19.74 -35.89 -121.05
CA LYS Z 50 18.79 -36.69 -120.28
C LYS Z 50 17.73 -35.84 -119.59
N GLU Z 51 18.12 -34.63 -119.16
CA GLU Z 51 17.19 -33.69 -118.55
C GLU Z 51 16.18 -33.19 -119.57
N VAL Z 52 16.67 -32.88 -120.76
CA VAL Z 52 15.82 -32.42 -121.84
C VAL Z 52 14.82 -33.53 -122.19
N MET Z 53 15.32 -34.76 -122.30
CA MET Z 53 14.44 -35.87 -122.61
C MET Z 53 13.47 -35.95 -121.45
N ARG Z 54 13.95 -35.67 -120.26
CA ARG Z 54 13.10 -35.69 -119.08
C ARG Z 54 11.85 -34.82 -119.28
N ILE Z 55 12.10 -33.59 -119.69
CA ILE Z 55 11.01 -32.67 -120.01
C ILE Z 55 10.07 -33.02 -121.16
N ILE Z 56 10.64 -33.56 -122.24
CA ILE Z 56 9.85 -33.85 -123.42
C ILE Z 56 8.82 -34.96 -123.15
N ILE Z 57 9.28 -36.06 -122.55
CA ILE Z 57 8.39 -37.15 -122.17
C ILE Z 57 7.25 -36.63 -121.29
N ALA Z 58 7.59 -35.86 -120.26
CA ALA Z 58 6.59 -35.31 -119.36
C ALA Z 58 5.52 -34.52 -120.10
N LYS Z 59 5.95 -33.72 -121.08
CA LYS Z 59 5.02 -32.89 -121.83
C LYS Z 59 4.21 -33.70 -122.84
N LEU Z 60 4.85 -34.68 -123.46
CA LEU Z 60 4.11 -35.56 -124.36
C LEU Z 60 3.01 -36.26 -123.56
N ALA Z 61 3.38 -36.74 -122.38
CA ALA Z 61 2.42 -37.40 -121.48
C ALA Z 61 1.29 -36.46 -121.05
N GLU Z 62 1.46 -35.17 -121.27
CA GLU Z 62 0.40 -34.20 -121.01
C GLU Z 62 -0.34 -33.88 -122.31
N ASP Z 63 -0.08 -34.68 -123.33
CA ASP Z 63 -0.70 -34.52 -124.64
C ASP Z 63 -0.37 -33.17 -125.27
N LYS Z 64 0.87 -32.72 -125.10
CA LYS Z 64 1.30 -31.45 -125.70
C LYS Z 64 2.13 -31.67 -126.95
N GLU Z 65 2.04 -30.71 -127.86
CA GLU Z 65 2.88 -30.69 -129.05
C GLU Z 65 4.09 -29.82 -128.76
N ILE Z 66 5.27 -30.33 -129.08
CA ILE Z 66 6.51 -29.68 -128.62
C ILE Z 66 7.29 -29.04 -129.77
N ILE Z 67 7.66 -27.78 -129.56
CA ILE Z 67 8.53 -27.05 -130.47
C ILE Z 67 9.84 -26.78 -129.74
N ILE Z 68 10.96 -27.17 -130.34
CA ILE Z 68 12.23 -26.83 -129.75
C ILE Z 68 12.86 -25.70 -130.55
N VAL Z 69 13.20 -24.61 -129.85
CA VAL Z 69 13.87 -23.52 -130.49
C VAL Z 69 15.33 -23.48 -130.03
N VAL Z 70 16.26 -23.35 -130.96
CA VAL Z 70 17.66 -23.40 -130.58
C VAL Z 70 18.43 -22.19 -131.10
N ASP Z 71 19.53 -21.88 -130.42
CA ASP Z 71 20.25 -20.65 -130.76
C ASP Z 71 21.01 -20.71 -132.08
N LEU Z 72 21.66 -21.83 -132.32
CA LEU Z 72 22.70 -21.87 -133.33
C LEU Z 72 22.62 -23.22 -134.03
N PHE Z 73 22.64 -23.20 -135.36
CA PHE Z 73 22.75 -24.44 -136.13
C PHE Z 73 24.15 -25.01 -135.90
N GLY Z 74 24.23 -26.15 -135.25
CA GLY Z 74 25.51 -26.70 -134.86
C GLY Z 74 25.82 -26.39 -133.41
N GLY Z 75 26.59 -27.25 -132.76
CA GLY Z 75 26.85 -27.05 -131.35
C GLY Z 75 25.99 -27.96 -130.51
N SER Z 76 26.30 -28.06 -129.23
CA SER Z 76 25.70 -29.06 -128.38
C SER Z 76 24.20 -28.87 -128.19
N PRO Z 77 23.74 -27.62 -128.01
CA PRO Z 77 22.29 -27.48 -127.88
C PRO Z 77 21.58 -28.02 -129.13
N PHE Z 78 22.09 -27.72 -130.30
CA PHE Z 78 21.50 -28.19 -131.55
C PHE Z 78 21.54 -29.74 -131.59
N ASN Z 79 22.69 -30.29 -131.19
CA ASN Z 79 22.85 -31.74 -131.22
C ASN Z 79 21.85 -32.43 -130.30
N ILE Z 80 21.58 -31.82 -129.16
CA ILE Z 80 20.52 -32.30 -128.28
C ILE Z 80 19.13 -32.24 -128.94
N ALA Z 81 18.81 -31.09 -129.54
CA ALA Z 81 17.53 -30.93 -130.21
C ALA Z 81 17.38 -31.99 -131.31
N LEU Z 82 18.43 -32.19 -132.10
CA LEU Z 82 18.38 -33.18 -133.18
C LEU Z 82 18.10 -34.57 -132.61
N GLU Z 83 18.75 -34.90 -131.50
CA GLU Z 83 18.59 -36.21 -130.91
C GLU Z 83 17.15 -36.41 -130.42
N MET Z 84 16.51 -35.33 -129.98
CA MET Z 84 15.11 -35.37 -129.57
C MET Z 84 14.17 -35.49 -130.76
N MET Z 85 14.55 -34.90 -131.90
CA MET Z 85 13.72 -35.04 -133.09
C MET Z 85 13.84 -36.46 -133.62
N LYS Z 86 15.04 -37.03 -133.52
CA LYS Z 86 15.24 -38.40 -133.96
C LYS Z 86 14.31 -39.35 -133.19
N THR Z 87 14.24 -39.16 -131.87
CA THR Z 87 13.49 -40.07 -131.00
C THR Z 87 12.02 -39.73 -130.84
N PHE Z 88 11.69 -38.45 -130.71
CA PHE Z 88 10.35 -38.04 -130.31
C PHE Z 88 9.55 -37.24 -131.34
N ASP Z 89 10.14 -36.93 -132.48
CA ASP Z 89 9.39 -36.30 -133.57
C ASP Z 89 8.86 -34.92 -133.20
N VAL Z 90 9.57 -34.25 -132.31
CA VAL Z 90 9.29 -32.84 -132.02
C VAL Z 90 9.73 -32.05 -133.24
N LYS Z 91 9.42 -30.76 -133.25
CA LYS Z 91 9.87 -29.91 -134.35
C LYS Z 91 10.95 -28.95 -133.86
N VAL Z 92 11.84 -28.54 -134.77
CA VAL Z 92 13.02 -27.77 -134.39
C VAL Z 92 13.30 -26.60 -135.35
N ILE Z 93 13.63 -25.43 -134.78
CA ILE Z 93 14.04 -24.31 -135.59
C ILE Z 93 15.28 -23.67 -134.94
N THR Z 94 16.21 -23.19 -135.76
CA THR Z 94 17.45 -22.61 -135.26
C THR Z 94 17.52 -21.11 -135.49
N GLY Z 95 18.50 -20.46 -134.88
CA GLY Z 95 18.76 -19.05 -135.09
C GLY Z 95 17.78 -18.10 -134.42
N ILE Z 96 17.14 -18.57 -133.35
CA ILE Z 96 16.06 -17.82 -132.71
C ILE Z 96 16.48 -16.41 -132.34
N ASN Z 97 15.62 -15.45 -132.68
CA ASN Z 97 15.82 -14.06 -132.25
C ASN Z 97 14.52 -13.48 -131.64
N MET Z 98 14.53 -12.20 -131.27
CA MET Z 98 13.39 -11.65 -130.54
C MET Z 98 12.10 -11.57 -131.36
N PRO Z 99 12.16 -11.06 -132.61
CA PRO Z 99 10.91 -11.00 -133.38
C PRO Z 99 10.29 -12.38 -133.57
N MET Z 100 11.13 -13.39 -133.77
CA MET Z 100 10.64 -14.76 -133.90
C MET Z 100 9.92 -15.22 -132.66
N LEU Z 101 10.54 -15.02 -131.50
CA LEU Z 101 9.96 -15.56 -130.28
C LEU Z 101 8.68 -14.83 -129.93
N VAL Z 102 8.65 -13.52 -130.14
CA VAL Z 102 7.41 -12.78 -129.85
C VAL Z 102 6.28 -13.25 -130.76
N GLU Z 103 6.55 -13.37 -132.06
CA GLU Z 103 5.52 -13.85 -132.99
C GLU Z 103 5.08 -15.28 -132.64
N LEU Z 104 6.05 -16.13 -132.32
CA LEU Z 104 5.75 -17.52 -131.96
C LEU Z 104 4.80 -17.58 -130.77
N LEU Z 105 5.13 -16.84 -129.72
CA LEU Z 105 4.36 -16.94 -128.48
C LEU Z 105 3.00 -16.24 -128.56
N THR Z 106 2.85 -15.30 -129.48
CA THR Z 106 1.57 -14.60 -129.59
C THR Z 106 0.63 -15.20 -130.64
N SER Z 107 1.10 -16.24 -131.36
CA SER Z 107 0.28 -16.85 -132.39
C SER Z 107 0.24 -18.37 -132.23
N ILE Z 108 0.72 -18.83 -131.08
CA ILE Z 108 0.95 -20.25 -130.84
C ILE Z 108 -0.36 -21.05 -130.95
N ASN Z 109 -1.49 -20.39 -130.72
CA ASN Z 109 -2.78 -21.06 -130.80
C ASN Z 109 -3.45 -20.92 -132.17
N VAL Z 110 -2.89 -20.07 -133.01
CA VAL Z 110 -3.51 -19.73 -134.30
C VAL Z 110 -3.14 -20.69 -135.43
N TYR Z 111 -1.87 -21.03 -135.54
CA TYR Z 111 -1.39 -21.88 -136.64
C TYR Z 111 -0.95 -23.25 -136.17
N ASP Z 112 -0.98 -24.22 -137.08
CA ASP Z 112 -0.41 -25.53 -136.80
C ASP Z 112 1.10 -25.37 -136.77
N THR Z 113 1.81 -26.34 -136.18
CA THR Z 113 3.25 -26.18 -135.96
C THR Z 113 4.06 -25.95 -137.24
N THR Z 114 3.72 -26.66 -138.32
CA THR Z 114 4.45 -26.45 -139.57
C THR Z 114 4.34 -25.01 -140.07
N GLU Z 115 3.13 -24.47 -140.12
CA GLU Z 115 2.92 -23.12 -140.60
C GLU Z 115 3.50 -22.06 -139.64
N LEU Z 116 3.38 -22.35 -138.35
CA LEU Z 116 3.97 -21.51 -137.30
C LEU Z 116 5.48 -21.34 -137.54
N LEU Z 117 6.17 -22.44 -137.78
CA LEU Z 117 7.61 -22.37 -137.96
C LEU Z 117 8.01 -21.67 -139.25
N GLU Z 118 7.21 -21.86 -140.29
CA GLU Z 118 7.45 -21.15 -141.54
C GLU Z 118 7.25 -19.66 -141.36
N ASN Z 119 6.18 -19.30 -140.64
CA ASN Z 119 5.88 -17.91 -140.32
C ASN Z 119 7.04 -17.22 -139.60
N ILE Z 120 7.52 -17.85 -138.53
CA ILE Z 120 8.55 -17.19 -137.73
C ILE Z 120 9.91 -17.21 -138.40
N SER Z 121 10.16 -18.21 -139.24
CA SER Z 121 11.39 -18.21 -140.04
C SER Z 121 11.44 -16.95 -140.88
N LYS Z 122 10.32 -16.67 -141.55
CA LYS Z 122 10.22 -15.51 -142.42
C LYS Z 122 10.35 -14.20 -141.62
N ILE Z 123 9.67 -14.15 -140.48
CA ILE Z 123 9.67 -12.95 -139.67
C ILE Z 123 11.06 -12.69 -139.05
N GLY Z 124 11.73 -13.77 -138.67
CA GLY Z 124 13.07 -13.69 -138.11
C GLY Z 124 14.06 -13.12 -139.10
N LYS Z 125 14.03 -13.64 -140.32
CA LYS Z 125 14.94 -13.16 -141.35
C LYS Z 125 14.63 -11.70 -141.72
N ASP Z 126 13.35 -11.38 -141.87
CA ASP Z 126 12.94 -10.03 -142.21
C ASP Z 126 13.28 -9.03 -141.12
N GLY Z 127 13.41 -9.53 -139.89
CA GLY Z 127 13.66 -8.67 -138.74
C GLY Z 127 15.12 -8.28 -138.60
N ILE Z 128 15.97 -8.85 -139.46
CA ILE Z 128 17.42 -8.54 -139.42
C ILE Z 128 17.68 -7.52 -140.50
N LYS Z 129 18.01 -6.30 -140.09
CA LYS Z 129 18.20 -5.20 -141.03
C LYS Z 129 19.38 -4.33 -140.61
N VAL Z 130 20.24 -3.99 -141.56
CA VAL Z 130 21.29 -3.00 -141.31
C VAL Z 130 20.69 -1.62 -141.62
N ILE Z 131 20.76 -0.71 -140.67
CA ILE Z 131 20.19 0.61 -140.86
C ILE Z 131 21.21 1.64 -141.32
N GLU Z 132 20.94 2.24 -142.48
CA GLU Z 132 21.82 3.25 -143.05
C GLU Z 132 21.10 4.57 -143.12
N LYS Z 133 21.86 5.67 -143.07
CA LYS Z 133 21.33 7.03 -143.14
C LYS Z 133 22.32 7.99 -142.53
N MET AA 3 -28.58 -95.02 -83.06
CA MET AA 3 -29.44 -93.91 -82.69
C MET AA 3 -28.61 -92.69 -82.29
N LYS AA 4 -28.97 -91.52 -82.80
CA LYS AA 4 -28.30 -90.29 -82.41
C LYS AA 4 -28.52 -90.01 -80.92
N GLU AA 5 -27.55 -89.36 -80.28
CA GLU AA 5 -27.72 -88.93 -78.89
C GLU AA 5 -28.74 -87.79 -78.85
N LYS AA 6 -29.56 -87.77 -77.82
CA LYS AA 6 -30.64 -86.77 -77.75
C LYS AA 6 -30.28 -85.58 -76.85
N PHE AA 7 -30.93 -84.46 -77.07
CA PHE AA 7 -30.73 -83.29 -76.23
C PHE AA 7 -32.14 -82.79 -75.90
N VAL AA 8 -32.39 -82.51 -74.62
CA VAL AA 8 -33.73 -82.05 -74.21
C VAL AA 8 -33.68 -80.57 -73.84
N LEU AA 9 -34.51 -79.78 -74.51
CA LEU AA 9 -34.59 -78.35 -74.22
C LEU AA 9 -35.94 -78.15 -73.52
N ILE AA 10 -35.91 -77.61 -72.31
CA ILE AA 10 -37.15 -77.31 -71.58
C ILE AA 10 -37.45 -75.82 -71.70
N ILE AA 11 -38.62 -75.48 -72.25
CA ILE AA 11 -38.98 -74.07 -72.43
C ILE AA 11 -40.31 -73.85 -71.71
N THR AA 12 -40.31 -72.95 -70.74
CA THR AA 12 -41.48 -72.76 -69.89
C THR AA 12 -41.60 -71.31 -69.44
N HIS AA 13 -42.72 -71.00 -68.77
CA HIS AA 13 -42.86 -69.72 -68.11
C HIS AA 13 -42.02 -69.64 -66.82
N GLY AA 14 -41.40 -68.49 -66.59
CA GLY AA 14 -40.64 -68.29 -65.36
C GLY AA 14 -39.68 -69.43 -65.00
N ASP AA 15 -39.57 -69.73 -63.71
CA ASP AA 15 -38.62 -70.72 -63.23
C ASP AA 15 -39.18 -72.14 -63.24
N PHE AA 16 -40.28 -72.37 -63.97
CA PHE AA 16 -40.88 -73.69 -63.93
C PHE AA 16 -39.91 -74.76 -64.43
N GLY AA 17 -39.34 -74.56 -65.62
CA GLY AA 17 -38.40 -75.53 -66.19
C GLY AA 17 -37.18 -75.74 -65.31
N LYS AA 18 -36.64 -74.58 -64.78
CA LYS AA 18 -35.47 -74.63 -63.91
C LYS AA 18 -35.77 -75.45 -62.66
N GLY AA 19 -36.98 -75.31 -62.10
CA GLY AA 19 -37.40 -76.05 -60.91
C GLY AA 19 -37.74 -77.49 -61.20
N LEU AA 20 -38.39 -77.74 -62.34
CA LEU AA 20 -38.71 -79.11 -62.74
C LEU AA 20 -37.45 -79.94 -62.88
N LEU AA 21 -36.44 -79.37 -63.54
CA LEU AA 21 -35.17 -80.08 -63.71
C LEU AA 21 -34.50 -80.35 -62.35
N SER AA 22 -34.43 -79.32 -61.51
CA SER AA 22 -33.95 -79.47 -60.12
C SER AA 22 -34.60 -80.64 -59.40
N GLY AA 23 -35.94 -80.68 -59.44
CA GLY AA 23 -36.73 -81.74 -58.85
C GLY AA 23 -36.40 -83.12 -59.41
N ALA AA 24 -36.35 -83.22 -60.73
CA ALA AA 24 -35.97 -84.48 -61.38
C ALA AA 24 -34.58 -84.93 -60.94
N GLU AA 25 -33.67 -83.97 -60.78
CA GLU AA 25 -32.29 -84.31 -60.46
C GLU AA 25 -32.16 -84.80 -59.02
N VAL AA 26 -33.06 -84.38 -58.13
CA VAL AA 26 -33.16 -84.98 -56.79
C VAL AA 26 -33.41 -86.49 -56.92
N ILE AA 27 -34.24 -86.86 -57.88
CA ILE AA 27 -34.62 -88.24 -58.09
C ILE AA 27 -33.55 -89.06 -58.83
N ILE AA 28 -33.06 -88.54 -59.97
CA ILE AA 28 -32.20 -89.34 -60.86
C ILE AA 28 -30.77 -88.81 -61.05
N GLY AA 29 -30.37 -87.81 -60.27
CA GLY AA 29 -29.05 -87.25 -60.37
C GLY AA 29 -28.88 -86.19 -61.44
N LYS AA 30 -27.73 -85.51 -61.40
CA LYS AA 30 -27.45 -84.39 -62.32
C LYS AA 30 -27.44 -84.83 -63.77
N GLN AA 31 -28.12 -84.06 -64.60
CA GLN AA 31 -28.26 -84.34 -66.01
C GLN AA 31 -27.25 -83.58 -66.85
N GLU AA 32 -26.93 -84.20 -67.98
CA GLU AA 32 -26.08 -83.67 -69.05
C GLU AA 32 -26.98 -83.78 -70.28
N ASN AA 33 -26.97 -82.79 -71.18
CA ASN AA 33 -27.87 -82.84 -72.33
C ASN AA 33 -29.32 -82.42 -72.01
N VAL AA 34 -29.50 -81.65 -70.94
CA VAL AA 34 -30.79 -80.98 -70.69
C VAL AA 34 -30.52 -79.51 -70.42
N HIS AA 35 -31.23 -78.63 -71.10
CA HIS AA 35 -31.08 -77.21 -70.88
C HIS AA 35 -32.46 -76.59 -70.64
N THR AA 36 -32.53 -75.58 -69.80
CA THR AA 36 -33.79 -74.91 -69.53
C THR AA 36 -33.76 -73.44 -69.95
N VAL AA 37 -34.88 -72.98 -70.50
CA VAL AA 37 -35.04 -71.60 -70.88
C VAL AA 37 -36.39 -71.16 -70.28
N GLY AA 38 -36.37 -70.10 -69.51
CA GLY AA 38 -37.59 -69.61 -68.90
C GLY AA 38 -37.99 -68.25 -69.44
N LEU AA 39 -39.26 -68.09 -69.76
CA LEU AA 39 -39.80 -66.79 -70.17
C LEU AA 39 -40.39 -66.06 -68.97
N ASN AA 40 -39.73 -64.97 -68.58
CA ASN AA 40 -40.14 -64.17 -67.45
C ASN AA 40 -40.93 -62.94 -67.90
N LEU AA 41 -41.75 -62.37 -67.02
CA LEU AA 41 -42.33 -61.06 -67.33
C LEU AA 41 -41.17 -60.13 -67.63
N GLY AA 42 -41.31 -59.35 -68.70
CA GLY AA 42 -40.28 -58.40 -69.06
C GLY AA 42 -39.26 -58.94 -70.06
N ASP AA 43 -39.36 -60.22 -70.39
CA ASP AA 43 -38.52 -60.79 -71.44
C ASP AA 43 -39.13 -60.50 -72.80
N ASN AA 44 -38.31 -60.07 -73.75
CA ASN AA 44 -38.75 -59.91 -75.12
C ASN AA 44 -38.75 -61.27 -75.83
N ILE AA 45 -39.91 -61.69 -76.31
CA ILE AA 45 -40.06 -63.04 -76.85
C ILE AA 45 -39.16 -63.27 -78.04
N GLU AA 46 -38.91 -62.23 -78.81
CA GLU AA 46 -38.06 -62.38 -80.00
C GLU AA 46 -36.59 -62.55 -79.59
N LYS AA 47 -36.19 -61.91 -78.50
CA LYS AA 47 -34.86 -62.11 -77.97
C LYS AA 47 -34.69 -63.55 -77.46
N VAL AA 48 -35.70 -64.04 -76.76
CA VAL AA 48 -35.68 -65.41 -76.26
C VAL AA 48 -35.70 -66.40 -77.41
N ALA AA 49 -36.48 -66.10 -78.44
CA ALA AA 49 -36.57 -66.99 -79.59
C ALA AA 49 -35.19 -67.15 -80.24
N LYS AA 50 -34.47 -66.04 -80.39
CA LYS AA 50 -33.16 -66.08 -81.02
C LYS AA 50 -32.16 -66.86 -80.17
N GLU AA 51 -32.30 -66.78 -78.85
CA GLU AA 51 -31.45 -67.52 -77.93
C GLU AA 51 -31.71 -69.03 -78.07
N VAL AA 52 -32.98 -69.40 -78.14
CA VAL AA 52 -33.36 -70.80 -78.31
C VAL AA 52 -32.84 -71.32 -79.65
N MET AA 53 -32.99 -70.53 -80.71
CA MET AA 53 -32.52 -70.96 -82.02
C MET AA 53 -31.00 -71.14 -81.91
N ARG AA 54 -30.34 -70.28 -81.15
CA ARG AA 54 -28.89 -70.39 -81.02
C ARG AA 54 -28.53 -71.74 -80.44
N ILE AA 55 -29.25 -72.16 -79.41
CA ILE AA 55 -29.01 -73.48 -78.85
C ILE AA 55 -29.28 -74.66 -79.76
N ILE AA 56 -30.36 -74.57 -80.53
CA ILE AA 56 -30.76 -75.68 -81.39
C ILE AA 56 -29.73 -75.92 -82.51
N ILE AA 57 -29.34 -74.84 -83.19
CA ILE AA 57 -28.31 -74.93 -84.22
C ILE AA 57 -27.04 -75.56 -83.66
N ALA AA 58 -26.59 -75.07 -82.51
CA ALA AA 58 -25.37 -75.59 -81.89
C ALA AA 58 -25.45 -77.09 -81.65
N LYS AA 59 -26.61 -77.55 -81.20
CA LYS AA 59 -26.79 -78.97 -80.90
C LYS AA 59 -26.95 -79.80 -82.17
N LEU AA 60 -27.64 -79.27 -83.17
CA LEU AA 60 -27.74 -79.95 -84.44
C LEU AA 60 -26.33 -80.13 -85.00
N ALA AA 61 -25.54 -79.07 -84.93
CA ALA AA 61 -24.15 -79.11 -85.39
C ALA AA 61 -23.30 -80.12 -84.61
N GLU AA 62 -23.81 -80.59 -83.48
CA GLU AA 62 -23.14 -81.64 -82.72
C GLU AA 62 -23.78 -82.99 -83.05
N ASP AA 63 -24.59 -83.01 -84.11
CA ASP AA 63 -25.26 -84.22 -84.56
C ASP AA 63 -26.21 -84.79 -83.49
N LYS AA 64 -26.89 -83.91 -82.77
CA LYS AA 64 -27.83 -84.36 -81.76
C LYS AA 64 -29.27 -84.28 -82.24
N GLU AA 65 -30.11 -85.17 -81.72
CA GLU AA 65 -31.53 -85.13 -81.98
C GLU AA 65 -32.20 -84.36 -80.83
N ILE AA 66 -33.06 -83.41 -81.17
CA ILE AA 66 -33.57 -82.48 -80.17
C ILE AA 66 -35.05 -82.70 -79.86
N ILE AA 67 -35.33 -82.78 -78.56
CA ILE AA 67 -36.70 -82.84 -78.06
C ILE AA 67 -36.96 -81.56 -77.28
N ILE AA 68 -38.02 -80.85 -77.63
CA ILE AA 68 -38.39 -79.69 -76.84
C ILE AA 68 -39.59 -80.03 -75.99
N VAL AA 69 -39.45 -79.82 -74.68
CA VAL AA 69 -40.55 -80.05 -73.77
C VAL AA 69 -41.07 -78.70 -73.28
N VAL AA 70 -42.39 -78.50 -73.32
CA VAL AA 70 -42.92 -77.19 -72.94
C VAL AA 70 -43.99 -77.32 -71.88
N ASP AA 71 -44.19 -76.24 -71.13
CA ASP AA 71 -45.11 -76.32 -69.99
C ASP AA 71 -46.58 -76.38 -70.37
N LEU AA 72 -46.96 -75.57 -71.35
CA LEU AA 72 -48.36 -75.27 -71.55
C LEU AA 72 -48.61 -75.18 -73.05
N PHE AA 73 -49.67 -75.85 -73.52
CA PHE AA 73 -50.11 -75.70 -74.90
C PHE AA 73 -50.66 -74.28 -75.04
N GLY AA 74 -49.99 -73.46 -75.83
CA GLY AA 74 -50.37 -72.05 -75.94
C GLY AA 74 -49.48 -71.20 -75.05
N GLY AA 75 -49.27 -69.95 -75.44
CA GLY AA 75 -48.36 -69.10 -74.70
C GLY AA 75 -47.03 -69.00 -75.40
N SER AA 76 -46.21 -68.07 -74.95
CA SER AA 76 -45.00 -67.73 -75.66
C SER AA 76 -43.98 -68.85 -75.73
N PRO AA 77 -43.79 -69.59 -74.62
CA PRO AA 77 -42.85 -70.71 -74.74
C PRO AA 77 -43.30 -71.69 -75.83
N PHE AA 78 -44.58 -72.00 -75.87
CA PHE AA 78 -45.10 -72.92 -76.88
C PHE AA 78 -44.88 -72.32 -78.29
N ASN AA 79 -45.16 -71.03 -78.41
CA ASN AA 79 -45.03 -70.37 -79.72
C ASN AA 79 -43.58 -70.42 -80.21
N ILE AA 80 -42.64 -70.26 -79.29
CA ILE AA 80 -41.23 -70.47 -79.62
C ILE AA 80 -40.92 -71.89 -80.08
N ALA AA 81 -41.41 -72.89 -79.33
CA ALA AA 81 -41.20 -74.27 -79.68
C ALA AA 81 -41.75 -74.56 -81.07
N LEU AA 82 -42.97 -74.07 -81.34
CA LEU AA 82 -43.59 -74.29 -82.64
C LEU AA 82 -42.75 -73.70 -83.74
N GLU AA 83 -42.20 -72.50 -83.50
CA GLU AA 83 -41.40 -71.84 -84.53
C GLU AA 83 -40.13 -72.62 -84.81
N MET AA 84 -39.60 -73.30 -83.80
CA MET AA 84 -38.43 -74.16 -83.96
C MET AA 84 -38.77 -75.45 -84.70
N MET AA 85 -39.99 -75.95 -84.50
CA MET AA 85 -40.40 -77.15 -85.23
C MET AA 85 -40.63 -76.78 -86.69
N LYS AA 86 -41.17 -75.59 -86.93
CA LYS AA 86 -41.38 -75.15 -88.30
C LYS AA 86 -40.06 -75.13 -89.06
N THR AA 87 -39.02 -74.58 -88.43
CA THR AA 87 -37.73 -74.37 -89.08
C THR AA 87 -36.79 -75.56 -89.02
N PHE AA 88 -36.72 -76.23 -87.87
CA PHE AA 88 -35.67 -77.22 -87.62
C PHE AA 88 -36.13 -78.67 -87.43
N ASP AA 89 -37.43 -78.91 -87.44
CA ASP AA 89 -37.95 -80.28 -87.42
C ASP AA 89 -37.59 -81.02 -86.14
N VAL AA 90 -37.43 -80.27 -85.05
CA VAL AA 90 -37.30 -80.87 -83.74
C VAL AA 90 -38.66 -81.44 -83.37
N LYS AA 91 -38.73 -82.17 -82.26
CA LYS AA 91 -40.00 -82.71 -81.81
C LYS AA 91 -40.44 -81.99 -80.54
N VAL AA 92 -41.76 -81.91 -80.31
CA VAL AA 92 -42.31 -81.09 -79.23
C VAL AA 92 -43.43 -81.80 -78.47
N ILE AA 93 -43.40 -81.69 -77.15
CA ILE AA 93 -44.48 -82.21 -76.33
C ILE AA 93 -44.84 -81.16 -75.27
N THR AA 94 -46.12 -81.04 -74.95
CA THR AA 94 -46.58 -80.03 -73.98
C THR AA 94 -47.07 -80.67 -72.69
N GLY AA 95 -47.30 -79.83 -71.68
CA GLY AA 95 -47.88 -80.27 -70.41
C GLY AA 95 -46.93 -81.05 -69.51
N ILE AA 96 -45.64 -80.83 -69.67
CA ILE AA 96 -44.63 -81.62 -68.97
C ILE AA 96 -44.85 -81.63 -67.46
N ASN AA 97 -44.77 -82.84 -66.89
CA ASN AA 97 -44.80 -82.99 -65.44
C ASN AA 97 -43.66 -83.90 -64.95
N MET AA 98 -43.61 -84.18 -63.64
CA MET AA 98 -42.46 -84.90 -63.11
C MET AA 98 -42.32 -86.35 -63.60
N PRO AA 99 -43.42 -87.12 -63.58
CA PRO AA 99 -43.29 -88.51 -64.05
C PRO AA 99 -42.82 -88.56 -65.50
N MET AA 100 -43.30 -87.64 -66.33
CA MET AA 100 -42.85 -87.57 -67.72
C MET AA 100 -41.37 -87.32 -67.83
N LEU AA 101 -40.87 -86.33 -67.09
CA LEU AA 101 -39.48 -85.95 -67.26
C LEU AA 101 -38.57 -87.04 -66.73
N VAL AA 102 -38.96 -87.66 -65.61
CA VAL AA 102 -38.13 -88.75 -65.09
C VAL AA 102 -38.06 -89.91 -66.08
N GLU AA 103 -39.22 -90.33 -66.60
CA GLU AA 103 -39.23 -91.42 -67.59
C GLU AA 103 -38.44 -91.04 -68.83
N LEU AA 104 -38.62 -89.80 -69.31
CA LEU AA 104 -37.90 -89.33 -70.49
C LEU AA 104 -36.40 -89.45 -70.30
N LEU AA 105 -35.92 -88.93 -69.18
CA LEU AA 105 -34.47 -88.86 -68.97
C LEU AA 105 -33.84 -90.21 -68.64
N THR AA 106 -34.65 -91.16 -68.14
CA THR AA 106 -34.08 -92.46 -67.81
C THR AA 106 -34.23 -93.49 -68.94
N SER AA 107 -34.88 -93.11 -70.04
CA SER AA 107 -35.10 -94.05 -71.14
C SER AA 107 -34.67 -93.42 -72.47
N ILE AA 108 -33.97 -92.28 -72.37
CA ILE AA 108 -33.66 -91.46 -73.53
C ILE AA 108 -32.82 -92.22 -74.55
N ASN AA 109 -32.08 -93.23 -74.09
CA ASN AA 109 -31.24 -94.03 -75.00
C ASN AA 109 -31.93 -95.29 -75.51
N VAL AA 110 -33.09 -95.60 -74.94
CA VAL AA 110 -33.78 -96.87 -75.21
C VAL AA 110 -34.71 -96.80 -76.43
N TYR AA 111 -35.49 -95.72 -76.53
CA TYR AA 111 -36.48 -95.61 -77.60
C TYR AA 111 -36.14 -94.52 -78.59
N ASP AA 112 -36.66 -94.63 -79.82
CA ASP AA 112 -36.53 -93.56 -80.78
C ASP AA 112 -37.44 -92.43 -80.32
N THR AA 113 -37.25 -91.22 -80.85
CA THR AA 113 -37.96 -90.05 -80.33
C THR AA 113 -39.48 -90.15 -80.43
N THR AA 114 -39.99 -90.71 -81.53
CA THR AA 114 -41.45 -90.86 -81.66
C THR AA 114 -42.04 -91.75 -80.56
N GLU AA 115 -41.43 -92.91 -80.33
CA GLU AA 115 -41.94 -93.83 -79.31
C GLU AA 115 -41.73 -93.27 -77.89
N LEU AA 116 -40.59 -92.60 -77.70
CA LEU AA 116 -40.29 -91.93 -76.44
C LEU AA 116 -41.41 -90.95 -76.06
N LEU AA 117 -41.81 -90.12 -77.01
CA LEU AA 117 -42.83 -89.12 -76.73
C LEU AA 117 -44.19 -89.74 -76.49
N GLU AA 118 -44.50 -90.82 -77.20
CA GLU AA 118 -45.75 -91.52 -76.96
C GLU AA 118 -45.75 -92.16 -75.58
N ASN AA 119 -44.62 -92.75 -75.21
CA ASN AA 119 -44.44 -93.33 -73.88
C ASN AA 119 -44.68 -92.33 -72.76
N ILE AA 120 -44.03 -91.18 -72.84
CA ILE AA 120 -44.15 -90.23 -71.74
C ILE AA 120 -45.48 -89.51 -71.74
N SER AA 121 -46.11 -89.36 -72.91
CA SER AA 121 -47.46 -88.81 -72.95
C SER AA 121 -48.38 -89.69 -72.11
N LYS AA 122 -48.28 -91.00 -72.31
CA LYS AA 122 -49.11 -91.95 -71.60
C LYS AA 122 -48.80 -91.94 -70.10
N ILE AA 123 -47.52 -91.89 -69.77
CA ILE AA 123 -47.10 -91.94 -68.37
C ILE AA 123 -47.50 -90.65 -67.64
N GLY AA 124 -47.41 -89.52 -68.34
CA GLY AA 124 -47.79 -88.22 -67.80
C GLY AA 124 -49.27 -88.18 -67.45
N LYS AA 125 -50.10 -88.63 -68.36
CA LYS AA 125 -51.54 -88.64 -68.12
C LYS AA 125 -51.90 -89.62 -66.99
N ASP AA 126 -51.31 -90.81 -67.02
CA ASP AA 126 -51.58 -91.80 -65.99
C ASP AA 126 -51.11 -91.36 -64.63
N GLY AA 127 -50.14 -90.45 -64.60
CA GLY AA 127 -49.54 -89.99 -63.35
C GLY AA 127 -50.39 -88.93 -62.65
N ILE AA 128 -51.46 -88.48 -63.30
CA ILE AA 128 -52.35 -87.47 -62.73
C ILE AA 128 -53.54 -88.20 -62.13
N LYS AA 129 -53.64 -88.20 -60.81
CA LYS AA 129 -54.69 -88.95 -60.12
C LYS AA 129 -55.22 -88.14 -58.94
N VAL AA 130 -56.54 -88.08 -58.81
CA VAL AA 130 -57.15 -87.52 -57.61
C VAL AA 130 -57.28 -88.65 -56.59
N ILE AA 131 -56.77 -88.45 -55.38
CA ILE AA 131 -56.81 -89.49 -54.36
C ILE AA 131 -57.75 -89.16 -53.21
N GLU AA 132 -58.87 -89.87 -53.13
CA GLU AA 132 -59.84 -89.66 -52.06
C GLU AA 132 -59.92 -90.95 -51.24
N LYS AA 133 -59.82 -90.84 -49.92
CA LYS AA 133 -59.89 -92.03 -49.09
C LYS AA 133 -59.60 -91.71 -47.65
N MET BA 3 -45.81 -49.29 -103.45
CA MET BA 3 -45.27 -47.97 -103.76
C MET BA 3 -43.99 -47.72 -102.97
N LYS BA 4 -42.95 -47.22 -103.64
CA LYS BA 4 -41.73 -46.84 -102.95
C LYS BA 4 -41.99 -45.69 -101.98
N GLU BA 5 -41.23 -45.64 -100.89
CA GLU BA 5 -41.31 -44.52 -99.96
C GLU BA 5 -40.72 -43.28 -100.63
N LYS BA 6 -41.31 -42.13 -100.39
CA LYS BA 6 -40.86 -40.90 -101.07
C LYS BA 6 -39.95 -40.04 -100.19
N PHE BA 7 -39.13 -39.21 -100.83
CA PHE BA 7 -38.28 -38.29 -100.11
C PHE BA 7 -38.46 -36.94 -100.79
N VAL BA 8 -38.68 -35.89 -100.00
CA VAL BA 8 -38.90 -34.55 -100.57
C VAL BA 8 -37.69 -33.67 -100.32
N LEU BA 9 -37.13 -33.13 -101.39
CA LEU BA 9 -35.99 -32.23 -101.27
C LEU BA 9 -36.52 -30.85 -101.62
N ILE BA 10 -36.38 -29.90 -100.70
CA ILE BA 10 -36.81 -28.52 -100.97
C ILE BA 10 -35.57 -27.68 -101.32
N ILE BA 11 -35.57 -27.07 -102.50
CA ILE BA 11 -34.42 -26.27 -102.94
C ILE BA 11 -34.93 -24.88 -103.26
N THR BA 12 -34.42 -23.87 -102.55
CA THR BA 12 -34.95 -22.51 -102.67
C THR BA 12 -33.86 -21.49 -102.47
N HIS BA 13 -34.19 -20.21 -102.69
CA HIS BA 13 -33.30 -19.12 -102.33
C HIS BA 13 -33.29 -18.88 -100.82
N GLY BA 14 -32.11 -18.60 -100.28
CA GLY BA 14 -31.98 -18.30 -98.85
C GLY BA 14 -32.72 -19.26 -97.93
N ASP BA 15 -33.30 -18.72 -96.87
CA ASP BA 15 -33.96 -19.53 -95.84
C ASP BA 15 -35.41 -19.83 -96.16
N PHE BA 16 -35.83 -19.66 -97.41
CA PHE BA 16 -37.23 -19.87 -97.73
C PHE BA 16 -37.65 -21.31 -97.43
N GLY BA 17 -36.91 -22.28 -97.98
CA GLY BA 17 -37.25 -23.68 -97.76
C GLY BA 17 -37.21 -24.08 -96.28
N LYS BA 18 -36.18 -23.56 -95.59
CA LYS BA 18 -36.02 -23.84 -94.17
C LYS BA 18 -37.21 -23.31 -93.39
N GLY BA 19 -37.68 -22.12 -93.74
CA GLY BA 19 -38.81 -21.51 -93.08
C GLY BA 19 -40.14 -22.14 -93.47
N LEU BA 20 -40.28 -22.50 -94.74
CA LEU BA 20 -41.49 -23.17 -95.20
C LEU BA 20 -41.70 -24.48 -94.46
N LEU BA 21 -40.62 -25.25 -94.33
CA LEU BA 21 -40.72 -26.53 -93.60
C LEU BA 21 -41.08 -26.30 -92.13
N SER BA 22 -40.39 -25.37 -91.48
CA SER BA 22 -40.73 -24.94 -90.11
C SER BA 22 -42.20 -24.64 -89.95
N GLY BA 23 -42.74 -23.81 -90.84
CA GLY BA 23 -44.15 -23.46 -90.86
C GLY BA 23 -45.08 -24.65 -91.03
N ALA BA 24 -44.78 -25.50 -92.00
CA ALA BA 24 -45.55 -26.73 -92.19
C ALA BA 24 -45.53 -27.58 -90.94
N GLU BA 25 -44.39 -27.64 -90.26
CA GLU BA 25 -44.25 -28.52 -89.10
C GLU BA 25 -45.03 -28.01 -87.90
N VAL BA 26 -45.27 -26.69 -87.84
CA VAL BA 26 -46.22 -26.14 -86.85
C VAL BA 26 -47.60 -26.76 -87.06
N ILE BA 27 -47.97 -26.97 -88.32
CA ILE BA 27 -49.27 -27.48 -88.66
C ILE BA 27 -49.36 -29.00 -88.50
N ILE BA 28 -48.40 -29.75 -89.07
CA ILE BA 28 -48.51 -31.21 -89.15
C ILE BA 28 -47.46 -32.02 -88.40
N GLY BA 29 -46.66 -31.34 -87.59
CA GLY BA 29 -45.61 -32.00 -86.82
C GLY BA 29 -44.31 -32.23 -87.56
N LYS BA 30 -43.28 -32.64 -86.81
CA LYS BA 30 -41.94 -32.83 -87.37
C LYS BA 30 -41.91 -33.89 -88.44
N GLN BA 31 -41.25 -33.56 -89.54
CA GLN BA 31 -41.15 -34.43 -90.71
C GLN BA 31 -39.86 -35.23 -90.71
N GLU BA 32 -39.95 -36.46 -91.20
CA GLU BA 32 -38.79 -37.19 -91.65
C GLU BA 32 -38.90 -37.22 -93.18
N ASN BA 33 -37.83 -37.57 -93.86
CA ASN BA 33 -37.90 -37.67 -95.30
C ASN BA 33 -38.18 -36.34 -96.01
N VAL BA 34 -37.86 -35.22 -95.35
CA VAL BA 34 -37.84 -33.92 -96.03
C VAL BA 34 -36.52 -33.23 -95.70
N HIS BA 35 -35.83 -32.75 -96.72
CA HIS BA 35 -34.58 -32.04 -96.50
C HIS BA 35 -34.64 -30.70 -97.24
N THR BA 36 -34.01 -29.68 -96.68
CA THR BA 36 -33.99 -28.37 -97.32
C THR BA 36 -32.57 -27.94 -97.67
N VAL BA 37 -32.44 -27.32 -98.84
CA VAL BA 37 -31.17 -26.77 -99.29
C VAL BA 37 -31.47 -25.34 -99.72
N GLY BA 38 -30.76 -24.38 -99.17
CA GLY BA 38 -30.97 -22.98 -99.52
C GLY BA 38 -29.78 -22.40 -100.23
N LEU BA 39 -30.04 -21.67 -101.32
CA LEU BA 39 -28.98 -20.94 -102.02
C LEU BA 39 -28.90 -19.51 -101.52
N ASN BA 40 -27.81 -19.20 -100.83
CA ASN BA 40 -27.58 -17.86 -100.28
C ASN BA 40 -26.68 -17.04 -101.18
N LEU BA 41 -26.74 -15.72 -101.06
CA LEU BA 41 -25.73 -14.89 -101.71
C LEU BA 41 -24.38 -15.38 -101.24
N GLY BA 42 -23.44 -15.54 -102.17
CA GLY BA 42 -22.10 -15.98 -101.80
C GLY BA 42 -21.91 -17.49 -101.88
N ASP BA 43 -22.98 -18.24 -102.16
CA ASP BA 43 -22.85 -19.67 -102.38
C ASP BA 43 -22.44 -19.93 -103.82
N ASN BA 44 -21.48 -20.82 -104.02
CA ASN BA 44 -21.12 -21.26 -105.37
C ASN BA 44 -22.11 -22.31 -105.84
N ILE BA 45 -22.79 -22.04 -106.95
CA ILE BA 45 -23.88 -22.89 -107.41
C ILE BA 45 -23.41 -24.30 -107.71
N GLU BA 46 -22.17 -24.42 -108.18
CA GLU BA 46 -21.63 -25.74 -108.52
C GLU BA 46 -21.34 -26.54 -107.25
N LYS BA 47 -20.93 -25.86 -106.19
CA LYS BA 47 -20.75 -26.52 -104.91
C LYS BA 47 -22.10 -27.02 -104.37
N VAL BA 48 -23.12 -26.18 -104.46
CA VAL BA 48 -24.46 -26.56 -104.02
C VAL BA 48 -25.00 -27.69 -104.87
N ALA BA 49 -24.74 -27.63 -106.17
CA ALA BA 49 -25.23 -28.67 -107.07
C ALA BA 49 -24.66 -30.04 -106.66
N LYS BA 50 -23.37 -30.06 -106.35
CA LYS BA 50 -22.72 -31.32 -105.98
C LYS BA 50 -23.26 -31.86 -104.66
N GLU BA 51 -23.61 -30.96 -103.74
CA GLU BA 51 -24.21 -31.34 -102.46
C GLU BA 51 -25.60 -31.96 -102.66
N VAL BA 52 -26.39 -31.34 -103.54
CA VAL BA 52 -27.71 -31.84 -103.87
C VAL BA 52 -27.59 -33.22 -104.53
N MET BA 53 -26.66 -33.35 -105.46
CA MET BA 53 -26.47 -34.64 -106.12
C MET BA 53 -26.07 -35.63 -105.04
N ARG BA 54 -25.28 -35.17 -104.08
CA ARG BA 54 -24.85 -36.03 -102.99
C ARG BA 54 -26.07 -36.66 -102.31
N ILE BA 55 -27.02 -35.81 -101.96
CA ILE BA 55 -28.26 -36.28 -101.34
C ILE BA 55 -29.14 -37.21 -102.18
N ILE BA 56 -29.25 -36.91 -103.47
CA ILE BA 56 -30.12 -37.69 -104.33
C ILE BA 56 -29.62 -39.11 -104.50
N ILE BA 57 -28.34 -39.26 -104.81
CA ILE BA 57 -27.73 -40.58 -104.92
C ILE BA 57 -27.95 -41.40 -103.64
N ALA BA 58 -27.67 -40.78 -102.49
CA ALA BA 58 -27.84 -41.46 -101.21
C ALA BA 58 -29.25 -41.98 -101.03
N LYS BA 59 -30.24 -41.18 -101.42
CA LYS BA 59 -31.63 -41.56 -101.25
C LYS BA 59 -32.07 -42.59 -102.29
N LEU BA 60 -31.57 -42.46 -103.51
CA LEU BA 60 -31.86 -43.47 -104.53
C LEU BA 60 -31.32 -44.81 -104.03
N ALA BA 61 -30.09 -44.79 -103.50
CA ALA BA 61 -29.46 -45.99 -102.95
C ALA BA 61 -30.24 -46.57 -101.76
N GLU BA 62 -31.18 -45.80 -101.22
CA GLU BA 62 -32.07 -46.30 -100.18
C GLU BA 62 -33.40 -46.71 -100.78
N ASP BA 63 -33.43 -46.80 -102.11
CA ASP BA 63 -34.63 -47.20 -102.84
C ASP BA 63 -35.79 -46.23 -102.62
N LYS BA 64 -35.49 -44.95 -102.56
CA LYS BA 64 -36.52 -43.94 -102.38
C LYS BA 64 -36.87 -43.24 -103.68
N GLU BA 65 -38.12 -42.81 -103.79
CA GLU BA 65 -38.56 -42.01 -104.92
C GLU BA 65 -38.46 -40.55 -104.52
N ILE BA 66 -37.87 -39.72 -105.37
CA ILE BA 66 -37.53 -38.36 -104.98
C ILE BA 66 -38.37 -37.30 -105.69
N ILE BA 67 -38.93 -36.39 -104.88
CA ILE BA 67 -39.64 -35.23 -105.38
C ILE BA 67 -38.84 -33.99 -105.01
N ILE BA 68 -38.53 -33.16 -106.00
CA ILE BA 68 -37.87 -31.92 -105.68
C ILE BA 68 -38.88 -30.79 -105.80
N VAL BA 69 -38.99 -30.00 -104.74
CA VAL BA 69 -39.89 -28.86 -104.72
C VAL BA 69 -39.03 -27.61 -104.78
N VAL BA 70 -39.36 -26.66 -105.65
CA VAL BA 70 -38.52 -25.47 -105.75
C VAL BA 70 -39.35 -24.21 -105.65
N ASP BA 71 -38.69 -23.13 -105.25
CA ASP BA 71 -39.44 -21.89 -104.97
C ASP BA 71 -39.95 -21.18 -106.21
N LEU BA 72 -39.10 -21.11 -107.23
CA LEU BA 72 -39.32 -20.17 -108.32
C LEU BA 72 -38.92 -20.84 -109.61
N PHE BA 73 -39.77 -20.73 -110.63
CA PHE BA 73 -39.41 -21.18 -111.96
C PHE BA 73 -38.35 -20.23 -112.49
N GLY BA 74 -37.13 -20.75 -112.69
CA GLY BA 74 -36.01 -19.89 -113.07
C GLY BA 74 -35.17 -19.54 -111.85
N GLY BA 75 -33.89 -19.32 -112.06
CA GLY BA 75 -33.00 -19.07 -110.94
C GLY BA 75 -32.21 -20.31 -110.61
N SER BA 76 -31.20 -20.14 -109.76
CA SER BA 76 -30.23 -21.19 -109.54
C SER BA 76 -30.82 -22.44 -108.88
N PRO BA 77 -31.71 -22.25 -107.90
CA PRO BA 77 -32.29 -23.49 -107.33
C PRO BA 77 -33.01 -24.29 -108.40
N PHE BA 78 -33.77 -23.62 -109.27
CA PHE BA 78 -34.49 -24.31 -110.33
C PHE BA 78 -33.48 -25.00 -111.27
N ASN BA 79 -32.42 -24.28 -111.60
CA ASN BA 79 -31.41 -24.80 -112.54
C ASN BA 79 -30.76 -26.06 -111.97
N ILE BA 80 -30.52 -26.07 -110.66
CA ILE BA 80 -30.07 -27.29 -109.99
C ILE BA 80 -31.08 -28.43 -110.08
N ALA BA 81 -32.34 -28.14 -109.78
CA ALA BA 81 -33.39 -29.15 -109.86
C ALA BA 81 -33.46 -29.73 -111.28
N LEU BA 82 -33.42 -28.86 -112.28
CA LEU BA 82 -33.48 -29.32 -113.67
C LEU BA 82 -32.31 -30.24 -113.98
N GLU BA 83 -31.12 -29.88 -113.50
CA GLU BA 83 -29.94 -30.69 -113.77
C GLU BA 83 -30.07 -32.08 -113.13
N MET BA 84 -30.74 -32.15 -111.99
CA MET BA 84 -31.00 -33.42 -111.32
C MET BA 84 -32.06 -34.24 -112.06
N MET BA 85 -33.02 -33.57 -112.68
CA MET BA 85 -34.02 -34.29 -113.45
C MET BA 85 -33.38 -34.83 -114.72
N LYS BA 86 -32.47 -34.05 -115.31
CA LYS BA 86 -31.77 -34.50 -116.50
C LYS BA 86 -31.03 -35.80 -116.21
N THR BA 87 -30.33 -35.84 -115.09
CA THR BA 87 -29.47 -36.99 -114.75
C THR BA 87 -30.17 -38.14 -114.04
N PHE BA 88 -31.05 -37.82 -113.10
CA PHE BA 88 -31.60 -38.83 -112.19
C PHE BA 88 -33.10 -39.11 -112.29
N ASP BA 89 -33.80 -38.37 -113.14
CA ASP BA 89 -35.21 -38.68 -113.41
C ASP BA 89 -36.09 -38.52 -112.17
N VAL BA 90 -35.68 -37.62 -111.28
CA VAL BA 90 -36.53 -37.22 -110.17
C VAL BA 90 -37.66 -36.39 -110.75
N LYS BA 91 -38.64 -36.05 -109.93
CA LYS BA 91 -39.73 -35.21 -110.39
C LYS BA 91 -39.63 -33.82 -109.73
N VAL BA 92 -40.13 -32.80 -110.42
CA VAL BA 92 -39.93 -31.41 -109.99
C VAL BA 92 -41.20 -30.57 -110.11
N ILE BA 93 -41.46 -29.75 -109.09
CA ILE BA 93 -42.57 -28.81 -109.16
C ILE BA 93 -42.09 -27.46 -108.62
N THR BA 94 -42.57 -26.37 -109.22
CA THR BA 94 -42.14 -25.02 -108.82
C THR BA 94 -43.25 -24.26 -108.13
N GLY BA 95 -42.89 -23.11 -107.54
CA GLY BA 95 -43.86 -22.21 -106.95
C GLY BA 95 -44.44 -22.67 -105.62
N ILE BA 96 -43.69 -23.50 -104.91
CA ILE BA 96 -44.20 -24.13 -103.68
C ILE BA 96 -44.73 -23.11 -102.68
N ASN BA 97 -45.92 -23.39 -102.15
CA ASN BA 97 -46.47 -22.60 -101.07
C ASN BA 97 -46.97 -23.49 -99.91
N MET BA 98 -47.58 -22.89 -98.88
CA MET BA 98 -47.92 -23.69 -97.70
C MET BA 98 -49.01 -24.75 -97.93
N PRO BA 99 -50.11 -24.38 -98.60
CA PRO BA 99 -51.14 -25.41 -98.82
C PRO BA 99 -50.60 -26.60 -99.61
N MET BA 100 -49.74 -26.32 -100.59
CA MET BA 100 -49.11 -27.39 -101.36
C MET BA 100 -48.28 -28.32 -100.48
N LEU BA 101 -47.42 -27.74 -99.64
CA LEU BA 101 -46.51 -28.56 -98.88
C LEU BA 101 -47.28 -29.37 -97.85
N VAL BA 102 -48.29 -28.77 -97.22
CA VAL BA 102 -49.07 -29.52 -96.24
C VAL BA 102 -49.79 -30.70 -96.92
N GLU BA 103 -50.46 -30.44 -98.04
CA GLU BA 103 -51.13 -31.52 -98.76
C GLU BA 103 -50.14 -32.60 -99.20
N LEU BA 104 -49.00 -32.16 -99.72
CA LEU BA 104 -47.97 -33.10 -100.19
C LEU BA 104 -47.54 -34.03 -99.06
N LEU BA 105 -47.22 -33.45 -97.91
CA LEU BA 105 -46.66 -34.25 -96.82
C LEU BA 105 -47.71 -35.10 -96.10
N THR BA 106 -48.99 -34.74 -96.21
CA THR BA 106 -50.02 -35.54 -95.54
C THR BA 106 -50.65 -36.58 -96.46
N SER BA 107 -50.25 -36.63 -97.73
CA SER BA 107 -50.84 -37.58 -98.67
C SER BA 107 -49.74 -38.33 -99.42
N ILE BA 108 -48.51 -38.20 -98.94
CA ILE BA 108 -47.34 -38.69 -99.64
C ILE BA 108 -47.40 -40.20 -99.84
N ASN BA 109 -48.13 -40.90 -98.98
CA ASN BA 109 -48.25 -42.34 -99.10
C ASN BA 109 -49.48 -42.80 -99.88
N VAL BA 110 -50.36 -41.86 -100.19
CA VAL BA 110 -51.66 -42.17 -100.80
C VAL BA 110 -51.61 -42.24 -102.32
N TYR BA 111 -50.95 -41.27 -102.95
CA TYR BA 111 -50.91 -41.19 -104.41
C TYR BA 111 -49.53 -41.48 -104.99
N ASP BA 112 -49.49 -41.90 -106.24
CA ASP BA 112 -48.23 -42.05 -106.94
C ASP BA 112 -47.71 -40.63 -107.23
N THR BA 113 -46.42 -40.50 -107.54
CA THR BA 113 -45.81 -39.16 -107.66
C THR BA 113 -46.47 -38.27 -108.72
N THR BA 114 -46.84 -38.85 -109.86
CA THR BA 114 -47.49 -38.05 -110.90
C THR BA 114 -48.81 -37.43 -110.41
N GLU BA 115 -49.66 -38.25 -109.81
CA GLU BA 115 -50.95 -37.76 -109.32
C GLU BA 115 -50.78 -36.80 -108.13
N LEU BA 116 -49.82 -37.11 -107.27
CA LEU BA 116 -49.47 -36.26 -106.14
C LEU BA 116 -49.15 -34.84 -106.62
N LEU BA 117 -48.30 -34.73 -107.64
CA LEU BA 117 -47.89 -33.42 -108.12
C LEU BA 117 -49.03 -32.68 -108.80
N GLU BA 118 -49.89 -33.41 -109.50
CA GLU BA 118 -51.06 -32.79 -110.11
C GLU BA 118 -52.01 -32.28 -109.03
N ASN BA 119 -52.20 -33.08 -107.99
CA ASN BA 119 -53.03 -32.70 -106.85
C ASN BA 119 -52.56 -31.42 -106.19
N ILE BA 120 -51.27 -31.34 -105.88
CA ILE BA 120 -50.79 -30.17 -105.14
C ILE BA 120 -50.68 -28.94 -106.04
N SER BA 121 -50.46 -29.15 -107.34
CA SER BA 121 -50.48 -28.02 -108.28
C SER BA 121 -51.84 -27.34 -108.20
N LYS BA 122 -52.89 -28.15 -108.24
CA LYS BA 122 -54.25 -27.65 -108.20
C LYS BA 122 -54.54 -26.96 -106.86
N ILE BA 123 -54.11 -27.59 -105.78
CA ILE BA 123 -54.38 -27.07 -104.45
C ILE BA 123 -53.61 -25.77 -104.19
N GLY BA 124 -52.40 -25.71 -104.71
CA GLY BA 124 -51.55 -24.52 -104.60
C GLY BA 124 -52.17 -23.33 -105.29
N LYS BA 125 -52.64 -23.53 -106.51
CA LYS BA 125 -53.26 -22.44 -107.26
C LYS BA 125 -54.58 -22.01 -106.60
N ASP BA 126 -55.39 -22.98 -106.20
CA ASP BA 126 -56.66 -22.67 -105.55
C ASP BA 126 -56.48 -21.96 -104.22
N GLY BA 127 -55.31 -22.16 -103.61
CA GLY BA 127 -55.04 -21.59 -102.29
C GLY BA 127 -54.63 -20.13 -102.35
N ILE BA 128 -54.46 -19.60 -103.56
CA ILE BA 128 -54.08 -18.20 -103.73
C ILE BA 128 -55.35 -17.42 -104.03
N LYS BA 129 -55.75 -16.58 -103.09
CA LYS BA 129 -57.01 -15.83 -103.22
C LYS BA 129 -56.84 -14.42 -102.70
N VAL BA 130 -57.34 -13.44 -103.46
CA VAL BA 130 -57.42 -12.07 -102.96
C VAL BA 130 -58.76 -11.93 -102.24
N ILE BA 131 -58.72 -11.49 -100.99
CA ILE BA 131 -59.94 -11.39 -100.21
C ILE BA 131 -60.49 -9.98 -100.13
N GLU BA 132 -61.61 -9.77 -100.81
CA GLU BA 132 -62.28 -8.48 -100.81
C GLU BA 132 -63.66 -8.74 -100.22
N LYS BA 133 -64.06 -7.95 -99.25
CA LYS BA 133 -65.38 -8.12 -98.64
C LYS BA 133 -65.80 -6.88 -97.90
N MET CA 3 21.18 -102.41 -99.44
CA MET CA 3 20.37 -102.65 -98.26
C MET CA 3 20.15 -101.36 -97.47
N LYS CA 4 18.91 -101.10 -97.06
CA LYS CA 4 18.63 -99.94 -96.23
C LYS CA 4 19.34 -100.06 -94.87
N GLU CA 5 19.65 -98.92 -94.27
CA GLU CA 5 20.27 -98.91 -92.95
C GLU CA 5 19.17 -99.34 -91.99
N LYS CA 6 19.52 -100.03 -90.92
CA LYS CA 6 18.51 -100.50 -89.97
C LYS CA 6 18.47 -99.65 -88.69
N PHE CA 7 17.33 -99.68 -88.00
CA PHE CA 7 17.20 -98.99 -86.73
C PHE CA 7 16.55 -99.99 -85.79
N VAL CA 8 17.10 -100.13 -84.59
CA VAL CA 8 16.57 -101.09 -83.62
C VAL CA 8 15.88 -100.37 -82.49
N LEU CA 9 14.60 -100.70 -82.27
CA LEU CA 9 13.84 -100.11 -81.19
C LEU CA 9 13.65 -101.21 -80.16
N ILE CA 10 14.10 -100.98 -78.93
CA ILE CA 10 13.92 -101.94 -77.85
C ILE CA 10 12.74 -101.51 -76.98
N ILE CA 11 11.73 -102.35 -76.85
CA ILE CA 11 10.55 -101.99 -76.06
C ILE CA 11 10.37 -103.07 -75.00
N THR CA 12 10.43 -102.68 -73.74
CA THR CA 12 10.42 -103.65 -72.64
C THR CA 12 9.73 -103.10 -71.42
N HIS CA 13 9.53 -103.95 -70.40
CA HIS CA 13 9.07 -103.49 -69.09
C HIS CA 13 10.19 -102.77 -68.33
N GLY CA 14 9.83 -101.68 -67.66
CA GLY CA 14 10.79 -100.95 -66.83
C GLY CA 14 12.13 -100.68 -67.51
N ASP CA 15 13.21 -100.76 -66.74
CA ASP CA 15 14.54 -100.42 -67.24
C ASP CA 15 15.24 -101.59 -67.93
N PHE CA 16 14.51 -102.63 -68.30
CA PHE CA 16 15.17 -103.80 -68.88
C PHE CA 16 15.89 -103.42 -70.17
N GLY CA 17 15.20 -102.78 -71.11
CA GLY CA 17 15.81 -102.41 -72.37
C GLY CA 17 17.00 -101.46 -72.18
N LYS CA 18 16.82 -100.50 -71.26
CA LYS CA 18 17.86 -99.52 -70.97
C LYS CA 18 19.10 -100.22 -70.43
N GLY CA 19 18.90 -101.21 -69.57
CA GLY CA 19 20.00 -101.96 -68.99
C GLY CA 19 20.62 -102.94 -69.97
N LEU CA 20 19.79 -103.59 -70.79
CA LEU CA 20 20.30 -104.52 -71.80
C LEU CA 20 21.22 -103.80 -72.76
N LEU CA 21 20.80 -102.60 -73.21
CA LEU CA 21 21.64 -101.82 -74.13
C LEU CA 21 22.96 -101.41 -73.46
N SER CA 22 22.87 -100.89 -72.24
CA SER CA 22 24.06 -100.59 -71.42
C SER CA 22 25.04 -101.76 -71.38
N GLY CA 23 24.53 -102.94 -71.05
CA GLY CA 23 25.32 -104.15 -71.00
C GLY CA 23 25.98 -104.51 -72.33
N ALA CA 24 25.19 -104.46 -73.40
CA ALA CA 24 25.74 -104.71 -74.74
C ALA CA 24 26.84 -103.72 -75.06
N GLU CA 25 26.66 -102.46 -74.65
CA GLU CA 25 27.62 -101.43 -75.00
C GLU CA 25 28.94 -101.59 -74.25
N VAL CA 26 28.91 -102.22 -73.07
CA VAL CA 26 30.15 -102.64 -72.40
C VAL CA 26 30.94 -103.58 -73.30
N ILE CA 27 30.23 -104.44 -74.02
CA ILE CA 27 30.86 -105.42 -74.87
C ILE CA 27 31.30 -104.85 -76.22
N ILE CA 28 30.42 -104.13 -76.91
CA ILE CA 28 30.68 -103.72 -78.30
C ILE CA 28 30.75 -102.20 -78.55
N GLY CA 29 30.76 -101.41 -77.49
CA GLY CA 29 30.83 -99.97 -77.60
C GLY CA 29 29.50 -99.27 -77.83
N LYS CA 30 29.52 -97.95 -77.74
CA LYS CA 30 28.31 -97.14 -77.85
C LYS CA 30 27.64 -97.29 -79.20
N GLN CA 31 26.32 -97.49 -79.17
CA GLN CA 31 25.53 -97.69 -80.37
C GLN CA 31 24.87 -96.42 -80.84
N GLU CA 32 24.66 -96.38 -82.16
CA GLU CA 32 23.93 -95.34 -82.89
C GLU CA 32 22.85 -96.14 -83.62
N ASN CA 33 21.61 -95.64 -83.73
CA ASN CA 33 20.55 -96.41 -84.36
C ASN CA 33 19.94 -97.49 -83.45
N VAL CA 34 20.06 -97.32 -82.14
CA VAL CA 34 19.31 -98.13 -81.18
C VAL CA 34 18.64 -97.21 -80.18
N HIS CA 35 17.34 -97.40 -79.98
CA HIS CA 35 16.62 -96.60 -79.01
C HIS CA 35 15.84 -97.52 -78.06
N THR CA 36 15.71 -97.13 -76.81
CA THR CA 36 14.97 -97.93 -75.85
C THR CA 36 13.75 -97.19 -75.31
N VAL CA 37 12.67 -97.94 -75.13
CA VAL CA 37 11.45 -97.41 -74.55
C VAL CA 37 11.04 -98.41 -73.47
N GLY CA 38 10.87 -97.91 -72.25
CA GLY CA 38 10.49 -98.78 -71.15
C GLY CA 38 9.10 -98.45 -70.64
N LEU CA 39 8.31 -99.50 -70.42
CA LEU CA 39 6.98 -99.33 -69.81
C LEU CA 39 7.06 -99.54 -68.31
N ASN CA 40 6.86 -98.46 -67.56
CA ASN CA 40 6.92 -98.49 -66.11
C ASN CA 40 5.53 -98.58 -65.50
N LEU CA 41 5.43 -99.06 -64.25
CA LEU CA 41 4.15 -98.93 -63.55
C LEU CA 41 3.79 -97.47 -63.56
N GLY CA 42 2.53 -97.17 -63.86
CA GLY CA 42 2.06 -95.81 -63.87
C GLY CA 42 2.15 -95.13 -65.23
N ASP CA 43 2.71 -95.82 -66.22
CA ASP CA 43 2.72 -95.30 -67.59
C ASP CA 43 1.42 -95.65 -68.27
N ASN CA 44 0.82 -94.69 -68.96
CA ASN CA 44 -0.36 -94.96 -69.78
C ASN CA 44 0.06 -95.56 -71.11
N ILE CA 45 -0.41 -96.78 -71.39
CA ILE CA 45 0.05 -97.53 -72.55
C ILE CA 45 -0.23 -96.80 -73.85
N GLU CA 46 -1.33 -96.05 -73.89
CA GLU CA 46 -1.68 -95.34 -75.11
C GLU CA 46 -0.74 -94.14 -75.32
N LYS CA 47 -0.30 -93.53 -74.24
CA LYS CA 47 0.70 -92.47 -74.34
C LYS CA 47 2.03 -93.03 -74.85
N VAL CA 48 2.42 -94.18 -74.32
CA VAL CA 48 3.66 -94.83 -74.77
C VAL CA 48 3.53 -95.27 -76.22
N ALA CA 49 2.36 -95.78 -76.60
CA ALA CA 49 2.16 -96.23 -77.96
C ALA CA 49 2.36 -95.07 -78.94
N LYS CA 50 1.81 -93.92 -78.61
CA LYS CA 50 1.92 -92.76 -79.48
C LYS CA 50 3.36 -92.27 -79.62
N GLU CA 51 4.14 -92.38 -78.55
CA GLU CA 51 5.55 -92.02 -78.56
C GLU CA 51 6.35 -92.98 -79.46
N VAL CA 52 6.04 -94.26 -79.35
CA VAL CA 52 6.69 -95.27 -80.16
C VAL CA 52 6.35 -95.01 -81.63
N MET CA 53 5.09 -94.74 -81.91
CA MET CA 53 4.69 -94.46 -83.28
C MET CA 53 5.45 -93.22 -83.74
N ARG CA 54 5.65 -92.29 -82.82
CA ARG CA 54 6.34 -91.05 -83.16
C ARG CA 54 7.75 -91.34 -83.63
N ILE CA 55 8.43 -92.27 -82.97
CA ILE CA 55 9.75 -92.71 -83.40
C ILE CA 55 9.81 -93.47 -84.72
N ILE CA 56 8.83 -94.35 -84.93
CA ILE CA 56 8.84 -95.19 -86.12
C ILE CA 56 8.66 -94.36 -87.40
N ILE CA 57 7.66 -93.48 -87.39
CA ILE CA 57 7.43 -92.58 -88.52
C ILE CA 57 8.69 -91.78 -88.83
N ALA CA 58 9.29 -91.18 -87.81
CA ALA CA 58 10.51 -90.40 -87.98
C ALA CA 58 11.61 -91.19 -88.68
N LYS CA 59 11.77 -92.45 -88.28
CA LYS CA 59 12.81 -93.29 -88.84
C LYS CA 59 12.47 -93.78 -90.24
N LEU CA 60 11.19 -94.09 -90.47
CA LEU CA 60 10.78 -94.46 -91.81
C LEU CA 60 11.06 -93.29 -92.75
N ALA CA 61 10.72 -92.08 -92.30
CA ALA CA 61 10.97 -90.86 -93.06
C ALA CA 61 12.45 -90.62 -93.32
N GLU CA 62 13.31 -91.35 -92.60
CA GLU CA 62 14.75 -91.29 -92.84
C GLU CA 62 15.17 -92.46 -93.70
N ASP CA 63 14.19 -93.15 -94.28
CA ASP CA 63 14.42 -94.31 -95.13
C ASP CA 63 15.13 -95.45 -94.40
N LYS CA 64 14.77 -95.66 -93.14
CA LYS CA 64 15.37 -96.73 -92.37
C LYS CA 64 14.45 -97.94 -92.28
N GLU CA 65 15.06 -99.12 -92.16
CA GLU CA 65 14.32 -100.35 -91.93
C GLU CA 65 14.32 -100.60 -90.42
N ILE CA 66 13.15 -100.90 -89.87
CA ILE CA 66 13.00 -100.95 -88.41
C ILE CA 66 12.79 -102.35 -87.88
N ILE CA 67 13.59 -102.69 -86.86
CA ILE CA 67 13.44 -103.94 -86.12
C ILE CA 67 13.01 -103.59 -84.71
N ILE CA 68 11.92 -104.18 -84.24
CA ILE CA 68 11.54 -103.98 -82.86
C ILE CA 68 11.87 -105.22 -82.08
N VAL CA 69 12.64 -105.05 -81.02
CA VAL CA 69 12.97 -106.16 -80.14
C VAL CA 69 12.20 -105.99 -78.82
N VAL CA 70 11.56 -107.05 -78.36
CA VAL CA 70 10.75 -106.91 -77.15
C VAL CA 70 11.12 -107.96 -76.11
N ASP CA 71 10.83 -107.65 -74.85
CA ASP CA 71 11.28 -108.53 -73.78
C ASP CA 71 10.52 -109.84 -73.68
N LEU CA 72 9.20 -109.76 -73.82
CA LEU CA 72 8.34 -110.83 -73.40
C LEU CA 72 7.21 -110.96 -74.40
N PHE CA 73 6.93 -112.18 -74.84
CA PHE CA 73 5.75 -112.44 -75.66
C PHE CA 73 4.53 -112.26 -74.78
N GLY CA 74 3.73 -111.24 -75.09
CA GLY CA 74 2.61 -110.90 -74.22
C GLY CA 74 2.96 -109.75 -73.30
N GLY CA 75 1.97 -108.96 -72.92
CA GLY CA 75 2.26 -107.79 -72.12
C GLY CA 75 2.23 -106.54 -72.97
N SER CA 76 2.24 -105.40 -72.32
CA SER CA 76 2.00 -104.13 -73.00
C SER CA 76 3.08 -103.78 -74.02
N PRO CA 77 4.34 -104.07 -73.69
CA PRO CA 77 5.43 -103.76 -74.62
C PRO CA 77 5.23 -104.55 -75.93
N PHE CA 78 4.81 -105.80 -75.82
CA PHE CA 78 4.55 -106.66 -76.96
C PHE CA 78 3.32 -106.13 -77.74
N ASN CA 79 2.29 -105.75 -76.99
CA ASN CA 79 1.06 -105.27 -77.61
C ASN CA 79 1.32 -104.01 -78.43
N ILE CA 80 2.19 -103.14 -77.91
CA ILE CA 80 2.63 -101.98 -78.70
C ILE CA 80 3.37 -102.38 -79.97
N ALA CA 81 4.33 -103.30 -79.85
CA ALA CA 81 5.08 -103.75 -81.00
C ALA CA 81 4.14 -104.35 -82.04
N LEU CA 82 3.19 -105.16 -81.61
CA LEU CA 82 2.24 -105.76 -82.55
C LEU CA 82 1.44 -104.69 -83.27
N GLU CA 83 1.04 -103.66 -82.55
CA GLU CA 83 0.25 -102.60 -83.15
C GLU CA 83 1.07 -101.93 -84.25
N MET CA 84 2.35 -101.74 -83.98
CA MET CA 84 3.25 -101.13 -84.95
C MET CA 84 3.48 -102.01 -86.17
N MET CA 85 3.47 -103.32 -85.96
CA MET CA 85 3.61 -104.23 -87.10
C MET CA 85 2.33 -104.20 -87.93
N LYS CA 86 1.20 -104.10 -87.25
CA LYS CA 86 -0.07 -104.01 -87.96
C LYS CA 86 -0.09 -102.81 -88.89
N THR CA 87 0.36 -101.67 -88.39
CA THR CA 87 0.30 -100.41 -89.13
C THR CA 87 1.47 -100.15 -90.06
N PHE CA 88 2.68 -100.45 -89.61
CA PHE CA 88 3.89 -100.02 -90.31
C PHE CA 88 4.78 -101.10 -90.89
N ASP CA 89 4.43 -102.38 -90.67
CA ASP CA 89 5.14 -103.48 -91.31
C ASP CA 89 6.61 -103.56 -90.89
N VAL CA 90 6.88 -103.10 -89.67
CA VAL CA 90 8.20 -103.33 -89.07
C VAL CA 90 8.29 -104.81 -88.74
N LYS CA 91 9.47 -105.25 -88.32
CA LYS CA 91 9.64 -106.64 -87.92
C LYS CA 91 9.83 -106.73 -86.41
N VAL CA 92 9.42 -107.85 -85.83
CA VAL CA 92 9.40 -108.00 -84.37
C VAL CA 92 9.93 -109.36 -83.89
N ILE CA 93 10.74 -109.32 -82.84
CA ILE CA 93 11.20 -110.55 -82.22
C ILE CA 93 11.08 -110.40 -80.69
N THR CA 94 10.72 -111.49 -80.01
CA THR CA 94 10.53 -111.44 -78.56
C THR CA 94 11.60 -112.23 -77.81
N GLY CA 95 11.63 -112.07 -76.50
CA GLY CA 95 12.53 -112.84 -75.64
C GLY CA 95 13.99 -112.41 -75.69
N ILE CA 96 14.24 -111.16 -76.04
CA ILE CA 96 15.59 -110.67 -76.29
C ILE CA 96 16.51 -110.93 -75.08
N ASN CA 97 17.70 -111.45 -75.39
CA ASN CA 97 18.73 -111.61 -74.38
C ASN CA 97 20.09 -111.06 -74.87
N MET CA 98 21.14 -111.19 -74.07
CA MET CA 98 22.40 -110.54 -74.43
C MET CA 98 23.07 -111.10 -75.69
N PRO CA 99 23.17 -112.44 -75.82
CA PRO CA 99 23.82 -112.96 -77.03
C PRO CA 99 23.08 -112.52 -78.29
N MET CA 100 21.76 -112.47 -78.23
CA MET CA 100 20.97 -112.00 -79.37
C MET CA 100 21.30 -110.56 -79.73
N LEU CA 101 21.32 -109.68 -78.72
CA LEU CA 101 21.50 -108.27 -79.03
C LEU CA 101 22.91 -108.01 -79.54
N VAL CA 102 23.89 -108.69 -78.95
CA VAL CA 102 25.26 -108.49 -79.44
C VAL CA 102 25.39 -108.95 -80.89
N GLU CA 103 24.88 -110.15 -81.19
CA GLU CA 103 24.94 -110.64 -82.58
C GLU CA 103 24.17 -109.72 -83.52
N LEU CA 104 22.99 -109.27 -83.10
CA LEU CA 104 22.18 -108.38 -83.91
C LEU CA 104 22.95 -107.11 -84.28
N LEU CA 105 23.54 -106.48 -83.27
CA LEU CA 105 24.16 -105.18 -83.49
C LEU CA 105 25.51 -105.29 -84.22
N THR CA 106 26.14 -106.46 -84.17
CA THR CA 106 27.43 -106.61 -84.86
C THR CA 106 27.31 -107.18 -86.27
N SER CA 107 26.09 -107.53 -86.68
CA SER CA 107 25.89 -108.12 -88.01
C SER CA 107 24.77 -107.40 -88.75
N ILE CA 108 24.37 -106.25 -88.22
CA ILE CA 108 23.19 -105.54 -88.69
C ILE CA 108 23.33 -105.13 -90.15
N ASN CA 109 24.57 -104.97 -90.62
CA ASN CA 109 24.81 -104.59 -92.01
C ASN CA 109 25.04 -105.77 -92.94
N VAL CA 110 25.18 -106.97 -92.37
CA VAL CA 110 25.55 -108.16 -93.12
C VAL CA 110 24.36 -108.89 -93.72
N TYR CA 111 23.30 -109.07 -92.95
CA TYR CA 111 22.14 -109.85 -93.39
C TYR CA 111 20.91 -108.98 -93.60
N ASP CA 112 19.98 -109.45 -94.44
CA ASP CA 112 18.69 -108.79 -94.57
C ASP CA 112 17.91 -109.07 -93.29
N THR CA 113 16.86 -108.31 -93.02
CA THR CA 113 16.16 -108.39 -91.73
C THR CA 113 15.59 -109.78 -91.45
N THR CA 114 15.03 -110.45 -92.46
CA THR CA 114 14.50 -111.79 -92.22
C THR CA 114 15.56 -112.77 -91.74
N GLU CA 115 16.71 -112.81 -92.43
CA GLU CA 115 17.78 -113.73 -92.05
C GLU CA 115 18.43 -113.33 -90.72
N LEU CA 116 18.55 -112.02 -90.51
CA LEU CA 116 19.06 -111.48 -89.25
C LEU CA 116 18.25 -112.01 -88.07
N LEU CA 117 16.93 -111.94 -88.17
CA LEU CA 117 16.08 -112.37 -87.08
C LEU CA 117 16.12 -113.87 -86.86
N GLU CA 118 16.23 -114.62 -87.96
CA GLU CA 118 16.38 -116.07 -87.84
C GLU CA 118 17.69 -116.42 -87.16
N ASN CA 119 18.76 -115.72 -87.56
CA ASN CA 119 20.08 -115.89 -86.96
C ASN CA 119 20.07 -115.67 -85.45
N ILE CA 120 19.50 -114.56 -85.01
CA ILE CA 120 19.56 -114.24 -83.59
C ILE CA 120 18.59 -115.08 -82.79
N SER CA 121 17.49 -115.51 -83.39
CA SER CA 121 16.59 -116.44 -82.72
C SER CA 121 17.36 -117.69 -82.32
N LYS CA 122 18.12 -118.22 -83.29
CA LYS CA 122 18.89 -119.43 -83.08
C LYS CA 122 19.99 -119.21 -82.03
N ILE CA 123 20.66 -118.07 -82.12
CA ILE CA 123 21.76 -117.76 -81.22
C ILE CA 123 21.26 -117.53 -79.79
N GLY CA 124 20.10 -116.90 -79.68
CA GLY CA 124 19.47 -116.63 -78.39
C GLY CA 124 19.10 -117.92 -77.68
N LYS CA 125 18.48 -118.83 -78.40
CA LYS CA 125 18.10 -120.11 -77.79
C LYS CA 125 19.33 -120.94 -77.41
N ASP CA 126 20.31 -120.98 -78.32
CA ASP CA 126 21.54 -121.73 -78.06
C ASP CA 126 22.32 -121.16 -76.88
N GLY CA 127 22.12 -119.87 -76.61
CA GLY CA 127 22.86 -119.18 -75.58
C GLY CA 127 22.31 -119.45 -74.17
N ILE CA 128 21.18 -120.15 -74.10
CA ILE CA 128 20.56 -120.47 -72.80
C ILE CA 128 20.98 -121.89 -72.46
N LYS CA 129 21.81 -122.01 -71.43
CA LYS CA 129 22.35 -123.32 -71.04
C LYS CA 129 22.39 -123.46 -69.53
N VAL CA 130 21.94 -124.59 -69.01
CA VAL CA 130 22.14 -124.90 -67.61
C VAL CA 130 23.49 -125.60 -67.46
N ILE CA 131 24.36 -125.09 -66.60
CA ILE CA 131 25.69 -125.67 -66.48
C ILE CA 131 25.91 -126.64 -65.32
N GLU CA 132 26.11 -127.91 -65.67
CA GLU CA 132 26.37 -128.95 -64.69
C GLU CA 132 27.75 -129.50 -65.02
N LYS CA 133 28.61 -129.59 -64.02
CA LYS CA 133 29.95 -130.13 -64.26
C LYS CA 133 30.66 -130.46 -62.96
N MET DA 3 34.46 -61.32 -130.04
CA MET DA 3 35.09 -62.20 -129.06
C MET DA 3 34.68 -61.82 -127.65
N LYS DA 4 34.31 -62.80 -126.84
CA LYS DA 4 34.00 -62.54 -125.44
C LYS DA 4 35.23 -62.05 -124.70
N GLU DA 5 35.03 -61.21 -123.68
CA GLU DA 5 36.13 -60.78 -122.82
C GLU DA 5 36.59 -61.96 -121.98
N LYS DA 6 37.89 -62.05 -121.75
CA LYS DA 6 38.42 -63.21 -121.04
C LYS DA 6 38.72 -62.92 -119.56
N PHE DA 7 38.75 -63.96 -118.75
CA PHE DA 7 39.10 -63.80 -117.34
C PHE DA 7 40.12 -64.89 -117.06
N VAL DA 8 41.20 -64.53 -116.39
CA VAL DA 8 42.27 -65.50 -116.08
C VAL DA 8 42.27 -65.83 -114.61
N LEU DA 9 42.14 -67.11 -114.29
CA LEU DA 9 42.18 -67.55 -112.91
C LEU DA 9 43.50 -68.29 -112.74
N ILE DA 10 44.34 -67.84 -111.80
CA ILE DA 10 45.60 -68.51 -111.52
C ILE DA 10 45.44 -69.38 -110.27
N ILE DA 11 45.69 -70.68 -110.41
CA ILE DA 11 45.53 -71.58 -109.26
C ILE DA 11 46.86 -72.30 -109.07
N THR DA 12 47.45 -72.13 -107.90
CA THR DA 12 48.81 -72.64 -107.65
C THR DA 12 48.98 -73.05 -106.20
N HIS DA 13 50.13 -73.67 -105.91
CA HIS DA 13 50.52 -73.92 -104.53
C HIS DA 13 50.98 -72.63 -103.83
N GLY DA 14 50.58 -72.47 -102.57
CA GLY DA 14 51.03 -71.31 -101.79
C GLY DA 14 50.90 -69.97 -102.50
N ASP DA 15 51.88 -69.10 -102.28
CA ASP DA 15 51.85 -67.74 -102.83
C ASP DA 15 52.41 -67.64 -104.23
N PHE DA 16 52.56 -68.77 -104.92
CA PHE DA 16 53.18 -68.71 -106.25
C PHE DA 16 52.38 -67.83 -107.19
N GLY DA 17 51.08 -68.10 -107.31
CA GLY DA 17 50.23 -67.31 -108.22
C GLY DA 17 50.19 -65.83 -107.84
N LYS DA 18 50.10 -65.59 -106.51
CA LYS DA 18 50.06 -64.22 -106.00
C LYS DA 18 51.35 -63.48 -106.36
N GLY DA 19 52.47 -64.17 -106.26
CA GLY DA 19 53.77 -63.58 -106.59
C GLY DA 19 54.00 -63.45 -108.08
N LEU DA 20 53.56 -64.44 -108.85
CA LEU DA 20 53.69 -64.38 -110.30
C LEU DA 20 52.93 -63.18 -110.85
N LEU DA 21 51.71 -62.98 -110.36
CA LEU DA 21 50.93 -61.82 -110.82
C LEU DA 21 51.60 -60.50 -110.44
N SER DA 22 52.03 -60.39 -109.18
CA SER DA 22 52.83 -59.24 -108.71
C SER DA 22 53.99 -58.93 -109.66
N GLY DA 23 54.78 -59.94 -109.98
CA GLY DA 23 55.90 -59.83 -110.89
C GLY DA 23 55.51 -59.35 -112.28
N ALA DA 24 54.47 -59.98 -112.85
CA ALA DA 24 53.95 -59.55 -114.14
C ALA DA 24 53.51 -58.09 -114.10
N GLU DA 25 52.92 -57.68 -113.00
CA GLU DA 25 52.37 -56.33 -112.91
C GLU DA 25 53.48 -55.28 -112.80
N VAL DA 26 54.65 -55.66 -112.29
CA VAL DA 26 55.85 -54.80 -112.38
C VAL DA 26 56.15 -54.50 -113.85
N ILE DA 27 55.98 -55.49 -114.70
CA ILE DA 27 56.29 -55.37 -116.11
C ILE DA 27 55.20 -54.63 -116.90
N ILE DA 28 53.94 -55.05 -116.74
CA ILE DA 28 52.85 -54.56 -117.61
C ILE DA 28 51.73 -53.77 -116.91
N GLY DA 29 51.93 -53.45 -115.65
CA GLY DA 29 50.95 -52.69 -114.89
C GLY DA 29 49.83 -53.53 -114.27
N LYS DA 30 49.05 -52.89 -113.41
CA LYS DA 30 47.98 -53.57 -112.67
C LYS DA 30 46.92 -54.16 -113.59
N GLN DA 31 46.58 -55.41 -113.32
CA GLN DA 31 45.63 -56.17 -114.11
C GLN DA 31 44.23 -56.11 -113.52
N GLU DA 32 43.24 -56.08 -114.40
CA GLU DA 32 41.87 -56.44 -114.05
C GLU DA 32 41.63 -57.79 -114.71
N ASN DA 33 40.58 -58.48 -114.31
CA ASN DA 33 40.26 -59.74 -114.95
C ASN DA 33 41.32 -60.83 -114.76
N VAL DA 34 42.13 -60.71 -113.69
CA VAL DA 34 43.00 -61.81 -113.26
C VAL DA 34 42.80 -62.02 -111.76
N HIS DA 35 42.56 -63.25 -111.36
CA HIS DA 35 42.40 -63.56 -109.95
C HIS DA 35 43.33 -64.72 -109.59
N THR DA 36 43.85 -64.72 -108.36
CA THR DA 36 44.72 -65.80 -107.92
C THR DA 36 44.14 -66.53 -106.72
N VAL DA 37 44.32 -67.85 -106.74
CA VAL DA 37 43.90 -68.70 -105.64
C VAL DA 37 45.09 -69.58 -105.31
N GLY DA 38 45.52 -69.56 -104.06
CA GLY DA 38 46.66 -70.36 -103.63
C GLY DA 38 46.25 -71.45 -102.67
N LEU DA 39 46.76 -72.65 -102.91
CA LEU DA 39 46.55 -73.77 -101.98
C LEU DA 39 47.71 -73.86 -101.01
N ASN DA 40 47.43 -73.57 -99.74
CA ASN DA 40 48.43 -73.60 -98.68
C ASN DA 40 48.35 -74.90 -97.88
N LEU DA 41 49.45 -75.27 -97.22
CA LEU DA 41 49.34 -76.36 -96.25
C LEU DA 41 48.25 -76.00 -95.28
N GLY DA 42 47.37 -76.96 -94.99
CA GLY DA 42 46.30 -76.72 -94.03
C GLY DA 42 44.99 -76.27 -94.68
N ASP DA 43 45.01 -76.04 -95.99
CA ASP DA 43 43.77 -75.73 -96.72
C ASP DA 43 43.05 -77.02 -97.06
N ASN DA 44 41.75 -77.05 -96.84
CA ASN DA 44 40.94 -78.18 -97.29
C ASN DA 44 40.62 -78.03 -98.77
N ILE DA 45 41.03 -79.00 -99.57
CA ILE DA 45 40.94 -78.90 -101.03
C ILE DA 45 39.51 -78.75 -101.49
N GLU DA 46 38.57 -79.36 -100.75
CA GLU DA 46 37.16 -79.27 -101.15
C GLU DA 46 36.61 -77.88 -100.87
N LYS DA 47 37.10 -77.25 -99.80
CA LYS DA 47 36.73 -75.86 -99.52
C LYS DA 47 37.25 -74.94 -100.62
N VAL DA 48 38.50 -75.13 -101.02
CA VAL DA 48 39.09 -74.33 -102.09
C VAL DA 48 38.38 -74.59 -103.41
N ALA DA 49 38.02 -75.84 -103.66
CA ALA DA 49 37.33 -76.18 -104.90
C ALA DA 49 36.01 -75.40 -105.00
N LYS DA 50 35.28 -75.36 -103.90
CA LYS DA 50 33.99 -74.67 -103.90
C LYS DA 50 34.14 -73.17 -104.10
N GLU DA 51 35.24 -72.62 -103.59
CA GLU DA 51 35.57 -71.19 -103.76
C GLU DA 51 35.87 -70.89 -105.23
N VAL DA 52 36.64 -71.77 -105.84
CA VAL DA 52 36.99 -71.63 -107.25
C VAL DA 52 35.73 -71.74 -108.10
N MET DA 53 34.88 -72.70 -107.79
CA MET DA 53 33.65 -72.86 -108.55
C MET DA 53 32.84 -71.59 -108.36
N ARG DA 54 32.90 -71.01 -107.17
CA ARG DA 54 32.14 -69.79 -106.88
C ARG DA 54 32.56 -68.69 -107.84
N ILE DA 55 33.87 -68.55 -108.04
CA ILE DA 55 34.36 -67.57 -109.00
C ILE DA 55 34.03 -67.82 -110.46
N ILE DA 56 34.07 -69.08 -110.88
CA ILE DA 56 33.84 -69.41 -112.28
C ILE DA 56 32.39 -69.12 -112.68
N ILE DA 57 31.44 -69.58 -111.88
CA ILE DA 57 30.03 -69.31 -112.12
C ILE DA 57 29.78 -67.81 -112.23
N ALA DA 58 30.30 -67.05 -111.27
CA ALA DA 58 30.13 -65.59 -111.27
C ALA DA 58 30.62 -64.97 -112.58
N LYS DA 59 31.76 -65.44 -113.07
CA LYS DA 59 32.33 -64.88 -114.29
C LYS DA 59 31.59 -65.35 -115.53
N LEU DA 60 31.16 -66.60 -115.55
CA LEU DA 60 30.36 -67.10 -116.65
C LEU DA 60 29.09 -66.25 -116.73
N ALA DA 61 28.47 -66.00 -115.58
CA ALA DA 61 27.27 -65.17 -115.49
C ALA DA 61 27.52 -63.74 -115.96
N GLU DA 62 28.78 -63.35 -116.08
CA GLU DA 62 29.13 -62.05 -116.64
C GLU DA 62 29.50 -62.19 -118.11
N ASP DA 63 29.18 -63.36 -118.68
CA ASP DA 63 29.45 -63.65 -120.07
C ASP DA 63 30.94 -63.60 -120.40
N LYS DA 64 31.77 -64.08 -119.49
CA LYS DA 64 33.22 -64.09 -119.71
C LYS DA 64 33.71 -65.48 -120.11
N GLU DA 65 34.78 -65.50 -120.90
CA GLU DA 65 35.45 -66.73 -121.25
C GLU DA 65 36.61 -66.93 -120.28
N ILE DA 66 36.72 -68.13 -119.72
CA ILE DA 66 37.64 -68.34 -118.60
C ILE DA 66 38.83 -69.22 -118.98
N ILE DA 67 40.03 -68.72 -118.66
CA ILE DA 67 41.26 -69.48 -118.80
C ILE DA 67 41.81 -69.75 -117.40
N ILE DA 68 42.08 -71.01 -117.11
CA ILE DA 68 42.70 -71.33 -115.84
C ILE DA 68 44.16 -71.66 -116.09
N VAL DA 69 45.06 -70.95 -115.40
CA VAL DA 69 46.46 -71.22 -115.51
C VAL DA 69 46.93 -71.88 -114.20
N VAL DA 70 47.67 -72.97 -114.30
CA VAL DA 70 48.08 -73.68 -113.09
C VAL DA 70 49.58 -73.88 -113.04
N ASP DA 71 50.10 -74.05 -111.82
CA ASP DA 71 51.55 -74.12 -111.66
C ASP DA 71 52.17 -75.42 -112.16
N LEU DA 72 51.52 -76.53 -111.86
CA LEU DA 72 52.16 -77.82 -111.94
C LEU DA 72 51.17 -78.83 -112.45
N PHE DA 73 51.56 -79.62 -113.43
CA PHE DA 73 50.73 -80.74 -113.88
C PHE DA 73 50.73 -81.78 -112.77
N GLY DA 74 49.56 -81.99 -112.16
CA GLY DA 74 49.48 -82.87 -110.99
C GLY DA 74 49.48 -82.05 -109.72
N GLY DA 75 48.83 -82.57 -108.68
CA GLY DA 75 48.71 -81.81 -107.46
C GLY DA 75 47.33 -81.19 -107.35
N SER DA 76 47.02 -80.68 -106.17
CA SER DA 76 45.66 -80.27 -105.86
C SER DA 76 45.19 -79.10 -106.71
N PRO DA 77 46.06 -78.14 -106.99
CA PRO DA 77 45.67 -77.00 -107.82
C PRO DA 77 45.24 -77.47 -109.21
N PHE DA 78 45.97 -78.45 -109.75
CA PHE DA 78 45.66 -79.02 -111.05
C PHE DA 78 44.34 -79.81 -110.97
N ASN DA 79 44.20 -80.58 -109.91
CA ASN DA 79 43.01 -81.42 -109.73
C ASN DA 79 41.75 -80.55 -109.66
N ILE DA 80 41.85 -79.40 -109.00
CA ILE DA 80 40.75 -78.43 -109.03
C ILE DA 80 40.46 -77.90 -110.42
N ALA DA 81 41.51 -77.51 -111.16
CA ALA DA 81 41.33 -77.00 -112.50
C ALA DA 81 40.67 -78.05 -113.38
N LEU DA 82 41.11 -79.30 -113.28
CA LEU DA 82 40.53 -80.38 -114.07
C LEU DA 82 39.06 -80.54 -113.75
N GLU DA 83 38.71 -80.45 -112.47
CA GLU DA 83 37.31 -80.62 -112.07
C GLU DA 83 36.45 -79.51 -112.63
N MET DA 84 37.02 -78.31 -112.77
CA MET DA 84 36.32 -77.19 -113.38
C MET DA 84 36.17 -77.34 -114.89
N MET DA 85 37.16 -77.98 -115.52
CA MET DA 85 37.06 -78.23 -116.95
C MET DA 85 36.00 -79.30 -117.20
N LYS DA 86 35.94 -80.29 -116.31
CA LYS DA 86 34.95 -81.34 -116.44
C LYS DA 86 33.54 -80.73 -116.42
N THR DA 87 33.30 -79.81 -115.49
CA THR DA 87 31.98 -79.25 -115.27
C THR DA 87 31.63 -78.04 -116.14
N PHE DA 88 32.60 -77.15 -116.32
CA PHE DA 88 32.32 -75.84 -116.93
C PHE DA 88 32.99 -75.54 -118.26
N ASP DA 89 33.80 -76.47 -118.75
CA ASP DA 89 34.38 -76.34 -120.08
C ASP DA 89 35.23 -75.08 -120.22
N VAL DA 90 35.88 -74.70 -119.13
CA VAL DA 90 36.93 -73.67 -119.17
C VAL DA 90 38.14 -74.30 -119.84
N LYS DA 91 39.15 -73.49 -120.12
CA LYS DA 91 40.38 -74.02 -120.70
C LYS DA 91 41.50 -73.96 -119.68
N VAL DA 92 42.47 -74.87 -119.80
CA VAL DA 92 43.50 -75.04 -118.78
C VAL DA 92 44.90 -75.22 -119.37
N ILE DA 93 45.89 -74.54 -118.79
CA ILE DA 93 47.27 -74.75 -119.19
C ILE DA 93 48.14 -74.85 -117.92
N THR DA 94 49.15 -75.71 -117.96
CA THR DA 94 50.01 -75.94 -116.80
C THR DA 94 51.41 -75.40 -117.01
N GLY DA 95 52.19 -75.36 -115.92
CA GLY DA 95 53.59 -74.97 -115.99
C GLY DA 95 53.84 -73.48 -116.18
N ILE DA 96 52.88 -72.65 -115.76
CA ILE DA 96 52.93 -71.22 -116.04
C ILE DA 96 54.23 -70.58 -115.55
N ASN DA 97 54.83 -69.78 -116.41
CA ASN DA 97 55.99 -68.97 -116.04
C ASN DA 97 55.82 -67.50 -116.47
N MET DA 98 56.84 -66.68 -116.23
CA MET DA 98 56.67 -65.24 -116.47
C MET DA 98 56.46 -64.85 -117.94
N PRO DA 99 57.28 -65.40 -118.85
CA PRO DA 99 57.06 -65.01 -120.26
C PRO DA 99 55.67 -65.40 -120.75
N MET DA 100 55.17 -66.54 -120.30
CA MET DA 100 53.81 -66.96 -120.65
C MET DA 100 52.77 -65.97 -120.14
N LEU DA 101 52.87 -65.59 -118.88
CA LEU DA 101 51.82 -64.76 -118.31
C LEU DA 101 51.86 -63.36 -118.93
N VAL DA 102 53.05 -62.85 -119.17
CA VAL DA 102 53.13 -61.53 -119.80
C VAL DA 102 52.52 -61.56 -121.21
N GLU DA 103 52.91 -62.55 -122.00
CA GLU DA 103 52.34 -62.67 -123.36
C GLU DA 103 50.82 -62.87 -123.31
N LEU DA 104 50.37 -63.72 -122.39
CA LEU DA 104 48.93 -63.98 -122.24
C LEU DA 104 48.17 -62.69 -121.96
N LEU DA 105 48.65 -61.92 -121.00
CA LEU DA 105 47.91 -60.74 -120.57
C LEU DA 105 48.01 -59.57 -121.55
N THR DA 106 49.04 -59.57 -122.39
CA THR DA 106 49.17 -58.47 -123.35
C THR DA 106 48.56 -58.78 -124.72
N SER DA 107 48.05 -60.00 -124.90
CA SER DA 107 47.49 -60.39 -126.19
C SER DA 107 46.10 -61.00 -126.01
N ILE DA 108 45.55 -60.85 -124.81
CA ILE DA 108 44.33 -61.53 -124.40
C ILE DA 108 43.16 -61.13 -125.29
N ASN DA 109 43.22 -59.95 -125.90
CA ASN DA 109 42.15 -59.49 -126.78
C ASN DA 109 42.38 -59.80 -128.25
N VAL DA 110 43.60 -60.26 -128.57
CA VAL DA 110 44.02 -60.47 -129.96
C VAL DA 110 43.63 -61.83 -130.52
N TYR DA 111 43.87 -62.88 -129.74
CA TYR DA 111 43.63 -64.25 -130.23
C TYR DA 111 42.45 -64.92 -129.51
N ASP DA 112 41.86 -65.91 -130.16
CA ASP DA 112 40.86 -66.74 -129.51
C ASP DA 112 41.58 -67.62 -128.50
N THR DA 113 40.86 -68.20 -127.54
CA THR DA 113 41.50 -68.91 -126.43
C THR DA 113 42.37 -70.09 -126.89
N THR DA 114 41.92 -70.84 -127.89
CA THR DA 114 42.74 -71.96 -128.37
C THR DA 114 44.11 -71.50 -128.89
N GLU DA 115 44.11 -70.48 -129.75
CA GLU DA 115 45.36 -69.97 -130.32
C GLU DA 115 46.23 -69.29 -129.26
N LEU DA 116 45.57 -68.58 -128.36
CA LEU DA 116 46.24 -67.93 -127.23
C LEU DA 116 47.05 -68.95 -126.43
N LEU DA 117 46.42 -70.08 -126.09
CA LEU DA 117 47.11 -71.08 -125.29
C LEU DA 117 48.23 -71.77 -126.04
N GLU DA 118 48.05 -71.96 -127.34
CA GLU DA 118 49.12 -72.52 -128.16
C GLU DA 118 50.30 -71.55 -128.23
N ASN DA 119 49.99 -70.28 -128.41
CA ASN DA 119 50.99 -69.22 -128.43
C ASN DA 119 51.84 -69.21 -127.17
N ILE DA 120 51.19 -69.19 -126.01
CA ILE DA 120 51.94 -69.05 -124.76
C ILE DA 120 52.65 -70.34 -124.38
N SER DA 121 52.10 -71.48 -124.80
CA SER DA 121 52.82 -72.75 -124.59
C SER DA 121 54.18 -72.68 -125.28
N LYS DA 122 54.17 -72.21 -126.52
CA LYS DA 122 55.40 -72.11 -127.29
C LYS DA 122 56.37 -71.09 -126.68
N ILE DA 123 55.82 -69.96 -126.26
CA ILE DA 123 56.64 -68.88 -125.71
C ILE DA 123 57.25 -69.29 -124.35
N GLY DA 124 56.45 -70.02 -123.58
CA GLY DA 124 56.90 -70.52 -122.27
C GLY DA 124 58.05 -71.47 -122.40
N LYS DA 125 57.94 -72.42 -123.32
CA LYS DA 125 59.01 -73.38 -123.52
C LYS DA 125 60.27 -72.70 -124.07
N ASP DA 126 60.08 -71.82 -125.05
CA ASP DA 126 61.21 -71.10 -125.65
C ASP DA 126 61.90 -70.20 -124.65
N GLY DA 127 61.17 -69.78 -123.62
CA GLY DA 127 61.69 -68.85 -122.63
C GLY DA 127 62.57 -69.53 -121.58
N ILE DA 128 62.65 -70.85 -121.63
CA ILE DA 128 63.47 -71.62 -120.68
C ILE DA 128 64.78 -71.93 -121.37
N LYS DA 129 65.86 -71.31 -120.92
CA LYS DA 129 67.17 -71.47 -121.55
C LYS DA 129 68.27 -71.56 -120.52
N VAL DA 130 69.18 -72.52 -120.68
CA VAL DA 130 70.38 -72.56 -119.85
C VAL DA 130 71.43 -71.71 -120.55
N ILE DA 131 71.99 -70.74 -119.84
CA ILE DA 131 72.98 -69.85 -120.45
C ILE DA 131 74.42 -70.22 -120.18
N GLU DA 132 75.18 -70.45 -121.24
CA GLU DA 132 76.58 -70.81 -121.13
C GLU DA 132 77.42 -69.88 -121.99
N LYS DA 133 78.46 -69.29 -121.40
CA LYS DA 133 79.33 -68.42 -122.14
C LYS DA 133 80.71 -68.31 -121.49
N MET EA 1 55.35 102.04 -3.41
CA MET EA 1 56.62 102.39 -4.03
C MET EA 1 56.41 103.16 -5.33
N LYS EA 2 55.35 102.81 -6.07
CA LYS EA 2 55.03 103.48 -7.34
C LYS EA 2 53.93 104.54 -7.25
N TYR EA 3 52.81 104.20 -6.60
CA TYR EA 3 51.73 105.16 -6.37
C TYR EA 3 51.70 105.67 -4.93
N ASP EA 4 51.85 106.98 -4.78
CA ASP EA 4 51.79 107.64 -3.48
C ASP EA 4 50.34 107.91 -3.12
N GLY EA 5 49.89 107.33 -2.01
CA GLY EA 5 48.52 107.47 -1.56
C GLY EA 5 48.34 108.29 -0.30
N SER EA 6 49.41 108.99 0.10
CA SER EA 6 49.43 109.75 1.36
C SER EA 6 48.39 110.87 1.43
N LYS EA 7 48.09 111.47 0.28
CA LYS EA 7 47.13 112.57 0.21
C LYS EA 7 45.71 112.12 -0.17
N LEU EA 8 45.46 110.81 -0.07
CA LEU EA 8 44.17 110.27 -0.47
C LEU EA 8 43.26 109.90 0.71
N ARG EA 9 41.95 109.96 0.47
CA ARG EA 9 40.97 109.43 1.40
C ARG EA 9 40.19 108.34 0.69
N ILE EA 10 40.25 107.13 1.22
CA ILE EA 10 39.62 105.97 0.58
C ILE EA 10 38.49 105.40 1.44
N GLY EA 11 37.34 105.24 0.83
CA GLY EA 11 36.19 104.63 1.51
C GLY EA 11 36.10 103.14 1.21
N ILE EA 12 35.73 102.38 2.24
CA ILE EA 12 35.43 100.96 2.09
C ILE EA 12 34.02 100.72 2.61
N LEU EA 13 33.14 100.29 1.72
CA LEU EA 13 31.78 99.92 2.08
C LEU EA 13 31.63 98.42 1.89
N HIS EA 14 31.35 97.71 2.98
CA HIS EA 14 31.21 96.25 2.88
C HIS EA 14 29.87 95.74 3.39
N ALA EA 15 29.42 94.64 2.81
CA ALA EA 15 28.21 93.96 3.25
C ALA EA 15 28.49 93.17 4.53
N ARG EA 16 27.44 92.65 5.16
CA ARG EA 16 27.60 91.92 6.43
C ARG EA 16 27.34 90.42 6.31
N TRP EA 17 26.82 89.97 5.17
CA TRP EA 17 26.66 88.53 4.94
C TRP EA 17 27.98 87.87 4.57
N ASN EA 18 28.19 86.65 5.08
CA ASN EA 18 29.48 85.95 4.99
C ASN EA 18 30.59 86.77 5.64
N LEU EA 19 30.38 87.14 6.90
CA LEU EA 19 31.19 88.13 7.61
C LEU EA 19 32.66 87.75 7.79
N GLU EA 20 32.92 86.47 8.05
CA GLU EA 20 34.27 85.97 8.25
C GLU EA 20 35.13 86.24 7.00
N ILE EA 21 34.56 85.99 5.83
CA ILE EA 21 35.25 86.21 4.55
C ILE EA 21 35.32 87.71 4.23
N ILE EA 22 34.24 88.42 4.50
CA ILE EA 22 34.17 89.87 4.34
C ILE EA 22 35.30 90.55 5.13
N ALA EA 23 35.43 90.20 6.41
CA ALA EA 23 36.43 90.80 7.29
C ALA EA 23 37.86 90.66 6.77
N ALA EA 24 38.17 89.48 6.21
CA ALA EA 24 39.51 89.20 5.67
C ALA EA 24 39.82 90.02 4.42
N LEU EA 25 38.82 90.17 3.55
CA LEU EA 25 38.97 91.00 2.35
C LEU EA 25 39.16 92.48 2.70
N VAL EA 26 38.39 92.95 3.69
CA VAL EA 26 38.54 94.32 4.21
C VAL EA 26 39.95 94.50 4.79
N ALA EA 27 40.38 93.54 5.62
CA ALA EA 27 41.71 93.57 6.23
C ALA EA 27 42.81 93.65 5.19
N GLY EA 28 42.66 92.92 4.08
CA GLY EA 28 43.61 92.94 2.97
C GLY EA 28 43.65 94.29 2.27
N ALA EA 29 42.48 94.84 1.99
CA ALA EA 29 42.35 96.16 1.39
C ALA EA 29 42.97 97.24 2.28
N ILE EA 30 42.66 97.20 3.57
CA ILE EA 30 43.23 98.10 4.56
C ILE EA 30 44.76 98.00 4.59
N LYS EA 31 45.28 96.77 4.58
CA LYS EA 31 46.73 96.51 4.60
C LYS EA 31 47.45 97.17 3.41
N ARG EA 32 46.99 96.87 2.19
CA ARG EA 32 47.61 97.39 0.98
C ARG EA 32 47.45 98.91 0.83
N LEU EA 33 46.30 99.42 1.24
CA LEU EA 33 46.06 100.88 1.29
C LEU EA 33 47.16 101.59 2.08
N GLN EA 34 47.43 101.09 3.29
CA GLN EA 34 48.44 101.67 4.17
C GLN EA 34 49.87 101.49 3.65
N GLU EA 35 50.10 100.43 2.87
CA GLU EA 35 51.41 100.18 2.25
C GLU EA 35 51.74 101.20 1.16
N PHE EA 36 50.70 101.71 0.49
CA PHE EA 36 50.87 102.77 -0.50
C PHE EA 36 50.86 104.19 0.10
N GLY EA 37 50.84 104.26 1.43
CA GLY EA 37 50.96 105.53 2.14
C GLY EA 37 49.67 106.13 2.64
N VAL EA 38 48.53 105.51 2.34
CA VAL EA 38 47.23 106.01 2.81
C VAL EA 38 47.13 105.87 4.33
N LYS EA 39 46.92 107.03 4.95
CA LYS EA 39 46.80 107.20 6.39
C LYS EA 39 45.54 106.62 6.96
N ALA EA 40 45.63 106.17 8.19
CA ALA EA 40 44.50 105.57 8.88
C ALA EA 40 43.37 106.53 9.02
N GLU EA 41 43.68 107.78 9.24
CA GLU EA 41 42.65 108.76 9.41
C GLU EA 41 41.85 108.84 8.15
N ASN EA 42 42.47 108.42 7.05
CA ASN EA 42 41.82 108.49 5.76
C ASN EA 42 41.21 107.23 5.18
N ILE EA 43 41.07 106.20 5.97
CA ILE EA 43 40.39 105.00 5.52
C ILE EA 43 39.07 104.88 6.29
N ILE EA 44 37.96 105.11 5.58
CA ILE EA 44 36.64 105.15 6.19
C ILE EA 44 35.88 103.87 5.87
N ILE EA 45 35.58 103.09 6.91
CA ILE EA 45 34.82 101.83 6.76
C ILE EA 45 33.37 102.02 7.19
N GLU EA 46 32.46 101.63 6.32
CA GLU EA 46 31.03 101.63 6.60
C GLU EA 46 30.39 100.36 6.05
N THR EA 47 29.27 99.97 6.64
CA THR EA 47 28.61 98.70 6.29
C THR EA 47 27.22 98.85 5.70
N VAL EA 48 26.80 97.86 4.93
CA VAL EA 48 25.41 97.70 4.49
C VAL EA 48 24.97 96.25 4.75
N PRO EA 49 23.66 95.98 4.77
CA PRO EA 49 23.21 94.60 5.00
C PRO EA 49 23.76 93.61 3.97
N GLY EA 50 23.41 93.82 2.69
CA GLY EA 50 23.81 92.91 1.62
C GLY EA 50 24.40 93.59 0.41
N SER EA 51 24.82 92.77 -0.56
CA SER EA 51 25.46 93.26 -1.78
C SER EA 51 24.55 94.13 -2.66
N PHE EA 52 23.28 93.91 -2.59
CA PHE EA 52 22.34 94.69 -3.35
C PHE EA 52 22.40 96.15 -2.93
N GLU EA 53 22.55 96.39 -1.62
CA GLU EA 53 22.59 97.73 -1.05
C GLU EA 53 23.93 98.44 -1.28
N LEU EA 54 24.90 97.73 -1.83
CA LEU EA 54 26.23 98.30 -2.09
C LEU EA 54 26.25 99.50 -3.06
N PRO EA 55 25.63 99.37 -4.26
CA PRO EA 55 25.62 100.50 -5.18
C PRO EA 55 25.02 101.79 -4.60
N TYR EA 56 23.79 101.73 -4.08
CA TYR EA 56 23.15 102.93 -3.53
C TYR EA 56 23.76 103.37 -2.21
N GLY EA 57 24.25 102.41 -1.43
CA GLY EA 57 24.98 102.69 -0.21
C GLY EA 57 26.22 103.51 -0.50
N SER EA 58 26.91 103.14 -1.59
CA SER EA 58 28.10 103.86 -2.03
C SER EA 58 27.80 105.32 -2.35
N LYS EA 59 26.72 105.58 -3.06
CA LYS EA 59 26.31 106.95 -3.37
C LYS EA 59 25.99 107.75 -2.10
N LEU EA 60 25.23 107.14 -1.20
CA LEU EA 60 24.88 107.79 0.06
C LEU EA 60 26.10 108.04 0.93
N PHE EA 61 27.04 107.10 0.89
CA PHE EA 61 28.32 107.21 1.59
C PHE EA 61 29.15 108.36 1.04
N VAL EA 62 29.28 108.41 -0.29
CA VAL EA 62 30.00 109.47 -0.99
C VAL EA 62 29.39 110.86 -0.72
N GLU EA 63 28.06 110.95 -0.81
CA GLU EA 63 27.35 112.20 -0.55
C GLU EA 63 27.53 112.68 0.90
N LYS EA 64 27.47 111.74 1.84
CA LYS EA 64 27.68 112.03 3.27
C LYS EA 64 29.08 112.59 3.52
N GLN EA 65 30.09 111.97 2.90
CA GLN EA 65 31.48 112.37 3.06
C GLN EA 65 31.74 113.77 2.48
N LYS EA 66 31.02 114.13 1.43
CA LYS EA 66 31.05 115.48 0.88
C LYS EA 66 30.46 116.53 1.83
N ARG EA 67 29.35 116.19 2.46
CA ARG EA 67 28.68 117.07 3.44
C ARG EA 67 29.48 117.25 4.72
N LEU EA 68 30.35 116.27 5.01
CA LEU EA 68 31.25 116.33 6.17
C LEU EA 68 32.50 117.15 5.88
N GLY EA 69 32.71 117.48 4.60
CA GLY EA 69 33.90 118.21 4.16
C GLY EA 69 35.13 117.31 4.07
N LYS EA 70 34.89 116.00 3.95
CA LYS EA 70 35.96 115.02 3.83
C LYS EA 70 35.67 114.07 2.69
N PRO EA 71 35.83 114.55 1.44
CA PRO EA 71 35.42 113.78 0.26
C PRO EA 71 36.31 112.56 0.04
N LEU EA 72 35.72 111.49 -0.46
CA LEU EA 72 36.45 110.29 -0.81
C LEU EA 72 37.07 110.47 -2.19
N ASP EA 73 38.28 109.94 -2.37
CA ASP EA 73 38.96 109.98 -3.65
C ASP EA 73 38.67 108.72 -4.46
N ALA EA 74 38.36 107.63 -3.76
CA ALA EA 74 37.92 106.38 -4.37
C ALA EA 74 37.12 105.59 -3.34
N ILE EA 75 36.42 104.55 -3.83
CA ILE EA 75 35.62 103.69 -2.96
C ILE EA 75 35.75 102.22 -3.37
N ILE EA 76 35.80 101.34 -2.37
CA ILE EA 76 35.85 99.90 -2.60
C ILE EA 76 34.62 99.23 -1.97
N PRO EA 77 33.58 98.95 -2.77
CA PRO EA 77 32.43 98.18 -2.30
C PRO EA 77 32.78 96.69 -2.24
N ILE EA 78 32.67 96.11 -1.05
CA ILE EA 78 33.07 94.72 -0.84
C ILE EA 78 31.86 93.84 -0.48
N GLY EA 79 31.67 92.78 -1.26
CA GLY EA 79 30.58 91.83 -1.04
C GLY EA 79 31.01 90.41 -1.34
N VAL EA 80 30.40 89.45 -0.65
CA VAL EA 80 30.65 88.04 -0.89
C VAL EA 80 29.35 87.34 -1.23
N LEU EA 81 29.24 86.88 -2.43
CA LEU EA 81 28.06 86.17 -2.86
C LEU EA 81 28.42 84.75 -3.27
N ILE EA 82 27.72 83.80 -2.67
CA ILE EA 82 27.89 82.37 -2.91
C ILE EA 82 26.61 81.79 -3.51
N LYS EA 83 26.82 80.98 -4.55
CA LYS EA 83 25.69 80.34 -5.23
C LYS EA 83 24.90 79.44 -4.28
N CYS EA 93 23.09 88.78 -8.59
CA CYS EA 93 24.33 89.55 -8.52
C CYS EA 93 24.84 90.17 -9.84
N ASP EA 94 24.42 89.61 -10.97
CA ASP EA 94 24.90 90.12 -12.25
C ASP EA 94 24.56 91.59 -12.43
N SER EA 95 23.36 91.99 -12.00
CA SER EA 95 22.96 93.38 -12.11
C SER EA 95 23.89 94.26 -11.27
N THR EA 96 24.13 93.77 -10.01
CA THR EA 96 24.92 94.51 -9.03
C THR EA 96 26.24 94.96 -9.61
N THR EA 97 26.86 94.07 -10.37
CA THR EA 97 28.14 94.36 -10.99
C THR EA 97 27.95 95.52 -11.94
N HIS EA 98 26.83 95.48 -12.66
CA HIS EA 98 26.52 96.54 -13.63
C HIS EA 98 26.39 97.93 -13.01
N GLN EA 99 25.71 98.03 -11.84
CA GLN EA 99 25.58 99.32 -11.15
C GLN EA 99 26.90 99.84 -10.59
N LEU EA 100 27.71 98.94 -10.04
CA LEU EA 100 29.02 99.33 -9.54
C LEU EA 100 29.90 99.86 -10.66
N MET EA 101 29.80 99.22 -11.83
CA MET EA 101 30.49 99.67 -13.02
C MET EA 101 30.06 101.09 -13.43
N LYS EA 102 28.79 101.30 -13.57
CA LYS EA 102 28.22 102.60 -13.91
C LYS EA 102 28.50 103.69 -12.87
N LEU EA 103 28.65 103.27 -11.62
CA LEU EA 103 28.86 104.18 -10.50
C LEU EA 103 30.14 105.00 -10.61
N ASN EA 104 31.13 104.46 -11.31
CA ASN EA 104 32.35 105.18 -11.63
C ASN EA 104 32.05 106.52 -12.30
N PHE EA 105 31.11 106.49 -13.24
CA PHE EA 105 30.77 107.65 -14.05
C PHE EA 105 29.76 108.58 -13.36
N GLU EA 106 28.88 107.99 -12.55
CA GLU EA 106 27.86 108.76 -11.83
C GLU EA 106 28.45 109.50 -10.63
N LEU EA 107 29.36 108.86 -9.91
CA LEU EA 107 29.98 109.45 -8.71
C LEU EA 107 31.21 110.28 -9.03
N GLY EA 108 31.84 110.01 -10.18
CA GLY EA 108 33.04 110.75 -10.60
C GLY EA 108 34.30 110.35 -9.83
N ILE EA 109 34.25 109.20 -9.16
CA ILE EA 109 35.41 108.63 -8.49
C ILE EA 109 35.54 107.14 -8.83
N PRO EA 110 36.77 106.60 -8.80
CA PRO EA 110 36.98 105.17 -9.03
C PRO EA 110 36.22 104.28 -8.05
N VAL EA 111 35.42 103.36 -8.60
CA VAL EA 111 34.71 102.37 -7.82
C VAL EA 111 35.34 101.02 -8.15
N ILE EA 112 36.06 100.46 -7.17
CA ILE EA 112 36.76 99.19 -7.36
C ILE EA 112 35.84 98.02 -7.04
N PHE EA 113 35.70 97.11 -8.00
CA PHE EA 113 34.81 95.96 -7.86
C PHE EA 113 35.35 94.95 -6.86
N GLY EA 114 34.86 95.03 -5.62
CA GLY EA 114 35.28 94.12 -4.55
C GLY EA 114 34.25 93.08 -4.18
N VAL EA 115 33.50 92.59 -5.17
CA VAL EA 115 32.46 91.59 -4.92
C VAL EA 115 32.89 90.21 -5.43
N LEU EA 116 33.03 89.28 -4.49
CA LEU EA 116 33.30 87.89 -4.84
C LEU EA 116 32.03 87.20 -5.28
N THR EA 117 32.10 86.52 -6.42
CA THR EA 117 30.98 85.79 -7.00
C THR EA 117 31.35 84.32 -7.16
N CYS EA 118 31.23 83.56 -6.08
CA CYS EA 118 31.72 82.18 -6.03
C CYS EA 118 30.62 81.14 -6.05
N LEU EA 119 31.01 79.89 -6.25
CA LEU EA 119 30.09 78.76 -6.25
C LEU EA 119 30.12 77.98 -4.94
N THR EA 120 31.27 78.01 -4.26
CA THR EA 120 31.42 77.39 -2.94
C THR EA 120 31.99 78.37 -1.92
N ASP EA 121 31.84 78.03 -0.63
CA ASP EA 121 32.45 78.80 0.45
C ASP EA 121 33.97 78.79 0.34
N MET EA 135 42.15 85.17 -0.12
CA MET EA 135 41.15 86.23 0.01
C MET EA 135 41.81 87.54 0.41
N HIS EA 136 42.78 87.45 1.31
CA HIS EA 136 43.49 88.64 1.76
C HIS EA 136 44.23 89.28 0.58
N ASN EA 137 44.84 88.44 -0.25
CA ASN EA 137 45.57 88.91 -1.41
C ASN EA 137 44.62 89.59 -2.38
N HIS EA 138 43.43 89.01 -2.54
CA HIS EA 138 42.41 89.54 -3.43
C HIS EA 138 42.00 90.91 -2.93
N GLY EA 139 41.85 91.03 -1.62
CA GLY EA 139 41.48 92.29 -0.99
C GLY EA 139 42.54 93.34 -1.22
N GLU EA 140 43.84 92.96 -1.13
CA GLU EA 140 44.96 93.85 -1.32
C GLU EA 140 44.94 94.39 -2.75
N ASP EA 141 44.60 93.46 -3.68
CA ASP EA 141 44.54 93.88 -5.07
C ASP EA 141 43.61 95.08 -5.21
N TRP EA 142 42.44 95.01 -4.60
CA TRP EA 142 41.45 96.08 -4.62
C TRP EA 142 41.97 97.35 -3.96
N GLY EA 143 42.85 97.17 -2.94
CA GLY EA 143 43.52 98.28 -2.29
C GLY EA 143 44.47 98.97 -3.25
N ALA EA 144 45.31 98.18 -3.92
CA ALA EA 144 46.27 98.68 -4.89
C ALA EA 144 45.58 99.41 -6.05
N ALA EA 145 44.47 98.83 -6.52
CA ALA EA 145 43.72 99.40 -7.62
C ALA EA 145 43.16 100.78 -7.29
N ALA EA 146 42.57 100.91 -6.10
CA ALA EA 146 41.97 102.18 -5.65
C ALA EA 146 42.97 103.33 -5.67
N VAL EA 147 44.17 103.08 -5.14
CA VAL EA 147 45.24 104.07 -5.09
C VAL EA 147 45.70 104.49 -6.49
N GLU EA 148 45.94 103.50 -7.35
CA GLU EA 148 46.37 103.74 -8.74
C GLU EA 148 45.34 104.53 -9.55
N MET EA 149 44.08 104.11 -9.49
CA MET EA 149 43.01 104.75 -10.27
C MET EA 149 42.74 106.19 -9.83
N ALA EA 150 43.02 106.50 -8.58
CA ALA EA 150 42.84 107.84 -8.04
C ALA EA 150 44.02 108.77 -8.33
N THR EA 151 45.11 108.21 -8.84
CA THR EA 151 46.39 108.93 -8.97
C THR EA 151 46.91 109.02 -10.40
N LYS EA 152 46.92 107.88 -11.10
CA LYS EA 152 47.59 107.75 -12.40
C LYS EA 152 47.25 108.82 -13.43
N PHE EA 153 45.98 109.23 -13.46
CA PHE EA 153 45.48 110.12 -14.51
C PHE EA 153 45.25 111.57 -14.06
N ASN EA 154 45.81 111.94 -12.91
CA ASN EA 154 45.66 113.29 -12.38
C ASN EA 154 46.62 114.30 -12.99
N LEU EA 155 46.50 115.55 -12.57
CA LEU EA 155 47.35 116.62 -13.08
C LEU EA 155 47.53 117.72 -12.04
N MET FA 1 16.62 98.59 18.49
CA MET FA 1 17.83 98.13 17.81
C MET FA 1 18.85 99.27 17.66
N LYS FA 2 19.66 99.20 16.62
CA LYS FA 2 20.67 100.21 16.37
C LYS FA 2 20.09 101.34 15.52
N TYR FA 3 19.09 101.03 14.72
CA TYR FA 3 18.45 102.02 13.85
C TYR FA 3 17.04 102.39 14.31
N ASP FA 4 16.85 103.67 14.62
CA ASP FA 4 15.57 104.20 15.02
C ASP FA 4 14.74 104.51 13.78
N GLY FA 5 13.59 103.85 13.66
CA GLY FA 5 12.71 104.04 12.50
C GLY FA 5 11.40 104.74 12.80
N SER FA 6 11.32 105.32 14.00
CA SER FA 6 10.08 105.96 14.47
C SER FA 6 9.60 107.13 13.61
N LYS FA 7 10.55 107.85 13.02
CA LYS FA 7 10.22 109.02 12.19
C LYS FA 7 10.17 108.69 10.69
N LEU FA 8 10.10 107.41 10.36
CA LEU FA 8 10.11 106.98 8.96
C LEU FA 8 8.74 106.55 8.45
N ARG FA 9 8.55 106.71 7.14
CA ARG FA 9 7.38 106.16 6.44
C ARG FA 9 7.90 105.19 5.39
N ILE FA 10 7.50 103.92 5.50
CA ILE FA 10 7.99 102.88 4.61
C ILE FA 10 6.88 102.30 3.76
N GLY FA 11 7.10 102.26 2.45
CA GLY FA 11 6.15 101.66 1.52
C GLY FA 11 6.50 100.22 1.21
N ILE FA 12 5.47 99.39 1.12
CA ILE FA 12 5.63 98.02 0.66
C ILE FA 12 4.70 97.80 -0.54
N LEU FA 13 5.31 97.53 -1.69
CA LEU FA 13 4.55 97.20 -2.89
C LEU FA 13 4.80 95.75 -3.24
N HIS FA 14 3.75 94.94 -3.23
CA HIS FA 14 3.89 93.52 -3.52
C HIS FA 14 3.02 93.06 -4.67
N ALA FA 15 3.52 92.04 -5.39
CA ALA FA 15 2.77 91.38 -6.46
C ALA FA 15 1.71 90.46 -5.86
N ARG FA 16 0.82 89.94 -6.69
CA ARG FA 16 -0.27 89.09 -6.22
C ARG FA 16 -0.15 87.62 -6.65
N TRP FA 17 0.80 87.32 -7.53
CA TRP FA 17 1.09 85.92 -7.88
C TRP FA 17 1.90 85.22 -6.81
N ASN FA 18 1.58 83.95 -6.56
CA ASN FA 18 2.12 83.18 -5.42
C ASN FA 18 1.80 83.86 -4.09
N LEU FA 19 0.51 84.12 -3.88
CA LEU FA 19 0.02 84.99 -2.81
C LEU FA 19 0.34 84.50 -1.38
N GLU FA 20 0.27 83.19 -1.18
CA GLU FA 20 0.56 82.60 0.13
C GLU FA 20 1.98 82.92 0.57
N ILE FA 21 2.92 82.83 -0.36
CA ILE FA 21 4.33 83.13 -0.09
C ILE FA 21 4.54 84.64 0.03
N ILE FA 22 3.90 85.40 -0.85
CA ILE FA 22 3.93 86.86 -0.82
C ILE FA 22 3.49 87.38 0.55
N ALA FA 23 2.34 86.91 1.03
CA ALA FA 23 1.77 87.34 2.31
C ALA FA 23 2.74 87.17 3.48
N ALA FA 24 3.44 86.04 3.50
CA ALA FA 24 4.39 85.73 4.57
C ALA FA 24 5.61 86.65 4.56
N LEU FA 25 6.13 86.95 3.35
CA LEU FA 25 7.24 87.88 3.20
C LEU FA 25 6.84 89.30 3.63
N VAL FA 26 5.64 89.71 3.25
CA VAL FA 26 5.09 91.02 3.66
C VAL FA 26 4.98 91.05 5.19
N ALA FA 27 4.40 90.00 5.76
CA ALA FA 27 4.24 89.88 7.22
C ALA FA 27 5.57 89.99 7.95
N GLY FA 28 6.62 89.39 7.40
CA GLY FA 28 7.96 89.46 7.96
C GLY FA 28 8.54 90.86 7.90
N ALA FA 29 8.39 91.51 6.75
CA ALA FA 29 8.82 92.90 6.56
C ALA FA 29 8.11 93.84 7.53
N ILE FA 30 6.79 93.69 7.62
CA ILE FA 30 5.96 94.45 8.56
C ILE FA 30 6.42 94.25 10.00
N LYS FA 31 6.69 93.00 10.38
CA LYS FA 31 7.15 92.66 11.73
C LYS FA 31 8.45 93.38 12.11
N ARG FA 32 9.47 93.22 11.28
CA ARG FA 32 10.79 93.83 11.53
C ARG FA 32 10.76 95.35 11.47
N LEU FA 33 9.97 95.90 10.55
CA LEU FA 33 9.74 97.35 10.47
C LEU FA 33 9.28 97.92 11.82
N GLN FA 34 8.26 97.29 12.40
CA GLN FA 34 7.71 97.71 13.69
C GLN FA 34 8.67 97.50 14.86
N GLU FA 35 9.55 96.51 14.74
CA GLU FA 35 10.57 96.23 15.77
C GLU FA 35 11.63 97.34 15.84
N PHE FA 36 11.86 98.02 14.72
CA PHE FA 36 12.82 99.11 14.70
C PHE FA 36 12.17 100.43 15.12
N GLY FA 37 10.86 100.41 15.35
CA GLY FA 37 10.14 101.59 15.79
C GLY FA 37 9.21 102.23 14.78
N VAL FA 38 9.17 101.70 13.55
CA VAL FA 38 8.30 102.23 12.50
C VAL FA 38 6.83 101.95 12.87
N LYS FA 39 6.08 103.04 13.00
CA LYS FA 39 4.68 102.99 13.36
C LYS FA 39 3.81 102.49 12.25
N ALA FA 40 2.71 101.87 12.62
CA ALA FA 40 1.78 101.29 11.68
C ALA FA 40 1.20 102.29 10.74
N GLU FA 41 0.95 103.49 11.23
CA GLU FA 41 0.38 104.52 10.39
C GLU FA 41 1.30 104.75 9.24
N ASN FA 42 2.58 104.52 9.47
CA ASN FA 42 3.58 104.77 8.47
C ASN FA 42 4.03 103.61 7.58
N ILE FA 43 3.34 102.49 7.66
CA ILE FA 43 3.64 101.38 6.77
C ILE FA 43 2.51 101.27 5.75
N ILE FA 44 2.81 101.63 4.51
CA ILE FA 44 1.82 101.70 3.44
C ILE FA 44 1.97 100.50 2.49
N ILE FA 45 0.95 99.64 2.47
CA ILE FA 45 0.95 98.47 1.61
C ILE FA 45 0.07 98.69 0.39
N GLU FA 46 0.65 98.45 -0.79
CA GLU FA 46 -0.09 98.51 -2.05
C GLU FA 46 0.33 97.34 -2.94
N THR FA 47 -0.55 96.96 -3.86
CA THR FA 47 -0.32 95.77 -4.70
C THR FA 47 -0.23 96.07 -6.20
N VAL FA 48 0.45 95.17 -6.91
CA VAL FA 48 0.44 95.16 -8.39
C VAL FA 48 0.15 93.72 -8.85
N PRO FA 49 -0.26 93.53 -10.11
CA PRO FA 49 -0.50 92.16 -10.60
C PRO FA 49 0.72 91.25 -10.47
N GLY FA 50 1.80 91.60 -11.18
CA GLY FA 50 3.01 90.78 -11.20
C GLY FA 50 4.28 91.53 -10.97
N SER FA 51 5.39 90.81 -10.94
CA SER FA 51 6.72 91.37 -10.67
C SER FA 51 7.19 92.37 -11.72
N PHE FA 52 6.72 92.23 -12.94
CA PHE FA 52 7.10 93.13 -14.00
C PHE FA 52 6.61 94.54 -13.68
N GLU FA 53 5.41 94.64 -13.09
CA GLU FA 53 4.79 95.91 -12.76
C GLU FA 53 5.36 96.56 -11.50
N LEU FA 54 6.25 95.84 -10.81
CA LEU FA 54 6.88 96.35 -9.58
C LEU FA 54 7.70 97.63 -9.75
N PRO FA 55 8.64 97.66 -10.72
CA PRO FA 55 9.44 98.88 -10.92
C PRO FA 55 8.60 100.14 -11.19
N TYR FA 56 7.73 100.10 -12.20
CA TYR FA 56 6.92 101.28 -12.54
C TYR FA 56 5.84 101.55 -11.51
N GLY FA 57 5.32 100.48 -10.90
CA GLY FA 57 4.37 100.61 -9.79
C GLY FA 57 4.98 101.37 -8.64
N SER FA 58 6.25 101.06 -8.35
CA SER FA 58 6.99 101.75 -7.29
C SER FA 58 7.09 103.25 -7.54
N LYS FA 59 7.40 103.65 -8.77
CA LYS FA 59 7.47 105.06 -9.12
C LYS FA 59 6.11 105.75 -8.96
N LEU FA 60 5.05 105.11 -9.46
CA LEU FA 60 3.70 105.65 -9.35
C LEU FA 60 3.25 105.74 -7.90
N PHE FA 61 3.64 104.75 -7.11
CA PHE FA 61 3.38 104.70 -5.68
C PHE FA 61 4.09 105.87 -4.95
N VAL FA 62 5.38 106.02 -5.24
CA VAL FA 62 6.19 107.11 -4.67
C VAL FA 62 5.65 108.49 -5.05
N GLU FA 63 5.30 108.67 -6.32
CA GLU FA 63 4.73 109.94 -6.80
C GLU FA 63 3.39 110.26 -6.14
N LYS FA 64 2.54 109.24 -5.99
CA LYS FA 64 1.24 109.38 -5.33
C LYS FA 64 1.39 109.81 -3.87
N GLN FA 65 2.36 109.20 -3.17
CA GLN FA 65 2.61 109.50 -1.76
C GLN FA 65 3.13 110.92 -1.57
N LYS FA 66 3.85 111.43 -2.56
CA LYS FA 66 4.30 112.83 -2.57
C LYS FA 66 3.12 113.79 -2.72
N ARG FA 67 2.20 113.48 -3.62
CA ARG FA 67 1.04 114.33 -3.83
C ARG FA 67 0.21 114.39 -2.56
N LEU FA 68 0.11 113.24 -1.88
CA LEU FA 68 -0.70 113.14 -0.68
C LEU FA 68 -0.08 113.90 0.50
N GLY FA 69 1.16 114.34 0.33
CA GLY FA 69 1.88 115.03 1.39
C GLY FA 69 2.43 114.07 2.43
N LYS FA 70 2.57 112.81 2.06
CA LYS FA 70 3.09 111.78 2.95
C LYS FA 70 4.16 110.95 2.24
N PRO FA 71 5.36 111.55 2.05
CA PRO FA 71 6.39 110.93 1.23
C PRO FA 71 6.98 109.69 1.90
N LEU FA 72 7.33 108.71 1.08
CA LEU FA 72 8.00 107.51 1.56
C LEU FA 72 9.48 107.78 1.73
N ASP FA 73 10.07 107.19 2.77
CA ASP FA 73 11.50 107.32 3.03
C ASP FA 73 12.26 106.17 2.40
N ALA FA 74 11.58 105.04 2.21
CA ALA FA 74 12.11 103.88 1.50
C ALA FA 74 10.95 103.03 0.99
N ILE FA 75 11.26 102.11 0.08
CA ILE FA 75 10.26 101.21 -0.47
C ILE FA 75 10.80 99.79 -0.61
N ILE FA 76 9.94 98.82 -0.34
CA ILE FA 76 10.27 97.40 -0.50
C ILE FA 76 9.33 96.74 -1.52
N PRO FA 77 9.79 96.61 -2.78
CA PRO FA 77 9.04 95.86 -3.79
C PRO FA 77 9.20 94.36 -3.57
N ILE FA 78 8.08 93.68 -3.36
CA ILE FA 78 8.11 92.25 -3.05
C ILE FA 78 7.46 91.41 -4.16
N GLY FA 79 8.22 90.45 -4.67
CA GLY FA 79 7.74 89.55 -5.71
C GLY FA 79 8.26 88.14 -5.52
N VAL FA 80 7.48 87.17 -5.98
CA VAL FA 80 7.90 85.76 -5.94
C VAL FA 80 7.86 85.19 -7.34
N LEU FA 81 8.98 84.85 -7.88
CA LEU FA 81 9.07 84.27 -9.20
C LEU FA 81 9.68 82.87 -9.11
N ILE FA 82 8.97 81.91 -9.64
CA ILE FA 82 9.35 80.50 -9.68
C ILE FA 82 9.56 80.07 -11.14
N LYS FA 83 10.67 79.35 -11.35
CA LYS FA 83 11.00 78.85 -12.70
C LYS FA 83 9.92 77.92 -13.23
N CYS FA 93 12.73 87.74 -15.44
CA CYS FA 93 13.01 88.41 -14.18
C CYS FA 93 14.35 89.13 -14.04
N ASP FA 94 15.33 88.71 -14.84
CA ASP FA 94 16.67 89.32 -14.74
C ASP FA 94 16.61 90.82 -14.99
N SER FA 95 15.80 91.25 -15.94
CA SER FA 95 15.67 92.67 -16.23
C SER FA 95 15.10 93.40 -15.02
N THR FA 96 14.04 92.76 -14.43
CA THR FA 96 13.29 93.35 -13.32
C THR FA 96 14.23 93.77 -12.21
N THR FA 97 15.21 92.91 -11.93
CA THR FA 97 16.18 93.20 -10.89
C THR FA 97 16.94 94.45 -11.26
N HIS FA 98 17.27 94.56 -12.54
CA HIS FA 98 18.01 95.72 -13.05
C HIS FA 98 17.28 97.06 -12.85
N GLN FA 99 15.95 97.07 -13.11
CA GLN FA 99 15.16 98.30 -12.91
C GLN FA 99 15.02 98.68 -11.44
N LEU FA 100 14.81 97.69 -10.58
CA LEU FA 100 14.71 97.94 -9.14
C LEU FA 100 16.02 98.51 -8.62
N MET FA 101 17.15 98.01 -9.13
CA MET FA 101 18.47 98.53 -8.80
C MET FA 101 18.60 100.01 -9.20
N LYS FA 102 18.30 100.31 -10.44
CA LYS FA 102 18.35 101.67 -10.97
C LYS FA 102 17.39 102.63 -10.28
N LEU FA 103 16.28 102.08 -9.79
CA LEU FA 103 15.22 102.86 -9.17
C LEU FA 103 15.66 103.61 -7.91
N ASN FA 104 16.68 103.07 -7.23
CA ASN FA 104 17.32 103.75 -6.12
C ASN FA 104 17.76 105.16 -6.50
N PHE FA 105 18.34 105.29 -7.68
CA PHE FA 105 18.92 106.54 -8.14
C PHE FA 105 17.89 107.45 -8.80
N GLU FA 106 16.88 106.86 -9.44
CA GLU FA 106 15.83 107.60 -10.11
C GLU FA 106 14.81 108.18 -9.12
N LEU FA 107 14.47 107.41 -8.09
CA LEU FA 107 13.49 107.84 -7.09
C LEU FA 107 14.12 108.63 -5.94
N GLY FA 108 15.41 108.45 -5.73
CA GLY FA 108 16.13 109.13 -4.65
C GLY FA 108 15.84 108.59 -3.26
N ILE FA 109 15.28 107.38 -3.21
CA ILE FA 109 15.05 106.67 -1.94
C ILE FA 109 15.53 105.22 -2.06
N PRO FA 110 15.92 104.60 -0.93
CA PRO FA 110 16.32 103.20 -0.94
C PRO FA 110 15.21 102.27 -1.43
N VAL FA 111 15.55 101.45 -2.44
CA VAL FA 111 14.67 100.43 -2.97
C VAL FA 111 15.28 99.08 -2.58
N ILE FA 112 14.62 98.39 -1.66
CA ILE FA 112 15.11 97.11 -1.16
C ILE FA 112 14.61 95.97 -2.05
N PHE FA 113 15.54 95.16 -2.55
CA PHE FA 113 15.21 94.06 -3.45
C PHE FA 113 14.50 92.93 -2.72
N GLY FA 114 13.17 92.92 -2.79
CA GLY FA 114 12.37 91.89 -2.15
C GLY FA 114 11.77 90.88 -3.10
N VAL FA 115 12.50 90.54 -4.16
CA VAL FA 115 12.03 89.59 -5.16
C VAL FA 115 12.73 88.24 -5.03
N LEU FA 116 11.96 87.20 -4.71
CA LEU FA 116 12.47 85.84 -4.67
C LEU FA 116 12.55 85.28 -6.09
N THR FA 117 13.70 84.71 -6.43
CA THR FA 117 13.93 84.11 -7.74
C THR FA 117 14.33 82.65 -7.56
N CYS FA 118 13.31 81.80 -7.41
CA CYS FA 118 13.52 80.38 -7.05
C CYS FA 118 13.27 79.43 -8.20
N LEU FA 119 13.68 78.18 -8.01
CA LEU FA 119 13.47 77.12 -8.98
C LEU FA 119 12.30 76.21 -8.61
N THR FA 120 12.02 76.11 -7.31
CA THR FA 120 10.87 75.34 -6.82
C THR FA 120 10.00 76.18 -5.88
N ASP FA 121 8.78 75.72 -5.64
CA ASP FA 121 7.88 76.35 -4.67
C ASP FA 121 8.47 76.25 -3.26
N GLU FA 122 9.05 75.10 -2.96
CA GLU FA 122 9.66 74.81 -1.66
C GLU FA 122 10.74 75.82 -1.29
N MET FA 135 11.00 82.12 4.89
CA MET FA 135 10.49 83.21 4.08
C MET FA 135 10.22 84.43 4.95
N HIS FA 136 9.69 84.21 6.14
CA HIS FA 136 9.40 85.30 7.06
C HIS FA 136 10.69 86.01 7.45
N ASN FA 137 11.74 85.21 7.70
CA ASN FA 137 13.03 85.76 8.07
C ASN FA 137 13.60 86.59 6.94
N HIS FA 138 13.41 86.09 5.72
CA HIS FA 138 13.90 86.77 4.52
C HIS FA 138 13.19 88.11 4.40
N GLY FA 139 11.89 88.12 4.69
CA GLY FA 139 11.09 89.32 4.63
C GLY FA 139 11.56 90.32 5.67
N GLU FA 140 11.92 89.86 6.88
CA GLU FA 140 12.39 90.69 7.97
C GLU FA 140 13.69 91.36 7.56
N ASP FA 141 14.54 90.56 6.87
CA ASP FA 141 15.80 91.11 6.43
C ASP FA 141 15.54 92.37 5.61
N TRP FA 142 14.61 92.32 4.70
CA TRP FA 142 14.23 93.44 3.84
C TRP FA 142 13.67 94.61 4.65
N GLY FA 143 13.01 94.29 5.79
CA GLY FA 143 12.52 95.29 6.72
C GLY FA 143 13.67 96.01 7.39
N ALA FA 144 14.63 95.24 7.90
CA ALA FA 144 15.82 95.78 8.56
C ALA FA 144 16.64 96.66 7.61
N ALA FA 145 16.78 96.20 6.37
CA ALA FA 145 17.54 96.91 5.36
C ALA FA 145 16.95 98.28 5.07
N ALA FA 146 15.63 98.34 4.88
CA ALA FA 146 14.92 99.58 4.58
C ALA FA 146 15.17 100.67 5.61
N VAL FA 147 15.07 100.30 6.89
CA VAL FA 147 15.28 101.21 8.00
C VAL FA 147 16.72 101.73 8.04
N GLU FA 148 17.69 100.82 7.93
CA GLU FA 148 19.10 101.16 7.93
C GLU FA 148 19.49 102.10 6.77
N MET FA 149 19.07 101.75 5.55
CA MET FA 149 19.42 102.53 4.35
C MET FA 149 18.81 103.94 4.36
N ALA FA 150 17.70 104.11 5.05
CA ALA FA 150 17.03 105.39 5.16
C ALA FA 150 17.61 106.28 6.27
N THR FA 151 18.49 105.70 7.10
CA THR FA 151 18.95 106.34 8.32
C THR FA 151 20.46 106.55 8.39
N LYS FA 152 21.21 105.49 8.09
CA LYS FA 152 22.67 105.43 8.30
C LYS FA 152 23.45 106.63 7.76
N PHE FA 153 23.05 107.12 6.58
CA PHE FA 153 23.82 108.13 5.86
C PHE FA 153 23.20 109.54 5.92
N ASN FA 154 22.24 109.75 6.84
CA ASN FA 154 21.61 111.03 6.95
C ASN FA 154 22.42 111.96 7.81
N LEU FA 155 21.76 113.13 8.02
CA LEU FA 155 22.34 114.13 8.91
C LEU FA 155 23.85 114.14 8.78
N MET GA 1 3.55 94.58 -49.43
CA MET GA 1 3.59 95.60 -50.47
C MET GA 1 2.64 96.75 -50.16
N LYS GA 2 2.16 96.79 -48.93
CA LYS GA 2 1.23 97.84 -48.50
C LYS GA 2 1.97 99.11 -48.12
N TYR GA 3 3.30 99.03 -48.10
CA TYR GA 3 4.13 100.18 -47.74
C TYR GA 3 4.91 100.75 -48.92
N ASP GA 4 4.65 102.02 -49.21
CA ASP GA 4 5.33 102.74 -50.27
C ASP GA 4 6.66 103.28 -49.73
N GLY GA 5 7.76 102.85 -50.34
CA GLY GA 5 9.09 103.26 -49.91
C GLY GA 5 9.82 104.16 -50.90
N SER GA 6 9.09 104.66 -51.89
CA SER GA 6 9.68 105.47 -52.97
C SER GA 6 10.35 106.76 -52.49
N LYS GA 7 9.81 107.35 -51.43
CA LYS GA 7 10.34 108.61 -50.88
C LYS GA 7 11.32 108.40 -49.72
N LEU GA 8 11.80 107.17 -49.57
CA LEU GA 8 12.68 106.84 -48.45
C LEU GA 8 14.15 106.71 -48.86
N ARG GA 9 15.04 106.98 -47.91
CA ARG GA 9 16.46 106.69 -48.04
C ARG GA 9 16.85 105.73 -46.93
N ILE GA 10 17.32 104.55 -47.31
CA ILE GA 10 17.65 103.49 -46.35
C ILE GA 10 19.14 103.19 -46.36
N GLY GA 11 19.73 103.20 -45.17
CA GLY GA 11 21.13 102.84 -44.99
C GLY GA 11 21.29 101.38 -44.61
N ILE GA 12 22.31 100.74 -45.17
CA ILE GA 12 22.71 99.40 -44.77
C ILE GA 12 24.17 99.44 -44.36
N LEU GA 13 24.42 99.15 -43.08
CA LEU GA 13 25.77 99.04 -42.56
C LEU GA 13 26.05 97.59 -42.20
N HIS GA 14 27.03 96.99 -42.88
CA HIS GA 14 27.34 95.59 -42.62
C HIS GA 14 28.78 95.35 -42.22
N ALA GA 15 29.00 94.32 -41.40
CA ALA GA 15 30.32 93.89 -41.01
C ALA GA 15 30.98 93.12 -42.16
N ARG GA 16 32.28 92.83 -42.02
CA ARG GA 16 33.02 92.14 -43.08
C ARG GA 16 33.44 90.71 -42.73
N TRP GA 17 33.24 90.31 -41.48
CA TRP GA 17 33.49 88.92 -41.09
C TRP GA 17 32.34 88.01 -41.52
N ASN GA 18 32.67 86.80 -41.96
CA ASN GA 18 31.73 85.87 -42.58
C ASN GA 18 31.08 86.51 -43.83
N LEU GA 19 31.93 86.97 -44.75
CA LEU GA 19 31.53 87.83 -45.86
C LEU GA 19 30.54 87.19 -46.84
N GLU GA 20 30.72 85.91 -47.12
CA GLU GA 20 29.84 85.18 -48.02
C GLU GA 20 28.39 85.22 -47.54
N ILE GA 21 28.20 85.02 -46.23
CA ILE GA 21 26.86 85.07 -45.62
C ILE GA 21 26.36 86.51 -45.52
N ILE GA 22 27.25 87.42 -45.14
CA ILE GA 22 26.95 88.85 -45.08
C ILE GA 22 26.40 89.34 -46.43
N ALA GA 23 27.12 89.03 -47.51
CA ALA GA 23 26.73 89.48 -48.86
C ALA GA 23 25.32 89.06 -49.25
N ALA GA 24 24.96 87.82 -48.90
CA ALA GA 24 23.63 87.27 -49.22
C ALA GA 24 22.50 87.96 -48.45
N LEU GA 25 22.75 88.26 -47.17
CA LEU GA 25 21.79 88.99 -46.34
C LEU GA 25 21.60 90.43 -46.86
N VAL GA 26 22.70 91.07 -47.24
CA VAL GA 26 22.65 92.41 -47.84
C VAL GA 26 21.84 92.35 -49.13
N ALA GA 27 22.15 91.38 -49.99
CA ALA GA 27 21.46 91.19 -51.26
C ALA GA 27 19.95 91.02 -51.08
N GLY GA 28 19.56 90.28 -50.04
CA GLY GA 28 18.15 90.08 -49.70
C GLY GA 28 17.47 91.36 -49.25
N ALA GA 29 18.15 92.11 -48.38
CA ALA GA 29 17.66 93.41 -47.90
C ALA GA 29 17.50 94.39 -49.07
N ILE GA 30 18.51 94.46 -49.92
CA ILE GA 30 18.48 95.29 -51.12
C ILE GA 30 17.30 94.91 -52.04
N LYS GA 31 17.09 93.62 -52.24
CA LYS GA 31 16.02 93.11 -53.08
C LYS GA 31 14.63 93.56 -52.59
N ARG GA 32 14.34 93.29 -51.31
CA ARG GA 32 13.03 93.63 -50.73
C ARG GA 32 12.81 95.15 -50.63
N LEU GA 33 13.89 95.88 -50.32
CA LEU GA 33 13.85 97.35 -50.33
C LEU GA 33 13.31 97.89 -51.65
N GLN GA 34 13.89 97.42 -52.75
CA GLN GA 34 13.51 97.83 -54.10
C GLN GA 34 12.10 97.38 -54.49
N GLU GA 35 11.65 96.26 -53.92
CA GLU GA 35 10.30 95.75 -54.17
C GLU GA 35 9.22 96.64 -53.55
N PHE GA 36 9.56 97.34 -52.48
CA PHE GA 36 8.62 98.25 -51.84
C PHE GA 36 8.62 99.61 -52.54
N GLY GA 37 9.56 99.80 -53.46
CA GLY GA 37 9.66 101.07 -54.19
C GLY GA 37 10.87 101.94 -53.89
N VAL GA 38 11.70 101.50 -52.94
CA VAL GA 38 12.91 102.25 -52.60
C VAL GA 38 13.91 102.20 -53.75
N LYS GA 39 14.21 103.41 -54.22
CA LYS GA 39 15.12 103.66 -55.35
C LYS GA 39 16.55 103.37 -55.03
N ALA GA 40 17.30 103.03 -56.05
CA ALA GA 40 18.71 102.68 -55.90
C ALA GA 40 19.57 103.82 -55.38
N GLU GA 41 19.31 105.02 -55.83
CA GLU GA 41 20.13 106.14 -55.38
C GLU GA 41 19.97 106.23 -53.89
N ASN GA 42 18.85 105.76 -53.38
CA ASN GA 42 18.56 105.87 -51.96
C ASN GA 42 18.93 104.70 -51.05
N ILE GA 43 19.62 103.71 -51.56
CA ILE GA 43 20.11 102.62 -50.72
C ILE GA 43 21.62 102.79 -50.57
N ILE GA 44 22.03 103.18 -49.37
CA ILE GA 44 23.43 103.49 -49.09
C ILE GA 44 24.07 102.35 -48.29
N ILE GA 45 25.05 101.69 -48.90
CA ILE GA 45 25.77 100.59 -48.26
C ILE GA 45 27.15 101.06 -47.77
N GLU GA 46 27.42 100.79 -46.50
CA GLU GA 46 28.72 101.07 -45.91
C GLU GA 46 29.13 99.91 -45.00
N THR GA 47 30.43 99.75 -44.79
CA THR GA 47 30.95 98.61 -44.04
C THR GA 47 31.70 99.00 -42.76
N VAL GA 48 31.75 98.05 -41.82
CA VAL GA 48 32.62 98.13 -40.64
C VAL GA 48 33.37 96.79 -40.49
N PRO GA 49 34.48 96.77 -39.72
CA PRO GA 49 35.20 95.51 -39.54
C PRO GA 49 34.32 94.40 -38.96
N GLY GA 50 33.82 94.60 -37.74
CA GLY GA 50 33.03 93.58 -37.05
C GLY GA 50 31.75 94.09 -36.46
N SER GA 51 30.98 93.17 -35.86
CA SER GA 51 29.68 93.48 -35.28
C SER GA 51 29.73 94.45 -34.10
N PHE GA 52 30.84 94.48 -33.39
CA PHE GA 52 30.99 95.39 -32.28
C PHE GA 52 30.95 96.83 -32.76
N GLU GA 53 31.52 97.08 -33.94
CA GLU GA 53 31.59 98.42 -34.51
C GLU GA 53 30.28 98.87 -35.16
N LEU GA 54 29.31 97.96 -35.23
CA LEU GA 54 28.00 98.27 -35.84
C LEU GA 54 27.21 99.39 -35.15
N PRO GA 55 27.03 99.33 -33.81
CA PRO GA 55 26.30 100.40 -33.13
C PRO GA 55 26.89 101.80 -33.34
N TYR GA 56 28.17 101.99 -33.04
CA TYR GA 56 28.80 103.31 -33.19
C TYR GA 56 29.01 103.69 -34.66
N GLY GA 57 29.25 102.70 -35.49
CA GLY GA 57 29.35 102.90 -36.94
C GLY GA 57 28.04 103.46 -37.48
N SER GA 58 26.93 102.92 -36.98
CA SER GA 58 25.60 103.39 -37.37
C SER GA 58 25.40 104.87 -37.04
N LYS GA 59 25.79 105.28 -35.83
CA LYS GA 59 25.68 106.69 -35.46
C LYS GA 59 26.54 107.60 -36.36
N LEU GA 60 27.78 107.18 -36.60
CA LEU GA 60 28.69 107.94 -37.45
C LEU GA 60 28.18 108.01 -38.88
N PHE GA 61 27.59 106.90 -39.34
CA PHE GA 61 26.97 106.81 -40.66
C PHE GA 61 25.79 107.77 -40.77
N VAL GA 62 24.90 107.73 -39.78
CA VAL GA 62 23.73 108.61 -39.71
C VAL GA 62 24.12 110.10 -39.66
N GLU GA 63 25.12 110.42 -38.83
CA GLU GA 63 25.60 111.80 -38.71
C GLU GA 63 26.24 112.30 -40.02
N LYS GA 64 27.00 111.43 -40.68
CA LYS GA 64 27.61 111.73 -41.97
C LYS GA 64 26.56 112.04 -43.04
N GLN GA 65 25.51 111.22 -43.07
CA GLN GA 65 24.43 111.38 -44.05
C GLN GA 65 23.65 112.67 -43.84
N LYS GA 66 23.56 113.12 -42.59
CA LYS GA 66 22.95 114.41 -42.26
C LYS GA 66 23.80 115.58 -42.78
N ARG GA 67 25.11 115.49 -42.58
CA ARG GA 67 26.06 116.52 -43.05
C ARG GA 67 26.13 116.60 -44.57
N LEU GA 68 25.79 115.50 -45.24
CA LEU GA 68 25.75 115.45 -46.70
C LEU GA 68 24.43 116.00 -47.26
N GLY GA 69 23.47 116.24 -46.37
CA GLY GA 69 22.14 116.72 -46.77
C GLY GA 69 21.27 115.61 -47.34
N LYS GA 70 21.63 114.37 -47.01
CA LYS GA 70 20.87 113.21 -47.48
C LYS GA 70 20.60 112.26 -46.31
N PRO GA 71 19.65 112.65 -45.43
CA PRO GA 71 19.42 111.92 -44.18
C PRO GA 71 18.80 110.55 -44.44
N LEU GA 72 19.18 109.58 -43.61
CA LEU GA 72 18.58 108.25 -43.67
C LEU GA 72 17.26 108.25 -42.93
N ASP GA 73 16.30 107.50 -43.46
CA ASP GA 73 14.99 107.36 -42.82
C ASP GA 73 14.96 106.14 -41.91
N ALA GA 74 15.81 105.16 -42.22
CA ALA GA 74 16.03 103.98 -41.38
C ALA GA 74 17.39 103.39 -41.68
N ILE GA 75 17.84 102.48 -40.82
CA ILE GA 75 19.13 101.81 -40.99
C ILE GA 75 19.03 100.33 -40.63
N ILE GA 76 19.74 99.50 -41.40
CA ILE GA 76 19.83 98.07 -41.14
C ILE GA 76 21.28 97.66 -40.90
N PRO GA 77 21.68 97.54 -39.62
CA PRO GA 77 23.00 97.01 -39.27
C PRO GA 77 23.01 95.49 -39.43
N ILE GA 78 23.90 94.99 -40.28
CA ILE GA 78 23.96 93.57 -40.59
C ILE GA 78 25.27 92.94 -40.11
N GLY GA 79 25.14 91.90 -39.30
CA GLY GA 79 26.30 91.17 -38.78
C GLY GA 79 26.02 89.68 -38.69
N VAL GA 80 27.08 88.89 -38.81
CA VAL GA 80 26.99 87.44 -38.68
C VAL GA 80 27.95 86.98 -37.59
N LEU GA 81 27.44 86.50 -36.50
CA LEU GA 81 28.26 86.00 -35.40
C LEU GA 81 27.97 84.51 -35.19
N ILE GA 82 29.00 83.73 -35.23
CA ILE GA 82 28.98 82.28 -35.03
C ILE GA 82 29.74 81.92 -33.75
N LYS GA 83 29.15 81.04 -32.95
CA LYS GA 83 29.77 80.61 -31.70
C LYS GA 83 30.77 79.48 -31.93
N GLY GA 84 31.50 79.56 -33.04
CA GLY GA 84 32.49 78.55 -33.38
C GLY GA 84 33.83 79.15 -33.75
N CYS GA 93 28.38 89.20 -28.06
CA CYS GA 93 27.29 89.73 -28.88
C CYS GA 93 26.03 90.19 -28.17
N ASP GA 94 25.78 89.67 -26.97
CA ASP GA 94 24.58 90.02 -26.24
C ASP GA 94 24.48 91.53 -26.00
N SER GA 95 25.60 92.15 -25.69
CA SER GA 95 25.61 93.59 -25.46
C SER GA 95 25.22 94.32 -26.74
N THR GA 96 25.74 93.80 -27.89
CA THR GA 96 25.47 94.37 -29.20
C THR GA 96 23.96 94.53 -29.50
N THR GA 97 23.16 93.50 -29.17
CA THR GA 97 21.75 93.54 -29.40
C THR GA 97 21.21 94.66 -28.54
N HIS GA 98 21.86 94.91 -27.41
CA HIS GA 98 21.36 95.96 -26.52
C HIS GA 98 21.57 97.38 -27.04
N GLN GA 99 22.76 97.65 -27.63
CA GLN GA 99 23.05 98.98 -28.20
C GLN GA 99 22.23 99.28 -29.45
N LEU GA 100 22.07 98.27 -30.31
CA LEU GA 100 21.27 98.43 -31.52
C LEU GA 100 19.81 98.74 -31.15
N MET GA 101 19.32 98.08 -30.11
CA MET GA 101 17.99 98.34 -29.57
C MET GA 101 17.85 99.79 -29.10
N LYS GA 102 18.76 100.22 -28.24
CA LYS GA 102 18.79 101.60 -27.72
C LYS GA 102 18.98 102.66 -28.80
N LEU GA 103 19.64 102.28 -29.88
CA LEU GA 103 19.98 103.18 -30.98
C LEU GA 103 18.75 103.75 -31.69
N ASN GA 104 17.66 103.01 -31.66
CA ASN GA 104 16.37 103.47 -32.17
C ASN GA 104 15.99 104.81 -31.54
N PHE GA 105 16.19 104.92 -30.23
CA PHE GA 105 15.79 106.08 -29.46
C PHE GA 105 16.83 107.20 -29.50
N GLU GA 106 18.10 106.83 -29.60
CA GLU GA 106 19.20 107.80 -29.64
C GLU GA 106 19.31 108.48 -31.01
N LEU GA 107 19.12 107.71 -32.08
CA LEU GA 107 19.22 108.24 -33.43
C LEU GA 107 17.92 108.81 -33.97
N GLY GA 108 16.80 108.39 -33.39
CA GLY GA 108 15.48 108.87 -33.80
C GLY GA 108 15.00 108.29 -35.12
N ILE GA 109 15.62 107.20 -35.55
CA ILE GA 109 15.20 106.45 -36.74
C ILE GA 109 15.16 104.95 -36.44
N PRO GA 110 14.29 104.20 -37.14
CA PRO GA 110 14.24 102.74 -36.98
C PRO GA 110 15.58 102.07 -37.25
N VAL GA 111 16.04 101.28 -36.28
CA VAL GA 111 17.24 100.46 -36.43
C VAL GA 111 16.77 99.01 -36.44
N ILE GA 112 16.88 98.37 -37.61
CA ILE GA 112 16.43 96.99 -37.78
C ILE GA 112 17.56 96.03 -37.41
N PHE GA 113 17.26 95.11 -36.50
CA PHE GA 113 18.24 94.15 -36.02
C PHE GA 113 18.57 93.10 -37.07
N GLY GA 114 19.68 93.32 -37.78
CA GLY GA 114 20.13 92.41 -38.83
C GLY GA 114 21.35 91.58 -38.46
N VAL GA 115 21.44 91.20 -37.19
CA VAL GA 115 22.58 90.41 -36.71
C VAL GA 115 22.18 88.96 -36.46
N LEU GA 116 22.81 88.06 -37.21
CA LEU GA 116 22.63 86.63 -37.00
C LEU GA 116 23.51 86.17 -35.84
N THR GA 117 22.89 85.43 -34.91
CA THR GA 117 23.58 84.89 -33.74
C THR GA 117 23.44 83.38 -33.72
N CYS GA 118 24.30 82.70 -34.48
CA CYS GA 118 24.19 81.25 -34.71
C CYS GA 118 25.23 80.44 -33.98
N LEU GA 119 25.01 79.12 -33.95
CA LEU GA 119 25.94 78.19 -33.33
C LEU GA 119 26.82 77.47 -34.36
N THR GA 120 26.31 77.33 -35.58
CA THR GA 120 27.06 76.74 -36.69
C THR GA 120 27.04 77.64 -37.92
N MET GA 135 18.88 82.56 -45.76
CA MET GA 135 19.56 83.78 -45.35
C MET GA 135 19.03 84.96 -46.16
N HIS GA 136 18.81 84.75 -47.45
CA HIS GA 136 18.30 85.81 -48.31
C HIS GA 136 16.92 86.24 -47.84
N ASN GA 137 16.10 85.26 -47.46
CA ASN GA 137 14.75 85.55 -46.97
C ASN GA 137 14.82 86.35 -45.68
N HIS GA 138 15.77 85.98 -44.83
CA HIS GA 138 15.97 86.65 -43.56
C HIS GA 138 16.35 88.09 -43.81
N GLY GA 139 17.20 88.30 -44.80
CA GLY GA 139 17.64 89.63 -45.16
C GLY GA 139 16.49 90.46 -45.68
N GLU GA 140 15.58 89.85 -46.48
CA GLU GA 140 14.42 90.52 -47.04
C GLU GA 140 13.51 90.97 -45.91
N ASP GA 141 13.41 90.09 -44.90
CA ASP GA 141 12.55 90.45 -43.77
C ASP GA 141 13.00 91.79 -43.20
N TRP GA 142 14.28 91.97 -43.03
CA TRP GA 142 14.87 93.21 -42.52
C TRP GA 142 14.62 94.38 -43.44
N GLY GA 143 14.55 94.10 -44.76
CA GLY GA 143 14.21 95.11 -45.76
C GLY GA 143 12.77 95.56 -45.59
N ALA GA 144 11.86 94.60 -45.48
CA ALA GA 144 10.44 94.88 -45.29
C ALA GA 144 10.18 95.66 -44.00
N ALA GA 145 10.87 95.28 -42.94
CA ALA GA 145 10.74 95.92 -41.64
C ALA GA 145 11.13 97.40 -41.69
N ALA GA 146 12.27 97.69 -42.30
CA ALA GA 146 12.79 99.06 -42.42
C ALA GA 146 11.79 100.01 -43.06
N VAL GA 147 11.19 99.57 -44.16
CA VAL GA 147 10.20 100.35 -44.90
C VAL GA 147 8.95 100.61 -44.07
N GLU GA 148 8.43 99.55 -43.44
CA GLU GA 148 7.22 99.65 -42.60
C GLU GA 148 7.43 100.59 -41.39
N MET GA 149 8.54 100.39 -40.68
CA MET GA 149 8.82 101.18 -39.46
C MET GA 149 9.04 102.67 -39.75
N ALA GA 150 9.49 102.98 -40.96
CA ALA GA 150 9.72 104.36 -41.39
C ALA GA 150 8.45 105.04 -41.90
N THR GA 151 7.38 104.26 -42.08
CA THR GA 151 6.18 104.73 -42.77
C THR GA 151 4.90 104.66 -41.93
N LYS GA 152 4.68 103.51 -41.29
CA LYS GA 152 3.42 103.19 -40.62
C LYS GA 152 2.91 104.27 -39.66
N PHE GA 153 3.81 104.90 -38.93
CA PHE GA 153 3.44 105.82 -37.84
C PHE GA 153 3.63 107.30 -38.18
N ASN GA 154 3.82 107.60 -39.46
CA ASN GA 154 4.04 108.97 -39.90
C ASN GA 154 2.76 109.77 -40.06
N LEU GA 155 2.92 110.94 -40.67
CA LEU GA 155 1.82 111.87 -40.92
C LEU GA 155 0.64 111.17 -41.58
N MET HA 1 -14.80 93.43 -11.85
CA MET HA 1 -14.47 94.76 -12.36
C MET HA 1 -14.46 95.79 -11.24
N LYS HA 2 -13.32 95.93 -10.58
CA LYS HA 2 -13.18 96.89 -9.49
C LYS HA 2 -12.27 98.04 -9.91
N TYR HA 3 -11.81 97.95 -11.15
CA TYR HA 3 -11.00 98.96 -11.74
C TYR HA 3 -11.76 99.45 -12.96
N ASP HA 4 -12.28 100.66 -12.85
CA ASP HA 4 -13.11 101.23 -13.91
C ASP HA 4 -12.22 101.71 -15.04
N GLY HA 5 -12.42 101.14 -16.23
CA GLY HA 5 -11.61 101.49 -17.40
C GLY HA 5 -12.36 102.24 -18.49
N SER HA 6 -13.57 102.72 -18.16
CA SER HA 6 -14.45 103.37 -19.12
C SER HA 6 -13.87 104.64 -19.73
N LYS HA 7 -13.06 105.37 -18.95
CA LYS HA 7 -12.46 106.62 -19.41
C LYS HA 7 -11.04 106.44 -19.96
N LEU HA 8 -10.65 105.20 -20.25
CA LEU HA 8 -9.30 104.91 -20.70
C LEU HA 8 -9.21 104.62 -22.20
N ARG HA 9 -8.07 104.91 -22.77
CA ARG HA 9 -7.72 104.50 -24.13
C ARG HA 9 -6.49 103.61 -24.06
N ILE HA 10 -6.63 102.37 -24.50
CA ILE HA 10 -5.56 101.38 -24.42
C ILE HA 10 -5.07 100.95 -25.79
N GLY HA 11 -3.76 101.04 -26.00
CA GLY HA 11 -3.13 100.59 -27.23
C GLY HA 11 -2.63 99.16 -27.11
N ILE HA 12 -2.81 98.40 -28.20
CA ILE HA 12 -2.23 97.07 -28.31
C ILE HA 12 -1.37 97.04 -29.57
N LEU HA 13 -0.07 96.83 -29.39
CA LEU HA 13 0.85 96.67 -30.49
C LEU HA 13 1.36 95.24 -30.50
N HIS HA 14 1.08 94.51 -31.57
CA HIS HA 14 1.50 93.12 -31.64
C HIS HA 14 2.36 92.81 -32.86
N ALA HA 15 3.24 91.84 -32.71
CA ALA HA 15 4.06 91.34 -33.81
C ALA HA 15 3.23 90.42 -34.71
N ARG HA 16 3.78 90.05 -35.86
CA ARG HA 16 3.06 89.22 -36.81
C ARG HA 16 3.56 87.80 -37.03
N TRP HA 17 4.74 87.47 -36.49
CA TRP HA 17 5.22 86.08 -36.51
C TRP HA 17 4.56 85.28 -35.41
N ASN HA 18 4.30 84.00 -35.69
CA ASN HA 18 3.48 83.13 -34.82
C ASN HA 18 2.07 83.71 -34.65
N LEU HA 19 1.44 84.01 -35.79
CA LEU HA 19 0.20 84.81 -35.84
C LEU HA 19 -1.00 84.17 -35.15
N GLU HA 20 -1.12 82.85 -35.27
CA GLU HA 20 -2.22 82.11 -34.64
C GLU HA 20 -2.22 82.31 -33.12
N ILE HA 21 -1.04 82.25 -32.52
CA ILE HA 21 -0.88 82.44 -31.07
C ILE HA 21 -1.03 83.91 -30.70
N ILE HA 22 -0.43 84.78 -31.53
CA ILE HA 22 -0.56 86.23 -31.37
C ILE HA 22 -2.03 86.64 -31.32
N ALA HA 23 -2.82 86.20 -32.29
CA ALA HA 23 -4.23 86.54 -32.39
C ALA HA 23 -5.03 86.20 -31.14
N ALA HA 24 -4.75 85.04 -30.55
CA ALA HA 24 -5.44 84.56 -29.35
C ALA HA 24 -5.10 85.40 -28.12
N LEU HA 25 -3.83 85.79 -27.99
CA LEU HA 25 -3.39 86.67 -26.90
C LEU HA 25 -4.02 88.05 -27.01
N VAL HA 26 -4.08 88.58 -28.24
CA VAL HA 26 -4.74 89.86 -28.50
C VAL HA 26 -6.22 89.76 -28.13
N ALA HA 27 -6.87 88.69 -28.60
CA ALA HA 27 -8.28 88.44 -28.31
C ALA HA 27 -8.57 88.40 -26.81
N GLY HA 28 -7.67 87.79 -26.04
CA GLY HA 28 -7.78 87.73 -24.59
C GLY HA 28 -7.64 89.09 -23.94
N ALA HA 29 -6.65 89.86 -24.39
CA ALA HA 29 -6.43 91.22 -23.90
C ALA HA 29 -7.63 92.11 -24.21
N ILE HA 30 -8.13 92.03 -25.44
CA ILE HA 30 -9.33 92.76 -25.86
C ILE HA 30 -10.54 92.39 -24.99
N LYS HA 31 -10.72 91.09 -24.73
CA LYS HA 31 -11.83 90.60 -23.91
C LYS HA 31 -11.83 91.20 -22.50
N ARG HA 32 -10.70 91.07 -21.80
CA ARG HA 32 -10.58 91.55 -20.42
C ARG HA 32 -10.64 93.08 -20.33
N LEU HA 33 -10.05 93.77 -21.32
CA LEU HA 33 -10.16 95.23 -21.43
C LEU HA 33 -11.61 95.68 -21.40
N GLN HA 34 -12.44 95.07 -22.24
CA GLN HA 34 -13.87 95.40 -22.33
C GLN HA 34 -14.66 95.02 -21.08
N GLU HA 35 -14.20 93.99 -20.36
CA GLU HA 35 -14.82 93.56 -19.12
C GLU HA 35 -14.63 94.59 -17.98
N PHE HA 36 -13.51 95.31 -18.03
CA PHE HA 36 -13.25 96.39 -17.07
C PHE HA 36 -13.86 97.74 -17.51
N GLY HA 37 -14.63 97.72 -18.59
CA GLY HA 37 -15.36 98.90 -19.04
C GLY HA 37 -14.74 99.69 -20.17
N VAL HA 38 -13.55 99.28 -20.63
CA VAL HA 38 -12.88 99.96 -21.74
C VAL HA 38 -13.69 99.73 -23.03
N LYS HA 39 -14.08 100.85 -23.62
CA LYS HA 39 -14.85 100.89 -24.85
C LYS HA 39 -14.07 100.51 -26.07
N ALA HA 40 -14.75 99.94 -27.05
CA ALA HA 40 -14.13 99.50 -28.28
C ALA HA 40 -13.50 100.62 -29.03
N GLU HA 41 -14.13 101.77 -28.99
CA GLU HA 41 -13.60 102.91 -29.69
C GLU HA 41 -12.25 103.21 -29.14
N ASN HA 42 -12.03 102.85 -27.89
CA ASN HA 42 -10.78 103.15 -27.23
C ASN HA 42 -9.71 102.06 -27.17
N ILE HA 43 -9.89 100.99 -27.91
CA ILE HA 43 -8.88 99.95 -28.01
C ILE HA 43 -8.25 100.01 -29.40
N ILE HA 44 -7.01 100.47 -29.47
CA ILE HA 44 -6.32 100.69 -30.73
C ILE HA 44 -5.30 99.59 -30.97
N ILE HA 45 -5.53 98.80 -32.03
CA ILE HA 45 -4.63 97.71 -32.40
C ILE HA 45 -3.77 98.11 -33.59
N GLU HA 46 -2.46 97.94 -33.44
CA GLU HA 46 -1.51 98.17 -34.51
C GLU HA 46 -0.45 97.07 -34.50
N THR HA 47 0.19 96.83 -35.66
CA THR HA 47 1.12 95.72 -35.80
C THR HA 47 2.55 96.15 -36.15
N VAL HA 48 3.50 95.29 -35.82
CA VAL HA 48 4.88 95.41 -36.28
C VAL HA 48 5.35 94.04 -36.81
N PRO HA 49 6.42 94.01 -37.62
CA PRO HA 49 6.90 92.70 -38.12
C PRO HA 49 7.24 91.71 -37.00
N GLY HA 50 8.22 92.07 -36.17
CA GLY HA 50 8.69 91.17 -35.11
C GLY HA 50 8.81 91.82 -33.76
N SER HA 51 9.18 91.03 -32.77
CA SER HA 51 9.30 91.48 -31.38
C SER HA 51 10.39 92.54 -31.16
N PHE HA 52 11.41 92.54 -31.98
CA PHE HA 52 12.46 93.52 -31.86
C PHE HA 52 11.91 94.92 -32.12
N GLU HA 53 10.96 95.04 -33.07
CA GLU HA 53 10.35 96.32 -33.44
C GLU HA 53 9.30 96.80 -32.45
N LEU HA 54 8.98 95.97 -31.46
CA LEU HA 54 7.97 96.32 -30.45
C LEU HA 54 8.31 97.55 -29.60
N PRO HA 55 9.52 97.61 -29.01
CA PRO HA 55 9.88 98.79 -28.22
C PRO HA 55 9.78 100.13 -28.98
N TYR HA 56 10.45 100.24 -30.12
CA TYR HA 56 10.43 101.49 -30.89
C TYR HA 56 9.10 101.73 -31.57
N GLY HA 57 8.44 100.65 -31.97
CA GLY HA 57 7.08 100.72 -32.52
C GLY HA 57 6.13 101.33 -31.50
N SER HA 58 6.28 100.93 -30.24
CA SER HA 58 5.47 101.46 -29.15
C SER HA 58 5.63 102.96 -29.00
N LYS HA 59 6.86 103.45 -29.05
CA LYS HA 59 7.11 104.89 -28.98
C LYS HA 59 6.48 105.64 -30.15
N LEU HA 60 6.66 105.12 -31.35
CA LEU HA 60 6.09 105.73 -32.55
C LEU HA 60 4.57 105.72 -32.53
N PHE HA 61 4.02 104.63 -31.99
CA PHE HA 61 2.58 104.46 -31.82
C PHE HA 61 2.05 105.50 -30.81
N VAL HA 62 2.70 105.60 -29.67
CA VAL HA 62 2.35 106.58 -28.62
C VAL HA 62 2.43 108.02 -29.14
N GLU HA 63 3.52 108.35 -29.85
CA GLU HA 63 3.70 109.68 -30.42
C GLU HA 63 2.63 110.02 -31.46
N LYS HA 64 2.30 109.05 -32.30
CA LYS HA 64 1.25 109.19 -33.32
C LYS HA 64 -0.11 109.48 -32.67
N GLN HA 65 -0.43 108.74 -31.61
CA GLN HA 65 -1.71 108.90 -30.90
C GLN HA 65 -1.82 110.26 -30.22
N LYS HA 66 -0.69 110.82 -29.80
CA LYS HA 66 -0.65 112.18 -29.26
C LYS HA 66 -0.95 113.23 -30.33
N ARG HA 67 -0.34 113.06 -31.51
CA ARG HA 67 -0.56 113.97 -32.64
C ARG HA 67 -1.97 113.91 -33.20
N LEU HA 68 -2.65 112.79 -32.97
CA LEU HA 68 -4.05 112.61 -33.37
C LEU HA 68 -5.01 113.22 -32.37
N GLY HA 69 -4.49 113.59 -31.21
CA GLY HA 69 -5.31 114.13 -30.12
C GLY HA 69 -6.05 113.05 -29.36
N LYS HA 70 -5.57 111.82 -29.46
CA LYS HA 70 -6.18 110.69 -28.78
C LYS HA 70 -5.11 109.87 -28.06
N PRO HA 71 -4.59 110.40 -26.95
CA PRO HA 71 -3.45 109.80 -26.26
C PRO HA 71 -3.79 108.47 -25.63
N LEU HA 72 -2.84 107.55 -25.62
CA LEU HA 72 -3.00 106.26 -24.95
C LEU HA 72 -2.72 106.43 -23.47
N ASP HA 73 -3.47 105.71 -22.64
CA ASP HA 73 -3.28 105.74 -21.19
C ASP HA 73 -2.35 104.61 -20.76
N ALA HA 74 -2.32 103.54 -21.58
CA ALA HA 74 -1.39 102.43 -21.39
C ALA HA 74 -1.21 101.71 -22.73
N ILE HA 75 -0.19 100.84 -22.79
CA ILE HA 75 0.09 100.08 -23.99
C ILE HA 75 0.49 98.63 -23.64
N ILE HA 76 0.03 97.69 -24.46
CA ILE HA 76 0.39 96.28 -24.33
C ILE HA 76 1.09 95.79 -25.60
N PRO HA 77 2.44 95.75 -25.56
CA PRO HA 77 3.21 95.15 -26.65
C PRO HA 77 3.16 93.62 -26.57
N ILE HA 78 2.66 92.99 -27.61
CA ILE HA 78 2.49 91.54 -27.62
C ILE HA 78 3.38 90.86 -28.65
N GLY HA 79 4.18 89.91 -28.18
CA GLY HA 79 5.07 89.14 -29.04
C GLY HA 79 5.16 87.69 -28.60
N VAL HA 80 5.42 86.81 -29.57
CA VAL HA 80 5.60 85.39 -29.29
C VAL HA 80 6.97 84.96 -29.81
N LEU HA 81 7.86 84.60 -28.93
CA LEU HA 81 9.18 84.14 -29.31
C LEU HA 81 9.38 82.72 -28.83
N ILE HA 82 9.72 81.85 -29.76
CA ILE HA 82 9.98 80.43 -29.53
C ILE HA 82 11.46 80.13 -29.82
N LYS HA 83 12.09 79.36 -28.94
CA LYS HA 83 13.49 78.97 -29.09
C LYS HA 83 13.72 78.17 -30.36
N CYS HA 93 15.98 87.95 -27.46
CA CYS HA 93 14.83 88.49 -26.74
C CYS HA 93 15.07 89.10 -25.36
N ASP HA 94 16.16 88.71 -24.71
CA ASP HA 94 16.44 89.21 -23.38
C ASP HA 94 16.55 90.74 -23.37
N SER HA 95 17.18 91.30 -24.39
CA SER HA 95 17.31 92.75 -24.48
C SER HA 95 15.92 93.39 -24.58
N THR HA 96 15.06 92.74 -25.42
CA THR HA 96 13.70 93.22 -25.62
C THR HA 96 12.93 93.46 -24.31
N THR HA 97 13.05 92.53 -23.35
CA THR HA 97 12.38 92.67 -22.08
C THR HA 97 12.95 93.89 -21.42
N HIS HA 98 14.21 94.18 -21.71
CA HIS HA 98 14.84 95.34 -21.07
C HIS HA 98 14.34 96.69 -21.58
N GLN HA 99 14.13 96.82 -22.90
CA GLN HA 99 13.61 98.07 -23.46
C GLN HA 99 12.15 98.30 -23.11
N LEU HA 100 11.34 97.26 -23.13
CA LEU HA 100 9.93 97.38 -22.75
C LEU HA 100 9.80 97.81 -21.29
N MET HA 101 10.68 97.28 -20.45
CA MET HA 101 10.75 97.70 -19.04
C MET HA 101 11.07 99.19 -18.90
N LYS HA 102 12.13 99.63 -19.57
CA LYS HA 102 12.57 101.03 -19.58
C LYS HA 102 11.54 101.98 -20.18
N LEU HA 103 10.73 101.45 -21.10
CA LEU HA 103 9.76 102.23 -21.85
C LEU HA 103 8.67 102.83 -20.97
N ASN HA 104 8.38 102.17 -19.85
CA ASN HA 104 7.48 102.70 -18.82
C ASN HA 104 7.88 104.11 -18.41
N PHE HA 105 9.17 104.31 -18.21
CA PHE HA 105 9.71 105.57 -17.70
C PHE HA 105 9.93 106.60 -18.81
N GLU HA 106 10.26 106.12 -20.00
CA GLU HA 106 10.50 106.99 -21.14
C GLU HA 106 9.21 107.54 -21.75
N LEU HA 107 8.18 106.71 -21.82
CA LEU HA 107 6.89 107.09 -22.40
C LEU HA 107 5.95 107.72 -21.39
N GLY HA 108 6.17 107.44 -20.10
CA GLY HA 108 5.33 107.98 -19.03
C GLY HA 108 3.96 107.32 -18.92
N ILE HA 109 3.81 106.15 -19.54
CA ILE HA 109 2.60 105.34 -19.43
C ILE HA 109 2.97 103.88 -19.14
N PRO HA 110 2.06 103.13 -18.47
CA PRO HA 110 2.30 101.71 -18.22
C PRO HA 110 2.49 100.91 -19.51
N VAL HA 111 3.59 100.18 -19.57
CA VAL HA 111 3.89 99.26 -20.67
C VAL HA 111 3.82 97.85 -20.09
N ILE HA 112 2.78 97.12 -20.48
CA ILE HA 112 2.57 95.77 -19.98
C ILE HA 112 3.32 94.74 -20.83
N PHE HA 113 4.15 93.94 -20.17
CA PHE HA 113 4.96 92.95 -20.86
C PHE HA 113 4.14 91.78 -21.40
N GLY HA 114 3.80 91.87 -22.69
CA GLY HA 114 3.00 90.85 -23.34
C GLY HA 114 3.79 89.96 -24.29
N VAL HA 115 5.04 89.68 -23.96
CA VAL HA 115 5.90 88.85 -24.80
C VAL HA 115 6.11 87.45 -24.21
N LEU HA 116 5.64 86.45 -24.93
CA LEU HA 116 5.86 85.06 -24.56
C LEU HA 116 7.26 84.63 -24.98
N THR HA 117 7.98 84.04 -24.04
CA THR HA 117 9.35 83.55 -24.28
C THR HA 117 9.40 82.05 -23.99
N CYS HA 118 9.01 81.26 -24.97
CA CYS HA 118 8.83 79.81 -24.79
C CYS HA 118 9.91 78.97 -25.47
N MET HA 135 -3.41 80.55 -23.34
CA MET HA 135 -2.88 81.74 -23.98
C MET HA 135 -3.88 82.89 -23.85
N HIS HA 136 -5.15 82.58 -24.01
CA HIS HA 136 -6.19 83.59 -23.91
C HIS HA 136 -6.20 84.18 -22.50
N ASN HA 137 -6.06 83.30 -21.51
CA ASN HA 137 -6.04 83.73 -20.11
C ASN HA 137 -4.84 84.63 -19.85
N HIS HA 138 -3.71 84.26 -20.45
CA HIS HA 138 -2.49 85.02 -20.30
C HIS HA 138 -2.69 86.41 -20.88
N GLY HA 139 -3.36 86.46 -22.03
CA GLY HA 139 -3.65 87.72 -22.69
C GLY HA 139 -4.56 88.58 -21.85
N GLU HA 140 -5.56 87.98 -21.17
CA GLU HA 140 -6.50 88.68 -20.32
C GLU HA 140 -5.75 89.30 -19.15
N ASP HA 141 -4.77 88.52 -18.64
CA ASP HA 141 -3.99 89.04 -17.53
C ASP HA 141 -3.38 90.38 -17.91
N TRP HA 142 -2.82 90.48 -19.07
CA TRP HA 142 -2.21 91.70 -19.60
C TRP HA 142 -3.23 92.81 -19.77
N GLY HA 143 -4.48 92.43 -20.07
CA GLY HA 143 -5.59 93.36 -20.14
C GLY HA 143 -5.91 93.94 -18.78
N ALA HA 144 -6.03 93.06 -17.80
CA ALA HA 144 -6.32 93.46 -16.41
C ALA HA 144 -5.23 94.37 -15.85
N ALA HA 145 -3.97 94.03 -16.14
CA ALA HA 145 -2.82 94.79 -15.67
C ALA HA 145 -2.83 96.23 -16.20
N ALA HA 146 -3.09 96.37 -17.50
CA ALA HA 146 -3.10 97.68 -18.16
C ALA HA 146 -4.08 98.64 -17.51
N VAL HA 147 -5.29 98.16 -17.25
CA VAL HA 147 -6.35 98.95 -16.61
C VAL HA 147 -5.97 99.37 -15.19
N GLU HA 148 -5.48 98.42 -14.40
CA GLU HA 148 -5.06 98.68 -13.02
C GLU HA 148 -3.91 99.70 -12.93
N MET HA 149 -2.86 99.49 -13.74
CA MET HA 149 -1.68 100.36 -13.70
C MET HA 149 -1.97 101.79 -14.15
N ALA HA 150 -2.99 101.96 -14.98
CA ALA HA 150 -3.40 103.27 -15.48
C ALA HA 150 -4.34 104.00 -14.50
N THR HA 151 -4.80 103.30 -13.47
CA THR HA 151 -5.86 103.80 -12.59
C THR HA 151 -5.46 103.90 -11.12
N LYS HA 152 -4.86 102.83 -10.60
CA LYS HA 152 -4.59 102.67 -9.16
C LYS HA 152 -3.91 103.86 -8.49
N PHE HA 153 -2.96 104.48 -9.19
CA PHE HA 153 -2.11 105.50 -8.59
C PHE HA 153 -2.46 106.94 -9.02
N ASN HA 154 -3.63 107.11 -9.64
CA ASN HA 154 -4.07 108.40 -10.12
C ASN HA 154 -4.70 109.27 -9.05
N LEU HA 155 -5.20 110.41 -9.49
CA LEU HA 155 -5.85 111.38 -8.60
C LEU HA 155 -6.82 110.71 -7.64
N TYR IA 3 43.00 102.98 -45.43
CA TYR IA 3 42.83 104.03 -44.42
C TYR IA 3 44.16 104.65 -44.00
N ASP IA 4 44.27 105.97 -44.23
CA ASP IA 4 45.44 106.74 -43.84
C ASP IA 4 45.32 107.13 -42.38
N GLY IA 5 46.27 106.69 -41.56
CA GLY IA 5 46.25 106.97 -40.13
C GLY IA 5 47.34 107.91 -39.66
N SER IA 6 48.02 108.56 -40.61
CA SER IA 6 49.17 109.42 -40.32
C SER IA 6 48.84 110.62 -39.43
N LYS IA 7 47.62 111.13 -39.55
CA LYS IA 7 47.20 112.30 -38.78
C LYS IA 7 46.42 111.92 -37.50
N LEU IA 8 46.51 110.66 -37.10
CA LEU IA 8 45.75 110.18 -35.95
C LEU IA 8 46.61 109.97 -34.70
N ARG IA 9 45.97 110.11 -33.54
CA ARG IA 9 46.58 109.73 -32.27
C ARG IA 9 45.72 108.65 -31.64
N ILE IA 10 46.31 107.48 -31.42
CA ILE IA 10 45.57 106.33 -30.92
C ILE IA 10 46.07 105.92 -29.52
N GLY IA 11 45.13 105.79 -28.60
CA GLY IA 11 45.44 105.33 -27.26
C GLY IA 11 45.22 103.84 -27.11
N ILE IA 12 46.13 103.19 -26.37
CA ILE IA 12 45.96 101.79 -26.00
C ILE IA 12 46.03 101.70 -24.48
N LEU IA 13 44.92 101.26 -23.88
CA LEU IA 13 44.88 101.04 -22.44
C LEU IA 13 44.72 99.54 -22.20
N HIS IA 14 45.71 98.94 -21.54
CA HIS IA 14 45.66 97.50 -21.28
C HIS IA 14 45.75 97.14 -19.82
N ALA IA 15 45.12 96.03 -19.47
CA ALA IA 15 45.20 95.48 -18.12
C ALA IA 15 46.55 94.77 -17.92
N ARG IA 16 46.85 94.39 -16.67
CA ARG IA 16 48.14 93.76 -16.37
C ARG IA 16 48.03 92.28 -16.00
N TRP IA 17 46.81 91.77 -15.82
CA TRP IA 17 46.61 90.33 -15.59
C TRP IA 17 46.73 89.55 -16.90
N ASN IA 18 47.33 88.37 -16.82
CA ASN IA 18 47.70 87.56 -18.00
C ASN IA 18 48.62 88.36 -18.93
N LEU IA 19 49.73 88.84 -18.38
CA LEU IA 19 50.59 89.83 -19.03
C LEU IA 19 51.25 89.35 -20.32
N GLU IA 20 51.65 88.09 -20.36
CA GLU IA 20 52.29 87.51 -21.54
C GLU IA 20 51.37 87.60 -22.76
N ILE IA 21 50.08 87.30 -22.55
CA ILE IA 21 49.08 87.36 -23.61
C ILE IA 21 48.73 88.81 -23.94
N ILE IA 22 48.58 89.63 -22.90
CA ILE IA 22 48.34 91.06 -23.03
C ILE IA 22 49.40 91.72 -23.92
N ALA IA 23 50.67 91.47 -23.61
CA ALA IA 23 51.79 92.05 -24.34
C ALA IA 23 51.75 91.76 -25.84
N ALA IA 24 51.39 90.53 -26.19
CA ALA IA 24 51.32 90.10 -27.59
C ALA IA 24 50.18 90.79 -28.36
N LEU IA 25 49.03 90.94 -27.70
CA LEU IA 25 47.89 91.66 -28.29
C LEU IA 25 48.21 93.13 -28.50
N VAL IA 26 48.87 93.75 -27.53
CA VAL IA 26 49.33 95.14 -27.64
C VAL IA 26 50.30 95.26 -28.81
N ALA IA 27 51.28 94.35 -28.86
CA ALA IA 27 52.27 94.32 -29.94
C ALA IA 27 51.64 94.23 -31.32
N GLY IA 28 50.58 93.43 -31.44
CA GLY IA 28 49.83 93.28 -32.67
C GLY IA 28 49.10 94.56 -33.07
N ALA IA 29 48.44 95.18 -32.08
CA ALA IA 29 47.75 96.45 -32.29
C ALA IA 29 48.72 97.55 -32.71
N ILE IA 30 49.85 97.63 -32.00
CA ILE IA 30 50.92 98.58 -32.33
C ILE IA 30 51.44 98.36 -33.77
N LYS IA 31 51.66 97.10 -34.14
CA LYS IA 31 52.14 96.74 -35.48
C LYS IA 31 51.20 97.24 -36.58
N ARG IA 32 49.93 96.87 -36.51
CA ARG IA 32 48.94 97.24 -37.52
C ARG IA 32 48.66 98.74 -37.56
N LEU IA 33 48.67 99.38 -36.39
CA LEU IA 33 48.56 100.84 -36.30
C LEU IA 33 49.61 101.53 -37.15
N GLN IA 34 50.86 101.13 -36.99
CA GLN IA 34 51.98 101.69 -37.74
C GLN IA 34 51.94 101.37 -39.23
N GLU IA 35 51.33 100.24 -39.59
CA GLU IA 35 51.18 99.82 -40.98
C GLU IA 35 50.19 100.73 -41.74
N PHE IA 36 49.20 101.26 -41.02
CA PHE IA 36 48.25 102.21 -41.58
C PHE IA 36 48.74 103.67 -41.52
N GLY IA 37 49.99 103.85 -41.11
CA GLY IA 37 50.63 105.17 -41.12
C GLY IA 37 50.66 105.92 -39.80
N VAL IA 38 50.06 105.35 -38.76
CA VAL IA 38 50.07 105.98 -37.43
C VAL IA 38 51.49 105.99 -36.85
N LYS IA 39 51.93 107.21 -36.62
CA LYS IA 39 53.25 107.53 -36.10
C LYS IA 39 53.44 107.14 -34.67
N ALA IA 40 54.68 106.83 -34.34
CA ALA IA 40 55.03 106.38 -33.00
C ALA IA 40 54.73 107.39 -31.94
N GLU IA 41 54.96 108.65 -32.23
CA GLU IA 41 54.71 109.67 -31.24
C GLU IA 41 53.24 109.64 -30.91
N ASN IA 42 52.43 109.13 -31.83
CA ASN IA 42 51.01 109.12 -31.65
C ASN IA 42 50.34 107.87 -31.09
N ILE IA 43 51.12 106.91 -30.65
CA ILE IA 43 50.55 105.72 -30.02
C ILE IA 43 50.86 105.78 -28.52
N ILE IA 44 49.83 106.02 -27.73
CA ILE IA 44 50.00 106.21 -26.28
C ILE IA 44 49.52 104.97 -25.53
N ILE IA 45 50.46 104.30 -24.86
CA ILE IA 45 50.15 103.11 -24.07
C ILE IA 45 50.10 103.43 -22.58
N GLU IA 46 49.00 103.04 -21.95
CA GLU IA 46 48.83 103.18 -20.51
C GLU IA 46 48.18 101.91 -19.95
N THR IA 47 48.39 101.65 -18.65
CA THR IA 47 47.94 100.41 -18.03
C THR IA 47 46.93 100.62 -16.90
N VAL IA 48 46.13 99.59 -16.64
CA VAL IA 48 45.28 99.50 -15.45
C VAL IA 48 45.47 98.12 -14.82
N PRO IA 49 45.10 97.96 -13.53
CA PRO IA 49 45.25 96.64 -12.91
C PRO IA 49 44.49 95.52 -13.65
N GLY IA 50 43.16 95.65 -13.73
CA GLY IA 50 42.34 94.63 -14.36
C GLY IA 50 41.32 95.15 -15.34
N SER IA 51 40.59 94.23 -15.96
CA SER IA 51 39.60 94.56 -16.98
C SER IA 51 38.44 95.42 -16.49
N PHE IA 52 38.11 95.34 -15.21
CA PHE IA 52 37.04 96.14 -14.65
C PHE IA 52 37.38 97.62 -14.71
N GLU IA 53 38.67 97.90 -14.50
CA GLU IA 53 39.13 99.29 -14.50
C GLU IA 53 39.31 99.87 -15.90
N LEU IA 54 39.12 99.05 -16.92
CA LEU IA 54 39.27 99.49 -18.31
C LEU IA 54 38.30 100.59 -18.74
N PRO IA 55 36.97 100.41 -18.51
CA PRO IA 55 36.02 101.45 -18.89
C PRO IA 55 36.31 102.83 -18.28
N TYR IA 56 36.42 102.91 -16.95
CA TYR IA 56 36.67 104.19 -16.29
C TYR IA 56 38.09 104.71 -16.50
N GLY IA 57 39.04 103.77 -16.63
CA GLY IA 57 40.41 104.11 -16.98
C GLY IA 57 40.46 104.80 -18.32
N SER IA 58 39.68 104.29 -19.26
CA SER IA 58 39.60 104.87 -20.61
C SER IA 58 39.12 106.33 -20.57
N LYS IA 59 38.08 106.60 -19.78
CA LYS IA 59 37.59 107.97 -19.63
C LYS IA 59 38.65 108.89 -19.02
N LEU IA 60 39.30 108.42 -17.96
CA LEU IA 60 40.34 109.20 -17.30
C LEU IA 60 41.53 109.44 -18.22
N PHE IA 61 41.85 108.42 -19.01
CA PHE IA 61 42.91 108.49 -20.02
C PHE IA 61 42.58 109.53 -21.09
N VAL IA 62 41.36 109.45 -21.63
CA VAL IA 62 40.86 110.39 -22.64
C VAL IA 62 40.84 111.84 -22.11
N GLU IA 63 40.34 112.02 -20.88
CA GLU IA 63 40.29 113.35 -20.26
C GLU IA 63 41.70 113.93 -20.03
N LYS IA 64 42.62 113.08 -19.59
CA LYS IA 64 44.02 113.47 -19.38
C LYS IA 64 44.67 113.95 -20.68
N GLN IA 65 44.42 113.20 -21.75
CA GLN IA 65 44.99 113.51 -23.07
C GLN IA 65 44.46 114.83 -23.63
N LYS IA 66 43.22 115.17 -23.28
CA LYS IA 66 42.62 116.46 -23.63
C LYS IA 66 43.30 117.60 -22.89
N ARG IA 67 43.54 117.42 -21.60
CA ARG IA 67 44.20 118.42 -20.76
C ARG IA 67 45.67 118.64 -21.14
N LEU IA 68 46.27 117.64 -21.78
CA LEU IA 68 47.64 117.73 -22.28
C LEU IA 68 47.71 118.41 -23.64
N GLY IA 69 46.56 118.62 -24.26
CA GLY IA 69 46.49 119.22 -25.58
C GLY IA 69 46.81 118.23 -26.68
N LYS IA 70 46.71 116.94 -26.37
CA LYS IA 70 47.00 115.88 -27.33
C LYS IA 70 45.87 114.85 -27.31
N PRO IA 71 44.70 115.21 -27.89
CA PRO IA 71 43.50 114.37 -27.79
C PRO IA 71 43.64 113.08 -28.59
N LEU IA 72 43.05 112.02 -28.07
CA LEU IA 72 43.01 110.74 -28.75
C LEU IA 72 41.89 110.75 -29.78
N ASP IA 73 42.12 110.13 -30.93
CA ASP IA 73 41.12 110.01 -31.97
C ASP IA 73 40.33 108.71 -31.84
N ALA IA 74 40.97 107.71 -31.21
CA ALA IA 74 40.33 106.46 -30.85
C ALA IA 74 41.09 105.80 -29.71
N ILE IA 75 40.47 104.79 -29.10
CA ILE IA 75 41.09 104.07 -27.99
C ILE IA 75 40.83 102.56 -28.11
N ILE IA 76 41.82 101.77 -27.75
CA ILE IA 76 41.72 100.31 -27.72
C ILE IA 76 41.97 99.79 -26.30
N PRO IA 77 40.89 99.53 -25.53
CA PRO IA 77 41.02 98.88 -24.23
C PRO IA 77 41.28 97.38 -24.40
N ILE IA 78 42.40 96.92 -23.88
CA ILE IA 78 42.81 95.52 -24.04
C ILE IA 78 42.81 94.77 -22.71
N GLY IA 79 42.08 93.67 -22.67
CA GLY IA 79 42.00 92.82 -21.48
C GLY IA 79 41.93 91.34 -21.84
N VAL IA 80 42.45 90.50 -20.95
CA VAL IA 80 42.38 89.06 -21.13
C VAL IA 80 41.69 88.44 -19.93
N LEU IA 81 40.53 87.89 -20.06
CA LEU IA 81 39.79 87.25 -18.99
C LEU IA 81 39.60 85.77 -19.32
N ILE IA 82 40.01 84.92 -18.39
CA ILE IA 82 39.91 83.49 -18.54
C ILE IA 82 38.98 82.94 -17.47
N LYS IA 83 38.09 82.03 -17.87
CA LYS IA 83 37.14 81.42 -16.94
C LYS IA 83 37.84 80.67 -15.81
N CYS IA 93 32.65 89.74 -16.35
CA CYS IA 93 33.06 90.41 -17.60
C CYS IA 93 31.95 90.88 -18.53
N ASP IA 94 30.78 90.26 -18.44
CA ASP IA 94 29.68 90.61 -19.33
C ASP IA 94 29.32 92.09 -19.23
N SER IA 95 29.33 92.62 -18.00
CA SER IA 95 29.02 94.03 -17.80
C SER IA 95 30.06 94.89 -18.51
N THR IA 96 31.34 94.45 -18.39
CA THR IA 96 32.46 95.16 -19.01
C THR IA 96 32.25 95.43 -20.51
N THR IA 97 31.76 94.44 -21.25
CA THR IA 97 31.52 94.59 -22.66
C THR IA 97 30.47 95.65 -22.81
N HIS IA 98 29.59 95.75 -21.82
CA HIS IA 98 28.52 96.74 -21.92
C HIS IA 98 28.98 98.19 -21.76
N GLN IA 99 29.88 98.44 -20.79
CA GLN IA 99 30.42 99.78 -20.58
C GLN IA 99 31.33 100.25 -21.71
N LEU IA 100 32.16 99.35 -22.22
CA LEU IA 100 33.04 99.68 -23.34
C LEU IA 100 32.20 100.03 -24.57
N MET IA 101 31.11 99.31 -24.77
CA MET IA 101 30.16 99.60 -25.85
C MET IA 101 29.57 101.02 -25.70
N LYS IA 102 29.03 101.31 -24.54
CA LYS IA 102 28.45 102.61 -24.22
C LYS IA 102 29.45 103.77 -24.28
N LEU IA 103 30.72 103.45 -24.02
CA LEU IA 103 31.79 104.43 -23.95
C LEU IA 103 32.03 105.14 -25.28
N ASN IA 104 31.72 104.45 -26.39
CA ASN IA 104 31.75 105.06 -27.72
C ASN IA 104 30.94 106.35 -27.76
N PHE IA 105 29.77 106.32 -27.16
CA PHE IA 105 28.83 107.43 -27.20
C PHE IA 105 29.11 108.48 -26.13
N GLU IA 106 29.63 108.03 -24.98
CA GLU IA 106 29.96 108.93 -23.88
C GLU IA 106 31.24 109.73 -24.13
N LEU IA 107 32.24 109.08 -24.71
CA LEU IA 107 33.53 109.72 -24.98
C LEU IA 107 33.58 110.43 -26.33
N GLY IA 108 32.69 110.02 -27.25
CA GLY IA 108 32.64 110.62 -28.59
C GLY IA 108 33.78 110.21 -29.50
N ILE IA 109 34.46 109.12 -29.14
CA ILE IA 109 35.50 108.52 -29.98
C ILE IA 109 35.30 107.00 -30.06
N PRO IA 110 35.75 106.38 -31.17
CA PRO IA 110 35.67 104.92 -31.29
C PRO IA 110 36.41 104.19 -30.17
N VAL IA 111 35.70 103.28 -29.51
CA VAL IA 111 36.26 102.41 -28.49
C VAL IA 111 36.23 101.00 -29.06
N ILE IA 112 37.41 100.47 -29.38
CA ILE IA 112 37.53 99.14 -29.98
C ILE IA 112 37.60 98.07 -28.89
N PHE IA 113 36.71 97.09 -28.98
CA PHE IA 113 36.63 96.03 -27.98
C PHE IA 113 37.82 95.07 -28.08
N GLY IA 114 38.82 95.29 -27.24
CA GLY IA 114 40.01 94.46 -27.22
C GLY IA 114 40.11 93.51 -26.02
N VAL IA 115 38.96 93.00 -25.58
CA VAL IA 115 38.92 92.11 -24.43
C VAL IA 115 38.66 90.67 -24.85
N LEU IA 116 39.62 89.80 -24.58
CA LEU IA 116 39.47 88.37 -24.80
C LEU IA 116 38.68 87.74 -23.66
N THR IA 117 37.67 86.97 -24.01
CA THR IA 117 36.82 86.28 -23.06
C THR IA 117 36.86 84.78 -23.32
N CYS IA 118 37.89 84.12 -22.78
CA CYS IA 118 38.18 82.72 -23.10
C CYS IA 118 37.87 81.76 -21.96
N LEU IA 119 37.86 80.48 -22.27
CA LEU IA 119 37.64 79.43 -21.28
C LEU IA 119 38.94 78.76 -20.83
N THR IA 120 39.95 78.77 -21.71
CA THR IA 120 41.27 78.24 -21.39
C THR IA 120 42.36 79.26 -21.71
N ASP IA 121 43.55 79.04 -21.15
CA ASP IA 121 44.73 79.87 -21.47
C ASP IA 121 45.10 79.72 -22.95
N GLU IA 122 45.01 78.49 -23.44
CA GLU IA 122 45.33 78.15 -24.83
C GLU IA 122 44.51 78.97 -25.83
N GLN IA 123 43.23 79.13 -25.56
CA GLN IA 123 42.32 79.91 -26.40
C GLN IA 123 42.77 81.36 -26.50
N ALA IA 124 43.18 81.94 -25.37
CA ALA IA 124 43.69 83.30 -25.33
C ALA IA 124 45.01 83.42 -26.08
N MET IA 135 46.88 85.35 -31.38
CA MET IA 135 46.63 86.49 -30.50
C MET IA 135 47.14 87.77 -31.15
N HIS IA 136 48.31 87.69 -31.78
CA HIS IA 136 48.88 88.85 -32.44
C HIS IA 136 47.96 89.32 -33.56
N ASN IA 137 47.43 88.36 -34.30
CA ASN IA 137 46.52 88.67 -35.41
C ASN IA 137 45.26 89.35 -34.88
N HIS IA 138 44.78 88.84 -33.75
CA HIS IA 138 43.58 89.38 -33.11
C HIS IA 138 43.85 90.82 -32.70
N GLY IA 139 45.04 91.07 -32.18
CA GLY IA 139 45.44 92.40 -31.76
C GLY IA 139 45.50 93.34 -32.95
N GLU IA 140 46.01 92.86 -34.10
CA GLU IA 140 46.13 93.63 -35.32
C GLU IA 140 44.74 94.04 -35.79
N ASP IA 141 43.81 93.07 -35.66
CA ASP IA 141 42.45 93.38 -36.08
C ASP IA 141 41.96 94.63 -35.37
N TRP IA 142 42.19 94.78 -34.10
CA TRP IA 142 41.78 95.91 -33.27
C TRP IA 142 42.51 97.19 -33.69
N GLY IA 143 43.74 97.04 -34.19
CA GLY IA 143 44.50 98.16 -34.73
C GLY IA 143 43.86 98.69 -35.99
N ALA IA 144 43.54 97.78 -36.92
CA ALA IA 144 42.88 98.13 -38.18
C ALA IA 144 41.53 98.80 -37.95
N ALA IA 145 40.77 98.28 -37.00
CA ALA IA 145 39.45 98.80 -36.67
C ALA IA 145 39.51 100.24 -36.18
N ALA IA 146 40.45 100.52 -35.26
CA ALA IA 146 40.62 101.85 -34.68
C ALA IA 146 40.85 102.94 -35.75
N VAL IA 147 41.73 102.63 -36.69
CA VAL IA 147 42.07 103.54 -37.79
C VAL IA 147 40.86 103.80 -38.69
N GLU IA 148 40.17 102.73 -39.09
CA GLU IA 148 38.98 102.82 -39.94
C GLU IA 148 37.85 103.62 -39.29
N MET IA 149 37.53 103.30 -38.05
CA MET IA 149 36.43 103.94 -37.34
C MET IA 149 36.67 105.44 -37.08
N ALA IA 150 37.93 105.82 -37.01
CA ALA IA 150 38.30 107.22 -36.79
C ALA IA 150 38.34 108.03 -38.10
N THR IA 151 38.23 107.34 -39.23
CA THR IA 151 38.47 107.95 -40.54
C THR IA 151 37.28 107.88 -41.49
N LYS IA 152 36.68 106.70 -41.60
CA LYS IA 152 35.66 106.40 -42.62
C LYS IA 152 34.51 107.41 -42.72
N PHE IA 153 34.07 107.91 -41.57
CA PHE IA 153 32.87 108.74 -41.50
C PHE IA 153 33.13 110.24 -41.29
N ASN IA 154 34.39 110.61 -41.47
CA ASN IA 154 34.85 111.98 -41.33
C ASN IA 154 34.72 112.69 -42.68
N LEU IA 155 35.36 113.83 -42.81
CA LEU IA 155 35.30 114.58 -44.06
C LEU IA 155 36.73 114.78 -44.52
N GLU IA 156 37.32 113.70 -44.99
CA GLU IA 156 38.69 113.66 -45.48
C GLU IA 156 38.72 113.45 -47.00
N MET JA 3 24.82 102.26 25.61
CA MET JA 3 26.20 101.84 25.49
C MET JA 3 26.34 100.65 24.55
N LYS JA 4 27.29 100.70 23.63
CA LYS JA 4 27.56 99.57 22.76
C LYS JA 4 28.02 98.36 23.56
N GLU JA 5 27.71 97.16 23.07
CA GLU JA 5 28.21 95.94 23.69
C GLU JA 5 29.71 95.84 23.43
N LYS JA 6 30.45 95.35 24.41
CA LYS JA 6 31.91 95.31 24.28
C LYS JA 6 32.43 93.92 23.88
N PHE JA 7 33.62 93.89 23.30
CA PHE JA 7 34.25 92.63 22.94
C PHE JA 7 35.68 92.73 23.45
N VAL JA 8 36.16 91.69 24.14
CA VAL JA 8 37.50 91.72 24.70
C VAL JA 8 38.42 90.77 23.92
N LEU JA 9 39.51 91.31 23.39
CA LEU JA 9 40.46 90.49 22.67
C LEU JA 9 41.70 90.40 23.55
N ILE JA 10 42.10 89.19 23.90
CA ILE JA 10 43.32 89.00 24.71
C ILE JA 10 44.46 88.58 23.79
N ILE JA 11 45.55 89.36 23.79
CA ILE JA 11 46.67 89.05 22.91
C ILE JA 11 47.91 88.93 23.80
N THR JA 12 48.54 87.77 23.79
CA THR JA 12 49.63 87.48 24.70
C THR JA 12 50.66 86.55 24.08
N HIS JA 13 51.77 86.35 24.78
CA HIS JA 13 52.73 85.32 24.40
C HIS JA 13 52.22 83.91 24.73
N GLY JA 14 52.45 82.97 23.82
CA GLY JA 14 52.07 81.57 24.06
C GLY JA 14 50.65 81.39 24.59
N ASP JA 15 50.48 80.44 25.49
CA ASP JA 15 49.16 80.09 26.01
C ASP JA 15 48.73 80.94 27.19
N PHE JA 16 49.38 82.07 27.42
CA PHE JA 16 49.05 82.87 28.59
C PHE JA 16 47.58 83.33 28.55
N GLY JA 17 47.18 83.94 27.44
CA GLY JA 17 45.80 84.43 27.32
C GLY JA 17 44.77 83.31 27.42
N LYS JA 18 45.12 82.16 26.74
CA LYS JA 18 44.23 81.00 26.74
C LYS JA 18 44.05 80.47 28.16
N GLY JA 19 45.14 80.48 28.95
CA GLY JA 19 45.10 80.01 30.33
C GLY JA 19 44.45 81.01 31.28
N LEU JA 20 44.72 82.30 31.06
CA LEU JA 20 44.11 83.34 31.88
C LEU JA 20 42.59 83.30 31.75
N LEU JA 21 42.11 83.15 30.52
CA LEU JA 21 40.65 83.07 30.30
C LEU JA 21 40.07 81.82 30.98
N SER JA 22 40.70 80.68 30.78
CA SER JA 22 40.34 79.42 31.47
C SER JA 22 40.19 79.63 32.97
N GLY JA 23 41.21 80.22 33.59
CA GLY JA 23 41.22 80.54 35.01
C GLY JA 23 40.08 81.44 35.44
N ALA JA 24 39.87 82.53 34.69
CA ALA JA 24 38.75 83.43 34.97
C ALA JA 24 37.42 82.69 34.88
N GLU JA 25 37.31 81.78 33.92
CA GLU JA 25 36.04 81.09 33.70
C GLU JA 25 35.73 80.08 34.81
N VAL JA 26 36.77 79.58 35.48
CA VAL JA 26 36.56 78.80 36.73
C VAL JA 26 35.84 79.66 37.76
N ILE JA 27 36.18 80.95 37.81
CA ILE JA 27 35.62 81.86 38.77
C ILE JA 27 34.22 82.35 38.37
N ILE JA 28 34.07 82.84 37.14
CA ILE JA 28 32.83 83.53 36.73
C ILE JA 28 32.01 82.87 35.61
N GLY JA 29 32.40 81.66 35.25
CA GLY JA 29 31.69 80.93 34.20
C GLY JA 29 32.13 81.26 32.79
N LYS JA 30 31.65 80.46 31.83
CA LYS JA 30 32.05 80.59 30.43
C LYS JA 30 31.66 81.94 29.85
N GLN JA 31 32.61 82.56 29.16
CA GLN JA 31 32.44 83.87 28.57
C GLN JA 31 32.05 83.79 27.10
N GLU JA 32 31.22 84.74 26.69
CA GLU JA 32 31.05 85.07 25.28
C GLU JA 32 31.73 86.42 25.11
N ASN JA 33 31.99 86.81 23.88
CA ASN JA 33 32.59 88.12 23.64
C ASN JA 33 33.99 88.29 24.23
N VAL JA 34 34.70 87.17 24.43
CA VAL JA 34 36.13 87.22 24.73
C VAL JA 34 36.84 86.25 23.80
N HIS JA 35 37.90 86.72 23.14
CA HIS JA 35 38.67 85.87 22.27
C HIS JA 35 40.15 85.99 22.63
N THR JA 36 40.89 84.90 22.50
CA THR JA 36 42.33 84.92 22.80
C THR JA 36 43.16 84.60 21.57
N VAL JA 37 44.28 85.32 21.45
CA VAL JA 37 45.23 85.09 20.38
C VAL JA 37 46.60 84.99 21.07
N GLY JA 38 47.30 83.91 20.83
CA GLY JA 38 48.61 83.71 21.42
C GLY JA 38 49.71 83.72 20.39
N LEU JA 39 50.79 84.44 20.69
CA LEU JA 39 51.98 84.44 19.84
C LEU JA 39 52.98 83.40 20.33
N ASN JA 40 53.16 82.35 19.55
CA ASN JA 40 54.07 81.27 19.88
C ASN JA 40 55.42 81.43 19.16
N LEU JA 41 56.46 80.81 19.68
CA LEU JA 41 57.71 80.74 18.91
C LEU JA 41 57.36 80.10 17.59
N GLY JA 42 57.86 80.67 16.50
CA GLY JA 42 57.60 80.13 15.18
C GLY JA 42 56.40 80.74 14.47
N ASP JA 43 55.66 81.61 15.17
CA ASP JA 43 54.57 82.33 14.53
C ASP JA 43 55.13 83.55 13.81
N ASN JA 44 54.67 83.77 12.58
CA ASN JA 44 55.02 84.99 11.87
C ASN JA 44 54.12 86.14 12.35
N ILE JA 45 54.74 87.20 12.87
CA ILE JA 45 53.99 88.28 13.51
C ILE JA 45 53.05 88.95 12.55
N GLU JA 46 53.42 89.02 11.27
CA GLU JA 46 52.58 89.67 10.27
C GLU JA 46 51.36 88.82 9.96
N LYS JA 47 51.53 87.49 10.01
CA LYS JA 47 50.39 86.59 9.83
C LYS JA 47 49.41 86.75 11.00
N VAL JA 48 49.96 86.81 12.22
CA VAL JA 48 49.13 86.99 13.41
C VAL JA 48 48.45 88.36 13.38
N ALA JA 49 49.17 89.38 12.93
CA ALA JA 49 48.61 90.72 12.87
C ALA JA 49 47.37 90.73 11.96
N LYS JA 50 47.49 90.08 10.81
CA LYS JA 50 46.38 90.05 9.85
C LYS JA 50 45.18 89.30 10.41
N GLU JA 51 45.45 88.25 11.21
CA GLU JA 51 44.40 87.48 11.87
C GLU JA 51 43.66 88.35 12.90
N VAL JA 52 44.42 89.10 13.68
CA VAL JA 52 43.85 90.00 14.66
C VAL JA 52 43.02 91.08 13.98
N MET JA 53 43.55 91.66 12.91
CA MET JA 53 42.81 92.68 12.19
C MET JA 53 41.53 92.01 11.67
N ARG JA 54 41.66 90.75 11.29
CA ARG JA 54 40.52 89.98 10.79
C ARG JA 54 39.37 90.04 11.80
N ILE JA 55 39.71 89.73 13.04
CA ILE JA 55 38.74 89.78 14.12
C ILE JA 55 38.15 91.13 14.48
N ILE JA 56 39.00 92.16 14.46
CA ILE JA 56 38.56 93.49 14.86
C ILE JA 56 37.53 94.06 13.87
N ILE JA 57 37.83 93.98 12.58
CA ILE JA 57 36.88 94.42 11.56
C ILE JA 57 35.54 93.70 11.72
N ALA JA 58 35.58 92.39 11.87
CA ALA JA 58 34.36 91.60 12.04
C ALA JA 58 33.51 92.10 13.19
N LYS JA 59 34.16 92.42 14.31
CA LYS JA 59 33.46 92.87 15.50
C LYS JA 59 32.98 94.30 15.36
N LEU JA 60 33.78 95.15 14.74
CA LEU JA 60 33.34 96.52 14.48
C LEU JA 60 32.08 96.46 13.61
N ALA JA 61 32.11 95.61 12.59
CA ALA JA 61 30.96 95.42 11.70
C ALA JA 61 29.74 94.88 12.43
N GLU JA 62 29.94 94.39 13.65
CA GLU JA 62 28.82 93.97 14.49
C GLU JA 62 28.46 95.07 15.48
N ASP JA 63 29.01 96.26 15.24
CA ASP JA 63 28.75 97.42 16.08
C ASP JA 63 29.22 97.21 17.52
N LYS JA 64 30.35 96.54 17.68
CA LYS JA 64 30.89 96.31 19.01
C LYS JA 64 32.04 97.26 19.33
N GLU JA 65 32.18 97.57 20.62
CA GLU JA 65 33.30 98.36 21.10
C GLU JA 65 34.39 97.38 21.58
N ILE JA 66 35.61 97.61 21.15
CA ILE JA 66 36.67 96.62 21.36
C ILE JA 66 37.72 97.06 22.37
N ILE JA 67 37.99 96.18 23.33
CA ILE JA 67 39.06 96.37 24.29
C ILE JA 67 40.12 95.30 24.03
N ILE JA 68 41.37 95.72 23.86
CA ILE JA 68 42.42 94.75 23.73
C ILE JA 68 43.21 94.71 25.01
N VAL JA 69 43.33 93.52 25.59
CA VAL JA 69 44.13 93.35 26.78
C VAL JA 69 45.41 92.59 26.41
N VAL JA 70 46.55 93.08 26.87
CA VAL JA 70 47.81 92.44 26.48
C VAL JA 70 48.65 92.09 27.69
N ASP JA 71 49.53 91.10 27.52
CA ASP JA 71 50.28 90.61 28.66
C ASP JA 71 51.37 91.55 29.15
N LEU JA 72 52.09 92.14 28.21
CA LEU JA 72 53.37 92.76 28.54
C LEU JA 72 53.51 94.02 27.71
N PHE JA 73 53.88 95.12 28.35
CA PHE JA 73 54.22 96.35 27.63
C PHE JA 73 55.51 96.08 26.87
N GLY JA 74 55.44 96.08 25.55
CA GLY JA 74 56.59 95.71 24.73
C GLY JA 74 56.49 94.27 24.29
N GLY JA 75 57.06 93.96 23.14
CA GLY JA 75 56.93 92.62 22.61
C GLY JA 75 55.89 92.58 21.50
N SER JA 76 55.86 91.47 20.79
CA SER JA 76 55.06 91.39 19.57
C SER JA 76 53.57 91.51 19.82
N PRO JA 77 53.05 90.87 20.87
CA PRO JA 77 51.61 91.05 21.11
C PRO JA 77 51.28 92.53 21.32
N PHE JA 78 52.09 93.24 22.08
CA PHE JA 78 51.85 94.65 22.33
C PHE JA 78 51.94 95.44 21.00
N ASN JA 79 52.94 95.09 20.19
CA ASN JA 79 53.15 95.79 18.93
C ASN JA 79 51.95 95.61 18.00
N ILE JA 80 51.37 94.41 18.01
CA ILE JA 80 50.11 94.18 17.30
C ILE JA 80 48.96 95.03 17.82
N ALA JA 81 48.79 95.05 19.15
CA ALA JA 81 47.74 95.85 19.75
C ALA JA 81 47.90 97.33 19.38
N LEU JA 82 49.13 97.83 19.45
CA LEU JA 82 49.38 99.23 19.11
C LEU JA 82 49.01 99.51 17.66
N GLU JA 83 49.33 98.57 16.78
CA GLU JA 83 49.02 98.76 15.37
C GLU JA 83 47.52 98.88 15.19
N MET JA 84 46.78 98.06 15.93
CA MET JA 84 45.32 98.08 15.87
C MET JA 84 44.73 99.37 16.43
N MET JA 85 45.40 99.94 17.44
CA MET JA 85 44.93 101.20 17.99
C MET JA 85 45.22 102.32 16.98
N LYS JA 86 46.36 102.22 16.30
CA LYS JA 86 46.69 103.21 15.30
C LYS JA 86 45.61 103.26 14.22
N THR JA 87 45.19 102.09 13.75
CA THR JA 87 44.25 101.98 12.64
C THR JA 87 42.78 102.05 13.02
N PHE JA 88 42.40 101.39 14.11
CA PHE JA 88 40.98 101.18 14.44
C PHE JA 88 40.48 101.84 15.71
N ASP JA 89 41.36 102.51 16.45
CA ASP JA 89 40.95 103.29 17.62
C ASP JA 89 40.29 102.44 18.70
N VAL JA 90 40.69 101.18 18.78
CA VAL JA 90 40.33 100.33 19.90
C VAL JA 90 41.06 100.85 21.12
N LYS JA 91 40.75 100.30 22.29
CA LYS JA 91 41.44 100.70 23.50
C LYS JA 91 42.34 99.55 23.98
N VAL JA 92 43.43 99.89 24.67
CA VAL JA 92 44.45 98.90 25.03
C VAL JA 92 44.95 99.06 26.47
N ILE JA 93 45.10 97.94 27.17
CA ILE JA 93 45.69 97.96 28.49
C ILE JA 93 46.70 96.81 28.60
N THR JA 94 47.80 97.04 29.31
CA THR JA 94 48.85 96.02 29.43
C THR JA 94 48.94 95.46 30.84
N GLY JA 95 49.71 94.39 30.98
CA GLY JA 95 50.00 93.81 32.30
C GLY JA 95 48.84 93.02 32.91
N ILE JA 96 47.95 92.51 32.07
CA ILE JA 96 46.72 91.88 32.54
C ILE JA 96 47.00 90.77 33.55
N ASN JA 97 46.25 90.80 34.65
CA ASN JA 97 46.29 89.71 35.62
C ASN JA 97 44.86 89.24 35.99
N MET JA 98 44.74 88.30 36.93
CA MET JA 98 43.44 87.69 37.20
C MET JA 98 42.42 88.66 37.80
N PRO JA 99 42.81 89.44 38.83
CA PRO JA 99 41.80 90.36 39.41
C PRO JA 99 41.30 91.35 38.36
N MET JA 100 42.17 91.81 37.48
CA MET JA 100 41.77 92.70 36.41
C MET JA 100 40.74 92.06 35.49
N LEU JA 101 41.02 90.85 35.04
CA LEU JA 101 40.15 90.23 34.05
C LEU JA 101 38.81 89.90 34.67
N VAL JA 102 38.81 89.43 35.91
CA VAL JA 102 37.52 89.14 36.56
C VAL JA 102 36.69 90.41 36.72
N GLU JA 103 37.30 91.48 37.21
CA GLU JA 103 36.56 92.75 37.35
C GLU JA 103 36.08 93.26 35.99
N LEU JA 104 36.95 93.17 34.98
CA LEU JA 104 36.59 93.63 33.63
C LEU JA 104 35.35 92.90 33.13
N LEU JA 105 35.37 91.57 33.23
CA LEU JA 105 34.29 90.78 32.64
C LEU JA 105 32.99 90.84 33.45
N THR JA 106 33.08 91.17 34.73
CA THR JA 106 31.86 91.25 35.53
C THR JA 106 31.26 92.65 35.60
N SER JA 107 31.92 93.63 35.00
CA SER JA 107 31.43 95.01 35.06
C SER JA 107 31.38 95.62 33.66
N ILE JA 108 31.54 94.77 32.65
CA ILE JA 108 31.71 95.21 31.27
C ILE JA 108 30.51 96.01 30.78
N ASN JA 109 29.34 95.76 31.38
CA ASN JA 109 28.13 96.48 30.98
C ASN JA 109 27.85 97.72 31.84
N VAL JA 110 28.61 97.88 32.91
CA VAL JA 110 28.35 98.93 33.89
C VAL JA 110 29.02 100.26 33.55
N TYR JA 111 30.30 100.21 33.15
CA TYR JA 111 31.06 101.43 32.90
C TYR JA 111 31.39 101.61 31.41
N ASP JA 112 31.63 102.85 31.01
CA ASP JA 112 32.13 103.11 29.67
C ASP JA 112 33.58 102.64 29.61
N THR JA 113 34.12 102.45 28.42
CA THR JA 113 35.45 101.83 28.28
C THR JA 113 36.56 102.60 29.00
N THR JA 114 36.53 103.92 28.93
CA THR JA 114 37.57 104.70 29.64
C THR JA 114 37.57 104.44 31.14
N GLU JA 115 36.40 104.51 31.77
CA GLU JA 115 36.31 104.29 33.21
C GLU JA 115 36.60 102.83 33.59
N LEU JA 116 36.13 101.92 32.75
CA LEU JA 116 36.40 100.50 32.91
C LEU JA 116 37.91 100.23 33.00
N LEU JA 117 38.66 100.81 32.08
CA LEU JA 117 40.10 100.57 32.05
C LEU JA 117 40.81 101.21 33.23
N GLU JA 118 40.34 102.38 33.66
CA GLU JA 118 40.89 103.01 34.84
C GLU JA 118 40.61 102.18 36.08
N ASN JA 119 39.39 101.67 36.17
CA ASN JA 119 38.98 100.78 37.26
C ASN JA 119 39.88 99.56 37.38
N ILE JA 120 40.08 98.85 36.27
CA ILE JA 120 40.83 97.60 36.35
C ILE JA 120 42.33 97.85 36.49
N SER JA 121 42.81 98.98 35.99
CA SER JA 121 44.21 99.34 36.23
C SER JA 121 44.47 99.43 37.73
N LYS JA 122 43.57 100.11 38.42
CA LYS JA 122 43.68 100.29 39.86
C LYS JA 122 43.55 98.97 40.60
N ILE JA 123 42.60 98.15 40.18
CA ILE JA 123 42.35 96.88 40.84
C ILE JA 123 43.52 95.90 40.62
N GLY JA 124 44.08 95.95 39.41
CA GLY JA 124 45.22 95.10 39.06
C GLY JA 124 46.42 95.42 39.91
N LYS JA 125 46.73 96.70 40.05
CA LYS JA 125 47.88 97.10 40.85
C LYS JA 125 47.64 96.77 42.34
N ASP JA 126 46.45 97.06 42.84
CA ASP JA 126 46.12 96.78 44.22
C ASP JA 126 46.14 95.29 44.53
N GLY JA 127 45.94 94.48 43.50
CA GLY JA 127 45.86 93.03 43.67
C GLY JA 127 47.22 92.37 43.77
N ILE JA 128 48.27 93.14 43.59
CA ILE JA 128 49.65 92.62 43.66
C ILE JA 128 50.17 92.95 45.05
N LYS JA 129 50.35 91.93 45.88
CA LYS JA 129 50.78 92.13 47.26
C LYS JA 129 51.78 91.06 47.69
N VAL JA 130 52.86 91.48 48.33
CA VAL JA 130 53.78 90.53 48.95
C VAL JA 130 53.25 90.26 50.37
N ILE JA 131 53.04 89.01 50.72
CA ILE JA 131 52.52 88.70 52.04
C ILE JA 131 53.61 88.32 53.03
N GLU JA 132 53.62 88.98 54.18
CA GLU JA 132 54.60 88.72 55.22
C GLU JA 132 53.92 88.16 56.46
N LYS JA 133 54.40 87.03 56.96
CA LYS JA 133 53.79 86.45 58.15
C LYS JA 133 54.33 85.09 58.50
N MET KA 3 -20.06 97.69 -1.77
CA MET KA 3 -19.48 97.19 -0.54
C MET KA 3 -18.45 96.09 -0.83
N LYS KA 4 -17.29 96.18 -0.20
CA LYS KA 4 -16.29 95.12 -0.35
C LYS KA 4 -16.81 93.81 0.23
N GLU KA 5 -16.37 92.68 -0.35
CA GLU KA 5 -16.69 91.37 0.20
C GLU KA 5 -15.97 91.20 1.53
N LYS KA 6 -16.61 90.55 2.49
CA LYS KA 6 -16.03 90.42 3.82
C LYS KA 6 -15.38 89.06 4.05
N PHE KA 7 -14.44 89.00 4.99
CA PHE KA 7 -13.82 87.74 5.35
C PHE KA 7 -13.84 87.69 6.87
N VAL KA 8 -14.26 86.56 7.43
CA VAL KA 8 -14.35 86.43 8.89
C VAL KA 8 -13.27 85.50 9.40
N LEU KA 9 -12.45 86.01 10.32
CA LEU KA 9 -11.40 85.21 10.92
C LEU KA 9 -11.84 84.94 12.35
N ILE KA 10 -11.95 83.67 12.73
CA ILE KA 10 -12.30 83.32 14.10
C ILE KA 10 -11.05 82.91 14.86
N ILE KA 11 -10.74 83.61 15.95
CA ILE KA 11 -9.54 83.32 16.72
C ILE KA 11 -9.97 83.01 18.15
N THR KA 12 -9.68 81.81 18.63
CA THR KA 12 -10.17 81.36 19.93
C THR KA 12 -9.18 80.42 20.60
N HIS KA 13 -9.48 80.07 21.85
CA HIS KA 13 -8.73 79.03 22.54
C HIS KA 13 -9.09 77.64 22.02
N GLY KA 14 -8.09 76.78 21.86
CA GLY KA 14 -8.35 75.40 21.44
C GLY KA 14 -9.29 75.27 20.24
N ASP KA 15 -10.13 74.23 20.27
CA ASP KA 15 -11.02 73.92 19.15
C ASP KA 15 -12.33 74.68 19.19
N PHE KA 16 -12.41 75.74 19.99
CA PHE KA 16 -13.69 76.44 20.12
C PHE KA 16 -14.14 77.00 18.77
N GLY KA 17 -13.28 77.76 18.11
CA GLY KA 17 -13.64 78.35 16.81
C GLY KA 17 -13.97 77.29 15.76
N LYS KA 18 -13.17 76.21 15.76
CA LYS KA 18 -13.37 75.12 14.83
C LYS KA 18 -14.73 74.47 15.05
N GLY KA 19 -15.11 74.30 16.30
CA GLY KA 19 -16.39 73.71 16.65
C GLY KA 19 -17.56 74.65 16.44
N LEU KA 20 -17.37 75.93 16.76
CA LEU KA 20 -18.41 76.93 16.52
C LEU KA 20 -18.77 77.00 15.06
N LEU KA 21 -17.76 77.02 14.20
CA LEU KA 21 -18.02 77.05 12.75
C LEU KA 21 -18.75 75.79 12.29
N SER KA 22 -18.26 74.63 12.71
CA SER KA 22 -18.95 73.34 12.46
C SER KA 22 -20.43 73.40 12.81
N GLY KA 23 -20.73 73.86 14.02
CA GLY KA 23 -22.08 74.03 14.50
C GLY KA 23 -22.92 74.97 13.64
N ALA KA 24 -22.37 76.13 13.33
CA ALA KA 24 -23.05 77.08 12.44
C ALA KA 24 -23.34 76.44 11.09
N GLU KA 25 -22.41 75.64 10.60
CA GLU KA 25 -22.56 75.07 9.26
C GLU KA 25 -23.64 73.99 9.22
N VAL KA 26 -23.89 73.34 10.36
CA VAL KA 26 -25.08 72.45 10.48
C VAL KA 26 -26.35 73.26 10.21
N ILE KA 27 -26.37 74.49 10.67
CA ILE KA 27 -27.54 75.35 10.53
C ILE KA 27 -27.64 75.99 9.14
N ILE KA 28 -26.56 76.59 8.65
CA ILE KA 28 -26.63 77.42 7.42
C ILE KA 28 -25.78 76.93 6.25
N GLY KA 29 -25.23 75.74 6.35
CA GLY KA 29 -24.41 75.17 5.29
C GLY KA 29 -22.96 75.62 5.31
N LYS KA 30 -22.15 74.95 4.48
CA LYS KA 30 -20.71 75.19 4.41
C LYS KA 30 -20.38 76.62 4.00
N GLN KA 31 -19.47 77.24 4.75
CA GLN KA 31 -19.07 78.62 4.53
C GLN KA 31 -17.80 78.70 3.70
N GLU KA 32 -17.75 79.75 2.87
CA GLU KA 32 -16.49 80.22 2.31
C GLU KA 32 -16.21 81.54 3.03
N ASN KA 33 -14.99 82.04 2.94
CA ASN KA 33 -14.68 83.32 3.54
C ASN KA 33 -14.80 83.32 5.07
N VAL KA 34 -14.67 82.15 5.69
CA VAL KA 34 -14.50 82.06 7.14
C VAL KA 34 -13.32 81.14 7.43
N HIS KA 35 -12.40 81.60 8.26
CA HIS KA 35 -11.26 80.78 8.64
C HIS KA 35 -11.14 80.76 10.16
N THR KA 36 -10.69 79.65 10.72
CA THR KA 36 -10.53 79.54 12.16
C THR KA 36 -9.07 79.28 12.54
N VAL KA 37 -8.65 79.93 13.62
CA VAL KA 37 -7.33 79.74 14.18
C VAL KA 37 -7.53 79.47 15.66
N GLY KA 38 -7.00 78.37 16.15
CA GLY KA 38 -7.13 78.02 17.55
C GLY KA 38 -5.80 78.06 18.27
N LEU KA 39 -5.78 78.67 19.45
CA LEU KA 39 -4.59 78.67 20.31
C LEU KA 39 -4.66 77.52 21.30
N ASN KA 40 -3.78 76.55 21.13
CA ASN KA 40 -3.73 75.37 21.99
C ASN KA 40 -2.64 75.51 23.04
N LEU KA 41 -2.75 74.77 24.14
CA LEU KA 41 -1.61 74.69 25.06
C LEU KA 41 -0.43 74.21 24.25
N GLY KA 42 0.72 74.86 24.43
CA GLY KA 42 1.92 74.46 23.73
C GLY KA 42 2.15 75.22 22.44
N ASP KA 43 1.21 76.07 22.04
CA ASP KA 43 1.41 76.94 20.88
C ASP KA 43 2.18 78.17 21.31
N ASN KA 44 3.17 78.56 20.52
CA ASN KA 44 3.86 79.81 20.74
C ASN KA 44 3.05 80.97 20.16
N ILE KA 45 2.66 81.91 21.01
CA ILE KA 45 1.74 82.97 20.60
C ILE KA 45 2.30 83.81 19.48
N GLU KA 46 3.62 83.98 19.45
CA GLU KA 46 4.24 84.79 18.40
C GLU KA 46 4.21 84.06 17.06
N LYS KA 47 4.32 82.73 17.10
CA LYS KA 47 4.18 81.93 15.89
C LYS KA 47 2.74 82.04 15.35
N VAL KA 48 1.77 81.94 16.25
CA VAL KA 48 0.37 82.06 15.85
C VAL KA 48 0.08 83.47 15.34
N ALA KA 49 0.66 84.47 15.99
CA ALA KA 49 0.44 85.85 15.56
C ALA KA 49 0.90 86.04 14.12
N LYS KA 50 2.08 85.49 13.80
CA LYS KA 50 2.62 85.66 12.45
C LYS KA 50 1.79 84.98 11.36
N GLU KA 51 1.23 83.83 11.67
CA GLU KA 51 0.31 83.13 10.77
C GLU KA 51 -0.97 83.93 10.54
N VAL KA 52 -1.52 84.49 11.62
CA VAL KA 52 -2.73 85.29 11.56
C VAL KA 52 -2.43 86.49 10.66
N MET KA 53 -1.28 87.12 10.89
CA MET KA 53 -0.91 88.27 10.07
C MET KA 53 -0.80 87.78 8.62
N ARG KA 54 -0.30 86.58 8.43
CA ARG KA 54 -0.13 86.05 7.09
C ARG KA 54 -1.48 85.99 6.39
N ILE KA 55 -2.50 85.51 7.11
CA ILE KA 55 -3.84 85.48 6.54
C ILE KA 55 -4.46 86.84 6.24
N ILE KA 56 -4.26 87.80 7.13
CA ILE KA 56 -4.86 89.11 6.97
C ILE KA 56 -4.31 89.83 5.75
N ILE KA 57 -2.98 89.87 5.61
CA ILE KA 57 -2.35 90.47 4.45
C ILE KA 57 -2.88 89.84 3.16
N ALA KA 58 -2.91 88.52 3.11
CA ALA KA 58 -3.41 87.81 1.94
C ALA KA 58 -4.81 88.25 1.55
N LYS KA 59 -5.67 88.41 2.55
CA LYS KA 59 -7.05 88.79 2.29
C LYS KA 59 -7.19 90.26 1.93
N LEU KA 60 -6.41 91.11 2.57
CA LEU KA 60 -6.40 92.52 2.22
C LEU KA 60 -5.99 92.64 0.76
N ALA KA 61 -4.94 91.90 0.38
CA ALA KA 61 -4.46 91.87 -1.00
C ALA KA 61 -5.51 91.35 -1.99
N GLU KA 62 -6.56 90.72 -1.46
CA GLU KA 62 -7.67 90.30 -2.30
C GLU KA 62 -8.81 91.32 -2.22
N ASP KA 63 -8.49 92.49 -1.67
CA ASP KA 63 -9.44 93.58 -1.52
C ASP KA 63 -10.65 93.18 -0.66
N LYS KA 64 -10.39 92.43 0.42
CA LYS KA 64 -11.46 92.02 1.32
C LYS KA 64 -11.46 92.85 2.59
N GLU KA 65 -12.65 93.03 3.15
CA GLU KA 65 -12.80 93.68 4.44
C GLU KA 65 -12.83 92.59 5.51
N ILE KA 66 -12.05 92.76 6.58
CA ILE KA 66 -11.84 91.69 7.54
C ILE KA 66 -12.49 91.96 8.89
N ILE KA 67 -13.25 90.97 9.36
CA ILE KA 67 -13.83 90.98 10.69
C ILE KA 67 -13.16 89.87 11.50
N ILE KA 68 -12.62 90.22 12.66
CA ILE KA 68 -12.08 89.18 13.52
C ILE KA 68 -13.05 88.96 14.67
N VAL KA 69 -13.46 87.72 14.84
CA VAL KA 69 -14.32 87.36 15.95
C VAL KA 69 -13.51 86.56 16.97
N VAL KA 70 -13.61 86.91 18.24
CA VAL KA 70 -12.79 86.23 19.24
C VAL KA 70 -13.64 85.71 20.38
N ASP KA 71 -13.13 84.69 21.06
CA ASP KA 71 -13.93 84.03 22.08
C ASP KA 71 -14.11 84.83 23.36
N LEU KA 72 -13.04 85.46 23.80
CA LEU KA 72 -12.98 85.96 25.17
C LEU KA 72 -12.25 87.28 25.17
N PHE KA 73 -12.81 88.27 25.83
CA PHE KA 73 -12.11 89.54 26.04
C PHE KA 73 -10.96 89.26 27.01
N GLY KA 74 -9.74 89.40 26.52
CA GLY KA 74 -8.57 89.04 27.30
C GLY KA 74 -8.08 87.66 26.93
N GLY KA 75 -6.79 87.42 27.09
CA GLY KA 75 -6.23 86.16 26.65
C GLY KA 75 -5.52 86.30 25.33
N SER KA 76 -4.76 85.28 24.95
CA SER KA 76 -3.87 85.39 23.83
C SER KA 76 -4.58 85.58 22.50
N PRO KA 77 -5.72 84.92 22.32
CA PRO KA 77 -6.48 85.08 21.07
C PRO KA 77 -6.91 86.53 20.89
N PHE KA 78 -7.32 87.16 21.99
CA PHE KA 78 -7.74 88.56 21.97
C PHE KA 78 -6.51 89.47 21.72
N ASN KA 79 -5.40 89.13 22.38
CA ASN KA 79 -4.18 89.95 22.25
C ASN KA 79 -3.69 89.94 20.82
N ILE KA 80 -3.80 88.80 20.15
CA ILE KA 80 -3.51 88.74 18.72
C ILE KA 80 -4.44 89.60 17.88
N ALA KA 81 -5.74 89.50 18.14
CA ALA KA 81 -6.71 90.30 17.41
C ALA KA 81 -6.42 91.80 17.58
N LEU KA 82 -6.12 92.19 18.83
CA LEU KA 82 -5.82 93.60 19.10
C LEU KA 82 -4.61 94.05 18.32
N GLU KA 83 -3.59 93.19 18.26
CA GLU KA 83 -2.36 93.55 17.55
C GLU KA 83 -2.63 93.73 16.06
N MET KA 84 -3.58 92.96 15.52
CA MET KA 84 -3.98 93.09 14.13
C MET KA 84 -4.80 94.35 13.87
N MET KA 85 -5.58 94.76 14.88
CA MET KA 85 -6.34 95.99 14.73
C MET KA 85 -5.38 97.19 14.80
N LYS KA 86 -4.37 97.07 15.65
CA LYS KA 86 -3.38 98.14 15.75
C LYS KA 86 -2.71 98.36 14.40
N THR KA 87 -2.32 97.28 13.74
CA THR KA 87 -1.56 97.35 12.50
C THR KA 87 -2.40 97.49 11.22
N PHE KA 88 -3.50 96.75 11.15
CA PHE KA 88 -4.25 96.61 9.90
C PHE KA 88 -5.67 97.17 9.88
N ASP KA 89 -6.13 97.72 11.00
CA ASP KA 89 -7.41 98.38 11.04
C ASP KA 89 -8.56 97.46 10.63
N VAL KA 90 -8.44 96.19 10.98
CA VAL KA 90 -9.56 95.26 10.90
C VAL KA 90 -10.52 95.60 12.03
N LYS KA 91 -11.69 94.96 12.05
CA LYS KA 91 -12.63 95.17 13.13
C LYS KA 91 -12.72 93.92 13.99
N VAL KA 92 -13.03 94.12 15.28
CA VAL KA 92 -12.97 93.03 16.25
C VAL KA 92 -14.19 93.01 17.20
N ILE KA 93 -14.72 91.82 17.44
CA ILE KA 93 -15.78 91.67 18.42
C ILE KA 93 -15.48 90.43 19.28
N THR KA 94 -15.80 90.51 20.57
CA THR KA 94 -15.50 89.42 21.49
C THR KA 94 -16.77 88.72 21.98
N GLY KA 95 -16.58 87.57 22.64
CA GLY KA 95 -17.69 86.85 23.26
C GLY KA 95 -18.58 86.09 22.29
N ILE KA 96 -18.03 85.74 21.13
CA ILE KA 96 -18.83 85.14 20.06
C ILE KA 96 -19.62 83.92 20.52
N ASN KA 97 -20.89 83.88 20.16
CA ASN KA 97 -21.72 82.71 20.39
C ASN KA 97 -22.49 82.30 19.12
N MET KA 98 -23.34 81.27 19.21
CA MET KA 98 -23.96 80.75 18.00
C MET KA 98 -24.94 81.72 17.31
N PRO KA 99 -25.84 82.36 18.08
CA PRO KA 99 -26.77 83.28 17.41
C PRO KA 99 -26.01 84.42 16.69
N MET KA 100 -24.94 84.90 17.31
CA MET KA 100 -24.12 85.92 16.67
C MET KA 100 -23.54 85.45 15.35
N LEU KA 101 -22.94 84.26 15.36
CA LEU KA 101 -22.23 83.81 14.16
C LEU KA 101 -23.23 83.52 13.05
N VAL KA 102 -24.38 82.94 13.40
CA VAL KA 102 -25.37 82.67 12.36
C VAL KA 102 -25.88 83.98 11.74
N GLU KA 103 -26.23 84.94 12.58
CA GLU KA 103 -26.69 86.24 12.06
C GLU KA 103 -25.61 86.92 11.23
N LEU KA 104 -24.36 86.88 11.72
CA LEU KA 104 -23.24 87.48 11.00
C LEU KA 104 -23.10 86.89 9.60
N LEU KA 105 -23.09 85.57 9.52
CA LEU KA 105 -22.82 84.92 8.25
C LEU KA 105 -24.01 84.99 7.28
N THR KA 106 -25.21 85.19 7.79
CA THR KA 106 -26.37 85.26 6.90
C THR KA 106 -26.73 86.69 6.49
N SER KA 107 -26.03 87.68 7.03
CA SER KA 107 -26.34 89.08 6.71
C SER KA 107 -25.08 89.82 6.29
N ILE KA 108 -24.01 89.07 6.03
CA ILE KA 108 -22.69 89.64 5.82
C ILE KA 108 -22.67 90.57 4.60
N ASN KA 109 -23.59 90.34 3.67
CA ASN KA 109 -23.66 91.18 2.47
C ASN KA 109 -24.64 92.35 2.59
N VAL KA 110 -25.42 92.35 3.66
CA VAL KA 110 -26.51 93.31 3.83
C VAL KA 110 -26.08 94.62 4.49
N TYR KA 111 -25.29 94.51 5.56
CA TYR KA 111 -24.88 95.69 6.33
C TYR KA 111 -23.40 95.99 6.20
N ASP KA 112 -23.02 97.26 6.42
CA ASP KA 112 -21.61 97.62 6.49
C ASP KA 112 -21.06 97.04 7.79
N THR KA 113 -19.75 96.94 7.92
CA THR KA 113 -19.15 96.24 9.06
C THR KA 113 -19.52 96.85 10.41
N THR KA 114 -19.57 98.18 10.50
CA THR KA 114 -19.95 98.81 11.77
C THR KA 114 -21.36 98.39 12.23
N GLU KA 115 -22.33 98.49 11.32
CA GLU KA 115 -23.71 98.14 11.66
C GLU KA 115 -23.87 96.62 11.90
N LEU KA 116 -23.15 95.84 11.11
CA LEU KA 116 -23.11 94.39 11.28
C LEU KA 116 -22.70 94.01 12.71
N LEU KA 117 -21.62 94.63 13.19
CA LEU KA 117 -21.13 94.29 14.51
C LEU KA 117 -22.06 94.75 15.62
N GLU KA 118 -22.70 95.90 15.42
CA GLU KA 118 -23.69 96.37 16.38
C GLU KA 118 -24.88 95.43 16.42
N ASN KA 119 -25.32 95.00 15.23
CA ASN KA 119 -26.42 94.04 15.12
C ASN KA 119 -26.15 92.76 15.87
N ILE KA 120 -24.99 92.15 15.64
CA ILE KA 120 -24.73 90.86 16.26
C ILE KA 120 -24.41 90.98 17.74
N SER KA 121 -23.86 92.12 18.15
CA SER KA 121 -23.66 92.35 19.59
C SER KA 121 -25.01 92.27 20.30
N LYS KA 122 -26.00 92.94 19.73
CA LYS KA 122 -27.32 92.98 20.31
C LYS KA 122 -27.97 91.59 20.29
N ILE KA 123 -27.82 90.88 19.18
CA ILE KA 123 -28.43 89.57 19.02
C ILE KA 123 -27.77 88.54 19.95
N GLY KA 124 -26.45 88.67 20.12
CA GLY KA 124 -25.69 87.78 21.00
C GLY KA 124 -26.14 87.93 22.44
N LYS KA 125 -26.26 89.16 22.90
CA LYS KA 125 -26.69 89.40 24.28
C LYS KA 125 -28.13 88.93 24.49
N ASP KA 126 -29.01 89.26 23.54
CA ASP KA 126 -30.41 88.87 23.64
C ASP KA 126 -30.58 87.36 23.61
N GLY KA 127 -29.62 86.67 23.00
CA GLY KA 127 -29.69 85.23 22.84
C GLY KA 127 -29.31 84.46 24.10
N ILE KA 128 -28.85 85.17 25.12
CA ILE KA 128 -28.45 84.53 26.37
C ILE KA 128 -29.61 84.70 27.35
N LYS KA 129 -30.26 83.58 27.67
CA LYS KA 129 -31.45 83.61 28.52
C LYS KA 129 -31.44 82.45 29.49
N VAL KA 130 -31.80 82.73 30.74
CA VAL KA 130 -31.97 81.70 31.75
C VAL KA 130 -33.42 81.29 31.48
N ILE KA 131 -33.79 80.02 31.67
CA ILE KA 131 -35.17 79.65 31.37
C ILE KA 131 -35.94 79.39 32.66
N GLU KA 132 -37.09 80.02 32.80
CA GLU KA 132 -37.90 79.89 34.01
C GLU KA 132 -39.17 79.06 33.84
N LYS KA 133 -39.35 78.06 34.71
CA LYS KA 133 -40.53 77.23 34.63
C LYS KA 133 -40.84 76.60 35.97
N MET LA 3 44.54 104.05 -57.63
CA MET LA 3 43.46 103.35 -58.32
C MET LA 3 43.03 102.11 -57.55
N LYS LA 4 41.72 101.92 -57.39
CA LYS LA 4 41.21 100.72 -56.75
C LYS LA 4 41.55 99.49 -57.58
N GLU LA 5 41.73 98.35 -56.92
CA GLU LA 5 41.93 97.09 -57.63
C GLU LA 5 40.62 96.68 -58.29
N LYS LA 6 40.71 96.10 -59.47
CA LYS LA 6 39.50 95.78 -60.23
C LYS LA 6 39.12 94.31 -60.11
N PHE LA 7 37.84 94.00 -60.34
CA PHE LA 7 37.38 92.63 -60.34
C PHE LA 7 36.53 92.48 -61.59
N VAL LA 8 36.76 91.41 -62.35
CA VAL LA 8 36.02 91.20 -63.60
C VAL LA 8 35.04 90.05 -63.44
N LEU LA 9 33.76 90.33 -63.69
CA LEU LA 9 32.74 89.31 -63.61
C LEU LA 9 32.31 89.03 -65.05
N ILE LA 10 32.43 87.78 -65.48
CA ILE LA 10 31.99 87.40 -66.83
C ILE LA 10 30.64 86.72 -66.74
N ILE LA 11 29.64 87.27 -67.42
CA ILE LA 11 28.29 86.70 -67.36
C ILE LA 11 27.87 86.38 -68.79
N THR LA 12 27.58 85.12 -69.07
CA THR LA 12 27.32 84.68 -70.44
C THR LA 12 26.32 83.53 -70.47
N HIS LA 13 25.90 83.16 -71.67
CA HIS LA 13 25.12 81.94 -71.85
C HIS LA 13 25.98 80.69 -71.72
N GLY LA 14 25.44 79.66 -71.05
CA GLY LA 14 26.15 78.40 -70.92
C GLY LA 14 27.61 78.51 -70.50
N ASP LA 15 28.46 77.67 -71.06
CA ASP LA 15 29.86 77.61 -70.68
C ASP LA 15 30.74 78.59 -71.43
N PHE LA 16 30.14 79.59 -72.08
CA PHE LA 16 30.94 80.50 -72.89
C PHE LA 16 31.98 81.23 -72.03
N GLY LA 17 31.52 81.85 -70.94
CA GLY LA 17 32.45 82.59 -70.07
C GLY LA 17 33.52 81.70 -69.46
N LYS LA 18 33.07 80.48 -69.04
CA LYS LA 18 33.98 79.51 -68.45
C LYS LA 18 35.06 79.11 -69.44
N GLY LA 19 34.68 78.93 -70.71
CA GLY LA 19 35.61 78.57 -71.76
C GLY LA 19 36.49 79.72 -72.22
N LEU LA 20 35.92 80.92 -72.29
CA LEU LA 20 36.67 82.11 -72.66
C LEU LA 20 37.80 82.35 -71.66
N LEU LA 21 37.48 82.23 -70.37
CA LEU LA 21 38.52 82.43 -69.35
C LEU LA 21 39.60 81.35 -69.46
N SER LA 22 39.19 80.09 -69.58
CA SER LA 22 40.13 78.98 -69.84
C SER LA 22 41.10 79.28 -70.98
N GLY LA 23 40.55 79.71 -72.11
CA GLY LA 23 41.32 80.10 -73.28
C GLY LA 23 42.30 81.22 -73.02
N ALA LA 24 41.81 82.28 -72.38
CA ALA LA 24 42.68 83.40 -72.01
C ALA LA 24 43.81 82.93 -71.10
N GLU LA 25 43.51 82.01 -70.19
CA GLU LA 25 44.50 81.57 -69.23
C GLU LA 25 45.60 80.71 -69.87
N VAL LA 26 45.27 80.04 -70.98
CA VAL LA 26 46.31 79.39 -71.81
C VAL LA 26 47.33 80.43 -72.28
N ILE LA 27 46.85 81.62 -72.61
CA ILE LA 27 47.68 82.68 -73.12
C ILE LA 27 48.45 83.42 -72.02
N ILE LA 28 47.75 83.86 -70.97
CA ILE LA 28 48.35 84.75 -69.95
C ILE LA 28 48.45 84.21 -68.53
N GLY LA 29 48.17 82.92 -68.37
CA GLY LA 29 48.24 82.29 -67.06
C GLY LA 29 47.00 82.45 -66.20
N LYS LA 30 46.96 81.70 -65.10
CA LYS LA 30 45.80 81.69 -64.20
C LYS LA 30 45.51 83.04 -63.61
N GLN LA 31 44.23 83.43 -63.65
CA GLN LA 31 43.78 84.71 -63.17
C GLN LA 31 43.24 84.63 -61.76
N GLU LA 32 43.47 85.70 -61.00
CA GLU LA 32 42.71 85.97 -59.80
C GLU LA 32 41.82 87.16 -60.15
N ASN LA 33 40.80 87.42 -59.34
CA ASN LA 33 39.96 88.58 -59.59
C ASN LA 33 39.17 88.50 -60.91
N VAL LA 34 38.94 87.28 -61.40
CA VAL LA 34 37.98 87.06 -62.49
C VAL LA 34 37.06 85.93 -62.09
N HIS LA 35 35.76 86.14 -62.22
CA HIS LA 35 34.79 85.10 -61.90
C HIS LA 35 33.83 84.95 -63.08
N THR LA 36 33.36 83.74 -63.33
CA THR LA 36 32.42 83.50 -64.42
C THR LA 36 31.10 82.95 -63.90
N VAL LA 37 30.02 83.44 -64.50
CA VAL LA 37 28.68 82.97 -64.20
C VAL LA 37 28.03 82.64 -65.54
N GLY LA 38 27.54 81.43 -65.68
CA GLY LA 38 26.90 81.02 -66.92
C GLY LA 38 25.42 80.76 -66.74
N LEU LA 39 24.62 81.27 -67.66
CA LEU LA 39 23.19 80.98 -67.66
C LEU LA 39 22.89 79.80 -68.58
N ASN LA 40 22.48 78.69 -67.98
CA ASN LA 40 22.17 77.47 -68.71
C ASN LA 40 20.66 77.33 -68.93
N LEU LA 41 20.26 76.55 -69.93
CA LEU LA 41 18.84 76.20 -70.03
C LEU LA 41 18.47 75.56 -68.71
N GLY LA 42 17.32 75.96 -68.17
CA GLY LA 42 16.84 75.40 -66.92
C GLY LA 42 17.25 76.19 -65.68
N ASP LA 43 18.08 77.24 -65.87
CA ASP LA 43 18.41 78.11 -64.77
C ASP LA 43 17.33 79.16 -64.60
N ASN LA 44 16.92 79.40 -63.36
CA ASN LA 44 15.99 80.50 -63.08
C ASN LA 44 16.75 81.82 -63.02
N ILE LA 45 16.39 82.76 -63.88
CA ILE LA 45 17.15 83.99 -64.03
C ILE LA 45 17.19 84.80 -62.74
N GLU LA 46 16.12 84.71 -61.95
CA GLU LA 46 16.09 85.46 -60.70
C GLU LA 46 17.02 84.84 -59.67
N LYS LA 47 17.16 83.53 -59.70
CA LYS LA 47 18.13 82.85 -58.84
C LYS LA 47 19.55 83.26 -59.21
N VAL LA 48 19.83 83.28 -60.52
CA VAL LA 48 21.15 83.69 -61.00
C VAL LA 48 21.41 85.16 -60.67
N ALA LA 49 20.37 85.99 -60.81
CA ALA LA 49 20.53 87.42 -60.52
C ALA LA 49 20.95 87.61 -59.07
N LYS LA 50 20.32 86.89 -58.16
CA LYS LA 50 20.63 87.03 -56.74
C LYS LA 50 22.04 86.50 -56.49
N GLU LA 51 22.43 85.49 -57.25
CA GLU LA 51 23.79 84.94 -57.18
C GLU LA 51 24.83 86.00 -57.54
N VAL LA 52 24.60 86.65 -58.67
CA VAL LA 52 25.47 87.72 -59.13
C VAL LA 52 25.51 88.91 -58.16
N MET LA 53 24.35 89.30 -57.64
CA MET LA 53 24.31 90.42 -56.70
C MET LA 53 25.14 90.01 -55.49
N ARG LA 54 25.06 88.76 -55.09
CA ARG LA 54 25.84 88.37 -53.92
C ARG LA 54 27.32 88.60 -54.20
N ILE LA 55 27.80 88.20 -55.35
CA ILE LA 55 29.20 88.48 -55.67
C ILE LA 55 29.61 89.94 -55.71
N ILE LA 56 28.74 90.78 -56.26
CA ILE LA 56 29.07 92.18 -56.41
C ILE LA 56 29.19 92.89 -55.06
N ILE LA 57 28.20 92.69 -54.19
CA ILE LA 57 28.26 93.23 -52.84
C ILE LA 57 29.54 92.81 -52.13
N ALA LA 58 29.85 91.52 -52.18
CA ALA LA 58 31.05 91.00 -51.53
C ALA LA 58 32.31 91.71 -52.01
N LYS LA 59 32.39 91.97 -53.31
CA LYS LA 59 33.56 92.61 -53.89
C LYS LA 59 33.60 94.10 -53.59
N LEU LA 60 32.44 94.74 -53.62
CA LEU LA 60 32.37 96.15 -53.26
C LEU LA 60 32.86 96.29 -51.82
N ALA LA 61 32.39 95.40 -50.95
CA ALA LA 61 32.79 95.38 -49.55
C ALA LA 61 34.30 95.14 -49.37
N GLU LA 62 34.96 94.68 -50.44
CA GLU LA 62 36.41 94.52 -50.43
C GLU LA 62 37.07 95.73 -51.09
N ASP LA 63 36.26 96.78 -51.30
CA ASP LA 63 36.74 98.01 -51.92
C ASP LA 63 37.27 97.80 -53.34
N LYS LA 64 36.60 96.93 -54.09
CA LYS LA 64 37.00 96.67 -55.46
C LYS LA 64 36.11 97.40 -56.47
N GLU LA 65 36.70 97.75 -57.60
CA GLU LA 65 35.95 98.32 -58.70
C GLU LA 65 35.57 97.19 -59.65
N ILE LA 66 34.32 97.14 -60.05
CA ILE LA 66 33.79 95.98 -60.77
C ILE LA 66 33.48 96.27 -62.23
N ILE LA 67 34.01 95.41 -63.11
CA ILE LA 67 33.70 95.44 -64.52
C ILE LA 67 32.91 94.17 -64.86
N ILE LA 68 31.75 94.32 -65.48
CA ILE LA 68 31.03 93.15 -65.92
C ILE LA 68 31.16 93.04 -67.42
N VAL LA 69 31.64 91.88 -67.87
CA VAL LA 69 31.76 91.62 -69.28
C VAL LA 69 30.68 90.61 -69.69
N VAL LA 70 29.95 90.89 -70.77
CA VAL LA 70 28.86 89.99 -71.15
C VAL LA 70 28.98 89.56 -72.59
N ASP LA 71 28.36 88.42 -72.90
CA ASP LA 71 28.56 87.83 -74.23
C ASP LA 71 27.81 88.58 -75.33
N LEU LA 72 26.57 88.97 -75.05
CA LEU LA 72 25.66 89.34 -76.10
C LEU LA 72 24.82 90.50 -75.60
N PHE LA 73 24.70 91.55 -76.42
CA PHE LA 73 23.77 92.63 -76.12
C PHE LA 73 22.36 92.09 -76.26
N GLY LA 74 21.63 92.02 -75.14
CA GLY LA 74 20.33 91.40 -75.14
C GLY LA 74 20.41 89.97 -74.62
N GLY LA 75 19.34 89.49 -74.00
CA GLY LA 75 19.38 88.18 -73.40
C GLY LA 75 19.56 88.28 -71.90
N SER LA 76 19.37 87.17 -71.22
CA SER LA 76 19.29 87.18 -69.77
C SER LA 76 20.59 87.60 -69.10
N PRO LA 77 21.74 87.13 -69.59
CA PRO LA 77 22.97 87.60 -68.95
C PRO LA 77 23.09 89.13 -69.03
N PHE LA 78 22.75 89.70 -70.17
CA PHE LA 78 22.82 91.15 -70.33
C PHE LA 78 21.81 91.83 -69.37
N ASN LA 79 20.62 91.25 -69.29
CA ASN LA 79 19.57 91.82 -68.44
C ASN LA 79 20.01 91.83 -66.97
N ILE LA 80 20.69 90.76 -66.56
CA ILE LA 80 21.30 90.75 -65.22
C ILE LA 80 22.36 91.84 -65.03
N ALA LA 81 23.27 91.96 -66.00
CA ALA LA 81 24.30 92.98 -65.93
C ALA LA 81 23.67 94.37 -65.83
N LEU LA 82 22.66 94.63 -66.66
CA LEU LA 82 21.99 95.93 -66.62
C LEU LA 82 21.38 96.19 -65.26
N GLU LA 83 20.77 95.17 -64.67
CA GLU LA 83 20.14 95.34 -63.37
C GLU LA 83 21.18 95.66 -62.29
N MET LA 84 22.39 95.12 -62.44
CA MET LA 84 23.49 95.42 -61.53
C MET LA 84 24.03 96.83 -61.74
N MET LA 85 24.01 97.31 -62.98
CA MET LA 85 24.45 98.68 -63.24
C MET LA 85 23.42 99.65 -62.68
N LYS LA 86 22.14 99.29 -62.79
CA LYS LA 86 21.09 100.15 -62.26
C LYS LA 86 21.30 100.35 -60.76
N THR LA 87 21.59 99.25 -60.04
CA THR LA 87 21.69 99.27 -58.59
C THR LA 87 23.05 99.65 -58.03
N PHE LA 88 24.12 99.13 -58.65
CA PHE LA 88 25.45 99.22 -58.06
C PHE LA 88 26.49 100.04 -58.84
N ASP LA 89 26.12 100.56 -60.00
CA ASP LA 89 26.99 101.48 -60.73
C ASP LA 89 28.30 100.82 -61.17
N VAL LA 90 28.25 99.52 -61.39
CA VAL LA 90 29.36 98.82 -62.01
C VAL LA 90 29.40 99.25 -63.47
N LYS LA 91 30.44 98.84 -64.19
CA LYS LA 91 30.53 99.16 -65.60
C LYS LA 91 30.34 97.89 -66.43
N VAL LA 92 29.82 98.05 -67.65
CA VAL LA 92 29.42 96.90 -68.47
C VAL LA 92 29.84 97.04 -69.93
N ILE LA 93 30.35 95.95 -70.51
CA ILE LA 93 30.67 95.93 -71.91
C ILE LA 93 30.16 94.61 -72.51
N THR LA 94 29.66 94.65 -73.75
CA THR LA 94 29.11 93.46 -74.38
C THR LA 94 29.97 92.97 -75.54
N GLY LA 95 29.66 91.78 -76.03
CA GLY LA 95 30.31 91.24 -77.22
C GLY LA 95 31.74 90.72 -76.98
N ILE LA 96 32.03 90.35 -75.74
CA ILE LA 96 33.39 89.99 -75.34
C ILE LA 96 33.98 88.90 -76.25
N ASN LA 97 35.23 89.14 -76.69
CA ASN LA 97 35.97 88.13 -77.43
C ASN LA 97 37.40 87.96 -76.85
N MET LA 98 38.21 87.11 -77.47
CA MET LA 98 39.51 86.79 -76.87
C MET LA 98 40.49 87.97 -76.83
N PRO LA 99 40.64 88.71 -77.94
CA PRO LA 99 41.59 89.84 -77.87
C PRO LA 99 41.19 90.86 -76.80
N MET LA 100 39.89 91.08 -76.65
CA MET LA 100 39.42 91.98 -75.61
C MET LA 100 39.79 91.50 -74.22
N LEU LA 101 39.55 90.23 -73.94
CA LEU LA 101 39.76 89.74 -72.59
C LEU LA 101 41.25 89.71 -72.26
N VAL LA 102 42.06 89.33 -73.24
CA VAL LA 102 43.50 89.32 -72.98
C VAL LA 102 44.01 90.74 -72.71
N GLU LA 103 43.62 91.69 -73.55
CA GLU LA 103 44.04 93.09 -73.32
C GLU LA 103 43.51 93.61 -71.97
N LEU LA 104 42.26 93.30 -71.66
CA LEU LA 104 41.67 93.73 -70.39
C LEU LA 104 42.47 93.24 -69.21
N LEU LA 105 42.78 91.94 -69.21
CA LEU LA 105 43.41 91.34 -68.05
C LEU LA 105 44.90 91.69 -67.93
N THR LA 106 45.52 92.08 -69.05
CA THR LA 106 46.95 92.43 -68.98
C THR LA 106 47.20 93.93 -68.79
N SER LA 107 46.13 94.72 -68.75
CA SER LA 107 46.30 96.17 -68.61
C SER LA 107 45.39 96.70 -67.49
N ILE LA 108 44.84 95.80 -66.72
CA ILE LA 108 43.80 96.10 -65.73
C ILE LA 108 44.31 97.09 -64.70
N ASN LA 109 45.61 97.12 -64.47
CA ASN LA 109 46.20 98.04 -63.49
C ASN LA 109 46.68 99.36 -64.10
N VAL LA 110 46.70 99.43 -65.43
CA VAL LA 110 47.27 100.56 -66.14
C VAL LA 110 46.29 101.70 -66.36
N TYR LA 111 45.07 101.39 -66.78
CA TYR LA 111 44.08 102.41 -67.11
C TYR LA 111 42.92 102.45 -66.13
N ASP LA 112 42.25 103.60 -66.03
CA ASP LA 112 41.02 103.68 -65.25
C ASP LA 112 39.96 102.93 -66.04
N THR LA 113 38.85 102.57 -65.39
CA THR LA 113 37.85 101.69 -66.00
C THR LA 113 37.26 102.27 -67.29
N THR LA 114 36.99 103.58 -67.32
CA THR LA 114 36.44 104.16 -68.54
C THR LA 114 37.37 104.00 -69.74
N GLU LA 115 38.64 104.32 -69.56
CA GLU LA 115 39.61 104.22 -70.65
C GLU LA 115 39.88 102.75 -71.02
N LEU LA 116 39.93 101.90 -70.00
CA LEU LA 116 40.09 100.47 -70.19
C LEU LA 116 39.00 99.92 -71.13
N LEU LA 117 37.75 100.27 -70.88
CA LEU LA 117 36.66 99.77 -71.69
C LEU LA 117 36.67 100.33 -73.11
N GLU LA 118 37.08 101.57 -73.25
CA GLU LA 118 37.22 102.16 -74.57
C GLU LA 118 38.32 101.46 -75.35
N ASN LA 119 39.44 101.20 -74.66
CA ASN LA 119 40.57 100.47 -75.24
C ASN LA 119 40.17 99.11 -75.78
N ILE LA 120 39.49 98.32 -74.95
CA ILE LA 120 39.18 96.95 -75.37
C ILE LA 120 38.05 96.91 -76.38
N SER LA 121 37.16 97.90 -76.34
CA SER LA 121 36.13 97.99 -77.38
C SER LA 121 36.81 98.11 -78.75
N LYS LA 122 37.79 98.99 -78.83
CA LYS LA 122 38.51 99.24 -80.06
C LYS LA 122 39.29 97.99 -80.49
N ILE LA 123 39.94 97.36 -79.53
CA ILE LA 123 40.78 96.19 -79.83
C ILE LA 123 39.91 94.99 -80.25
N GLY LA 124 38.75 94.86 -79.62
CA GLY LA 124 37.81 93.79 -79.95
C GLY LA 124 37.31 93.92 -81.37
N LYS LA 125 36.90 95.11 -81.75
CA LYS LA 125 36.40 95.33 -83.11
C LYS LA 125 37.52 95.14 -84.15
N ASP LA 126 38.69 95.68 -83.85
CA ASP LA 126 39.84 95.55 -84.76
C ASP LA 126 40.27 94.11 -84.92
N GLY LA 127 39.98 93.29 -83.91
CA GLY LA 127 40.42 91.91 -83.89
C GLY LA 127 39.54 90.99 -84.72
N ILE LA 128 38.45 91.54 -85.25
CA ILE LA 128 37.52 90.75 -86.09
C ILE LA 128 37.86 91.06 -87.53
N LYS LA 129 38.40 90.06 -88.23
CA LYS LA 129 38.85 90.26 -89.61
C LYS LA 129 38.51 89.04 -90.46
N VAL LA 130 37.97 89.28 -91.65
CA VAL LA 130 37.80 88.20 -92.62
C VAL LA 130 39.09 88.12 -93.44
N ILE LA 131 39.69 86.94 -93.52
CA ILE LA 131 40.93 86.78 -94.28
C ILE LA 131 40.67 86.44 -95.73
N GLU LA 132 41.34 87.18 -96.62
CA GLU LA 132 41.21 87.02 -98.06
C GLU LA 132 42.50 86.43 -98.66
N LYS LA 133 42.33 85.41 -99.51
CA LYS LA 133 43.43 84.70 -100.20
C LYS LA 133 43.90 83.43 -99.51
N MET MA 3 -7.90 98.58 -53.49
CA MET MA 3 -8.85 97.93 -52.61
C MET MA 3 -8.18 96.81 -51.82
N LYS MA 4 -8.42 96.76 -50.51
CA LYS MA 4 -7.90 95.67 -49.69
C LYS MA 4 -8.50 94.34 -50.13
N GLU MA 5 -7.74 93.26 -49.96
CA GLU MA 5 -8.27 91.92 -50.23
C GLU MA 5 -9.28 91.57 -49.14
N LYS MA 6 -10.35 90.88 -49.51
CA LYS MA 6 -11.41 90.59 -48.56
C LYS MA 6 -11.33 89.18 -48.00
N PHE MA 7 -11.93 88.97 -46.83
CA PHE MA 7 -11.98 87.65 -46.23
C PHE MA 7 -13.42 87.46 -45.78
N VAL MA 8 -14.01 86.31 -46.11
CA VAL MA 8 -15.40 86.05 -45.76
C VAL MA 8 -15.48 85.02 -44.65
N LEU MA 9 -16.14 85.39 -43.55
CA LEU MA 9 -16.31 84.48 -42.44
C LEU MA 9 -17.80 84.10 -42.44
N ILE MA 10 -18.10 82.81 -42.54
CA ILE MA 10 -19.48 82.34 -42.49
C ILE MA 10 -19.77 81.79 -41.09
N ILE MA 11 -20.77 82.37 -40.42
CA ILE MA 11 -21.09 81.94 -39.07
C ILE MA 11 -22.56 81.52 -39.06
N THR MA 12 -22.83 80.26 -38.73
CA THR MA 12 -24.18 79.73 -38.85
C THR MA 12 -24.45 78.67 -37.79
N HIS MA 13 -25.71 78.23 -37.71
CA HIS MA 13 -26.04 77.07 -36.88
C HIS MA 13 -25.57 75.76 -37.50
N GLY MA 14 -25.04 74.86 -36.67
CA GLY MA 14 -24.61 73.55 -37.15
C GLY MA 14 -23.77 73.58 -38.42
N ASP MA 15 -23.98 72.60 -39.30
CA ASP MA 15 -23.17 72.46 -40.51
C ASP MA 15 -23.69 73.28 -41.68
N PHE MA 16 -24.55 74.26 -41.42
CA PHE MA 16 -25.11 75.02 -42.53
C PHE MA 16 -24.03 75.73 -43.33
N GLY MA 17 -23.17 76.50 -42.66
CA GLY MA 17 -22.10 77.22 -43.34
C GLY MA 17 -21.14 76.29 -44.07
N LYS MA 18 -20.80 75.16 -43.38
CA LYS MA 18 -19.89 74.18 -43.94
C LYS MA 18 -20.49 73.59 -45.22
N GLY MA 19 -21.79 73.33 -45.23
CA GLY MA 19 -22.48 72.79 -46.39
C GLY MA 19 -22.71 73.81 -47.48
N LEU MA 20 -23.03 75.04 -47.10
CA LEU MA 20 -23.22 76.11 -48.07
C LEU MA 20 -21.94 76.34 -48.86
N LEU MA 21 -20.81 76.38 -48.16
CA LEU MA 21 -19.53 76.58 -48.85
C LEU MA 21 -19.22 75.41 -49.79
N SER MA 22 -19.39 74.18 -49.29
CA SER MA 22 -19.28 72.96 -50.13
C SER MA 22 -20.07 73.08 -51.42
N GLY MA 23 -21.35 73.44 -51.29
CA GLY MA 23 -22.24 73.65 -52.42
C GLY MA 23 -21.75 74.70 -53.40
N ALA MA 24 -21.37 75.86 -52.87
CA ALA MA 24 -20.81 76.92 -53.71
C ALA MA 24 -19.58 76.43 -54.44
N GLU MA 25 -18.75 75.63 -53.78
CA GLU MA 25 -17.50 75.20 -54.39
C GLU MA 25 -17.72 74.19 -55.51
N VAL MA 26 -18.83 73.45 -55.46
CA VAL MA 26 -19.25 72.63 -56.62
C VAL MA 26 -19.44 73.53 -57.84
N ILE MA 27 -19.98 74.72 -57.62
CA ILE MA 27 -20.27 75.64 -58.69
C ILE MA 27 -19.03 76.41 -59.17
N ILE MA 28 -18.28 77.01 -58.24
CA ILE MA 28 -17.19 77.94 -58.61
C ILE MA 28 -15.78 77.52 -58.21
N GLY MA 29 -15.62 76.29 -57.74
CA GLY MA 29 -14.32 75.78 -57.35
C GLY MA 29 -13.90 76.13 -55.93
N LYS MA 30 -12.82 75.51 -55.47
CA LYS MA 30 -12.33 75.68 -54.10
C LYS MA 30 -11.95 77.11 -53.80
N GLN MA 31 -12.41 77.59 -52.65
CA GLN MA 31 -12.18 78.95 -52.22
C GLN MA 31 -11.01 79.07 -51.26
N GLU MA 32 -10.28 80.17 -51.39
CA GLU MA 32 -9.39 80.62 -50.34
C GLU MA 32 -10.08 81.85 -49.73
N ASN MA 33 -9.64 82.28 -48.56
CA ASN MA 33 -10.21 83.48 -47.97
C ASN MA 33 -11.70 83.35 -47.61
N VAL MA 34 -12.16 82.11 -47.40
CA VAL MA 34 -13.48 81.87 -46.80
C VAL MA 34 -13.32 80.87 -45.68
N HIS MA 35 -13.86 81.20 -44.50
CA HIS MA 35 -13.80 80.28 -43.38
C HIS MA 35 -15.20 80.11 -42.80
N THR MA 36 -15.50 78.92 -42.31
CA THR MA 36 -16.81 78.66 -41.71
C THR MA 36 -16.70 78.29 -40.24
N VAL MA 37 -17.64 78.80 -39.46
CA VAL MA 37 -17.74 78.50 -38.04
C VAL MA 37 -19.19 78.11 -37.80
N GLY MA 38 -19.40 76.93 -37.23
CA GLY MA 38 -20.75 76.46 -36.97
C GLY MA 38 -21.02 76.35 -35.48
N LEU MA 39 -22.17 76.85 -35.06
CA LEU MA 39 -22.61 76.69 -33.67
C LEU MA 39 -23.49 75.47 -33.53
N ASN MA 40 -22.99 74.45 -32.83
CA ASN MA 40 -23.70 73.20 -32.62
C ASN MA 40 -24.37 73.17 -31.24
N LEU MA 41 -25.39 72.35 -31.07
CA LEU MA 41 -25.90 72.11 -29.73
C LEU MA 41 -24.73 71.65 -28.89
N GLY MA 42 -24.60 72.20 -27.69
CA GLY MA 42 -23.52 71.81 -26.79
C GLY MA 42 -22.28 72.67 -26.90
N ASP MA 43 -22.27 73.60 -27.86
CA ASP MA 43 -21.17 74.56 -27.95
C ASP MA 43 -21.41 75.71 -26.99
N ASN MA 44 -20.39 76.11 -26.25
CA ASN MA 44 -20.47 77.30 -25.42
C ASN MA 44 -20.25 78.55 -26.27
N ILE MA 45 -21.24 79.43 -26.30
CA ILE MA 45 -21.23 80.58 -27.21
C ILE MA 45 -20.05 81.49 -26.95
N GLU MA 46 -19.62 81.57 -25.69
CA GLU MA 46 -18.50 82.44 -25.36
C GLU MA 46 -17.18 81.84 -25.86
N LYS MA 47 -17.09 80.52 -25.85
CA LYS MA 47 -15.93 79.85 -26.42
C LYS MA 47 -15.88 80.09 -27.93
N VAL MA 48 -17.03 79.96 -28.59
CA VAL MA 48 -17.09 80.20 -30.04
C VAL MA 48 -16.80 81.66 -30.35
N ALA MA 49 -17.30 82.57 -29.51
CA ALA MA 49 -17.06 83.98 -29.74
C ALA MA 49 -15.57 84.29 -29.72
N LYS MA 50 -14.85 83.70 -28.76
CA LYS MA 50 -13.43 83.96 -28.63
C LYS MA 50 -12.67 83.38 -29.83
N GLU MA 51 -13.16 82.26 -30.37
CA GLU MA 51 -12.58 81.63 -31.55
C GLU MA 51 -12.73 82.54 -32.76
N VAL MA 52 -13.93 83.07 -32.92
CA VAL MA 52 -14.23 83.99 -34.02
C VAL MA 52 -13.37 85.25 -33.82
N MET MA 53 -13.27 85.70 -32.59
CA MET MA 53 -12.48 86.88 -32.30
C MET MA 53 -11.05 86.57 -32.72
N ARG MA 54 -10.60 85.35 -32.48
CA ARG MA 54 -9.24 85.00 -32.88
C ARG MA 54 -9.04 85.11 -34.37
N ILE MA 55 -9.96 84.58 -35.13
CA ILE MA 55 -9.84 84.72 -36.59
C ILE MA 55 -9.84 86.12 -37.15
N ILE MA 56 -10.68 86.99 -36.60
CA ILE MA 56 -10.82 88.34 -37.11
C ILE MA 56 -9.54 89.16 -36.91
N ILE MA 57 -9.02 89.12 -35.69
CA ILE MA 57 -7.75 89.80 -35.39
C ILE MA 57 -6.65 89.32 -36.34
N ALA MA 58 -6.51 88.01 -36.50
CA ALA MA 58 -5.49 87.46 -37.38
C ALA MA 58 -5.61 88.00 -38.79
N LYS MA 59 -6.83 88.11 -39.30
CA LYS MA 59 -7.05 88.60 -40.66
C LYS MA 59 -6.86 90.10 -40.78
N LEU MA 60 -7.28 90.84 -39.76
CA LEU MA 60 -7.04 92.27 -39.75
C LEU MA 60 -5.53 92.51 -39.79
N ALA MA 61 -4.80 91.74 -38.98
CA ALA MA 61 -3.34 91.83 -38.95
C ALA MA 61 -2.70 91.46 -40.28
N GLU MA 62 -3.48 90.85 -41.17
CA GLU MA 62 -3.00 90.56 -42.53
C GLU MA 62 -3.51 91.64 -43.49
N ASP MA 63 -4.01 92.72 -42.92
CA ASP MA 63 -4.53 93.85 -43.69
C ASP MA 63 -5.70 93.45 -44.60
N LYS MA 64 -6.57 92.59 -44.09
CA LYS MA 64 -7.74 92.15 -44.86
C LYS MA 64 -8.99 92.87 -44.40
N GLU MA 65 -9.93 93.05 -45.34
CA GLU MA 65 -11.23 93.58 -45.03
C GLU MA 65 -12.18 92.40 -44.83
N ILE MA 66 -12.95 92.42 -43.74
CA ILE MA 66 -13.71 91.26 -43.35
C ILE MA 66 -15.21 91.43 -43.52
N ILE MA 67 -15.83 90.45 -44.18
CA ILE MA 67 -17.27 90.36 -44.33
C ILE MA 67 -17.75 89.15 -43.54
N ILE MA 68 -18.70 89.36 -42.65
CA ILE MA 68 -19.29 88.22 -41.96
C ILE MA 68 -20.66 87.95 -42.53
N VAL MA 69 -20.87 86.70 -42.96
CA VAL MA 69 -22.16 86.29 -43.51
C VAL MA 69 -22.80 85.39 -42.47
N VAL MA 70 -24.07 85.60 -42.15
CA VAL MA 70 -24.71 84.78 -41.12
C VAL MA 70 -26.02 84.20 -41.62
N ASP MA 71 -26.43 83.09 -41.02
CA ASP MA 71 -27.59 82.38 -41.53
C ASP MA 71 -28.92 83.07 -41.24
N LEU MA 72 -29.06 83.59 -40.03
CA LEU MA 72 -30.37 83.95 -39.52
C LEU MA 72 -30.23 85.23 -38.71
N PHE MA 73 -31.11 86.19 -38.97
CA PHE MA 73 -31.18 87.39 -38.13
C PHE MA 73 -31.71 86.95 -36.76
N GLY MA 74 -30.88 87.06 -35.74
CA GLY MA 74 -31.24 86.56 -34.42
C GLY MA 74 -30.63 85.19 -34.19
N GLY MA 75 -30.35 84.87 -32.94
CA GLY MA 75 -29.69 83.62 -32.64
C GLY MA 75 -28.22 83.86 -32.37
N SER MA 76 -27.56 82.83 -31.85
CA SER MA 76 -26.21 82.99 -31.34
C SER MA 76 -25.20 83.35 -32.40
N PRO MA 77 -25.29 82.73 -33.59
CA PRO MA 77 -24.32 83.15 -34.62
C PRO MA 77 -24.44 84.64 -34.92
N PHE MA 78 -25.67 85.13 -35.03
CA PHE MA 78 -25.89 86.55 -35.30
C PHE MA 78 -25.34 87.40 -34.14
N ASN MA 79 -25.60 86.95 -32.91
CA ASN MA 79 -25.15 87.69 -31.74
C ASN MA 79 -23.63 87.80 -31.71
N ILE MA 80 -22.95 86.73 -32.10
CA ILE MA 80 -21.49 86.78 -32.27
C ILE MA 80 -21.06 87.77 -33.34
N ALA MA 81 -21.70 87.72 -34.51
CA ALA MA 81 -21.37 88.65 -35.58
C ALA MA 81 -21.57 90.10 -35.12
N LEU MA 82 -22.67 90.36 -34.44
CA LEU MA 82 -22.94 91.71 -33.95
C LEU MA 82 -21.85 92.17 -32.99
N GLU MA 83 -21.42 91.26 -32.12
CA GLU MA 83 -20.38 91.62 -31.14
C GLU MA 83 -19.07 91.94 -31.83
N MET MA 84 -18.80 91.29 -32.96
CA MET MA 84 -17.61 91.56 -33.77
C MET MA 84 -17.73 92.89 -34.51
N MET MA 85 -18.94 93.25 -34.91
CA MET MA 85 -19.13 94.54 -35.57
C MET MA 85 -18.99 95.65 -34.53
N LYS MA 86 -19.47 95.41 -33.32
CA LYS MA 86 -19.34 96.39 -32.26
C LYS MA 86 -17.86 96.72 -32.03
N THR MA 87 -17.03 95.68 -31.96
CA THR MA 87 -15.62 95.82 -31.61
C THR MA 87 -14.70 96.13 -32.78
N PHE MA 88 -14.91 95.46 -33.92
CA PHE MA 88 -13.94 95.49 -35.01
C PHE MA 88 -14.41 96.13 -36.32
N ASP MA 89 -15.65 96.59 -36.36
CA ASP MA 89 -16.14 97.33 -37.51
C ASP MA 89 -16.08 96.52 -38.81
N VAL MA 90 -16.25 95.21 -38.70
CA VAL MA 90 -16.45 94.35 -39.86
C VAL MA 90 -17.84 94.64 -40.38
N LYS MA 91 -18.18 94.07 -41.54
CA LYS MA 91 -19.51 94.24 -42.09
C LYS MA 91 -20.28 92.93 -42.01
N VAL MA 92 -21.60 93.01 -41.91
CA VAL MA 92 -22.43 91.83 -41.65
C VAL MA 92 -23.70 91.79 -42.50
N ILE MA 93 -24.01 90.62 -43.04
CA ILE MA 93 -25.25 90.42 -43.76
C ILE MA 93 -25.89 89.10 -43.31
N THR MA 94 -27.23 89.08 -43.22
CA THR MA 94 -27.93 87.88 -42.74
C THR MA 94 -28.73 87.22 -43.85
N GLY MA 95 -29.22 86.02 -43.57
CA GLY MA 95 -30.10 85.30 -44.50
C GLY MA 95 -29.39 84.69 -45.70
N ILE MA 96 -28.10 84.41 -45.56
CA ILE MA 96 -27.28 83.97 -46.70
C ILE MA 96 -27.89 82.75 -47.39
N ASN MA 97 -27.93 82.83 -48.72
CA ASN MA 97 -28.34 81.68 -49.55
C ASN MA 97 -27.34 81.45 -50.69
N MET MA 98 -27.62 80.47 -51.56
CA MET MA 98 -26.62 80.09 -52.57
C MET MA 98 -26.35 81.18 -53.62
N PRO MA 99 -27.41 81.79 -54.18
CA PRO MA 99 -27.12 82.84 -55.20
C PRO MA 99 -26.29 83.97 -54.60
N MET MA 100 -26.57 84.34 -53.35
CA MET MA 100 -25.78 85.37 -52.69
C MET MA 100 -24.32 84.99 -52.58
N LEU MA 101 -24.05 83.78 -52.10
CA LEU MA 101 -22.67 83.40 -51.85
C LEU MA 101 -21.90 83.28 -53.15
N VAL MA 102 -22.56 82.72 -54.18
CA VAL MA 102 -21.85 82.62 -55.46
C VAL MA 102 -21.52 84.01 -56.03
N GLU MA 103 -22.50 84.91 -56.02
CA GLU MA 103 -22.24 86.26 -56.51
C GLU MA 103 -21.16 86.96 -55.67
N LEU MA 104 -21.23 86.80 -54.34
CA LEU MA 104 -20.25 87.40 -53.45
C LEU MA 104 -18.84 86.95 -53.79
N LEU MA 105 -18.68 85.63 -53.93
CA LEU MA 105 -17.33 85.09 -54.12
C LEU MA 105 -16.78 85.32 -55.53
N THR MA 106 -17.66 85.55 -56.50
CA THR MA 106 -17.17 85.77 -57.87
C THR MA 106 -17.01 87.25 -58.21
N SER MA 107 -17.37 88.13 -57.29
CA SER MA 107 -17.27 89.58 -57.57
C SER MA 107 -16.54 90.29 -56.44
N ILE MA 108 -15.91 89.50 -55.57
CA ILE MA 108 -15.33 90.00 -54.33
C ILE MA 108 -14.23 91.04 -54.61
N ASN MA 109 -13.61 90.97 -55.78
CA ASN MA 109 -12.57 91.92 -56.15
C ASN MA 109 -13.07 93.11 -56.94
N VAL MA 110 -14.33 93.06 -57.36
CA VAL MA 110 -14.90 94.06 -58.27
C VAL MA 110 -15.49 95.28 -57.53
N TYR MA 111 -16.25 95.03 -56.45
CA TYR MA 111 -16.93 96.10 -55.75
C TYR MA 111 -16.36 96.33 -54.36
N ASP MA 112 -16.55 97.53 -53.83
CA ASP MA 112 -16.21 97.81 -52.44
C ASP MA 112 -17.23 97.10 -51.57
N THR MA 113 -16.93 96.90 -50.29
CA THR MA 113 -17.77 96.06 -49.43
C THR MA 113 -19.22 96.56 -49.31
N THR MA 114 -19.41 97.87 -49.23
CA THR MA 114 -20.78 98.39 -49.14
C THR MA 114 -21.62 98.03 -50.37
N GLU MA 115 -21.07 98.26 -51.56
CA GLU MA 115 -21.79 97.96 -52.79
C GLU MA 115 -21.96 96.44 -53.00
N LEU MA 116 -20.94 95.70 -52.63
CA LEU MA 116 -20.97 94.23 -52.67
C LEU MA 116 -22.18 93.71 -51.87
N LEU MA 117 -22.34 94.20 -50.65
CA LEU MA 117 -23.41 93.71 -49.80
C LEU MA 117 -24.78 94.13 -50.31
N GLU MA 118 -24.88 95.32 -50.88
CA GLU MA 118 -26.13 95.76 -51.49
C GLU MA 118 -26.47 94.89 -52.68
N ASN MA 119 -25.46 94.61 -53.50
CA ASN MA 119 -25.62 93.72 -54.65
C ASN MA 119 -26.16 92.35 -54.28
N ILE MA 120 -25.53 91.71 -53.30
CA ILE MA 120 -25.94 90.34 -52.98
C ILE MA 120 -27.25 90.31 -52.21
N SER MA 121 -27.55 91.37 -51.46
CA SER MA 121 -28.86 91.46 -50.82
C SER MA 121 -29.96 91.39 -51.88
N LYS MA 122 -29.78 92.17 -52.94
CA LYS MA 122 -30.74 92.22 -54.02
C LYS MA 122 -30.83 90.88 -54.75
N ILE MA 123 -29.67 90.28 -55.01
CA ILE MA 123 -29.62 89.02 -55.74
C ILE MA 123 -30.23 87.88 -54.92
N GLY MA 124 -29.98 87.90 -53.62
CA GLY MA 124 -30.51 86.91 -52.70
C GLY MA 124 -32.02 86.93 -52.66
N LYS MA 125 -32.59 88.12 -52.54
CA LYS MA 125 -34.05 88.26 -52.51
C LYS MA 125 -34.66 87.85 -53.85
N ASP MA 126 -34.06 88.32 -54.94
CA ASP MA 126 -34.56 87.99 -56.28
C ASP MA 126 -34.47 86.51 -56.57
N GLY MA 127 -33.55 85.83 -55.90
CA GLY MA 127 -33.32 84.41 -56.15
C GLY MA 127 -34.33 83.50 -55.46
N ILE MA 128 -35.20 84.09 -54.65
CA ILE MA 128 -36.24 83.33 -53.94
C ILE MA 128 -37.51 83.46 -54.73
N LYS MA 129 -37.94 82.36 -55.34
CA LYS MA 129 -39.13 82.38 -56.20
C LYS MA 129 -39.96 81.13 -56.01
N VAL MA 130 -41.28 81.29 -55.87
CA VAL MA 130 -42.18 80.15 -55.89
C VAL MA 130 -42.55 79.87 -57.34
N ILE MA 131 -42.35 78.64 -57.79
CA ILE MA 131 -42.65 78.31 -59.18
C ILE MA 131 -44.09 77.83 -59.34
N GLU MA 132 -44.78 78.43 -60.32
CA GLU MA 132 -46.18 78.12 -60.60
C GLU MA 132 -46.30 77.38 -61.93
N LYS MA 133 -47.06 76.27 -61.93
CA LYS MA 133 -47.32 75.42 -63.10
C LYS MA 133 -46.37 74.22 -63.24
N MET NA 3 64.62 106.17 -8.79
CA MET NA 3 64.99 105.63 -10.10
C MET NA 3 64.23 104.35 -10.38
N LYS NA 4 63.67 104.23 -11.58
CA LYS NA 4 63.00 103.00 -11.99
C LYS NA 4 64.00 101.85 -12.05
N GLU NA 5 63.53 100.63 -11.76
CA GLU NA 5 64.36 99.44 -11.92
C GLU NA 5 64.60 99.20 -13.40
N LYS NA 6 65.80 98.75 -13.74
CA LYS NA 6 66.15 98.59 -15.15
C LYS NA 6 66.04 97.14 -15.62
N PHE NA 7 65.87 96.95 -16.93
CA PHE NA 7 65.83 95.61 -17.50
C PHE NA 7 66.76 95.65 -18.70
N VAL NA 8 67.64 94.65 -18.82
CA VAL NA 8 68.60 94.64 -19.93
C VAL NA 8 68.22 93.53 -20.92
N LEU NA 9 68.03 93.92 -22.18
CA LEU NA 9 67.72 92.97 -23.22
C LEU NA 9 68.96 92.89 -24.09
N ILE NA 10 69.51 91.69 -24.23
CA ILE NA 10 70.66 91.47 -25.11
C ILE NA 10 70.20 90.87 -26.43
N ILE NA 11 70.49 91.56 -27.55
CA ILE NA 11 70.05 91.08 -28.85
C ILE NA 11 71.28 90.95 -29.72
N THR NA 12 71.57 89.74 -30.19
CA THR NA 12 72.81 89.47 -30.91
C THR NA 12 72.61 88.40 -31.97
N HIS NA 13 73.64 88.19 -32.78
CA HIS NA 13 73.66 87.06 -33.70
C HIS NA 13 73.91 85.73 -32.97
N GLY NA 14 73.20 84.69 -33.36
CA GLY NA 14 73.41 83.36 -32.78
C GLY NA 14 73.47 83.35 -31.26
N ASP NA 15 74.33 82.51 -30.71
CA ASP NA 15 74.43 82.31 -29.25
C ASP NA 15 75.35 83.32 -28.58
N PHE NA 16 75.68 84.42 -29.25
CA PHE NA 16 76.63 85.36 -28.65
C PHE NA 16 76.08 85.92 -27.33
N GLY NA 17 74.87 86.45 -27.36
CA GLY NA 17 74.27 87.03 -26.16
C GLY NA 17 74.11 86.00 -25.04
N LYS NA 18 73.68 84.78 -25.43
CA LYS NA 18 73.49 83.69 -24.46
C LYS NA 18 74.82 83.35 -23.80
N GLY NA 19 75.89 83.32 -24.59
CA GLY NA 19 77.22 83.02 -24.07
C GLY NA 19 77.82 84.16 -23.27
N LEU NA 20 77.61 85.39 -23.74
CA LEU NA 20 78.11 86.56 -23.02
C LEU NA 20 77.51 86.61 -21.62
N LEU NA 21 76.21 86.39 -21.53
CA LEU NA 21 75.55 86.39 -20.21
C LEU NA 21 76.09 85.27 -19.31
N SER NA 22 76.18 84.06 -19.85
CA SER NA 22 76.81 82.93 -19.16
C SER NA 22 78.17 83.29 -18.58
N GLY NA 23 79.03 83.87 -19.41
CA GLY NA 23 80.34 84.33 -19.01
C GLY NA 23 80.31 85.36 -17.89
N ALA NA 24 79.47 86.38 -18.05
CA ALA NA 24 79.31 87.39 -17.01
C ALA NA 24 78.86 86.75 -15.70
N GLU NA 25 77.99 85.75 -15.80
CA GLU NA 25 77.43 85.15 -14.59
C GLU NA 25 78.45 84.30 -13.84
N VAL NA 26 79.45 83.77 -14.56
CA VAL NA 26 80.61 83.16 -13.90
C VAL NA 26 81.29 84.17 -12.98
N ILE NA 27 81.37 85.42 -13.43
CA ILE NA 27 82.02 86.46 -12.69
C ILE NA 27 81.15 87.04 -11.55
N ILE NA 28 79.91 87.40 -11.84
CA ILE NA 28 79.08 88.14 -10.88
C ILE NA 28 77.81 87.43 -10.38
N GLY NA 29 77.67 86.16 -10.73
CA GLY NA 29 76.51 85.39 -10.31
C GLY NA 29 75.29 85.52 -11.20
N LYS NA 30 74.30 84.68 -10.96
CA LYS NA 30 73.09 84.63 -11.78
C LYS NA 30 72.32 85.94 -11.75
N GLN NA 31 71.93 86.40 -12.92
CA GLN NA 31 71.21 87.66 -13.09
C GLN NA 31 69.71 87.46 -13.16
N GLU NA 32 68.98 88.41 -12.61
CA GLU NA 32 67.58 88.60 -12.93
C GLU NA 32 67.53 89.88 -13.77
N ASN NA 33 66.43 90.12 -14.45
CA ASN NA 33 66.30 91.35 -15.21
C ASN NA 33 67.29 91.45 -16.37
N VAL NA 34 67.78 90.32 -16.86
CA VAL NA 34 68.52 90.28 -18.13
C VAL NA 34 67.94 89.17 -18.98
N HIS NA 35 67.62 89.48 -20.24
CA HIS NA 35 67.11 88.49 -21.15
C HIS NA 35 67.92 88.52 -22.44
N THR NA 36 68.12 87.37 -23.07
CA THR NA 36 68.86 87.32 -24.33
C THR NA 36 67.99 86.80 -25.47
N VAL NA 37 68.18 87.41 -26.63
CA VAL NA 37 67.50 87.00 -27.85
C VAL NA 37 68.58 86.87 -28.90
N GLY NA 38 68.66 85.71 -29.54
CA GLY NA 38 69.65 85.47 -30.56
C GLY NA 38 69.04 85.30 -31.92
N LEU NA 39 69.60 85.96 -32.92
CA LEU NA 39 69.17 85.77 -34.32
C LEU NA 39 70.04 84.72 -35.00
N ASN NA 40 69.43 83.57 -35.30
CA ASN NA 40 70.12 82.46 -35.93
C ASN NA 40 69.86 82.44 -37.44
N LEU NA 41 70.75 81.81 -38.21
CA LEU NA 41 70.42 81.55 -39.61
C LEU NA 41 69.10 80.81 -39.62
N GLY NA 42 68.19 81.22 -40.49
CA GLY NA 42 66.91 80.56 -40.60
C GLY NA 42 65.81 81.19 -39.76
N ASP NA 43 66.16 82.18 -38.94
CA ASP NA 43 65.15 82.92 -38.20
C ASP NA 43 64.56 84.00 -39.06
N ASN NA 44 63.24 84.14 -39.05
CA ASN NA 44 62.59 85.25 -39.73
C ASN NA 44 62.66 86.51 -38.86
N ILE NA 45 63.27 87.56 -39.38
CA ILE NA 45 63.56 88.75 -38.60
C ILE NA 45 62.30 89.40 -38.08
N GLU NA 46 61.21 89.30 -38.84
CA GLU NA 46 59.95 89.91 -38.42
C GLU NA 46 59.33 89.12 -37.28
N LYS NA 47 59.52 87.81 -37.28
CA LYS NA 47 59.07 86.99 -36.16
C LYS NA 47 59.85 87.34 -34.89
N VAL NA 48 61.16 87.48 -35.03
CA VAL NA 48 62.01 87.85 -33.90
C VAL NA 48 61.67 89.26 -33.42
N ALA NA 49 61.39 90.16 -34.35
CA ALA NA 49 61.05 91.54 -33.97
C ALA NA 49 59.80 91.55 -33.09
N LYS NA 50 58.80 90.77 -33.49
CA LYS NA 50 57.54 90.74 -32.74
C LYS NA 50 57.72 90.14 -31.35
N GLU NA 51 58.65 89.18 -31.23
CA GLU NA 51 58.97 88.59 -29.92
C GLU NA 51 59.64 89.60 -29.03
N VAL NA 52 60.58 90.35 -29.59
CA VAL NA 52 61.28 91.38 -28.84
C VAL NA 52 60.28 92.45 -28.39
N MET NA 53 59.39 92.85 -29.29
CA MET NA 53 58.41 93.86 -28.93
C MET NA 53 57.57 93.22 -27.82
N ARG NA 54 57.33 91.92 -27.93
CA ARG NA 54 56.56 91.23 -26.89
C ARG NA 54 57.16 91.50 -25.52
N ILE NA 55 58.46 91.23 -25.42
CA ILE NA 55 59.16 91.50 -24.17
C ILE NA 55 59.20 92.93 -23.65
N ILE NA 56 59.37 93.88 -24.57
CA ILE NA 56 59.52 95.27 -24.17
C ILE NA 56 58.22 95.82 -23.56
N ILE NA 57 57.09 95.58 -24.24
CA ILE NA 57 55.79 95.98 -23.72
C ILE NA 57 55.57 95.40 -22.33
N ALA NA 58 55.82 94.11 -22.18
CA ALA NA 58 55.64 93.44 -20.89
C ALA NA 58 56.43 94.12 -19.78
N LYS NA 59 57.67 94.51 -20.09
CA LYS NA 59 58.53 95.13 -19.09
C LYS NA 59 58.15 96.57 -18.83
N LEU NA 60 57.74 97.29 -19.87
CA LEU NA 60 57.26 98.65 -19.68
C LEU NA 60 56.04 98.61 -18.76
N ALA NA 61 55.15 97.65 -19.02
CA ALA NA 61 53.96 97.46 -18.19
C ALA NA 61 54.30 97.10 -16.75
N GLU NA 62 55.55 96.72 -16.50
CA GLU NA 62 56.02 96.47 -15.14
C GLU NA 62 56.76 97.70 -14.62
N ASP NA 63 56.61 98.81 -15.33
CA ASP NA 63 57.24 100.07 -14.96
C ASP NA 63 58.76 99.97 -14.92
N LYS NA 64 59.33 99.25 -15.87
CA LYS NA 64 60.78 99.11 -15.94
C LYS NA 64 61.38 100.00 -17.03
N GLU NA 65 62.61 100.42 -16.80
CA GLU NA 65 63.36 101.17 -17.79
C GLU NA 65 64.23 100.17 -18.55
N ILE NA 66 64.21 100.25 -19.88
CA ILE NA 66 64.82 99.21 -20.70
C ILE NA 66 66.08 99.68 -21.43
N ILE NA 67 67.13 98.88 -21.28
CA ILE NA 67 68.38 99.09 -22.01
C ILE NA 67 68.55 97.91 -22.98
N ILE NA 68 68.74 98.21 -24.26
CA ILE NA 68 69.03 97.15 -25.19
C ILE NA 68 70.50 97.19 -25.54
N VAL NA 69 71.16 96.05 -25.38
CA VAL NA 69 72.58 95.92 -25.70
C VAL NA 69 72.66 95.07 -26.96
N VAL NA 70 73.44 95.49 -27.94
CA VAL NA 70 73.53 94.71 -29.17
C VAL NA 70 74.96 94.43 -29.55
N ASP NA 71 75.16 93.38 -30.33
CA ASP NA 71 76.52 92.94 -30.63
C ASP NA 71 77.26 93.84 -31.61
N LEU NA 72 76.57 94.27 -32.65
CA LEU NA 72 77.22 94.82 -33.81
C LEU NA 72 76.40 95.97 -34.33
N PHE NA 73 77.05 97.09 -34.62
CA PHE NA 73 76.38 98.20 -35.29
C PHE NA 73 76.10 97.77 -36.71
N GLY NA 74 74.82 97.64 -37.06
CA GLY NA 74 74.45 97.09 -38.35
C GLY NA 74 74.11 95.62 -38.24
N GLY NA 75 73.22 95.15 -39.11
CA GLY NA 75 72.78 93.78 -39.01
C GLY NA 75 71.41 93.71 -38.36
N SER NA 76 70.80 92.53 -38.43
CA SER NA 76 69.40 92.39 -38.06
C SER NA 76 69.15 92.65 -36.59
N PRO NA 77 70.02 92.16 -35.70
CA PRO NA 77 69.77 92.48 -34.29
C PRO NA 77 69.76 93.99 -34.06
N PHE NA 78 70.68 94.71 -34.67
CA PHE NA 78 70.74 96.16 -34.52
C PHE NA 78 69.45 96.79 -35.10
N ASN NA 79 69.04 96.29 -36.26
CA ASN NA 79 67.85 96.83 -36.93
C ASN NA 79 66.61 96.64 -36.07
N ILE NA 80 66.52 95.51 -35.38
CA ILE NA 80 65.46 95.30 -34.40
C ILE NA 80 65.53 96.30 -33.23
N ALA NA 81 66.73 96.48 -32.66
CA ALA NA 81 66.90 97.41 -31.57
C ALA NA 81 66.50 98.82 -32.00
N LEU NA 82 66.92 99.22 -33.19
CA LEU NA 82 66.57 100.56 -33.69
C LEU NA 82 65.07 100.71 -33.81
N GLU NA 83 64.40 99.66 -34.28
CA GLU NA 83 62.97 99.71 -34.45
C GLU NA 83 62.29 99.94 -33.11
N MET NA 84 62.82 99.28 -32.09
CA MET NA 84 62.29 99.40 -30.74
C MET NA 84 62.54 100.79 -30.15
N MET NA 85 63.66 101.40 -30.52
CA MET NA 85 63.94 102.75 -30.04
C MET NA 85 62.99 103.73 -30.75
N LYS NA 86 62.73 103.47 -32.02
CA LYS NA 86 61.81 104.32 -32.76
C LYS NA 86 60.44 104.34 -32.08
N THR NA 87 59.96 103.16 -31.70
CA THR NA 87 58.61 103.01 -31.15
C THR NA 87 58.49 103.24 -29.65
N PHE NA 88 59.46 102.73 -28.88
CA PHE NA 88 59.33 102.67 -27.43
C PHE NA 88 60.32 103.49 -26.61
N ASP NA 89 61.23 104.17 -27.30
CA ASP NA 89 62.15 105.08 -26.63
C ASP NA 89 62.99 104.40 -25.55
N VAL NA 90 63.33 103.14 -25.80
CA VAL NA 90 64.34 102.45 -25.01
C VAL NA 90 65.68 103.03 -25.38
N LYS NA 91 66.73 102.63 -24.65
CA LYS NA 91 68.07 103.09 -24.98
C LYS NA 91 68.89 101.94 -25.55
N VAL NA 92 69.87 102.27 -26.40
CA VAL NA 92 70.60 101.24 -27.16
C VAL NA 92 72.11 101.51 -27.19
N ILE NA 93 72.90 100.46 -26.99
CA ILE NA 93 74.34 100.56 -27.13
C ILE NA 93 74.85 99.36 -27.93
N THR NA 94 75.85 99.57 -28.77
CA THR NA 94 76.38 98.50 -29.63
C THR NA 94 77.79 98.08 -29.21
N GLY NA 95 78.25 96.97 -29.77
CA GLY NA 95 79.62 96.51 -29.57
C GLY NA 95 79.89 95.89 -28.20
N ILE NA 96 78.85 95.37 -27.57
CA ILE NA 96 78.95 94.88 -26.19
C ILE NA 96 80.08 93.87 -26.03
N ASN NA 97 80.87 94.07 -24.98
CA ASN NA 97 81.88 93.09 -24.59
C ASN NA 97 81.81 92.77 -23.09
N MET NA 98 82.72 91.94 -22.58
CA MET NA 98 82.60 91.47 -21.20
C MET NA 98 82.77 92.58 -20.14
N PRO NA 99 83.81 93.43 -20.28
CA PRO NA 99 83.96 94.48 -19.25
C PRO NA 99 82.74 95.39 -19.20
N MET NA 100 82.16 95.68 -20.36
CA MET NA 100 80.95 96.49 -20.40
C MET NA 100 79.80 95.84 -19.66
N LEU NA 101 79.56 94.57 -19.92
CA LEU NA 101 78.40 93.92 -19.35
C LEU NA 101 78.57 93.77 -17.85
N VAL NA 102 79.79 93.44 -17.41
CA VAL NA 102 80.01 93.31 -15.97
C VAL NA 102 79.78 94.66 -15.26
N GLU NA 103 80.37 95.72 -15.80
CA GLU NA 103 80.17 97.05 -15.21
C GLU NA 103 78.70 97.46 -15.22
N LEU NA 104 78.03 97.19 -16.34
CA LEU NA 104 76.60 97.53 -16.48
C LEU NA 104 75.78 96.85 -15.39
N LEU NA 105 75.99 95.54 -15.24
CA LEU NA 105 75.14 94.78 -14.31
C LEU NA 105 75.48 95.02 -12.85
N THR NA 106 76.70 95.49 -12.56
CA THR NA 106 77.06 95.73 -11.16
C THR NA 106 76.84 97.18 -10.72
N SER NA 107 76.40 98.04 -11.64
CA SER NA 107 76.20 99.45 -11.32
C SER NA 107 74.82 99.92 -11.77
N ILE NA 108 73.98 98.95 -12.13
CA ILE NA 108 72.71 99.23 -12.78
C ILE NA 108 71.79 100.07 -11.88
N ASN NA 109 72.00 99.98 -10.57
CA ASN NA 109 71.18 100.75 -9.62
C ASN NA 109 71.81 102.09 -9.23
N VAL NA 110 73.06 102.30 -9.63
CA VAL NA 110 73.83 103.47 -9.19
C VAL NA 110 73.62 104.70 -10.08
N TYR NA 111 73.65 104.49 -11.40
CA TYR NA 111 73.57 105.62 -12.34
C TYR NA 111 72.26 105.62 -13.12
N ASP NA 112 71.86 106.79 -13.61
CA ASP NA 112 70.74 106.87 -14.52
C ASP NA 112 71.18 106.28 -15.85
N THR NA 113 70.24 105.92 -16.73
CA THR NA 113 70.58 105.19 -17.95
C THR NA 113 71.56 105.94 -18.87
N THR NA 114 71.39 107.25 -19.00
CA THR NA 114 72.32 108.01 -19.84
C THR NA 114 73.77 107.92 -19.35
N GLU NA 115 73.98 108.13 -18.06
CA GLU NA 115 75.33 108.08 -17.50
C GLU NA 115 75.88 106.65 -17.49
N LEU NA 116 75.01 105.69 -17.22
CA LEU NA 116 75.36 104.27 -17.26
C LEU NA 116 75.95 103.91 -18.63
N LEU NA 117 75.27 104.32 -19.70
CA LEU NA 117 75.72 103.98 -21.03
C LEU NA 117 77.02 104.68 -21.42
N GLU NA 118 77.20 105.90 -20.93
CA GLU NA 118 78.43 106.63 -21.17
C GLU NA 118 79.58 105.92 -20.44
N ASN NA 119 79.31 105.54 -19.20
CA ASN NA 119 80.27 104.81 -18.38
C ASN NA 119 80.76 103.54 -19.06
N ILE NA 120 79.83 102.71 -19.52
CA ILE NA 120 80.24 101.42 -20.07
C ILE NA 120 80.83 101.56 -21.46
N SER NA 121 80.43 102.60 -22.20
CA SER NA 121 81.08 102.87 -23.48
C SER NA 121 82.57 103.09 -23.26
N LYS NA 122 82.87 103.91 -22.26
CA LYS NA 122 84.26 104.24 -21.95
C LYS NA 122 85.02 103.00 -21.47
N ILE NA 123 84.38 102.22 -20.61
CA ILE NA 123 85.02 101.04 -20.03
C ILE NA 123 85.25 99.96 -21.09
N GLY NA 124 84.30 99.84 -22.00
CA GLY NA 124 84.38 98.88 -23.10
C GLY NA 124 85.55 99.18 -24.00
N LYS NA 125 85.68 100.44 -24.39
CA LYS NA 125 86.79 100.83 -25.26
C LYS NA 125 88.14 100.67 -24.54
N ASP NA 126 88.21 101.11 -23.30
CA ASP NA 126 89.43 101.01 -22.52
C ASP NA 126 89.84 99.56 -22.28
N GLY NA 127 88.86 98.67 -22.32
CA GLY NA 127 89.09 97.26 -22.04
C GLY NA 127 89.68 96.50 -23.22
N ILE NA 128 89.78 97.17 -24.36
CA ILE NA 128 90.34 96.54 -25.58
C ILE NA 128 91.78 96.98 -25.67
N LYS NA 129 92.70 96.04 -25.48
CA LYS NA 129 94.13 96.35 -25.47
C LYS NA 129 94.93 95.25 -26.17
N VAL NA 130 95.86 95.65 -27.03
CA VAL NA 130 96.80 94.69 -27.60
C VAL NA 130 97.99 94.63 -26.64
N ILE NA 131 98.33 93.43 -26.19
CA ILE NA 131 99.39 93.27 -25.21
C ILE NA 131 100.75 92.89 -25.76
N GLU NA 132 101.71 93.79 -25.58
CA GLU NA 132 103.08 93.58 -26.02
C GLU NA 132 103.93 93.65 -24.76
N LYS NA 133 104.79 92.65 -24.55
CA LYS NA 133 105.64 92.67 -23.37
C LYS NA 133 107.11 92.85 -23.73
#